data_9J3E
#
_entry.id   9J3E
#
_cell.length_a   1.00
_cell.length_b   1.00
_cell.length_c   1.00
_cell.angle_alpha   90.00
_cell.angle_beta   90.00
_cell.angle_gamma   90.00
#
_symmetry.space_group_name_H-M   'P 1'
#
loop_
_entity.id
_entity.type
_entity.pdbx_description
1 polymer 'RND efflux system, OprJ-like protein'
2 polymer 'RND efflux system, MexC-like protein'
3 polymer 'Efflux pump membrane transporter'
4 non-polymer 1-(naphthalen-1-ylmethyl)piperazine
#
loop_
_entity_poly.entity_id
_entity_poly.type
_entity_poly.pdbx_seq_one_letter_code
_entity_poly.pdbx_strand_id
1 'polypeptide(L)'
;MTSHFMLRRALLPLAIAALAGCSLAPTYERPQAPVASHWQAADAEGARAQALDWQTFIVDADLRRAVDTALSNNRSLRQA
LLDIEAARAQYRIQRADRLPSINANASGNRQRLPADLSQTGRSEVTSNYQVGLGLAEYEVDLFGRVRNLSEAALETYLAT
EEATRATQISLVAEVIQAYLTRDGALRRMALVEQTLDSRMASLELVSQRRAAGAATALDYQEAVGLAEQARAERESTERQ
LRQADNALVLLLGTPDAARLLPATPRDDLMVLQDIAPGTSSELIERRPDILASEHRLKARNADIGAARAAFFPRISLTGS
VGSSSAELSGLFDGGSRAWSFAPTLSLPIFAGGRNRANLDLAEVRQDAAVADYEGTIQTAFREVADALAATDTLRREEAA
RQALAGSSEAAMALAKARYEGGVDDYLRYLDAQRSTFSNQTTLIQISTERQIALVDLFRSLGGGWGQTEPMAGIGAEHHH
HHH
;
A,B,C
2 'polypeptide(L)'
;MNKFREWITFSVISCLVAVTLVGCDKPEEQREEAPAREVDVLSVKTEPFTVFAELPGRIEPVRVAEVRARVAGIVLKRTF
EEGADVKAGDVLFQIDPAPFKAALSRAQGELARAEAQLFQAQAMVRRYEPLVKIDAVSQQDFDNAMAALQSAQADKRSAQ
ANVETARLDLGYAEVRAPIAGRIGRAQVTEGALVGQGEATLLARIQQLDPVYADFTQPAADALRLRAAIAEGKVAGASDQ
PLSLRVDGTDIERKGTLLFTDISVDRSTGQIALRGQFDNPEGVLLPGMYVRVRTPQGLNQNAILVPQRAVQRSADGQASV
MLLGEGDTVEVRQVTTGAMQGSRWQISEGLQAGDKVITSSLAAIRPGAKVIPREQGAAEKAPQSQAQWSHPQFEK
;
D,E,F,G,H,I
3 'polypeptide(L)'
;MPLFFIRRPNFAWVVALFISLGGLLVIPFLPVAQYPNVAPPQITVTATYPGASAQVLTDSVTSVIEEELNGAKNLLYFES
TSNANGIAEITVTFQPGTDPELAQVDVQNRLKKAEARMPQAVLTLGIQTEQATAGFLLIYSLRYKDGDKNANTTALADYA
VRNVNNEIRRLPGVGKLQFFDSEAAMRVWIDPQKLVGYGLSIDDVNNAIRTQNVQVPAGAFGSTPGSSEQELTATLTVKG
TLDNPEEFAAIVLRANQDGSRLTLGDVARIEVGSQDYNFGSRQDGKPAVAAAVQLSPGANAIQTAEAVKQRLTELSANFP
DNVEFSVPYDTSRFVDVAIDKVIMTLIEAMVLVFLVMFLFLQNVRYTLIPSIVVPVCLLGTLTFMYLLGFSVNMMTMFGM
VLAIGILVDDAIVVVENVERIMAEEGLAPVPATIKAMGQVSGAIIGITLVLSAVFLPLAFMAGSVGVIYQQFSLSLAVSI
LFSGFLALTFTPALCATLLKPIPVGHHEKTGFFGWFNRKFTSLTSRYTKLNDKLVPRAGRVMFIYLGVVVLMGFLYMRLP
ESFVPVEDQGYMIVDIQLPPGATRERTSAAGGELESFLMAREAVQTTFLVLGFSFSGMGENAAIAFPLLKDWSERDSSQS
PEAESAAVNQHFANLDDGAIMAVPPPPVEGLGNSGGFALRLQDRAGLGRDALLAARDEVLGKVNGNPKFLYAMMEGLAEA
PQLRLVIDREQARTLGVSFEAISSALSTAFGSSVINDFANAGRQQRVVVQAEQAERMTPESVLRLHVPNDSGSLVPLSAF
VTTSWEEGPVQVARYNGYPSIRIAGDAAPGVSTGEAMLELERIAAELPEGIGYEWTGLSYQERVASGQATMLFALAITVV
FLLLVALYESWAIPLTVMLIVPVGALGAVLAVTAIGLPNDVYFKVGLITVIGLAAKNAILIVEFAKDLWEDGYSLRDAAV
EAARLRFRPIIMTSMAFMLGVVPLAIATGAGAASQRALGTGVLGGMLSATMLGVIFVPIFFVWVLSLLRTKPQQTDNHPL
HKAE
;
K,J,L
#
loop_
_chem_comp.id
_chem_comp.type
_chem_comp.name
_chem_comp.formula
A1EAN non-polymer 1-(naphthalen-1-ylmethyl)piperazine 'C15 H18 N2'
#
# COMPACT_ATOMS: atom_id res chain seq x y z
N ALA A 61 26.83 49.98 -116.52
CA ALA A 61 26.46 51.20 -117.23
C ALA A 61 27.58 52.23 -117.18
N ASP A 62 28.11 52.47 -115.97
CA ASP A 62 29.27 53.35 -115.84
C ASP A 62 30.53 52.71 -116.41
N LEU A 63 30.54 51.39 -116.61
CA LEU A 63 31.67 50.75 -117.26
C LEU A 63 31.82 51.25 -118.70
N ARG A 64 30.71 51.39 -119.42
CA ARG A 64 30.79 51.90 -120.78
C ARG A 64 31.34 53.32 -120.81
N ARG A 65 30.88 54.17 -119.90
CA ARG A 65 31.40 55.53 -119.84
C ARG A 65 32.89 55.54 -119.51
N ALA A 66 33.30 54.69 -118.56
CA ALA A 66 34.72 54.65 -118.19
C ALA A 66 35.59 54.16 -119.33
N VAL A 67 35.17 53.09 -120.02
CA VAL A 67 35.98 52.58 -121.12
C VAL A 67 35.98 53.55 -122.29
N ASP A 68 34.87 54.26 -122.51
CA ASP A 68 34.84 55.28 -123.54
C ASP A 68 35.83 56.40 -123.21
N THR A 69 35.86 56.82 -121.95
CA THR A 69 36.83 57.81 -121.51
C THR A 69 38.25 57.29 -121.71
N ALA A 70 38.46 56.01 -121.48
CA ALA A 70 39.78 55.43 -121.68
C ALA A 70 40.19 55.49 -123.15
N LEU A 71 39.34 54.99 -124.04
CA LEU A 71 39.69 55.03 -125.47
C LEU A 71 39.86 56.46 -125.95
N SER A 72 39.12 57.39 -125.37
CA SER A 72 39.25 58.79 -125.77
C SER A 72 40.52 59.41 -125.22
N ASN A 73 41.02 58.91 -124.09
CA ASN A 73 42.01 59.65 -123.31
C ASN A 73 43.24 58.85 -122.90
N ASN A 74 43.19 57.52 -122.88
CA ASN A 74 44.33 56.76 -122.40
C ASN A 74 45.55 57.01 -123.27
N ARG A 75 46.68 57.27 -122.62
CA ARG A 75 47.90 57.60 -123.35
C ARG A 75 48.51 56.41 -124.05
N SER A 76 48.47 55.22 -123.45
CA SER A 76 49.00 54.05 -124.12
C SER A 76 48.19 53.69 -125.35
N LEU A 77 46.88 53.86 -125.29
CA LEU A 77 46.06 53.59 -126.47
C LEU A 77 46.37 54.59 -127.58
N ARG A 78 46.58 55.86 -127.23
CA ARG A 78 46.98 56.83 -128.23
C ARG A 78 48.35 56.48 -128.79
N GLN A 79 49.22 55.93 -127.96
CA GLN A 79 50.52 55.44 -128.43
C GLN A 79 50.34 54.35 -129.47
N ALA A 80 49.44 53.40 -129.21
CA ALA A 80 49.21 52.34 -130.18
C ALA A 80 48.61 52.87 -131.48
N LEU A 81 47.71 53.84 -131.38
CA LEU A 81 47.12 54.41 -132.58
C LEU A 81 48.16 55.17 -133.40
N LEU A 82 49.06 55.89 -132.72
CA LEU A 82 50.15 56.50 -133.45
C LEU A 82 51.11 55.45 -134.00
N ASP A 83 51.19 54.30 -133.35
CA ASP A 83 51.95 53.19 -133.92
C ASP A 83 51.34 52.73 -135.23
N ILE A 84 50.01 52.66 -135.30
CA ILE A 84 49.35 52.31 -136.56
C ILE A 84 49.63 53.37 -137.62
N GLU A 85 49.60 54.64 -137.24
CA GLU A 85 49.91 55.66 -138.24
C GLU A 85 51.35 55.54 -138.73
N ALA A 86 52.28 55.20 -137.83
CA ALA A 86 53.66 55.01 -138.24
C ALA A 86 53.82 53.80 -139.15
N ALA A 87 53.11 52.70 -138.85
CA ALA A 87 53.20 51.52 -139.69
C ALA A 87 52.64 51.81 -141.09
N ARG A 88 51.52 52.53 -141.15
CA ARG A 88 50.97 52.95 -142.43
C ARG A 88 51.97 53.82 -143.20
N ALA A 89 52.63 54.74 -142.50
CA ALA A 89 53.63 55.59 -143.15
C ALA A 89 54.80 54.77 -143.68
N GLN A 90 55.24 53.78 -142.90
CA GLN A 90 56.38 52.98 -143.32
C GLN A 90 56.00 52.14 -144.55
N TYR A 91 54.74 51.68 -144.59
CA TYR A 91 54.26 51.00 -145.79
C TYR A 91 54.19 51.95 -146.97
N ARG A 92 53.77 53.20 -146.75
CA ARG A 92 53.74 54.17 -147.85
C ARG A 92 55.15 54.42 -148.36
N ILE A 93 56.12 54.49 -147.45
CA ILE A 93 57.52 54.60 -147.84
C ILE A 93 57.90 53.45 -148.76
N GLN A 94 57.59 52.23 -148.34
CA GLN A 94 58.00 51.07 -149.12
C GLN A 94 57.29 51.00 -150.46
N ARG A 95 56.02 51.39 -150.48
CA ARG A 95 55.25 51.37 -151.72
C ARG A 95 55.73 52.44 -152.69
N ALA A 96 56.29 53.54 -152.18
CA ALA A 96 56.82 54.57 -153.06
C ALA A 96 57.97 54.06 -153.93
N ASP A 97 58.61 52.97 -153.54
CA ASP A 97 59.75 52.47 -154.29
C ASP A 97 59.35 51.85 -155.61
N ARG A 98 58.11 51.34 -155.72
CA ARG A 98 57.66 50.72 -156.95
C ARG A 98 57.50 51.73 -158.08
N LEU A 99 57.12 52.93 -157.78
CA LEU A 99 56.85 54.05 -158.65
C LEU A 99 58.16 54.74 -159.04
N PRO A 100 58.20 55.46 -160.17
CA PRO A 100 59.46 56.07 -160.59
C PRO A 100 59.97 57.07 -159.57
N SER A 101 61.29 57.16 -159.47
CA SER A 101 61.95 58.14 -158.62
C SER A 101 62.80 59.06 -159.49
N ILE A 102 62.20 60.15 -159.95
CA ILE A 102 62.87 61.12 -160.80
C ILE A 102 63.47 62.21 -159.93
N ASN A 103 64.48 62.91 -160.45
CA ASN A 103 65.25 63.86 -159.67
C ASN A 103 65.70 65.01 -160.57
N ALA A 104 65.39 66.23 -160.16
CA ALA A 104 65.84 67.42 -160.86
C ALA A 104 67.28 67.70 -160.49
N ASN A 105 68.22 67.20 -161.29
CA ASN A 105 69.64 67.24 -160.96
C ASN A 105 70.30 68.39 -161.71
N ALA A 106 70.90 69.31 -160.96
CA ALA A 106 71.64 70.43 -161.52
C ALA A 106 73.07 70.35 -160.99
N SER A 107 74.00 69.94 -161.85
CA SER A 107 75.38 69.72 -161.44
C SER A 107 76.34 70.40 -162.40
N GLY A 108 77.40 70.96 -161.84
CA GLY A 108 78.45 71.55 -162.65
C GLY A 108 79.83 71.11 -162.20
N ASN A 109 80.56 70.44 -163.10
CA ASN A 109 81.85 69.86 -162.78
C ASN A 109 82.96 70.61 -163.52
N ARG A 110 84.04 70.92 -162.81
CA ARG A 110 85.17 71.66 -163.37
C ARG A 110 86.45 70.91 -163.04
N GLN A 111 87.12 70.40 -164.07
CA GLN A 111 88.30 69.56 -163.90
C GLN A 111 89.34 69.92 -164.96
N ARG A 112 90.60 70.00 -164.53
CA ARG A 112 91.70 70.18 -165.47
C ARG A 112 93.02 69.88 -164.78
N LEU A 113 93.97 69.32 -165.55
CA LEU A 113 95.24 68.78 -165.06
C LEU A 113 96.14 69.77 -164.35
N PRO A 114 96.35 71.00 -164.84
CA PRO A 114 97.23 71.93 -164.13
C PRO A 114 96.50 72.63 -162.98
N ALA A 115 97.23 73.52 -162.32
CA ALA A 115 96.76 74.20 -161.12
C ALA A 115 96.36 75.64 -161.46
N ASP A 116 95.72 76.29 -160.48
CA ASP A 116 95.13 77.62 -160.62
C ASP A 116 94.02 77.51 -161.66
N LEU A 117 94.00 78.32 -162.72
CA LEU A 117 92.98 78.31 -163.76
C LEU A 117 91.57 78.28 -163.16
N SER A 118 91.30 79.25 -162.31
CA SER A 118 89.98 79.43 -161.72
C SER A 118 89.31 80.66 -162.32
N GLN A 119 87.99 80.59 -162.46
CA GLN A 119 87.19 81.67 -163.04
C GLN A 119 87.68 82.02 -164.44
N THR A 120 87.52 81.03 -165.33
CA THR A 120 87.95 81.13 -166.73
C THR A 120 89.44 81.40 -166.84
N GLY A 121 90.23 80.48 -166.30
CA GLY A 121 91.68 80.59 -166.36
C GLY A 121 92.23 80.23 -167.73
N ARG A 122 93.54 80.40 -167.88
CA ARG A 122 94.21 80.19 -169.16
C ARG A 122 94.81 78.79 -169.18
N SER A 123 93.98 77.82 -169.54
CA SER A 123 94.40 76.41 -169.62
C SER A 123 93.32 75.66 -170.38
N GLU A 124 93.38 74.32 -170.31
CA GLU A 124 92.43 73.45 -170.98
C GLU A 124 91.24 73.06 -170.11
N VAL A 125 90.82 73.95 -169.21
CA VAL A 125 89.75 73.63 -168.26
C VAL A 125 88.52 73.11 -168.97
N THR A 126 87.90 72.10 -168.38
CA THR A 126 86.62 71.60 -168.83
C THR A 126 85.57 71.84 -167.77
N SER A 127 84.48 72.49 -168.15
CA SER A 127 83.43 72.85 -167.21
C SER A 127 82.10 72.33 -167.74
N ASN A 128 81.70 71.16 -167.28
CA ASN A 128 80.47 70.52 -167.71
C ASN A 128 79.38 70.80 -166.71
N TYR A 129 78.25 71.33 -167.20
CA TYR A 129 77.10 71.61 -166.35
C TYR A 129 75.90 70.85 -166.88
N GLN A 130 75.33 69.99 -166.03
CA GLN A 130 74.15 69.20 -166.37
C GLN A 130 72.99 69.67 -165.51
N VAL A 131 71.97 70.21 -166.15
CA VAL A 131 70.81 70.75 -165.45
C VAL A 131 69.56 70.16 -166.09
N GLY A 132 68.78 69.42 -165.31
CA GLY A 132 67.56 68.83 -165.81
C GLY A 132 67.12 67.66 -164.97
N LEU A 133 66.07 67.02 -165.43
CA LEU A 133 65.49 65.87 -164.72
C LEU A 133 66.38 64.65 -164.88
N GLY A 134 66.19 63.68 -163.99
CA GLY A 134 66.91 62.42 -164.07
C GLY A 134 66.20 61.28 -163.37
N LEU A 135 66.00 60.17 -164.09
CA LEU A 135 65.39 58.98 -163.52
C LEU A 135 66.45 58.23 -162.73
N ALA A 136 66.28 58.19 -161.41
CA ALA A 136 67.30 57.66 -160.51
C ALA A 136 67.07 56.18 -160.28
N GLU A 137 67.62 55.36 -161.17
CA GLU A 137 67.67 53.90 -160.99
C GLU A 137 66.28 53.28 -160.82
N TYR A 138 65.46 53.41 -161.86
CA TYR A 138 64.31 52.52 -161.96
C TYR A 138 64.73 51.06 -162.02
N GLU A 139 64.22 50.26 -161.11
CA GLU A 139 64.46 48.81 -161.13
C GLU A 139 63.22 48.13 -161.68
N VAL A 140 63.18 47.92 -163.00
CA VAL A 140 62.16 47.06 -163.57
C VAL A 140 62.42 45.64 -163.09
N ASP A 141 61.36 44.95 -162.69
CA ASP A 141 61.49 43.74 -161.89
C ASP A 141 60.84 42.57 -162.61
N LEU A 142 61.60 41.49 -162.80
CA LEU A 142 61.05 40.27 -163.36
C LEU A 142 60.22 39.48 -162.35
N PHE A 143 60.56 39.56 -161.06
CA PHE A 143 59.80 38.89 -160.01
C PHE A 143 59.08 39.85 -159.08
N GLY A 144 59.57 41.07 -158.92
CA GLY A 144 58.91 42.01 -158.05
C GLY A 144 59.45 41.98 -156.63
N ARG A 145 60.78 42.05 -156.48
CA ARG A 145 61.34 42.16 -155.14
C ARG A 145 60.90 43.46 -154.49
N VAL A 146 60.77 44.53 -155.28
CA VAL A 146 60.16 45.74 -154.77
C VAL A 146 58.70 45.48 -154.43
N ARG A 147 58.00 44.74 -155.29
CA ARG A 147 56.63 44.37 -154.98
C ARG A 147 56.57 43.47 -153.75
N ASN A 148 57.55 42.58 -153.59
CA ASN A 148 57.59 41.74 -152.40
C ASN A 148 57.80 42.57 -151.15
N LEU A 149 58.66 43.59 -151.20
CA LEU A 149 58.83 44.48 -150.06
C LEU A 149 57.55 45.25 -149.78
N SER A 150 56.84 45.64 -150.83
CA SER A 150 55.56 46.32 -150.63
C SER A 150 54.56 45.41 -149.92
N GLU A 151 54.50 44.14 -150.33
CA GLU A 151 53.63 43.19 -149.65
C GLU A 151 54.05 43.01 -148.20
N ALA A 152 55.36 42.96 -147.95
CA ALA A 152 55.85 42.81 -146.59
C ALA A 152 55.45 44.01 -145.73
N ALA A 153 55.56 45.22 -146.28
CA ALA A 153 55.15 46.39 -145.54
C ALA A 153 53.65 46.39 -145.27
N LEU A 154 52.86 45.96 -146.26
CA LEU A 154 51.42 45.86 -146.05
C LEU A 154 51.08 44.86 -144.96
N GLU A 155 51.77 43.71 -144.96
CA GLU A 155 51.55 42.72 -143.92
C GLU A 155 51.96 43.24 -142.56
N THR A 156 53.06 44.00 -142.49
CA THR A 156 53.46 44.61 -141.24
C THR A 156 52.41 45.59 -140.74
N TYR A 157 51.83 46.36 -141.66
CA TYR A 157 50.78 47.29 -141.28
C TYR A 157 49.56 46.56 -140.74
N LEU A 158 49.17 45.46 -141.40
CA LEU A 158 48.03 44.69 -140.91
C LEU A 158 48.31 44.05 -139.56
N ALA A 159 49.53 43.54 -139.37
CA ALA A 159 49.91 42.98 -138.08
C ALA A 159 49.87 44.05 -137.00
N THR A 160 50.31 45.26 -137.34
CA THR A 160 50.24 46.34 -136.37
C THR A 160 48.78 46.71 -136.07
N GLU A 161 47.91 46.60 -137.06
CA GLU A 161 46.49 46.85 -136.82
C GLU A 161 45.92 45.84 -135.84
N GLU A 162 46.23 44.57 -136.04
CA GLU A 162 45.77 43.55 -135.09
C GLU A 162 46.40 43.76 -133.71
N ALA A 163 47.67 44.16 -133.66
CA ALA A 163 48.30 44.41 -132.38
C ALA A 163 47.67 45.59 -131.65
N THR A 164 47.33 46.64 -132.38
CA THR A 164 46.68 47.79 -131.76
C THR A 164 45.28 47.44 -131.29
N ARG A 165 44.56 46.62 -132.06
CA ARG A 165 43.28 46.13 -131.59
C ARG A 165 43.43 45.30 -130.32
N ALA A 166 44.48 44.49 -130.26
CA ALA A 166 44.76 43.72 -129.04
C ALA A 166 45.07 44.64 -127.87
N THR A 167 45.84 45.70 -128.12
CA THR A 167 46.15 46.64 -127.05
C THR A 167 44.88 47.34 -126.57
N GLN A 168 43.98 47.68 -127.48
CA GLN A 168 42.71 48.30 -127.10
C GLN A 168 41.89 47.35 -126.24
N ILE A 169 41.75 46.10 -126.65
CA ILE A 169 40.91 45.18 -125.90
C ILE A 169 41.55 44.88 -124.54
N SER A 170 42.87 44.80 -124.49
CA SER A 170 43.55 44.63 -123.21
C SER A 170 43.32 45.84 -122.31
N LEU A 171 43.36 47.04 -122.88
CA LEU A 171 43.12 48.23 -122.09
C LEU A 171 41.71 48.22 -121.52
N VAL A 172 40.74 47.81 -122.31
CA VAL A 172 39.37 47.69 -121.82
C VAL A 172 39.31 46.68 -120.68
N ALA A 173 40.00 45.55 -120.84
CA ALA A 173 40.00 44.53 -119.80
C ALA A 173 40.60 45.06 -118.50
N GLU A 174 41.73 45.77 -118.58
CA GLU A 174 42.32 46.32 -117.36
C GLU A 174 41.41 47.36 -116.73
N VAL A 175 40.75 48.18 -117.55
CA VAL A 175 39.85 49.19 -116.99
C VAL A 175 38.72 48.51 -116.24
N ILE A 176 38.12 47.48 -116.84
CA ILE A 176 37.02 46.79 -116.17
C ILE A 176 37.50 46.10 -114.91
N GLN A 177 38.68 45.47 -114.97
CA GLN A 177 39.20 44.78 -113.79
C GLN A 177 39.48 45.75 -112.66
N ALA A 178 40.09 46.90 -112.97
CA ALA A 178 40.34 47.89 -111.94
C ALA A 178 39.05 48.44 -111.37
N TYR A 179 38.04 48.63 -112.22
CA TYR A 179 36.76 49.14 -111.74
C TYR A 179 36.11 48.13 -110.80
N LEU A 180 36.16 46.85 -111.16
CA LEU A 180 35.62 45.80 -110.30
C LEU A 180 36.38 45.74 -108.98
N THR A 181 37.70 45.87 -109.04
CA THR A 181 38.50 45.86 -107.82
C THR A 181 38.14 47.02 -106.93
N ARG A 182 37.89 48.20 -107.52
CA ARG A 182 37.48 49.34 -106.74
C ARG A 182 36.13 49.11 -106.08
N ASP A 183 35.18 48.53 -106.80
CA ASP A 183 33.87 48.25 -106.22
C ASP A 183 33.99 47.27 -105.05
N GLY A 184 34.75 46.19 -105.26
CA GLY A 184 34.95 45.24 -104.19
C GLY A 184 35.63 45.85 -102.99
N ALA A 185 36.60 46.73 -103.24
CA ALA A 185 37.28 47.40 -102.14
C ALA A 185 36.33 48.31 -101.37
N LEU A 186 35.42 48.97 -102.07
CA LEU A 186 34.43 49.80 -101.37
C LEU A 186 33.55 48.95 -100.46
N ARG A 187 33.09 47.81 -100.98
CA ARG A 187 32.29 46.93 -100.15
C ARG A 187 33.08 46.43 -98.95
N ARG A 188 34.34 46.07 -99.17
CA ARG A 188 35.18 45.60 -98.07
C ARG A 188 35.39 46.70 -97.05
N MET A 189 35.51 47.94 -97.49
CA MET A 189 35.60 49.04 -96.54
C MET A 189 34.35 49.17 -95.70
N ALA A 190 33.18 49.08 -96.31
CA ALA A 190 31.97 49.09 -95.50
C ALA A 190 32.03 48.00 -94.45
N LEU A 191 32.40 46.80 -94.87
CA LEU A 191 32.43 45.64 -93.97
C LEU A 191 33.42 45.84 -92.84
N VAL A 192 34.64 46.27 -93.16
CA VAL A 192 35.67 46.42 -92.14
C VAL A 192 35.35 47.59 -91.22
N GLU A 193 34.73 48.65 -91.74
CA GLU A 193 34.35 49.75 -90.88
C GLU A 193 33.35 49.28 -89.83
N GLN A 194 32.35 48.50 -90.24
CA GLN A 194 31.40 48.06 -89.23
C GLN A 194 32.00 46.99 -88.32
N THR A 195 32.93 46.18 -88.82
CA THR A 195 33.63 45.25 -87.94
C THR A 195 34.45 45.99 -86.89
N LEU A 196 35.14 47.05 -87.28
CA LEU A 196 35.87 47.87 -86.31
C LEU A 196 34.93 48.52 -85.32
N ASP A 197 33.77 49.00 -85.78
CA ASP A 197 32.82 49.56 -84.85
C ASP A 197 32.37 48.52 -83.84
N SER A 198 32.14 47.28 -84.29
CA SER A 198 31.79 46.22 -83.38
C SER A 198 32.92 45.94 -82.39
N ARG A 199 34.16 45.97 -82.87
CA ARG A 199 35.30 45.74 -81.97
C ARG A 199 35.40 46.83 -80.92
N MET A 200 35.19 48.08 -81.31
CA MET A 200 35.22 49.17 -80.35
C MET A 200 34.07 49.05 -79.36
N ALA A 201 32.90 48.61 -79.82
CA ALA A 201 31.79 48.41 -78.90
C ALA A 201 32.11 47.33 -77.88
N SER A 202 32.66 46.20 -78.33
CA SER A 202 33.05 45.15 -77.40
C SER A 202 34.15 45.63 -76.46
N LEU A 203 35.10 46.40 -76.98
CA LEU A 203 36.17 46.93 -76.14
C LEU A 203 35.62 47.84 -75.07
N GLU A 204 34.71 48.75 -75.42
CA GLU A 204 34.12 49.63 -74.42
C GLU A 204 33.33 48.83 -73.40
N LEU A 205 32.60 47.81 -73.85
CA LEU A 205 31.77 47.05 -72.94
C LEU A 205 32.64 46.25 -71.97
N VAL A 206 33.72 45.66 -72.46
CA VAL A 206 34.64 44.94 -71.60
C VAL A 206 35.37 45.91 -70.67
N SER A 207 35.69 47.10 -71.15
CA SER A 207 36.32 48.10 -70.30
C SER A 207 35.40 48.48 -69.14
N GLN A 208 34.12 48.66 -69.44
CA GLN A 208 33.16 48.97 -68.38
C GLN A 208 33.00 47.79 -67.43
N ARG A 209 33.03 46.57 -67.96
CA ARG A 209 32.93 45.39 -67.12
C ARG A 209 34.13 45.28 -66.19
N ARG A 210 35.33 45.52 -66.70
CA ARG A 210 36.52 45.50 -65.85
C ARG A 210 36.46 46.60 -64.80
N ALA A 211 36.03 47.79 -65.21
CA ALA A 211 35.90 48.89 -64.25
C ALA A 211 34.97 48.52 -63.11
N ALA A 212 33.95 47.73 -63.39
CA ALA A 212 33.06 47.23 -62.36
C ALA A 212 33.64 46.03 -61.63
N GLY A 213 34.78 45.53 -62.07
CA GLY A 213 35.46 44.47 -61.34
C GLY A 213 35.04 43.06 -61.69
N ALA A 214 34.19 42.87 -62.68
CA ALA A 214 33.74 41.54 -63.07
C ALA A 214 34.66 40.88 -64.08
N ALA A 215 35.71 41.57 -64.54
CA ALA A 215 36.64 41.00 -65.51
C ALA A 215 38.07 41.32 -65.11
N THR A 216 38.97 40.41 -65.44
CA THR A 216 40.38 40.63 -65.20
C THR A 216 40.94 41.63 -66.21
N ALA A 217 42.12 42.16 -65.91
CA ALA A 217 42.79 43.01 -66.88
C ALA A 217 43.23 42.24 -68.10
N LEU A 218 43.32 40.91 -68.01
CA LEU A 218 43.66 40.11 -69.18
C LEU A 218 42.60 40.25 -70.26
N ASP A 219 41.32 40.20 -69.86
CA ASP A 219 40.25 40.32 -70.84
C ASP A 219 40.25 41.70 -71.48
N TYR A 220 40.50 42.74 -70.68
CA TYR A 220 40.62 44.07 -71.26
C TYR A 220 41.78 44.14 -72.24
N GLN A 221 42.91 43.53 -71.89
CA GLN A 221 44.07 43.57 -72.79
C GLN A 221 43.79 42.84 -74.09
N GLU A 222 43.13 41.68 -74.02
CA GLU A 222 42.85 40.94 -75.24
C GLU A 222 41.82 41.66 -76.09
N ALA A 223 40.84 42.32 -75.47
CA ALA A 223 39.90 43.13 -76.23
C ALA A 223 40.61 44.30 -76.90
N VAL A 224 41.54 44.93 -76.20
CA VAL A 224 42.31 46.01 -76.79
C VAL A 224 43.09 45.50 -77.99
N GLY A 225 43.73 44.34 -77.84
CA GLY A 225 44.47 43.78 -78.95
C GLY A 225 43.59 43.45 -80.14
N LEU A 226 42.38 42.96 -79.87
CA LEU A 226 41.45 42.67 -80.96
C LEU A 226 41.04 43.95 -81.68
N ALA A 227 40.79 45.03 -80.93
CA ALA A 227 40.48 46.30 -81.57
C ALA A 227 41.64 46.81 -82.40
N GLU A 228 42.86 46.65 -81.89
CA GLU A 228 44.03 47.07 -82.66
C GLU A 228 44.15 46.27 -83.95
N GLN A 229 43.90 44.97 -83.88
CA GLN A 229 43.98 44.13 -85.08
C GLN A 229 42.93 44.56 -86.09
N ALA A 230 41.72 44.87 -85.62
CA ALA A 230 40.70 45.36 -86.54
C ALA A 230 41.10 46.68 -87.18
N ARG A 231 41.73 47.57 -86.40
CA ARG A 231 42.20 48.82 -86.97
C ARG A 231 43.27 48.59 -88.02
N ALA A 232 44.19 47.66 -87.78
CA ALA A 232 45.21 47.35 -88.76
C ALA A 232 44.58 46.80 -90.03
N GLU A 233 43.57 45.95 -89.88
CA GLU A 233 42.86 45.44 -91.05
C GLU A 233 42.19 46.56 -91.81
N ARG A 234 41.60 47.52 -91.10
CA ARG A 234 40.98 48.66 -91.75
C ARG A 234 42.00 49.49 -92.50
N GLU A 235 43.19 49.68 -91.93
CA GLU A 235 44.24 50.41 -92.63
C GLU A 235 44.64 49.67 -93.90
N SER A 236 44.74 48.33 -93.82
CA SER A 236 45.10 47.58 -95.01
C SER A 236 44.05 47.73 -96.10
N THR A 237 42.77 47.67 -95.73
CA THR A 237 41.72 47.83 -96.74
C THR A 237 41.69 49.25 -97.30
N GLU A 238 41.93 50.24 -96.46
CA GLU A 238 42.05 51.62 -96.94
C GLU A 238 43.17 51.75 -97.94
N ARG A 239 44.32 51.16 -97.64
CA ARG A 239 45.42 51.20 -98.59
C ARG A 239 45.02 50.55 -99.89
N GLN A 240 44.36 49.39 -99.84
CA GLN A 240 43.94 48.72 -101.06
C GLN A 240 42.99 49.58 -101.87
N LEU A 241 42.05 50.23 -101.20
CA LEU A 241 41.09 51.08 -101.91
C LEU A 241 41.76 52.26 -102.56
N ARG A 242 42.70 52.90 -101.85
CA ARG A 242 43.42 54.03 -102.44
C ARG A 242 44.24 53.58 -103.65
N GLN A 243 44.91 52.42 -103.53
CA GLN A 243 45.68 51.93 -104.67
C GLN A 243 44.77 51.64 -105.86
N ALA A 244 43.59 51.08 -105.59
CA ALA A 244 42.65 50.82 -106.67
C ALA A 244 42.19 52.11 -107.33
N ASP A 245 41.90 53.14 -106.54
CA ASP A 245 41.52 54.42 -107.11
C ASP A 245 42.63 55.00 -107.98
N ASN A 246 43.87 54.92 -107.50
CA ASN A 246 44.98 55.45 -108.29
C ASN A 246 45.18 54.67 -109.58
N ALA A 247 45.04 53.35 -109.52
CA ALA A 247 45.14 52.55 -110.74
C ALA A 247 44.05 52.93 -111.72
N LEU A 248 42.83 53.13 -111.21
CA LEU A 248 41.73 53.49 -112.09
C LEU A 248 41.95 54.84 -112.75
N VAL A 249 42.40 55.83 -111.96
CA VAL A 249 42.61 57.16 -112.54
C VAL A 249 43.75 57.13 -113.55
N LEU A 250 44.77 56.29 -113.31
CA LEU A 250 45.81 56.12 -114.33
C LEU A 250 45.24 55.51 -115.59
N LEU A 251 44.41 54.48 -115.46
CA LEU A 251 43.88 53.81 -116.64
C LEU A 251 42.98 54.73 -117.44
N LEU A 252 42.16 55.54 -116.77
CA LEU A 252 41.30 56.47 -117.47
C LEU A 252 42.10 57.57 -118.16
N GLY A 253 43.19 58.01 -117.54
CA GLY A 253 44.09 58.94 -118.19
C GLY A 253 43.70 60.39 -118.14
N THR A 254 42.74 60.77 -117.30
CA THR A 254 42.35 62.16 -117.18
C THR A 254 42.52 62.61 -115.74
N PRO A 255 42.97 63.86 -115.52
CA PRO A 255 43.08 64.35 -114.14
C PRO A 255 41.76 64.37 -113.40
N ASP A 256 40.64 64.50 -114.11
CA ASP A 256 39.32 64.51 -113.51
C ASP A 256 38.65 63.14 -113.58
N ALA A 257 39.43 62.06 -113.61
CA ALA A 257 38.84 60.74 -113.73
C ALA A 257 38.07 60.36 -112.46
N ALA A 258 38.59 60.74 -111.29
CA ALA A 258 37.90 60.43 -110.05
C ALA A 258 36.55 61.12 -109.95
N ARG A 259 36.34 62.21 -110.68
CA ARG A 259 35.00 62.78 -110.80
C ARG A 259 34.05 61.85 -111.53
N LEU A 260 34.56 61.04 -112.46
CA LEU A 260 33.72 60.20 -113.31
C LEU A 260 33.37 58.88 -112.66
N LEU A 261 33.84 58.60 -111.45
CA LEU A 261 33.51 57.31 -110.88
C LEU A 261 32.69 57.46 -109.60
N PRO A 262 31.67 56.65 -109.42
CA PRO A 262 30.83 56.75 -108.23
C PRO A 262 31.60 56.40 -106.97
N ALA A 263 31.19 57.03 -105.87
CA ALA A 263 31.83 56.82 -104.58
C ALA A 263 31.15 55.74 -103.74
N THR A 264 30.14 55.07 -104.29
CA THR A 264 29.44 54.04 -103.55
C THR A 264 29.35 52.77 -104.38
N PRO A 265 29.44 51.61 -103.73
CA PRO A 265 29.24 50.35 -104.46
C PRO A 265 27.77 50.10 -104.74
N ARG A 266 27.53 49.21 -105.70
CA ARG A 266 26.19 48.87 -106.13
C ARG A 266 26.12 47.37 -106.39
N ASP A 267 24.91 46.83 -106.30
CA ASP A 267 24.71 45.38 -106.37
C ASP A 267 24.19 44.90 -107.72
N ASP A 268 24.10 45.78 -108.71
CA ASP A 268 23.52 45.36 -109.98
C ASP A 268 24.47 44.44 -110.74
N LEU A 269 23.93 43.73 -111.72
CA LEU A 269 24.75 42.97 -112.64
C LEU A 269 25.65 43.93 -113.40
N MET A 270 26.91 43.54 -113.59
CA MET A 270 27.92 44.47 -114.07
C MET A 270 28.51 44.07 -115.42
N VAL A 271 28.87 42.81 -115.58
CA VAL A 271 29.23 42.25 -116.87
C VAL A 271 28.50 40.92 -117.03
N LEU A 272 28.40 40.45 -118.27
CA LEU A 272 27.68 39.21 -118.55
C LEU A 272 28.29 38.05 -117.78
N GLN A 273 27.44 37.29 -117.10
CA GLN A 273 27.94 36.27 -116.17
C GLN A 273 28.27 34.96 -116.87
N ASP A 274 27.59 34.62 -117.95
CA ASP A 274 27.84 33.39 -118.70
C ASP A 274 28.34 33.74 -120.09
N ILE A 275 29.49 33.20 -120.46
CA ILE A 275 30.09 33.42 -121.77
C ILE A 275 30.44 32.07 -122.37
N ALA A 276 29.96 31.81 -123.59
CA ALA A 276 30.21 30.55 -124.25
C ALA A 276 31.56 30.58 -124.94
N PRO A 277 32.44 29.60 -124.71
CA PRO A 277 33.77 29.64 -125.33
C PRO A 277 33.75 29.33 -126.82
N GLY A 278 32.87 28.46 -127.27
CA GLY A 278 32.92 28.09 -128.67
C GLY A 278 34.08 27.15 -128.95
N THR A 279 34.44 27.05 -130.22
CA THR A 279 35.48 26.14 -130.66
C THR A 279 36.83 26.83 -130.74
N SER A 280 37.88 26.00 -130.81
CA SER A 280 39.23 26.54 -130.94
C SER A 280 39.42 27.28 -132.25
N SER A 281 38.84 26.76 -133.35
CA SER A 281 39.00 27.41 -134.65
C SER A 281 38.42 28.80 -134.64
N GLU A 282 37.28 29.00 -133.98
CA GLU A 282 36.69 30.33 -133.88
C GLU A 282 37.63 31.28 -133.15
N LEU A 283 38.23 30.83 -132.06
CA LEU A 283 39.20 31.66 -131.35
C LEU A 283 40.39 31.98 -132.24
N ILE A 284 40.80 31.04 -133.07
CA ILE A 284 41.89 31.28 -134.01
C ILE A 284 41.53 32.42 -134.96
N GLU A 285 40.24 32.58 -135.25
CA GLU A 285 39.82 33.58 -136.22
C GLU A 285 39.41 34.91 -135.59
N ARG A 286 39.51 35.05 -134.27
CA ARG A 286 39.02 36.26 -133.61
C ARG A 286 40.03 36.94 -132.70
N ARG A 287 41.01 36.24 -132.16
CA ARG A 287 41.90 36.85 -131.18
C ARG A 287 42.92 37.74 -131.88
N PRO A 288 43.02 39.01 -131.52
CA PRO A 288 43.87 39.93 -132.29
C PRO A 288 45.34 39.55 -132.32
N ASP A 289 45.89 39.02 -131.22
CA ASP A 289 47.32 38.70 -131.22
C ASP A 289 47.62 37.56 -132.18
N ILE A 290 46.72 36.59 -132.27
CA ILE A 290 46.94 35.49 -133.20
C ILE A 290 46.85 35.99 -134.64
N LEU A 291 45.97 36.95 -134.90
CA LEU A 291 45.92 37.55 -136.23
C LEU A 291 47.20 38.33 -136.52
N ALA A 292 47.74 39.01 -135.51
CA ALA A 292 49.01 39.70 -135.69
C ALA A 292 50.13 38.72 -136.01
N SER A 293 50.16 37.59 -135.31
CA SER A 293 51.17 36.58 -135.61
C SER A 293 51.01 36.04 -137.02
N GLU A 294 49.77 35.81 -137.45
CA GLU A 294 49.53 35.36 -138.82
C GLU A 294 50.04 36.38 -139.83
N HIS A 295 49.77 37.66 -139.58
CA HIS A 295 50.20 38.69 -140.52
C HIS A 295 51.72 38.82 -140.54
N ARG A 296 52.36 38.64 -139.39
CA ARG A 296 53.83 38.63 -139.36
C ARG A 296 54.37 37.44 -140.15
N LEU A 297 53.72 36.29 -140.04
CA LEU A 297 54.13 35.14 -140.83
C LEU A 297 53.98 35.43 -142.32
N LYS A 298 52.90 36.10 -142.71
CA LYS A 298 52.73 36.48 -144.10
C LYS A 298 53.82 37.45 -144.54
N ALA A 299 54.21 38.36 -143.64
CA ALA A 299 55.29 39.29 -143.96
C ALA A 299 56.60 38.55 -144.20
N ARG A 300 56.90 37.55 -143.37
CA ARG A 300 58.10 36.76 -143.59
C ARG A 300 58.00 35.93 -144.86
N ASN A 301 56.79 35.49 -145.20
CA ASN A 301 56.59 34.76 -146.44
C ASN A 301 56.71 35.67 -147.65
N ALA A 302 56.57 36.98 -147.46
CA ALA A 302 56.92 37.91 -148.53
C ALA A 302 58.42 38.19 -148.55
N ASP A 303 59.05 38.19 -147.38
CA ASP A 303 60.50 38.36 -147.31
C ASP A 303 61.22 37.23 -148.03
N ILE A 304 60.73 36.01 -147.89
CA ILE A 304 61.37 34.89 -148.58
C ILE A 304 61.23 35.06 -150.09
N GLY A 305 60.10 35.59 -150.55
CA GLY A 305 59.96 35.88 -151.95
C GLY A 305 60.93 36.95 -152.41
N ALA A 306 61.15 37.97 -151.58
CA ALA A 306 62.13 39.00 -151.91
C ALA A 306 63.52 38.41 -152.04
N ALA A 307 63.89 37.54 -151.10
CA ALA A 307 65.20 36.90 -151.14
C ALA A 307 65.33 36.01 -152.37
N ARG A 308 64.27 35.29 -152.73
CA ARG A 308 64.30 34.48 -153.94
C ARG A 308 64.50 35.34 -155.18
N ALA A 309 63.78 36.46 -155.26
CA ALA A 309 63.95 37.37 -156.38
C ALA A 309 65.35 37.96 -156.43
N ALA A 310 66.00 38.11 -155.26
CA ALA A 310 67.37 38.61 -155.25
C ALA A 310 68.33 37.70 -156.00
N PHE A 311 68.02 36.41 -156.09
CA PHE A 311 68.84 35.50 -156.89
C PHE A 311 68.86 35.90 -158.36
N PHE A 312 67.71 36.24 -158.91
CA PHE A 312 67.51 36.46 -160.33
C PHE A 312 68.13 37.78 -160.76
N PRO A 313 68.50 37.90 -162.03
CA PRO A 313 69.08 39.17 -162.50
C PRO A 313 68.07 40.31 -162.35
N ARG A 314 68.59 41.48 -162.02
CA ARG A 314 67.78 42.68 -161.87
C ARG A 314 68.26 43.74 -162.85
N ILE A 315 67.31 44.50 -163.38
CA ILE A 315 67.57 45.49 -164.43
C ILE A 315 67.24 46.87 -163.88
N SER A 316 68.17 47.80 -164.05
CA SER A 316 67.98 49.17 -163.60
C SER A 316 68.11 50.14 -164.77
N LEU A 317 67.19 51.10 -164.82
CA LEU A 317 67.19 52.12 -165.86
C LEU A 317 67.56 53.45 -165.22
N THR A 318 68.76 53.94 -165.52
CA THR A 318 69.21 55.25 -165.08
C THR A 318 69.15 56.21 -166.26
N GLY A 319 68.28 57.22 -166.15
CA GLY A 319 68.06 58.14 -167.24
C GLY A 319 68.16 59.58 -166.77
N SER A 320 68.30 60.47 -167.74
CA SER A 320 68.40 61.90 -167.47
C SER A 320 68.03 62.67 -168.72
N VAL A 321 67.71 63.95 -168.53
CA VAL A 321 67.40 64.84 -169.63
C VAL A 321 67.63 66.28 -169.17
N GLY A 322 68.33 67.07 -169.98
CA GLY A 322 68.59 68.45 -169.61
C GLY A 322 69.52 69.16 -170.57
N SER A 323 70.46 69.93 -170.03
CA SER A 323 71.37 70.73 -170.83
C SER A 323 72.81 70.40 -170.47
N SER A 324 73.69 70.53 -171.45
CA SER A 324 75.12 70.33 -171.26
C SER A 324 75.88 71.40 -172.03
N SER A 325 76.93 71.93 -171.41
CA SER A 325 77.73 72.96 -172.05
C SER A 325 79.10 72.97 -171.41
N ALA A 326 80.11 73.34 -172.21
CA ALA A 326 81.46 73.46 -171.70
C ALA A 326 81.67 74.75 -170.91
N GLU A 327 80.75 75.69 -171.01
CA GLU A 327 80.83 76.94 -170.27
C GLU A 327 79.47 77.29 -169.70
N LEU A 328 79.49 78.14 -168.66
CA LEU A 328 78.26 78.47 -167.95
C LEU A 328 77.30 79.28 -168.82
N SER A 329 77.84 80.12 -169.71
CA SER A 329 76.97 81.00 -170.49
C SER A 329 76.08 80.21 -171.44
N GLY A 330 76.55 79.07 -171.91
CA GLY A 330 75.85 78.32 -172.93
C GLY A 330 74.86 77.29 -172.42
N LEU A 331 74.57 77.33 -171.11
CA LEU A 331 73.64 76.35 -170.55
C LEU A 331 72.26 76.46 -171.15
N PHE A 332 71.78 77.68 -171.38
CA PHE A 332 70.45 77.90 -171.94
C PHE A 332 70.51 78.29 -173.41
N ASP A 333 71.47 77.75 -174.15
CA ASP A 333 71.51 77.98 -175.58
C ASP A 333 70.83 76.84 -176.33
N GLY A 334 70.42 77.14 -177.56
CA GLY A 334 69.74 76.13 -178.35
C GLY A 334 70.67 74.97 -178.68
N GLY A 335 70.07 73.79 -178.83
CA GLY A 335 70.81 72.60 -179.21
C GLY A 335 71.52 71.89 -178.09
N SER A 336 71.30 72.30 -176.85
CA SER A 336 71.92 71.66 -175.69
C SER A 336 71.01 70.65 -175.01
N ARG A 337 69.82 70.40 -175.56
CA ARG A 337 68.85 69.51 -174.92
C ARG A 337 69.35 68.07 -175.04
N ALA A 338 70.05 67.60 -174.01
CA ALA A 338 70.71 66.30 -174.01
C ALA A 338 69.95 65.32 -173.13
N TRP A 339 70.30 64.03 -173.27
CA TRP A 339 69.66 62.99 -172.47
C TRP A 339 70.55 61.75 -172.46
N SER A 340 70.25 60.85 -171.52
CA SER A 340 70.94 59.57 -171.44
C SER A 340 69.96 58.53 -170.94
N PHE A 341 70.13 57.30 -171.43
CA PHE A 341 69.22 56.19 -171.20
C PHE A 341 70.05 54.91 -171.20
N ALA A 342 70.15 54.28 -170.02
CA ALA A 342 71.21 53.32 -169.71
C ALA A 342 70.72 52.05 -169.02
N PRO A 343 70.32 51.02 -169.76
CA PRO A 343 70.17 49.70 -169.18
C PRO A 343 71.39 49.25 -168.38
N THR A 344 71.11 48.47 -167.34
CA THR A 344 72.12 47.74 -166.60
C THR A 344 71.53 46.43 -166.12
N LEU A 345 72.18 45.32 -166.49
CA LEU A 345 71.81 44.00 -166.03
C LEU A 345 72.81 43.57 -164.97
N SER A 346 72.35 43.50 -163.73
CA SER A 346 73.18 43.08 -162.61
C SER A 346 72.76 41.67 -162.20
N LEU A 347 73.72 40.75 -162.21
CA LEU A 347 73.47 39.36 -161.87
C LEU A 347 74.76 38.78 -161.32
N PRO A 348 74.78 38.36 -160.06
CA PRO A 348 75.97 37.71 -159.53
C PRO A 348 76.07 36.25 -159.90
N ILE A 349 76.95 35.95 -160.86
CA ILE A 349 77.08 34.58 -161.34
C ILE A 349 77.67 33.69 -160.24
N PHE A 350 78.59 34.23 -159.46
CA PHE A 350 79.10 33.56 -158.27
C PHE A 350 78.80 34.44 -157.06
N ALA A 351 77.81 34.05 -156.27
CA ALA A 351 77.45 34.84 -155.10
C ALA A 351 78.43 34.65 -153.97
N GLY A 352 78.98 33.44 -153.84
CA GLY A 352 79.81 33.14 -152.69
C GLY A 352 79.05 33.07 -151.39
N GLY A 353 77.75 32.77 -151.45
CA GLY A 353 76.91 32.78 -150.29
C GLY A 353 76.30 34.14 -149.99
N ARG A 354 76.71 35.19 -150.70
CA ARG A 354 76.15 36.51 -150.46
C ARG A 354 74.64 36.51 -150.65
N ASN A 355 74.16 35.84 -151.69
CA ASN A 355 72.73 35.74 -151.91
C ASN A 355 72.14 34.45 -151.36
N ARG A 356 72.90 33.35 -151.38
CA ARG A 356 72.37 32.07 -150.93
C ARG A 356 72.13 32.08 -149.43
N ALA A 357 73.06 32.65 -148.66
CA ALA A 357 72.84 32.78 -147.24
C ALA A 357 71.71 33.74 -146.92
N ASN A 358 71.50 34.78 -147.73
CA ASN A 358 70.32 35.60 -147.56
C ASN A 358 69.05 34.79 -147.76
N LEU A 359 69.06 33.92 -148.77
CA LEU A 359 67.91 33.07 -149.03
C LEU A 359 67.62 32.14 -147.86
N ASP A 360 68.64 31.48 -147.33
CA ASP A 360 68.38 30.55 -146.24
C ASP A 360 68.05 31.30 -144.96
N LEU A 361 68.55 32.52 -144.82
CA LEU A 361 68.14 33.37 -143.71
C LEU A 361 66.66 33.68 -143.78
N ALA A 362 66.17 33.99 -144.98
CA ALA A 362 64.74 34.24 -145.15
C ALA A 362 63.93 32.97 -144.87
N GLU A 363 64.43 31.82 -145.33
CA GLU A 363 63.76 30.56 -145.03
C GLU A 363 63.66 30.34 -143.53
N VAL A 364 64.77 30.52 -142.83
CA VAL A 364 64.82 30.31 -141.39
C VAL A 364 63.91 31.29 -140.68
N ARG A 365 63.88 32.54 -141.14
CA ARG A 365 63.03 33.54 -140.52
C ARG A 365 61.56 33.19 -140.69
N GLN A 366 61.18 32.71 -141.87
CA GLN A 366 59.80 32.30 -142.08
C GLN A 366 59.44 31.10 -141.22
N ASP A 367 60.38 30.16 -141.07
CA ASP A 367 60.13 29.03 -140.18
C ASP A 367 59.96 29.49 -138.74
N ALA A 368 60.77 30.47 -138.32
CA ALA A 368 60.64 31.02 -136.98
C ALA A 368 59.30 31.72 -136.80
N ALA A 369 58.82 32.39 -137.86
CA ALA A 369 57.49 32.99 -137.80
C ALA A 369 56.42 31.90 -137.67
N VAL A 370 56.61 30.78 -138.35
CA VAL A 370 55.67 29.66 -138.21
C VAL A 370 55.65 29.17 -136.77
N ALA A 371 56.84 29.00 -136.18
CA ALA A 371 56.92 28.57 -134.79
C ALA A 371 56.27 29.58 -133.87
N ASP A 372 56.48 30.88 -134.14
CA ASP A 372 55.85 31.92 -133.34
C ASP A 372 54.34 31.83 -133.42
N TYR A 373 53.82 31.62 -134.63
CA TYR A 373 52.38 31.53 -134.82
C TYR A 373 51.81 30.36 -134.03
N GLU A 374 52.48 29.20 -134.11
CA GLU A 374 52.01 28.03 -133.36
C GLU A 374 52.10 28.27 -131.86
N GLY A 375 53.19 28.87 -131.40
CA GLY A 375 53.34 29.12 -129.98
C GLY A 375 52.32 30.08 -129.45
N THR A 376 51.98 31.10 -130.24
CA THR A 376 50.94 32.03 -129.82
C THR A 376 49.58 31.37 -129.82
N ILE A 377 49.32 30.47 -130.77
CA ILE A 377 48.08 29.71 -130.74
C ILE A 377 48.00 28.91 -129.44
N GLN A 378 49.08 28.23 -129.09
CA GLN A 378 49.07 27.41 -127.89
C GLN A 378 48.95 28.27 -126.64
N THR A 379 49.59 29.44 -126.63
CA THR A 379 49.46 30.35 -125.51
C THR A 379 48.02 30.85 -125.35
N ALA A 380 47.38 31.18 -126.46
CA ALA A 380 45.98 31.59 -126.39
C ALA A 380 45.10 30.47 -125.88
N PHE A 381 45.36 29.24 -126.34
CA PHE A 381 44.62 28.10 -125.83
C PHE A 381 44.83 27.94 -124.33
N ARG A 382 46.06 28.08 -123.87
CA ARG A 382 46.33 27.99 -122.44
C ARG A 382 45.58 29.07 -121.68
N GLU A 383 45.57 30.30 -122.20
CA GLU A 383 44.90 31.38 -121.51
C GLU A 383 43.40 31.15 -121.42
N VAL A 384 42.78 30.72 -122.52
CA VAL A 384 41.34 30.51 -122.47
C VAL A 384 41.01 29.32 -121.59
N ALA A 385 41.85 28.28 -121.60
CA ALA A 385 41.61 27.14 -120.71
C ALA A 385 41.73 27.54 -119.26
N ASP A 386 42.75 28.35 -118.93
CA ASP A 386 42.89 28.84 -117.56
C ASP A 386 41.71 29.70 -117.17
N ALA A 387 41.26 30.57 -118.07
CA ALA A 387 40.13 31.43 -117.76
C ALA A 387 38.87 30.61 -117.53
N LEU A 388 38.64 29.59 -118.35
CA LEU A 388 37.47 28.76 -118.17
C LEU A 388 37.53 28.00 -116.84
N ALA A 389 38.68 27.40 -116.55
CA ALA A 389 38.83 26.68 -115.29
C ALA A 389 38.61 27.61 -114.11
N ALA A 390 39.20 28.80 -114.16
CA ALA A 390 39.02 29.76 -113.08
C ALA A 390 37.56 30.17 -112.96
N THR A 391 36.89 30.45 -114.08
CA THR A 391 35.51 30.91 -114.01
C THR A 391 34.61 29.83 -113.42
N ASP A 392 34.78 28.59 -113.86
CA ASP A 392 33.93 27.51 -113.34
C ASP A 392 34.18 27.27 -111.86
N THR A 393 35.45 27.10 -111.48
CA THR A 393 35.77 26.85 -110.09
C THR A 393 35.35 28.02 -109.21
N LEU A 394 35.45 29.25 -109.74
CA LEU A 394 35.08 30.42 -108.97
C LEU A 394 33.58 30.57 -108.83
N ARG A 395 32.82 30.17 -109.85
CA ARG A 395 31.37 30.14 -109.68
C ARG A 395 30.99 29.19 -108.55
N ARG A 396 31.57 28.00 -108.54
CA ARG A 396 31.26 27.07 -107.47
C ARG A 396 31.77 27.59 -106.11
N GLU A 397 32.93 28.22 -106.10
CA GLU A 397 33.48 28.76 -104.87
C GLU A 397 32.63 29.89 -104.33
N GLU A 398 32.11 30.76 -105.21
CA GLU A 398 31.23 31.83 -104.76
C GLU A 398 29.91 31.26 -104.26
N ALA A 399 29.43 30.19 -104.89
CA ALA A 399 28.23 29.53 -104.35
C ALA A 399 28.48 29.05 -102.94
N ALA A 400 29.62 28.39 -102.71
CA ALA A 400 29.94 27.92 -101.36
C ALA A 400 30.09 29.10 -100.39
N ARG A 401 30.71 30.18 -100.83
CA ARG A 401 30.92 31.30 -99.94
C ARG A 401 29.62 32.02 -99.63
N GLN A 402 28.71 32.09 -100.59
CA GLN A 402 27.38 32.64 -100.31
C GLN A 402 26.62 31.76 -99.33
N ALA A 403 26.74 30.43 -99.47
CA ALA A 403 26.12 29.55 -98.50
C ALA A 403 26.70 29.80 -97.11
N LEU A 404 28.02 29.96 -97.03
CA LEU A 404 28.66 30.25 -95.75
C LEU A 404 28.18 31.57 -95.17
N ALA A 405 28.06 32.60 -96.01
CA ALA A 405 27.60 33.89 -95.53
C ALA A 405 26.17 33.81 -95.03
N GLY A 406 25.31 33.06 -95.74
CA GLY A 406 23.96 32.85 -95.24
C GLY A 406 23.95 32.09 -93.94
N SER A 407 24.86 31.13 -93.77
CA SER A 407 24.96 30.40 -92.52
C SER A 407 25.32 31.33 -91.37
N SER A 408 26.31 32.19 -91.58
CA SER A 408 26.69 33.13 -90.53
C SER A 408 25.57 34.13 -90.27
N GLU A 409 24.81 34.49 -91.31
CA GLU A 409 23.66 35.37 -91.13
C GLU A 409 22.60 34.70 -90.25
N ALA A 410 22.31 33.43 -90.50
CA ALA A 410 21.34 32.72 -89.67
C ALA A 410 21.85 32.60 -88.24
N ALA A 411 23.15 32.35 -88.07
CA ALA A 411 23.73 32.28 -86.74
C ALA A 411 23.58 33.62 -86.02
N MET A 412 23.80 34.73 -86.74
CA MET A 412 23.65 36.04 -86.12
C MET A 412 22.20 36.29 -85.75
N ALA A 413 21.27 35.84 -86.59
CA ALA A 413 19.86 35.99 -86.26
C ALA A 413 19.53 35.23 -84.98
N LEU A 414 20.04 34.02 -84.84
CA LEU A 414 19.81 33.25 -83.62
C LEU A 414 20.45 33.95 -82.41
N ALA A 415 21.67 34.46 -82.57
CA ALA A 415 22.33 35.14 -81.47
C ALA A 415 21.56 36.39 -81.06
N LYS A 416 21.03 37.12 -82.04
CA LYS A 416 20.22 38.29 -81.73
C LYS A 416 18.94 37.89 -81.01
N ALA A 417 18.31 36.80 -81.45
CA ALA A 417 17.12 36.33 -80.75
C ALA A 417 17.42 35.98 -79.31
N ARG A 418 18.57 35.34 -79.08
CA ARG A 418 18.96 35.00 -77.71
C ARG A 418 19.25 36.25 -76.90
N TYR A 419 19.97 37.21 -77.48
CA TYR A 419 20.32 38.42 -76.75
C TYR A 419 19.08 39.22 -76.37
N GLU A 420 18.18 39.45 -77.34
CA GLU A 420 16.94 40.15 -77.02
C GLU A 420 16.10 39.35 -76.05
N GLY A 421 16.26 38.03 -76.03
CA GLY A 421 15.58 37.23 -75.05
C GLY A 421 16.20 37.25 -73.68
N GLY A 422 17.31 37.96 -73.53
CA GLY A 422 17.95 38.07 -72.24
C GLY A 422 18.78 36.89 -71.84
N VAL A 423 19.03 35.94 -72.73
CA VAL A 423 19.80 34.76 -72.41
C VAL A 423 21.29 34.97 -72.66
N ASP A 424 21.65 35.51 -73.81
CA ASP A 424 23.03 35.74 -74.15
C ASP A 424 23.43 37.18 -73.87
N ASP A 425 24.71 37.36 -73.59
CA ASP A 425 25.29 38.66 -73.34
C ASP A 425 25.34 39.47 -74.62
N TYR A 426 25.53 40.79 -74.48
CA TYR A 426 25.79 41.60 -75.66
C TYR A 426 27.12 41.24 -76.31
N LEU A 427 28.07 40.72 -75.54
CA LEU A 427 29.34 40.28 -76.13
C LEU A 427 29.12 39.18 -77.14
N ARG A 428 28.25 38.22 -76.83
CA ARG A 428 27.97 37.14 -77.77
C ARG A 428 27.33 37.67 -79.04
N TYR A 429 26.39 38.61 -78.92
CA TYR A 429 25.77 39.17 -80.10
C TYR A 429 26.78 39.93 -80.95
N LEU A 430 27.65 40.69 -80.31
CA LEU A 430 28.67 41.42 -81.05
C LEU A 430 29.63 40.47 -81.75
N ASP A 431 29.98 39.37 -81.09
CA ASP A 431 30.84 38.38 -81.71
C ASP A 431 30.17 37.75 -82.92
N ALA A 432 28.86 37.47 -82.81
CA ALA A 432 28.14 36.94 -83.97
C ALA A 432 28.16 37.94 -85.12
N GLN A 433 27.98 39.22 -84.82
CA GLN A 433 28.07 40.24 -85.85
C GLN A 433 29.45 40.24 -86.50
N ARG A 434 30.50 40.18 -85.69
CA ARG A 434 31.85 40.19 -86.26
C ARG A 434 32.07 38.99 -87.16
N SER A 435 31.62 37.80 -86.72
CA SER A 435 31.79 36.61 -87.53
C SER A 435 31.05 36.73 -88.85
N THR A 436 29.80 37.20 -88.81
CA THR A 436 29.04 37.31 -90.05
C THR A 436 29.64 38.36 -90.96
N PHE A 437 30.23 39.41 -90.41
CA PHE A 437 30.77 40.44 -91.28
C PHE A 437 32.08 39.98 -91.89
N SER A 438 32.84 39.17 -91.15
CA SER A 438 34.04 38.57 -91.73
C SER A 438 33.68 37.62 -92.86
N ASN A 439 32.65 36.80 -92.67
CA ASN A 439 32.24 35.92 -93.76
C ASN A 439 31.72 36.71 -94.96
N GLN A 440 30.97 37.79 -94.69
CA GLN A 440 30.45 38.58 -95.80
C GLN A 440 31.57 39.28 -96.55
N THR A 441 32.61 39.74 -95.86
CA THR A 441 33.70 40.39 -96.57
C THR A 441 34.60 39.40 -97.29
N THR A 442 34.74 38.17 -96.78
CA THR A 442 35.50 37.19 -97.55
C THR A 442 34.68 36.68 -98.73
N LEU A 443 33.37 36.85 -98.69
CA LEU A 443 32.58 36.58 -99.89
C LEU A 443 32.84 37.59 -100.99
N ILE A 444 33.05 38.85 -100.62
CA ILE A 444 33.24 39.90 -101.61
C ILE A 444 34.54 39.69 -102.37
N GLN A 445 35.58 39.20 -101.70
CA GLN A 445 36.83 38.91 -102.41
C GLN A 445 36.60 37.86 -103.48
N ILE A 446 35.86 36.80 -103.16
CA ILE A 446 35.60 35.75 -104.14
C ILE A 446 34.76 36.31 -105.28
N SER A 447 33.75 37.13 -104.96
CA SER A 447 32.91 37.68 -106.02
C SER A 447 33.72 38.59 -106.95
N THR A 448 34.56 39.45 -106.37
CA THR A 448 35.39 40.33 -107.18
C THR A 448 36.36 39.54 -108.03
N GLU A 449 36.96 38.50 -107.45
CA GLU A 449 37.91 37.69 -108.18
C GLU A 449 37.22 36.93 -109.31
N ARG A 450 35.98 36.48 -109.08
CA ARG A 450 35.20 35.85 -110.14
C ARG A 450 34.88 36.81 -111.26
N GLN A 451 34.51 38.05 -110.93
CA GLN A 451 34.26 39.04 -111.97
C GLN A 451 35.52 39.31 -112.77
N ILE A 452 36.66 39.42 -112.09
CA ILE A 452 37.92 39.63 -112.78
C ILE A 452 38.24 38.44 -113.68
N ALA A 453 37.93 37.23 -113.22
CA ALA A 453 38.14 36.06 -114.06
C ALA A 453 37.26 36.09 -115.30
N LEU A 454 36.01 36.52 -115.15
CA LEU A 454 35.14 36.64 -116.32
C LEU A 454 35.69 37.66 -117.30
N VAL A 455 36.19 38.78 -116.81
CA VAL A 455 36.76 39.78 -117.69
C VAL A 455 37.98 39.23 -118.40
N ASP A 456 38.82 38.48 -117.69
CA ASP A 456 39.98 37.87 -118.32
C ASP A 456 39.57 36.87 -119.38
N LEU A 457 38.51 36.10 -119.13
CA LEU A 457 38.02 35.16 -120.13
C LEU A 457 37.54 35.89 -121.37
N PHE A 458 36.83 37.00 -121.18
CA PHE A 458 36.43 37.83 -122.32
C PHE A 458 37.64 38.33 -123.08
N ARG A 459 38.66 38.81 -122.36
CA ARG A 459 39.84 39.34 -123.03
C ARG A 459 40.57 38.27 -123.83
N SER A 460 40.72 37.09 -123.25
CA SER A 460 41.45 36.02 -123.94
C SER A 460 40.68 35.49 -125.14
N LEU A 461 39.36 35.61 -125.14
CA LEU A 461 38.56 35.17 -126.27
C LEU A 461 38.53 36.20 -127.40
N GLY A 462 38.93 37.43 -127.13
CA GLY A 462 38.84 38.48 -128.14
C GLY A 462 37.41 38.89 -128.42
N ALA B 61 73.59 55.15 -91.38
CA ALA B 61 75.03 55.41 -91.38
C ALA B 61 75.75 54.41 -92.28
N ASP B 62 75.66 53.13 -91.94
CA ASP B 62 76.17 52.10 -92.83
C ASP B 62 75.40 52.03 -94.13
N LEU B 63 74.19 52.60 -94.17
CA LEU B 63 73.44 52.64 -95.41
C LEU B 63 74.16 53.46 -96.47
N ARG B 64 74.72 54.61 -96.08
CA ARG B 64 75.48 55.41 -97.02
C ARG B 64 76.72 54.68 -97.49
N ARG B 65 77.37 53.94 -96.60
CA ARG B 65 78.53 53.15 -97.00
C ARG B 65 78.15 52.09 -98.01
N ALA B 66 77.01 51.42 -97.80
CA ALA B 66 76.54 50.43 -98.75
C ALA B 66 76.19 51.07 -100.09
N VAL B 67 75.57 52.25 -100.05
CA VAL B 67 75.25 52.95 -101.29
C VAL B 67 76.52 53.31 -102.05
N ASP B 68 77.54 53.79 -101.33
CA ASP B 68 78.80 54.13 -101.96
C ASP B 68 79.44 52.89 -102.57
N THR B 69 79.42 51.76 -101.85
CA THR B 69 79.96 50.52 -102.39
C THR B 69 79.22 50.11 -103.64
N ALA B 70 77.89 50.25 -103.64
CA ALA B 70 77.11 49.89 -104.83
C ALA B 70 77.46 50.77 -106.01
N LEU B 71 77.42 52.10 -105.83
CA LEU B 71 77.68 53.00 -106.94
C LEU B 71 79.10 52.83 -107.45
N SER B 72 80.01 52.41 -106.58
CA SER B 72 81.38 52.18 -107.01
C SER B 72 81.53 50.85 -107.72
N ASN B 73 80.71 49.86 -107.36
CA ASN B 73 80.98 48.49 -107.73
C ASN B 73 79.85 47.79 -108.48
N ASN B 74 78.63 48.31 -108.45
CA ASN B 74 77.53 47.60 -109.08
C ASN B 74 77.75 47.48 -110.58
N ARG B 75 77.55 46.28 -111.11
CA ARG B 75 77.82 46.02 -112.52
C ARG B 75 76.79 46.65 -113.43
N SER B 76 75.50 46.60 -113.07
CA SER B 76 74.50 47.24 -113.90
C SER B 76 74.66 48.76 -113.89
N LEU B 77 75.06 49.32 -112.76
CA LEU B 77 75.32 50.76 -112.71
C LEU B 77 76.48 51.14 -113.61
N ARG B 78 77.56 50.34 -113.58
CA ARG B 78 78.67 50.56 -114.50
C ARG B 78 78.20 50.42 -115.94
N GLN B 79 77.28 49.49 -116.19
CA GLN B 79 76.68 49.35 -117.51
C GLN B 79 75.96 50.63 -117.91
N ALA B 80 75.30 51.27 -116.95
CA ALA B 80 74.59 52.51 -117.25
C ALA B 80 75.55 53.63 -117.65
N LEU B 81 76.62 53.83 -116.88
CA LEU B 81 77.60 54.84 -117.28
C LEU B 81 78.29 54.47 -118.59
N LEU B 82 78.43 53.19 -118.85
CA LEU B 82 79.01 52.81 -120.14
C LEU B 82 78.03 53.09 -121.27
N ASP B 83 76.72 52.97 -121.01
CA ASP B 83 75.73 53.38 -122.00
C ASP B 83 75.79 54.88 -122.24
N ILE B 84 76.04 55.66 -121.19
CA ILE B 84 76.18 57.11 -121.39
C ILE B 84 77.41 57.43 -122.23
N GLU B 85 78.53 56.74 -121.97
CA GLU B 85 79.69 57.00 -122.82
C GLU B 85 79.41 56.59 -124.26
N ALA B 86 78.64 55.50 -124.45
CA ALA B 86 78.26 55.09 -125.80
C ALA B 86 77.36 56.12 -126.47
N ALA B 87 76.39 56.66 -125.74
CA ALA B 87 75.48 57.66 -126.31
C ALA B 87 76.24 58.93 -126.67
N ARG B 88 77.17 59.34 -125.81
CA ARG B 88 78.01 60.47 -126.12
C ARG B 88 78.83 60.21 -127.38
N ALA B 89 79.38 59.00 -127.51
CA ALA B 89 80.13 58.65 -128.71
C ALA B 89 79.25 58.70 -129.96
N GLN B 90 78.01 58.23 -129.84
CA GLN B 90 77.09 58.27 -130.96
C GLN B 90 76.79 59.71 -131.37
N TYR B 91 76.60 60.58 -130.38
CA TYR B 91 76.40 61.99 -130.68
C TYR B 91 77.62 62.59 -131.35
N ARG B 92 78.81 62.21 -130.90
CA ARG B 92 80.03 62.69 -131.55
C ARG B 92 80.09 62.23 -133.00
N ILE B 93 79.68 60.98 -133.25
CA ILE B 93 79.64 60.45 -134.61
C ILE B 93 78.72 61.30 -135.48
N GLN B 94 77.51 61.55 -135.00
CA GLN B 94 76.57 62.36 -135.79
C GLN B 94 77.06 63.79 -135.97
N ARG B 95 77.75 64.33 -134.97
CA ARG B 95 78.24 65.69 -135.06
C ARG B 95 79.39 65.81 -136.03
N ALA B 96 80.16 64.73 -136.21
CA ALA B 96 81.28 64.75 -137.16
C ALA B 96 80.81 64.99 -138.58
N ASP B 97 79.53 64.74 -138.88
CA ASP B 97 79.04 64.88 -140.24
C ASP B 97 78.97 66.34 -140.68
N ARG B 98 78.76 67.26 -139.74
CA ARG B 98 78.68 68.68 -140.08
C ARG B 98 79.99 69.24 -140.57
N LEU B 99 81.12 68.74 -140.08
CA LEU B 99 82.45 69.22 -140.41
C LEU B 99 82.94 68.56 -141.70
N PRO B 100 83.90 69.19 -142.39
CA PRO B 100 84.36 68.63 -143.67
C PRO B 100 84.94 67.24 -143.51
N SER B 101 84.70 66.39 -144.50
CA SER B 101 85.19 65.03 -144.53
C SER B 101 86.06 64.81 -145.77
N ILE B 102 87.36 65.06 -145.62
CA ILE B 102 88.32 64.87 -146.70
C ILE B 102 89.10 63.58 -146.47
N ASN B 103 89.70 63.07 -147.53
CA ASN B 103 90.42 61.81 -147.47
C ASN B 103 91.47 61.78 -148.58
N ALA B 104 92.59 61.12 -148.30
CA ALA B 104 93.64 60.96 -149.28
C ALA B 104 93.32 59.79 -150.20
N ASN B 105 93.12 60.08 -151.49
CA ASN B 105 92.75 59.06 -152.47
C ASN B 105 93.91 58.80 -153.41
N ALA B 106 94.30 57.54 -153.52
CA ALA B 106 95.35 57.12 -154.44
C ALA B 106 94.81 55.98 -155.28
N SER B 107 94.40 56.28 -156.52
CA SER B 107 93.75 55.31 -157.38
C SER B 107 94.46 55.24 -158.71
N GLY B 108 94.53 54.03 -159.26
CA GLY B 108 95.09 53.83 -160.58
C GLY B 108 94.18 52.98 -161.46
N ASN B 109 93.69 53.55 -162.55
CA ASN B 109 92.74 52.90 -163.43
C ASN B 109 93.44 52.54 -164.74
N ARG B 110 93.34 51.27 -165.14
CA ARG B 110 93.92 50.79 -166.37
C ARG B 110 92.83 50.10 -167.19
N GLN B 111 92.62 50.56 -168.41
CA GLN B 111 91.52 50.09 -169.24
C GLN B 111 91.95 50.06 -170.69
N ARG B 112 91.48 49.05 -171.43
CA ARG B 112 91.73 49.00 -172.86
C ARG B 112 90.77 48.00 -173.49
N LEU B 113 90.40 48.27 -174.75
CA LEU B 113 89.33 47.59 -175.47
C LEU B 113 89.66 46.15 -175.89
N PRO B 114 90.87 45.85 -176.40
CA PRO B 114 91.22 44.45 -176.66
C PRO B 114 91.82 43.77 -175.43
N ALA B 115 92.15 42.50 -175.59
CA ALA B 115 92.56 41.64 -174.49
C ALA B 115 94.08 41.58 -174.38
N ASP B 116 94.53 40.90 -173.33
CA ASP B 116 95.94 40.81 -172.95
C ASP B 116 96.51 42.18 -172.63
N LEU B 117 97.64 42.51 -173.24
CA LEU B 117 98.36 43.77 -173.04
C LEU B 117 98.50 44.11 -171.55
N SER B 118 99.15 43.21 -170.83
CA SER B 118 99.46 43.42 -169.42
C SER B 118 100.89 43.92 -169.30
N GLN B 119 101.12 44.83 -168.35
CA GLN B 119 102.43 45.43 -168.11
C GLN B 119 102.98 46.08 -169.37
N THR B 120 102.25 47.13 -169.80
CA THR B 120 102.61 47.93 -170.97
C THR B 120 102.62 47.09 -172.24
N GLY B 121 101.46 46.52 -172.57
CA GLY B 121 101.32 45.75 -173.79
C GLY B 121 101.21 46.65 -175.01
N ARG B 122 101.19 46.01 -176.18
CA ARG B 122 101.20 46.72 -177.46
C ARG B 122 99.76 46.96 -177.89
N SER B 123 99.20 48.09 -177.48
CA SER B 123 97.84 48.47 -177.84
C SER B 123 97.66 49.95 -177.49
N GLU B 124 96.41 50.42 -177.55
CA GLU B 124 96.07 51.81 -177.26
C GLU B 124 95.66 51.96 -175.80
N VAL B 125 96.31 51.21 -174.91
CA VAL B 125 95.99 51.16 -173.48
C VAL B 125 95.82 52.55 -172.90
N THR B 126 94.84 52.70 -172.01
CA THR B 126 94.59 53.95 -171.30
C THR B 126 94.76 53.71 -169.81
N SER B 127 95.88 54.19 -169.27
CA SER B 127 96.17 54.04 -167.85
C SER B 127 96.12 55.41 -167.20
N ASN B 128 95.32 55.53 -166.15
CA ASN B 128 95.22 56.76 -165.39
C ASN B 128 95.48 56.46 -163.91
N TYR B 129 96.32 57.27 -163.30
CA TYR B 129 96.63 57.13 -161.88
C TYR B 129 96.43 58.48 -161.21
N GLN B 130 95.46 58.55 -160.30
CA GLN B 130 95.11 59.77 -159.60
C GLN B 130 95.45 59.61 -158.13
N VAL B 131 96.33 60.47 -157.62
CA VAL B 131 96.79 60.43 -156.24
C VAL B 131 96.67 61.83 -155.67
N GLY B 132 95.97 61.94 -154.54
CA GLY B 132 95.81 63.24 -153.90
C GLY B 132 94.68 63.21 -152.88
N LEU B 133 94.19 64.40 -152.56
CA LEU B 133 93.13 64.58 -151.59
C LEU B 133 91.79 64.70 -152.30
N GLY B 134 90.71 64.40 -151.57
CA GLY B 134 89.38 64.52 -152.13
C GLY B 134 88.30 64.75 -151.10
N LEU B 135 87.51 65.80 -151.28
CA LEU B 135 86.36 66.08 -150.43
C LEU B 135 85.19 65.22 -150.90
N ALA B 136 84.84 64.22 -150.10
CA ALA B 136 83.90 63.17 -150.51
C ALA B 136 82.48 63.62 -150.23
N GLU B 137 81.85 64.24 -151.23
CA GLU B 137 80.42 64.59 -151.19
C GLU B 137 80.05 65.35 -149.93
N TYR B 138 80.66 66.51 -149.73
CA TYR B 138 80.10 67.46 -148.79
C TYR B 138 78.66 67.81 -149.16
N GLU B 139 77.79 67.85 -148.16
CA GLU B 139 76.46 68.36 -148.37
C GLU B 139 76.36 69.76 -147.76
N VAL B 140 76.42 70.79 -148.60
CA VAL B 140 76.10 72.14 -148.16
C VAL B 140 74.61 72.17 -147.81
N ASP B 141 74.30 72.46 -146.57
CA ASP B 141 72.95 72.27 -146.04
C ASP B 141 72.27 73.62 -145.88
N LEU B 142 71.22 73.85 -146.66
CA LEU B 142 70.43 75.07 -146.51
C LEU B 142 69.54 75.00 -145.27
N PHE B 143 68.95 73.84 -144.99
CA PHE B 143 68.10 73.65 -143.82
C PHE B 143 68.80 72.89 -142.70
N GLY B 144 70.04 72.46 -142.90
CA GLY B 144 70.76 71.81 -141.83
C GLY B 144 70.16 70.49 -141.40
N ARG B 145 69.78 69.64 -142.36
CA ARG B 145 69.35 68.30 -141.98
C ARG B 145 70.49 67.55 -141.28
N VAL B 146 71.72 67.83 -141.68
CA VAL B 146 72.87 67.32 -140.92
C VAL B 146 72.87 67.91 -139.52
N ARG B 147 72.59 69.21 -139.40
CA ARG B 147 72.46 69.82 -138.09
C ARG B 147 71.27 69.25 -137.34
N ASN B 148 70.18 68.93 -138.06
CA ASN B 148 69.03 68.33 -137.40
C ASN B 148 69.40 67.00 -136.77
N LEU B 149 70.05 66.13 -137.55
CA LEU B 149 70.56 64.88 -137.01
C LEU B 149 71.53 65.14 -135.87
N SER B 150 72.28 66.24 -135.97
CA SER B 150 73.20 66.59 -134.90
C SER B 150 72.49 66.77 -133.57
N GLU B 151 71.53 67.70 -133.48
CA GLU B 151 70.97 67.91 -132.14
C GLU B 151 69.94 66.83 -131.81
N ALA B 152 69.53 66.04 -132.80
CA ALA B 152 68.78 64.83 -132.48
C ALA B 152 69.66 63.85 -131.69
N ALA B 153 70.90 63.65 -132.14
CA ALA B 153 71.82 62.84 -131.37
C ALA B 153 72.11 63.47 -130.02
N LEU B 154 72.19 64.81 -129.97
CA LEU B 154 72.42 65.47 -128.70
C LEU B 154 71.26 65.24 -127.73
N GLU B 155 70.03 65.34 -128.22
CA GLU B 155 68.87 65.07 -127.38
C GLU B 155 68.84 63.61 -126.95
N THR B 156 69.25 62.70 -127.83
CA THR B 156 69.34 61.30 -127.43
C THR B 156 70.35 61.12 -126.31
N TYR B 157 71.48 61.81 -126.39
CA TYR B 157 72.48 61.72 -125.34
C TYR B 157 71.96 62.27 -124.02
N LEU B 158 71.25 63.40 -124.07
CA LEU B 158 70.68 63.96 -122.84
C LEU B 158 69.62 63.03 -122.25
N ALA B 159 68.78 62.44 -123.10
CA ALA B 159 67.79 61.49 -122.61
C ALA B 159 68.48 60.29 -121.98
N THR B 160 69.60 59.84 -122.56
CA THR B 160 70.34 58.75 -121.95
C THR B 160 70.93 59.16 -120.61
N GLU B 161 71.35 60.41 -120.49
CA GLU B 161 71.85 60.91 -119.21
C GLU B 161 70.77 60.86 -118.14
N GLU B 162 69.57 61.31 -118.49
CA GLU B 162 68.46 61.24 -117.54
C GLU B 162 68.11 59.79 -117.22
N ALA B 163 68.13 58.91 -118.22
CA ALA B 163 67.83 57.50 -117.97
C ALA B 163 68.86 56.87 -117.06
N THR B 164 70.15 57.19 -117.25
CA THR B 164 71.19 56.64 -116.40
C THR B 164 71.07 57.17 -114.98
N ARG B 165 70.73 58.46 -114.83
CA ARG B 165 70.48 58.99 -113.50
C ARG B 165 69.31 58.27 -112.84
N ALA B 166 68.26 57.99 -113.61
CA ALA B 166 67.14 57.23 -113.08
C ALA B 166 67.56 55.82 -112.67
N THR B 167 68.41 55.19 -113.46
CA THR B 167 68.89 53.86 -113.12
C THR B 167 69.71 53.89 -111.84
N GLN B 168 70.52 54.92 -111.66
CA GLN B 168 71.27 55.07 -110.42
C GLN B 168 70.32 55.23 -109.24
N ILE B 169 69.28 56.04 -109.41
CA ILE B 169 68.31 56.23 -108.34
C ILE B 169 67.62 54.92 -108.00
N SER B 170 67.23 54.17 -109.02
CA SER B 170 66.60 52.87 -108.79
C SER B 170 67.54 51.92 -108.08
N LEU B 171 68.81 51.93 -108.46
CA LEU B 171 69.78 51.07 -107.81
C LEU B 171 69.90 51.42 -106.33
N VAL B 172 69.94 52.71 -106.02
CA VAL B 172 70.00 53.13 -104.62
C VAL B 172 68.74 52.66 -103.89
N ALA B 173 67.58 52.80 -104.53
CA ALA B 173 66.33 52.39 -103.89
C ALA B 173 66.34 50.90 -103.61
N GLU B 174 66.77 50.08 -104.57
CA GLU B 174 66.82 48.64 -104.34
C GLU B 174 67.81 48.30 -103.24
N VAL B 175 68.96 48.97 -103.20
CA VAL B 175 69.94 48.69 -102.16
C VAL B 175 69.34 48.98 -100.79
N ILE B 176 68.67 50.13 -100.66
CA ILE B 176 68.10 50.49 -99.36
C ILE B 176 67.00 49.50 -98.98
N GLN B 177 66.14 49.16 -99.93
CA GLN B 177 65.04 48.25 -99.62
C GLN B 177 65.56 46.87 -99.23
N ALA B 178 66.56 46.36 -99.94
CA ALA B 178 67.13 45.07 -99.58
C ALA B 178 67.78 45.12 -98.21
N TYR B 179 68.45 46.22 -97.90
CA TYR B 179 69.14 46.32 -96.62
C TYR B 179 68.12 46.39 -95.48
N LEU B 180 67.01 47.11 -95.71
CA LEU B 180 65.91 47.14 -94.74
C LEU B 180 65.29 45.77 -94.57
N THR B 181 65.11 45.05 -95.66
CA THR B 181 64.56 43.70 -95.58
C THR B 181 65.48 42.80 -94.79
N ARG B 182 66.80 42.94 -94.97
CA ARG B 182 67.74 42.16 -94.19
C ARG B 182 67.64 42.50 -92.70
N ASP B 183 67.51 43.78 -92.37
CA ASP B 183 67.38 44.16 -90.97
C ASP B 183 66.11 43.57 -90.35
N GLY B 184 65.00 43.70 -91.06
CA GLY B 184 63.76 43.13 -90.56
C GLY B 184 63.83 41.63 -90.42
N ALA B 185 64.51 40.96 -91.35
CA ALA B 185 64.67 39.51 -91.26
C ALA B 185 65.52 39.13 -90.05
N LEU B 186 66.55 39.92 -89.74
CA LEU B 186 67.33 39.65 -88.54
C LEU B 186 66.48 39.76 -87.29
N ARG B 187 65.66 40.81 -87.22
CA ARG B 187 64.76 40.94 -86.07
C ARG B 187 63.79 39.77 -86.00
N ARG B 188 63.25 39.36 -87.14
CA ARG B 188 62.33 38.23 -87.16
C ARG B 188 63.02 36.95 -86.73
N MET B 189 64.29 36.77 -87.08
CA MET B 189 65.01 35.61 -86.59
C MET B 189 65.14 35.64 -85.07
N ALA B 190 65.50 36.78 -84.50
CA ALA B 190 65.51 36.85 -83.04
C ALA B 190 64.15 36.42 -82.49
N LEU B 191 63.09 36.96 -83.07
CA LEU B 191 61.74 36.69 -82.59
C LEU B 191 61.40 35.20 -82.66
N VAL B 192 61.61 34.60 -83.84
CA VAL B 192 61.22 33.22 -84.05
C VAL B 192 62.11 32.27 -83.28
N GLU B 193 63.39 32.58 -83.11
CA GLU B 193 64.25 31.73 -82.30
C GLU B 193 63.75 31.69 -80.87
N GLN B 194 63.38 32.84 -80.32
CA GLN B 194 62.87 32.82 -78.95
C GLN B 194 61.48 32.18 -78.88
N THR B 195 60.66 32.32 -79.93
CA THR B 195 59.38 31.62 -79.95
C THR B 195 59.58 30.11 -79.95
N LEU B 196 60.53 29.62 -80.75
CA LEU B 196 60.83 28.20 -80.76
C LEU B 196 61.37 27.72 -79.43
N ASP B 197 62.21 28.54 -78.78
CA ASP B 197 62.69 28.17 -77.45
C ASP B 197 61.52 28.05 -76.49
N SER B 198 60.56 28.95 -76.59
CA SER B 198 59.35 28.84 -75.77
C SER B 198 58.60 27.55 -76.09
N ARG B 199 58.48 27.21 -77.37
CA ARG B 199 57.76 26.00 -77.74
C ARG B 199 58.45 24.76 -77.19
N MET B 200 59.78 24.72 -77.27
CA MET B 200 60.50 23.57 -76.73
C MET B 200 60.40 23.51 -75.22
N ALA B 201 60.38 24.67 -74.55
CA ALA B 201 60.18 24.67 -73.10
C ALA B 201 58.81 24.08 -72.75
N SER B 202 57.76 24.53 -73.44
CA SER B 202 56.43 23.98 -73.17
C SER B 202 56.36 22.51 -73.53
N LEU B 203 57.03 22.11 -74.60
CA LEU B 203 57.05 20.70 -74.99
C LEU B 203 57.70 19.84 -73.92
N GLU B 204 58.85 20.29 -73.40
CA GLU B 204 59.50 19.53 -72.35
C GLU B 204 58.63 19.48 -71.10
N LEU B 205 57.97 20.58 -70.78
CA LEU B 205 57.14 20.63 -69.58
C LEU B 205 55.96 19.68 -69.70
N VAL B 206 55.31 19.67 -70.87
CA VAL B 206 54.20 18.76 -71.10
C VAL B 206 54.70 17.32 -71.16
N SER B 207 55.89 17.10 -71.68
CA SER B 207 56.47 15.76 -71.66
C SER B 207 56.65 15.28 -70.23
N GLN B 208 57.11 16.17 -69.35
CA GLN B 208 57.24 15.80 -67.95
C GLN B 208 55.88 15.52 -67.33
N ARG B 209 54.87 16.32 -67.69
CA ARG B 209 53.53 16.10 -67.13
C ARG B 209 52.95 14.77 -67.58
N ARG B 210 53.14 14.42 -68.84
CA ARG B 210 52.71 13.10 -69.31
C ARG B 210 53.49 12.00 -68.61
N ALA B 211 54.79 12.19 -68.44
CA ALA B 211 55.59 11.19 -67.75
C ALA B 211 55.09 10.96 -66.34
N ALA B 212 54.67 12.02 -65.67
CA ALA B 212 54.10 11.91 -64.34
C ALA B 212 52.64 11.46 -64.36
N GLY B 213 52.04 11.34 -65.53
CA GLY B 213 50.70 10.83 -65.65
C GLY B 213 49.59 11.85 -65.48
N ALA B 214 49.92 13.12 -65.28
CA ALA B 214 48.89 14.13 -65.14
C ALA B 214 48.36 14.64 -66.46
N ALA B 215 48.93 14.21 -67.58
CA ALA B 215 48.50 14.66 -68.90
C ALA B 215 48.38 13.47 -69.84
N THR B 216 47.41 13.54 -70.74
CA THR B 216 47.21 12.50 -71.73
C THR B 216 48.28 12.59 -72.81
N ALA B 217 48.39 11.52 -73.59
CA ALA B 217 49.30 11.55 -74.73
C ALA B 217 48.83 12.52 -75.80
N LEU B 218 47.54 12.86 -75.80
CA LEU B 218 47.04 13.85 -76.76
C LEU B 218 47.69 15.20 -76.54
N ASP B 219 47.82 15.62 -75.28
CA ASP B 219 48.47 16.89 -75.00
C ASP B 219 49.93 16.87 -75.42
N TYR B 220 50.62 15.75 -75.16
CA TYR B 220 52.00 15.65 -75.59
C TYR B 220 52.10 15.74 -77.10
N GLN B 221 51.17 15.09 -77.81
CA GLN B 221 51.19 15.12 -79.27
C GLN B 221 50.95 16.52 -79.80
N GLU B 222 49.98 17.23 -79.22
CA GLU B 222 49.71 18.58 -79.73
C GLU B 222 50.85 19.53 -79.41
N ALA B 223 51.51 19.34 -78.26
CA ALA B 223 52.71 20.12 -77.97
C ALA B 223 53.81 19.82 -78.98
N VAL B 224 53.97 18.55 -79.33
CA VAL B 224 54.96 18.19 -80.35
C VAL B 224 54.62 18.87 -81.67
N GLY B 225 53.35 18.84 -82.05
CA GLY B 225 52.95 19.49 -83.29
C GLY B 225 53.23 20.98 -83.28
N LEU B 226 52.98 21.63 -82.14
CA LEU B 226 53.25 23.05 -82.02
C LEU B 226 54.74 23.34 -82.14
N ALA B 227 55.58 22.51 -81.52
CA ALA B 227 57.01 22.68 -81.64
C ALA B 227 57.47 22.50 -83.08
N GLU B 228 56.92 21.50 -83.77
CA GLU B 228 57.27 21.30 -85.18
C GLU B 228 56.84 22.48 -86.02
N GLN B 229 55.67 23.04 -85.73
CA GLN B 229 55.19 24.21 -86.47
C GLN B 229 56.12 25.38 -86.27
N ALA B 230 56.57 25.60 -85.03
CA ALA B 230 57.52 26.68 -84.77
C ALA B 230 58.84 26.44 -85.49
N ARG B 231 59.30 25.19 -85.55
CA ARG B 231 60.53 24.89 -86.28
C ARG B 231 60.37 25.19 -87.76
N ALA B 232 59.23 24.82 -88.34
CA ALA B 232 58.99 25.12 -89.74
C ALA B 232 58.98 26.62 -89.98
N GLU B 233 58.39 27.37 -89.05
CA GLU B 233 58.38 28.82 -89.16
C GLU B 233 59.81 29.37 -89.10
N ARG B 234 60.63 28.81 -88.22
CA ARG B 234 62.03 29.24 -88.13
C ARG B 234 62.77 28.95 -89.41
N GLU B 235 62.52 27.79 -90.01
CA GLU B 235 63.16 27.48 -91.30
C GLU B 235 62.73 28.47 -92.37
N SER B 236 61.44 28.84 -92.37
CA SER B 236 60.98 29.82 -93.35
C SER B 236 61.67 31.16 -93.16
N THR B 237 61.79 31.61 -91.91
CA THR B 237 62.46 32.88 -91.68
C THR B 237 63.95 32.80 -92.01
N GLU B 238 64.59 31.66 -91.73
CA GLU B 238 65.99 31.49 -92.11
C GLU B 238 66.15 31.58 -93.62
N ARG B 239 65.25 30.94 -94.36
CA ARG B 239 65.31 31.05 -95.81
C ARG B 239 65.16 32.49 -96.24
N GLN B 240 64.22 33.22 -95.64
CA GLN B 240 64.03 34.61 -96.02
C GLN B 240 65.28 35.44 -95.75
N LEU B 241 65.90 35.22 -94.59
CA LEU B 241 67.10 35.97 -94.24
C LEU B 241 68.24 35.66 -95.20
N ARG B 242 68.42 34.39 -95.54
CA ARG B 242 69.48 34.04 -96.48
C ARG B 242 69.24 34.67 -97.84
N GLN B 243 67.98 34.66 -98.31
CA GLN B 243 67.69 35.28 -99.59
C GLN B 243 67.96 36.77 -99.54
N ALA B 244 67.62 37.42 -98.42
CA ALA B 244 67.89 38.84 -98.28
C ALA B 244 69.39 39.13 -98.32
N ASP B 245 70.18 38.32 -97.62
CA ASP B 245 71.63 38.50 -97.67
C ASP B 245 72.15 38.33 -99.09
N ASN B 246 71.64 37.33 -99.80
CA ASN B 246 72.10 37.11 -101.16
C ASN B 246 71.74 38.28 -102.06
N ALA B 247 70.54 38.81 -101.93
CA ALA B 247 70.14 39.96 -102.73
C ALA B 247 70.99 41.17 -102.41
N LEU B 248 71.29 41.40 -101.13
CA LEU B 248 72.15 42.51 -100.77
C LEU B 248 73.55 42.34 -101.37
N VAL B 249 74.08 41.12 -101.32
CA VAL B 249 75.39 40.86 -101.90
C VAL B 249 75.38 41.16 -103.39
N LEU B 250 74.33 40.72 -104.09
CA LEU B 250 74.25 41.00 -105.52
C LEU B 250 74.18 42.49 -105.79
N LEU B 251 73.37 43.22 -105.02
CA LEU B 251 73.22 44.65 -105.25
C LEU B 251 74.52 45.39 -105.00
N LEU B 252 75.25 45.00 -103.95
CA LEU B 252 76.52 45.66 -103.67
C LEU B 252 77.56 45.33 -104.72
N GLY B 253 77.49 44.15 -105.32
CA GLY B 253 78.37 43.81 -106.41
C GLY B 253 79.79 43.47 -106.03
N THR B 254 80.04 43.10 -104.78
CA THR B 254 81.38 42.72 -104.35
C THR B 254 81.32 41.41 -103.58
N PRO B 255 82.29 40.51 -103.78
CA PRO B 255 82.29 39.25 -103.03
C PRO B 255 82.43 39.45 -101.53
N ASP B 256 82.99 40.57 -101.09
CA ASP B 256 83.13 40.87 -99.68
C ASP B 256 81.98 41.71 -99.15
N ALA B 257 80.80 41.60 -99.75
CA ALA B 257 79.65 42.39 -99.30
C ALA B 257 79.18 41.92 -97.93
N ALA B 258 79.40 40.65 -97.60
CA ALA B 258 79.03 40.13 -96.29
C ALA B 258 79.82 40.75 -95.15
N ARG B 259 80.94 41.41 -95.44
CA ARG B 259 81.72 42.06 -94.41
C ARG B 259 81.31 43.51 -94.17
N LEU B 260 80.57 44.11 -95.10
CA LEU B 260 80.17 45.50 -94.98
C LEU B 260 78.80 45.67 -94.33
N LEU B 261 78.22 44.61 -93.80
CA LEU B 261 76.91 44.72 -93.19
C LEU B 261 76.93 44.15 -91.77
N PRO B 262 76.19 44.76 -90.86
CA PRO B 262 76.21 44.31 -89.46
C PRO B 262 75.45 43.00 -89.29
N ALA B 263 75.94 42.18 -88.38
CA ALA B 263 75.27 40.92 -88.07
C ALA B 263 74.09 41.09 -87.13
N THR B 264 73.87 42.30 -86.60
CA THR B 264 72.79 42.53 -85.66
C THR B 264 71.95 43.70 -86.14
N PRO B 265 70.66 43.73 -85.81
CA PRO B 265 69.84 44.87 -86.19
C PRO B 265 69.94 46.00 -85.18
N ARG B 266 69.54 47.19 -85.63
CA ARG B 266 69.57 48.39 -84.80
C ARG B 266 68.22 49.10 -84.87
N ASP B 267 67.86 49.75 -83.77
CA ASP B 267 66.58 50.45 -83.66
C ASP B 267 66.68 51.92 -84.06
N ASP B 268 67.83 52.37 -84.54
CA ASP B 268 67.98 53.78 -84.87
C ASP B 268 67.14 54.15 -86.10
N LEU B 269 66.80 55.43 -86.18
CA LEU B 269 66.14 55.96 -87.36
C LEU B 269 67.05 55.78 -88.57
N MET B 270 66.46 55.40 -89.70
CA MET B 270 67.23 55.02 -90.88
C MET B 270 67.04 55.96 -92.06
N VAL B 271 65.80 56.21 -92.48
CA VAL B 271 65.51 57.15 -93.54
C VAL B 271 64.50 58.16 -93.01
N LEU B 272 64.50 59.36 -93.59
CA LEU B 272 63.60 60.41 -93.14
C LEU B 272 62.15 59.94 -93.20
N GLN B 273 61.44 60.11 -92.09
CA GLN B 273 60.13 59.50 -91.94
C GLN B 273 59.01 60.31 -92.59
N ASP B 274 59.17 61.62 -92.74
CA ASP B 274 58.18 62.46 -93.39
C ASP B 274 58.79 63.13 -94.60
N ILE B 275 58.13 62.98 -95.75
CA ILE B 275 58.56 63.57 -97.00
C ILE B 275 57.38 64.28 -97.63
N ALA B 276 57.58 65.55 -98.00
CA ALA B 276 56.53 66.35 -98.59
C ALA B 276 56.46 66.09 -100.09
N PRO B 277 55.30 65.72 -100.65
CA PRO B 277 55.24 65.47 -102.08
C PRO B 277 55.33 66.72 -102.93
N GLY B 278 54.91 67.87 -102.41
CA GLY B 278 54.92 69.05 -103.25
C GLY B 278 53.85 68.98 -104.33
N THR B 279 54.08 69.75 -105.39
CA THR B 279 53.12 69.87 -106.48
C THR B 279 53.52 68.99 -107.65
N SER B 280 52.52 68.68 -108.48
CA SER B 280 52.75 67.82 -109.63
C SER B 280 53.73 68.45 -110.61
N SER B 281 53.68 69.77 -110.76
CA SER B 281 54.62 70.45 -111.65
C SER B 281 56.06 70.23 -111.20
N GLU B 282 56.29 70.22 -109.89
CA GLU B 282 57.62 69.92 -109.38
C GLU B 282 58.02 68.49 -109.72
N LEU B 283 57.11 67.53 -109.57
CA LEU B 283 57.41 66.15 -109.90
C LEU B 283 57.76 66.01 -111.38
N ILE B 284 57.13 66.85 -112.22
CA ILE B 284 57.47 66.87 -113.64
C ILE B 284 58.91 67.31 -113.84
N GLU B 285 59.36 68.28 -113.06
CA GLU B 285 60.67 68.89 -113.27
C GLU B 285 61.81 68.13 -112.63
N ARG B 286 61.53 67.16 -111.76
CA ARG B 286 62.59 66.55 -110.97
C ARG B 286 62.80 65.08 -111.31
N ARG B 287 61.75 64.41 -111.74
CA ARG B 287 61.81 62.96 -111.91
C ARG B 287 62.62 62.61 -113.16
N PRO B 288 63.66 61.79 -113.03
CA PRO B 288 64.58 61.58 -114.17
C PRO B 288 63.95 60.95 -115.39
N ASP B 289 63.02 60.01 -115.23
CA ASP B 289 62.45 59.35 -116.40
C ASP B 289 61.56 60.32 -117.18
N ILE B 290 60.91 61.23 -116.48
CA ILE B 290 60.14 62.28 -117.15
C ILE B 290 61.07 63.14 -118.00
N LEU B 291 62.23 63.50 -117.44
CA LEU B 291 63.20 64.27 -118.20
C LEU B 291 63.71 63.49 -119.40
N ALA B 292 63.91 62.18 -119.23
CA ALA B 292 64.33 61.36 -120.35
C ALA B 292 63.30 61.35 -121.46
N SER B 293 62.03 61.19 -121.10
CA SER B 293 60.96 61.23 -122.10
C SER B 293 60.88 62.58 -122.77
N GLU B 294 61.06 63.66 -122.01
CA GLU B 294 61.06 65.00 -122.60
C GLU B 294 62.19 65.16 -123.61
N HIS B 295 63.39 64.71 -123.25
CA HIS B 295 64.53 64.83 -124.16
C HIS B 295 64.32 63.98 -125.40
N ARG B 296 63.72 62.80 -125.24
CA ARG B 296 63.41 61.96 -126.39
C ARG B 296 62.37 62.61 -127.29
N LEU B 297 61.38 63.29 -126.70
CA LEU B 297 60.42 64.04 -127.49
C LEU B 297 61.11 65.18 -128.26
N LYS B 298 62.06 65.85 -127.62
CA LYS B 298 62.82 66.88 -128.32
C LYS B 298 63.61 66.27 -129.47
N ALA B 299 64.16 65.08 -129.27
CA ALA B 299 64.85 64.39 -130.34
C ALA B 299 63.90 64.08 -131.50
N ARG B 300 62.68 63.68 -131.18
CA ARG B 300 61.71 63.38 -132.24
C ARG B 300 61.31 64.64 -132.98
N ASN B 301 61.24 65.76 -132.28
CA ASN B 301 61.01 67.03 -132.94
C ASN B 301 62.15 67.38 -133.89
N ALA B 302 63.39 67.10 -133.47
CA ALA B 302 64.52 67.31 -134.37
C ALA B 302 64.46 66.38 -135.57
N ASP B 303 63.97 65.15 -135.39
CA ASP B 303 63.74 64.27 -136.53
C ASP B 303 62.69 64.83 -137.47
N ILE B 304 61.63 65.44 -136.93
CA ILE B 304 60.65 66.10 -137.79
C ILE B 304 61.30 67.22 -138.57
N GLY B 305 62.20 67.97 -137.91
CA GLY B 305 62.94 69.00 -138.62
C GLY B 305 63.78 68.43 -139.74
N ALA B 306 64.45 67.30 -139.49
CA ALA B 306 65.26 66.66 -140.51
C ALA B 306 64.41 66.21 -141.70
N ALA B 307 63.25 65.61 -141.41
CA ALA B 307 62.38 65.17 -142.49
C ALA B 307 61.86 66.34 -143.30
N ARG B 308 61.50 67.45 -142.64
CA ARG B 308 61.09 68.64 -143.37
C ARG B 308 62.23 69.15 -144.25
N ALA B 309 63.45 69.18 -143.71
CA ALA B 309 64.60 69.60 -144.49
C ALA B 309 64.82 68.71 -145.71
N ALA B 310 64.53 67.41 -145.59
CA ALA B 310 64.73 66.49 -146.70
C ALA B 310 63.88 66.86 -147.91
N PHE B 311 62.77 67.58 -147.71
CA PHE B 311 61.96 68.01 -148.85
C PHE B 311 62.73 68.95 -149.76
N PHE B 312 63.48 69.88 -149.19
CA PHE B 312 64.15 70.94 -149.89
C PHE B 312 65.36 70.41 -150.66
N PRO B 313 65.79 71.12 -151.71
CA PRO B 313 66.94 70.65 -152.47
C PRO B 313 68.20 70.60 -151.62
N ARG B 314 69.07 69.64 -151.94
CA ARG B 314 70.33 69.48 -151.23
C ARG B 314 71.47 69.89 -152.15
N ILE B 315 72.41 70.64 -151.59
CA ILE B 315 73.60 71.05 -152.31
C ILE B 315 74.74 70.15 -151.91
N SER B 316 75.21 69.32 -152.86
CA SER B 316 76.24 68.34 -152.61
C SER B 316 77.51 68.79 -153.29
N LEU B 317 78.52 69.17 -152.50
CA LEU B 317 79.79 69.65 -153.01
C LEU B 317 80.81 68.52 -152.95
N THR B 318 81.39 68.18 -154.09
CA THR B 318 82.45 67.18 -154.19
C THR B 318 83.66 67.78 -154.87
N GLY B 319 84.83 67.59 -154.26
CA GLY B 319 86.05 68.15 -154.80
C GLY B 319 87.22 67.21 -154.59
N SER B 320 88.30 67.51 -155.31
CA SER B 320 89.52 66.71 -155.22
C SER B 320 90.70 67.57 -155.64
N VAL B 321 91.89 67.12 -155.26
CA VAL B 321 93.13 67.78 -155.63
C VAL B 321 94.27 66.77 -155.52
N GLY B 322 95.13 66.73 -156.53
CA GLY B 322 96.23 65.79 -156.53
C GLY B 322 96.97 65.74 -157.85
N SER B 323 97.41 64.55 -158.25
CA SER B 323 98.16 64.37 -159.47
C SER B 323 97.45 63.37 -160.37
N SER B 324 97.71 63.48 -161.66
CA SER B 324 97.16 62.55 -162.64
C SER B 324 98.12 62.45 -163.82
N SER B 325 98.36 61.22 -164.26
CA SER B 325 99.29 60.99 -165.37
C SER B 325 98.86 59.72 -166.09
N ALA B 326 99.30 59.63 -167.34
CA ALA B 326 98.99 58.45 -168.15
C ALA B 326 99.89 57.27 -167.84
N GLU B 327 101.01 57.49 -167.14
CA GLU B 327 101.94 56.42 -166.82
C GLU B 327 102.40 56.54 -165.38
N LEU B 328 102.90 55.43 -164.85
CA LEU B 328 103.30 55.38 -163.45
C LEU B 328 104.49 56.28 -163.17
N SER B 329 105.40 56.42 -164.13
CA SER B 329 106.61 57.19 -163.90
C SER B 329 106.32 58.67 -163.74
N GLY B 330 105.20 59.15 -164.29
CA GLY B 330 104.95 60.59 -164.32
C GLY B 330 104.02 61.12 -163.25
N LEU B 331 103.76 60.32 -162.21
CA LEU B 331 102.87 60.78 -161.14
C LEU B 331 103.44 61.98 -160.41
N PHE B 332 104.73 61.98 -160.11
CA PHE B 332 105.34 63.05 -159.34
C PHE B 332 106.06 64.06 -160.23
N ASP B 333 105.66 64.15 -161.50
CA ASP B 333 106.24 65.14 -162.40
C ASP B 333 105.43 66.42 -162.36
N GLY B 334 106.03 67.50 -162.88
CA GLY B 334 105.37 68.78 -162.86
C GLY B 334 104.20 68.84 -163.82
N GLY B 335 103.28 69.77 -163.55
CA GLY B 335 102.16 70.01 -164.42
C GLY B 335 101.04 69.01 -164.35
N SER B 336 100.88 68.30 -163.23
CA SER B 336 99.80 67.34 -163.06
C SER B 336 98.91 67.67 -161.87
N ARG B 337 99.06 68.86 -161.29
CA ARG B 337 98.31 69.25 -160.10
C ARG B 337 96.86 69.52 -160.48
N ALA B 338 96.06 68.46 -160.59
CA ALA B 338 94.68 68.55 -161.04
C ALA B 338 93.75 68.79 -159.85
N TRP B 339 92.57 69.33 -160.16
CA TRP B 339 91.59 69.62 -159.13
C TRP B 339 90.19 69.53 -159.72
N SER B 340 89.21 69.27 -158.84
CA SER B 340 87.83 69.12 -159.26
C SER B 340 86.93 69.95 -158.35
N PHE B 341 85.75 70.28 -158.87
CA PHE B 341 84.77 71.09 -158.15
C PHE B 341 83.42 70.81 -158.76
N ALA B 342 82.53 70.15 -158.01
CA ALA B 342 81.26 69.67 -158.55
C ALA B 342 80.13 69.88 -157.55
N PRO B 343 79.52 71.07 -157.53
CA PRO B 343 78.27 71.24 -156.80
C PRO B 343 77.11 70.58 -157.51
N THR B 344 76.20 69.99 -156.73
CA THR B 344 75.03 69.31 -157.29
C THR B 344 73.79 69.67 -156.47
N LEU B 345 72.73 70.02 -157.18
CA LEU B 345 71.41 70.24 -156.57
C LEU B 345 70.53 69.05 -156.87
N SER B 346 70.30 68.22 -155.85
CA SER B 346 69.40 67.08 -155.95
C SER B 346 68.06 67.47 -155.31
N LEU B 347 67.03 67.57 -156.14
CA LEU B 347 65.70 67.93 -155.67
C LEU B 347 64.70 67.05 -156.39
N PRO B 348 63.99 66.18 -155.68
CA PRO B 348 63.01 65.34 -156.36
C PRO B 348 61.69 66.06 -156.60
N ILE B 349 61.46 66.43 -157.87
CA ILE B 349 60.30 67.24 -158.20
C ILE B 349 59.02 66.46 -157.94
N PHE B 350 59.04 65.14 -158.14
CA PHE B 350 57.95 64.26 -157.76
C PHE B 350 58.54 63.16 -156.89
N ALA B 351 58.25 63.20 -155.59
CA ALA B 351 58.81 62.21 -154.68
C ALA B 351 58.07 60.88 -154.78
N GLY B 352 56.76 60.93 -155.02
CA GLY B 352 55.97 59.72 -154.97
C GLY B 352 55.77 59.16 -153.59
N GLY B 353 55.95 59.98 -152.56
CA GLY B 353 55.91 59.52 -151.19
C GLY B 353 57.25 59.12 -150.62
N ARG B 354 58.28 58.97 -151.46
CA ARG B 354 59.61 58.65 -150.97
C ARG B 354 60.07 59.68 -149.94
N ASN B 355 59.75 60.94 -150.18
CA ASN B 355 60.11 62.00 -149.25
C ASN B 355 58.95 62.45 -148.39
N ARG B 356 57.72 62.28 -148.85
CA ARG B 356 56.56 62.73 -148.08
C ARG B 356 56.19 61.73 -146.99
N ALA B 357 56.26 60.43 -147.30
CA ALA B 357 56.00 59.43 -146.28
C ALA B 357 57.05 59.45 -145.17
N ASN B 358 58.32 59.75 -145.48
CA ASN B 358 59.27 60.05 -144.42
C ASN B 358 58.75 61.15 -143.53
N LEU B 359 58.08 62.15 -144.13
CA LEU B 359 57.61 63.30 -143.37
C LEU B 359 56.49 62.92 -142.41
N ASP B 360 55.43 62.29 -142.89
CA ASP B 360 54.36 61.97 -141.94
C ASP B 360 54.79 60.85 -141.02
N LEU B 361 55.77 60.03 -141.40
CA LEU B 361 56.36 59.12 -140.43
C LEU B 361 56.99 59.90 -139.28
N ALA B 362 57.75 60.95 -139.59
CA ALA B 362 58.36 61.75 -138.55
C ALA B 362 57.31 62.43 -137.68
N GLU B 363 56.26 62.96 -138.31
CA GLU B 363 55.23 63.65 -137.55
C GLU B 363 54.47 62.67 -136.66
N VAL B 364 54.20 61.47 -137.16
CA VAL B 364 53.54 60.46 -136.36
C VAL B 364 54.42 60.02 -135.21
N ARG B 365 55.72 59.89 -135.46
CA ARG B 365 56.63 59.50 -134.39
C ARG B 365 56.71 60.59 -133.32
N GLN B 366 56.66 61.86 -133.73
CA GLN B 366 56.66 62.94 -132.76
C GLN B 366 55.37 62.94 -131.94
N ASP B 367 54.24 62.66 -132.58
CA ASP B 367 53.00 62.54 -131.83
C ASP B 367 53.07 61.37 -130.84
N ALA B 368 53.67 60.26 -131.28
CA ALA B 368 53.83 59.10 -130.39
C ALA B 368 54.74 59.45 -129.21
N ALA B 369 55.78 60.23 -129.46
CA ALA B 369 56.63 60.70 -128.37
C ALA B 369 55.85 61.59 -127.41
N VAL B 370 54.97 62.44 -127.94
CA VAL B 370 54.13 63.26 -127.08
C VAL B 370 53.25 62.37 -126.20
N ALA B 371 52.64 61.36 -126.81
CA ALA B 371 51.79 60.45 -126.05
C ALA B 371 52.60 59.71 -124.99
N ASP B 372 53.81 59.30 -125.34
CA ASP B 372 54.68 58.62 -124.38
C ASP B 372 55.04 59.54 -123.23
N TYR B 373 55.33 60.79 -123.52
CA TYR B 373 55.66 61.75 -122.46
C TYR B 373 54.49 61.92 -121.51
N GLU B 374 53.29 62.07 -122.06
CA GLU B 374 52.11 62.17 -121.20
C GLU B 374 51.88 60.89 -120.40
N GLY B 375 52.07 59.73 -121.03
CA GLY B 375 51.87 58.47 -120.33
C GLY B 375 52.86 58.28 -119.21
N THR B 376 54.11 58.67 -119.43
CA THR B 376 55.10 58.60 -118.37
C THR B 376 54.76 59.56 -117.24
N ILE B 377 54.26 60.75 -117.57
CA ILE B 377 53.84 61.68 -116.53
C ILE B 377 52.72 61.05 -115.70
N GLN B 378 51.74 60.45 -116.36
CA GLN B 378 50.64 59.84 -115.63
C GLN B 378 51.11 58.65 -114.81
N THR B 379 52.04 57.87 -115.33
CA THR B 379 52.59 56.75 -114.58
C THR B 379 53.33 57.21 -113.34
N ALA B 380 54.12 58.27 -113.47
CA ALA B 380 54.82 58.82 -112.31
C ALA B 380 53.82 59.36 -111.29
N PHE B 381 52.76 60.01 -111.77
CA PHE B 381 51.73 60.47 -110.84
C PHE B 381 51.09 59.30 -110.11
N ARG B 382 50.80 58.22 -110.84
CA ARG B 382 50.24 57.03 -110.20
C ARG B 382 51.21 56.48 -109.16
N GLU B 383 52.49 56.42 -109.49
CA GLU B 383 53.46 55.86 -108.56
C GLU B 383 53.56 56.69 -107.29
N VAL B 384 53.62 58.01 -107.44
CA VAL B 384 53.74 58.86 -106.25
C VAL B 384 52.46 58.82 -105.44
N ALA B 385 51.30 58.74 -106.10
CA ALA B 385 50.05 58.63 -105.37
C ALA B 385 49.97 57.32 -104.61
N ASP B 386 50.38 56.23 -105.25
CA ASP B 386 50.41 54.93 -104.56
C ASP B 386 51.36 54.96 -103.38
N ALA B 387 52.54 55.57 -103.57
CA ALA B 387 53.51 55.62 -102.48
C ALA B 387 52.98 56.44 -101.33
N LEU B 388 52.33 57.56 -101.62
CA LEU B 388 51.75 58.38 -100.55
C LEU B 388 50.67 57.61 -99.80
N ALA B 389 49.78 56.95 -100.54
CA ALA B 389 48.73 56.18 -99.90
C ALA B 389 49.30 55.08 -99.04
N ALA B 390 50.30 54.36 -99.56
CA ALA B 390 50.94 53.31 -98.79
C ALA B 390 51.61 53.87 -97.55
N THR B 391 52.32 54.98 -97.69
CA THR B 391 53.03 55.56 -96.55
C THR B 391 52.06 55.96 -95.45
N ASP B 392 50.97 56.64 -95.82
CA ASP B 392 50.02 57.09 -94.82
C ASP B 392 49.34 55.89 -94.14
N THR B 393 48.82 54.97 -94.94
CA THR B 393 48.12 53.83 -94.37
C THR B 393 49.05 52.99 -93.52
N LEU B 394 50.31 52.86 -93.94
CA LEU B 394 51.26 52.06 -93.17
C LEU B 394 51.71 52.77 -91.90
N ARG B 395 51.77 54.09 -91.91
CA ARG B 395 52.02 54.78 -90.65
C ARG B 395 50.91 54.48 -89.65
N ARG B 396 49.66 54.59 -90.09
CA ARG B 396 48.56 54.29 -89.17
C ARG B 396 48.55 52.80 -88.79
N GLU B 397 48.87 51.93 -89.73
CA GLU B 397 48.90 50.50 -89.46
C GLU B 397 49.98 50.14 -88.47
N GLU B 398 51.16 50.76 -88.60
CA GLU B 398 52.22 50.51 -87.64
C GLU B 398 51.87 51.07 -86.27
N ALA B 399 51.16 52.19 -86.23
CA ALA B 399 50.67 52.68 -84.95
C ALA B 399 49.76 51.65 -84.30
N ALA B 400 48.83 51.09 -85.08
CA ALA B 400 47.93 50.07 -84.54
C ALA B 400 48.71 48.83 -84.10
N ARG B 401 49.70 48.42 -84.89
CA ARG B 401 50.45 47.22 -84.55
C ARG B 401 51.34 47.43 -83.33
N GLN B 402 51.88 48.63 -83.16
CA GLN B 402 52.61 48.95 -81.95
C GLN B 402 51.69 48.94 -80.73
N ALA B 403 50.47 49.47 -80.88
CA ALA B 403 49.51 49.38 -79.79
C ALA B 403 49.20 47.93 -79.45
N LEU B 404 49.05 47.09 -80.48
CA LEU B 404 48.79 45.67 -80.24
C LEU B 404 49.97 45.00 -79.54
N ALA B 405 51.19 45.32 -79.95
CA ALA B 405 52.36 44.73 -79.31
C ALA B 405 52.46 45.18 -77.86
N GLY B 406 52.16 46.45 -77.58
CA GLY B 406 52.13 46.90 -76.20
C GLY B 406 51.06 46.20 -75.39
N SER B 407 49.91 45.93 -76.01
CA SER B 407 48.86 45.18 -75.32
C SER B 407 49.33 43.77 -74.98
N SER B 408 49.98 43.09 -75.92
CA SER B 408 50.48 41.76 -75.63
C SER B 408 51.56 41.82 -74.56
N GLU B 409 52.36 42.89 -74.54
CA GLU B 409 53.38 43.04 -73.50
C GLU B 409 52.74 43.26 -72.13
N ALA B 410 51.66 44.01 -72.07
CA ALA B 410 50.94 44.18 -70.81
C ALA B 410 50.36 42.86 -70.34
N ALA B 411 49.79 42.09 -71.27
CA ALA B 411 49.31 40.75 -70.92
C ALA B 411 50.46 39.89 -70.42
N MET B 412 51.64 40.04 -71.02
CA MET B 412 52.84 39.37 -70.53
C MET B 412 53.13 39.74 -69.08
N ALA B 413 53.11 41.04 -68.77
CA ALA B 413 53.42 41.45 -67.41
C ALA B 413 52.42 40.85 -66.44
N LEU B 414 51.14 40.86 -66.79
CA LEU B 414 50.13 40.30 -65.90
C LEU B 414 50.29 38.79 -65.75
N ALA B 415 50.53 38.08 -66.84
CA ALA B 415 50.71 36.64 -66.76
C ALA B 415 51.92 36.27 -65.94
N LYS B 416 53.02 37.03 -66.10
CA LYS B 416 54.20 36.78 -65.30
C LYS B 416 53.95 37.07 -63.84
N ALA B 417 53.21 38.15 -63.53
CA ALA B 417 52.87 38.43 -62.15
C ALA B 417 52.07 37.29 -61.54
N ARG B 418 51.13 36.74 -62.31
CA ARG B 418 50.36 35.60 -61.83
C ARG B 418 51.25 34.38 -61.62
N TYR B 419 52.12 34.08 -62.57
CA TYR B 419 52.95 32.89 -62.47
C TYR B 419 53.89 32.97 -61.28
N GLU B 420 54.57 34.10 -61.11
CA GLU B 420 55.41 34.26 -59.93
C GLU B 420 54.57 34.28 -58.66
N GLY B 421 53.31 34.68 -58.77
CA GLY B 421 52.41 34.62 -57.64
C GLY B 421 51.89 33.24 -57.33
N GLY B 422 52.24 32.26 -58.15
CA GLY B 422 51.84 30.90 -57.91
C GLY B 422 50.42 30.57 -58.31
N VAL B 423 49.77 31.45 -59.05
CA VAL B 423 48.38 31.19 -59.44
C VAL B 423 48.31 30.45 -60.76
N ASP B 424 49.07 30.88 -61.76
CA ASP B 424 49.10 30.24 -63.06
C ASP B 424 50.39 29.42 -63.19
N ASP B 425 50.28 28.27 -63.84
CA ASP B 425 51.45 27.43 -64.03
C ASP B 425 52.38 28.05 -65.07
N TYR B 426 53.48 27.35 -65.33
CA TYR B 426 54.44 27.84 -66.32
C TYR B 426 53.87 27.81 -67.72
N LEU B 427 52.95 26.89 -68.01
CA LEU B 427 52.42 26.78 -69.37
C LEU B 427 51.71 28.07 -69.79
N ARG B 428 50.92 28.65 -68.89
CA ARG B 428 50.24 29.90 -69.24
C ARG B 428 51.23 31.02 -69.49
N TYR B 429 52.28 31.10 -68.68
CA TYR B 429 53.29 32.13 -68.89
C TYR B 429 53.99 31.94 -70.23
N LEU B 430 54.33 30.71 -70.58
CA LEU B 430 54.98 30.46 -71.85
C LEU B 430 54.05 30.78 -73.01
N ASP B 431 52.76 30.49 -72.83
CA ASP B 431 51.76 30.81 -73.88
C ASP B 431 51.73 32.34 -74.06
N ALA B 432 51.75 33.09 -72.97
CA ALA B 432 51.78 34.55 -73.07
C ALA B 432 53.04 35.01 -73.79
N GLN B 433 54.17 34.35 -73.52
CA GLN B 433 55.41 34.67 -74.21
C GLN B 433 55.25 34.48 -75.71
N ARG B 434 54.73 33.32 -76.12
CA ARG B 434 54.56 33.05 -77.54
C ARG B 434 53.64 34.08 -78.19
N SER B 435 52.56 34.44 -77.49
CA SER B 435 51.62 35.40 -78.04
C SER B 435 52.28 36.76 -78.25
N THR B 436 52.99 37.26 -77.23
CA THR B 436 53.63 38.56 -77.40
C THR B 436 54.73 38.49 -78.44
N PHE B 437 55.36 37.33 -78.60
CA PHE B 437 56.46 37.24 -79.55
C PHE B 437 55.91 37.28 -80.97
N SER B 438 54.79 36.60 -81.19
CA SER B 438 54.14 36.67 -82.49
C SER B 438 53.66 38.08 -82.79
N ASN B 439 53.07 38.76 -81.81
CA ASN B 439 52.63 40.13 -82.05
C ASN B 439 53.81 41.04 -82.39
N GLN B 440 54.94 40.85 -81.69
CA GLN B 440 56.08 41.71 -81.93
C GLN B 440 56.69 41.46 -83.31
N THR B 441 56.72 40.20 -83.76
CA THR B 441 57.24 39.98 -85.12
C THR B 441 56.27 40.48 -86.19
N THR B 442 54.97 40.38 -85.96
CA THR B 442 54.04 41.00 -86.89
C THR B 442 54.22 42.50 -86.94
N LEU B 443 54.59 43.11 -85.81
CA LEU B 443 54.93 44.52 -85.82
C LEU B 443 56.16 44.80 -86.68
N ILE B 444 57.18 43.95 -86.58
CA ILE B 444 58.40 44.17 -87.33
C ILE B 444 58.15 44.06 -88.82
N GLN B 445 57.28 43.13 -89.22
CA GLN B 445 56.94 43.02 -90.64
C GLN B 445 56.35 44.32 -91.16
N ILE B 446 55.40 44.90 -90.42
CA ILE B 446 54.78 46.14 -90.85
C ILE B 446 55.80 47.27 -90.85
N SER B 447 56.67 47.32 -89.85
CA SER B 447 57.67 48.38 -89.81
C SER B 447 58.61 48.30 -91.01
N THR B 448 59.08 47.09 -91.34
CA THR B 448 59.94 46.92 -92.49
C THR B 448 59.22 47.32 -93.78
N GLU B 449 57.96 46.90 -93.91
CA GLU B 449 57.23 47.19 -95.14
C GLU B 449 56.95 48.68 -95.25
N ARG B 450 56.74 49.35 -94.12
CA ARG B 450 56.57 50.80 -94.13
C ARG B 450 57.86 51.52 -94.54
N GLN B 451 59.00 51.05 -94.03
CA GLN B 451 60.27 51.63 -94.45
C GLN B 451 60.45 51.47 -95.95
N ILE B 452 60.14 50.27 -96.47
CA ILE B 452 60.24 50.03 -97.90
C ILE B 452 59.31 50.96 -98.67
N ALA B 453 58.12 51.22 -98.13
CA ALA B 453 57.21 52.14 -98.78
C ALA B 453 57.79 53.56 -98.81
N LEU B 454 58.42 53.98 -97.72
CA LEU B 454 59.05 55.30 -97.72
C LEU B 454 60.14 55.38 -98.77
N VAL B 455 60.93 54.33 -98.91
CA VAL B 455 61.99 54.34 -99.90
C VAL B 455 61.40 54.37 -101.31
N ASP B 456 60.31 53.65 -101.54
CA ASP B 456 59.66 53.71 -102.84
C ASP B 456 59.13 55.10 -103.11
N LEU B 457 58.61 55.76 -102.09
CA LEU B 457 58.14 57.14 -102.27
C LEU B 457 59.29 58.06 -102.64
N PHE B 458 60.43 57.91 -101.98
CA PHE B 458 61.61 58.69 -102.34
C PHE B 458 62.02 58.41 -103.78
N ARG B 459 62.04 57.15 -104.19
CA ARG B 459 62.46 56.80 -105.54
C ARG B 459 61.52 57.39 -106.57
N SER B 460 60.21 57.31 -106.33
CA SER B 460 59.26 57.82 -107.29
C SER B 460 59.29 59.34 -107.37
N LEU B 461 59.81 60.02 -106.35
CA LEU B 461 59.91 61.46 -106.36
C LEU B 461 61.21 61.94 -107.01
N GLY B 462 62.16 61.05 -107.27
CA GLY B 462 63.45 61.46 -107.77
C GLY B 462 64.20 62.33 -106.78
N ALA C 61 60.64 8.76 -114.36
CA ALA C 61 60.53 8.00 -115.60
C ALA C 61 59.66 8.73 -116.60
N ASP C 62 58.43 9.06 -116.19
CA ASP C 62 57.56 9.86 -117.03
C ASP C 62 58.08 11.27 -117.22
N LEU C 63 58.93 11.75 -116.31
CA LEU C 63 59.57 13.05 -116.52
C LEU C 63 60.43 13.05 -117.76
N ARG C 64 61.19 11.97 -117.98
CA ARG C 64 62.03 11.90 -119.17
C ARG C 64 61.18 11.88 -120.43
N ARG C 65 60.07 11.13 -120.41
CA ARG C 65 59.19 11.10 -121.56
C ARG C 65 58.59 12.47 -121.85
N ALA C 66 58.14 13.16 -120.79
CA ALA C 66 57.57 14.49 -120.98
C ALA C 66 58.61 15.48 -121.48
N VAL C 67 59.84 15.40 -120.96
CA VAL C 67 60.89 16.30 -121.41
C VAL C 67 61.25 16.02 -122.87
N ASP C 68 61.28 14.74 -123.25
CA ASP C 68 61.52 14.40 -124.64
C ASP C 68 60.41 14.93 -125.54
N THR C 69 59.16 14.78 -125.10
CA THR C 69 58.04 15.31 -125.88
C THR C 69 58.14 16.82 -126.02
N ALA C 70 58.54 17.50 -124.95
CA ALA C 70 58.69 18.96 -125.02
C ALA C 70 59.79 19.35 -126.00
N LEU C 71 60.98 18.77 -125.86
CA LEU C 71 62.08 19.13 -126.74
C LEU C 71 61.76 18.80 -128.19
N SER C 72 60.92 17.79 -128.41
CA SER C 72 60.52 17.46 -129.76
C SER C 72 59.41 18.35 -130.28
N ASN C 73 58.62 18.95 -129.37
CA ASN C 73 57.37 19.57 -129.78
C ASN C 73 57.19 21.01 -129.31
N ASN C 74 57.93 21.47 -128.30
CA ASN C 74 57.70 22.81 -127.79
C ASN C 74 58.00 23.86 -128.85
N ARG C 75 57.14 24.86 -128.94
CA ARG C 75 57.27 25.87 -129.98
C ARG C 75 58.38 26.86 -129.68
N SER C 76 58.56 27.25 -128.42
CA SER C 76 59.62 28.18 -128.09
C SER C 76 61.00 27.59 -128.34
N LEU C 77 61.17 26.29 -128.07
CA LEU C 77 62.44 25.65 -128.39
C LEU C 77 62.67 25.64 -129.89
N ARG C 78 61.62 25.40 -130.68
CA ARG C 78 61.78 25.43 -132.12
C ARG C 78 62.15 26.83 -132.59
N GLN C 79 61.57 27.86 -131.97
CA GLN C 79 61.97 29.24 -132.28
C GLN C 79 63.43 29.48 -131.95
N ALA C 80 63.89 28.97 -130.81
CA ALA C 80 65.29 29.16 -130.44
C ALA C 80 66.22 28.45 -131.42
N LEU C 81 65.85 27.24 -131.83
CA LEU C 81 66.68 26.51 -132.79
C LEU C 81 66.70 27.21 -134.14
N LEU C 82 65.58 27.82 -134.52
CA LEU C 82 65.58 28.62 -135.74
C LEU C 82 66.40 29.89 -135.57
N ASP C 83 66.45 30.45 -134.36
CA ASP C 83 67.38 31.54 -134.11
C ASP C 83 68.81 31.07 -134.30
N ILE C 84 69.10 29.84 -133.92
CA ILE C 84 70.42 29.26 -134.18
C ILE C 84 70.70 29.22 -135.67
N GLU C 85 69.74 28.72 -136.45
CA GLU C 85 69.95 28.65 -137.88
C GLU C 85 70.13 30.04 -138.48
N ALA C 86 69.41 31.03 -137.98
CA ALA C 86 69.54 32.40 -138.49
C ALA C 86 70.88 33.02 -138.10
N ALA C 87 71.39 32.70 -136.90
CA ALA C 87 72.71 33.18 -136.54
C ALA C 87 73.77 32.59 -137.46
N ARG C 88 73.67 31.29 -137.75
CA ARG C 88 74.54 30.70 -138.75
C ARG C 88 74.34 31.38 -140.10
N ALA C 89 73.11 31.79 -140.40
CA ALA C 89 72.81 32.44 -141.67
C ALA C 89 73.55 33.76 -141.81
N GLN C 90 73.42 34.66 -140.83
CA GLN C 90 74.12 35.93 -140.99
C GLN C 90 75.62 35.76 -140.82
N TYR C 91 76.06 34.72 -140.12
CA TYR C 91 77.49 34.43 -140.10
C TYR C 91 77.99 34.11 -141.50
N ARG C 92 77.25 33.28 -142.23
CA ARG C 92 77.61 32.98 -143.61
C ARG C 92 77.55 34.24 -144.45
N ILE C 93 76.53 35.07 -144.22
CA ILE C 93 76.38 36.32 -144.97
C ILE C 93 77.63 37.19 -144.80
N GLN C 94 78.07 37.37 -143.56
CA GLN C 94 79.23 38.19 -143.29
C GLN C 94 80.50 37.54 -143.82
N ARG C 95 80.58 36.22 -143.78
CA ARG C 95 81.77 35.53 -144.26
C ARG C 95 81.89 35.62 -145.76
N ALA C 96 80.75 35.77 -146.46
CA ALA C 96 80.80 35.89 -147.92
C ALA C 96 81.55 37.14 -148.37
N ASP C 97 81.64 38.15 -147.50
CA ASP C 97 82.32 39.39 -147.87
C ASP C 97 83.82 39.20 -148.06
N ARG C 98 84.43 38.27 -147.33
CA ARG C 98 85.87 38.06 -147.43
C ARG C 98 86.27 37.50 -148.79
N LEU C 99 85.43 36.72 -149.40
CA LEU C 99 85.60 36.06 -150.68
C LEU C 99 85.20 37.00 -151.81
N PRO C 100 85.69 36.78 -153.04
CA PRO C 100 85.41 37.73 -154.12
C PRO C 100 83.92 37.83 -154.42
N SER C 101 83.48 39.02 -154.80
CA SER C 101 82.12 39.25 -155.24
C SER C 101 82.15 39.63 -156.72
N ILE C 102 82.10 38.63 -157.60
CA ILE C 102 82.14 38.83 -159.04
C ILE C 102 80.73 38.59 -159.58
N ASN C 103 80.28 39.49 -160.45
CA ASN C 103 78.92 39.45 -160.99
C ASN C 103 78.95 39.71 -162.49
N ALA C 104 78.00 39.11 -163.19
CA ALA C 104 77.87 39.31 -164.63
C ALA C 104 77.13 40.61 -164.90
N ASN C 105 77.82 41.57 -165.50
CA ASN C 105 77.26 42.89 -165.76
C ASN C 105 77.05 43.07 -167.26
N ALA C 106 75.80 43.34 -167.64
CA ALA C 106 75.45 43.58 -169.03
C ALA C 106 74.75 44.93 -169.13
N SER C 107 75.52 45.97 -169.44
CA SER C 107 75.00 47.33 -169.40
C SER C 107 75.14 47.97 -170.76
N GLY C 108 74.10 48.72 -171.15
CA GLY C 108 74.12 49.46 -172.39
C GLY C 108 73.68 50.89 -172.21
N ASN C 109 74.58 51.85 -172.48
CA ASN C 109 74.33 53.25 -172.26
C ASN C 109 74.26 53.98 -173.58
N ARG C 110 73.19 54.76 -173.77
CA ARG C 110 73.01 55.58 -174.97
C ARG C 110 72.97 57.04 -174.55
N GLN C 111 74.01 57.78 -174.88
CA GLN C 111 74.15 59.17 -174.45
C GLN C 111 74.49 60.03 -175.65
N ARG C 112 73.75 61.13 -175.82
CA ARG C 112 74.03 62.01 -176.93
C ARG C 112 73.33 63.35 -176.68
N LEU C 113 73.95 64.43 -177.17
CA LEU C 113 73.59 65.80 -176.84
C LEU C 113 72.32 66.34 -177.48
N PRO C 114 71.99 66.02 -178.73
CA PRO C 114 70.73 66.50 -179.31
C PRO C 114 69.60 65.49 -179.08
N ALA C 115 68.40 65.88 -179.52
CA ALA C 115 67.18 65.17 -179.22
C ALA C 115 66.84 64.18 -180.35
N ASP C 116 65.91 63.27 -180.02
CA ASP C 116 65.45 62.21 -180.91
C ASP C 116 66.52 61.14 -181.10
N LEU C 117 66.92 60.91 -182.35
CA LEU C 117 67.96 59.94 -182.73
C LEU C 117 67.82 58.62 -181.96
N SER C 118 66.66 58.01 -182.10
CA SER C 118 66.39 56.72 -181.48
C SER C 118 66.46 55.61 -182.52
N GLN C 119 66.94 54.44 -182.08
CA GLN C 119 67.10 53.27 -182.93
C GLN C 119 67.99 53.58 -184.15
N THR C 120 69.25 53.87 -183.82
CA THR C 120 70.26 54.26 -184.81
C THR C 120 69.84 55.52 -185.56
N GLY C 121 69.66 56.60 -184.80
CA GLY C 121 69.27 57.86 -185.40
C GLY C 121 70.41 58.55 -186.11
N ARG C 122 70.09 59.68 -186.73
CA ARG C 122 71.05 60.44 -187.53
C ARG C 122 71.67 61.52 -186.64
N SER C 123 72.74 61.15 -185.94
CA SER C 123 73.46 62.06 -185.06
C SER C 123 74.82 61.44 -184.75
N GLU C 124 75.53 62.03 -183.78
CA GLU C 124 76.85 61.54 -183.38
C GLU C 124 76.73 60.71 -182.10
N VAL C 125 75.65 59.94 -181.98
CA VAL C 125 75.38 59.15 -180.78
C VAL C 125 76.53 58.19 -180.49
N THR C 126 76.81 57.99 -179.22
CA THR C 126 77.71 56.94 -178.77
C THR C 126 76.93 55.99 -177.88
N SER C 127 76.64 54.81 -178.39
CA SER C 127 75.87 53.80 -177.67
C SER C 127 76.79 52.65 -177.30
N ASN C 128 77.36 52.72 -176.11
CA ASN C 128 78.27 51.69 -175.64
C ASN C 128 77.46 50.58 -174.98
N TYR C 129 77.86 49.34 -175.22
CA TYR C 129 77.19 48.19 -174.62
C TYR C 129 78.26 47.30 -174.01
N GLN C 130 78.29 47.25 -172.67
CA GLN C 130 79.31 46.52 -171.94
C GLN C 130 78.69 45.27 -171.32
N VAL C 131 79.07 44.11 -171.83
CA VAL C 131 78.55 42.83 -171.36
C VAL C 131 79.73 41.96 -170.95
N GLY C 132 79.72 41.49 -169.72
CA GLY C 132 80.78 40.62 -169.25
C GLY C 132 80.73 40.49 -167.73
N LEU C 133 81.85 40.02 -167.18
CA LEU C 133 81.99 39.82 -165.75
C LEU C 133 82.63 41.05 -165.12
N GLY C 134 82.27 41.33 -163.87
CA GLY C 134 82.86 42.43 -163.15
C GLY C 134 83.11 42.14 -161.69
N LEU C 135 84.35 42.29 -161.25
CA LEU C 135 84.68 42.16 -159.83
C LEU C 135 84.12 43.38 -159.11
N ALA C 136 83.00 43.18 -158.41
CA ALA C 136 82.25 44.28 -157.82
C ALA C 136 82.90 44.69 -156.50
N GLU C 137 83.94 45.51 -156.60
CA GLU C 137 84.56 46.15 -155.44
C GLU C 137 85.07 45.12 -154.42
N TYR C 138 86.06 44.34 -154.83
CA TYR C 138 86.85 43.59 -153.86
C TYR C 138 87.51 44.53 -152.86
N GLU C 139 87.59 44.10 -151.60
CA GLU C 139 88.34 44.84 -150.59
C GLU C 139 89.41 43.93 -150.02
N VAL C 140 90.60 43.94 -150.62
CA VAL C 140 91.76 43.33 -149.99
C VAL C 140 92.11 44.13 -148.74
N ASP C 141 92.37 43.43 -147.64
CA ASP C 141 92.40 44.04 -146.32
C ASP C 141 93.76 43.86 -145.69
N LEU C 142 94.34 44.96 -145.22
CA LEU C 142 95.58 44.89 -144.46
C LEU C 142 95.37 44.41 -143.02
N PHE C 143 94.29 44.83 -142.37
CA PHE C 143 93.97 44.39 -141.02
C PHE C 143 92.75 43.47 -140.97
N GLY C 144 91.97 43.38 -142.04
CA GLY C 144 90.86 42.46 -142.05
C GLY C 144 89.67 42.95 -141.25
N ARG C 145 89.26 44.20 -141.48
CA ARG C 145 87.98 44.64 -140.92
C ARG C 145 86.85 43.77 -141.45
N VAL C 146 86.97 43.30 -142.70
CA VAL C 146 86.06 42.29 -143.19
C VAL C 146 86.21 41.01 -142.38
N ARG C 147 87.44 40.59 -142.14
CA ARG C 147 87.67 39.40 -141.32
C ARG C 147 87.21 39.64 -139.89
N ASN C 148 87.39 40.88 -139.38
CA ASN C 148 86.93 41.22 -138.05
C ASN C 148 85.41 41.08 -137.94
N LEU C 149 84.68 41.60 -138.93
CA LEU C 149 83.24 41.41 -138.96
C LEU C 149 82.90 39.93 -139.07
N SER C 150 83.73 39.17 -139.80
CA SER C 150 83.47 37.74 -139.96
C SER C 150 83.48 37.01 -138.62
N GLU C 151 84.55 37.16 -137.84
CA GLU C 151 84.56 36.39 -136.60
C GLU C 151 83.72 37.07 -135.54
N ALA C 152 83.36 38.34 -135.74
CA ALA C 152 82.33 38.93 -134.90
C ALA C 152 80.99 38.23 -135.10
N ALA C 153 80.61 37.98 -136.35
CA ALA C 153 79.40 37.22 -136.61
C ALA C 153 79.55 35.79 -136.11
N LEU C 154 80.74 35.23 -136.19
CA LEU C 154 80.96 33.89 -135.65
C LEU C 154 80.73 33.87 -134.13
N GLU C 155 81.24 34.87 -133.43
CA GLU C 155 81.00 34.97 -131.99
C GLU C 155 79.53 35.17 -131.69
N THR C 156 78.84 35.94 -132.52
CA THR C 156 77.39 36.10 -132.35
C THR C 156 76.69 34.77 -132.52
N TYR C 157 77.11 33.96 -133.49
CA TYR C 157 76.53 32.64 -133.68
C TYR C 157 76.77 31.76 -132.46
N LEU C 158 78.00 31.79 -131.92
CA LEU C 158 78.30 30.98 -130.74
C LEU C 158 77.48 31.43 -129.54
N ALA C 159 77.33 32.74 -129.36
CA ALA C 159 76.50 33.25 -128.28
C ALA C 159 75.05 32.82 -128.45
N THR C 160 74.57 32.82 -129.69
CA THR C 160 73.21 32.34 -129.94
C THR C 160 73.11 30.86 -129.60
N GLU C 161 74.16 30.09 -129.86
CA GLU C 161 74.16 28.67 -129.50
C GLU C 161 74.04 28.50 -127.99
N GLU C 162 74.82 29.27 -127.24
CA GLU C 162 74.73 29.19 -125.79
C GLU C 162 73.37 29.64 -125.29
N ALA C 163 72.81 30.70 -125.89
CA ALA C 163 71.50 31.18 -125.47
C ALA C 163 70.41 30.15 -125.76
N THR C 164 70.48 29.49 -126.91
CA THR C 164 69.50 28.44 -127.21
C THR C 164 69.65 27.26 -126.26
N ARG C 165 70.89 26.91 -125.92
CA ARG C 165 71.08 25.85 -124.93
C ARG C 165 70.47 26.25 -123.58
N ALA C 166 70.66 27.51 -123.19
CA ALA C 166 70.06 28.00 -121.95
C ALA C 166 68.54 27.96 -122.02
N THR C 167 67.97 28.32 -123.17
CA THR C 167 66.53 28.25 -123.33
C THR C 167 66.03 26.82 -123.22
N GLN C 168 66.77 25.87 -123.78
CA GLN C 168 66.41 24.46 -123.64
C GLN C 168 66.43 24.03 -122.19
N ILE C 169 67.47 24.45 -121.46
CA ILE C 169 67.56 24.09 -120.04
C ILE C 169 66.40 24.69 -119.27
N SER C 170 66.07 25.95 -119.54
CA SER C 170 64.96 26.60 -118.86
C SER C 170 63.65 25.91 -119.19
N LEU C 171 63.46 25.51 -120.44
CA LEU C 171 62.22 24.83 -120.81
C LEU C 171 62.11 23.50 -120.09
N VAL C 172 63.20 22.76 -119.99
CA VAL C 172 63.20 21.49 -119.27
C VAL C 172 62.85 21.72 -117.81
N ALA C 173 63.45 22.74 -117.20
CA ALA C 173 63.17 23.04 -115.80
C ALA C 173 61.71 23.42 -115.59
N GLU C 174 61.16 24.22 -116.51
CA GLU C 174 59.74 24.56 -116.41
C GLU C 174 58.87 23.33 -116.53
N VAL C 175 59.22 22.42 -117.44
CA VAL C 175 58.43 21.20 -117.59
C VAL C 175 58.44 20.40 -116.30
N ILE C 176 59.63 20.22 -115.70
CA ILE C 176 59.68 19.45 -114.46
C ILE C 176 58.92 20.15 -113.34
N GLN C 177 59.04 21.48 -113.26
CA GLN C 177 58.35 22.21 -112.20
C GLN C 177 56.84 22.10 -112.36
N ALA C 178 56.34 22.22 -113.59
CA ALA C 178 54.91 22.08 -113.80
C ALA C 178 54.44 20.67 -113.52
N TYR C 179 55.26 19.67 -113.85
CA TYR C 179 54.93 18.29 -113.52
C TYR C 179 54.84 18.09 -112.02
N LEU C 180 55.80 18.64 -111.28
CA LEU C 180 55.79 18.49 -109.83
C LEU C 180 54.59 19.21 -109.23
N THR C 181 54.27 20.39 -109.75
CA THR C 181 53.10 21.12 -109.27
C THR C 181 51.83 20.32 -109.53
N ARG C 182 51.73 19.68 -110.69
CA ARG C 182 50.57 18.87 -110.98
C ARG C 182 50.45 17.69 -110.03
N ASP C 183 51.57 17.03 -109.75
CA ASP C 183 51.53 15.89 -108.84
C ASP C 183 51.12 16.33 -107.44
N GLY C 184 51.70 17.42 -106.94
CA GLY C 184 51.31 17.93 -105.65
C GLY C 184 49.85 18.33 -105.60
N ALA C 185 49.35 18.92 -106.68
CA ALA C 185 47.94 19.30 -106.75
C ALA C 185 47.05 18.07 -106.70
N LEU C 186 47.45 16.99 -107.36
CA LEU C 186 46.66 15.77 -107.31
C LEU C 186 46.59 15.22 -105.90
N ARG C 187 47.73 15.21 -105.20
CA ARG C 187 47.73 14.75 -103.82
C ARG C 187 46.84 15.65 -102.95
N ARG C 188 46.94 16.96 -103.15
CA ARG C 188 46.12 17.88 -102.38
C ARG C 188 44.64 17.66 -102.68
N MET C 189 44.31 17.32 -103.92
CA MET C 189 42.93 16.98 -104.23
C MET C 189 42.45 15.76 -103.45
N ALA C 190 43.26 14.70 -103.43
CA ALA C 190 42.87 13.55 -102.61
C ALA C 190 42.60 13.99 -101.18
N LEU C 191 43.52 14.78 -100.63
CA LEU C 191 43.42 15.20 -99.23
C LEU C 191 42.18 16.05 -98.99
N VAL C 192 41.96 17.07 -99.82
CA VAL C 192 40.85 17.98 -99.61
C VAL C 192 39.51 17.30 -99.88
N GLU C 193 39.46 16.41 -100.87
CA GLU C 193 38.23 15.69 -101.14
C GLU C 193 37.83 14.88 -99.92
N GLN C 194 38.80 14.18 -99.33
CA GLN C 194 38.45 13.37 -98.17
C GLN C 194 38.25 14.20 -96.92
N THR C 195 38.84 15.40 -96.85
CA THR C 195 38.51 16.33 -95.78
C THR C 195 37.08 16.84 -95.91
N LEU C 196 36.65 17.15 -97.13
CA LEU C 196 35.27 17.54 -97.36
C LEU C 196 34.33 16.41 -97.00
N ASP C 197 34.70 15.17 -97.31
CA ASP C 197 33.89 14.04 -96.89
C ASP C 197 33.79 13.97 -95.37
N SER C 198 34.91 14.21 -94.69
CA SER C 198 34.88 14.25 -93.24
C SER C 198 33.95 15.33 -92.72
N ARG C 199 33.99 16.52 -93.34
CA ARG C 199 33.10 17.60 -92.95
C ARG C 199 31.65 17.24 -93.21
N MET C 200 31.39 16.54 -94.31
CA MET C 200 30.02 16.13 -94.63
C MET C 200 29.50 15.16 -93.59
N ALA C 201 30.34 14.20 -93.18
CA ALA C 201 29.93 13.29 -92.11
C ALA C 201 29.66 14.03 -90.82
N SER C 202 30.54 14.97 -90.46
CA SER C 202 30.33 15.74 -89.24
C SER C 202 29.05 16.55 -89.32
N LEU C 203 28.79 17.17 -90.47
CA LEU C 203 27.58 17.96 -90.66
C LEU C 203 26.34 17.10 -90.54
N GLU C 204 26.34 15.92 -91.18
CA GLU C 204 25.19 15.04 -91.10
C GLU C 204 24.95 14.59 -89.67
N LEU C 205 26.03 14.30 -88.94
CA LEU C 205 25.88 13.81 -87.59
C LEU C 205 25.36 14.91 -86.66
N VAL C 206 25.85 16.14 -86.83
CA VAL C 206 25.31 17.27 -86.07
C VAL C 206 23.87 17.52 -86.47
N SER C 207 23.53 17.31 -87.73
CA SER C 207 22.15 17.47 -88.16
C SER C 207 21.24 16.48 -87.46
N GLN C 208 21.68 15.23 -87.33
CA GLN C 208 20.90 14.26 -86.56
C GLN C 208 20.82 14.66 -85.08
N ARG C 209 21.91 15.20 -84.54
CA ARG C 209 21.88 15.61 -83.13
C ARG C 209 20.88 16.74 -82.90
N ARG C 210 20.87 17.72 -83.79
CA ARG C 210 19.88 18.79 -83.68
C ARG C 210 18.47 18.26 -83.87
N ALA C 211 18.28 17.37 -84.84
CA ALA C 211 16.96 16.80 -85.07
C ALA C 211 16.46 16.07 -83.83
N ALA C 212 17.35 15.38 -83.13
CA ALA C 212 16.99 14.72 -81.89
C ALA C 212 16.89 15.68 -80.72
N GLY C 213 17.26 16.95 -80.92
CA GLY C 213 17.11 17.95 -79.89
C GLY C 213 18.25 18.08 -78.91
N ALA C 214 19.33 17.32 -79.09
CA ALA C 214 20.46 17.42 -78.18
C ALA C 214 21.43 18.53 -78.57
N ALA C 215 21.19 19.22 -79.68
CA ALA C 215 22.08 20.27 -80.14
C ALA C 215 21.27 21.49 -80.55
N THR C 216 21.84 22.67 -80.35
CA THR C 216 21.19 23.90 -80.74
C THR C 216 21.32 24.10 -82.25
N ALA C 217 20.47 24.97 -82.79
CA ALA C 217 20.59 25.33 -84.19
C ALA C 217 21.89 26.06 -84.47
N LEU C 218 22.49 26.67 -83.45
CA LEU C 218 23.77 27.35 -83.65
C LEU C 218 24.87 26.37 -84.01
N ASP C 219 24.89 25.20 -83.37
CA ASP C 219 25.87 24.19 -83.72
C ASP C 219 25.67 23.68 -85.14
N TYR C 220 24.41 23.47 -85.54
CA TYR C 220 24.14 23.11 -86.92
C TYR C 220 24.63 24.19 -87.88
N GLN C 221 24.42 25.45 -87.53
CA GLN C 221 24.87 26.53 -88.42
C GLN C 221 26.38 26.55 -88.54
N GLU C 222 27.10 26.37 -87.43
CA GLU C 222 28.55 26.39 -87.52
C GLU C 222 29.08 25.17 -88.28
N ALA C 223 28.43 24.02 -88.12
CA ALA C 223 28.82 22.86 -88.91
C ALA C 223 28.57 23.09 -90.39
N VAL C 224 27.45 23.72 -90.73
CA VAL C 224 27.18 24.06 -92.13
C VAL C 224 28.26 24.99 -92.66
N GLY C 225 28.62 26.00 -91.87
CA GLY C 225 29.67 26.91 -92.30
C GLY C 225 30.99 26.20 -92.52
N LEU C 226 31.31 25.25 -91.65
CA LEU C 226 32.55 24.49 -91.81
C LEU C 226 32.51 23.67 -93.10
N ALA C 227 31.38 23.04 -93.39
CA ALA C 227 31.26 22.29 -94.63
C ALA C 227 31.39 23.20 -95.85
N GLU C 228 30.81 24.39 -95.77
CA GLU C 228 30.95 25.35 -96.88
C GLU C 228 32.40 25.77 -97.05
N GLN C 229 33.11 25.99 -95.95
CA GLN C 229 34.53 26.34 -96.04
C GLN C 229 35.32 25.22 -96.69
N ALA C 230 35.02 23.97 -96.33
CA ALA C 230 35.69 22.85 -96.97
C ALA C 230 35.39 22.80 -98.46
N ARG C 231 34.15 23.08 -98.85
CA ARG C 231 33.83 23.11 -100.28
C ARG C 231 34.63 24.19 -100.99
N ALA C 232 34.72 25.38 -100.39
CA ALA C 232 35.47 26.46 -101.02
C ALA C 232 36.93 26.10 -101.17
N GLU C 233 37.50 25.45 -100.15
CA GLU C 233 38.88 25.01 -100.24
C GLU C 233 39.05 24.00 -101.35
N ARG C 234 38.09 23.08 -101.49
CA ARG C 234 38.15 22.10 -102.57
C ARG C 234 38.06 22.76 -103.93
N GLU C 235 37.21 23.77 -104.07
CA GLU C 235 37.14 24.50 -105.32
C GLU C 235 38.46 25.19 -105.64
N SER C 236 39.11 25.76 -104.62
CA SER C 236 40.40 26.39 -104.84
C SER C 236 41.44 25.38 -105.31
N THR C 237 41.47 24.22 -104.68
CA THR C 237 42.43 23.20 -105.11
C THR C 237 42.10 22.67 -106.51
N GLU C 238 40.82 22.52 -106.83
CA GLU C 238 40.44 22.12 -108.19
C GLU C 238 40.92 23.13 -109.21
N ARG C 239 40.74 24.42 -108.91
CA ARG C 239 41.23 25.44 -109.82
C ARG C 239 42.73 25.32 -109.99
N GLN C 240 43.45 25.12 -108.88
CA GLN C 240 44.91 24.99 -108.97
C GLN C 240 45.31 23.80 -109.84
N LEU C 241 44.62 22.67 -109.65
CA LEU C 241 44.94 21.48 -110.43
C LEU C 241 44.67 21.70 -111.92
N ARG C 242 43.55 22.33 -112.25
CA ARG C 242 43.25 22.59 -113.65
C ARG C 242 44.28 23.54 -114.26
N GLN C 243 44.68 24.56 -113.50
CA GLN C 243 45.70 25.48 -114.02
C GLN C 243 47.01 24.74 -114.25
N ALA C 244 47.37 23.84 -113.34
CA ALA C 244 48.60 23.07 -113.51
C ALA C 244 48.52 22.18 -114.75
N ASP C 245 47.38 21.54 -114.97
CA ASP C 245 47.22 20.71 -116.16
C ASP C 245 47.36 21.54 -117.43
N ASN C 246 46.74 22.73 -117.45
CA ASN C 246 46.84 23.58 -118.62
C ASN C 246 48.27 24.05 -118.84
N ALA C 247 48.98 24.38 -117.76
CA ALA C 247 50.37 24.78 -117.90
C ALA C 247 51.22 23.65 -118.46
N LEU C 248 50.98 22.43 -117.99
CA LEU C 248 51.75 21.30 -118.52
C LEU C 248 51.42 21.05 -119.99
N VAL C 249 50.15 21.14 -120.36
CA VAL C 249 49.80 20.88 -121.76
C VAL C 249 50.36 21.97 -122.65
N LEU C 250 50.51 23.19 -122.13
CA LEU C 250 51.18 24.23 -122.92
C LEU C 250 52.66 23.95 -123.05
N LEU C 251 53.31 23.58 -121.96
CA LEU C 251 54.76 23.34 -122.00
C LEU C 251 55.10 22.19 -122.92
N LEU C 252 54.29 21.12 -122.89
CA LEU C 252 54.55 19.99 -123.77
C LEU C 252 54.28 20.32 -125.23
N GLY C 253 53.37 21.26 -125.50
CA GLY C 253 53.15 21.69 -126.86
C GLY C 253 52.41 20.70 -127.74
N THR C 254 51.64 19.78 -127.16
CA THR C 254 50.92 18.79 -127.93
C THR C 254 49.50 18.69 -127.40
N PRO C 255 48.49 18.73 -128.27
CA PRO C 255 47.11 18.67 -127.79
C PRO C 255 46.78 17.39 -127.06
N ASP C 256 47.54 16.32 -127.28
CA ASP C 256 47.37 15.06 -126.58
C ASP C 256 48.29 14.93 -125.38
N ALA C 257 48.78 16.05 -124.84
CA ALA C 257 49.66 15.98 -123.68
C ALA C 257 48.89 15.51 -122.45
N ALA C 258 47.59 15.79 -122.40
CA ALA C 258 46.76 15.25 -121.33
C ALA C 258 46.66 13.73 -121.38
N ARG C 259 47.05 13.13 -122.50
CA ARG C 259 47.10 11.68 -122.59
C ARG C 259 48.43 11.11 -122.14
N LEU C 260 49.52 11.87 -122.27
CA LEU C 260 50.83 11.42 -121.86
C LEU C 260 51.07 11.59 -120.37
N LEU C 261 50.14 12.20 -119.65
CA LEU C 261 50.46 12.36 -118.24
C LEU C 261 49.67 11.35 -117.40
N PRO C 262 50.25 10.86 -116.31
CA PRO C 262 49.52 9.94 -115.44
C PRO C 262 48.34 10.63 -114.77
N ALA C 263 47.28 9.86 -114.53
CA ALA C 263 46.08 10.41 -113.94
C ALA C 263 46.09 10.37 -112.42
N THR C 264 47.08 9.74 -111.81
CA THR C 264 47.11 9.65 -110.37
C THR C 264 48.49 10.01 -109.83
N PRO C 265 48.57 10.52 -108.61
CA PRO C 265 49.86 10.80 -107.99
C PRO C 265 50.58 9.51 -107.63
N ARG C 266 51.88 9.64 -107.37
CA ARG C 266 52.70 8.52 -106.95
C ARG C 266 53.70 9.00 -105.91
N ASP C 267 54.09 8.10 -105.01
CA ASP C 267 55.10 8.41 -104.00
C ASP C 267 56.51 8.17 -104.50
N ASP C 268 56.67 7.75 -105.75
CA ASP C 268 58.00 7.50 -106.29
C ASP C 268 58.78 8.81 -106.41
N LEU C 269 60.05 8.75 -106.03
CA LEU C 269 60.96 9.86 -106.23
C LEU C 269 61.11 10.14 -107.73
N MET C 270 61.22 11.41 -108.09
CA MET C 270 61.29 11.79 -109.49
C MET C 270 62.57 12.52 -109.87
N VAL C 271 63.12 13.35 -109.00
CA VAL C 271 64.36 14.07 -109.26
C VAL C 271 65.33 13.81 -108.13
N LEU C 272 66.62 13.82 -108.45
CA LEU C 272 67.66 13.57 -107.46
C LEU C 272 67.56 14.55 -106.31
N GLN C 273 67.74 14.05 -105.09
CA GLN C 273 67.45 14.87 -103.91
C GLN C 273 68.66 15.66 -103.44
N ASP C 274 69.88 15.15 -103.63
CA ASP C 274 71.10 15.84 -103.22
C ASP C 274 71.90 16.19 -104.46
N ILE C 275 72.25 17.46 -104.61
CA ILE C 275 73.06 17.93 -105.72
C ILE C 275 74.20 18.77 -105.16
N ALA C 276 75.42 18.44 -105.56
CA ALA C 276 76.59 19.15 -105.07
C ALA C 276 76.78 20.44 -105.87
N PRO C 277 76.96 21.58 -105.22
CA PRO C 277 77.08 22.84 -105.98
C PRO C 277 78.43 23.02 -106.65
N GLY C 278 79.49 22.41 -106.12
CA GLY C 278 80.79 22.64 -106.72
C GLY C 278 81.29 24.04 -106.43
N THR C 279 82.23 24.49 -107.25
CA THR C 279 82.86 25.79 -107.09
C THR C 279 82.29 26.81 -108.05
N SER C 280 82.53 28.08 -107.74
CA SER C 280 82.08 29.16 -108.62
C SER C 280 82.77 29.12 -109.96
N SER C 281 84.06 28.76 -109.98
CA SER C 281 84.80 28.71 -111.24
C SER C 281 84.19 27.69 -112.19
N GLU C 282 83.79 26.53 -111.66
CA GLU C 282 83.13 25.53 -112.50
C GLU C 282 81.81 26.07 -113.04
N LEU C 283 81.04 26.76 -112.19
CA LEU C 283 79.77 27.31 -112.64
C LEU C 283 79.99 28.33 -113.75
N ILE C 284 81.10 29.07 -113.69
CA ILE C 284 81.40 30.04 -114.73
C ILE C 284 81.54 29.35 -116.07
N GLU C 285 82.21 28.20 -116.09
CA GLU C 285 82.48 27.50 -117.34
C GLU C 285 81.34 26.60 -117.79
N ARG C 286 80.29 26.44 -116.99
CA ARG C 286 79.22 25.51 -117.34
C ARG C 286 77.87 26.15 -117.57
N ARG C 287 77.57 27.28 -116.95
CA ARG C 287 76.26 27.88 -117.08
C ARG C 287 76.11 28.55 -118.44
N PRO C 288 75.08 28.21 -119.21
CA PRO C 288 75.03 28.69 -120.60
C PRO C 288 74.95 30.20 -120.76
N ASP C 289 74.26 30.91 -119.86
CA ASP C 289 74.10 32.35 -120.07
C ASP C 289 75.41 33.08 -119.86
N ILE C 290 76.24 32.61 -118.92
CA ILE C 290 77.56 33.18 -118.75
C ILE C 290 78.40 32.96 -120.00
N LEU C 291 78.28 31.78 -120.61
CA LEU C 291 78.98 31.52 -121.86
C LEU C 291 78.48 32.45 -122.97
N ALA C 292 77.17 32.69 -123.01
CA ALA C 292 76.64 33.61 -124.00
C ALA C 292 77.18 35.02 -123.80
N SER C 293 77.27 35.47 -122.55
CA SER C 293 77.83 36.78 -122.27
C SER C 293 79.30 36.84 -122.67
N GLU C 294 80.04 35.76 -122.41
CA GLU C 294 81.44 35.71 -122.83
C GLU C 294 81.57 35.81 -124.34
N HIS C 295 80.71 35.10 -125.07
CA HIS C 295 80.79 35.13 -126.53
C HIS C 295 80.40 36.50 -127.06
N ARG C 296 79.42 37.15 -126.43
CA ARG C 296 79.06 38.51 -126.83
C ARG C 296 80.21 39.47 -126.55
N LEU C 297 80.91 39.29 -125.43
CA LEU C 297 82.09 40.11 -125.15
C LEU C 297 83.16 39.90 -126.21
N LYS C 298 83.36 38.65 -126.63
CA LYS C 298 84.32 38.38 -127.69
C LYS C 298 83.90 39.05 -128.99
N ALA C 299 82.60 39.04 -129.28
CA ALA C 299 82.09 39.72 -130.47
C ALA C 299 82.34 41.22 -130.39
N ARG C 300 82.16 41.80 -129.20
CA ARG C 300 82.41 43.24 -129.06
C ARG C 300 83.89 43.56 -129.21
N ASN C 301 84.76 42.67 -128.73
CA ASN C 301 86.18 42.81 -128.97
C ASN C 301 86.48 42.76 -130.47
N ALA C 302 85.78 41.88 -131.19
CA ALA C 302 85.90 41.84 -132.64
C ALA C 302 85.46 43.16 -133.27
N ASP C 303 84.39 43.75 -132.76
CA ASP C 303 83.96 45.06 -133.24
C ASP C 303 85.02 46.12 -132.98
N ILE C 304 85.69 46.04 -131.83
CA ILE C 304 86.79 46.96 -131.55
C ILE C 304 87.90 46.79 -132.57
N GLY C 305 88.20 45.54 -132.92
CA GLY C 305 89.17 45.29 -133.98
C GLY C 305 88.76 45.90 -135.30
N ALA C 306 87.49 45.77 -135.66
CA ALA C 306 87.00 46.34 -136.90
C ALA C 306 87.12 47.87 -136.89
N ALA C 307 86.76 48.49 -135.77
CA ALA C 307 86.86 49.94 -135.68
C ALA C 307 88.31 50.39 -135.78
N ARG C 308 89.23 49.67 -135.13
CA ARG C 308 90.64 50.00 -135.25
C ARG C 308 91.12 49.89 -136.69
N ALA C 309 90.73 48.82 -137.37
CA ALA C 309 91.09 48.66 -138.78
C ALA C 309 90.52 49.75 -139.65
N ALA C 310 89.36 50.29 -139.28
CA ALA C 310 88.77 51.38 -140.06
C ALA C 310 89.65 52.62 -140.09
N PHE C 311 90.51 52.81 -139.09
CA PHE C 311 91.46 53.93 -139.11
C PHE C 311 92.41 53.84 -140.30
N PHE C 312 92.94 52.68 -140.55
CA PHE C 312 94.01 52.47 -141.52
C PHE C 312 93.48 52.59 -142.94
N PRO C 313 94.34 52.92 -143.90
CA PRO C 313 93.87 53.08 -145.28
C PRO C 313 93.23 51.80 -145.80
N ARG C 314 92.15 51.99 -146.57
CA ARG C 314 91.42 50.84 -147.16
C ARG C 314 91.70 50.82 -148.67
N ILE C 315 92.12 49.68 -149.21
CA ILE C 315 92.44 49.52 -150.61
C ILE C 315 91.47 48.53 -151.24
N SER C 316 90.83 48.95 -152.33
CA SER C 316 89.84 48.14 -153.02
C SER C 316 90.11 48.17 -154.51
N LEU C 317 90.07 47.00 -155.14
CA LEU C 317 90.26 46.87 -156.59
C LEU C 317 88.91 46.56 -157.23
N THR C 318 88.53 47.37 -158.21
CA THR C 318 87.33 47.13 -159.00
C THR C 318 87.71 46.61 -160.37
N GLY C 319 87.26 45.40 -160.69
CA GLY C 319 87.66 44.76 -161.93
C GLY C 319 86.46 44.45 -162.80
N SER C 320 86.72 44.36 -164.10
CA SER C 320 85.69 44.02 -165.06
C SER C 320 86.35 43.47 -166.31
N VAL C 321 85.62 42.62 -167.03
CA VAL C 321 86.09 42.04 -168.28
C VAL C 321 84.87 41.67 -169.12
N GLY C 322 84.89 42.06 -170.39
CA GLY C 322 83.79 41.77 -171.28
C GLY C 322 83.95 42.44 -172.63
N SER C 323 82.84 42.80 -173.25
CA SER C 323 82.85 43.42 -174.58
C SER C 323 82.36 44.85 -174.48
N SER C 324 82.74 45.65 -175.47
CA SER C 324 82.31 47.03 -175.54
C SER C 324 82.43 47.52 -176.97
N SER C 325 81.40 48.20 -177.44
CA SER C 325 81.39 48.71 -178.81
C SER C 325 80.45 49.90 -178.88
N ALA C 326 80.66 50.74 -179.89
CA ALA C 326 79.84 51.92 -180.08
C ALA C 326 78.47 51.59 -180.67
N GLU C 327 78.28 50.36 -181.15
CA GLU C 327 77.01 49.94 -181.72
C GLU C 327 76.67 48.54 -181.23
N LEU C 328 75.37 48.23 -181.26
CA LEU C 328 74.90 46.95 -180.74
C LEU C 328 75.34 45.79 -181.64
N SER C 329 75.39 46.01 -182.95
CA SER C 329 75.70 44.92 -183.87
C SER C 329 77.11 44.38 -183.66
N GLY C 330 78.03 45.21 -183.21
CA GLY C 330 79.41 44.79 -183.03
C GLY C 330 79.70 44.28 -181.65
N LEU C 331 78.65 43.94 -180.90
CA LEU C 331 78.83 43.49 -179.52
C LEU C 331 79.66 42.21 -179.46
N PHE C 332 79.36 41.25 -180.33
CA PHE C 332 80.08 39.98 -180.36
C PHE C 332 81.08 39.91 -181.50
N ASP C 333 81.73 41.03 -181.81
CA ASP C 333 82.77 41.02 -182.82
C ASP C 333 84.15 40.94 -182.16
N GLY C 334 85.12 40.47 -182.93
CA GLY C 334 86.46 40.33 -182.39
C GLY C 334 87.08 41.68 -182.07
N GLY C 335 87.98 41.68 -181.10
CA GLY C 335 88.71 42.88 -180.75
C GLY C 335 88.02 43.80 -179.77
N SER C 336 86.96 43.34 -179.10
CA SER C 336 86.26 44.16 -178.12
C SER C 336 86.38 43.61 -176.71
N ARG C 337 87.22 42.60 -176.49
CA ARG C 337 87.36 41.98 -175.17
C ARG C 337 88.10 42.94 -174.25
N ALA C 338 87.36 43.86 -173.63
CA ALA C 338 87.92 44.93 -172.82
C ALA C 338 88.04 44.50 -171.37
N TRP C 339 88.89 45.21 -170.63
CA TRP C 339 89.08 44.96 -169.22
C TRP C 339 89.42 46.26 -168.51
N SER C 340 89.19 46.29 -167.20
CA SER C 340 89.43 47.47 -166.40
C SER C 340 89.85 47.08 -164.99
N PHE C 341 91.07 47.46 -164.61
CA PHE C 341 91.55 47.30 -163.25
C PHE C 341 91.64 48.68 -162.63
N ALA C 342 91.13 48.82 -161.40
CA ALA C 342 91.14 50.10 -160.69
C ALA C 342 91.34 49.88 -159.20
N PRO C 343 92.56 49.60 -158.74
CA PRO C 343 92.85 49.66 -157.32
C PRO C 343 92.76 51.10 -156.81
N THR C 344 92.04 51.26 -155.70
CA THR C 344 91.84 52.57 -155.09
C THR C 344 92.15 52.51 -153.61
N LEU C 345 92.93 53.49 -153.14
CA LEU C 345 93.27 53.62 -151.73
C LEU C 345 92.53 54.82 -151.16
N SER C 346 91.71 54.58 -150.14
CA SER C 346 91.01 55.64 -149.44
C SER C 346 91.52 55.69 -148.01
N LEU C 347 91.89 56.89 -147.56
CA LEU C 347 92.36 57.12 -146.20
C LEU C 347 91.96 58.51 -145.75
N PRO C 348 91.13 58.66 -144.72
CA PRO C 348 90.75 59.99 -144.29
C PRO C 348 91.81 60.65 -143.42
N ILE C 349 92.53 61.60 -144.00
CA ILE C 349 93.66 62.20 -143.31
C ILE C 349 93.18 63.01 -142.11
N PHE C 350 91.98 63.56 -142.20
CA PHE C 350 91.32 64.18 -141.04
C PHE C 350 89.91 63.61 -140.96
N ALA C 351 89.67 62.74 -139.98
CA ALA C 351 88.36 62.11 -139.85
C ALA C 351 87.34 63.05 -139.24
N GLY C 352 87.79 63.91 -138.33
CA GLY C 352 86.87 64.74 -137.59
C GLY C 352 85.99 64.00 -136.63
N GLY C 353 86.43 62.82 -136.17
CA GLY C 353 85.62 61.97 -135.33
C GLY C 353 84.80 60.95 -136.09
N ARG C 354 84.67 61.10 -137.41
CA ARG C 354 83.91 60.14 -138.19
C ARG C 354 84.47 58.74 -138.02
N ASN C 355 85.80 58.62 -138.03
CA ASN C 355 86.44 57.35 -137.75
C ASN C 355 86.86 57.20 -136.30
N ARG C 356 87.15 58.31 -135.62
CA ARG C 356 87.61 58.22 -134.24
C ARG C 356 86.47 57.88 -133.30
N ALA C 357 85.40 58.67 -133.33
CA ALA C 357 84.28 58.42 -132.43
C ALA C 357 83.70 57.04 -132.62
N ASN C 358 83.84 56.47 -133.82
CA ASN C 358 83.52 55.05 -133.99
C ASN C 358 84.42 54.18 -133.12
N LEU C 359 85.71 54.53 -133.05
CA LEU C 359 86.61 53.76 -132.20
C LEU C 359 86.22 53.89 -130.73
N ASP C 360 85.90 55.09 -130.27
CA ASP C 360 85.45 55.22 -128.88
C ASP C 360 84.15 54.48 -128.65
N LEU C 361 83.24 54.49 -129.63
CA LEU C 361 81.99 53.76 -129.49
C LEU C 361 82.25 52.27 -129.32
N ALA C 362 83.15 51.72 -130.15
CA ALA C 362 83.46 50.30 -130.04
C ALA C 362 84.15 50.01 -128.71
N GLU C 363 85.03 50.91 -128.28
CA GLU C 363 85.71 50.73 -126.99
C GLU C 363 84.72 50.67 -125.85
N VAL C 364 83.81 51.64 -125.79
CA VAL C 364 82.86 51.68 -124.68
C VAL C 364 81.87 50.53 -124.78
N ARG C 365 81.57 50.10 -126.00
CA ARG C 365 80.68 48.95 -126.16
C ARG C 365 81.35 47.68 -125.64
N GLN C 366 82.64 47.51 -125.90
CA GLN C 366 83.35 46.36 -125.36
C GLN C 366 83.42 46.44 -123.84
N ASP C 367 83.62 47.64 -123.31
CA ASP C 367 83.58 47.79 -121.85
C ASP C 367 82.21 47.42 -121.29
N ALA C 368 81.14 47.82 -121.99
CA ALA C 368 79.79 47.45 -121.56
C ALA C 368 79.59 45.96 -121.62
N ALA C 369 80.18 45.30 -122.62
CA ALA C 369 80.13 43.85 -122.67
C ALA C 369 80.87 43.24 -121.48
N VAL C 370 81.99 43.84 -121.08
CA VAL C 370 82.71 43.37 -119.89
C VAL C 370 81.81 43.49 -118.66
N ALA C 371 81.17 44.65 -118.50
CA ALA C 371 80.29 44.86 -117.37
C ALA C 371 79.12 43.89 -117.39
N ASP C 372 78.58 43.62 -118.58
CA ASP C 372 77.49 42.67 -118.71
C ASP C 372 77.93 41.27 -118.33
N TYR C 373 79.14 40.89 -118.74
CA TYR C 373 79.68 39.58 -118.35
C TYR C 373 79.77 39.48 -116.84
N GLU C 374 80.32 40.51 -116.19
CA GLU C 374 80.43 40.49 -114.74
C GLU C 374 79.05 40.47 -114.08
N GLY C 375 78.11 41.24 -114.60
CA GLY C 375 76.79 41.27 -114.02
C GLY C 375 76.05 39.96 -114.16
N THR C 376 76.20 39.30 -115.30
CA THR C 376 75.61 37.98 -115.48
C THR C 376 76.24 36.98 -114.54
N ILE C 377 77.56 37.05 -114.36
CA ILE C 377 78.21 36.14 -113.40
C ILE C 377 77.66 36.36 -112.00
N GLN C 378 77.54 37.63 -111.61
CA GLN C 378 77.04 37.94 -110.28
C GLN C 378 75.58 37.51 -110.11
N THR C 379 74.78 37.69 -111.16
CA THR C 379 73.39 37.24 -111.11
C THR C 379 73.31 35.73 -110.98
N ALA C 380 74.14 35.01 -111.72
CA ALA C 380 74.14 33.55 -111.61
C ALA C 380 74.58 33.11 -110.23
N PHE C 381 75.57 33.78 -109.66
CA PHE C 381 75.99 33.46 -108.30
C PHE C 381 74.86 33.72 -107.31
N ARG C 382 74.20 34.86 -107.45
CA ARG C 382 73.03 35.16 -106.64
C ARG C 382 71.98 34.07 -106.75
N GLU C 383 71.70 33.62 -107.97
CA GLU C 383 70.63 32.66 -108.18
C GLU C 383 70.99 31.30 -107.61
N VAL C 384 72.22 30.85 -107.81
CA VAL C 384 72.62 29.54 -107.26
C VAL C 384 72.67 29.60 -105.75
N ALA C 385 73.10 30.73 -105.18
CA ALA C 385 73.12 30.85 -103.72
C ALA C 385 71.70 30.85 -103.16
N ASP C 386 70.78 31.54 -103.84
CA ASP C 386 69.38 31.49 -103.43
C ASP C 386 68.84 30.07 -103.50
N ALA C 387 69.15 29.37 -104.58
CA ALA C 387 68.66 28.00 -104.72
C ALA C 387 69.21 27.10 -103.62
N LEU C 388 70.49 27.26 -103.29
CA LEU C 388 71.08 26.46 -102.23
C LEU C 388 70.41 26.76 -100.90
N ALA C 389 70.23 28.05 -100.59
CA ALA C 389 69.59 28.41 -99.32
C ALA C 389 68.19 27.86 -99.26
N ALA C 390 67.43 28.00 -100.35
CA ALA C 390 66.07 27.48 -100.38
C ALA C 390 66.06 25.98 -100.22
N THR C 391 66.94 25.26 -100.91
CA THR C 391 66.95 23.82 -100.82
C THR C 391 67.27 23.34 -99.41
N ASP C 392 68.28 23.96 -98.77
CA ASP C 392 68.64 23.55 -97.42
C ASP C 392 67.51 23.85 -96.44
N THR C 393 67.01 25.08 -96.45
CA THR C 393 65.95 25.44 -95.51
C THR C 393 64.71 24.61 -95.77
N LEU C 394 64.44 24.26 -97.02
CA LEU C 394 63.25 23.49 -97.34
C LEU C 394 63.41 22.03 -96.96
N ARG C 395 64.62 21.49 -97.04
CA ARG C 395 64.84 20.15 -96.50
C ARG C 395 64.52 20.13 -95.01
N ARG C 396 65.04 21.12 -94.26
CA ARG C 396 64.75 21.14 -92.84
C ARG C 396 63.27 21.40 -92.57
N GLU C 397 62.64 22.26 -93.37
CA GLU C 397 61.22 22.54 -93.20
C GLU C 397 60.37 21.32 -93.49
N GLU C 398 60.73 20.55 -94.52
CA GLU C 398 59.99 19.33 -94.80
C GLU C 398 60.20 18.29 -93.71
N ALA C 399 61.40 18.25 -93.13
CA ALA C 399 61.59 17.38 -91.98
C ALA C 399 60.65 17.75 -90.84
N ALA C 400 60.56 19.05 -90.56
CA ALA C 400 59.66 19.50 -89.50
C ALA C 400 58.21 19.18 -89.83
N ARG C 401 57.82 19.38 -91.08
CA ARG C 401 56.44 19.14 -91.46
C ARG C 401 56.11 17.64 -91.45
N GLN C 402 57.08 16.81 -91.79
CA GLN C 402 56.90 15.37 -91.67
C GLN C 402 56.74 14.96 -90.22
N ALA C 403 57.53 15.55 -89.32
CA ALA C 403 57.35 15.28 -87.91
C ALA C 403 55.96 15.71 -87.45
N LEU C 404 55.49 16.86 -87.93
CA LEU C 404 54.15 17.33 -87.58
C LEU C 404 53.08 16.37 -88.09
N ALA C 405 53.22 15.88 -89.32
CA ALA C 405 52.26 14.95 -89.85
C ALA C 405 52.26 13.64 -89.05
N GLY C 406 53.44 13.18 -88.66
CA GLY C 406 53.50 12.01 -87.80
C GLY C 406 52.82 12.24 -86.47
N SER C 407 52.97 13.44 -85.92
CA SER C 407 52.29 13.77 -84.68
C SER C 407 50.77 13.74 -84.84
N SER C 408 50.26 14.31 -85.92
CA SER C 408 48.81 14.27 -86.13
C SER C 408 48.35 12.84 -86.38
N GLU C 409 49.20 12.00 -86.95
CA GLU C 409 48.83 10.60 -87.15
C GLU C 409 48.81 9.84 -85.84
N ALA C 410 49.72 10.18 -84.92
CA ALA C 410 49.65 9.62 -83.58
C ALA C 410 48.38 10.05 -82.88
N ALA C 411 47.99 11.32 -83.09
CA ALA C 411 46.70 11.78 -82.60
C ALA C 411 45.56 10.95 -83.19
N MET C 412 45.68 10.58 -84.47
CA MET C 412 44.73 9.66 -85.09
C MET C 412 44.65 8.34 -84.36
N ALA C 413 45.79 7.71 -84.11
CA ALA C 413 45.78 6.44 -83.42
C ALA C 413 45.08 6.56 -82.07
N LEU C 414 45.40 7.61 -81.32
CA LEU C 414 44.82 7.76 -80.00
C LEU C 414 43.33 8.08 -80.07
N ALA C 415 42.92 9.00 -80.94
CA ALA C 415 41.52 9.37 -81.04
C ALA C 415 40.68 8.21 -81.52
N LYS C 416 41.18 7.44 -82.49
CA LYS C 416 40.46 6.26 -82.95
C LYS C 416 40.37 5.22 -81.84
N ALA C 417 41.44 5.04 -81.08
CA ALA C 417 41.37 4.09 -79.97
C ALA C 417 40.33 4.50 -78.96
N ARG C 418 40.24 5.81 -78.67
CA ARG C 418 39.22 6.29 -77.76
C ARG C 418 37.82 6.09 -78.32
N TYR C 419 37.64 6.40 -79.60
CA TYR C 419 36.31 6.29 -80.19
C TYR C 419 35.85 4.84 -80.21
N GLU C 420 36.69 3.92 -80.67
CA GLU C 420 36.31 2.51 -80.64
C GLU C 420 36.15 2.02 -79.22
N GLY C 421 36.83 2.65 -78.27
CA GLY C 421 36.65 2.30 -76.88
C GLY C 421 35.39 2.86 -76.26
N GLY C 422 34.64 3.66 -77.02
CA GLY C 422 33.40 4.19 -76.53
C GLY C 422 33.52 5.39 -75.61
N VAL C 423 34.69 6.01 -75.54
CA VAL C 423 34.89 7.16 -74.68
C VAL C 423 34.60 8.46 -75.43
N ASP C 424 35.11 8.61 -76.64
CA ASP C 424 34.87 9.78 -77.46
C ASP C 424 33.84 9.47 -78.53
N ASP C 425 32.99 10.45 -78.82
CA ASP C 425 32.01 10.25 -79.88
C ASP C 425 32.66 10.32 -81.25
N TYR C 426 31.85 10.16 -82.28
CA TYR C 426 32.36 10.24 -83.64
C TYR C 426 32.84 11.63 -84.00
N LEU C 427 32.27 12.67 -83.37
CA LEU C 427 32.66 14.03 -83.71
C LEU C 427 34.13 14.27 -83.42
N ARG C 428 34.61 13.81 -82.26
CA ARG C 428 36.02 13.99 -81.93
C ARG C 428 36.92 13.25 -82.91
N TYR C 429 36.53 12.04 -83.29
CA TYR C 429 37.33 11.28 -84.25
C TYR C 429 37.38 12.00 -85.59
N LEU C 430 36.25 12.51 -86.06
CA LEU C 430 36.22 13.20 -87.34
C LEU C 430 37.04 14.49 -87.28
N ASP C 431 36.96 15.21 -86.16
CA ASP C 431 37.76 16.41 -86.00
C ASP C 431 39.24 16.08 -86.06
N ALA C 432 39.65 14.99 -85.40
CA ALA C 432 41.04 14.57 -85.49
C ALA C 432 41.42 14.24 -86.93
N GLN C 433 40.52 13.57 -87.66
CA GLN C 433 40.80 13.25 -89.06
C GLN C 433 41.02 14.51 -89.88
N ARG C 434 40.16 15.50 -89.72
CA ARG C 434 40.33 16.75 -90.44
C ARG C 434 41.66 17.39 -90.09
N SER C 435 42.02 17.38 -88.81
CA SER C 435 43.29 17.97 -88.39
C SER C 435 44.46 17.27 -89.06
N THR C 436 44.48 15.94 -89.01
CA THR C 436 45.62 15.22 -89.57
C THR C 436 45.69 15.40 -91.08
N PHE C 437 44.55 15.58 -91.74
CA PHE C 437 44.61 15.65 -93.19
C PHE C 437 44.98 17.05 -93.63
N SER C 438 44.65 18.06 -92.83
CA SER C 438 45.20 19.39 -93.05
C SER C 438 46.72 19.39 -92.87
N ASN C 439 47.21 18.73 -91.83
CA ASN C 439 48.65 18.64 -91.66
C ASN C 439 49.30 17.93 -92.83
N GLN C 440 48.67 16.87 -93.33
CA GLN C 440 49.27 16.12 -94.42
C GLN C 440 49.29 16.95 -95.70
N THR C 441 48.25 17.74 -95.97
CA THR C 441 48.28 18.53 -97.19
C THR C 441 49.26 19.70 -97.09
N THR C 442 49.39 20.31 -95.91
CA THR C 442 50.41 21.35 -95.80
C THR C 442 51.80 20.74 -95.82
N LEU C 443 51.92 19.44 -95.56
CA LEU C 443 53.17 18.74 -95.82
C LEU C 443 53.41 18.58 -97.32
N ILE C 444 52.37 18.26 -98.08
CA ILE C 444 52.54 18.05 -99.51
C ILE C 444 52.92 19.36 -100.19
N GLN C 445 52.36 20.47 -99.72
CA GLN C 445 52.75 21.77 -100.27
C GLN C 445 54.25 22.00 -100.11
N ILE C 446 54.78 21.75 -98.92
CA ILE C 446 56.20 21.97 -98.67
C ILE C 446 57.04 21.00 -99.50
N SER C 447 56.59 19.75 -99.61
CA SER C 447 57.34 18.78 -100.41
C SER C 447 57.41 19.21 -101.86
N THR C 448 56.29 19.64 -102.43
CA THR C 448 56.27 20.11 -103.80
C THR C 448 57.16 21.33 -103.97
N GLU C 449 57.09 22.26 -103.03
CA GLU C 449 57.89 23.47 -103.14
C GLU C 449 59.37 23.15 -103.04
N ARG C 450 59.73 22.18 -102.21
CA ARG C 450 61.13 21.75 -102.11
C ARG C 450 61.59 21.09 -103.40
N GLN C 451 60.76 20.26 -104.01
CA GLN C 451 61.13 19.66 -105.28
C GLN C 451 61.33 20.73 -106.34
N ILE C 452 60.45 21.72 -106.38
CA ILE C 452 60.60 22.83 -107.32
C ILE C 452 61.90 23.58 -107.06
N ALA C 453 62.25 23.76 -105.79
CA ALA C 453 63.52 24.42 -105.46
C ALA C 453 64.70 23.60 -105.96
N LEU C 454 64.63 22.28 -105.82
CA LEU C 454 65.70 21.44 -106.35
C LEU C 454 65.82 21.60 -107.86
N VAL C 455 64.69 21.63 -108.56
CA VAL C 455 64.74 21.81 -110.00
C VAL C 455 65.34 23.16 -110.36
N ASP C 456 64.98 24.20 -109.61
CA ASP C 456 65.58 25.51 -109.87
C ASP C 456 67.08 25.50 -109.63
N LEU C 457 67.52 24.79 -108.59
CA LEU C 457 68.96 24.68 -108.34
C LEU C 457 69.67 23.98 -109.49
N PHE C 458 69.07 22.90 -110.00
CA PHE C 458 69.63 22.23 -111.17
C PHE C 458 69.70 23.15 -112.36
N ARG C 459 68.63 23.92 -112.60
CA ARG C 459 68.62 24.85 -113.73
C ARG C 459 69.71 25.89 -113.58
N SER C 460 69.88 26.44 -112.38
CA SER C 460 70.86 27.48 -112.15
C SER C 460 72.26 26.99 -112.39
N LEU C 461 72.55 25.75 -112.00
CA LEU C 461 73.88 25.18 -112.17
C LEU C 461 74.17 24.80 -113.62
N GLY C 462 73.16 24.74 -114.47
CA GLY C 462 73.36 24.31 -115.84
C GLY C 462 73.73 22.85 -115.93
N ALA D 36 -57.85 31.24 33.45
CA ALA D 36 -56.96 31.43 32.31
C ALA D 36 -55.52 31.55 32.79
N ARG D 37 -54.61 30.93 32.04
CA ARG D 37 -53.20 30.92 32.42
C ARG D 37 -52.44 31.98 31.66
N GLU D 38 -51.79 32.89 32.39
CA GLU D 38 -51.07 33.98 31.77
C GLU D 38 -49.85 33.46 31.02
N VAL D 39 -49.70 33.88 29.77
CA VAL D 39 -48.65 33.40 28.90
C VAL D 39 -47.90 34.58 28.31
N ASP D 40 -46.64 34.33 27.94
CA ASP D 40 -45.85 35.32 27.22
C ASP D 40 -46.18 35.22 25.74
N VAL D 41 -46.50 36.36 25.12
CA VAL D 41 -46.89 36.42 23.73
C VAL D 41 -45.87 37.25 22.99
N LEU D 42 -45.39 36.73 21.86
CA LEU D 42 -44.46 37.44 21.01
C LEU D 42 -45.14 37.76 19.69
N SER D 43 -45.17 39.04 19.34
CA SER D 43 -45.71 39.45 18.06
C SER D 43 -44.68 39.17 16.98
N VAL D 44 -44.99 38.24 16.08
CA VAL D 44 -44.06 37.85 15.04
C VAL D 44 -43.81 39.03 14.12
N LYS D 45 -42.53 39.29 13.84
CA LYS D 45 -42.14 40.36 12.94
C LYS D 45 -41.13 39.81 11.94
N THR D 46 -41.13 40.39 10.74
CA THR D 46 -40.20 40.01 9.69
C THR D 46 -38.94 40.86 9.80
N GLU D 47 -37.80 40.19 9.84
CA GLU D 47 -36.52 40.87 9.79
C GLU D 47 -35.61 40.15 8.81
N PRO D 48 -34.75 40.89 8.10
CA PRO D 48 -33.81 40.24 7.19
C PRO D 48 -32.87 39.32 7.96
N PHE D 49 -32.56 38.18 7.35
CA PHE D 49 -31.71 37.19 8.00
C PHE D 49 -30.99 36.39 6.92
N THR D 50 -29.66 36.42 6.98
CA THR D 50 -28.82 35.71 6.03
C THR D 50 -28.24 34.47 6.70
N VAL D 51 -28.42 33.32 6.08
CA VAL D 51 -27.85 32.08 6.59
C VAL D 51 -26.41 31.99 6.14
N PHE D 52 -25.50 31.81 7.10
CA PHE D 52 -24.08 31.76 6.81
C PHE D 52 -23.55 30.36 7.09
N ALA D 53 -22.69 29.88 6.20
CA ALA D 53 -22.08 28.56 6.34
C ALA D 53 -20.58 28.71 6.53
N GLU D 54 -20.03 27.99 7.51
CA GLU D 54 -18.60 27.94 7.75
C GLU D 54 -18.06 26.69 7.07
N LEU D 55 -17.27 26.88 6.05
CA LEU D 55 -16.78 25.77 5.27
C LEU D 55 -15.28 25.61 5.47
N PRO D 56 -14.77 24.38 5.38
CA PRO D 56 -13.35 24.16 5.57
C PRO D 56 -12.56 24.52 4.32
N GLY D 57 -11.56 25.37 4.49
CA GLY D 57 -10.82 25.87 3.35
C GLY D 57 -9.37 26.09 3.67
N ARG D 58 -8.58 26.18 2.59
CA ARG D 58 -7.15 26.36 2.69
C ARG D 58 -6.73 27.56 1.87
N ILE D 59 -5.75 28.29 2.37
CA ILE D 59 -5.23 29.46 1.69
C ILE D 59 -4.27 29.01 0.61
N GLU D 60 -4.47 29.49 -0.61
CA GLU D 60 -3.57 29.21 -1.71
C GLU D 60 -3.13 30.52 -2.33
N PRO D 61 -1.87 30.65 -2.70
CA PRO D 61 -1.41 31.87 -3.34
C PRO D 61 -1.95 32.00 -4.75
N VAL D 62 -2.17 33.25 -5.17
CA VAL D 62 -2.78 33.49 -6.47
C VAL D 62 -1.87 32.96 -7.58
N ARG D 63 -0.57 33.22 -7.50
CA ARG D 63 0.37 32.76 -8.51
C ARG D 63 1.50 32.00 -7.86
N VAL D 64 1.76 30.80 -8.36
CA VAL D 64 2.85 29.95 -7.91
C VAL D 64 3.72 29.64 -9.11
N ALA D 65 5.03 29.80 -8.95
CA ALA D 65 5.98 29.47 -10.01
C ALA D 65 6.98 28.47 -9.45
N GLU D 66 6.89 27.23 -9.91
CA GLU D 66 7.86 26.20 -9.57
C GLU D 66 9.05 26.35 -10.50
N VAL D 67 10.12 26.95 -10.00
CA VAL D 67 11.32 27.17 -10.80
C VAL D 67 12.00 25.83 -11.04
N ARG D 68 11.99 25.36 -12.28
CA ARG D 68 12.56 24.06 -12.61
C ARG D 68 13.65 24.23 -13.66
N ALA D 69 14.70 23.43 -13.51
CA ALA D 69 15.82 23.47 -14.44
C ALA D 69 15.42 22.78 -15.74
N ARG D 70 15.61 23.48 -16.85
CA ARG D 70 15.28 22.92 -18.15
C ARG D 70 16.45 22.25 -18.84
N VAL D 71 17.68 22.57 -18.45
CA VAL D 71 18.87 22.04 -19.12
C VAL D 71 19.72 21.30 -18.11
N ALA D 72 20.25 20.16 -18.53
CA ALA D 72 21.05 19.32 -17.65
C ALA D 72 22.41 19.95 -17.38
N GLY D 73 22.83 19.91 -16.13
CA GLY D 73 24.14 20.42 -15.78
C GLY D 73 24.34 20.41 -14.29
N ILE D 74 25.51 20.88 -13.89
CA ILE D 74 25.91 20.95 -12.49
C ILE D 74 25.64 22.36 -12.00
N VAL D 75 24.92 22.47 -10.89
CA VAL D 75 24.56 23.79 -10.37
C VAL D 75 25.85 24.47 -9.87
N LEU D 76 26.30 25.48 -10.60
CA LEU D 76 27.54 26.15 -10.24
C LEU D 76 27.33 27.08 -9.04
N LYS D 77 26.43 28.04 -9.17
CA LYS D 77 26.20 29.03 -8.13
C LYS D 77 24.71 29.24 -7.92
N ARG D 78 24.33 29.40 -6.66
CA ARG D 78 23.00 29.82 -6.28
C ARG D 78 23.05 31.32 -5.96
N THR D 79 22.37 32.12 -6.78
CA THR D 79 22.47 33.57 -6.63
C THR D 79 21.59 34.14 -5.54
N PHE D 80 20.37 33.61 -5.37
CA PHE D 80 19.41 34.18 -4.46
C PHE D 80 19.60 33.64 -3.05
N GLU D 81 19.18 34.42 -2.07
CA GLU D 81 19.12 33.98 -0.69
C GLU D 81 17.68 33.57 -0.38
N GLU D 82 17.54 32.49 0.37
CA GLU D 82 16.22 31.92 0.60
C GLU D 82 15.35 32.87 1.42
N GLY D 83 14.08 32.94 1.07
CA GLY D 83 13.11 33.71 1.82
C GLY D 83 12.91 35.13 1.34
N ALA D 84 13.84 35.66 0.55
CA ALA D 84 13.71 37.03 0.12
C ALA D 84 12.65 37.15 -0.95
N ASP D 85 12.19 38.38 -1.16
CA ASP D 85 11.31 38.67 -2.27
C ASP D 85 12.15 38.82 -3.53
N VAL D 86 11.67 38.28 -4.64
CA VAL D 86 12.40 38.33 -5.89
C VAL D 86 11.54 39.00 -6.95
N LYS D 87 12.20 39.77 -7.81
CA LYS D 87 11.54 40.42 -8.92
C LYS D 87 11.66 39.55 -10.17
N ALA D 88 10.80 39.82 -11.15
CA ALA D 88 10.84 39.08 -12.39
C ALA D 88 12.18 39.27 -13.07
N GLY D 89 12.76 38.18 -13.54
CA GLY D 89 14.04 38.21 -14.20
C GLY D 89 15.24 38.21 -13.28
N ASP D 90 15.04 38.16 -11.97
CA ASP D 90 16.16 38.08 -11.05
C ASP D 90 16.84 36.73 -11.19
N VAL D 91 18.16 36.75 -11.41
CA VAL D 91 18.90 35.51 -11.61
C VAL D 91 18.95 34.73 -10.31
N LEU D 92 18.53 33.47 -10.35
CA LEU D 92 18.51 32.63 -9.17
C LEU D 92 19.64 31.61 -9.15
N PHE D 93 19.73 30.79 -10.19
CA PHE D 93 20.72 29.73 -10.24
C PHE D 93 21.60 29.91 -11.47
N GLN D 94 22.77 29.27 -11.42
CA GLN D 94 23.72 29.30 -12.52
C GLN D 94 24.20 27.89 -12.79
N ILE D 95 23.65 27.26 -13.81
CA ILE D 95 24.05 25.91 -14.23
C ILE D 95 25.16 26.07 -15.26
N ASP D 96 26.16 25.20 -15.19
CA ASP D 96 27.35 25.38 -16.01
C ASP D 96 26.99 25.30 -17.48
N PRO D 97 27.30 26.31 -18.27
CA PRO D 97 26.92 26.27 -19.68
C PRO D 97 28.02 25.68 -20.53
N ALA D 98 28.48 24.48 -20.21
CA ALA D 98 29.58 23.94 -20.99
C ALA D 98 29.08 23.51 -22.36
N PRO D 99 28.03 22.68 -22.46
CA PRO D 99 27.60 22.26 -23.80
C PRO D 99 26.79 23.31 -24.52
N PHE D 100 26.02 24.10 -23.79
CA PHE D 100 25.16 25.10 -24.41
C PHE D 100 25.98 26.23 -25.00
N LYS D 101 27.07 26.63 -24.32
CA LYS D 101 27.95 27.64 -24.88
C LYS D 101 28.58 27.14 -26.17
N ALA D 102 28.97 25.86 -26.20
CA ALA D 102 29.51 25.29 -27.42
C ALA D 102 28.47 25.25 -28.53
N ALA D 103 27.23 24.92 -28.19
CA ALA D 103 26.18 24.90 -29.20
C ALA D 103 25.94 26.30 -29.78
N LEU D 104 25.94 27.31 -28.92
CA LEU D 104 25.82 28.68 -29.39
C LEU D 104 27.00 29.06 -30.28
N SER D 105 28.21 28.63 -29.91
CA SER D 105 29.37 28.93 -30.74
C SER D 105 29.25 28.28 -32.11
N ARG D 106 28.77 27.04 -32.16
CA ARG D 106 28.55 26.37 -33.43
C ARG D 106 27.52 27.12 -34.28
N ALA D 107 26.41 27.50 -33.66
CA ALA D 107 25.37 28.22 -34.40
C ALA D 107 25.90 29.56 -34.90
N GLN D 108 26.71 30.22 -34.08
CA GLN D 108 27.29 31.49 -34.50
C GLN D 108 28.24 31.29 -35.67
N GLY D 109 28.98 30.19 -35.67
CA GLY D 109 29.82 29.88 -36.82
C GLY D 109 29.00 29.70 -38.08
N GLU D 110 27.89 28.97 -37.98
CA GLU D 110 27.01 28.80 -39.13
C GLU D 110 26.46 30.15 -39.61
N LEU D 111 26.07 31.00 -38.67
CA LEU D 111 25.58 32.33 -39.03
C LEU D 111 26.68 33.15 -39.70
N ALA D 112 27.92 33.04 -39.21
CA ALA D 112 29.02 33.77 -39.82
C ALA D 112 29.23 33.32 -41.25
N ARG D 113 29.14 32.01 -41.49
CA ARG D 113 29.25 31.52 -42.87
C ARG D 113 28.13 32.07 -43.74
N ALA D 114 26.89 32.08 -43.20
CA ALA D 114 25.77 32.61 -43.97
C ALA D 114 25.96 34.08 -44.29
N GLU D 115 26.49 34.85 -43.33
CA GLU D 115 26.73 36.26 -43.57
C GLU D 115 27.83 36.48 -44.59
N ALA D 116 28.85 35.62 -44.58
CA ALA D 116 29.88 35.72 -45.62
C ALA D 116 29.29 35.47 -46.99
N GLN D 117 28.44 34.46 -47.10
CA GLN D 117 27.80 34.16 -48.38
C GLN D 117 26.91 35.32 -48.81
N LEU D 118 26.16 35.89 -47.87
CA LEU D 118 25.32 37.04 -48.19
C LEU D 118 26.17 38.22 -48.66
N PHE D 119 27.30 38.47 -48.01
CA PHE D 119 28.17 39.55 -48.42
C PHE D 119 28.65 39.34 -49.85
N GLN D 120 29.05 38.12 -50.17
CA GLN D 120 29.51 37.81 -51.51
C GLN D 120 28.40 38.04 -52.54
N ALA D 121 27.18 37.57 -52.23
CA ALA D 121 26.08 37.75 -53.15
C ALA D 121 25.72 39.21 -53.33
N GLN D 122 25.77 39.99 -52.24
CA GLN D 122 25.50 41.42 -52.34
C GLN D 122 26.52 42.08 -53.25
N ALA D 123 27.80 41.72 -53.10
CA ALA D 123 28.81 42.30 -53.98
C ALA D 123 28.55 41.93 -55.43
N MET D 124 28.19 40.66 -55.67
CA MET D 124 27.85 40.24 -57.03
C MET D 124 26.74 41.09 -57.62
N VAL D 125 25.66 41.28 -56.87
CA VAL D 125 24.52 42.01 -57.40
C VAL D 125 24.88 43.48 -57.60
N ARG D 126 25.66 44.05 -56.67
CA ARG D 126 26.05 45.44 -56.82
C ARG D 126 26.91 45.65 -58.06
N ARG D 127 27.76 44.68 -58.38
CA ARG D 127 28.57 44.84 -59.59
C ARG D 127 27.74 44.59 -60.84
N TYR D 128 26.81 43.65 -60.78
CA TYR D 128 26.03 43.31 -61.97
C TYR D 128 24.98 44.35 -62.29
N GLU D 129 24.47 45.07 -61.29
CA GLU D 129 23.37 46.00 -61.52
C GLU D 129 23.70 47.10 -62.51
N PRO D 130 24.84 47.79 -62.42
CA PRO D 130 25.14 48.78 -63.47
C PRO D 130 25.50 48.14 -64.79
N LEU D 131 26.03 46.91 -64.76
CA LEU D 131 26.45 46.28 -66.01
C LEU D 131 25.26 45.78 -66.81
N VAL D 132 24.24 45.25 -66.14
CA VAL D 132 23.12 44.68 -66.89
C VAL D 132 22.34 45.77 -67.62
N LYS D 133 22.38 47.00 -67.12
CA LYS D 133 21.68 48.08 -67.80
C LYS D 133 22.31 48.40 -69.15
N ILE D 134 23.63 48.29 -69.25
CA ILE D 134 24.31 48.43 -70.54
C ILE D 134 24.53 47.09 -71.21
N ASP D 135 23.86 46.04 -70.73
CA ASP D 135 23.93 44.71 -71.32
C ASP D 135 25.34 44.15 -71.31
N ALA D 136 26.16 44.57 -70.34
CA ALA D 136 27.48 43.99 -70.20
C ALA D 136 27.44 42.58 -69.63
N VAL D 137 26.34 42.20 -68.99
CA VAL D 137 26.11 40.84 -68.53
C VAL D 137 24.71 40.43 -68.97
N SER D 138 24.54 39.14 -69.22
CA SER D 138 23.27 38.66 -69.72
C SER D 138 22.19 38.83 -68.66
N GLN D 139 20.96 39.09 -69.14
CA GLN D 139 19.84 39.19 -68.22
C GLN D 139 19.67 37.92 -67.40
N GLN D 140 19.99 36.77 -68.00
CA GLN D 140 19.98 35.51 -67.27
C GLN D 140 20.96 35.55 -66.11
N ASP D 141 22.17 36.04 -66.35
CA ASP D 141 23.17 36.10 -65.29
C ASP D 141 22.73 37.04 -64.18
N PHE D 142 22.13 38.17 -64.54
CA PHE D 142 21.68 39.08 -63.50
C PHE D 142 20.56 38.48 -62.68
N ASP D 143 19.63 37.78 -63.33
CA ASP D 143 18.57 37.13 -62.56
C ASP D 143 19.13 36.02 -61.68
N ASN D 144 20.14 35.30 -62.15
CA ASN D 144 20.79 34.31 -61.31
C ASN D 144 21.46 34.97 -60.11
N ALA D 145 22.12 36.11 -60.33
CA ALA D 145 22.74 36.81 -59.22
C ALA D 145 21.71 37.29 -58.22
N MET D 146 20.57 37.80 -58.70
CA MET D 146 19.52 38.24 -57.80
C MET D 146 18.94 37.06 -57.02
N ALA D 147 18.76 35.93 -57.68
CA ALA D 147 18.28 34.74 -56.98
C ALA D 147 19.28 34.29 -55.93
N ALA D 148 20.57 34.34 -56.24
CA ALA D 148 21.58 34.00 -55.26
C ALA D 148 21.53 34.95 -54.08
N LEU D 149 21.33 36.25 -54.34
CA LEU D 149 21.25 37.20 -53.25
C LEU D 149 20.06 36.93 -52.36
N GLN D 150 18.90 36.69 -52.95
CA GLN D 150 17.70 36.42 -52.14
C GLN D 150 17.85 35.11 -51.37
N SER D 151 18.44 34.10 -52.00
CA SER D 151 18.68 32.85 -51.30
C SER D 151 19.66 33.02 -50.15
N ALA D 152 20.69 33.86 -50.34
CA ALA D 152 21.63 34.12 -49.26
C ALA D 152 20.97 34.88 -48.12
N GLN D 153 20.08 35.83 -48.44
CA GLN D 153 19.33 36.51 -47.39
C GLN D 153 18.47 35.53 -46.62
N ALA D 154 17.84 34.60 -47.34
CA ALA D 154 17.02 33.59 -46.66
C ALA D 154 17.86 32.69 -45.77
N ASP D 155 19.04 32.30 -46.25
CA ASP D 155 19.92 31.47 -45.43
C ASP D 155 20.40 32.24 -44.21
N LYS D 156 20.67 33.53 -44.35
CA LYS D 156 21.08 34.31 -43.19
C LYS D 156 19.95 34.41 -42.19
N ARG D 157 18.71 34.58 -42.65
CA ARG D 157 17.58 34.58 -41.73
C ARG D 157 17.44 33.25 -41.02
N SER D 158 17.62 32.15 -41.76
CA SER D 158 17.55 30.83 -41.15
C SER D 158 18.64 30.64 -40.11
N ALA D 159 19.86 31.09 -40.41
CA ALA D 159 20.95 30.97 -39.46
C ALA D 159 20.73 31.85 -38.25
N GLN D 160 20.14 33.03 -38.44
CA GLN D 160 19.79 33.87 -37.31
C GLN D 160 18.78 33.18 -36.42
N ALA D 161 17.80 32.50 -37.03
CA ALA D 161 16.85 31.74 -36.24
C ALA D 161 17.54 30.63 -35.45
N ASN D 162 18.48 29.94 -36.08
CA ASN D 162 19.20 28.88 -35.37
C ASN D 162 20.03 29.43 -34.21
N VAL D 163 20.68 30.57 -34.43
CA VAL D 163 21.43 31.22 -33.37
C VAL D 163 20.50 31.64 -32.25
N GLU D 164 19.31 32.13 -32.59
CA GLU D 164 18.35 32.50 -31.56
C GLU D 164 17.91 31.29 -30.76
N THR D 165 17.70 30.16 -31.44
CA THR D 165 17.34 28.93 -30.73
C THR D 165 18.44 28.53 -29.75
N ALA D 166 19.69 28.54 -30.22
CA ALA D 166 20.79 28.19 -29.34
C ALA D 166 20.93 29.17 -28.19
N ARG D 167 20.68 30.46 -28.46
CA ARG D 167 20.81 31.46 -27.42
C ARG D 167 19.74 31.30 -26.36
N LEU D 168 18.51 30.98 -26.76
CA LEU D 168 17.46 30.71 -25.78
C LEU D 168 17.81 29.48 -24.95
N ASP D 169 18.32 28.44 -25.61
CA ASP D 169 18.69 27.23 -24.88
C ASP D 169 19.80 27.51 -23.87
N LEU D 170 20.78 28.33 -24.25
CA LEU D 170 21.81 28.74 -23.31
C LEU D 170 21.24 29.58 -22.17
N GLY D 171 20.33 30.50 -22.49
CA GLY D 171 19.70 31.29 -21.46
C GLY D 171 18.87 30.48 -20.50
N TYR D 172 18.46 29.29 -20.91
CA TYR D 172 17.78 28.40 -19.98
C TYR D 172 18.67 27.95 -18.86
N ALA D 173 19.98 28.15 -18.99
CA ALA D 173 20.94 27.77 -17.97
C ALA D 173 21.10 28.81 -16.89
N GLU D 174 20.87 30.08 -17.18
CA GLU D 174 20.81 31.12 -16.15
C GLU D 174 19.38 31.20 -15.68
N VAL D 175 19.03 30.33 -14.73
CA VAL D 175 17.64 30.23 -14.29
C VAL D 175 17.24 31.53 -13.64
N ARG D 176 16.12 32.09 -14.10
CA ARG D 176 15.64 33.38 -13.62
C ARG D 176 14.26 33.22 -13.02
N ALA D 177 13.91 34.12 -12.13
CA ALA D 177 12.60 34.08 -11.52
C ALA D 177 11.55 34.45 -12.55
N PRO D 178 10.61 33.57 -12.87
CA PRO D 178 9.59 33.93 -13.87
C PRO D 178 8.60 34.96 -13.35
N ILE D 179 8.29 34.94 -12.06
CA ILE D 179 7.31 35.85 -11.48
C ILE D 179 7.90 36.50 -10.24
N ALA D 180 7.21 37.54 -9.78
CA ALA D 180 7.61 38.25 -8.57
C ALA D 180 6.83 37.72 -7.38
N GLY D 181 7.55 37.46 -6.29
CA GLY D 181 6.94 36.94 -5.09
C GLY D 181 8.00 36.49 -4.11
N ARG D 182 7.56 35.71 -3.13
CA ARG D 182 8.45 35.23 -2.09
C ARG D 182 9.01 33.87 -2.47
N ILE D 183 10.31 33.79 -2.56
CA ILE D 183 10.98 32.54 -2.89
C ILE D 183 11.21 31.76 -1.60
N GLY D 184 11.25 30.44 -1.71
CA GLY D 184 11.38 29.58 -0.56
C GLY D 184 12.79 29.06 -0.39
N ARG D 185 12.87 27.85 0.13
CA ARG D 185 14.15 27.17 0.25
C ARG D 185 14.68 26.82 -1.14
N ALA D 186 16.00 26.67 -1.23
CA ALA D 186 16.61 26.14 -2.44
C ALA D 186 16.55 24.62 -2.41
N GLN D 187 15.75 24.03 -3.31
CA GLN D 187 15.58 22.59 -3.31
C GLN D 187 16.85 21.85 -3.67
N VAL D 188 17.82 22.51 -4.29
CA VAL D 188 19.13 21.94 -4.56
C VAL D 188 20.20 22.93 -4.14
N THR D 189 21.38 22.41 -3.89
CA THR D 189 22.54 23.21 -3.52
C THR D 189 23.58 23.15 -4.62
N GLU D 190 24.57 24.01 -4.51
CA GLU D 190 25.63 24.07 -5.52
C GLU D 190 26.34 22.72 -5.61
N GLY D 191 26.60 22.30 -6.85
CA GLY D 191 27.25 21.03 -7.10
C GLY D 191 26.30 19.90 -7.42
N ALA D 192 25.00 20.09 -7.24
CA ALA D 192 24.05 19.04 -7.55
C ALA D 192 23.80 18.98 -9.04
N LEU D 193 23.69 17.76 -9.55
CA LEU D 193 23.35 17.56 -10.96
C LEU D 193 21.84 17.69 -11.13
N VAL D 194 21.43 18.62 -11.97
CA VAL D 194 20.02 18.87 -12.22
C VAL D 194 19.77 18.81 -13.71
N GLY D 195 18.51 18.61 -14.07
CA GLY D 195 18.09 18.67 -15.46
C GLY D 195 18.22 17.39 -16.25
N GLN D 196 18.78 16.34 -15.68
CA GLN D 196 18.93 15.07 -16.37
C GLN D 196 17.70 14.20 -16.09
N GLY D 197 17.10 13.66 -17.15
CA GLY D 197 15.95 12.81 -17.00
C GLY D 197 14.65 13.57 -16.85
N GLU D 198 14.57 14.37 -15.79
CA GLU D 198 13.37 15.14 -15.48
C GLU D 198 13.73 16.59 -15.21
N ALA D 199 12.73 17.46 -15.32
CA ALA D 199 12.91 18.85 -14.94
C ALA D 199 13.03 18.92 -13.43
N THR D 200 14.26 19.04 -12.94
CA THR D 200 14.50 19.09 -11.50
C THR D 200 13.86 20.33 -10.91
N LEU D 201 13.21 20.18 -9.77
CA LEU D 201 12.67 21.34 -9.07
C LEU D 201 13.80 22.05 -8.35
N LEU D 202 14.00 23.33 -8.67
CA LEU D 202 15.07 24.12 -8.07
C LEU D 202 14.60 24.95 -6.90
N ALA D 203 13.54 25.73 -7.08
CA ALA D 203 13.00 26.56 -6.02
C ALA D 203 11.56 26.89 -6.37
N ARG D 204 10.83 27.42 -5.40
CA ARG D 204 9.43 27.76 -5.57
C ARG D 204 9.22 29.21 -5.23
N ILE D 205 8.40 29.88 -6.04
CA ILE D 205 8.04 31.28 -5.82
C ILE D 205 6.53 31.36 -5.68
N GLN D 206 6.06 32.13 -4.70
CA GLN D 206 4.65 32.33 -4.45
C GLN D 206 4.36 33.82 -4.35
N GLN D 207 3.17 34.20 -4.76
CA GLN D 207 2.69 35.56 -4.57
C GLN D 207 1.84 35.59 -3.31
N LEU D 208 2.19 36.47 -2.38
CA LEU D 208 1.56 36.51 -1.07
C LEU D 208 0.44 37.53 -0.96
N ASP D 209 0.13 38.26 -2.03
CA ASP D 209 -0.93 39.26 -1.95
C ASP D 209 -1.50 39.47 -3.34
N PRO D 210 -2.79 39.23 -3.55
CA PRO D 210 -3.74 38.67 -2.60
C PRO D 210 -3.60 37.17 -2.58
N VAL D 211 -4.33 36.45 -1.73
CA VAL D 211 -4.25 35.01 -1.69
C VAL D 211 -5.62 34.44 -2.01
N TYR D 212 -5.63 33.21 -2.49
CA TYR D 212 -6.87 32.49 -2.72
C TYR D 212 -7.22 31.69 -1.47
N ALA D 213 -8.49 31.35 -1.35
CA ALA D 213 -8.96 30.43 -0.32
C ALA D 213 -9.87 29.41 -0.99
N ASP D 214 -9.32 28.28 -1.37
CA ASP D 214 -10.07 27.24 -2.06
C ASP D 214 -10.79 26.39 -1.03
N PHE D 215 -11.99 26.81 -0.64
CA PHE D 215 -12.79 26.07 0.29
C PHE D 215 -13.74 25.17 -0.47
N THR D 216 -14.47 24.33 0.26
CA THR D 216 -15.25 23.29 -0.37
C THR D 216 -16.58 23.12 0.36
N GLN D 217 -17.62 22.78 -0.39
CA GLN D 217 -18.98 22.67 0.11
C GLN D 217 -19.61 21.35 -0.33
N PRO D 218 -20.39 20.72 0.53
CA PRO D 218 -21.12 19.51 0.09
C PRO D 218 -22.04 19.84 -1.06
N ALA D 219 -22.20 18.87 -1.97
CA ALA D 219 -23.02 19.09 -3.14
C ALA D 219 -24.49 19.32 -2.77
N ALA D 220 -25.00 18.53 -1.82
CA ALA D 220 -26.42 18.60 -1.48
C ALA D 220 -26.80 19.97 -0.93
N ASP D 221 -25.94 20.56 -0.10
CA ASP D 221 -26.20 21.91 0.39
C ASP D 221 -26.30 22.89 -0.76
N ALA D 222 -25.39 22.79 -1.73
CA ALA D 222 -25.43 23.68 -2.88
C ALA D 222 -26.72 23.48 -3.67
N LEU D 223 -27.13 22.23 -3.87
CA LEU D 223 -28.34 21.98 -4.65
C LEU D 223 -29.58 22.51 -3.92
N ARG D 224 -29.64 22.32 -2.61
CA ARG D 224 -30.76 22.87 -1.83
C ARG D 224 -30.78 24.38 -1.94
N LEU D 225 -29.62 25.02 -1.82
CA LEU D 225 -29.57 26.47 -1.94
C LEU D 225 -30.05 26.92 -3.31
N ARG D 226 -29.59 26.26 -4.36
CA ARG D 226 -30.00 26.64 -5.70
C ARG D 226 -31.50 26.46 -5.91
N ALA D 227 -32.05 25.35 -5.43
CA ALA D 227 -33.48 25.12 -5.58
C ALA D 227 -34.29 26.16 -4.80
N ALA D 228 -33.85 26.49 -3.59
CA ALA D 228 -34.54 27.52 -2.82
C ALA D 228 -34.47 28.87 -3.52
N ILE D 229 -33.33 29.18 -4.12
CA ILE D 229 -33.21 30.44 -4.85
C ILE D 229 -34.15 30.46 -6.05
N ALA D 230 -34.17 29.36 -6.81
CA ALA D 230 -35.04 29.29 -7.97
C ALA D 230 -36.51 29.29 -7.57
N GLU D 231 -36.85 28.52 -6.54
CA GLU D 231 -38.24 28.48 -6.07
C GLU D 231 -38.64 29.76 -5.35
N GLY D 232 -37.67 30.54 -4.86
CA GLY D 232 -37.93 31.89 -4.43
C GLY D 232 -38.00 32.13 -2.95
N LYS D 233 -37.76 31.12 -2.11
CA LYS D 233 -37.75 31.35 -0.67
C LYS D 233 -36.62 32.29 -0.27
N VAL D 234 -35.42 32.07 -0.79
CA VAL D 234 -34.24 32.83 -0.38
C VAL D 234 -33.59 33.42 -1.61
N ALA D 235 -33.30 34.72 -1.55
CA ALA D 235 -32.57 35.40 -2.61
C ALA D 235 -31.08 35.18 -2.43
N GLY D 236 -30.36 35.05 -3.54
CA GLY D 236 -28.96 34.70 -3.47
C GLY D 236 -28.13 35.78 -2.79
N ALA D 237 -27.06 35.36 -2.14
CA ALA D 237 -26.16 36.26 -1.43
C ALA D 237 -24.74 36.21 -1.99
N SER D 238 -24.64 36.24 -3.32
CA SER D 238 -23.33 36.22 -3.95
C SER D 238 -22.54 37.49 -3.67
N ASP D 239 -23.21 38.65 -3.65
CA ASP D 239 -22.53 39.91 -3.44
C ASP D 239 -21.99 40.08 -2.02
N GLN D 240 -22.53 39.35 -1.06
CA GLN D 240 -22.04 39.46 0.30
C GLN D 240 -20.62 38.92 0.40
N PRO D 241 -19.72 39.61 1.08
CA PRO D 241 -18.32 39.18 1.10
C PRO D 241 -18.10 38.02 2.05
N LEU D 242 -17.26 37.09 1.64
CA LEU D 242 -16.84 36.02 2.53
C LEU D 242 -15.98 36.58 3.65
N SER D 243 -16.19 36.07 4.85
CA SER D 243 -15.39 36.44 6.00
C SER D 243 -14.45 35.28 6.31
N LEU D 244 -13.17 35.61 6.47
CA LEU D 244 -12.13 34.62 6.73
C LEU D 244 -11.79 34.64 8.21
N ARG D 245 -11.61 33.46 8.79
CA ARG D 245 -11.17 33.33 10.17
C ARG D 245 -10.09 32.27 10.25
N VAL D 246 -8.94 32.64 10.80
CA VAL D 246 -7.81 31.72 10.90
C VAL D 246 -7.93 30.94 12.20
N ASP D 247 -7.70 29.64 12.12
CA ASP D 247 -7.86 28.77 13.28
C ASP D 247 -6.88 29.13 14.39
N GLY D 248 -7.38 29.17 15.62
CA GLY D 248 -6.56 29.45 16.77
C GLY D 248 -6.22 30.91 16.98
N THR D 249 -6.64 31.78 16.07
CA THR D 249 -6.31 33.20 16.15
C THR D 249 -7.58 34.02 15.95
N ASP D 250 -7.52 35.26 16.39
CA ASP D 250 -8.60 36.22 16.19
C ASP D 250 -8.48 36.94 14.87
N ILE D 251 -7.53 36.52 14.03
CA ILE D 251 -7.28 37.20 12.76
C ILE D 251 -8.46 36.96 11.84
N GLU D 252 -9.18 38.03 11.50
CA GLU D 252 -10.30 37.98 10.59
C GLU D 252 -9.95 38.75 9.32
N ARG D 253 -10.39 38.23 8.18
CA ARG D 253 -10.18 38.88 6.90
C ARG D 253 -11.45 38.75 6.07
N LYS D 254 -11.62 39.68 5.12
CA LYS D 254 -12.73 39.63 4.20
C LYS D 254 -12.23 39.36 2.79
N GLY D 255 -13.06 38.69 2.00
CA GLY D 255 -12.72 38.38 0.63
C GLY D 255 -13.98 38.28 -0.20
N THR D 256 -13.82 37.91 -1.45
CA THR D 256 -14.94 37.74 -2.36
C THR D 256 -14.87 36.37 -3.01
N LEU D 257 -16.05 35.78 -3.23
CA LEU D 257 -16.13 34.51 -3.94
C LEU D 257 -15.95 34.76 -5.43
N LEU D 258 -15.05 33.99 -6.04
CA LEU D 258 -14.71 34.17 -7.44
C LEU D 258 -15.38 33.13 -8.33
N PHE D 259 -15.33 31.87 -7.92
CA PHE D 259 -15.61 30.75 -8.80
C PHE D 259 -16.29 29.65 -8.01
N THR D 260 -17.34 29.08 -8.59
CA THR D 260 -18.04 27.94 -8.00
C THR D 260 -17.98 26.78 -8.98
N ASP D 261 -17.22 25.74 -8.62
CA ASP D 261 -16.99 24.64 -9.54
C ASP D 261 -18.31 23.92 -9.77
N ILE D 262 -18.46 23.36 -10.97
CA ILE D 262 -19.68 22.64 -11.31
C ILE D 262 -19.55 21.14 -11.12
N SER D 263 -18.34 20.61 -11.03
CA SER D 263 -18.16 19.17 -10.92
C SER D 263 -17.99 18.77 -9.47
N VAL D 264 -18.91 17.95 -9.00
CA VAL D 264 -18.87 17.43 -7.64
C VAL D 264 -17.72 16.45 -7.52
N ASP D 265 -16.92 16.59 -6.48
CA ASP D 265 -15.86 15.62 -6.22
C ASP D 265 -16.47 14.23 -6.08
N ARG D 266 -15.89 13.26 -6.78
CA ARG D 266 -16.44 11.91 -6.74
C ARG D 266 -16.21 11.24 -5.39
N SER D 267 -15.05 11.47 -4.77
CA SER D 267 -14.75 10.78 -3.52
C SER D 267 -15.51 11.38 -2.34
N THR D 268 -15.57 12.70 -2.24
CA THR D 268 -16.16 13.35 -1.09
C THR D 268 -17.54 13.93 -1.34
N GLY D 269 -18.04 13.87 -2.57
CA GLY D 269 -19.35 14.42 -2.85
C GLY D 269 -19.47 15.89 -2.55
N GLN D 270 -18.45 16.67 -2.90
CA GLN D 270 -18.44 18.10 -2.64
C GLN D 270 -18.08 18.85 -3.90
N ILE D 271 -18.45 20.13 -3.92
CA ILE D 271 -18.07 21.06 -4.98
C ILE D 271 -17.04 22.02 -4.41
N ALA D 272 -16.11 22.46 -5.24
CA ALA D 272 -15.05 23.35 -4.81
C ALA D 272 -15.41 24.79 -5.15
N LEU D 273 -15.03 25.71 -4.27
CA LEU D 273 -15.21 27.13 -4.49
C LEU D 273 -13.90 27.83 -4.22
N ARG D 274 -13.68 28.96 -4.88
CA ARG D 274 -12.44 29.69 -4.76
C ARG D 274 -12.74 31.13 -4.37
N GLY D 275 -12.11 31.59 -3.29
CA GLY D 275 -12.27 32.96 -2.87
C GLY D 275 -10.96 33.71 -2.77
N GLN D 276 -10.94 34.95 -3.24
CA GLN D 276 -9.74 35.76 -3.26
C GLN D 276 -9.74 36.71 -2.07
N PHE D 277 -8.66 36.69 -1.29
CA PHE D 277 -8.57 37.46 -0.07
C PHE D 277 -7.35 38.35 -0.12
N ASP D 278 -7.54 39.62 0.23
CA ASP D 278 -6.42 40.55 0.35
C ASP D 278 -5.53 40.16 1.51
N ASN D 279 -4.22 40.26 1.31
CA ASN D 279 -3.25 39.92 2.33
C ASN D 279 -2.16 40.99 2.35
N PRO D 280 -2.51 42.21 2.76
CA PRO D 280 -1.51 43.29 2.70
C PRO D 280 -0.40 43.13 3.72
N GLU D 281 -0.69 42.57 4.89
CA GLU D 281 0.33 42.36 5.90
C GLU D 281 1.06 41.04 5.75
N GLY D 282 0.60 40.17 4.86
CA GLY D 282 1.20 38.86 4.75
C GLY D 282 0.82 37.90 5.85
N VAL D 283 -0.26 38.19 6.58
CA VAL D 283 -0.67 37.31 7.66
C VAL D 283 -1.21 36.00 7.12
N LEU D 284 -2.04 36.06 6.08
CA LEU D 284 -2.64 34.86 5.51
C LEU D 284 -1.54 34.03 4.85
N LEU D 285 -1.35 32.82 5.33
CA LEU D 285 -0.23 32.06 4.77
C LEU D 285 -0.75 30.97 3.85
N PRO D 286 -0.02 30.68 2.77
CA PRO D 286 -0.45 29.60 1.88
C PRO D 286 -0.51 28.27 2.64
N GLY D 287 -1.52 27.48 2.30
CA GLY D 287 -1.69 26.17 2.88
C GLY D 287 -2.38 26.14 4.22
N MET D 288 -2.51 27.29 4.90
CA MET D 288 -3.09 27.31 6.24
C MET D 288 -4.54 26.86 6.18
N TYR D 289 -4.96 26.08 7.16
CA TYR D 289 -6.37 25.73 7.25
C TYR D 289 -7.13 26.92 7.81
N VAL D 290 -8.25 27.27 7.19
CA VAL D 290 -9.01 28.43 7.59
C VAL D 290 -10.50 28.09 7.53
N ARG D 291 -11.30 28.96 8.12
CA ARG D 291 -12.75 28.86 8.04
C ARG D 291 -13.30 30.06 7.31
N VAL D 292 -14.22 29.82 6.39
CA VAL D 292 -14.80 30.87 5.55
C VAL D 292 -16.29 30.91 5.82
N ARG D 293 -16.80 32.08 6.20
CA ARG D 293 -18.24 32.22 6.40
C ARG D 293 -18.88 32.65 5.09
N THR D 294 -19.34 31.67 4.32
CA THR D 294 -20.00 31.96 3.07
C THR D 294 -21.49 32.19 3.31
N PRO D 295 -22.04 33.30 2.83
CA PRO D 295 -23.49 33.49 2.93
C PRO D 295 -24.21 32.46 2.08
N GLN D 296 -25.33 31.95 2.62
CA GLN D 296 -26.18 31.03 1.90
C GLN D 296 -27.52 31.64 1.50
N GLY D 297 -27.52 32.87 1.03
CA GLY D 297 -28.73 33.51 0.58
C GLY D 297 -29.34 34.38 1.65
N LEU D 298 -30.13 35.35 1.20
CA LEU D 298 -30.72 36.35 2.07
C LEU D 298 -32.23 36.16 2.08
N ASN D 299 -32.81 36.22 3.27
CA ASN D 299 -34.26 36.21 3.41
C ASN D 299 -34.75 37.57 3.87
N GLN D 300 -35.51 38.24 3.03
CA GLN D 300 -36.03 39.57 3.36
C GLN D 300 -37.07 39.54 4.48
N ASN D 301 -37.84 38.47 4.58
CA ASN D 301 -38.95 38.38 5.53
C ASN D 301 -38.76 37.17 6.43
N ALA D 302 -37.56 37.01 6.96
CA ALA D 302 -37.28 35.88 7.84
C ALA D 302 -38.12 36.00 9.10
N ILE D 303 -38.70 34.89 9.53
CA ILE D 303 -39.46 34.83 10.76
C ILE D 303 -38.69 33.98 11.76
N LEU D 304 -38.34 34.57 12.89
CA LEU D 304 -37.63 33.88 13.95
C LEU D 304 -38.48 33.91 15.21
N VAL D 305 -38.64 32.75 15.84
CA VAL D 305 -39.46 32.67 17.04
C VAL D 305 -38.63 32.02 18.14
N PRO D 306 -38.98 32.19 19.41
CA PRO D 306 -38.26 31.49 20.46
C PRO D 306 -38.33 29.99 20.24
N GLN D 307 -37.20 29.32 20.48
CA GLN D 307 -37.07 27.94 20.06
C GLN D 307 -37.98 27.02 20.85
N ARG D 308 -38.27 27.37 22.09
CA ARG D 308 -39.16 26.59 22.93
C ARG D 308 -40.60 26.66 22.48
N ALA D 309 -40.93 27.56 21.55
CA ALA D 309 -42.29 27.77 21.10
C ALA D 309 -42.66 26.94 19.90
N VAL D 310 -41.94 25.85 19.63
CA VAL D 310 -42.22 24.95 18.50
C VAL D 310 -42.57 23.58 19.06
N GLN D 311 -43.69 23.04 18.60
CA GLN D 311 -44.09 21.68 18.93
C GLN D 311 -43.93 20.79 17.70
N ARG D 312 -43.78 19.49 17.93
CA ARG D 312 -43.70 18.53 16.84
C ARG D 312 -44.65 17.39 17.10
N SER D 313 -45.38 16.98 16.06
CA SER D 313 -46.36 15.93 16.17
C SER D 313 -45.72 14.57 15.93
N ALA D 314 -46.53 13.51 16.03
CA ALA D 314 -46.01 12.16 15.89
C ALA D 314 -45.47 11.90 14.50
N ASP D 315 -45.94 12.65 13.51
CA ASP D 315 -45.50 12.49 12.14
C ASP D 315 -44.25 13.29 11.82
N GLY D 316 -43.76 14.09 12.76
CA GLY D 316 -42.67 15.00 12.50
C GLY D 316 -43.09 16.37 12.01
N GLN D 317 -44.37 16.60 11.79
CA GLN D 317 -44.82 17.92 11.36
C GLN D 317 -44.83 18.89 12.53
N ALA D 318 -44.12 19.99 12.36
CA ALA D 318 -44.01 21.00 13.41
C ALA D 318 -45.23 21.91 13.39
N SER D 319 -45.63 22.36 14.57
CA SER D 319 -46.80 23.22 14.71
C SER D 319 -46.55 24.23 15.80
N VAL D 320 -47.33 25.31 15.77
CA VAL D 320 -47.14 26.43 16.69
C VAL D 320 -48.49 26.87 17.23
N MET D 321 -48.53 27.15 18.53
CA MET D 321 -49.73 27.66 19.18
C MET D 321 -49.81 29.16 18.90
N LEU D 322 -50.96 29.61 18.43
CA LEU D 322 -51.16 31.02 18.11
C LEU D 322 -52.34 31.59 18.88
N LEU D 323 -52.21 32.86 19.23
CA LEU D 323 -53.24 33.58 19.97
C LEU D 323 -54.22 34.17 18.96
N GLY D 324 -55.33 33.48 18.75
CA GLY D 324 -56.31 33.89 17.78
C GLY D 324 -57.24 34.96 18.33
N GLU D 325 -58.27 35.27 17.53
CA GLU D 325 -59.28 36.22 17.95
C GLU D 325 -60.03 35.68 19.16
N GLY D 326 -60.40 36.58 20.06
CA GLY D 326 -61.06 36.15 21.27
C GLY D 326 -60.14 35.43 22.24
N ASP D 327 -58.83 35.66 22.14
CA ASP D 327 -57.85 35.08 23.06
C ASP D 327 -57.95 33.56 23.10
N THR D 328 -58.17 32.96 21.93
CA THR D 328 -58.27 31.52 21.80
C THR D 328 -57.00 30.97 21.14
N VAL D 329 -56.50 29.86 21.67
CA VAL D 329 -55.26 29.28 21.19
C VAL D 329 -55.56 28.45 19.95
N GLU D 330 -54.91 28.79 18.85
CA GLU D 330 -55.04 28.10 17.58
C GLU D 330 -53.77 27.34 17.28
N VAL D 331 -53.91 26.21 16.59
CA VAL D 331 -52.76 25.42 16.17
C VAL D 331 -52.52 25.72 14.71
N ARG D 332 -51.41 26.38 14.40
CA ARG D 332 -51.01 26.59 13.01
C ARG D 332 -49.78 25.75 12.75
N GLN D 333 -49.89 24.85 11.78
CA GLN D 333 -48.75 24.02 11.41
C GLN D 333 -47.67 24.90 10.80
N VAL D 334 -46.42 24.46 10.96
CA VAL D 334 -45.27 25.24 10.53
C VAL D 334 -44.18 24.29 10.05
N THR D 335 -43.42 24.74 9.06
CA THR D 335 -42.21 24.07 8.63
C THR D 335 -41.03 24.89 9.12
N THR D 336 -40.14 24.23 9.85
CA THR D 336 -39.04 24.91 10.52
C THR D 336 -37.79 24.85 9.66
N GLY D 337 -37.01 25.92 9.69
CA GLY D 337 -35.80 25.96 8.90
C GLY D 337 -34.56 25.63 9.70
N ALA D 338 -33.63 26.56 9.80
CA ALA D 338 -32.38 26.33 10.49
C ALA D 338 -32.49 26.83 11.93
N MET D 339 -31.41 26.62 12.69
CA MET D 339 -31.36 26.97 14.09
C MET D 339 -30.32 28.05 14.29
N GLN D 340 -30.75 29.22 14.75
CA GLN D 340 -29.85 30.35 14.99
C GLN D 340 -29.98 30.73 16.46
N GLY D 341 -28.91 30.55 17.21
CA GLY D 341 -28.93 30.93 18.61
C GLY D 341 -30.04 30.20 19.32
N SER D 342 -30.89 30.95 20.04
CA SER D 342 -32.01 30.39 20.76
C SER D 342 -33.32 30.56 20.01
N ARG D 343 -33.26 30.63 18.68
CA ARG D 343 -34.44 30.80 17.85
C ARG D 343 -34.35 29.90 16.63
N TRP D 344 -35.52 29.44 16.19
CA TRP D 344 -35.63 28.64 14.98
C TRP D 344 -36.03 29.56 13.83
N GLN D 345 -35.46 29.34 12.66
CA GLN D 345 -35.91 30.04 11.47
C GLN D 345 -37.15 29.34 10.92
N ILE D 346 -38.22 30.09 10.72
CA ILE D 346 -39.48 29.55 10.24
C ILE D 346 -39.60 29.89 8.76
N SER D 347 -39.90 28.89 7.95
CA SER D 347 -39.95 29.11 6.51
C SER D 347 -41.37 29.37 6.02
N GLU D 348 -42.35 28.56 6.43
CA GLU D 348 -43.74 28.85 6.11
C GLU D 348 -44.61 28.54 7.31
N GLY D 349 -45.84 29.00 7.24
CA GLY D 349 -46.78 28.81 8.33
C GLY D 349 -46.88 29.98 9.28
N LEU D 350 -46.15 31.07 9.03
CA LEU D 350 -46.23 32.25 9.87
C LEU D 350 -46.26 33.48 8.99
N GLN D 351 -46.96 34.50 9.45
CA GLN D 351 -47.05 35.78 8.77
C GLN D 351 -46.73 36.88 9.77
N ALA D 352 -46.27 38.01 9.25
CA ALA D 352 -45.90 39.12 10.12
C ALA D 352 -47.10 39.56 10.95
N GLY D 353 -46.85 39.81 12.23
CA GLY D 353 -47.90 40.23 13.13
C GLY D 353 -48.62 39.10 13.84
N ASP D 354 -48.29 37.85 13.55
CA ASP D 354 -48.92 36.74 14.25
C ASP D 354 -48.50 36.73 15.71
N LYS D 355 -49.47 36.56 16.60
CA LYS D 355 -49.24 36.61 18.03
C LYS D 355 -48.93 35.19 18.50
N VAL D 356 -47.66 34.86 18.56
CA VAL D 356 -47.23 33.52 18.97
C VAL D 356 -47.10 33.48 20.49
N ILE D 357 -47.38 32.31 21.05
CA ILE D 357 -47.28 32.09 22.49
C ILE D 357 -45.95 31.40 22.75
N THR D 358 -45.09 32.05 23.53
CA THR D 358 -43.76 31.52 23.81
C THR D 358 -43.61 31.07 25.25
N SER D 359 -44.70 30.59 25.86
CA SER D 359 -44.66 30.15 27.23
C SER D 359 -45.85 29.23 27.50
N SER D 360 -45.73 28.43 28.56
CA SER D 360 -46.80 27.54 29.02
C SER D 360 -47.27 26.59 27.94
N LEU D 361 -46.40 26.26 26.98
CA LEU D 361 -46.81 25.39 25.88
C LEU D 361 -47.23 24.03 26.40
N ALA D 362 -46.64 23.58 27.50
CA ALA D 362 -47.03 22.32 28.10
C ALA D 362 -48.37 22.41 28.81
N ALA D 363 -48.81 23.61 29.17
CA ALA D 363 -50.04 23.80 29.91
C ALA D 363 -51.12 24.49 29.09
N ILE D 364 -51.12 24.29 27.78
CA ILE D 364 -52.07 24.93 26.88
C ILE D 364 -52.64 23.88 25.93
N ARG D 365 -53.94 23.77 25.90
CA ARG D 365 -54.59 23.01 24.85
C ARG D 365 -55.18 23.94 23.79
N PRO D 366 -55.38 23.46 22.56
CA PRO D 366 -55.98 24.31 21.53
C PRO D 366 -57.37 24.78 21.93
N GLY D 367 -57.67 26.03 21.61
CA GLY D 367 -58.97 26.58 21.89
C GLY D 367 -59.20 27.02 23.31
N ALA D 368 -58.27 26.73 24.22
CA ALA D 368 -58.40 27.19 25.59
C ALA D 368 -58.13 28.69 25.65
N LYS D 369 -58.71 29.34 26.65
CA LYS D 369 -58.53 30.78 26.81
C LYS D 369 -57.33 31.08 27.68
N VAL D 370 -56.52 32.03 27.24
CA VAL D 370 -55.28 32.40 27.93
C VAL D 370 -55.23 33.91 28.07
N ILE D 371 -54.38 34.37 28.98
CA ILE D 371 -54.20 35.79 29.26
C ILE D 371 -52.83 36.21 28.75
N PRO D 372 -52.75 37.03 27.71
CA PRO D 372 -51.44 37.51 27.25
C PRO D 372 -50.80 38.42 28.29
N ARG D 373 -49.49 38.53 28.24
CA ARG D 373 -48.79 39.42 29.14
C ARG D 373 -48.23 40.62 28.41
N ALA E 36 0.94 32.89 63.76
CA ALA E 36 1.39 33.52 62.53
C ALA E 36 2.59 32.80 61.95
N ARG E 37 2.43 32.24 60.76
CA ARG E 37 3.51 31.50 60.13
C ARG E 37 4.51 32.43 59.46
N GLU E 38 5.69 31.90 59.18
CA GLU E 38 6.72 32.68 58.51
C GLU E 38 6.71 32.41 57.01
N VAL E 39 6.76 33.47 56.21
CA VAL E 39 6.68 33.39 54.76
C VAL E 39 7.82 34.18 54.15
N ASP E 40 8.33 33.69 53.02
CA ASP E 40 9.46 34.31 52.35
C ASP E 40 9.01 35.52 51.54
N VAL E 41 9.82 36.59 51.60
CA VAL E 41 9.49 37.87 50.98
C VAL E 41 10.07 37.89 49.58
N LEU E 42 9.19 38.01 48.59
CA LEU E 42 9.59 38.16 47.20
C LEU E 42 8.81 39.30 46.56
N SER E 43 9.43 40.46 46.51
CA SER E 43 8.82 41.63 45.88
C SER E 43 8.85 41.44 44.37
N VAL E 44 7.70 41.65 43.72
CA VAL E 44 7.62 41.48 42.28
C VAL E 44 8.34 42.61 41.56
N LYS E 45 9.20 42.26 40.62
CA LYS E 45 9.93 43.22 39.80
C LYS E 45 9.78 42.86 38.34
N THR E 46 9.62 43.89 37.50
CA THR E 46 9.50 43.70 36.07
C THR E 46 10.89 43.63 35.46
N GLU E 47 11.20 42.51 34.80
CA GLU E 47 12.53 42.30 34.24
C GLU E 47 12.39 41.78 32.83
N PRO E 48 13.37 42.06 31.96
CA PRO E 48 13.31 41.52 30.60
C PRO E 48 13.32 40.00 30.61
N PHE E 49 12.57 39.41 29.69
CA PHE E 49 12.43 37.96 29.62
C PHE E 49 12.18 37.55 28.18
N THR E 50 12.88 36.52 27.73
CA THR E 50 12.74 36.00 26.38
C THR E 50 12.12 34.62 26.44
N VAL E 51 11.03 34.42 25.71
CA VAL E 51 10.37 33.12 25.66
C VAL E 51 11.06 32.27 24.61
N PHE E 52 11.57 31.12 25.04
CA PHE E 52 12.21 30.17 24.14
C PHE E 52 11.27 29.00 23.90
N ALA E 53 11.04 28.69 22.63
CA ALA E 53 10.29 27.49 22.25
C ALA E 53 11.28 26.50 21.65
N GLU E 54 11.34 25.31 22.23
CA GLU E 54 12.26 24.27 21.77
C GLU E 54 11.56 23.47 20.68
N LEU E 55 12.14 23.47 19.52
CA LEU E 55 11.48 22.95 18.35
C LEU E 55 12.25 21.76 17.79
N PRO E 56 11.55 20.71 17.39
CA PRO E 56 12.19 19.62 16.68
C PRO E 56 12.71 20.10 15.34
N GLY E 57 13.79 19.48 14.90
CA GLY E 57 14.38 19.81 13.62
C GLY E 57 15.49 18.83 13.31
N ARG E 58 16.02 18.94 12.11
CA ARG E 58 17.07 18.06 11.66
C ARG E 58 18.23 18.87 11.08
N ILE E 59 19.42 18.35 11.28
CA ILE E 59 20.63 18.99 10.75
C ILE E 59 20.74 18.65 9.27
N GLU E 60 20.83 19.68 8.45
CA GLU E 60 20.89 19.49 7.02
C GLU E 60 22.18 20.09 6.49
N PRO E 61 22.97 19.33 5.73
CA PRO E 61 24.25 19.85 5.25
C PRO E 61 24.06 21.01 4.29
N VAL E 62 25.03 21.93 4.31
CA VAL E 62 24.91 23.14 3.51
C VAL E 62 24.87 22.82 2.02
N ARG E 63 25.74 21.90 1.58
CA ARG E 63 25.79 21.51 0.18
C ARG E 63 25.87 20.00 0.08
N VAL E 64 25.01 19.42 -0.74
CA VAL E 64 24.98 17.98 -0.99
C VAL E 64 25.25 17.77 -2.47
N ALA E 65 26.23 16.93 -2.78
CA ALA E 65 26.59 16.63 -4.15
C ALA E 65 26.30 15.16 -4.41
N GLU E 66 25.10 14.87 -4.90
CA GLU E 66 24.77 13.51 -5.32
C GLU E 66 25.47 13.29 -6.65
N VAL E 67 26.69 12.79 -6.58
CA VAL E 67 27.48 12.58 -7.80
C VAL E 67 26.80 11.50 -8.63
N ARG E 68 26.39 11.85 -9.83
CA ARG E 68 25.65 10.93 -10.69
C ARG E 68 26.41 10.72 -12.00
N ALA E 69 26.07 9.61 -12.66
CA ALA E 69 26.66 9.31 -13.95
C ALA E 69 25.90 10.04 -15.05
N ARG E 70 26.58 10.92 -15.75
CA ARG E 70 25.99 11.63 -16.88
C ARG E 70 25.99 10.80 -18.15
N VAL E 71 26.73 9.70 -18.19
CA VAL E 71 26.90 8.90 -19.39
C VAL E 71 26.74 7.44 -19.05
N ALA E 72 26.46 6.65 -20.08
CA ALA E 72 26.32 5.21 -19.92
C ALA E 72 27.68 4.53 -20.09
N GLY E 73 28.00 3.62 -19.20
CA GLY E 73 29.25 2.89 -19.29
C GLY E 73 29.51 2.10 -18.04
N ILE E 74 30.59 1.34 -18.10
CA ILE E 74 30.99 0.47 -17.00
C ILE E 74 32.04 1.18 -16.16
N VAL E 75 31.83 1.20 -14.85
CA VAL E 75 32.76 1.85 -13.94
C VAL E 75 34.05 1.05 -13.91
N LEU E 76 35.09 1.57 -14.56
CA LEU E 76 36.34 0.82 -14.62
C LEU E 76 37.05 0.82 -13.28
N LYS E 77 37.13 1.98 -12.62
CA LYS E 77 37.89 2.10 -11.39
C LYS E 77 37.15 2.99 -10.41
N ARG E 78 37.53 2.86 -9.15
CA ARG E 78 37.13 3.80 -8.09
C ARG E 78 38.39 4.39 -7.50
N THR E 79 38.59 5.69 -7.69
CA THR E 79 39.86 6.33 -7.40
C THR E 79 39.93 6.98 -6.03
N PHE E 80 38.89 6.82 -5.21
CA PHE E 80 38.86 7.45 -3.90
C PHE E 80 38.58 6.41 -2.83
N GLU E 81 38.86 6.77 -1.59
CA GLU E 81 38.54 5.96 -0.43
C GLU E 81 37.33 6.54 0.26
N GLU E 82 36.36 5.70 0.59
CA GLU E 82 35.11 6.16 1.17
C GLU E 82 35.37 6.84 2.52
N GLY E 83 34.62 7.90 2.79
CA GLY E 83 34.77 8.65 4.00
C GLY E 83 35.85 9.71 3.97
N ALA E 84 36.59 9.80 2.88
CA ALA E 84 37.63 10.80 2.77
C ALA E 84 37.05 12.14 2.34
N ASP E 85 37.75 13.21 2.70
CA ASP E 85 37.37 14.54 2.26
C ASP E 85 38.03 14.83 0.93
N VAL E 86 37.21 15.05 -0.09
CA VAL E 86 37.69 15.24 -1.45
C VAL E 86 37.63 16.72 -1.78
N LYS E 87 38.52 17.15 -2.66
CA LYS E 87 38.50 18.52 -3.17
C LYS E 87 37.68 18.56 -4.45
N ALA E 88 37.16 19.74 -4.76
CA ALA E 88 36.40 19.91 -5.98
C ALA E 88 37.27 19.57 -7.18
N GLY E 89 36.72 18.77 -8.10
CA GLY E 89 37.44 18.39 -9.28
C GLY E 89 38.24 17.11 -9.17
N ASP E 90 38.35 16.52 -7.99
CA ASP E 90 39.06 15.26 -7.85
C ASP E 90 38.31 14.15 -8.57
N VAL E 91 39.07 13.21 -9.13
CA VAL E 91 38.48 12.06 -9.82
C VAL E 91 37.94 11.09 -8.79
N LEU E 92 36.71 10.64 -9.00
CA LEU E 92 36.07 9.65 -8.15
C LEU E 92 35.93 8.30 -8.82
N PHE E 93 35.30 8.26 -9.99
CA PHE E 93 35.07 7.03 -10.72
C PHE E 93 35.59 7.21 -12.14
N GLN E 94 35.98 6.12 -12.77
CA GLN E 94 36.38 6.14 -14.17
C GLN E 94 35.47 5.24 -14.98
N ILE E 95 34.55 5.85 -15.70
CA ILE E 95 33.65 5.15 -16.59
C ILE E 95 34.39 4.84 -17.89
N ASP E 96 34.14 3.66 -18.44
CA ASP E 96 34.86 3.19 -19.62
C ASP E 96 34.74 4.19 -20.76
N PRO E 97 35.83 4.86 -21.16
CA PRO E 97 35.75 5.90 -22.20
C PRO E 97 35.91 5.34 -23.60
N ALA E 98 35.20 4.25 -23.88
CA ALA E 98 35.33 3.65 -25.19
C ALA E 98 34.57 4.45 -26.25
N PRO E 99 33.26 4.71 -26.08
CA PRO E 99 32.54 5.37 -27.16
C PRO E 99 32.86 6.84 -27.25
N PHE E 100 33.11 7.46 -26.10
CA PHE E 100 33.30 8.90 -26.08
C PHE E 100 34.64 9.29 -26.67
N LYS E 101 35.67 8.46 -26.47
CA LYS E 101 36.93 8.69 -27.15
C LYS E 101 36.75 8.60 -28.66
N ALA E 102 35.94 7.65 -29.12
CA ALA E 102 35.68 7.53 -30.56
C ALA E 102 34.94 8.74 -31.09
N ALA E 103 33.94 9.23 -30.37
CA ALA E 103 33.23 10.43 -30.80
C ALA E 103 34.17 11.64 -30.81
N LEU E 104 35.04 11.72 -29.81
CA LEU E 104 36.02 12.80 -29.79
C LEU E 104 36.95 12.74 -30.99
N SER E 105 37.39 11.52 -31.34
CA SER E 105 38.28 11.38 -32.49
C SER E 105 37.55 11.74 -33.79
N ARG E 106 36.27 11.41 -33.88
CA ARG E 106 35.49 11.83 -35.04
C ARG E 106 35.41 13.35 -35.11
N ALA E 107 35.12 14.00 -33.99
CA ALA E 107 35.04 15.45 -33.97
C ALA E 107 36.38 16.07 -34.35
N GLN E 108 37.47 15.50 -33.85
CA GLN E 108 38.79 16.00 -34.21
C GLN E 108 39.08 15.79 -35.69
N GLY E 109 38.61 14.70 -36.27
CA GLY E 109 38.77 14.50 -37.70
C GLY E 109 38.02 15.54 -38.50
N GLU E 110 36.79 15.83 -38.11
CA GLU E 110 36.05 16.90 -38.77
C GLU E 110 36.77 18.23 -38.61
N LEU E 111 37.34 18.47 -37.43
CA LEU E 111 38.08 19.70 -37.20
C LEU E 111 39.30 19.76 -38.11
N ALA E 112 39.98 18.65 -38.29
CA ALA E 112 41.16 18.63 -39.15
C ALA E 112 40.77 18.91 -40.59
N ARG E 113 39.66 18.34 -41.05
CA ARG E 113 39.20 18.62 -42.40
C ARG E 113 38.87 20.11 -42.57
N ALA E 114 38.16 20.67 -41.60
CA ALA E 114 37.83 22.09 -41.67
C ALA E 114 39.09 22.95 -41.66
N GLU E 115 40.07 22.57 -40.84
CA GLU E 115 41.31 23.34 -40.77
C GLU E 115 42.10 23.23 -42.07
N ALA E 116 42.10 22.07 -42.70
CA ALA E 116 42.75 21.94 -43.99
C ALA E 116 42.09 22.84 -45.04
N GLN E 117 40.76 22.86 -45.05
CA GLN E 117 40.07 23.74 -45.99
C GLN E 117 40.40 25.19 -45.68
N LEU E 118 40.49 25.53 -44.39
CA LEU E 118 40.83 26.90 -44.01
C LEU E 118 42.22 27.29 -44.48
N PHE E 119 43.18 26.37 -44.32
CA PHE E 119 44.53 26.65 -44.79
C PHE E 119 44.56 26.88 -46.29
N GLN E 120 43.80 26.07 -47.04
CA GLN E 120 43.72 26.28 -48.47
C GLN E 120 43.15 27.64 -48.81
N ALA E 121 42.08 28.03 -48.12
CA ALA E 121 41.46 29.33 -48.40
C ALA E 121 42.39 30.47 -48.05
N GLN E 122 43.12 30.35 -46.93
CA GLN E 122 44.08 31.38 -46.57
C GLN E 122 45.16 31.51 -47.63
N ALA E 123 45.65 30.39 -48.13
CA ALA E 123 46.67 30.45 -49.18
C ALA E 123 46.11 31.12 -50.43
N MET E 124 44.88 30.76 -50.81
CA MET E 124 44.28 31.37 -51.98
C MET E 124 44.17 32.88 -51.83
N VAL E 125 43.73 33.34 -50.66
CA VAL E 125 43.57 34.77 -50.46
C VAL E 125 44.93 35.47 -50.42
N ARG E 126 45.93 34.84 -49.80
CA ARG E 126 47.25 35.44 -49.78
C ARG E 126 47.83 35.59 -51.18
N ARG E 127 47.61 34.59 -52.03
CA ARG E 127 48.08 34.73 -53.41
C ARG E 127 47.27 35.76 -54.17
N TYR E 128 45.97 35.80 -53.97
CA TYR E 128 45.13 36.70 -54.75
C TYR E 128 45.26 38.14 -54.29
N GLU E 129 45.78 38.36 -53.08
CA GLU E 129 45.82 39.71 -52.52
C GLU E 129 46.65 40.68 -53.34
N PRO E 130 47.90 40.38 -53.70
CA PRO E 130 48.64 41.33 -54.55
C PRO E 130 48.16 41.32 -55.99
N LEU E 131 47.63 40.21 -56.49
CA LEU E 131 47.23 40.15 -57.88
C LEU E 131 46.07 41.08 -58.18
N VAL E 132 45.08 41.13 -57.29
CA VAL E 132 43.93 42.00 -57.50
C VAL E 132 44.34 43.46 -57.48
N LYS E 133 45.44 43.79 -56.78
CA LYS E 133 45.89 45.18 -56.75
C LYS E 133 46.32 45.69 -58.11
N ILE E 134 46.83 44.81 -58.97
CA ILE E 134 47.20 45.15 -60.32
C ILE E 134 46.21 44.59 -61.34
N ASP E 135 45.03 44.19 -60.88
CA ASP E 135 43.94 43.67 -61.70
C ASP E 135 44.28 42.38 -62.42
N ALA E 136 45.30 41.65 -61.95
CA ALA E 136 45.62 40.37 -62.56
C ALA E 136 44.48 39.37 -62.38
N VAL E 137 43.76 39.46 -61.27
CA VAL E 137 42.55 38.67 -61.06
C VAL E 137 41.39 39.64 -60.90
N SER E 138 40.22 39.19 -61.34
CA SER E 138 39.04 40.03 -61.26
C SER E 138 38.73 40.34 -59.80
N GLN E 139 38.20 41.54 -59.57
CA GLN E 139 37.71 41.86 -58.23
C GLN E 139 36.66 40.86 -57.79
N GLN E 140 35.87 40.35 -58.74
CA GLN E 140 34.88 39.34 -58.41
C GLN E 140 35.54 38.06 -57.92
N ASP E 141 36.61 37.63 -58.58
CA ASP E 141 37.30 36.42 -58.15
C ASP E 141 37.90 36.59 -56.76
N PHE E 142 38.48 37.75 -56.49
CA PHE E 142 39.03 37.99 -55.17
C PHE E 142 37.93 38.04 -54.12
N ASP E 143 36.77 38.61 -54.46
CA ASP E 143 35.66 38.62 -53.50
C ASP E 143 35.18 37.21 -53.23
N ASN E 144 35.12 36.37 -54.26
CA ASN E 144 34.76 34.97 -54.06
C ASN E 144 35.77 34.28 -53.17
N ALA E 145 37.05 34.57 -53.38
CA ALA E 145 38.09 33.97 -52.55
C ALA E 145 37.97 34.43 -51.10
N MET E 146 37.69 35.71 -50.89
CA MET E 146 37.52 36.22 -49.54
C MET E 146 36.31 35.60 -48.86
N ALA E 147 35.22 35.43 -49.61
CA ALA E 147 34.05 34.77 -49.05
C ALA E 147 34.35 33.31 -48.73
N ALA E 148 35.13 32.64 -49.57
CA ALA E 148 35.54 31.28 -49.26
C ALA E 148 36.38 31.23 -47.99
N LEU E 149 37.26 32.22 -47.81
CA LEU E 149 38.07 32.26 -46.60
C LEU E 149 37.20 32.50 -45.36
N GLN E 150 36.24 33.41 -45.45
CA GLN E 150 35.37 33.67 -44.32
C GLN E 150 34.52 32.44 -44.00
N SER E 151 34.03 31.76 -45.04
CA SER E 151 33.29 30.53 -44.85
C SER E 151 34.16 29.47 -44.19
N ALA E 152 35.42 29.39 -44.60
CA ALA E 152 36.33 28.41 -44.01
C ALA E 152 36.59 28.71 -42.54
N GLN E 153 36.77 29.98 -42.21
CA GLN E 153 36.94 30.36 -40.81
C GLN E 153 35.70 30.01 -39.99
N ALA E 154 34.52 30.26 -40.55
CA ALA E 154 33.29 29.92 -39.86
C ALA E 154 33.18 28.42 -39.66
N ASP E 155 33.53 27.64 -40.68
CA ASP E 155 33.51 26.19 -40.54
C ASP E 155 34.51 25.73 -39.49
N LYS E 156 35.66 26.39 -39.42
CA LYS E 156 36.64 26.05 -38.39
C LYS E 156 36.09 26.32 -37.00
N ARG E 157 35.39 27.45 -36.83
CA ARG E 157 34.74 27.73 -35.56
C ARG E 157 33.70 26.66 -35.22
N SER E 158 32.90 26.26 -36.21
CA SER E 158 31.90 25.24 -35.96
C SER E 158 32.53 23.92 -35.58
N ALA E 159 33.60 23.54 -36.27
CA ALA E 159 34.27 22.29 -35.97
C ALA E 159 34.92 22.32 -34.59
N GLN E 160 35.48 23.48 -34.21
CA GLN E 160 36.00 23.61 -32.86
C GLN E 160 34.91 23.48 -31.82
N ALA E 161 33.73 24.05 -32.09
CA ALA E 161 32.62 23.90 -31.16
C ALA E 161 32.21 22.45 -31.04
N ASN E 162 32.15 21.73 -32.15
CA ASN E 162 31.83 20.32 -32.11
C ASN E 162 32.87 19.54 -31.32
N VAL E 163 34.15 19.88 -31.53
CA VAL E 163 35.22 19.21 -30.80
C VAL E 163 35.07 19.45 -29.31
N GLU E 164 34.73 20.68 -28.92
CA GLU E 164 34.57 20.97 -27.50
C GLU E 164 33.39 20.22 -26.92
N THR E 165 32.29 20.13 -27.66
CA THR E 165 31.14 19.35 -27.19
C THR E 165 31.53 17.91 -26.97
N ALA E 166 32.24 17.32 -27.93
CA ALA E 166 32.66 15.93 -27.78
C ALA E 166 33.62 15.76 -26.62
N ARG E 167 34.53 16.72 -26.44
CA ARG E 167 35.51 16.62 -25.38
C ARG E 167 34.86 16.70 -24.01
N LEU E 168 33.88 17.59 -23.84
CA LEU E 168 33.19 17.66 -22.56
C LEU E 168 32.32 16.43 -22.33
N ASP E 169 31.73 15.89 -23.41
CA ASP E 169 31.03 14.62 -23.27
C ASP E 169 31.97 13.53 -22.79
N LEU E 170 33.19 13.51 -23.31
CA LEU E 170 34.18 12.56 -22.83
C LEU E 170 34.54 12.81 -21.37
N GLY E 171 34.72 14.07 -21.00
CA GLY E 171 35.04 14.40 -19.62
C GLY E 171 33.96 14.02 -18.64
N TYR E 172 32.72 13.92 -19.11
CA TYR E 172 31.64 13.42 -18.26
C TYR E 172 31.86 12.00 -17.82
N ALA E 173 32.73 11.26 -18.53
CA ALA E 173 33.09 9.91 -18.15
C ALA E 173 34.20 9.85 -17.11
N GLU E 174 34.87 10.97 -16.85
CA GLU E 174 35.79 11.09 -15.73
C GLU E 174 35.01 11.70 -14.57
N VAL E 175 34.46 10.84 -13.72
CA VAL E 175 33.54 11.30 -12.68
C VAL E 175 34.33 12.08 -11.65
N ARG E 176 34.18 13.40 -11.65
CA ARG E 176 34.91 14.28 -10.75
C ARG E 176 33.98 14.86 -9.69
N ALA E 177 34.55 15.16 -8.54
CA ALA E 177 33.78 15.72 -7.45
C ALA E 177 33.39 17.15 -7.79
N PRO E 178 32.10 17.49 -7.83
CA PRO E 178 31.72 18.87 -8.17
C PRO E 178 32.05 19.87 -7.09
N ILE E 179 31.97 19.48 -5.82
CA ILE E 179 32.28 20.38 -4.71
C ILE E 179 33.19 19.65 -3.74
N ALA E 180 33.89 20.43 -2.93
CA ALA E 180 34.71 19.88 -1.87
C ALA E 180 33.83 19.53 -0.68
N GLY E 181 34.14 18.40 -0.04
CA GLY E 181 33.35 17.93 1.07
C GLY E 181 33.72 16.50 1.39
N ARG E 182 32.90 15.89 2.23
CA ARG E 182 33.10 14.50 2.63
C ARG E 182 32.29 13.59 1.72
N ILE E 183 32.96 12.67 1.08
CA ILE E 183 32.29 11.69 0.22
C ILE E 183 31.98 10.47 1.05
N GLY E 184 30.81 9.90 0.82
CA GLY E 184 30.36 8.74 1.55
C GLY E 184 30.72 7.45 0.84
N ARG E 185 29.93 6.42 1.13
CA ARG E 185 30.13 5.13 0.51
C ARG E 185 29.84 5.20 -0.98
N ALA E 186 30.62 4.46 -1.77
CA ALA E 186 30.38 4.39 -3.20
C ALA E 186 29.14 3.54 -3.46
N GLN E 187 28.13 4.16 -4.09
CA GLN E 187 26.89 3.44 -4.35
C GLN E 187 27.06 2.33 -5.38
N VAL E 188 28.07 2.43 -6.24
CA VAL E 188 28.34 1.41 -7.25
C VAL E 188 29.78 0.97 -7.09
N THR E 189 30.04 -0.26 -7.54
CA THR E 189 31.37 -0.84 -7.46
C THR E 189 31.99 -0.88 -8.86
N GLU E 190 33.28 -1.17 -8.89
CA GLU E 190 33.97 -1.30 -10.16
C GLU E 190 33.35 -2.43 -10.96
N GLY E 191 33.15 -2.18 -12.26
CA GLY E 191 32.48 -3.12 -13.11
C GLY E 191 30.97 -2.96 -13.18
N ALA E 192 30.39 -2.08 -12.38
CA ALA E 192 28.96 -1.85 -12.45
C ALA E 192 28.64 -0.94 -13.62
N LEU E 193 27.51 -1.21 -14.26
CA LEU E 193 27.06 -0.44 -15.41
C LEU E 193 26.22 0.72 -14.92
N VAL E 194 26.68 1.95 -15.20
CA VAL E 194 26.04 3.15 -14.72
C VAL E 194 25.68 4.04 -15.89
N GLY E 195 24.65 4.85 -15.69
CA GLY E 195 24.23 5.79 -16.70
C GLY E 195 23.40 5.21 -17.83
N GLN E 196 23.07 3.92 -17.78
CA GLN E 196 22.21 3.31 -18.78
C GLN E 196 20.75 3.62 -18.44
N GLY E 197 20.13 4.43 -19.27
CA GLY E 197 18.75 4.82 -19.02
C GLY E 197 18.64 5.99 -18.08
N GLU E 198 19.16 5.84 -16.86
CA GLU E 198 19.04 6.87 -15.84
C GLU E 198 20.41 7.23 -15.30
N ALA E 199 20.50 8.44 -14.74
CA ALA E 199 21.73 8.92 -14.15
C ALA E 199 21.95 8.19 -12.84
N THR E 200 22.68 7.08 -12.91
CA THR E 200 22.88 6.25 -11.73
C THR E 200 23.63 7.02 -10.65
N LEU E 201 23.11 6.95 -9.42
CA LEU E 201 23.76 7.61 -8.30
C LEU E 201 25.06 6.88 -7.99
N LEU E 202 26.15 7.63 -7.87
CA LEU E 202 27.45 7.05 -7.63
C LEU E 202 27.93 7.26 -6.20
N ALA E 203 27.83 8.48 -5.70
CA ALA E 203 28.32 8.79 -4.37
C ALA E 203 27.58 10.01 -3.87
N ARG E 204 27.89 10.42 -2.65
CA ARG E 204 27.30 11.60 -2.04
C ARG E 204 28.37 12.37 -1.32
N ILE E 205 28.50 13.65 -1.64
CA ILE E 205 29.53 14.51 -1.07
C ILE E 205 28.84 15.60 -0.26
N GLN E 206 29.18 15.68 1.01
CA GLN E 206 28.50 16.58 1.93
C GLN E 206 29.48 17.55 2.54
N GLN E 207 29.08 18.81 2.63
CA GLN E 207 29.88 19.85 3.24
C GLN E 207 29.54 19.90 4.73
N LEU E 208 30.53 19.67 5.58
CA LEU E 208 30.30 19.47 6.99
C LEU E 208 30.38 20.74 7.82
N ASP E 209 30.67 21.88 7.20
CA ASP E 209 30.79 23.10 7.97
C ASP E 209 30.51 24.31 7.10
N PRO E 210 29.51 25.13 7.44
CA PRO E 210 28.60 25.00 8.58
C PRO E 210 27.47 24.04 8.28
N VAL E 211 26.39 24.08 9.04
CA VAL E 211 25.21 23.27 8.77
C VAL E 211 23.96 24.11 8.96
N TYR E 212 22.87 23.63 8.38
CA TYR E 212 21.55 24.22 8.55
C TYR E 212 20.71 23.30 9.43
N ALA E 213 20.07 23.87 10.44
CA ALA E 213 19.14 23.13 11.27
C ALA E 213 17.74 23.53 10.86
N ASP E 214 17.04 22.64 10.17
CA ASP E 214 15.70 22.91 9.67
C ASP E 214 14.69 22.48 10.72
N PHE E 215 14.31 23.41 11.59
CA PHE E 215 13.33 23.18 12.64
C PHE E 215 11.98 23.71 12.21
N THR E 216 10.99 23.54 13.08
CA THR E 216 9.60 23.75 12.70
C THR E 216 8.84 24.49 13.78
N GLN E 217 8.07 25.50 13.37
CA GLN E 217 7.20 26.27 14.25
C GLN E 217 5.74 25.95 13.98
N PRO E 218 4.93 25.80 15.02
CA PRO E 218 3.48 25.76 14.82
C PRO E 218 3.02 27.09 14.24
N ALA E 219 2.29 27.01 13.13
CA ALA E 219 1.97 28.23 12.40
C ALA E 219 1.18 29.19 13.27
N ALA E 220 0.18 28.67 13.99
CA ALA E 220 -0.66 29.53 14.82
C ALA E 220 0.18 30.30 15.84
N ASP E 221 1.19 29.65 16.41
CA ASP E 221 2.08 30.35 17.33
C ASP E 221 2.84 31.47 16.61
N ALA E 222 3.28 31.21 15.38
CA ALA E 222 3.99 32.24 14.65
C ALA E 222 3.09 33.44 14.38
N LEU E 223 1.84 33.20 14.00
CA LEU E 223 0.94 34.33 13.74
C LEU E 223 0.58 35.05 15.03
N ARG E 224 0.46 34.32 16.14
CA ARG E 224 0.19 34.97 17.41
C ARG E 224 1.36 35.85 17.83
N LEU E 225 2.59 35.37 17.65
CA LEU E 225 3.75 36.20 17.96
C LEU E 225 3.82 37.41 17.03
N ARG E 226 3.51 37.21 15.75
CA ARG E 226 3.51 38.34 14.82
C ARG E 226 2.48 39.38 15.26
N ALA E 227 1.32 38.93 15.73
CA ALA E 227 0.31 39.84 16.23
C ALA E 227 0.78 40.55 17.50
N ALA E 228 1.35 39.81 18.45
CA ALA E 228 1.79 40.43 19.69
C ALA E 228 2.86 41.48 19.43
N ILE E 229 3.73 41.22 18.46
CA ILE E 229 4.64 42.26 17.98
C ILE E 229 3.86 43.42 17.38
N ALA E 230 2.77 43.12 16.66
CA ALA E 230 2.02 44.16 15.97
C ALA E 230 1.36 45.12 16.95
N GLU E 231 0.63 44.62 17.95
CA GLU E 231 0.16 45.54 18.98
C GLU E 231 1.27 45.99 19.91
N GLY E 232 2.45 45.39 19.83
CA GLY E 232 3.56 45.89 20.59
C GLY E 232 3.67 45.40 22.02
N LYS E 233 2.82 44.46 22.46
CA LYS E 233 2.98 43.95 23.81
C LYS E 233 4.33 43.28 24.00
N VAL E 234 4.92 42.78 22.91
CA VAL E 234 6.23 42.15 22.96
C VAL E 234 7.13 42.75 21.90
N ALA E 235 8.43 42.60 22.09
CA ALA E 235 9.42 43.06 21.12
C ALA E 235 9.93 41.89 20.30
N GLY E 236 10.10 42.11 19.00
CA GLY E 236 10.64 41.08 18.14
C GLY E 236 12.01 40.63 18.56
N ALA E 237 12.21 39.32 18.69
CA ALA E 237 13.49 38.76 19.11
C ALA E 237 14.24 38.12 17.94
N SER E 238 14.13 38.73 16.76
CA SER E 238 14.80 38.18 15.59
C SER E 238 16.32 38.18 15.77
N ASP E 239 16.87 39.22 16.39
CA ASP E 239 18.30 39.37 16.57
C ASP E 239 18.86 38.42 17.60
N GLN E 240 18.03 37.75 18.37
CA GLN E 240 18.66 36.89 19.35
C GLN E 240 19.09 35.57 18.70
N PRO E 241 20.27 35.07 19.03
CA PRO E 241 20.75 33.84 18.40
C PRO E 241 19.96 32.63 18.84
N LEU E 242 19.93 31.63 17.96
CA LEU E 242 19.33 30.35 18.32
C LEU E 242 20.33 29.50 19.09
N SER E 243 19.81 28.69 19.99
CA SER E 243 20.60 27.73 20.74
C SER E 243 20.11 26.33 20.37
N LEU E 244 21.04 25.46 20.00
CA LEU E 244 20.71 24.11 19.59
C LEU E 244 21.22 23.15 20.65
N ARG E 245 20.32 22.32 21.17
CA ARG E 245 20.66 21.31 22.17
C ARG E 245 20.60 19.94 21.50
N VAL E 246 21.74 19.25 21.51
CA VAL E 246 21.77 17.88 21.01
C VAL E 246 21.20 16.97 22.07
N ASP E 247 20.16 16.23 21.71
CA ASP E 247 19.47 15.39 22.69
C ASP E 247 20.40 14.31 23.21
N GLY E 248 20.43 14.13 24.53
CA GLY E 248 21.24 13.12 25.16
C GLY E 248 22.66 13.53 25.45
N THR E 249 23.10 14.70 25.00
CA THR E 249 24.45 15.18 25.24
C THR E 249 24.39 16.60 25.78
N ASP E 250 25.56 17.11 26.20
CA ASP E 250 25.69 18.44 26.76
C ASP E 250 26.30 19.43 25.77
N ILE E 251 26.02 19.26 24.48
CA ILE E 251 26.62 20.07 23.44
C ILE E 251 25.63 21.17 23.05
N GLU E 252 26.03 22.42 23.20
CA GLU E 252 25.22 23.56 22.83
C GLU E 252 25.91 24.35 21.73
N ARG E 253 25.13 24.79 20.74
CA ARG E 253 25.66 25.54 19.61
C ARG E 253 24.81 26.77 19.38
N LYS E 254 25.46 27.91 19.17
CA LYS E 254 24.78 29.14 18.87
C LYS E 254 24.65 29.30 17.36
N GLY E 255 23.48 29.75 16.92
CA GLY E 255 23.21 29.91 15.50
C GLY E 255 22.28 31.05 15.25
N THR E 256 22.24 31.49 14.00
CA THR E 256 21.48 32.66 13.59
C THR E 256 20.31 32.25 12.72
N LEU E 257 19.14 32.83 12.98
CA LEU E 257 17.97 32.51 12.18
C LEU E 257 18.12 33.08 10.79
N LEU E 258 18.26 32.21 9.80
CA LEU E 258 18.47 32.65 8.43
C LEU E 258 17.15 32.89 7.70
N PHE E 259 16.19 32.00 7.86
CA PHE E 259 15.05 31.97 6.97
C PHE E 259 13.83 31.41 7.67
N THR E 260 12.67 32.02 7.41
CA THR E 260 11.40 31.55 7.93
C THR E 260 10.44 31.38 6.77
N ASP E 261 9.79 30.22 6.69
CA ASP E 261 8.96 29.91 5.53
C ASP E 261 7.68 30.74 5.54
N ILE E 262 7.08 30.86 4.35
CA ILE E 262 5.81 31.54 4.17
C ILE E 262 4.65 30.56 4.05
N SER E 263 4.91 29.32 3.62
CA SER E 263 3.88 28.33 3.40
C SER E 263 3.92 27.29 4.51
N VAL E 264 2.76 26.87 4.96
CA VAL E 264 2.64 25.90 6.03
C VAL E 264 2.44 24.52 5.42
N ASP E 265 2.98 23.49 6.08
CA ASP E 265 2.76 22.14 5.60
C ASP E 265 1.29 21.78 5.75
N ARG E 266 0.79 20.98 4.82
CA ARG E 266 -0.64 20.69 4.82
C ARG E 266 -1.00 19.67 5.89
N SER E 267 -0.10 18.71 6.15
CA SER E 267 -0.45 17.59 7.02
C SER E 267 -0.50 18.00 8.48
N THR E 268 0.36 18.92 8.91
CA THR E 268 0.44 19.31 10.32
C THR E 268 0.19 20.79 10.56
N GLY E 269 0.17 21.63 9.53
CA GLY E 269 -0.06 23.05 9.71
C GLY E 269 1.04 23.77 10.45
N GLN E 270 2.28 23.40 10.12
CA GLN E 270 3.43 24.02 10.81
C GLN E 270 4.38 24.63 9.77
N ILE E 271 5.09 25.68 10.17
CA ILE E 271 6.04 26.38 9.31
C ILE E 271 7.43 25.82 9.56
N ALA E 272 8.19 25.65 8.49
CA ALA E 272 9.57 25.21 8.58
C ALA E 272 10.48 26.43 8.62
N LEU E 273 11.48 26.38 9.49
CA LEU E 273 12.44 27.47 9.60
C LEU E 273 13.83 26.90 9.37
N ARG E 274 14.78 27.80 9.15
CA ARG E 274 16.16 27.39 8.89
C ARG E 274 17.09 28.32 9.66
N GLY E 275 18.00 27.73 10.42
CA GLY E 275 19.06 28.48 11.04
C GLY E 275 20.39 27.91 10.62
N GLN E 276 21.48 28.66 10.78
CA GLN E 276 22.80 28.17 10.46
C GLN E 276 23.64 28.09 11.72
N PHE E 277 24.27 26.95 11.93
CA PHE E 277 25.10 26.72 13.10
C PHE E 277 26.51 26.33 12.65
N ASP E 278 27.51 27.01 13.20
CA ASP E 278 28.87 26.62 12.93
C ASP E 278 29.13 25.23 13.48
N ASN E 279 29.83 24.41 12.71
CA ASN E 279 30.14 23.04 13.09
C ASN E 279 31.64 22.82 12.94
N PRO E 280 32.44 23.40 13.83
CA PRO E 280 33.89 23.33 13.65
C PRO E 280 34.46 21.96 13.93
N GLU E 281 34.02 21.30 14.99
CA GLU E 281 34.61 20.02 15.41
C GLU E 281 33.98 18.82 14.73
N GLY E 282 33.03 19.03 13.83
CA GLY E 282 32.34 17.90 13.25
C GLY E 282 31.37 17.22 14.19
N VAL E 283 31.00 17.89 15.28
CA VAL E 283 30.11 17.28 16.26
C VAL E 283 28.73 17.04 15.66
N LEU E 284 28.19 18.02 14.95
CA LEU E 284 26.86 17.91 14.39
C LEU E 284 26.90 17.05 13.13
N LEU E 285 26.02 16.06 13.07
CA LEU E 285 26.06 15.25 11.86
C LEU E 285 24.83 15.49 11.02
N PRO E 286 24.88 15.30 9.71
CA PRO E 286 23.69 15.50 8.89
C PRO E 286 22.61 14.48 9.22
N GLY E 287 21.40 14.98 9.46
CA GLY E 287 20.28 14.12 9.75
C GLY E 287 19.96 13.89 11.21
N MET E 288 20.77 14.41 12.13
CA MET E 288 20.43 14.27 13.55
C MET E 288 19.17 15.03 13.89
N TYR E 289 18.36 14.45 14.77
CA TYR E 289 17.19 15.13 15.30
C TYR E 289 17.64 16.12 16.38
N VAL E 290 17.37 17.40 16.16
CA VAL E 290 17.81 18.44 17.09
C VAL E 290 16.63 19.28 17.54
N ARG E 291 16.58 19.54 18.83
CA ARG E 291 15.59 20.43 19.43
C ARG E 291 16.19 21.82 19.48
N VAL E 292 15.60 22.74 18.72
CA VAL E 292 16.15 24.08 18.54
C VAL E 292 15.35 25.03 19.41
N ARG E 293 16.03 25.75 20.29
CA ARG E 293 15.40 26.76 21.13
C ARG E 293 15.41 28.10 20.40
N THR E 294 14.23 28.58 20.04
CA THR E 294 14.06 29.77 19.25
C THR E 294 13.40 30.87 20.06
N PRO E 295 14.01 32.05 20.16
CA PRO E 295 13.38 33.14 20.91
C PRO E 295 12.05 33.53 20.29
N GLN E 296 11.07 33.80 21.15
CA GLN E 296 9.71 34.11 20.73
C GLN E 296 9.27 35.50 21.15
N GLY E 297 10.17 36.47 21.11
CA GLY E 297 9.83 37.81 21.54
C GLY E 297 10.26 38.09 22.97
N LEU E 298 10.65 39.33 23.20
CA LEU E 298 11.20 39.78 24.48
C LEU E 298 10.28 40.84 25.07
N ASN E 299 9.82 40.61 26.29
CA ASN E 299 9.01 41.59 27.01
C ASN E 299 9.83 42.16 28.16
N GLN E 300 9.79 43.49 28.28
CA GLN E 300 10.59 44.19 29.27
C GLN E 300 9.95 44.17 30.66
N ASN E 301 8.63 43.97 30.74
CA ASN E 301 7.88 44.06 31.98
C ASN E 301 7.34 42.70 32.37
N ALA E 302 8.15 41.67 32.19
CA ALA E 302 7.72 40.31 32.52
C ALA E 302 7.87 40.05 34.02
N ILE E 303 7.02 39.17 34.53
CA ILE E 303 6.95 38.85 35.95
C ILE E 303 7.22 37.36 36.12
N LEU E 304 8.18 37.04 36.98
CA LEU E 304 8.60 35.66 37.18
C LEU E 304 8.61 35.36 38.67
N VAL E 305 7.94 34.28 39.07
CA VAL E 305 8.03 33.79 40.44
C VAL E 305 8.32 32.30 40.33
N PRO E 306 9.13 31.72 41.22
CA PRO E 306 9.44 30.29 41.10
C PRO E 306 8.18 29.44 41.19
N GLN E 307 8.24 28.29 40.52
CA GLN E 307 7.10 27.39 40.44
C GLN E 307 6.65 26.93 41.81
N ARG E 308 7.58 26.86 42.77
CA ARG E 308 7.24 26.42 44.11
C ARG E 308 6.23 27.35 44.78
N ALA E 309 6.19 28.62 44.36
CA ALA E 309 5.29 29.58 45.00
C ALA E 309 3.95 29.68 44.32
N VAL E 310 3.79 29.13 43.12
CA VAL E 310 2.53 29.19 42.40
C VAL E 310 1.85 27.83 42.56
N GLN E 311 0.59 27.86 42.97
CA GLN E 311 -0.24 26.69 43.15
C GLN E 311 -1.25 26.60 42.02
N ARG E 312 -1.50 25.38 41.56
CA ARG E 312 -2.49 25.13 40.52
C ARG E 312 -3.68 24.41 41.12
N SER E 313 -4.84 25.05 41.05
CA SER E 313 -6.04 24.42 41.66
C SER E 313 -6.55 23.30 40.77
N ALA E 314 -7.52 22.53 41.26
CA ALA E 314 -8.05 21.37 40.55
C ALA E 314 -8.65 21.75 39.20
N ASP E 315 -9.14 22.97 39.04
CA ASP E 315 -9.69 23.42 37.77
C ASP E 315 -8.60 23.92 36.82
N GLY E 316 -7.35 23.94 37.26
CA GLY E 316 -6.25 24.41 36.45
C GLY E 316 -5.88 25.86 36.66
N GLN E 317 -6.77 26.67 37.23
CA GLN E 317 -6.42 28.05 37.51
C GLN E 317 -5.40 28.11 38.65
N ALA E 318 -4.38 28.92 38.46
CA ALA E 318 -3.34 29.11 39.46
C ALA E 318 -3.48 30.49 40.10
N SER E 319 -3.11 30.57 41.37
CA SER E 319 -3.17 31.82 42.11
C SER E 319 -1.92 31.95 42.96
N VAL E 320 -1.64 33.19 43.39
CA VAL E 320 -0.47 33.48 44.20
C VAL E 320 -0.92 34.02 45.55
N MET E 321 -0.09 33.81 46.56
CA MET E 321 -0.38 34.18 47.93
C MET E 321 0.25 35.53 48.20
N LEU E 322 -0.55 36.59 48.17
CA LEU E 322 -0.06 37.94 48.35
C LEU E 322 -0.37 38.42 49.76
N LEU E 323 0.49 39.29 50.27
CA LEU E 323 0.36 39.81 51.63
C LEU E 323 -0.53 41.04 51.58
N GLY E 324 -1.76 40.90 52.05
CA GLY E 324 -2.70 42.00 52.07
C GLY E 324 -2.42 42.96 53.20
N GLU E 325 -3.24 44.00 53.26
CA GLU E 325 -3.14 44.98 54.32
C GLU E 325 -3.38 44.34 55.67
N GLY E 326 -2.65 44.81 56.68
CA GLY E 326 -2.73 44.18 57.99
C GLY E 326 -2.02 42.86 58.10
N ASP E 327 -1.04 42.61 57.22
CA ASP E 327 -0.27 41.36 57.21
C ASP E 327 -1.20 40.15 57.08
N THR E 328 -2.06 40.20 56.08
CA THR E 328 -3.05 39.16 55.85
C THR E 328 -2.76 38.42 54.55
N VAL E 329 -3.32 37.22 54.44
CA VAL E 329 -3.11 36.36 53.27
C VAL E 329 -4.31 36.46 52.36
N GLU E 330 -4.08 36.82 51.10
CA GLU E 330 -5.14 37.00 50.12
C GLU E 330 -4.91 36.07 48.93
N VAL E 331 -6.00 35.56 48.37
CA VAL E 331 -5.96 34.69 47.20
C VAL E 331 -6.28 35.55 45.98
N ARG E 332 -5.33 35.65 45.05
CA ARG E 332 -5.55 36.34 43.79
C ARG E 332 -5.20 35.42 42.64
N GLN E 333 -6.19 35.13 41.80
CA GLN E 333 -5.95 34.32 40.61
C GLN E 333 -5.08 35.09 39.63
N VAL E 334 -4.18 34.37 38.96
CA VAL E 334 -3.29 34.95 37.96
C VAL E 334 -3.43 34.15 36.67
N THR E 335 -3.21 34.84 35.55
CA THR E 335 -3.29 34.22 34.23
C THR E 335 -1.88 33.79 33.83
N THR E 336 -1.74 32.51 33.55
CA THR E 336 -0.48 31.80 33.61
C THR E 336 0.23 31.83 32.27
N GLY E 337 1.55 32.04 32.29
CA GLY E 337 2.30 32.16 31.05
C GLY E 337 3.43 31.16 30.83
N ALA E 338 4.61 31.69 30.60
CA ALA E 338 5.72 30.86 30.14
C ALA E 338 6.59 30.35 31.30
N MET E 339 7.70 29.71 30.92
CA MET E 339 8.54 28.90 31.80
C MET E 339 10.02 29.24 31.59
N GLN E 340 10.73 29.49 32.69
CA GLN E 340 12.17 29.76 32.69
C GLN E 340 12.78 29.12 33.92
N GLY E 341 13.72 28.21 33.70
CA GLY E 341 14.42 27.55 34.79
C GLY E 341 13.44 26.88 35.73
N SER E 342 13.37 27.39 36.95
CA SER E 342 12.40 26.91 37.93
C SER E 342 11.43 28.02 38.31
N ARG E 343 11.20 28.95 37.39
CA ARG E 343 10.33 30.10 37.63
C ARG E 343 9.31 30.17 36.49
N TRP E 344 8.06 30.46 36.84
CA TRP E 344 6.97 30.49 35.88
C TRP E 344 6.90 31.93 35.34
N GLN E 345 5.98 32.19 34.42
CA GLN E 345 5.69 33.58 34.04
C GLN E 345 4.23 33.89 34.37
N ILE E 346 3.93 35.16 34.61
CA ILE E 346 2.60 35.61 34.96
C ILE E 346 2.22 36.74 34.01
N SER E 347 1.27 36.48 33.13
CA SER E 347 0.81 37.51 32.20
C SER E 347 -0.10 38.54 32.87
N GLU E 348 -1.02 38.10 33.73
CA GLU E 348 -1.97 38.99 34.38
C GLU E 348 -2.15 38.56 35.83
N GLY E 349 -2.60 39.50 36.66
CA GLY E 349 -2.93 39.22 38.04
C GLY E 349 -1.83 39.53 39.04
N LEU E 350 -0.68 40.00 38.57
CA LEU E 350 0.40 40.39 39.46
C LEU E 350 0.92 41.75 39.03
N GLN E 351 1.41 42.52 39.99
CA GLN E 351 1.97 43.84 39.74
C GLN E 351 3.28 43.97 40.48
N ALA E 352 4.11 44.91 40.00
CA ALA E 352 5.40 45.14 40.62
C ALA E 352 5.22 45.53 42.08
N GLY E 353 6.08 44.99 42.94
CA GLY E 353 6.07 45.33 44.34
C GLY E 353 5.22 44.44 45.22
N ASP E 354 4.40 43.56 44.65
CA ASP E 354 3.63 42.65 45.47
C ASP E 354 4.55 41.65 46.15
N LYS E 355 4.00 40.89 47.10
CA LYS E 355 4.78 40.00 47.93
C LYS E 355 4.16 38.62 47.81
N VAL E 356 4.97 37.64 47.41
CA VAL E 356 4.47 36.29 47.16
C VAL E 356 5.04 35.32 48.19
N ILE E 357 4.17 34.45 48.70
CA ILE E 357 4.54 33.42 49.67
C ILE E 357 5.11 32.23 48.93
N THR E 358 6.21 31.67 49.45
CA THR E 358 6.86 30.54 48.84
C THR E 358 7.07 29.35 49.75
N SER E 359 6.87 29.48 51.06
CA SER E 359 7.21 28.45 52.01
C SER E 359 5.98 27.99 52.78
N SER E 360 6.00 26.70 53.16
CA SER E 360 4.95 26.10 53.99
C SER E 360 3.57 26.29 53.38
N LEU E 361 3.46 26.14 52.06
CA LEU E 361 2.19 26.39 51.39
C LEU E 361 1.11 25.40 51.81
N ALA E 362 1.50 24.13 52.03
CA ALA E 362 0.53 23.13 52.44
C ALA E 362 -0.05 23.40 53.82
N ALA E 363 0.74 23.97 54.74
CA ALA E 363 0.33 24.15 56.12
C ALA E 363 -0.32 25.50 56.39
N ILE E 364 -0.52 26.33 55.37
CA ILE E 364 -1.12 27.64 55.54
C ILE E 364 -2.47 27.65 54.83
N ARG E 365 -3.43 28.26 55.46
CA ARG E 365 -4.76 28.51 54.94
C ARG E 365 -4.94 29.99 54.67
N PRO E 366 -5.73 30.37 53.66
CA PRO E 366 -5.94 31.79 53.40
C PRO E 366 -6.75 32.44 54.52
N GLY E 367 -6.50 33.73 54.72
CA GLY E 367 -7.09 34.46 55.81
C GLY E 367 -6.35 34.35 57.12
N ALA E 368 -5.44 33.39 57.25
CA ALA E 368 -4.69 33.21 58.47
C ALA E 368 -3.59 34.26 58.57
N LYS E 369 -3.38 34.77 59.78
CA LYS E 369 -2.32 35.72 60.00
C LYS E 369 -0.97 35.05 59.84
N VAL E 370 -0.02 35.77 59.24
CA VAL E 370 1.34 35.27 59.03
C VAL E 370 2.30 36.40 59.35
N ILE E 371 3.59 36.08 59.29
CA ILE E 371 4.66 37.06 59.45
C ILE E 371 5.66 36.84 58.32
N PRO E 372 5.95 37.86 57.50
CA PRO E 372 7.00 37.73 56.49
C PRO E 372 8.34 37.37 57.14
N ARG E 373 9.09 36.49 56.48
CA ARG E 373 10.42 36.13 56.94
C ARG E 373 11.48 36.73 56.03
N ALA F 36 32.77 -5.21 65.89
CA ALA F 36 32.96 -4.76 64.52
C ALA F 36 32.66 -5.90 63.55
N ARG F 37 32.09 -5.57 62.40
CA ARG F 37 31.68 -6.58 61.43
C ARG F 37 32.79 -6.81 60.43
N GLU F 38 33.29 -8.05 60.36
CA GLU F 38 34.33 -8.38 59.41
C GLU F 38 33.78 -8.32 57.99
N VAL F 39 34.49 -7.61 57.12
CA VAL F 39 34.02 -7.36 55.77
C VAL F 39 35.13 -7.70 54.78
N ASP F 40 34.73 -8.11 53.58
CA ASP F 40 35.68 -8.34 52.51
C ASP F 40 36.05 -7.00 51.89
N VAL F 41 37.35 -6.76 51.75
CA VAL F 41 37.87 -5.51 51.22
C VAL F 41 38.57 -5.80 49.91
N LEU F 42 38.24 -5.03 48.87
CA LEU F 42 38.90 -5.13 47.59
C LEU F 42 39.76 -3.89 47.37
N SER F 43 41.05 -4.11 47.21
CA SER F 43 41.95 -3.01 46.88
C SER F 43 41.77 -2.65 45.42
N VAL F 44 41.28 -1.45 45.15
CA VAL F 44 41.01 -1.04 43.79
C VAL F 44 42.31 -0.95 43.01
N LYS F 45 42.32 -1.57 41.83
CA LYS F 45 43.44 -1.49 40.92
C LYS F 45 42.93 -1.05 39.55
N THR F 46 43.79 -0.40 38.79
CA THR F 46 43.46 0.06 37.45
C THR F 46 44.00 -0.92 36.43
N GLU F 47 43.14 -1.40 35.54
CA GLU F 47 43.56 -2.26 34.47
C GLU F 47 42.94 -1.73 33.17
N PRO F 48 43.63 -1.88 32.04
CA PRO F 48 43.03 -1.45 30.77
C PRO F 48 41.76 -2.24 30.49
N PHE F 49 40.76 -1.54 29.97
CA PHE F 49 39.48 -2.16 29.68
C PHE F 49 38.86 -1.47 28.47
N THR F 50 38.65 -2.23 27.41
CA THR F 50 38.07 -1.72 26.18
C THR F 50 36.60 -2.13 26.11
N VAL F 51 35.73 -1.16 25.93
CA VAL F 51 34.31 -1.44 25.79
C VAL F 51 34.03 -1.86 24.35
N PHE F 52 33.40 -3.02 24.19
CA PHE F 52 33.12 -3.56 22.87
C PHE F 52 31.62 -3.56 22.64
N ALA F 53 31.20 -3.16 21.45
CA ALA F 53 29.80 -3.13 21.08
C ALA F 53 29.54 -4.15 19.98
N GLU F 54 28.47 -4.92 20.11
CA GLU F 54 28.04 -5.85 19.08
C GLU F 54 26.96 -5.17 18.26
N LEU F 55 27.26 -4.89 17.03
CA LEU F 55 26.33 -4.18 16.19
C LEU F 55 25.79 -5.07 15.09
N PRO F 56 24.55 -4.85 14.67
CA PRO F 56 23.97 -5.70 13.62
C PRO F 56 24.47 -5.31 12.25
N GLY F 57 24.94 -6.30 11.50
CA GLY F 57 25.54 -6.01 10.21
C GLY F 57 25.35 -7.15 9.23
N ARG F 58 25.54 -6.83 7.97
CA ARG F 58 25.39 -7.78 6.89
C ARG F 58 26.66 -7.80 6.05
N ILE F 59 26.98 -8.97 5.52
CA ILE F 59 28.15 -9.14 4.69
C ILE F 59 27.82 -8.68 3.28
N GLU F 60 28.65 -7.81 2.74
CA GLU F 60 28.53 -7.34 1.36
C GLU F 60 29.83 -7.61 0.62
N PRO F 61 29.75 -8.05 -0.63
CA PRO F 61 30.96 -8.25 -1.41
C PRO F 61 31.60 -6.93 -1.77
N VAL F 62 32.93 -6.96 -1.87
CA VAL F 62 33.67 -5.73 -2.17
C VAL F 62 33.29 -5.19 -3.54
N ARG F 63 33.19 -6.08 -4.54
CA ARG F 63 32.83 -5.67 -5.89
C ARG F 63 31.67 -6.51 -6.39
N VAL F 64 30.63 -5.84 -6.86
CA VAL F 64 29.47 -6.49 -7.46
C VAL F 64 29.31 -5.93 -8.86
N ALA F 65 29.13 -6.80 -9.84
CA ALA F 65 28.89 -6.39 -11.21
C ALA F 65 27.59 -7.00 -11.68
N GLU F 66 26.57 -6.15 -11.85
CA GLU F 66 25.30 -6.57 -12.42
C GLU F 66 25.45 -6.55 -13.93
N VAL F 67 25.61 -7.74 -14.51
CA VAL F 67 25.78 -7.87 -15.95
C VAL F 67 24.45 -7.58 -16.63
N ARG F 68 24.37 -6.46 -17.35
CA ARG F 68 23.12 -6.05 -17.99
C ARG F 68 23.33 -5.92 -19.48
N ALA F 69 22.31 -6.31 -20.23
CA ALA F 69 22.35 -6.23 -21.68
C ALA F 69 22.16 -4.79 -22.12
N ARG F 70 23.08 -4.31 -22.97
CA ARG F 70 23.00 -2.96 -23.47
C ARG F 70 22.32 -2.84 -24.82
N VAL F 71 22.20 -3.93 -25.57
CA VAL F 71 21.64 -3.90 -26.91
C VAL F 71 20.44 -4.84 -26.97
N ALA F 72 19.39 -4.38 -27.63
CA ALA F 72 18.17 -5.16 -27.76
C ALA F 72 18.37 -6.34 -28.71
N GLY F 73 17.86 -7.49 -28.30
CA GLY F 73 17.94 -8.65 -29.16
C GLY F 73 17.48 -9.90 -28.45
N ILE F 74 17.61 -11.01 -29.14
CA ILE F 74 17.20 -12.32 -28.64
C ILE F 74 18.43 -13.04 -28.14
N VAL F 75 18.36 -13.58 -26.92
CA VAL F 75 19.51 -14.26 -26.34
C VAL F 75 19.73 -15.56 -27.07
N LEU F 76 20.67 -15.57 -28.01
CA LEU F 76 20.92 -16.77 -28.81
C LEU F 76 21.48 -17.90 -27.97
N LYS F 77 22.53 -17.61 -27.18
CA LYS F 77 23.24 -18.67 -26.49
C LYS F 77 23.84 -18.12 -25.21
N ARG F 78 23.65 -18.88 -24.13
CA ARG F 78 24.27 -18.60 -22.85
C ARG F 78 25.53 -19.43 -22.74
N THR F 79 26.67 -18.79 -22.57
CA THR F 79 27.95 -19.48 -22.60
C THR F 79 28.38 -20.03 -21.25
N PHE F 80 28.15 -19.30 -20.16
CA PHE F 80 28.67 -19.67 -18.86
C PHE F 80 27.75 -20.65 -18.17
N GLU F 81 28.31 -21.42 -17.24
CA GLU F 81 27.53 -22.28 -16.38
C GLU F 81 27.39 -21.60 -15.02
N GLU F 82 26.21 -21.72 -14.43
CA GLU F 82 25.91 -20.98 -13.21
C GLU F 82 26.73 -21.52 -12.05
N GLY F 83 27.17 -20.61 -11.18
CA GLY F 83 27.92 -20.96 -9.99
C GLY F 83 29.41 -20.96 -10.16
N ALA F 84 29.90 -20.95 -11.39
CA ALA F 84 31.34 -21.04 -11.60
C ALA F 84 32.01 -19.70 -11.29
N ASP F 85 33.33 -19.74 -11.25
CA ASP F 85 34.11 -18.52 -11.17
C ASP F 85 34.46 -18.07 -12.58
N VAL F 86 34.32 -16.78 -12.84
CA VAL F 86 34.58 -16.24 -14.17
C VAL F 86 35.71 -15.23 -14.09
N LYS F 87 36.46 -15.14 -15.17
CA LYS F 87 37.54 -14.18 -15.30
C LYS F 87 37.07 -13.00 -16.14
N ALA F 88 37.79 -11.89 -16.01
CA ALA F 88 37.45 -10.71 -16.78
C ALA F 88 37.51 -11.00 -18.27
N GLY F 89 36.48 -10.59 -18.99
CA GLY F 89 36.41 -10.82 -20.41
C GLY F 89 35.87 -12.17 -20.82
N ASP F 90 35.51 -13.03 -19.87
CA ASP F 90 34.91 -14.30 -20.22
C ASP F 90 33.54 -14.07 -20.83
N VAL F 91 33.31 -14.66 -22.01
CA VAL F 91 32.05 -14.44 -22.70
C VAL F 91 30.94 -15.19 -21.97
N LEU F 92 29.88 -14.46 -21.63
CA LEU F 92 28.76 -15.04 -20.89
C LEU F 92 27.55 -15.30 -21.77
N PHE F 93 27.04 -14.28 -22.46
CA PHE F 93 25.85 -14.40 -23.27
C PHE F 93 26.17 -14.04 -24.71
N GLN F 94 25.26 -14.39 -25.60
CA GLN F 94 25.39 -14.09 -27.02
C GLN F 94 24.03 -13.65 -27.54
N ILE F 95 23.88 -12.36 -27.80
CA ILE F 95 22.67 -11.78 -28.35
C ILE F 95 22.84 -11.65 -29.85
N ASP F 96 21.78 -11.93 -30.61
CA ASP F 96 21.92 -11.99 -32.06
C ASP F 96 22.34 -10.65 -32.62
N PRO F 97 23.43 -10.58 -33.35
CA PRO F 97 23.85 -9.29 -33.91
C PRO F 97 23.25 -9.05 -35.27
N ALA F 98 21.94 -9.11 -35.38
CA ALA F 98 21.35 -8.90 -36.69
C ALA F 98 21.49 -7.43 -37.09
N PRO F 99 21.03 -6.48 -36.26
CA PRO F 99 21.13 -5.08 -36.69
C PRO F 99 22.52 -4.50 -36.49
N PHE F 100 23.23 -4.99 -35.47
CA PHE F 100 24.54 -4.44 -35.16
C PHE F 100 25.58 -4.85 -36.20
N LYS F 101 25.49 -6.09 -36.68
CA LYS F 101 26.38 -6.52 -37.76
C LYS F 101 26.14 -5.69 -39.00
N ALA F 102 24.87 -5.40 -39.31
CA ALA F 102 24.57 -4.56 -40.45
C ALA F 102 25.08 -3.14 -40.26
N ALA F 103 24.97 -2.60 -39.04
CA ALA F 103 25.49 -1.26 -38.79
C ALA F 103 27.00 -1.22 -38.96
N LEU F 104 27.70 -2.25 -38.48
CA LEU F 104 29.13 -2.32 -38.70
C LEU F 104 29.47 -2.43 -40.17
N SER F 105 28.68 -3.21 -40.93
CA SER F 105 28.93 -3.32 -42.37
C SER F 105 28.74 -1.99 -43.06
N ARG F 106 27.71 -1.25 -42.70
CA ARG F 106 27.50 0.08 -43.27
C ARG F 106 28.65 1.02 -42.94
N ALA F 107 29.08 1.02 -41.68
CA ALA F 107 30.20 1.87 -41.29
C ALA F 107 31.47 1.46 -42.03
N GLN F 108 31.68 0.16 -42.22
CA GLN F 108 32.85 -0.29 -42.96
C GLN F 108 32.78 0.15 -44.41
N GLY F 109 31.59 0.16 -44.99
CA GLY F 109 31.45 0.67 -46.33
C GLY F 109 31.81 2.14 -46.42
N GLU F 110 31.37 2.93 -45.44
CA GLU F 110 31.73 4.34 -45.42
C GLU F 110 33.24 4.51 -45.27
N LEU F 111 33.87 3.71 -44.41
CA LEU F 111 35.33 3.76 -44.26
C LEU F 111 36.03 3.37 -45.55
N ALA F 112 35.50 2.37 -46.25
CA ALA F 112 36.11 1.96 -47.51
C ALA F 112 36.05 3.08 -48.53
N ARG F 113 34.93 3.79 -48.59
CA ARG F 113 34.84 4.94 -49.48
C ARG F 113 35.84 6.01 -49.09
N ALA F 114 35.98 6.27 -47.79
CA ALA F 114 36.95 7.27 -47.36
C ALA F 114 38.37 6.85 -47.72
N GLU F 115 38.68 5.56 -47.60
CA GLU F 115 39.99 5.07 -47.97
C GLU F 115 40.25 5.21 -49.47
N ALA F 116 39.21 4.96 -50.28
CA ALA F 116 39.36 5.16 -51.71
C ALA F 116 39.67 6.62 -52.02
N GLN F 117 38.95 7.53 -51.38
CA GLN F 117 39.19 8.95 -51.61
C GLN F 117 40.60 9.36 -51.15
N LEU F 118 41.03 8.84 -50.00
CA LEU F 118 42.38 9.10 -49.53
C LEU F 118 43.42 8.58 -50.50
N PHE F 119 43.21 7.38 -51.03
CA PHE F 119 44.15 6.82 -51.99
C PHE F 119 44.25 7.70 -53.22
N GLN F 120 43.11 8.16 -53.72
CA GLN F 120 43.12 9.03 -54.88
C GLN F 120 43.87 10.32 -54.60
N ALA F 121 43.62 10.92 -53.44
CA ALA F 121 44.30 12.17 -53.10
C ALA F 121 45.80 11.96 -52.93
N GLN F 122 46.19 10.84 -52.33
CA GLN F 122 47.62 10.54 -52.20
C GLN F 122 48.27 10.42 -53.56
N ALA F 123 47.61 9.74 -54.50
CA ALA F 123 48.17 9.62 -55.84
C ALA F 123 48.29 10.98 -56.50
N MET F 124 47.27 11.82 -56.34
CA MET F 124 47.31 13.17 -56.90
C MET F 124 48.51 13.94 -56.36
N VAL F 125 48.71 13.91 -55.05
CA VAL F 125 49.81 14.68 -54.47
C VAL F 125 51.15 14.09 -54.88
N ARG F 126 51.25 12.76 -54.96
CA ARG F 126 52.50 12.15 -55.38
C ARG F 126 52.85 12.54 -56.80
N ARG F 127 51.84 12.68 -57.67
CA ARG F 127 52.15 13.09 -59.03
C ARG F 127 52.46 14.58 -59.10
N TYR F 128 51.78 15.40 -58.32
CA TYR F 128 51.98 16.83 -58.38
C TYR F 128 53.29 17.28 -57.73
N GLU F 129 53.79 16.52 -56.76
CA GLU F 129 54.97 16.96 -56.01
C GLU F 129 56.19 17.14 -56.88
N PRO F 130 56.56 16.20 -57.77
CA PRO F 130 57.70 16.48 -58.66
C PRO F 130 57.37 17.52 -59.71
N LEU F 131 56.11 17.68 -60.08
CA LEU F 131 55.76 18.61 -61.14
C LEU F 131 55.80 20.05 -60.66
N VAL F 132 55.36 20.30 -59.43
CA VAL F 132 55.31 21.67 -58.94
C VAL F 132 56.71 22.24 -58.78
N LYS F 133 57.70 21.38 -58.53
CA LYS F 133 59.07 21.87 -58.39
C LYS F 133 59.60 22.42 -59.70
N ILE F 134 59.21 21.85 -60.83
CA ILE F 134 59.56 22.40 -62.13
C ILE F 134 58.48 23.30 -62.67
N ASP F 135 57.53 23.70 -61.83
CA ASP F 135 56.46 24.63 -62.20
C ASP F 135 55.58 24.08 -63.30
N ALA F 136 55.51 22.75 -63.42
CA ALA F 136 54.62 22.15 -64.41
C ALA F 136 53.16 22.36 -64.03
N VAL F 137 52.85 22.36 -62.73
CA VAL F 137 51.51 22.65 -62.24
C VAL F 137 51.59 23.89 -61.38
N SER F 138 50.51 24.66 -61.37
CA SER F 138 50.49 25.91 -60.64
C SER F 138 50.62 25.65 -59.14
N GLN F 139 51.28 26.57 -58.45
CA GLN F 139 51.41 26.46 -57.00
C GLN F 139 50.04 26.38 -56.35
N GLN F 140 49.06 27.09 -56.89
CA GLN F 140 47.70 27.02 -56.36
C GLN F 140 47.13 25.61 -56.50
N ASP F 141 47.36 24.97 -57.64
CA ASP F 141 46.87 23.62 -57.84
C ASP F 141 47.53 22.65 -56.88
N PHE F 142 48.83 22.82 -56.63
CA PHE F 142 49.49 21.96 -55.66
C PHE F 142 48.94 22.16 -54.26
N ASP F 143 48.67 23.40 -53.89
CA ASP F 143 48.09 23.64 -52.57
C ASP F 143 46.69 23.07 -52.47
N ASN F 144 45.92 23.13 -53.56
CA ASN F 144 44.61 22.49 -53.58
C ASN F 144 44.74 20.99 -53.42
N ALA F 145 45.72 20.38 -54.08
CA ALA F 145 45.94 18.95 -53.93
C ALA F 145 46.34 18.59 -52.51
N MET F 146 47.19 19.41 -51.90
CA MET F 146 47.58 19.17 -50.51
C MET F 146 46.38 19.29 -49.58
N ALA F 147 45.53 20.30 -49.82
CA ALA F 147 44.32 20.44 -49.02
C ALA F 147 43.41 19.24 -49.18
N ALA F 148 43.28 18.75 -50.42
CA ALA F 148 42.45 17.56 -50.65
C ALA F 148 43.02 16.36 -49.92
N LEU F 149 44.35 16.20 -49.94
CA LEU F 149 44.97 15.08 -49.24
C LEU F 149 44.72 15.16 -47.74
N GLN F 150 44.93 16.33 -47.15
CA GLN F 150 44.72 16.47 -45.72
C GLN F 150 43.27 16.28 -45.35
N SER F 151 42.36 16.80 -46.17
CA SER F 151 40.93 16.60 -45.92
C SER F 151 40.56 15.13 -46.03
N ALA F 152 41.15 14.41 -46.99
CA ALA F 152 40.86 12.99 -47.11
C ALA F 152 41.42 12.21 -45.93
N GLN F 153 42.58 12.61 -45.42
CA GLN F 153 43.11 11.99 -44.22
C GLN F 153 42.18 12.21 -43.03
N ALA F 154 41.66 13.43 -42.92
CA ALA F 154 40.71 13.73 -41.85
C ALA F 154 39.44 12.90 -42.00
N ASP F 155 38.96 12.75 -43.23
CA ASP F 155 37.76 11.95 -43.45
C ASP F 155 38.02 10.48 -43.14
N LYS F 156 39.21 9.99 -43.46
CA LYS F 156 39.57 8.62 -43.10
C LYS F 156 39.57 8.45 -41.60
N ARG F 157 40.12 9.41 -40.86
CA ARG F 157 40.10 9.33 -39.40
C ARG F 157 38.67 9.36 -38.87
N SER F 158 37.83 10.21 -39.44
CA SER F 158 36.43 10.27 -39.00
C SER F 158 35.71 8.97 -39.27
N ALA F 159 35.94 8.37 -40.44
CA ALA F 159 35.30 7.10 -40.75
C ALA F 159 35.83 5.98 -39.88
N GLN F 160 37.12 6.01 -39.55
CA GLN F 160 37.65 5.04 -38.61
C GLN F 160 36.97 5.19 -37.26
N ALA F 161 36.71 6.43 -36.84
CA ALA F 161 35.98 6.65 -35.60
C ALA F 161 34.59 6.05 -35.66
N ASN F 162 33.89 6.26 -36.78
CA ASN F 162 32.54 5.73 -36.91
C ASN F 162 32.55 4.21 -36.91
N VAL F 163 33.53 3.61 -37.58
CA VAL F 163 33.67 2.16 -37.58
C VAL F 163 33.94 1.65 -36.17
N GLU F 164 34.78 2.38 -35.42
CA GLU F 164 35.06 1.98 -34.04
C GLU F 164 33.81 2.07 -33.18
N THR F 165 33.00 3.10 -33.39
CA THR F 165 31.74 3.23 -32.67
C THR F 165 30.84 2.03 -32.95
N ALA F 166 30.68 1.71 -34.24
CA ALA F 166 29.83 0.58 -34.60
C ALA F 166 30.39 -0.72 -34.04
N ARG F 167 31.71 -0.86 -34.02
CA ARG F 167 32.32 -2.09 -33.54
C ARG F 167 32.13 -2.25 -32.04
N LEU F 168 32.24 -1.15 -31.29
CA LEU F 168 31.95 -1.21 -29.87
C LEU F 168 30.49 -1.57 -29.63
N ASP F 169 29.59 -0.99 -30.42
CA ASP F 169 28.17 -1.30 -30.26
C ASP F 169 27.91 -2.78 -30.55
N LEU F 170 28.56 -3.33 -31.57
CA LEU F 170 28.45 -4.75 -31.83
C LEU F 170 29.04 -5.59 -30.71
N GLY F 171 30.19 -5.18 -30.17
CA GLY F 171 30.78 -5.88 -29.05
C GLY F 171 29.92 -5.86 -27.82
N TYR F 172 29.02 -4.90 -27.73
CA TYR F 172 28.06 -4.92 -26.63
C TYR F 172 27.12 -6.08 -26.69
N ALA F 173 27.06 -6.77 -27.83
CA ALA F 173 26.19 -7.93 -28.00
C ALA F 173 26.82 -9.22 -27.51
N GLU F 174 28.15 -9.33 -27.52
CA GLU F 174 28.84 -10.45 -26.90
C GLU F 174 29.10 -10.07 -25.45
N VAL F 175 28.10 -10.28 -24.61
CA VAL F 175 28.20 -9.84 -23.22
C VAL F 175 29.33 -10.59 -22.53
N ARG F 176 30.23 -9.85 -21.91
CA ARG F 176 31.40 -10.40 -21.26
C ARG F 176 31.38 -10.04 -19.79
N ALA F 177 32.03 -10.85 -18.99
CA ALA F 177 32.10 -10.57 -17.57
C ALA F 177 32.98 -9.35 -17.34
N PRO F 178 32.45 -8.27 -16.77
CA PRO F 178 33.28 -7.08 -16.54
C PRO F 178 34.32 -7.29 -15.46
N ILE F 179 34.03 -8.11 -14.45
CA ILE F 179 34.95 -8.32 -13.34
C ILE F 179 35.08 -9.82 -13.09
N ALA F 180 36.11 -10.18 -12.33
CA ALA F 180 36.33 -11.55 -11.93
C ALA F 180 35.62 -11.84 -10.61
N GLY F 181 34.91 -12.95 -10.57
CA GLY F 181 34.15 -13.32 -9.39
C GLY F 181 33.27 -14.51 -9.69
N ARG F 182 32.26 -14.68 -8.86
CA ARG F 182 31.35 -15.81 -8.96
C ARG F 182 30.02 -15.36 -9.53
N ILE F 183 29.69 -15.83 -10.72
CA ILE F 183 28.38 -15.56 -11.31
C ILE F 183 27.34 -16.39 -10.58
N GLY F 184 26.11 -15.94 -10.61
CA GLY F 184 25.02 -16.64 -9.99
C GLY F 184 24.12 -17.30 -11.00
N ARG F 185 22.83 -17.22 -10.74
CA ARG F 185 21.83 -17.68 -11.69
C ARG F 185 21.87 -16.81 -12.95
N ALA F 186 21.51 -17.42 -14.07
CA ALA F 186 21.25 -16.64 -15.27
C ALA F 186 19.83 -16.10 -15.23
N GLN F 187 19.71 -14.79 -15.07
CA GLN F 187 18.39 -14.18 -14.92
C GLN F 187 17.51 -14.35 -16.16
N VAL F 188 18.09 -14.65 -17.32
CA VAL F 188 17.34 -14.95 -18.51
C VAL F 188 17.91 -16.21 -19.15
N THR F 189 17.08 -16.87 -19.93
CA THR F 189 17.47 -18.07 -20.65
C THR F 189 17.51 -17.78 -22.15
N GLU F 190 18.04 -18.73 -22.90
CA GLU F 190 18.14 -18.56 -24.34
C GLU F 190 16.76 -18.38 -24.94
N GLY F 191 16.65 -17.43 -25.87
CA GLY F 191 15.39 -17.13 -26.52
C GLY F 191 14.64 -15.96 -25.93
N ALA F 192 15.04 -15.46 -24.77
CA ALA F 192 14.37 -14.33 -24.16
C ALA F 192 14.79 -13.04 -24.84
N LEU F 193 13.82 -12.16 -25.08
CA LEU F 193 14.11 -10.85 -25.63
C LEU F 193 14.61 -9.95 -24.52
N VAL F 194 15.82 -9.43 -24.69
CA VAL F 194 16.43 -8.55 -23.70
C VAL F 194 16.89 -7.27 -24.38
N GLY F 195 17.09 -6.24 -23.58
CA GLY F 195 17.63 -4.99 -24.05
C GLY F 195 16.63 -4.00 -24.58
N GLN F 196 15.37 -4.35 -24.70
CA GLN F 196 14.36 -3.43 -25.19
C GLN F 196 13.76 -2.66 -24.02
N GLY F 197 13.71 -1.33 -24.15
CA GLY F 197 13.15 -0.50 -23.12
C GLY F 197 14.12 -0.20 -22.00
N GLU F 198 14.54 -1.25 -21.29
CA GLU F 198 15.45 -1.12 -20.17
C GLU F 198 16.65 -2.04 -20.34
N ALA F 199 17.71 -1.74 -19.61
CA ALA F 199 18.87 -2.63 -19.57
C ALA F 199 18.48 -3.86 -18.77
N THR F 200 18.13 -4.94 -19.47
CA THR F 200 17.72 -6.17 -18.80
C THR F 200 18.87 -6.72 -17.97
N LEU F 201 18.56 -7.17 -16.76
CA LEU F 201 19.55 -7.82 -15.94
C LEU F 201 19.76 -9.25 -16.44
N LEU F 202 21.00 -9.57 -16.81
CA LEU F 202 21.33 -10.89 -17.33
C LEU F 202 21.90 -11.81 -16.26
N ALA F 203 22.90 -11.34 -15.53
CA ALA F 203 23.52 -12.14 -14.47
C ALA F 203 24.21 -11.19 -13.50
N ARG F 204 24.59 -11.73 -12.36
CA ARG F 204 25.26 -10.95 -11.32
C ARG F 204 26.59 -11.62 -10.98
N ILE F 205 27.63 -10.81 -10.84
CA ILE F 205 28.95 -11.28 -10.44
C ILE F 205 29.30 -10.63 -9.11
N GLN F 206 29.88 -11.42 -8.21
CA GLN F 206 30.31 -10.93 -6.92
C GLN F 206 31.74 -11.39 -6.66
N GLN F 207 32.48 -10.57 -5.94
CA GLN F 207 33.80 -10.96 -5.48
C GLN F 207 33.68 -11.44 -4.05
N LEU F 208 34.13 -12.66 -3.80
CA LEU F 208 33.98 -13.30 -2.50
C LEU F 208 35.19 -13.11 -1.58
N ASP F 209 36.21 -12.38 -2.03
CA ASP F 209 37.36 -12.14 -1.18
C ASP F 209 38.03 -10.82 -1.50
N PRO F 210 38.15 -9.92 -0.54
CA PRO F 210 37.59 -9.99 0.81
C PRO F 210 36.14 -9.53 0.76
N VAL F 211 35.42 -9.54 1.87
CA VAL F 211 34.03 -9.11 1.88
C VAL F 211 33.91 -7.91 2.79
N TYR F 212 32.90 -7.09 2.53
CA TYR F 212 32.57 -5.98 3.39
C TYR F 212 31.55 -6.43 4.43
N ALA F 213 31.51 -5.71 5.54
CA ALA F 213 30.46 -5.88 6.54
C ALA F 213 29.90 -4.50 6.87
N ASP F 214 28.81 -4.13 6.22
CA ASP F 214 28.19 -2.83 6.43
C ASP F 214 27.28 -2.90 7.63
N PHE F 215 27.85 -2.76 8.82
CA PHE F 215 27.07 -2.74 10.05
C PHE F 215 26.67 -1.30 10.35
N THR F 216 25.84 -1.14 11.38
CA THR F 216 25.28 0.17 11.67
C THR F 216 25.23 0.39 13.18
N GLN F 217 25.34 1.65 13.58
CA GLN F 217 25.42 2.05 14.97
C GLN F 217 24.46 3.21 15.26
N PRO F 218 23.76 3.19 16.39
CA PRO F 218 22.93 4.35 16.75
C PRO F 218 23.77 5.61 16.83
N ALA F 219 23.16 6.72 16.43
CA ALA F 219 23.89 7.99 16.40
C ALA F 219 24.30 8.45 17.79
N ALA F 220 23.41 8.28 18.78
CA ALA F 220 23.69 8.78 20.11
C ALA F 220 24.89 8.09 20.73
N ASP F 221 25.02 6.78 20.53
CA ASP F 221 26.21 6.08 21.01
C ASP F 221 27.47 6.65 20.36
N ALA F 222 27.39 6.94 19.06
CA ALA F 222 28.54 7.50 18.37
C ALA F 222 28.91 8.86 18.94
N LEU F 223 27.92 9.71 19.20
CA LEU F 223 28.22 11.04 19.74
C LEU F 223 28.77 10.96 21.15
N ARG F 224 28.23 10.06 21.98
CA ARG F 224 28.78 9.87 23.31
C ARG F 224 30.23 9.40 23.25
N LEU F 225 30.52 8.46 22.36
CA LEU F 225 31.90 8.00 22.21
C LEU F 225 32.81 9.14 21.77
N ARG F 226 32.34 9.94 20.81
CA ARG F 226 33.15 11.05 20.32
C ARG F 226 33.44 12.05 21.43
N ALA F 227 32.42 12.39 22.22
CA ALA F 227 32.62 13.32 23.32
C ALA F 227 33.57 12.76 24.37
N ALA F 228 33.43 11.48 24.70
CA ALA F 228 34.32 10.87 25.67
C ALA F 228 35.76 10.89 25.17
N ILE F 229 35.96 10.60 23.87
CA ILE F 229 37.31 10.67 23.32
C ILE F 229 37.84 12.09 23.38
N ALA F 230 37.00 13.07 23.02
CA ALA F 230 37.43 14.46 23.08
C ALA F 230 37.72 14.89 24.51
N GLU F 231 36.90 14.45 25.47
CA GLU F 231 37.10 14.75 26.86
C GLU F 231 38.35 14.10 27.44
N GLY F 232 38.92 13.12 26.74
CA GLY F 232 40.11 12.44 27.20
C GLY F 232 39.86 11.28 28.16
N LYS F 233 38.59 10.99 28.47
CA LYS F 233 38.31 9.86 29.36
C LYS F 233 38.72 8.53 28.72
N VAL F 234 38.37 8.34 27.45
CA VAL F 234 38.63 7.08 26.76
C VAL F 234 39.37 7.38 25.47
N ALA F 235 40.54 6.78 25.30
CA ALA F 235 41.27 6.91 24.06
C ALA F 235 40.60 6.07 22.98
N GLY F 236 40.66 6.54 21.75
CA GLY F 236 39.95 5.87 20.67
C GLY F 236 40.54 4.49 20.39
N ALA F 237 39.70 3.60 19.89
CA ALA F 237 40.10 2.25 19.53
C ALA F 237 39.94 2.00 18.02
N SER F 238 40.37 2.96 17.21
CA SER F 238 40.34 2.78 15.76
C SER F 238 41.26 1.66 15.31
N ASP F 239 42.46 1.56 15.90
CA ASP F 239 43.44 0.56 15.51
C ASP F 239 43.04 -0.86 15.91
N GLN F 240 42.16 -1.01 16.88
CA GLN F 240 41.77 -2.34 17.28
C GLN F 240 40.91 -3.00 16.20
N PRO F 241 41.13 -4.27 15.91
CA PRO F 241 40.43 -4.90 14.80
C PRO F 241 39.03 -5.32 15.20
N LEU F 242 38.10 -5.19 14.25
CA LEU F 242 36.76 -5.72 14.46
C LEU F 242 36.78 -7.23 14.43
N SER F 243 35.99 -7.84 15.31
CA SER F 243 35.81 -9.27 15.34
C SER F 243 34.43 -9.61 14.79
N LEU F 244 34.39 -10.51 13.83
CA LEU F 244 33.18 -10.89 13.13
C LEU F 244 32.73 -12.25 13.65
N ARG F 245 31.46 -12.37 13.99
CA ARG F 245 30.90 -13.64 14.42
C ARG F 245 29.63 -13.92 13.65
N VAL F 246 29.63 -15.00 12.88
CA VAL F 246 28.48 -15.36 12.08
C VAL F 246 27.39 -15.92 12.99
N ASP F 247 26.17 -15.41 12.83
CA ASP F 247 25.08 -15.77 13.71
C ASP F 247 24.73 -17.26 13.57
N GLY F 248 24.60 -17.93 14.70
CA GLY F 248 24.26 -19.33 14.71
C GLY F 248 25.43 -20.28 14.55
N THR F 249 26.63 -19.76 14.30
CA THR F 249 27.81 -20.58 14.12
C THR F 249 28.95 -20.05 14.99
N ASP F 250 29.98 -20.87 15.13
CA ASP F 250 31.19 -20.48 15.84
C ASP F 250 32.21 -19.84 14.91
N ILE F 251 31.84 -19.61 13.66
CA ILE F 251 32.76 -19.05 12.69
C ILE F 251 33.09 -17.61 13.09
N GLU F 252 34.33 -17.39 13.50
CA GLU F 252 34.83 -16.08 13.87
C GLU F 252 35.81 -15.58 12.81
N ARG F 253 35.74 -14.29 12.51
CA ARG F 253 36.64 -13.66 11.56
C ARG F 253 37.04 -12.30 12.09
N LYS F 254 38.26 -11.88 11.79
CA LYS F 254 38.70 -10.54 12.12
C LYS F 254 38.64 -9.65 10.89
N GLY F 255 38.55 -8.35 11.12
CA GLY F 255 38.51 -7.39 10.04
C GLY F 255 38.96 -6.05 10.55
N THR F 256 38.87 -5.05 9.67
CA THR F 256 39.22 -3.69 10.01
C THR F 256 38.10 -2.74 9.62
N LEU F 257 37.89 -1.70 10.43
CA LEU F 257 36.93 -0.68 10.09
C LEU F 257 37.52 0.27 9.06
N LEU F 258 36.80 0.44 7.95
CA LEU F 258 37.27 1.25 6.85
C LEU F 258 36.70 2.66 6.86
N PHE F 259 35.41 2.78 7.12
CA PHE F 259 34.66 3.99 6.84
C PHE F 259 33.57 4.16 7.88
N THR F 260 33.44 5.36 8.40
CA THR F 260 32.39 5.71 9.35
C THR F 260 31.57 6.84 8.75
N ASP F 261 30.34 6.53 8.36
CA ASP F 261 29.52 7.52 7.67
C ASP F 261 29.21 8.68 8.60
N ILE F 262 29.04 9.86 8.02
CA ILE F 262 28.73 11.04 8.81
C ILE F 262 27.25 11.36 8.83
N SER F 263 26.46 10.80 7.92
CA SER F 263 25.05 11.14 7.83
C SER F 263 24.22 10.11 8.57
N VAL F 264 23.52 10.57 9.59
CA VAL F 264 22.65 9.72 10.40
C VAL F 264 21.43 9.37 9.56
N ASP F 265 21.09 8.08 9.53
CA ASP F 265 19.89 7.66 8.84
C ASP F 265 18.67 8.35 9.44
N ARG F 266 17.86 8.99 8.58
CA ARG F 266 16.71 9.70 9.07
C ARG F 266 15.67 8.76 9.67
N SER F 267 15.48 7.59 9.05
CA SER F 267 14.41 6.70 9.51
C SER F 267 14.78 6.00 10.80
N THR F 268 16.04 5.60 10.96
CA THR F 268 16.46 4.80 12.09
C THR F 268 17.41 5.51 13.04
N GLY F 269 17.79 6.75 12.75
CA GLY F 269 18.61 7.49 13.68
C GLY F 269 19.93 6.82 13.98
N GLN F 270 20.61 6.28 12.98
CA GLN F 270 21.85 5.57 13.20
C GLN F 270 22.80 5.80 12.03
N ILE F 271 24.09 5.66 12.30
CA ILE F 271 25.14 5.92 11.31
C ILE F 271 25.70 4.60 10.83
N ALA F 272 25.93 4.51 9.53
CA ALA F 272 26.44 3.30 8.91
C ALA F 272 27.96 3.27 8.96
N LEU F 273 28.51 2.09 9.17
CA LEU F 273 29.95 1.87 9.13
C LEU F 273 30.24 0.67 8.24
N ARG F 274 31.41 0.67 7.63
CA ARG F 274 31.78 -0.38 6.70
C ARG F 274 33.07 -1.04 7.17
N GLY F 275 33.05 -2.37 7.26
CA GLY F 275 34.22 -3.11 7.65
C GLY F 275 34.59 -4.17 6.64
N GLN F 276 35.88 -4.27 6.33
CA GLN F 276 36.39 -5.19 5.32
C GLN F 276 36.94 -6.43 6.01
N PHE F 277 36.46 -7.60 5.60
CA PHE F 277 36.83 -8.85 6.23
C PHE F 277 37.38 -9.82 5.21
N ASP F 278 38.51 -10.43 5.54
CA ASP F 278 39.08 -11.48 4.69
C ASP F 278 38.17 -12.69 4.70
N ASN F 279 38.03 -13.32 3.53
CA ASN F 279 37.19 -14.50 3.38
C ASN F 279 37.95 -15.53 2.55
N PRO F 280 39.09 -16.02 3.05
CA PRO F 280 39.92 -16.90 2.23
C PRO F 280 39.25 -18.20 1.85
N GLU F 281 38.41 -18.75 2.73
CA GLU F 281 37.70 -19.98 2.43
C GLU F 281 36.38 -19.75 1.73
N GLY F 282 35.89 -18.52 1.70
CA GLY F 282 34.59 -18.28 1.13
C GLY F 282 33.43 -18.54 2.06
N VAL F 283 33.70 -18.65 3.37
CA VAL F 283 32.63 -18.92 4.32
C VAL F 283 31.70 -17.72 4.47
N LEU F 284 32.27 -16.53 4.59
CA LEU F 284 31.47 -15.32 4.77
C LEU F 284 30.65 -15.06 3.51
N LEU F 285 29.38 -15.29 3.59
CA LEU F 285 28.54 -15.16 2.41
C LEU F 285 27.90 -13.79 2.35
N PRO F 286 27.78 -13.21 1.16
CA PRO F 286 27.14 -11.90 1.03
C PRO F 286 25.70 -11.94 1.50
N GLY F 287 25.24 -10.82 2.05
CA GLY F 287 23.88 -10.69 2.51
C GLY F 287 23.60 -11.31 3.85
N MET F 288 24.48 -12.19 4.33
CA MET F 288 24.25 -12.89 5.59
C MET F 288 24.28 -11.91 6.76
N TYR F 289 23.38 -12.11 7.71
CA TYR F 289 23.38 -11.31 8.92
C TYR F 289 24.48 -11.78 9.86
N VAL F 290 25.25 -10.83 10.38
CA VAL F 290 26.36 -11.14 11.26
C VAL F 290 26.39 -10.12 12.38
N ARG F 291 27.20 -10.39 13.39
CA ARG F 291 27.45 -9.44 14.48
C ARG F 291 28.93 -9.08 14.49
N VAL F 292 29.21 -7.82 14.72
CA VAL F 292 30.57 -7.28 14.70
C VAL F 292 30.87 -6.71 16.08
N ARG F 293 31.97 -7.14 16.67
CA ARG F 293 32.40 -6.58 17.96
C ARG F 293 33.30 -5.40 17.70
N THR F 294 32.72 -4.22 17.57
CA THR F 294 33.50 -3.03 17.37
C THR F 294 33.98 -2.50 18.71
N PRO F 295 35.28 -2.26 18.86
CA PRO F 295 35.76 -1.62 20.09
C PRO F 295 35.23 -0.20 20.19
N GLN F 296 34.90 0.22 21.42
CA GLN F 296 34.42 1.56 21.71
C GLN F 296 35.44 2.40 22.47
N GLY F 297 36.72 2.26 22.16
CA GLY F 297 37.72 3.06 22.84
C GLY F 297 38.32 2.33 24.02
N LEU F 298 39.57 2.67 24.31
CA LEU F 298 40.34 2.01 25.36
C LEU F 298 40.46 2.95 26.55
N ASN F 299 40.17 2.44 27.73
CA ASN F 299 40.39 3.15 28.98
C ASN F 299 41.60 2.51 29.67
N GLN F 300 42.73 3.21 29.65
CA GLN F 300 43.97 2.65 30.19
C GLN F 300 43.87 2.41 31.69
N ASN F 301 43.11 3.25 32.40
CA ASN F 301 43.06 3.16 33.86
C ASN F 301 41.65 2.81 34.31
N ALA F 302 41.02 1.87 33.64
CA ALA F 302 39.67 1.47 33.99
C ALA F 302 39.67 0.80 35.37
N ILE F 303 38.70 1.17 36.20
CA ILE F 303 38.53 0.59 37.51
C ILE F 303 37.22 -0.17 37.54
N LEU F 304 37.28 -1.44 37.93
CA LEU F 304 36.12 -2.30 37.99
C LEU F 304 35.95 -2.79 39.43
N VAL F 305 34.73 -2.74 39.95
CA VAL F 305 34.47 -3.23 41.29
C VAL F 305 33.24 -4.13 41.23
N PRO F 306 33.05 -5.04 42.19
CA PRO F 306 31.87 -5.90 42.15
C PRO F 306 30.59 -5.10 42.19
N GLN F 307 29.59 -5.56 41.47
CA GLN F 307 28.33 -4.84 41.37
C GLN F 307 27.62 -4.72 42.71
N ARG F 308 27.81 -5.70 43.58
CA ARG F 308 27.19 -5.68 44.88
C ARG F 308 27.82 -4.67 45.82
N ALA F 309 28.86 -3.97 45.36
CA ALA F 309 29.53 -2.96 46.17
C ALA F 309 29.17 -1.53 45.77
N VAL F 310 28.08 -1.34 45.03
CA VAL F 310 27.64 -0.02 44.60
C VAL F 310 26.26 0.26 45.20
N GLN F 311 26.12 1.43 45.80
CA GLN F 311 24.84 1.89 46.33
C GLN F 311 24.35 3.08 45.51
N ARG F 312 23.04 3.27 45.47
CA ARG F 312 22.43 4.40 44.80
C ARG F 312 21.52 5.15 45.75
N SER F 313 21.65 6.47 45.76
CA SER F 313 20.86 7.31 46.65
C SER F 313 19.51 7.61 46.03
N ALA F 314 18.69 8.35 46.76
CA ALA F 314 17.34 8.65 46.31
C ALA F 314 17.33 9.52 45.07
N ASP F 315 18.42 10.22 44.79
CA ASP F 315 18.53 11.08 43.61
C ASP F 315 19.09 10.35 42.41
N GLY F 316 19.41 9.06 42.54
CA GLY F 316 20.08 8.34 41.49
C GLY F 316 21.59 8.47 41.50
N GLN F 317 22.15 9.19 42.46
CA GLN F 317 23.60 9.32 42.54
C GLN F 317 24.21 8.10 43.22
N ALA F 318 25.15 7.46 42.53
CA ALA F 318 25.79 6.25 43.01
C ALA F 318 26.94 6.59 43.93
N SER F 319 27.25 5.68 44.86
CA SER F 319 28.32 5.88 45.81
C SER F 319 28.77 4.53 46.35
N VAL F 320 29.97 4.51 46.91
CA VAL F 320 30.55 3.28 47.47
C VAL F 320 31.03 3.54 48.88
N MET F 321 31.09 2.48 49.67
CA MET F 321 31.65 2.53 51.01
C MET F 321 33.15 2.26 50.93
N LEU F 322 33.95 3.18 51.46
CA LEU F 322 35.39 3.06 51.40
C LEU F 322 35.98 2.88 52.79
N LEU F 323 37.01 2.05 52.87
CA LEU F 323 37.69 1.78 54.13
C LEU F 323 38.72 2.89 54.36
N GLY F 324 38.31 3.92 55.07
CA GLY F 324 39.15 5.08 55.29
C GLY F 324 40.20 4.84 56.36
N GLU F 325 40.90 5.92 56.69
CA GLU F 325 41.90 5.86 57.74
C GLU F 325 41.25 5.53 59.07
N GLY F 326 41.92 4.70 59.86
CA GLY F 326 41.32 4.28 61.12
C GLY F 326 40.16 3.33 60.96
N ASP F 327 40.08 2.64 59.83
CA ASP F 327 39.02 1.65 59.59
C ASP F 327 37.63 2.26 59.72
N THR F 328 37.49 3.49 59.26
CA THR F 328 36.21 4.17 59.23
C THR F 328 35.65 4.14 57.82
N VAL F 329 34.37 3.86 57.72
CA VAL F 329 33.72 3.70 56.42
C VAL F 329 33.28 5.05 55.91
N GLU F 330 33.79 5.43 54.75
CA GLU F 330 33.49 6.71 54.11
C GLU F 330 32.56 6.50 52.93
N VAL F 331 31.73 7.50 52.67
CA VAL F 331 30.81 7.49 51.54
C VAL F 331 31.42 8.35 50.45
N ARG F 332 31.98 7.72 49.43
CA ARG F 332 32.51 8.43 48.28
C ARG F 332 31.56 8.26 47.11
N GLN F 333 30.94 9.36 46.69
CA GLN F 333 30.06 9.31 45.54
C GLN F 333 30.84 8.94 44.30
N VAL F 334 30.23 8.14 43.42
CA VAL F 334 30.85 7.69 42.19
C VAL F 334 29.86 7.81 41.06
N THR F 335 30.38 7.71 39.84
CA THR F 335 29.56 7.57 38.65
C THR F 335 29.92 6.27 37.97
N THR F 336 28.93 5.44 37.74
CA THR F 336 29.14 4.13 37.14
C THR F 336 29.04 4.22 35.63
N GLY F 337 29.88 3.44 34.94
CA GLY F 337 29.94 3.51 33.51
C GLY F 337 29.11 2.44 32.83
N ALA F 338 29.75 1.42 32.29
CA ALA F 338 29.07 0.30 31.68
C ALA F 338 29.18 -0.92 32.58
N MET F 339 28.37 -1.93 32.27
CA MET F 339 28.29 -3.15 33.07
C MET F 339 28.98 -4.28 32.34
N GLN F 340 30.03 -4.82 32.94
CA GLN F 340 30.77 -5.95 32.37
C GLN F 340 30.65 -7.11 33.34
N GLY F 341 29.99 -8.17 32.90
CA GLY F 341 29.85 -9.34 33.73
C GLY F 341 29.20 -9.02 35.06
N SER F 342 29.92 -9.24 36.16
CA SER F 342 29.40 -8.96 37.49
C SER F 342 29.90 -7.64 38.05
N ARG F 343 30.64 -6.86 37.26
CA ARG F 343 31.38 -5.73 37.79
C ARG F 343 30.93 -4.44 37.12
N TRP F 344 30.90 -3.37 37.90
CA TRP F 344 30.53 -2.06 37.41
C TRP F 344 31.80 -1.35 36.96
N GLN F 345 31.75 -0.68 35.82
CA GLN F 345 32.86 0.19 35.44
C GLN F 345 32.63 1.57 36.03
N ILE F 346 33.58 2.04 36.82
CA ILE F 346 33.47 3.33 37.50
C ILE F 346 34.28 4.35 36.72
N SER F 347 33.64 5.44 36.34
CA SER F 347 34.30 6.47 35.56
C SER F 347 34.93 7.55 36.41
N GLU F 348 34.40 7.80 37.61
CA GLU F 348 34.99 8.80 38.49
C GLU F 348 34.65 8.46 39.93
N GLY F 349 35.39 9.07 40.84
CA GLY F 349 35.20 8.83 42.26
C GLY F 349 36.01 7.69 42.82
N LEU F 350 36.88 7.07 42.03
CA LEU F 350 37.75 6.03 42.52
C LEU F 350 39.17 6.27 42.02
N GLN F 351 40.13 5.96 42.87
CA GLN F 351 41.54 6.08 42.55
C GLN F 351 42.21 4.75 42.83
N ALA F 352 43.29 4.49 42.12
CA ALA F 352 44.01 3.23 42.28
C ALA F 352 44.45 3.07 43.73
N GLY F 353 44.27 1.87 44.28
CA GLY F 353 44.64 1.58 45.64
C GLY F 353 43.57 1.86 46.67
N ASP F 354 42.41 2.37 46.27
CA ASP F 354 41.33 2.60 47.22
C ASP F 354 40.79 1.28 47.75
N LYS F 355 40.60 1.21 49.06
CA LYS F 355 40.15 -0.02 49.73
C LYS F 355 38.63 0.05 49.83
N VAL F 356 37.96 -0.57 48.87
CA VAL F 356 36.50 -0.56 48.83
C VAL F 356 35.98 -1.83 49.49
N ILE F 357 34.88 -1.70 50.20
CA ILE F 357 34.27 -2.82 50.91
C ILE F 357 33.28 -3.48 49.97
N THR F 358 33.44 -4.78 49.73
CA THR F 358 32.57 -5.53 48.85
C THR F 358 31.75 -6.57 49.58
N SER F 359 31.38 -6.30 50.83
CA SER F 359 30.60 -7.24 51.60
C SER F 359 29.88 -6.50 52.73
N SER F 360 28.77 -7.07 53.17
CA SER F 360 28.04 -6.60 54.34
C SER F 360 27.58 -5.15 54.19
N LEU F 361 27.44 -4.68 52.95
CA LEU F 361 27.06 -3.29 52.71
C LEU F 361 25.72 -2.96 53.36
N ALA F 362 24.89 -3.98 53.58
CA ALA F 362 23.61 -3.75 54.24
C ALA F 362 23.77 -3.48 55.73
N ALA F 363 24.91 -3.86 56.32
CA ALA F 363 25.11 -3.78 57.75
C ALA F 363 26.17 -2.77 58.16
N ILE F 364 26.54 -1.85 57.28
CA ILE F 364 27.55 -0.83 57.58
C ILE F 364 26.95 0.54 57.40
N ARG F 365 27.17 1.40 58.34
CA ARG F 365 26.86 2.82 58.35
C ARG F 365 28.12 3.62 58.13
N PRO F 366 28.02 4.84 57.59
CA PRO F 366 29.23 5.66 57.41
C PRO F 366 29.92 5.92 58.74
N GLY F 367 31.25 5.83 58.72
CA GLY F 367 32.03 6.12 59.88
C GLY F 367 32.07 5.02 60.93
N ALA F 368 31.27 3.97 60.78
CA ALA F 368 31.31 2.86 61.71
C ALA F 368 32.60 2.08 61.52
N LYS F 369 33.08 1.49 62.62
CA LYS F 369 34.34 0.75 62.59
C LYS F 369 34.09 -0.68 62.13
N VAL F 370 34.91 -1.14 61.18
CA VAL F 370 34.76 -2.46 60.59
C VAL F 370 36.13 -3.15 60.60
N ILE F 371 36.09 -4.47 60.44
CA ILE F 371 37.30 -5.29 60.45
C ILE F 371 37.54 -5.80 59.03
N PRO F 372 38.62 -5.39 58.36
CA PRO F 372 38.91 -5.93 57.04
C PRO F 372 39.26 -7.40 57.12
N ARG F 373 39.07 -8.10 56.01
CA ARG F 373 39.48 -9.49 55.93
C ARG F 373 40.57 -9.69 54.90
N ALA G 36 13.06 -59.49 36.28
CA ALA G 36 13.44 -60.34 35.17
C ALA G 36 12.51 -60.15 33.99
N ARG G 37 12.42 -58.92 33.48
CA ARG G 37 11.56 -58.61 32.36
C ARG G 37 12.26 -58.99 31.05
N GLU G 38 11.49 -58.98 29.96
CA GLU G 38 12.01 -59.33 28.64
C GLU G 38 12.33 -58.05 27.88
N VAL G 39 13.48 -58.05 27.21
CA VAL G 39 13.97 -56.89 26.48
C VAL G 39 14.44 -57.34 25.10
N ASP G 40 14.46 -56.39 24.17
CA ASP G 40 15.01 -56.60 22.84
C ASP G 40 16.37 -55.93 22.76
N VAL G 41 17.38 -56.73 22.46
CA VAL G 41 18.77 -56.28 22.47
C VAL G 41 19.26 -56.14 21.04
N LEU G 42 19.76 -54.96 20.70
CA LEU G 42 20.35 -54.71 19.40
C LEU G 42 21.77 -54.21 19.58
N SER G 43 22.72 -54.91 18.97
CA SER G 43 24.12 -54.52 19.01
C SER G 43 24.31 -53.25 18.18
N VAL G 44 24.83 -52.21 18.82
CA VAL G 44 25.12 -50.97 18.12
C VAL G 44 26.19 -51.23 17.07
N LYS G 45 25.87 -50.94 15.80
CA LYS G 45 26.78 -51.16 14.71
C LYS G 45 27.07 -49.86 13.97
N THR G 46 28.34 -49.67 13.66
CA THR G 46 28.81 -48.54 12.87
C THR G 46 28.49 -48.78 11.40
N GLU G 47 27.65 -47.92 10.82
CA GLU G 47 27.24 -48.06 9.44
C GLU G 47 27.14 -46.71 8.78
N PRO G 48 27.34 -46.63 7.47
CA PRO G 48 27.19 -45.35 6.76
C PRO G 48 25.75 -44.86 6.80
N PHE G 49 25.60 -43.54 6.80
CA PHE G 49 24.29 -42.92 6.88
C PHE G 49 24.34 -41.56 6.22
N THR G 50 23.31 -41.24 5.45
CA THR G 50 23.21 -39.97 4.75
C THR G 50 22.04 -39.18 5.31
N VAL G 51 22.30 -37.96 5.73
CA VAL G 51 21.26 -37.09 6.26
C VAL G 51 20.60 -36.37 5.09
N PHE G 52 19.30 -36.54 4.95
CA PHE G 52 18.52 -35.87 3.92
C PHE G 52 17.71 -34.75 4.56
N ALA G 53 17.84 -33.55 4.01
CA ALA G 53 17.03 -32.41 4.42
C ALA G 53 16.04 -32.10 3.31
N GLU G 54 14.76 -32.09 3.64
CA GLU G 54 13.71 -31.82 2.66
C GLU G 54 13.49 -30.31 2.57
N LEU G 55 13.92 -29.72 1.48
CA LEU G 55 13.87 -28.31 1.23
C LEU G 55 12.73 -27.96 0.30
N PRO G 56 11.92 -26.96 0.63
CA PRO G 56 10.89 -26.51 -0.31
C PRO G 56 11.53 -25.89 -1.53
N GLY G 57 10.83 -25.99 -2.65
CA GLY G 57 11.33 -25.40 -3.88
C GLY G 57 10.24 -25.40 -4.92
N ARG G 58 10.55 -24.80 -6.06
CA ARG G 58 9.60 -24.71 -7.16
C ARG G 58 10.26 -25.19 -8.45
N ILE G 59 9.44 -25.79 -9.30
CA ILE G 59 9.91 -26.25 -10.60
C ILE G 59 9.95 -25.07 -11.55
N GLU G 60 11.10 -24.85 -12.18
CA GLU G 60 11.23 -23.74 -13.10
C GLU G 60 11.74 -24.28 -14.42
N PRO G 61 11.13 -23.88 -15.54
CA PRO G 61 11.51 -24.42 -16.84
C PRO G 61 12.91 -24.00 -17.25
N VAL G 62 13.56 -24.89 -18.01
CA VAL G 62 14.95 -24.66 -18.41
C VAL G 62 15.06 -23.39 -19.25
N ARG G 63 14.15 -23.21 -20.19
CA ARG G 63 14.15 -22.03 -21.05
C ARG G 63 12.75 -21.47 -21.16
N VAL G 64 12.62 -20.17 -20.93
CA VAL G 64 11.35 -19.46 -21.05
C VAL G 64 11.52 -18.41 -22.13
N ALA G 65 10.61 -18.40 -23.08
CA ALA G 65 10.64 -17.44 -24.17
C ALA G 65 9.40 -16.56 -24.07
N GLU G 66 9.54 -15.42 -23.40
CA GLU G 66 8.46 -14.43 -23.36
C GLU G 66 8.47 -13.71 -24.70
N VAL G 67 7.69 -14.23 -25.64
CA VAL G 67 7.64 -13.67 -26.98
C VAL G 67 7.05 -12.27 -26.89
N ARG G 68 7.81 -11.27 -27.29
CA ARG G 68 7.37 -9.88 -27.20
C ARG G 68 7.38 -9.22 -28.56
N ALA G 69 6.58 -8.18 -28.69
CA ALA G 69 6.53 -7.41 -29.92
C ALA G 69 7.69 -6.43 -29.96
N ARG G 70 8.56 -6.58 -30.96
CA ARG G 70 9.67 -5.66 -31.14
C ARG G 70 9.27 -4.40 -31.88
N VAL G 71 8.09 -4.38 -32.49
CA VAL G 71 7.65 -3.28 -33.33
C VAL G 71 6.22 -2.93 -32.98
N ALA G 72 5.84 -1.71 -33.34
CA ALA G 72 4.48 -1.24 -33.10
C ALA G 72 3.59 -1.57 -34.28
N GLY G 73 2.40 -2.08 -33.99
CA GLY G 73 1.47 -2.42 -35.04
C GLY G 73 0.31 -3.22 -34.50
N ILE G 74 -0.64 -3.48 -35.39
CA ILE G 74 -1.85 -4.22 -35.05
C ILE G 74 -1.66 -5.67 -35.41
N VAL G 75 -1.94 -6.56 -34.46
CA VAL G 75 -1.79 -7.99 -34.69
C VAL G 75 -2.83 -8.43 -35.72
N LEU G 76 -2.39 -8.71 -36.93
CA LEU G 76 -3.33 -9.08 -37.98
C LEU G 76 -3.90 -10.47 -37.76
N LYS G 77 -3.04 -11.43 -37.42
CA LYS G 77 -3.47 -12.82 -37.32
C LYS G 77 -2.74 -13.50 -36.18
N ARG G 78 -3.30 -14.62 -35.74
CA ARG G 78 -2.64 -15.53 -34.81
C ARG G 78 -2.53 -16.89 -35.51
N THR G 79 -1.30 -17.31 -35.79
CA THR G 79 -1.07 -18.45 -36.66
C THR G 79 -0.88 -19.76 -35.91
N PHE G 80 -1.02 -19.76 -34.59
CA PHE G 80 -0.79 -20.95 -33.81
C PHE G 80 -2.00 -21.23 -32.93
N GLU G 81 -2.10 -22.47 -32.48
CA GLU G 81 -3.13 -22.88 -31.53
C GLU G 81 -2.51 -22.93 -30.14
N GLU G 82 -3.20 -22.34 -29.17
CA GLU G 82 -2.67 -22.25 -27.83
C GLU G 82 -2.46 -23.62 -27.23
N GLY G 83 -1.37 -23.79 -26.49
CA GLY G 83 -1.05 -25.04 -25.86
C GLY G 83 -0.29 -26.01 -26.74
N ALA G 84 -0.06 -25.68 -28.00
CA ALA G 84 0.67 -26.56 -28.89
C ALA G 84 2.17 -26.41 -28.69
N ASP G 85 2.91 -27.43 -29.09
CA ASP G 85 4.35 -27.38 -29.07
C ASP G 85 4.86 -26.84 -30.39
N VAL G 86 5.55 -25.71 -30.33
CA VAL G 86 6.02 -25.01 -31.51
C VAL G 86 7.51 -25.26 -31.68
N LYS G 87 7.97 -25.19 -32.92
CA LYS G 87 9.39 -25.29 -33.22
C LYS G 87 9.97 -23.90 -33.33
N ALA G 88 11.28 -23.80 -33.14
CA ALA G 88 11.94 -22.51 -33.26
C ALA G 88 11.74 -21.97 -34.67
N GLY G 89 11.39 -20.69 -34.76
CA GLY G 89 11.19 -20.04 -36.03
C GLY G 89 9.79 -20.12 -36.58
N ASP G 90 8.88 -20.84 -35.92
CA ASP G 90 7.50 -20.87 -36.38
C ASP G 90 6.84 -19.53 -36.20
N VAL G 91 5.94 -19.18 -37.12
CA VAL G 91 5.20 -17.93 -37.05
C VAL G 91 4.12 -18.06 -35.98
N LEU G 92 4.02 -17.06 -35.12
CA LEU G 92 3.00 -17.02 -34.07
C LEU G 92 1.99 -15.91 -34.31
N PHE G 93 2.46 -14.68 -34.51
CA PHE G 93 1.62 -13.52 -34.71
C PHE G 93 2.08 -12.80 -35.96
N GLN G 94 1.14 -12.17 -36.66
CA GLN G 94 1.47 -11.35 -37.81
C GLN G 94 1.07 -9.91 -37.54
N ILE G 95 2.04 -9.08 -37.25
CA ILE G 95 1.84 -7.65 -37.04
C ILE G 95 1.78 -6.96 -38.38
N ASP G 96 0.84 -6.02 -38.52
CA ASP G 96 0.57 -5.34 -39.78
C ASP G 96 1.86 -4.76 -40.37
N PRO G 97 2.36 -5.31 -41.47
CA PRO G 97 3.64 -4.86 -42.04
C PRO G 97 3.47 -3.70 -43.01
N ALA G 98 2.70 -2.71 -42.60
CA ALA G 98 2.48 -1.58 -43.48
C ALA G 98 3.70 -0.66 -43.50
N PRO G 99 4.16 -0.15 -42.35
CA PRO G 99 5.25 0.84 -42.40
C PRO G 99 6.58 0.20 -42.73
N PHE G 100 6.77 -1.03 -42.26
CA PHE G 100 8.07 -1.67 -42.42
C PHE G 100 8.30 -2.08 -43.86
N LYS G 101 7.25 -2.49 -44.56
CA LYS G 101 7.37 -2.74 -45.98
C LYS G 101 7.76 -1.46 -46.72
N ALA G 102 7.20 -0.33 -46.32
CA ALA G 102 7.56 0.94 -46.93
C ALA G 102 9.01 1.30 -46.68
N ALA G 103 9.49 1.10 -45.45
CA ALA G 103 10.89 1.34 -45.15
C ALA G 103 11.78 0.41 -45.96
N LEU G 104 11.35 -0.84 -46.13
CA LEU G 104 12.10 -1.76 -46.97
C LEU G 104 12.15 -1.29 -48.41
N SER G 105 11.03 -0.77 -48.91
CA SER G 105 11.01 -0.25 -50.26
C SER G 105 11.96 0.92 -50.42
N ARG G 106 11.99 1.80 -49.43
CA ARG G 106 12.94 2.92 -49.47
C ARG G 106 14.38 2.42 -49.48
N ALA G 107 14.69 1.45 -48.62
CA ALA G 107 16.05 0.93 -48.57
C ALA G 107 16.42 0.28 -49.90
N GLN G 108 15.49 -0.46 -50.49
CA GLN G 108 15.75 -1.10 -51.78
C GLN G 108 15.92 -0.05 -52.88
N GLY G 109 15.17 1.05 -52.80
CA GLY G 109 15.37 2.11 -53.77
C GLY G 109 16.76 2.73 -53.67
N GLU G 110 17.20 2.99 -52.44
CA GLU G 110 18.56 3.47 -52.26
C GLU G 110 19.57 2.47 -52.78
N LEU G 111 19.31 1.18 -52.54
CA LEU G 111 20.19 0.14 -53.04
C LEU G 111 20.25 0.15 -54.56
N ALA G 112 19.09 0.32 -55.21
CA ALA G 112 19.06 0.36 -56.66
C ALA G 112 19.83 1.55 -57.19
N ARG G 113 19.70 2.70 -56.53
CA ARG G 113 20.47 3.87 -56.95
C ARG G 113 21.96 3.62 -56.83
N ALA G 114 22.39 3.06 -55.70
CA ALA G 114 23.81 2.77 -55.51
C ALA G 114 24.30 1.75 -56.53
N GLU G 115 23.46 0.75 -56.85
CA GLU G 115 23.86 -0.25 -57.82
C GLU G 115 23.97 0.35 -59.22
N ALA G 116 23.07 1.25 -59.57
CA ALA G 116 23.18 1.92 -60.86
C ALA G 116 24.45 2.73 -60.96
N GLN G 117 24.79 3.46 -59.89
CA GLN G 117 26.03 4.21 -59.88
C GLN G 117 27.22 3.27 -60.01
N LEU G 118 27.15 2.12 -59.33
CA LEU G 118 28.24 1.15 -59.40
C LEU G 118 28.40 0.60 -60.81
N PHE G 119 27.30 0.31 -61.48
CA PHE G 119 27.37 -0.18 -62.85
C PHE G 119 28.01 0.86 -63.75
N GLN G 120 27.63 2.12 -63.58
CA GLN G 120 28.25 3.19 -64.36
C GLN G 120 29.76 3.25 -64.12
N ALA G 121 30.18 3.19 -62.85
CA ALA G 121 31.60 3.26 -62.55
C ALA G 121 32.34 2.06 -63.12
N GLN G 122 31.75 0.87 -63.03
CA GLN G 122 32.39 -0.32 -63.60
C GLN G 122 32.57 -0.15 -65.09
N ALA G 123 31.55 0.34 -65.79
CA ALA G 123 31.68 0.55 -67.22
C ALA G 123 32.77 1.56 -67.54
N MET G 124 32.82 2.65 -66.77
CA MET G 124 33.83 3.67 -66.99
C MET G 124 35.22 3.08 -66.86
N VAL G 125 35.45 2.27 -65.81
CA VAL G 125 36.76 1.70 -65.59
C VAL G 125 37.09 0.68 -66.67
N ARG G 126 36.11 -0.13 -67.08
CA ARG G 126 36.36 -1.10 -68.13
C ARG G 126 36.75 -0.43 -69.43
N ARG G 127 36.12 0.71 -69.75
CA ARG G 127 36.52 1.41 -70.97
C ARG G 127 37.86 2.09 -70.81
N TYR G 128 38.13 2.65 -69.62
CA TYR G 128 39.36 3.39 -69.44
C TYR G 128 40.59 2.50 -69.32
N GLU G 129 40.41 1.24 -68.94
CA GLU G 129 41.56 0.39 -68.66
C GLU G 129 42.46 0.17 -69.86
N PRO G 130 41.96 -0.24 -71.04
CA PRO G 130 42.87 -0.35 -72.19
C PRO G 130 43.39 0.98 -72.68
N LEU G 131 42.63 2.06 -72.49
CA LEU G 131 43.06 3.36 -73.00
C LEU G 131 44.28 3.88 -72.24
N VAL G 132 44.29 3.72 -70.92
CA VAL G 132 45.44 4.20 -70.15
C VAL G 132 46.68 3.40 -70.47
N LYS G 133 46.53 2.16 -70.94
CA LYS G 133 47.70 1.37 -71.30
C LYS G 133 48.45 1.97 -72.47
N ILE G 134 47.75 2.67 -73.37
CA ILE G 134 48.39 3.34 -74.49
C ILE G 134 48.38 4.86 -74.30
N ASP G 135 48.16 5.31 -73.06
CA ASP G 135 48.18 6.71 -72.65
C ASP G 135 47.10 7.55 -73.33
N ALA G 136 46.06 6.91 -73.87
CA ALA G 136 44.96 7.68 -74.45
C ALA G 136 44.25 8.52 -73.41
N VAL G 137 44.19 8.04 -72.17
CA VAL G 137 43.66 8.81 -71.06
C VAL G 137 44.78 8.98 -70.04
N SER G 138 44.75 10.12 -69.35
CA SER G 138 45.77 10.40 -68.36
C SER G 138 45.71 9.37 -67.26
N GLN G 139 46.88 9.03 -66.72
CA GLN G 139 46.91 8.16 -65.55
C GLN G 139 46.11 8.77 -64.41
N GLN G 140 46.08 10.10 -64.33
CA GLN G 140 45.26 10.76 -63.32
C GLN G 140 43.78 10.49 -63.55
N ASP G 141 43.34 10.55 -64.80
CA ASP G 141 41.93 10.27 -65.08
C ASP G 141 41.57 8.84 -64.74
N PHE G 142 42.45 7.90 -65.06
CA PHE G 142 42.18 6.51 -64.70
C PHE G 142 42.15 6.32 -63.19
N ASP G 143 43.03 7.01 -62.48
CA ASP G 143 43.02 6.91 -61.02
C ASP G 143 41.73 7.49 -60.45
N ASN G 144 41.26 8.59 -61.01
CA ASN G 144 39.98 9.13 -60.59
C ASN G 144 38.85 8.16 -60.88
N ALA G 145 38.90 7.50 -62.04
CA ALA G 145 37.87 6.52 -62.37
C ALA G 145 37.91 5.33 -61.41
N MET G 146 39.11 4.87 -61.07
CA MET G 146 39.22 3.75 -60.14
C MET G 146 38.73 4.15 -58.76
N ALA G 147 39.04 5.37 -58.32
CA ALA G 147 38.53 5.84 -57.05
C ALA G 147 37.01 5.95 -57.07
N ALA G 148 36.45 6.40 -58.20
CA ALA G 148 35.00 6.44 -58.32
C ALA G 148 34.41 5.04 -58.24
N LEU G 149 35.06 4.05 -58.86
CA LEU G 149 34.58 2.69 -58.80
C LEU G 149 34.64 2.14 -57.38
N GLN G 150 35.74 2.40 -56.67
CA GLN G 150 35.85 1.93 -55.30
C GLN G 150 34.81 2.61 -54.42
N SER G 151 34.58 3.89 -54.62
CA SER G 151 33.54 4.59 -53.90
C SER G 151 32.18 4.01 -54.20
N ALA G 152 31.92 3.66 -55.46
CA ALA G 152 30.64 3.08 -55.83
C ALA G 152 30.45 1.72 -55.17
N GLN G 153 31.50 0.90 -55.13
CA GLN G 153 31.41 -0.38 -54.45
C GLN G 153 31.14 -0.19 -52.97
N ALA G 154 31.81 0.78 -52.35
CA ALA G 154 31.57 1.05 -50.93
C ALA G 154 30.14 1.51 -50.68
N ASP G 155 29.63 2.38 -51.56
CA ASP G 155 28.24 2.81 -51.43
C ASP G 155 27.29 1.64 -51.63
N LYS G 156 27.64 0.71 -52.52
CA LYS G 156 26.80 -0.46 -52.71
C LYS G 156 26.78 -1.31 -51.45
N ARG G 157 27.93 -1.46 -50.80
CA ARG G 157 27.97 -2.18 -49.52
C ARG G 157 27.11 -1.48 -48.48
N SER G 158 27.21 -0.16 -48.41
CA SER G 158 26.42 0.59 -47.43
C SER G 158 24.93 0.45 -47.69
N ALA G 159 24.53 0.52 -48.96
CA ALA G 159 23.12 0.38 -49.30
C ALA G 159 22.62 -1.03 -49.01
N GLN G 160 23.47 -2.04 -49.25
CA GLN G 160 23.10 -3.40 -48.88
C GLN G 160 22.91 -3.53 -47.38
N ALA G 161 23.79 -2.91 -46.60
CA ALA G 161 23.65 -2.95 -45.15
C ALA G 161 22.35 -2.29 -44.71
N ASN G 162 22.02 -1.15 -45.31
CA ASN G 162 20.76 -0.50 -44.99
C ASN G 162 19.57 -1.37 -45.36
N VAL G 163 19.65 -2.03 -46.52
CA VAL G 163 18.59 -2.92 -46.94
C VAL G 163 18.43 -4.06 -45.96
N GLU G 164 19.54 -4.61 -45.47
CA GLU G 164 19.45 -5.71 -44.53
C GLU G 164 18.85 -5.26 -43.21
N THR G 165 19.23 -4.06 -42.76
CA THR G 165 18.62 -3.53 -41.54
C THR G 165 17.11 -3.39 -41.71
N ALA G 166 16.68 -2.85 -42.85
CA ALA G 166 15.26 -2.70 -43.10
C ALA G 166 14.57 -4.06 -43.18
N ARG G 167 15.22 -5.04 -43.81
CA ARG G 167 14.61 -6.35 -43.94
C ARG G 167 14.44 -7.04 -42.59
N LEU G 168 15.45 -6.96 -41.73
CA LEU G 168 15.31 -7.58 -40.42
C LEU G 168 14.31 -6.84 -39.56
N ASP G 169 14.24 -5.52 -39.70
CA ASP G 169 13.20 -4.77 -39.01
C ASP G 169 11.83 -5.26 -39.47
N LEU G 170 11.66 -5.45 -40.77
CA LEU G 170 10.39 -5.98 -41.27
C LEU G 170 10.11 -7.36 -40.72
N GLY G 171 11.13 -8.23 -40.68
CA GLY G 171 10.94 -9.56 -40.14
C GLY G 171 10.54 -9.56 -38.69
N TYR G 172 10.90 -8.52 -37.94
CA TYR G 172 10.41 -8.39 -36.59
C TYR G 172 8.88 -8.31 -36.52
N ALA G 173 8.22 -7.90 -37.60
CA ALA G 173 6.77 -7.85 -37.65
C ALA G 173 6.14 -9.22 -37.87
N GLU G 174 6.90 -10.20 -38.33
CA GLU G 174 6.47 -11.59 -38.35
C GLU G 174 6.95 -12.23 -37.07
N VAL G 175 6.06 -12.32 -36.08
CA VAL G 175 6.46 -12.77 -34.75
C VAL G 175 6.71 -14.27 -34.80
N ARG G 176 7.97 -14.67 -34.76
CA ARG G 176 8.37 -16.06 -34.81
C ARG G 176 8.79 -16.56 -33.44
N ALA G 177 8.61 -17.85 -33.22
CA ALA G 177 8.99 -18.48 -31.96
C ALA G 177 10.50 -18.54 -31.87
N PRO G 178 11.12 -17.98 -30.84
CA PRO G 178 12.59 -18.01 -30.76
C PRO G 178 13.15 -19.37 -30.42
N ILE G 179 12.47 -20.13 -29.57
CA ILE G 179 12.94 -21.45 -29.17
C ILE G 179 11.79 -22.45 -29.32
N ALA G 180 12.15 -23.71 -29.42
CA ALA G 180 11.15 -24.77 -29.45
C ALA G 180 10.68 -25.06 -28.04
N GLY G 181 9.39 -25.30 -27.89
CA GLY G 181 8.81 -25.55 -26.59
C GLY G 181 7.30 -25.45 -26.67
N ARG G 182 6.69 -25.47 -25.49
CA ARG G 182 5.24 -25.35 -25.39
C ARG G 182 4.84 -23.89 -25.24
N ILE G 183 4.02 -23.43 -26.16
CA ILE G 183 3.51 -22.07 -26.11
C ILE G 183 2.21 -22.07 -25.34
N GLY G 184 2.00 -21.04 -24.54
CA GLY G 184 0.81 -20.93 -23.73
C GLY G 184 -0.28 -20.13 -24.42
N ARG G 185 -1.14 -19.54 -23.60
CA ARG G 185 -2.20 -18.70 -24.09
C ARG G 185 -1.66 -17.45 -24.74
N ALA G 186 -2.32 -16.99 -25.79
CA ALA G 186 -1.94 -15.75 -26.46
C ALA G 186 -2.36 -14.57 -25.60
N GLN G 187 -1.38 -13.80 -25.13
CA GLN G 187 -1.68 -12.66 -24.28
C GLN G 187 -2.44 -11.57 -25.00
N VAL G 188 -2.34 -11.50 -26.32
CA VAL G 188 -3.07 -10.52 -27.12
C VAL G 188 -3.86 -11.24 -28.19
N THR G 189 -4.92 -10.61 -28.65
CA THR G 189 -5.79 -11.18 -29.66
C THR G 189 -5.59 -10.44 -30.98
N GLU G 190 -6.18 -11.00 -32.03
CA GLU G 190 -6.10 -10.35 -33.33
C GLU G 190 -6.78 -8.99 -33.27
N GLY G 191 -6.16 -8.01 -33.92
CA GLY G 191 -6.64 -6.65 -33.85
C GLY G 191 -6.09 -5.84 -32.69
N ALA G 192 -5.36 -6.46 -31.78
CA ALA G 192 -4.77 -5.72 -30.67
C ALA G 192 -3.53 -4.97 -31.13
N LEU G 193 -3.35 -3.78 -30.58
CA LEU G 193 -2.20 -2.95 -30.92
C LEU G 193 -1.05 -3.28 -29.98
N VAL G 194 0.02 -3.83 -30.54
CA VAL G 194 1.16 -4.29 -29.75
C VAL G 194 2.40 -3.52 -30.19
N GLY G 195 3.34 -3.39 -29.26
CA GLY G 195 4.59 -2.74 -29.55
C GLY G 195 4.56 -1.24 -29.53
N GLN G 196 3.42 -0.62 -29.21
CA GLN G 196 3.34 0.83 -29.08
C GLN G 196 3.85 1.23 -27.71
N GLY G 197 5.00 1.90 -27.68
CA GLY G 197 5.57 2.32 -26.42
C GLY G 197 6.42 1.25 -25.79
N GLU G 198 5.83 0.09 -25.50
CA GLU G 198 6.53 -0.99 -24.82
C GLU G 198 6.43 -2.28 -25.63
N ALA G 199 7.37 -3.18 -25.39
CA ALA G 199 7.38 -4.49 -26.02
C ALA G 199 6.27 -5.33 -25.41
N THR G 200 5.10 -5.30 -26.04
CA THR G 200 3.94 -5.98 -25.48
C THR G 200 4.19 -7.48 -25.43
N LEU G 201 3.91 -8.08 -24.28
CA LEU G 201 4.04 -9.52 -24.14
C LEU G 201 2.99 -10.21 -24.99
N LEU G 202 3.42 -11.12 -25.84
CA LEU G 202 2.49 -11.79 -26.74
C LEU G 202 2.16 -13.20 -26.28
N ALA G 203 3.19 -13.97 -25.94
CA ALA G 203 2.98 -15.36 -25.56
C ALA G 203 4.15 -15.79 -24.68
N ARG G 204 4.10 -17.03 -24.24
CA ARG G 204 5.17 -17.60 -23.43
C ARG G 204 5.44 -19.02 -23.90
N ILE G 205 6.70 -19.31 -24.19
CA ILE G 205 7.11 -20.61 -24.70
C ILE G 205 8.05 -21.22 -23.67
N GLN G 206 7.70 -22.41 -23.19
CA GLN G 206 8.43 -23.06 -22.12
C GLN G 206 8.93 -24.42 -22.57
N GLN G 207 10.18 -24.70 -22.23
CA GLN G 207 10.80 -25.98 -22.52
C GLN G 207 10.50 -26.93 -21.36
N LEU G 208 9.82 -28.03 -21.66
CA LEU G 208 9.26 -28.89 -20.62
C LEU G 208 10.20 -30.02 -20.21
N ASP G 209 11.35 -30.15 -20.84
CA ASP G 209 12.24 -31.25 -20.50
C ASP G 209 13.68 -30.89 -20.82
N PRO G 210 14.56 -30.89 -19.83
CA PRO G 210 14.33 -31.18 -18.42
C PRO G 210 13.78 -29.97 -17.69
N VAL G 211 13.84 -29.96 -16.35
CA VAL G 211 13.43 -28.81 -15.57
C VAL G 211 14.43 -28.58 -14.46
N TYR G 212 14.39 -27.38 -13.89
CA TYR G 212 15.19 -27.02 -12.74
C TYR G 212 14.29 -26.92 -11.53
N ALA G 213 14.72 -27.50 -10.42
CA ALA G 213 14.02 -27.37 -9.16
C ALA G 213 14.82 -26.42 -8.29
N ASP G 214 14.34 -25.19 -8.17
CA ASP G 214 15.02 -24.15 -7.40
C ASP G 214 14.55 -24.23 -5.96
N PHE G 215 15.24 -25.02 -5.15
CA PHE G 215 14.93 -25.20 -3.75
C PHE G 215 15.87 -24.34 -2.92
N THR G 216 15.60 -24.29 -1.62
CA THR G 216 16.24 -23.34 -0.73
C THR G 216 16.68 -24.02 0.55
N GLN G 217 17.93 -23.80 0.95
CA GLN G 217 18.44 -24.37 2.19
C GLN G 217 18.78 -23.24 3.16
N PRO G 218 18.51 -23.42 4.45
CA PRO G 218 18.94 -22.43 5.43
C PRO G 218 20.45 -22.26 5.38
N ALA G 219 20.89 -21.01 5.41
CA ALA G 219 22.32 -20.77 5.26
C ALA G 219 23.11 -21.38 6.40
N ALA G 220 22.73 -21.09 7.65
CA ALA G 220 23.49 -21.58 8.79
C ALA G 220 23.67 -23.09 8.74
N ASP G 221 22.67 -23.81 8.23
CA ASP G 221 22.84 -25.24 8.01
C ASP G 221 23.94 -25.51 7.00
N ALA G 222 23.99 -24.72 5.94
CA ALA G 222 25.04 -24.91 4.94
C ALA G 222 26.42 -24.67 5.54
N LEU G 223 26.57 -23.62 6.34
CA LEU G 223 27.88 -23.40 6.95
C LEU G 223 28.22 -24.49 7.96
N ARG G 224 27.22 -24.99 8.70
CA ARG G 224 27.51 -26.05 9.66
C ARG G 224 27.94 -27.33 8.96
N LEU G 225 27.26 -27.69 7.88
CA LEU G 225 27.67 -28.87 7.11
C LEU G 225 29.05 -28.65 6.50
N ARG G 226 29.29 -27.43 5.98
CA ARG G 226 30.61 -27.12 5.37
C ARG G 226 31.69 -27.28 6.44
N ALA G 227 31.43 -26.79 7.65
CA ALA G 227 32.39 -26.93 8.74
C ALA G 227 32.62 -28.40 9.08
N ALA G 228 31.55 -29.17 9.19
CA ALA G 228 31.70 -30.59 9.51
C ALA G 228 32.52 -31.30 8.44
N ILE G 229 32.33 -30.93 7.18
CA ILE G 229 33.16 -31.49 6.11
C ILE G 229 34.61 -31.06 6.28
N ALA G 230 34.83 -29.78 6.55
CA ALA G 230 36.20 -29.27 6.67
C ALA G 230 36.91 -29.88 7.87
N GLU G 231 36.22 -30.02 8.99
CA GLU G 231 36.81 -30.72 10.13
C GLU G 231 36.93 -32.22 9.91
N GLY G 232 36.05 -32.80 9.08
CA GLY G 232 36.17 -34.19 8.73
C GLY G 232 35.28 -35.15 9.49
N LYS G 233 34.39 -34.67 10.35
CA LYS G 233 33.39 -35.55 10.95
C LYS G 233 32.49 -36.19 9.89
N VAL G 234 32.17 -35.48 8.82
CA VAL G 234 31.31 -36.02 7.78
C VAL G 234 32.00 -35.90 6.44
N ALA G 235 31.55 -36.71 5.49
CA ALA G 235 32.03 -36.64 4.12
C ALA G 235 31.01 -35.91 3.26
N GLY G 236 31.51 -35.08 2.34
CA GLY G 236 30.64 -34.38 1.43
C GLY G 236 29.81 -35.34 0.61
N ALA G 237 28.51 -35.08 0.49
CA ALA G 237 27.60 -35.93 -0.28
C ALA G 237 27.16 -35.25 -1.56
N SER G 238 28.04 -34.48 -2.19
CA SER G 238 27.68 -33.78 -3.41
C SER G 238 27.30 -34.73 -4.53
N ASP G 239 27.92 -35.91 -4.57
CA ASP G 239 27.72 -36.86 -5.64
C ASP G 239 26.42 -37.63 -5.50
N GLN G 240 25.74 -37.49 -4.41
CA GLN G 240 24.50 -38.25 -4.23
C GLN G 240 23.35 -37.52 -4.92
N PRO G 241 22.56 -38.20 -5.74
CA PRO G 241 21.50 -37.51 -6.48
C PRO G 241 20.41 -36.98 -5.56
N LEU G 242 19.76 -35.91 -6.00
CA LEU G 242 18.61 -35.39 -5.27
C LEU G 242 17.38 -36.21 -5.61
N SER G 243 16.45 -36.27 -4.67
CA SER G 243 15.17 -36.91 -4.87
C SER G 243 14.08 -35.88 -4.62
N LEU G 244 13.15 -35.79 -5.56
CA LEU G 244 12.06 -34.84 -5.50
C LEU G 244 10.75 -35.59 -5.29
N ARG G 245 9.98 -35.18 -4.30
CA ARG G 245 8.69 -35.77 -4.03
C ARG G 245 7.61 -34.74 -4.29
N VAL G 246 6.65 -35.07 -5.14
CA VAL G 246 5.51 -34.22 -5.40
C VAL G 246 4.50 -34.42 -4.27
N ASP G 247 4.15 -33.33 -3.59
CA ASP G 247 3.26 -33.43 -2.45
C ASP G 247 1.89 -33.93 -2.89
N GLY G 248 1.37 -34.91 -2.14
CA GLY G 248 0.05 -35.45 -2.39
C GLY G 248 0.00 -36.56 -3.41
N THR G 249 1.10 -36.88 -4.07
CA THR G 249 1.15 -37.94 -5.07
C THR G 249 2.30 -38.88 -4.76
N ASP G 250 2.39 -39.97 -5.53
CA ASP G 250 3.45 -40.95 -5.38
C ASP G 250 4.49 -40.85 -6.50
N ILE G 251 4.87 -39.64 -6.86
CA ILE G 251 5.80 -39.40 -7.95
C ILE G 251 7.14 -39.00 -7.36
N GLU G 252 8.17 -39.82 -7.61
CA GLU G 252 9.53 -39.56 -7.16
C GLU G 252 10.46 -39.46 -8.36
N ARG G 253 11.27 -38.41 -8.39
CA ARG G 253 12.19 -38.16 -9.48
C ARG G 253 13.60 -37.98 -8.94
N LYS G 254 14.57 -38.56 -9.61
CA LYS G 254 15.97 -38.39 -9.26
C LYS G 254 16.57 -37.26 -10.07
N GLY G 255 17.42 -36.47 -9.44
CA GLY G 255 18.03 -35.33 -10.09
C GLY G 255 19.38 -35.02 -9.49
N THR G 256 20.15 -34.22 -10.22
CA THR G 256 21.53 -33.93 -9.88
C THR G 256 21.66 -32.48 -9.46
N LEU G 257 22.43 -32.23 -8.39
CA LEU G 257 22.64 -30.87 -7.93
C LEU G 257 23.52 -30.12 -8.92
N LEU G 258 23.01 -29.02 -9.45
CA LEU G 258 23.76 -28.25 -10.42
C LEU G 258 24.49 -27.06 -9.78
N PHE G 259 23.77 -26.28 -8.97
CA PHE G 259 24.27 -24.98 -8.57
C PHE G 259 23.85 -24.70 -7.14
N THR G 260 24.76 -24.11 -6.38
CA THR G 260 24.50 -23.65 -5.03
C THR G 260 24.86 -22.19 -4.92
N ASP G 261 23.93 -21.38 -4.42
CA ASP G 261 24.13 -19.94 -4.39
C ASP G 261 25.14 -19.55 -3.30
N ILE G 262 25.58 -18.30 -3.37
CA ILE G 262 26.54 -17.76 -2.42
C ILE G 262 25.89 -16.57 -1.71
N SER G 263 25.10 -15.80 -2.45
CA SER G 263 24.35 -14.72 -1.85
C SER G 263 23.26 -15.27 -0.94
N VAL G 264 23.03 -14.56 0.17
CA VAL G 264 22.06 -14.96 1.17
C VAL G 264 20.81 -14.11 1.01
N ASP G 265 19.65 -14.74 1.05
CA ASP G 265 18.40 -14.00 0.99
C ASP G 265 18.32 -13.09 2.22
N ARG G 266 18.13 -11.80 1.97
CA ARG G 266 18.12 -10.83 3.06
C ARG G 266 16.93 -11.05 3.98
N SER G 267 15.77 -11.34 3.41
CA SER G 267 14.55 -11.40 4.21
C SER G 267 14.44 -12.68 5.03
N THR G 268 15.11 -13.76 4.63
CA THR G 268 14.97 -15.03 5.32
C THR G 268 16.28 -15.69 5.71
N GLY G 269 17.42 -15.23 5.19
CA GLY G 269 18.68 -15.82 5.58
C GLY G 269 18.96 -17.18 4.99
N GLN G 270 18.36 -17.51 3.86
CA GLN G 270 18.53 -18.81 3.25
C GLN G 270 19.00 -18.67 1.81
N ILE G 271 20.02 -19.44 1.47
CA ILE G 271 20.60 -19.44 0.13
C ILE G 271 19.79 -20.38 -0.75
N ALA G 272 19.76 -20.08 -2.04
CA ALA G 272 19.01 -20.86 -3.00
C ALA G 272 19.91 -21.89 -3.65
N LEU G 273 19.29 -22.96 -4.15
CA LEU G 273 20.01 -24.02 -4.83
C LEU G 273 19.25 -24.40 -6.08
N ARG G 274 19.93 -25.08 -6.99
CA ARG G 274 19.34 -25.50 -8.25
C ARG G 274 19.78 -26.91 -8.57
N GLY G 275 18.82 -27.78 -8.85
CA GLY G 275 19.12 -29.10 -9.36
C GLY G 275 18.37 -29.32 -10.64
N GLN G 276 18.83 -30.23 -11.50
CA GLN G 276 18.16 -30.54 -12.74
C GLN G 276 17.54 -31.92 -12.66
N PHE G 277 16.26 -32.01 -12.98
CA PHE G 277 15.51 -33.25 -12.91
C PHE G 277 14.95 -33.55 -14.28
N ASP G 278 15.21 -34.75 -14.79
CA ASP G 278 14.62 -35.16 -16.05
C ASP G 278 13.10 -35.22 -15.89
N ASN G 279 12.39 -34.72 -16.89
CA ASN G 279 10.92 -34.71 -16.88
C ASN G 279 10.45 -35.34 -18.18
N PRO G 280 10.56 -36.65 -18.32
CA PRO G 280 10.25 -37.28 -19.60
C PRO G 280 8.76 -37.36 -19.89
N GLU G 281 7.96 -37.65 -18.88
CA GLU G 281 6.54 -37.88 -19.08
C GLU G 281 5.70 -36.61 -19.00
N GLY G 282 6.32 -35.45 -18.77
CA GLY G 282 5.55 -34.24 -18.60
C GLY G 282 4.84 -34.16 -17.27
N VAL G 283 5.20 -35.04 -16.33
CA VAL G 283 4.55 -35.04 -15.02
C VAL G 283 4.84 -33.76 -14.27
N LEU G 284 6.08 -33.29 -14.31
CA LEU G 284 6.49 -32.12 -13.56
C LEU G 284 6.05 -30.86 -14.30
N LEU G 285 5.29 -30.00 -13.63
CA LEU G 285 4.87 -28.80 -14.32
C LEU G 285 5.63 -27.59 -13.81
N PRO G 286 5.83 -26.57 -14.63
CA PRO G 286 6.51 -25.36 -14.14
C PRO G 286 5.68 -24.66 -13.07
N GLY G 287 6.34 -24.28 -11.98
CA GLY G 287 5.70 -23.55 -10.92
C GLY G 287 5.13 -24.39 -9.79
N MET G 288 5.22 -25.71 -9.85
CA MET G 288 4.75 -26.52 -8.74
C MET G 288 5.65 -26.35 -7.51
N TYR G 289 5.05 -26.40 -6.34
CA TYR G 289 5.79 -26.43 -5.10
C TYR G 289 6.32 -27.83 -4.85
N VAL G 290 7.64 -27.97 -4.76
CA VAL G 290 8.26 -29.27 -4.58
C VAL G 290 9.23 -29.22 -3.40
N ARG G 291 9.20 -30.29 -2.62
CA ARG G 291 10.10 -30.49 -1.50
C ARG G 291 11.22 -31.41 -1.95
N VAL G 292 12.44 -30.89 -1.95
CA VAL G 292 13.59 -31.60 -2.52
C VAL G 292 14.41 -32.16 -1.37
N ARG G 293 14.63 -33.47 -1.40
CA ARG G 293 15.48 -34.11 -0.41
C ARG G 293 16.93 -34.04 -0.84
N THR G 294 17.72 -33.27 -0.11
CA THR G 294 19.10 -33.02 -0.45
C THR G 294 20.04 -33.68 0.55
N PRO G 295 20.95 -34.53 0.09
CA PRO G 295 21.90 -35.16 1.03
C PRO G 295 22.76 -34.11 1.72
N GLN G 296 22.95 -34.29 3.03
CA GLN G 296 23.69 -33.35 3.86
C GLN G 296 24.96 -33.97 4.43
N GLY G 297 25.68 -34.75 3.64
CA GLY G 297 26.89 -35.37 4.13
C GLY G 297 26.66 -36.80 4.59
N LEU G 298 27.69 -37.62 4.41
CA LEU G 298 27.66 -39.04 4.72
C LEU G 298 28.70 -39.33 5.78
N ASN G 299 28.27 -39.90 6.90
CA ASN G 299 29.18 -40.29 7.97
C ASN G 299 29.27 -41.81 8.00
N GLN G 300 30.49 -42.33 7.99
CA GLN G 300 30.71 -43.76 7.98
C GLN G 300 30.48 -44.41 9.34
N ASN G 301 30.58 -43.63 10.42
CA ASN G 301 30.52 -44.13 11.78
C ASN G 301 29.25 -43.65 12.46
N ALA G 302 28.14 -43.70 11.74
CA ALA G 302 26.86 -43.27 12.29
C ALA G 302 26.18 -44.42 13.03
N ILE G 303 25.43 -44.04 14.06
CA ILE G 303 24.70 -44.97 14.91
C ILE G 303 23.22 -44.70 14.76
N LEU G 304 22.47 -45.73 14.38
CA LEU G 304 21.03 -45.61 14.20
C LEU G 304 20.31 -46.44 15.24
N VAL G 305 19.42 -45.81 15.99
CA VAL G 305 18.63 -46.48 17.02
C VAL G 305 17.17 -46.22 16.73
N PRO G 306 16.32 -47.23 16.77
CA PRO G 306 14.89 -47.01 16.49
C PRO G 306 14.27 -46.02 17.48
N GLN G 307 13.29 -45.27 16.98
CA GLN G 307 12.63 -44.25 17.80
C GLN G 307 12.02 -44.82 19.06
N ARG G 308 11.40 -46.00 18.97
CA ARG G 308 10.76 -46.61 20.14
C ARG G 308 11.77 -46.88 21.25
N ALA G 309 13.03 -47.13 20.91
CA ALA G 309 14.05 -47.41 21.90
C ALA G 309 14.53 -46.17 22.63
N VAL G 310 14.48 -44.99 22.00
CA VAL G 310 14.97 -43.76 22.58
C VAL G 310 13.80 -43.05 23.24
N GLN G 311 13.91 -42.84 24.54
CA GLN G 311 12.93 -42.04 25.26
C GLN G 311 13.44 -40.61 25.45
N ARG G 312 12.48 -39.68 25.57
CA ARG G 312 12.79 -38.29 25.83
C ARG G 312 12.29 -37.93 27.21
N SER G 313 13.18 -37.38 28.04
CA SER G 313 12.78 -36.81 29.31
C SER G 313 12.07 -35.47 29.08
N ALA G 314 11.47 -34.95 30.14
CA ALA G 314 10.78 -33.67 30.02
C ALA G 314 11.74 -32.51 29.75
N ASP G 315 13.01 -32.65 30.13
CA ASP G 315 14.00 -31.61 29.86
C ASP G 315 14.55 -31.69 28.45
N GLY G 316 14.15 -32.68 27.67
CA GLY G 316 14.58 -32.83 26.30
C GLY G 316 15.82 -33.67 26.09
N GLN G 317 16.60 -33.91 27.13
CA GLN G 317 17.77 -34.78 26.99
C GLN G 317 17.32 -36.20 26.77
N ALA G 318 17.38 -36.66 25.53
CA ALA G 318 17.15 -38.06 25.25
C ALA G 318 18.30 -38.89 25.80
N SER G 319 17.97 -40.10 26.24
CA SER G 319 18.94 -41.01 26.82
C SER G 319 18.49 -42.42 26.50
N VAL G 320 19.43 -43.36 26.56
CA VAL G 320 19.10 -44.76 26.34
C VAL G 320 19.57 -45.59 27.51
N MET G 321 18.74 -46.54 27.90
CA MET G 321 19.07 -47.52 28.93
C MET G 321 19.82 -48.69 28.33
N LEU G 322 20.82 -49.18 29.05
CA LEU G 322 21.75 -50.17 28.55
C LEU G 322 21.82 -51.35 29.50
N LEU G 323 22.22 -52.50 28.96
CA LEU G 323 22.40 -53.73 29.74
C LEU G 323 23.82 -53.74 30.28
N GLY G 324 24.00 -53.22 31.48
CA GLY G 324 25.31 -53.15 32.09
C GLY G 324 25.76 -54.49 32.63
N GLU G 325 26.86 -54.45 33.37
CA GLU G 325 27.39 -55.67 33.98
C GLU G 325 26.36 -56.30 34.90
N GLY G 326 26.17 -57.60 34.76
CA GLY G 326 25.12 -58.28 35.48
C GLY G 326 23.75 -58.15 34.86
N ASP G 327 23.68 -57.73 33.59
CA ASP G 327 22.42 -57.53 32.88
C ASP G 327 21.49 -56.59 33.65
N THR G 328 22.08 -55.51 34.16
CA THR G 328 21.34 -54.48 34.89
C THR G 328 21.06 -53.31 33.97
N VAL G 329 19.92 -52.64 34.23
CA VAL G 329 19.49 -51.51 33.42
C VAL G 329 20.23 -50.26 33.90
N GLU G 330 21.06 -49.71 33.02
CA GLU G 330 21.73 -48.44 33.28
C GLU G 330 21.31 -47.47 32.18
N VAL G 331 20.80 -46.31 32.59
CA VAL G 331 20.34 -45.27 31.67
C VAL G 331 21.49 -44.29 31.47
N ARG G 332 21.97 -44.19 30.24
CA ARG G 332 23.06 -43.27 29.90
C ARG G 332 22.54 -42.19 28.96
N GLN G 333 22.81 -40.93 29.31
CA GLN G 333 22.40 -39.82 28.48
C GLN G 333 23.16 -39.82 27.16
N VAL G 334 22.47 -39.45 26.09
CA VAL G 334 23.05 -39.39 24.75
C VAL G 334 22.72 -38.05 24.12
N THR G 335 23.57 -37.65 23.17
CA THR G 335 23.34 -36.46 22.37
C THR G 335 22.80 -36.92 21.03
N THR G 336 21.49 -36.84 20.86
CA THR G 336 20.81 -37.45 19.73
C THR G 336 20.91 -36.57 18.49
N GLY G 337 20.96 -37.20 17.32
CA GLY G 337 21.16 -36.50 16.08
C GLY G 337 19.95 -36.46 15.15
N ALA G 338 20.04 -37.15 14.02
CA ALA G 338 19.13 -36.92 12.91
C ALA G 338 17.99 -37.92 12.89
N MET G 339 17.16 -37.79 11.86
CA MET G 339 15.94 -38.56 11.66
C MET G 339 16.13 -39.39 10.41
N GLN G 340 15.73 -40.66 10.48
CA GLN G 340 15.58 -41.49 9.29
C GLN G 340 14.55 -42.57 9.56
N GLY G 341 13.46 -42.55 8.81
CA GLY G 341 12.47 -43.60 8.92
C GLY G 341 11.93 -43.78 10.33
N SER G 342 12.20 -44.93 10.94
CA SER G 342 11.79 -45.16 12.33
C SER G 342 12.98 -45.26 13.27
N ARG G 343 14.15 -44.80 12.82
CA ARG G 343 15.40 -44.92 13.57
C ARG G 343 16.04 -43.54 13.67
N TRP G 344 16.59 -43.24 14.85
CA TRP G 344 17.11 -41.90 15.08
C TRP G 344 18.61 -41.95 15.41
N GLN G 345 19.38 -41.12 14.70
CA GLN G 345 20.83 -41.13 14.79
C GLN G 345 21.27 -40.64 16.17
N ILE G 346 22.12 -41.43 16.82
CA ILE G 346 22.70 -41.08 18.11
C ILE G 346 24.10 -40.56 17.83
N SER G 347 24.30 -39.24 17.93
CA SER G 347 25.62 -38.66 17.58
C SER G 347 26.67 -38.94 18.66
N GLU G 348 26.26 -38.97 19.93
CA GLU G 348 27.19 -39.18 21.04
C GLU G 348 26.46 -39.89 22.17
N GLY G 349 27.24 -40.57 23.02
CA GLY G 349 26.71 -41.28 24.16
C GLY G 349 26.53 -42.77 23.95
N LEU G 350 26.52 -43.23 22.70
CA LEU G 350 26.46 -44.66 22.42
C LEU G 350 27.72 -45.06 21.67
N GLN G 351 28.14 -46.30 21.89
CA GLN G 351 29.34 -46.83 21.26
C GLN G 351 29.00 -48.19 20.66
N ALA G 352 29.75 -48.55 19.62
CA ALA G 352 29.43 -49.73 18.82
C ALA G 352 29.43 -50.99 19.68
N GLY G 353 28.30 -51.69 19.70
CA GLY G 353 28.18 -52.92 20.43
C GLY G 353 27.47 -52.81 21.77
N ASP G 354 27.03 -51.62 22.16
CA ASP G 354 26.26 -51.48 23.38
C ASP G 354 24.94 -52.23 23.26
N LYS G 355 24.31 -52.51 24.39
CA LYS G 355 23.12 -53.35 24.41
C LYS G 355 21.91 -52.44 24.61
N VAL G 356 21.28 -52.04 23.53
CA VAL G 356 20.13 -51.15 23.59
C VAL G 356 18.86 -51.98 23.72
N ILE G 357 17.96 -51.54 24.59
CA ILE G 357 16.68 -52.19 24.84
C ILE G 357 15.58 -51.36 24.20
N THR G 358 14.68 -52.02 23.49
CA THR G 358 13.65 -51.34 22.73
C THR G 358 12.22 -51.69 23.13
N SER G 359 12.00 -52.74 23.91
CA SER G 359 10.65 -53.23 24.17
C SER G 359 10.29 -53.04 25.63
N SER G 360 8.99 -52.80 25.86
CA SER G 360 8.40 -52.71 27.19
C SER G 360 9.08 -51.66 28.06
N LEU G 361 9.49 -50.54 27.45
CA LEU G 361 10.19 -49.52 28.21
C LEU G 361 9.29 -48.87 29.24
N ALA G 362 8.00 -48.72 28.92
CA ALA G 362 7.06 -48.13 29.87
C ALA G 362 6.86 -49.01 31.10
N ALA G 363 7.11 -50.31 30.99
CA ALA G 363 6.92 -51.24 32.09
C ALA G 363 8.22 -51.56 32.84
N ILE G 364 9.33 -50.93 32.46
CA ILE G 364 10.64 -51.23 33.02
C ILE G 364 11.22 -49.97 33.64
N ARG G 365 11.67 -50.09 34.87
CA ARG G 365 12.36 -49.09 35.67
C ARG G 365 13.87 -49.29 35.57
N PRO G 366 14.68 -48.26 35.79
CA PRO G 366 16.13 -48.45 35.75
C PRO G 366 16.63 -49.16 37.00
N GLY G 367 17.63 -50.00 36.81
CA GLY G 367 18.12 -50.87 37.87
C GLY G 367 17.34 -52.15 38.04
N ALA G 368 16.24 -52.32 37.30
CA ALA G 368 15.42 -53.51 37.43
C ALA G 368 16.09 -54.68 36.72
N LYS G 369 15.93 -55.88 37.28
CA LYS G 369 16.45 -57.08 36.66
C LYS G 369 15.68 -57.34 35.37
N VAL G 370 16.41 -57.55 34.28
CA VAL G 370 15.81 -57.85 32.98
C VAL G 370 16.56 -59.01 32.34
N ILE G 371 15.88 -59.69 31.43
CA ILE G 371 16.50 -60.77 30.66
C ILE G 371 16.31 -60.44 29.17
N PRO G 372 17.30 -60.71 28.32
CA PRO G 372 17.14 -60.42 26.90
C PRO G 372 16.27 -61.46 26.20
N ARG G 373 15.65 -61.04 25.10
CA ARG G 373 14.82 -61.93 24.31
C ARG G 373 15.37 -62.03 22.89
N ALA H 36 -30.78 -65.54 12.83
CA ALA H 36 -30.10 -64.89 11.72
C ALA H 36 -30.83 -63.62 11.33
N ARG H 37 -30.09 -62.52 11.23
CA ARG H 37 -30.70 -61.24 10.95
C ARG H 37 -30.90 -61.05 9.45
N GLU H 38 -32.14 -60.80 9.05
CA GLU H 38 -32.44 -60.55 7.64
C GLU H 38 -31.86 -59.21 7.23
N VAL H 39 -31.13 -59.20 6.12
CA VAL H 39 -30.40 -58.02 5.68
C VAL H 39 -30.72 -57.74 4.23
N ASP H 40 -30.67 -56.46 3.86
CA ASP H 40 -30.81 -56.09 2.46
C ASP H 40 -29.47 -56.29 1.76
N VAL H 41 -29.51 -56.98 0.62
CA VAL H 41 -28.31 -57.32 -0.12
C VAL H 41 -28.37 -56.63 -1.46
N LEU H 42 -27.30 -55.95 -1.82
CA LEU H 42 -27.18 -55.29 -3.13
C LEU H 42 -26.16 -56.04 -3.96
N SER H 43 -26.59 -56.54 -5.11
CA SER H 43 -25.69 -57.19 -6.03
C SER H 43 -24.90 -56.11 -6.76
N VAL H 44 -23.59 -56.09 -6.55
CA VAL H 44 -22.76 -55.07 -7.16
C VAL H 44 -22.76 -55.23 -8.67
N LYS H 45 -22.99 -54.12 -9.37
CA LYS H 45 -22.92 -54.09 -10.82
C LYS H 45 -22.02 -52.94 -11.23
N THR H 46 -21.37 -53.10 -12.38
CA THR H 46 -20.48 -52.07 -12.91
C THR H 46 -21.24 -51.23 -13.93
N GLU H 47 -21.21 -49.92 -13.74
CA GLU H 47 -21.82 -49.02 -14.70
C GLU H 47 -20.83 -47.91 -14.99
N PRO H 48 -20.82 -47.37 -16.21
CA PRO H 48 -19.94 -46.23 -16.50
C PRO H 48 -20.30 -45.05 -15.63
N PHE H 49 -19.28 -44.34 -15.17
CA PHE H 49 -19.48 -43.19 -14.29
C PHE H 49 -18.34 -42.21 -14.52
N THR H 50 -18.69 -41.01 -14.99
CA THR H 50 -17.72 -39.96 -15.26
C THR H 50 -17.75 -38.97 -14.11
N VAL H 51 -16.58 -38.71 -13.52
CA VAL H 51 -16.49 -37.73 -12.43
C VAL H 51 -16.38 -36.34 -13.04
N PHE H 52 -17.29 -35.46 -12.64
CA PHE H 52 -17.36 -34.11 -13.18
C PHE H 52 -16.96 -33.12 -12.10
N ALA H 53 -16.14 -32.14 -12.47
CA ALA H 53 -15.68 -31.12 -11.54
C ALA H 53 -16.26 -29.76 -11.97
N GLU H 54 -16.78 -29.01 -11.01
CA GLU H 54 -17.26 -27.65 -11.25
C GLU H 54 -16.15 -26.69 -10.85
N LEU H 55 -15.62 -26.00 -11.82
CA LEU H 55 -14.50 -25.10 -11.58
C LEU H 55 -14.93 -23.65 -11.77
N PRO H 56 -14.31 -22.72 -11.05
CA PRO H 56 -14.67 -21.32 -11.19
C PRO H 56 -14.01 -20.70 -12.42
N GLY H 57 -14.82 -20.03 -13.23
CA GLY H 57 -14.32 -19.49 -14.48
C GLY H 57 -15.05 -18.23 -14.88
N ARG H 58 -14.44 -17.51 -15.79
CA ARG H 58 -14.98 -16.26 -16.29
C ARG H 58 -15.07 -16.31 -17.80
N ILE H 59 -16.08 -15.65 -18.34
CA ILE H 59 -16.30 -15.59 -19.77
C ILE H 59 -15.42 -14.51 -20.36
N GLU H 60 -14.66 -14.86 -21.38
CA GLU H 60 -13.81 -13.90 -22.07
C GLU H 60 -14.11 -13.95 -23.56
N PRO H 61 -14.14 -12.80 -24.21
CA PRO H 61 -14.37 -12.79 -25.66
C PRO H 61 -13.18 -13.37 -26.40
N VAL H 62 -13.47 -14.00 -27.54
CA VAL H 62 -12.41 -14.63 -28.31
C VAL H 62 -11.43 -13.59 -28.82
N ARG H 63 -11.92 -12.47 -29.32
CA ARG H 63 -11.07 -11.41 -29.83
C ARG H 63 -11.46 -10.08 -29.19
N VAL H 64 -10.47 -9.39 -28.65
CA VAL H 64 -10.65 -8.06 -28.07
C VAL H 64 -9.70 -7.12 -28.78
N ALA H 65 -10.20 -5.97 -29.22
CA ALA H 65 -9.38 -4.95 -29.86
C ALA H 65 -9.49 -3.67 -29.05
N GLU H 66 -8.42 -3.32 -28.35
CA GLU H 66 -8.34 -2.04 -27.65
C GLU H 66 -7.95 -0.98 -28.66
N VAL H 67 -8.93 -0.20 -29.11
CA VAL H 67 -8.68 0.85 -30.09
C VAL H 67 -7.92 1.98 -29.42
N ARG H 68 -6.65 2.15 -29.78
CA ARG H 68 -5.81 3.17 -29.16
C ARG H 68 -5.31 4.15 -30.22
N ALA H 69 -5.22 5.41 -29.82
CA ALA H 69 -4.74 6.46 -30.71
C ALA H 69 -3.23 6.37 -30.85
N ARG H 70 -2.75 6.31 -32.09
CA ARG H 70 -1.32 6.23 -32.34
C ARG H 70 -0.68 7.60 -32.58
N VAL H 71 -1.46 8.62 -32.90
CA VAL H 71 -0.92 9.92 -33.25
C VAL H 71 -1.55 10.97 -32.35
N ALA H 72 -0.72 11.92 -31.90
CA ALA H 72 -1.17 12.95 -30.98
C ALA H 72 -2.07 13.95 -31.70
N GLY H 73 -3.11 14.40 -31.00
CA GLY H 73 -3.96 15.43 -31.55
C GLY H 73 -5.24 15.58 -30.75
N ILE H 74 -6.10 16.44 -31.25
CA ILE H 74 -7.38 16.73 -30.62
C ILE H 74 -8.44 15.89 -31.31
N VAL H 75 -9.29 15.22 -30.53
CA VAL H 75 -10.32 14.37 -31.10
C VAL H 75 -11.38 15.29 -31.69
N LEU H 76 -11.36 15.47 -33.01
CA LEU H 76 -12.29 16.37 -33.66
C LEU H 76 -13.71 15.83 -33.61
N LYS H 77 -13.90 14.56 -33.99
CA LYS H 77 -15.23 13.99 -34.07
C LYS H 77 -15.19 12.51 -33.71
N ARG H 78 -16.21 12.08 -32.99
CA ARG H 78 -16.46 10.67 -32.74
C ARG H 78 -17.55 10.21 -33.70
N THR H 79 -17.25 9.21 -34.51
CA THR H 79 -18.16 8.81 -35.56
C THR H 79 -19.15 7.73 -35.15
N PHE H 80 -18.76 6.81 -34.28
CA PHE H 80 -19.57 5.66 -33.95
C PHE H 80 -20.51 5.98 -32.79
N GLU H 81 -21.64 5.31 -32.77
CA GLU H 81 -22.56 5.35 -31.65
C GLU H 81 -22.27 4.19 -30.71
N GLU H 82 -22.10 4.50 -29.43
CA GLU H 82 -21.67 3.50 -28.45
C GLU H 82 -22.67 2.37 -28.38
N GLY H 83 -22.16 1.14 -28.25
CA GLY H 83 -22.98 -0.04 -28.13
C GLY H 83 -23.27 -0.72 -29.45
N ALA H 84 -23.11 -0.02 -30.56
CA ALA H 84 -23.45 -0.58 -31.84
C ALA H 84 -22.47 -1.67 -32.23
N ASP H 85 -22.85 -2.46 -33.23
CA ASP H 85 -21.93 -3.42 -33.81
C ASP H 85 -21.15 -2.72 -34.92
N VAL H 86 -19.84 -2.87 -34.92
CA VAL H 86 -19.00 -2.20 -35.89
C VAL H 86 -18.37 -3.25 -36.79
N LYS H 87 -18.17 -2.87 -38.05
CA LYS H 87 -17.50 -3.72 -39.02
C LYS H 87 -16.04 -3.28 -39.16
N ALA H 88 -15.22 -4.18 -39.68
CA ALA H 88 -13.82 -3.87 -39.87
C ALA H 88 -13.67 -2.67 -40.80
N GLY H 89 -12.82 -1.72 -40.41
CA GLY H 89 -12.60 -0.54 -41.19
C GLY H 89 -13.63 0.55 -41.00
N ASP H 90 -14.60 0.37 -40.13
CA ASP H 90 -15.56 1.43 -39.85
C ASP H 90 -14.87 2.55 -39.10
N VAL H 91 -14.99 3.78 -39.61
CA VAL H 91 -14.31 4.91 -39.01
C VAL H 91 -14.94 5.23 -37.66
N LEU H 92 -14.10 5.30 -36.62
CA LEU H 92 -14.59 5.56 -35.28
C LEU H 92 -14.31 6.99 -34.82
N PHE H 93 -13.05 7.40 -34.83
CA PHE H 93 -12.67 8.73 -34.36
C PHE H 93 -11.96 9.49 -35.47
N GLN H 94 -11.94 10.81 -35.33
CA GLN H 94 -11.26 11.69 -36.26
C GLN H 94 -10.39 12.64 -35.47
N ILE H 95 -9.10 12.37 -35.43
CA ILE H 95 -8.11 13.24 -34.79
C ILE H 95 -7.62 14.24 -35.82
N ASP H 96 -7.43 15.49 -35.41
CA ASP H 96 -7.14 16.55 -36.37
C ASP H 96 -5.83 16.27 -37.08
N PRO H 97 -5.82 16.20 -38.39
CA PRO H 97 -4.57 15.89 -39.10
C PRO H 97 -3.82 17.16 -39.46
N ALA H 98 -3.56 18.01 -38.50
CA ALA H 98 -2.87 19.24 -38.85
C ALA H 98 -1.42 18.95 -39.20
N PRO H 99 -0.65 18.27 -38.35
CA PRO H 99 0.76 18.03 -38.69
C PRO H 99 0.93 16.92 -39.71
N PHE H 100 0.07 15.91 -39.65
CA PHE H 100 0.21 14.77 -40.54
C PHE H 100 -0.11 15.14 -41.98
N LYS H 101 -1.11 16.00 -42.17
CA LYS H 101 -1.42 16.48 -43.52
C LYS H 101 -0.24 17.25 -44.07
N ALA H 102 0.41 18.06 -43.24
CA ALA H 102 1.59 18.80 -43.68
C ALA H 102 2.74 17.86 -44.01
N ALA H 103 2.93 16.81 -43.21
CA ALA H 103 3.99 15.85 -43.50
C ALA H 103 3.74 15.15 -44.82
N LEU H 104 2.48 14.76 -45.08
CA LEU H 104 2.15 14.17 -46.37
C LEU H 104 2.38 15.15 -47.51
N SER H 105 2.05 16.42 -47.30
CA SER H 105 2.30 17.41 -48.35
C SER H 105 3.79 17.55 -48.64
N ARG H 106 4.61 17.56 -47.59
CA ARG H 106 6.06 17.59 -47.78
C ARG H 106 6.55 16.38 -48.56
N ALA H 107 6.11 15.20 -48.16
CA ALA H 107 6.54 13.98 -48.85
C ALA H 107 6.09 13.99 -50.29
N GLN H 108 4.88 14.49 -50.55
CA GLN H 108 4.40 14.58 -51.92
C GLN H 108 5.23 15.56 -52.73
N GLY H 109 5.67 16.64 -52.10
CA GLY H 109 6.57 17.55 -52.80
C GLY H 109 7.88 16.87 -53.16
N GLU H 110 8.44 16.11 -52.24
CA GLU H 110 9.66 15.38 -52.55
C GLU H 110 9.44 14.37 -53.68
N LEU H 111 8.30 13.68 -53.66
CA LEU H 111 7.99 12.74 -54.73
C LEU H 111 7.83 13.47 -56.06
N ALA H 112 7.21 14.65 -56.03
CA ALA H 112 7.04 15.41 -57.26
C ALA H 112 8.39 15.81 -57.83
N ARG H 113 9.32 16.21 -56.97
CA ARG H 113 10.67 16.52 -57.44
C ARG H 113 11.34 15.30 -58.05
N ALA H 114 11.20 14.14 -57.39
CA ALA H 114 11.79 12.93 -57.92
C ALA H 114 11.19 12.57 -59.27
N GLU H 115 9.89 12.75 -59.42
CA GLU H 115 9.24 12.47 -60.70
C GLU H 115 9.71 13.44 -61.78
N ALA H 116 9.93 14.70 -61.42
CA ALA H 116 10.48 15.65 -62.40
C ALA H 116 11.85 15.21 -62.86
N GLN H 117 12.70 14.79 -61.92
CA GLN H 117 14.03 14.32 -62.28
C GLN H 117 13.95 13.08 -63.15
N LEU H 118 13.06 12.15 -62.81
CA LEU H 118 12.86 10.97 -63.63
C LEU H 118 12.40 11.32 -65.03
N PHE H 119 11.48 12.27 -65.14
CA PHE H 119 11.01 12.69 -66.46
C PHE H 119 12.15 13.24 -67.29
N GLN H 120 12.99 14.08 -66.68
CA GLN H 120 14.13 14.63 -67.39
C GLN H 120 15.07 13.53 -67.87
N ALA H 121 15.37 12.57 -66.98
CA ALA H 121 16.28 11.50 -67.34
C ALA H 121 15.70 10.63 -68.45
N GLN H 122 14.40 10.35 -68.38
CA GLN H 122 13.75 9.57 -69.42
C GLN H 122 13.84 10.27 -70.77
N ALA H 123 13.58 11.58 -70.79
CA ALA H 123 13.69 12.32 -72.04
C ALA H 123 15.12 12.28 -72.57
N MET H 124 16.09 12.44 -71.69
CA MET H 124 17.49 12.42 -72.12
C MET H 124 17.86 11.08 -72.73
N VAL H 125 17.45 9.99 -72.09
CA VAL H 125 17.77 8.67 -72.62
C VAL H 125 17.04 8.42 -73.93
N ARG H 126 15.80 8.89 -74.03
CA ARG H 126 15.06 8.73 -75.29
C ARG H 126 15.76 9.46 -76.42
N ARG H 127 16.31 10.64 -76.13
CA ARG H 127 17.03 11.35 -77.19
C ARG H 127 18.35 10.69 -77.51
N TYR H 128 19.05 10.18 -76.51
CA TYR H 128 20.36 9.59 -76.73
C TYR H 128 20.30 8.23 -77.41
N GLU H 129 19.21 7.48 -77.22
CA GLU H 129 19.15 6.12 -77.72
C GLU H 129 19.29 6.03 -79.23
N PRO H 130 18.58 6.83 -80.05
CA PRO H 130 18.85 6.76 -81.49
C PRO H 130 20.18 7.36 -81.87
N LEU H 131 20.69 8.30 -81.08
CA LEU H 131 21.94 8.97 -81.45
C LEU H 131 23.13 8.07 -81.22
N VAL H 132 23.14 7.29 -80.14
CA VAL H 132 24.30 6.45 -79.85
C VAL H 132 24.46 5.36 -80.90
N LYS H 133 23.35 4.95 -81.54
CA LYS H 133 23.45 3.92 -82.57
C LYS H 133 24.21 4.41 -83.78
N ILE H 134 24.13 5.70 -84.10
CA ILE H 134 24.91 6.29 -85.16
C ILE H 134 26.15 6.99 -84.60
N ASP H 135 26.50 6.70 -83.35
CA ASP H 135 27.70 7.24 -82.72
C ASP H 135 27.70 8.76 -82.66
N ALA H 136 26.51 9.37 -82.62
CA ALA H 136 26.43 10.81 -82.46
C ALA H 136 26.86 11.23 -81.06
N VAL H 137 26.60 10.40 -80.06
CA VAL H 137 27.03 10.67 -78.69
C VAL H 137 27.93 9.52 -78.26
N SER H 138 28.87 9.83 -77.39
CA SER H 138 29.84 8.84 -76.96
C SER H 138 29.14 7.74 -76.15
N GLN H 139 29.69 6.54 -76.24
CA GLN H 139 29.14 5.42 -75.46
C GLN H 139 29.22 5.72 -73.97
N GLN H 140 30.26 6.45 -73.55
CA GLN H 140 30.33 6.88 -72.16
C GLN H 140 29.15 7.76 -71.80
N ASP H 141 28.80 8.70 -72.67
CA ASP H 141 27.68 9.59 -72.38
C ASP H 141 26.36 8.84 -72.35
N PHE H 142 26.18 7.87 -73.24
CA PHE H 142 24.95 7.09 -73.17
C PHE H 142 24.88 6.27 -71.89
N ASP H 143 25.98 5.67 -71.48
CA ASP H 143 25.94 4.89 -70.25
C ASP H 143 25.71 5.78 -69.05
N ASN H 144 26.25 7.01 -69.09
CA ASN H 144 25.95 7.97 -68.03
C ASN H 144 24.48 8.34 -68.03
N ALA H 145 23.89 8.52 -69.21
CA ALA H 145 22.46 8.81 -69.28
C ALA H 145 21.63 7.65 -68.73
N MET H 146 22.00 6.42 -69.07
CA MET H 146 21.30 5.26 -68.56
C MET H 146 21.43 5.16 -67.05
N ALA H 147 22.62 5.44 -66.53
CA ALA H 147 22.82 5.43 -65.09
C ALA H 147 21.97 6.50 -64.42
N ALA H 148 21.90 7.69 -65.02
CA ALA H 148 21.05 8.73 -64.48
C ALA H 148 19.59 8.30 -64.48
N LEU H 149 19.15 7.63 -65.54
CA LEU H 149 17.78 7.18 -65.59
C LEU H 149 17.48 6.16 -64.52
N GLN H 150 18.37 5.18 -64.34
CA GLN H 150 18.15 4.17 -63.32
C GLN H 150 18.20 4.77 -61.93
N SER H 151 19.12 5.72 -61.70
CA SER H 151 19.20 6.39 -60.42
C SER H 151 17.93 7.20 -60.15
N ALA H 152 17.39 7.84 -61.18
CA ALA H 152 16.15 8.60 -61.00
C ALA H 152 14.98 7.68 -60.73
N GLN H 153 14.93 6.52 -61.38
CA GLN H 153 13.89 5.54 -61.07
C GLN H 153 14.00 5.09 -59.62
N ALA H 154 15.22 4.86 -59.15
CA ALA H 154 15.42 4.45 -57.77
C ALA H 154 14.99 5.55 -56.81
N ASP H 155 15.32 6.80 -57.12
CA ASP H 155 14.90 7.89 -56.26
C ASP H 155 13.39 8.05 -56.26
N LYS H 156 12.74 7.82 -57.40
CA LYS H 156 11.28 7.89 -57.42
C LYS H 156 10.68 6.78 -56.58
N ARG H 157 11.25 5.58 -56.64
CA ARG H 157 10.76 4.51 -55.77
C ARG H 157 10.94 4.86 -54.30
N SER H 158 12.10 5.43 -53.96
CA SER H 158 12.34 5.83 -52.58
C SER H 158 11.36 6.89 -52.14
N ALA H 159 11.08 7.87 -52.99
CA ALA H 159 10.14 8.92 -52.65
C ALA H 159 8.72 8.38 -52.54
N GLN H 160 8.37 7.41 -53.39
CA GLN H 160 7.07 6.77 -53.25
C GLN H 160 6.96 6.07 -51.91
N ALA H 161 8.05 5.41 -51.48
CA ALA H 161 8.03 4.77 -50.17
C ALA H 161 7.86 5.80 -49.06
N ASN H 162 8.53 6.94 -49.18
CA ASN H 162 8.39 7.98 -48.17
C ASN H 162 6.96 8.54 -48.14
N VAL H 163 6.37 8.73 -49.31
CA VAL H 163 4.98 9.18 -49.39
C VAL H 163 4.06 8.16 -48.77
N GLU H 164 4.32 6.87 -49.01
CA GLU H 164 3.51 5.83 -48.40
C GLU H 164 3.64 5.84 -46.89
N THR H 165 4.84 6.07 -46.38
CA THR H 165 5.03 6.18 -44.94
C THR H 165 4.21 7.33 -44.36
N ALA H 166 4.32 8.50 -44.99
CA ALA H 166 3.56 9.65 -44.50
C ALA H 166 2.07 9.41 -44.59
N ARG H 167 1.64 8.70 -45.63
CA ARG H 167 0.21 8.45 -45.82
C ARG H 167 -0.32 7.47 -44.80
N LEU H 168 0.45 6.44 -44.47
CA LEU H 168 0.05 5.55 -43.38
C LEU H 168 -0.02 6.29 -42.06
N ASP H 169 0.96 7.17 -41.81
CA ASP H 169 0.94 7.94 -40.59
C ASP H 169 -0.28 8.85 -40.50
N LEU H 170 -0.65 9.47 -41.63
CA LEU H 170 -1.88 10.25 -41.67
C LEU H 170 -3.11 9.39 -41.48
N GLY H 171 -3.15 8.21 -42.09
CA GLY H 171 -4.25 7.30 -41.90
C GLY H 171 -4.39 6.83 -40.46
N TYR H 172 -3.32 6.89 -39.70
CA TYR H 172 -3.43 6.58 -38.28
C TYR H 172 -4.28 7.58 -37.54
N ALA H 173 -4.58 8.73 -38.15
CA ALA H 173 -5.42 9.74 -37.54
C ALA H 173 -6.90 9.48 -37.73
N GLU H 174 -7.30 8.80 -38.80
CA GLU H 174 -8.67 8.34 -38.96
C GLU H 174 -8.77 6.98 -38.31
N VAL H 175 -8.97 6.97 -36.99
CA VAL H 175 -8.98 5.73 -36.24
C VAL H 175 -10.12 4.85 -36.72
N ARG H 176 -9.80 3.64 -37.12
CA ARG H 176 -10.77 2.71 -37.67
C ARG H 176 -10.84 1.47 -36.82
N ALA H 177 -11.98 0.81 -36.87
CA ALA H 177 -12.15 -0.41 -36.09
C ALA H 177 -11.29 -1.50 -36.70
N PRO H 178 -10.34 -2.07 -35.95
CA PRO H 178 -9.51 -3.14 -36.54
C PRO H 178 -10.26 -4.44 -36.71
N ILE H 179 -11.23 -4.74 -35.85
CA ILE H 179 -11.97 -5.98 -35.92
C ILE H 179 -13.46 -5.67 -35.81
N ALA H 180 -14.28 -6.66 -36.14
CA ALA H 180 -15.71 -6.55 -36.03
C ALA H 180 -16.20 -7.09 -34.70
N GLY H 181 -17.09 -6.35 -34.06
CA GLY H 181 -17.61 -6.75 -32.77
C GLY H 181 -18.41 -5.61 -32.16
N ARG H 182 -18.60 -5.72 -30.85
CA ARG H 182 -19.41 -4.75 -30.13
C ARG H 182 -18.52 -3.67 -29.52
N ILE H 183 -18.83 -2.44 -29.82
CA ILE H 183 -18.05 -1.30 -29.34
C ILE H 183 -18.71 -0.73 -28.10
N GLY H 184 -17.90 -0.42 -27.09
CA GLY H 184 -18.40 0.02 -25.80
C GLY H 184 -18.46 1.53 -25.68
N ARG H 185 -18.16 2.00 -24.48
CA ARG H 185 -18.03 3.43 -24.26
C ARG H 185 -16.89 3.99 -25.08
N ALA H 186 -17.01 5.26 -25.46
CA ALA H 186 -15.87 6.00 -25.96
C ALA H 186 -15.08 6.54 -24.78
N GLN H 187 -13.89 6.02 -24.57
CA GLN H 187 -13.12 6.40 -23.40
C GLN H 187 -12.73 7.87 -23.42
N VAL H 188 -12.82 8.53 -24.57
CA VAL H 188 -12.61 9.97 -24.67
C VAL H 188 -13.75 10.57 -25.47
N THR H 189 -13.96 11.87 -25.25
CA THR H 189 -14.97 12.63 -25.98
C THR H 189 -14.29 13.63 -26.91
N GLU H 190 -15.08 14.24 -27.76
CA GLU H 190 -14.54 15.21 -28.71
C GLU H 190 -13.88 16.36 -27.95
N GLY H 191 -12.72 16.77 -28.43
CA GLY H 191 -11.97 17.85 -27.82
C GLY H 191 -10.88 17.40 -26.87
N ALA H 192 -10.85 16.14 -26.50
CA ALA H 192 -9.80 15.65 -25.61
C ALA H 192 -8.50 15.45 -26.36
N LEU H 193 -7.40 15.83 -25.72
CA LEU H 193 -6.09 15.61 -26.31
C LEU H 193 -5.67 14.16 -26.09
N VAL H 194 -5.42 13.45 -27.18
CA VAL H 194 -5.03 12.05 -27.11
C VAL H 194 -3.75 11.86 -27.90
N GLY H 195 -3.07 10.77 -27.60
CA GLY H 195 -1.90 10.37 -28.36
C GLY H 195 -0.59 10.96 -27.90
N GLN H 196 -0.59 11.85 -26.92
CA GLN H 196 0.65 12.44 -26.42
C GLN H 196 1.18 11.60 -25.27
N GLY H 197 2.47 11.28 -25.32
CA GLY H 197 3.09 10.51 -24.27
C GLY H 197 2.83 9.03 -24.39
N GLU H 198 1.57 8.63 -24.28
CA GLU H 198 1.18 7.24 -24.35
C GLU H 198 0.10 7.05 -25.40
N ALA H 199 -0.07 5.80 -25.84
CA ALA H 199 -1.17 5.46 -26.73
C ALA H 199 -2.45 5.53 -25.91
N THR H 200 -3.19 6.63 -26.06
CA THR H 200 -4.43 6.80 -25.31
C THR H 200 -5.44 5.74 -25.72
N LEU H 201 -6.11 5.16 -24.74
CA LEU H 201 -7.19 4.22 -25.05
C LEU H 201 -8.42 5.00 -25.47
N LEU H 202 -8.89 4.74 -26.69
CA LEU H 202 -10.06 5.43 -27.23
C LEU H 202 -11.35 4.64 -27.04
N ALA H 203 -11.35 3.36 -27.41
CA ALA H 203 -12.55 2.54 -27.28
C ALA H 203 -12.12 1.08 -27.33
N ARG H 204 -13.04 0.19 -26.97
CA ARG H 204 -12.74 -1.23 -26.89
C ARG H 204 -13.78 -2.03 -27.65
N ILE H 205 -13.31 -2.88 -28.54
CA ILE H 205 -14.18 -3.75 -29.34
C ILE H 205 -14.00 -5.17 -28.85
N GLN H 206 -15.10 -5.89 -28.70
CA GLN H 206 -15.09 -7.28 -28.29
C GLN H 206 -15.92 -8.09 -29.27
N GLN H 207 -15.55 -9.36 -29.45
CA GLN H 207 -16.33 -10.28 -30.25
C GLN H 207 -17.18 -11.11 -29.31
N LEU H 208 -18.48 -11.14 -29.56
CA LEU H 208 -19.43 -11.78 -28.65
C LEU H 208 -19.82 -13.20 -29.06
N ASP H 209 -19.24 -13.73 -30.13
CA ASP H 209 -19.58 -15.08 -30.56
C ASP H 209 -18.43 -15.67 -31.36
N PRO H 210 -17.85 -16.79 -30.93
CA PRO H 210 -18.12 -17.49 -29.69
C PRO H 210 -17.36 -16.83 -28.56
N VAL H 211 -17.57 -17.24 -27.31
CA VAL H 211 -16.86 -16.65 -26.19
C VAL H 211 -15.97 -17.72 -25.57
N TYR H 212 -14.91 -17.26 -24.92
CA TYR H 212 -14.03 -18.14 -24.18
C TYR H 212 -14.48 -18.20 -22.73
N ALA H 213 -14.12 -19.28 -22.05
CA ALA H 213 -14.30 -19.40 -20.61
C ALA H 213 -12.99 -19.88 -20.01
N ASP H 214 -12.21 -18.95 -19.50
CA ASP H 214 -10.92 -19.27 -18.91
C ASP H 214 -11.13 -19.62 -17.45
N PHE H 215 -11.32 -20.91 -17.18
CA PHE H 215 -11.49 -21.39 -15.82
C PHE H 215 -10.17 -21.95 -15.33
N THR H 216 -10.15 -22.33 -14.05
CA THR H 216 -8.91 -22.70 -13.40
C THR H 216 -9.13 -23.92 -12.51
N GLN H 217 -8.10 -24.76 -12.42
CA GLN H 217 -8.14 -26.00 -11.68
C GLN H 217 -6.92 -26.10 -10.77
N PRO H 218 -7.08 -26.57 -9.54
CA PRO H 218 -5.91 -26.77 -8.68
C PRO H 218 -4.93 -27.74 -9.32
N ALA H 219 -3.64 -27.50 -9.09
CA ALA H 219 -2.63 -28.32 -9.72
C ALA H 219 -2.69 -29.76 -9.24
N ALA H 220 -2.94 -29.97 -7.94
CA ALA H 220 -2.93 -31.32 -7.38
C ALA H 220 -4.02 -32.18 -8.00
N ASP H 221 -5.21 -31.61 -8.21
CA ASP H 221 -6.26 -32.36 -8.90
C ASP H 221 -5.83 -32.76 -10.29
N ALA H 222 -5.15 -31.85 -11.00
CA ALA H 222 -4.69 -32.16 -12.34
C ALA H 222 -3.67 -33.29 -12.32
N LEU H 223 -2.74 -33.26 -11.37
CA LEU H 223 -1.73 -34.30 -11.30
C LEU H 223 -2.34 -35.64 -10.91
N ARG H 224 -3.29 -35.64 -9.99
CA ARG H 224 -3.98 -36.87 -9.65
C ARG H 224 -4.71 -37.44 -10.85
N LEU H 225 -5.40 -36.59 -11.60
CA LEU H 225 -6.06 -37.04 -12.82
C LEU H 225 -5.05 -37.64 -13.80
N ARG H 226 -3.93 -36.97 -13.98
CA ARG H 226 -2.94 -37.46 -14.94
C ARG H 226 -2.40 -38.81 -14.51
N ALA H 227 -2.10 -38.97 -13.22
CA ALA H 227 -1.58 -40.25 -12.75
C ALA H 227 -2.62 -41.35 -12.87
N ALA H 228 -3.87 -41.05 -12.54
CA ALA H 228 -4.92 -42.06 -12.67
C ALA H 228 -5.10 -42.48 -14.11
N ILE H 229 -5.06 -41.51 -15.04
CA ILE H 229 -5.18 -41.84 -16.45
C ILE H 229 -4.01 -42.69 -16.90
N ALA H 230 -2.80 -42.33 -16.47
CA ALA H 230 -1.61 -43.05 -16.90
C ALA H 230 -1.60 -44.48 -16.38
N GLU H 231 -1.91 -44.65 -15.09
CA GLU H 231 -1.83 -45.97 -14.46
C GLU H 231 -2.99 -46.86 -14.89
N GLY H 232 -4.15 -46.28 -15.19
CA GLY H 232 -5.15 -47.03 -15.91
C GLY H 232 -6.52 -47.15 -15.27
N LYS H 233 -6.74 -46.51 -14.12
CA LYS H 233 -8.06 -46.61 -13.50
C LYS H 233 -9.11 -45.90 -14.34
N VAL H 234 -8.82 -44.69 -14.78
CA VAL H 234 -9.81 -43.83 -15.40
C VAL H 234 -9.29 -43.39 -16.76
N ALA H 235 -10.08 -43.61 -17.80
CA ALA H 235 -9.76 -43.14 -19.14
C ALA H 235 -10.09 -41.67 -19.26
N GLY H 236 -9.29 -40.96 -20.05
CA GLY H 236 -9.44 -39.52 -20.14
C GLY H 236 -10.77 -39.12 -20.77
N ALA H 237 -11.29 -37.98 -20.34
CA ALA H 237 -12.54 -37.43 -20.86
C ALA H 237 -12.30 -36.11 -21.59
N SER H 238 -11.23 -36.04 -22.39
CA SER H 238 -10.99 -34.85 -23.18
C SER H 238 -12.06 -34.65 -24.23
N ASP H 239 -12.60 -35.73 -24.80
CA ASP H 239 -13.61 -35.64 -25.84
C ASP H 239 -14.97 -35.23 -25.30
N GLN H 240 -15.22 -35.38 -24.01
CA GLN H 240 -16.50 -35.01 -23.46
C GLN H 240 -16.62 -33.48 -23.41
N PRO H 241 -17.81 -32.95 -23.67
CA PRO H 241 -17.96 -31.50 -23.76
C PRO H 241 -18.15 -30.87 -22.38
N LEU H 242 -17.55 -29.70 -22.21
CA LEU H 242 -17.80 -28.93 -20.99
C LEU H 242 -19.20 -28.36 -21.01
N SER H 243 -19.85 -28.38 -19.86
CA SER H 243 -21.15 -27.77 -19.68
C SER H 243 -20.99 -26.49 -18.88
N LEU H 244 -21.54 -25.41 -19.39
CA LEU H 244 -21.42 -24.08 -18.79
C LEU H 244 -22.73 -23.73 -18.12
N ARG H 245 -22.66 -23.24 -16.89
CA ARG H 245 -23.84 -22.79 -16.18
C ARG H 245 -23.59 -21.42 -15.59
N VAL H 246 -24.40 -20.45 -16.00
CA VAL H 246 -24.24 -19.08 -15.52
C VAL H 246 -24.78 -19.00 -14.11
N ASP H 247 -24.01 -18.39 -13.22
CA ASP H 247 -24.38 -18.32 -11.82
C ASP H 247 -25.62 -17.46 -11.62
N GLY H 248 -26.56 -17.96 -10.83
CA GLY H 248 -27.79 -17.26 -10.55
C GLY H 248 -28.88 -17.45 -11.58
N THR H 249 -28.60 -18.13 -12.69
CA THR H 249 -29.58 -18.35 -13.75
C THR H 249 -29.60 -19.82 -14.12
N ASP H 250 -30.62 -20.20 -14.87
CA ASP H 250 -30.74 -21.54 -15.43
C ASP H 250 -30.11 -21.65 -16.80
N ILE H 251 -29.40 -20.61 -17.23
CA ILE H 251 -28.79 -20.59 -18.56
C ILE H 251 -27.66 -21.60 -18.60
N GLU H 252 -27.84 -22.64 -19.41
CA GLU H 252 -26.83 -23.67 -19.61
C GLU H 252 -26.29 -23.57 -21.03
N ARG H 253 -24.99 -23.78 -21.17
CA ARG H 253 -24.34 -23.78 -22.47
C ARG H 253 -23.31 -24.89 -22.50
N LYS H 254 -23.12 -25.48 -23.68
CA LYS H 254 -22.06 -26.47 -23.87
C LYS H 254 -20.88 -25.82 -24.56
N GLY H 255 -19.71 -26.43 -24.38
CA GLY H 255 -18.51 -25.93 -25.01
C GLY H 255 -17.48 -27.03 -25.08
N THR H 256 -16.30 -26.68 -25.55
CA THR H 256 -15.20 -27.63 -25.66
C THR H 256 -13.96 -27.06 -24.99
N LEU H 257 -13.21 -27.93 -24.34
CA LEU H 257 -11.93 -27.53 -23.78
C LEU H 257 -10.90 -27.42 -24.88
N LEU H 258 -10.20 -26.29 -24.92
CA LEU H 258 -9.23 -26.01 -25.96
C LEU H 258 -7.79 -26.19 -25.50
N PHE H 259 -7.47 -25.62 -24.35
CA PHE H 259 -6.10 -25.43 -23.91
C PHE H 259 -5.99 -25.74 -22.43
N THR H 260 -4.92 -26.43 -22.05
CA THR H 260 -4.63 -26.72 -20.66
C THR H 260 -3.22 -26.24 -20.36
N ASP H 261 -3.12 -25.17 -19.58
CA ASP H 261 -1.82 -24.57 -19.34
C ASP H 261 -0.91 -25.54 -18.58
N ILE H 262 0.38 -25.46 -18.88
CA ILE H 262 1.32 -26.34 -18.21
C ILE H 262 1.88 -25.67 -16.97
N SER H 263 1.81 -24.34 -16.89
CA SER H 263 2.43 -23.63 -15.79
C SER H 263 1.42 -23.40 -14.67
N VAL H 264 1.78 -23.85 -13.48
CA VAL H 264 0.96 -23.70 -12.29
C VAL H 264 1.15 -22.28 -11.77
N ASP H 265 0.03 -21.60 -11.50
CA ASP H 265 0.12 -20.27 -10.92
C ASP H 265 0.87 -20.33 -9.59
N ARG H 266 1.84 -19.45 -9.43
CA ARG H 266 2.64 -19.46 -8.21
C ARG H 266 1.84 -19.01 -6.99
N SER H 267 0.96 -18.03 -7.16
CA SER H 267 0.24 -17.50 -6.01
C SER H 267 -0.88 -18.44 -5.55
N THR H 268 -1.59 -19.06 -6.49
CA THR H 268 -2.76 -19.86 -6.16
C THR H 268 -2.56 -21.35 -6.35
N GLY H 269 -1.43 -21.78 -6.91
CA GLY H 269 -1.20 -23.20 -7.10
C GLY H 269 -2.21 -23.87 -8.00
N GLN H 270 -2.62 -23.21 -9.07
CA GLN H 270 -3.59 -23.76 -10.00
C GLN H 270 -3.05 -23.67 -11.43
N ILE H 271 -3.61 -24.50 -12.30
CA ILE H 271 -3.34 -24.45 -13.73
C ILE H 271 -4.56 -23.84 -14.41
N ALA H 272 -4.32 -23.09 -15.47
CA ALA H 272 -5.39 -22.42 -16.18
C ALA H 272 -5.81 -23.22 -17.41
N LEU H 273 -7.11 -23.29 -17.64
CA LEU H 273 -7.67 -23.96 -18.80
C LEU H 273 -8.58 -22.99 -19.53
N ARG H 274 -8.70 -23.18 -20.83
CA ARG H 274 -9.50 -22.30 -21.67
C ARG H 274 -10.53 -23.10 -22.43
N GLY H 275 -11.79 -22.68 -22.35
CA GLY H 275 -12.87 -23.35 -23.05
C GLY H 275 -13.66 -22.36 -23.91
N GLN H 276 -13.95 -22.80 -25.13
CA GLN H 276 -14.65 -21.98 -26.12
C GLN H 276 -16.11 -22.37 -26.13
N PHE H 277 -16.98 -21.38 -25.98
CA PHE H 277 -18.41 -21.63 -25.88
C PHE H 277 -19.16 -20.81 -26.92
N ASP H 278 -20.08 -21.48 -27.61
CA ASP H 278 -20.94 -20.79 -28.57
C ASP H 278 -21.87 -19.84 -27.86
N ASN H 279 -22.05 -18.65 -28.41
CA ASN H 279 -22.89 -17.62 -27.84
C ASN H 279 -23.74 -17.01 -28.95
N PRO H 280 -24.66 -17.79 -29.52
CA PRO H 280 -25.42 -17.26 -30.66
C PRO H 280 -26.39 -16.17 -30.28
N GLU H 281 -27.03 -16.27 -29.12
CA GLU H 281 -27.94 -15.23 -28.67
C GLU H 281 -27.22 -14.06 -28.02
N GLY H 282 -25.94 -14.22 -27.65
CA GLY H 282 -25.25 -13.17 -26.95
C GLY H 282 -25.52 -13.13 -25.47
N VAL H 283 -26.05 -14.21 -24.90
CA VAL H 283 -26.35 -14.23 -23.48
C VAL H 283 -25.08 -14.26 -22.64
N LEU H 284 -24.11 -15.06 -23.03
CA LEU H 284 -22.87 -15.18 -22.28
C LEU H 284 -22.10 -13.86 -22.37
N LEU H 285 -22.05 -13.13 -21.29
CA LEU H 285 -21.39 -11.84 -21.33
C LEU H 285 -19.93 -11.99 -20.92
N PRO H 286 -19.04 -11.23 -21.54
CA PRO H 286 -17.64 -11.26 -21.13
C PRO H 286 -17.48 -10.79 -19.69
N GLY H 287 -16.49 -11.37 -19.02
CA GLY H 287 -16.18 -11.00 -17.65
C GLY H 287 -17.05 -11.64 -16.60
N MET H 288 -18.21 -12.17 -16.99
CA MET H 288 -19.15 -12.76 -16.04
C MET H 288 -18.55 -13.98 -15.38
N TYR H 289 -18.85 -14.16 -14.09
CA TYR H 289 -18.43 -15.37 -13.38
C TYR H 289 -19.38 -16.51 -13.71
N VAL H 290 -18.82 -17.67 -14.05
CA VAL H 290 -19.59 -18.83 -14.43
C VAL H 290 -18.99 -20.07 -13.78
N ARG H 291 -19.72 -21.17 -13.86
CA ARG H 291 -19.23 -22.48 -13.42
C ARG H 291 -19.21 -23.43 -14.61
N VAL H 292 -18.13 -24.19 -14.72
CA VAL H 292 -17.91 -25.11 -15.83
C VAL H 292 -17.83 -26.52 -15.27
N ARG H 293 -18.64 -27.42 -15.81
CA ARG H 293 -18.57 -28.82 -15.40
C ARG H 293 -17.60 -29.55 -16.29
N THR H 294 -16.35 -29.59 -15.89
CA THR H 294 -15.38 -30.31 -16.67
C THR H 294 -15.35 -31.78 -16.25
N PRO H 295 -15.45 -32.70 -17.20
CA PRO H 295 -15.29 -34.11 -16.86
C PRO H 295 -13.86 -34.37 -16.39
N GLN H 296 -13.72 -35.27 -15.42
CA GLN H 296 -12.42 -35.73 -14.94
C GLN H 296 -12.15 -37.17 -15.30
N GLY H 297 -12.49 -37.57 -16.51
CA GLY H 297 -12.21 -38.92 -16.94
C GLY H 297 -13.39 -39.85 -16.75
N LEU H 298 -13.44 -40.88 -17.58
CA LEU H 298 -14.52 -41.84 -17.58
C LEU H 298 -14.03 -43.14 -16.99
N ASN H 299 -14.81 -43.71 -16.08
CA ASN H 299 -14.56 -45.05 -15.55
C ASN H 299 -15.60 -45.98 -16.13
N GLN H 300 -15.17 -46.85 -17.04
CA GLN H 300 -16.12 -47.74 -17.71
C GLN H 300 -16.75 -48.73 -16.75
N ASN H 301 -16.02 -49.18 -15.73
CA ASN H 301 -16.48 -50.20 -14.82
C ASN H 301 -16.60 -49.65 -13.40
N ALA H 302 -17.14 -48.45 -13.28
CA ALA H 302 -17.30 -47.83 -11.97
C ALA H 302 -18.33 -48.61 -11.16
N ILE H 303 -18.03 -48.81 -9.89
CA ILE H 303 -18.94 -49.50 -8.97
C ILE H 303 -19.33 -48.51 -7.88
N LEU H 304 -20.63 -48.30 -7.72
CA LEU H 304 -21.15 -47.43 -6.67
C LEU H 304 -21.94 -48.29 -5.68
N VAL H 305 -21.70 -48.07 -4.39
CA VAL H 305 -22.42 -48.80 -3.35
C VAL H 305 -23.00 -47.78 -2.39
N PRO H 306 -24.09 -48.09 -1.69
CA PRO H 306 -24.66 -47.13 -0.75
C PRO H 306 -23.66 -46.75 0.32
N GLN H 307 -23.69 -45.47 0.70
CA GLN H 307 -22.77 -44.97 1.72
C GLN H 307 -22.95 -45.66 3.05
N ARG H 308 -24.15 -46.19 3.29
CA ARG H 308 -24.41 -46.90 4.53
C ARG H 308 -23.60 -48.17 4.64
N ALA H 309 -23.14 -48.73 3.52
CA ALA H 309 -22.52 -50.03 3.50
C ALA H 309 -21.00 -49.98 3.54
N VAL H 310 -20.41 -48.85 3.92
CA VAL H 310 -18.96 -48.71 4.02
C VAL H 310 -18.60 -48.54 5.48
N GLN H 311 -17.66 -49.35 5.95
CA GLN H 311 -17.10 -49.24 7.28
C GLN H 311 -15.65 -48.77 7.19
N ARG H 312 -15.16 -48.15 8.25
CA ARG H 312 -13.78 -47.71 8.31
C ARG H 312 -13.15 -48.19 9.60
N SER H 313 -11.93 -48.73 9.49
CA SER H 313 -11.23 -49.28 10.63
C SER H 313 -10.44 -48.18 11.34
N ALA H 314 -9.78 -48.55 12.43
CA ALA H 314 -9.04 -47.59 13.23
C ALA H 314 -7.88 -46.97 12.48
N ASP H 315 -7.39 -47.61 11.43
CA ASP H 315 -6.28 -47.13 10.65
C ASP H 315 -6.71 -46.24 9.48
N GLY H 316 -8.01 -46.06 9.30
CA GLY H 316 -8.51 -45.39 8.12
C GLY H 316 -8.75 -46.28 6.93
N GLN H 317 -8.41 -47.56 7.01
CA GLN H 317 -8.70 -48.48 5.92
C GLN H 317 -10.16 -48.90 5.95
N ALA H 318 -10.84 -48.67 4.84
CA ALA H 318 -12.27 -48.94 4.75
C ALA H 318 -12.52 -50.34 4.22
N SER H 319 -13.66 -50.90 4.59
CA SER H 319 -14.03 -52.25 4.19
C SER H 319 -15.54 -52.38 4.14
N VAL H 320 -16.02 -53.41 3.45
CA VAL H 320 -17.44 -53.66 3.31
C VAL H 320 -17.77 -55.07 3.79
N MET H 321 -19.06 -55.29 4.05
CA MET H 321 -19.56 -56.57 4.50
C MET H 321 -20.09 -57.32 3.28
N LEU H 322 -19.53 -58.50 3.01
CA LEU H 322 -19.91 -59.24 1.82
C LEU H 322 -20.59 -60.56 2.18
N LEU H 323 -21.57 -60.93 1.36
CA LEU H 323 -22.32 -62.16 1.55
C LEU H 323 -21.55 -63.30 0.89
N GLY H 324 -20.76 -64.01 1.68
CA GLY H 324 -19.96 -65.10 1.16
C GLY H 324 -20.77 -66.34 0.90
N GLU H 325 -20.07 -67.39 0.48
CA GLU H 325 -20.70 -68.68 0.27
C GLU H 325 -21.26 -69.20 1.59
N GLY H 326 -22.47 -69.75 1.53
CA GLY H 326 -23.12 -70.21 2.75
C GLY H 326 -23.65 -69.09 3.61
N ASP H 327 -23.92 -67.92 3.02
CA ASP H 327 -24.51 -66.79 3.74
C ASP H 327 -23.65 -66.38 4.93
N THR H 328 -22.34 -66.42 4.74
CA THR H 328 -21.40 -66.00 5.77
C THR H 328 -20.84 -64.63 5.41
N VAL H 329 -20.83 -63.73 6.38
CA VAL H 329 -20.40 -62.35 6.15
C VAL H 329 -18.88 -62.30 6.17
N GLU H 330 -18.31 -61.76 5.10
CA GLU H 330 -16.87 -61.67 4.94
C GLU H 330 -16.45 -60.20 4.95
N VAL H 331 -15.34 -59.92 5.61
CA VAL H 331 -14.73 -58.60 5.57
C VAL H 331 -13.88 -58.54 4.32
N ARG H 332 -14.22 -57.63 3.41
CA ARG H 332 -13.35 -57.33 2.28
C ARG H 332 -12.95 -55.87 2.34
N GLN H 333 -11.66 -55.63 2.51
CA GLN H 333 -11.15 -54.26 2.53
C GLN H 333 -11.34 -53.63 1.17
N VAL H 334 -11.62 -52.33 1.16
CA VAL H 334 -11.79 -51.58 -0.07
C VAL H 334 -11.05 -50.27 0.04
N THR H 335 -10.90 -49.61 -1.11
CA THR H 335 -10.42 -48.24 -1.18
C THR H 335 -11.50 -47.40 -1.81
N THR H 336 -11.97 -46.41 -1.06
CA THR H 336 -13.09 -45.59 -1.50
C THR H 336 -12.60 -44.40 -2.31
N GLY H 337 -13.36 -44.03 -3.32
CA GLY H 337 -12.98 -42.95 -4.22
C GLY H 337 -13.67 -41.63 -3.93
N ALA H 338 -14.68 -41.27 -4.69
CA ALA H 338 -15.42 -40.06 -4.40
C ALA H 338 -16.87 -40.39 -4.06
N MET H 339 -17.60 -39.35 -3.70
CA MET H 339 -18.99 -39.45 -3.26
C MET H 339 -19.91 -38.88 -4.31
N GLN H 340 -20.87 -39.67 -4.75
CA GLN H 340 -21.86 -39.25 -5.73
C GLN H 340 -23.24 -39.44 -5.12
N GLY H 341 -23.81 -38.36 -4.62
CA GLY H 341 -25.09 -38.45 -3.97
C GLY H 341 -25.00 -39.24 -2.68
N SER H 342 -25.73 -40.35 -2.61
CA SER H 342 -25.75 -41.18 -1.41
C SER H 342 -24.80 -42.36 -1.49
N ARG H 343 -24.06 -42.49 -2.59
CA ARG H 343 -23.29 -43.69 -2.86
C ARG H 343 -21.83 -43.33 -2.96
N TRP H 344 -20.96 -44.26 -2.60
CA TRP H 344 -19.55 -43.98 -2.71
C TRP H 344 -19.09 -44.49 -4.06
N GLN H 345 -17.98 -43.96 -4.56
CA GLN H 345 -17.34 -44.61 -5.68
C GLN H 345 -16.21 -45.49 -5.16
N ILE H 346 -16.31 -46.79 -5.42
CA ILE H 346 -15.33 -47.75 -4.95
C ILE H 346 -14.27 -47.92 -6.03
N SER H 347 -13.01 -47.75 -5.67
CA SER H 347 -11.93 -47.84 -6.64
C SER H 347 -11.37 -49.26 -6.74
N GLU H 348 -11.34 -50.02 -5.65
CA GLU H 348 -10.85 -51.38 -5.69
C GLU H 348 -11.46 -52.16 -4.55
N GLY H 349 -11.25 -53.48 -4.58
CA GLY H 349 -11.82 -54.36 -3.59
C GLY H 349 -13.22 -54.81 -3.89
N LEU H 350 -13.76 -54.46 -5.06
CA LEU H 350 -15.08 -54.92 -5.46
C LEU H 350 -15.04 -55.40 -6.88
N GLN H 351 -15.78 -56.47 -7.15
CA GLN H 351 -15.91 -57.02 -8.48
C GLN H 351 -17.39 -57.11 -8.82
N ALA H 352 -17.69 -57.05 -10.10
CA ALA H 352 -19.08 -57.10 -10.54
C ALA H 352 -19.72 -58.40 -10.06
N GLY H 353 -20.95 -58.28 -9.54
CA GLY H 353 -21.67 -59.43 -9.03
C GLY H 353 -21.45 -59.71 -7.55
N ASP H 354 -20.60 -58.94 -6.88
CA ASP H 354 -20.41 -59.15 -5.45
C ASP H 354 -21.67 -58.77 -4.69
N LYS H 355 -22.08 -59.63 -3.77
CA LYS H 355 -23.32 -59.46 -3.03
C LYS H 355 -22.99 -58.70 -1.75
N VAL H 356 -23.04 -57.39 -1.81
CA VAL H 356 -22.73 -56.56 -0.65
C VAL H 356 -23.99 -56.37 0.18
N ILE H 357 -23.80 -56.22 1.48
CA ILE H 357 -24.90 -56.09 2.43
C ILE H 357 -25.04 -54.62 2.79
N THR H 358 -26.24 -54.08 2.61
CA THR H 358 -26.48 -52.67 2.85
C THR H 358 -27.45 -52.44 4.00
N SER H 359 -27.38 -53.25 5.05
CA SER H 359 -28.26 -53.12 6.19
C SER H 359 -27.69 -53.87 7.38
N SER H 360 -28.14 -53.49 8.58
CA SER H 360 -27.77 -54.16 9.82
C SER H 360 -26.26 -54.20 10.03
N LEU H 361 -25.55 -53.25 9.45
CA LEU H 361 -24.10 -53.25 9.56
C LEU H 361 -23.64 -53.17 11.01
N ALA H 362 -24.44 -52.51 11.85
CA ALA H 362 -24.12 -52.44 13.27
C ALA H 362 -24.35 -53.76 13.99
N ALA H 363 -25.23 -54.61 13.46
CA ALA H 363 -25.59 -55.86 14.12
C ALA H 363 -25.03 -57.09 13.42
N ILE H 364 -23.98 -56.94 12.62
CA ILE H 364 -23.37 -58.06 11.91
C ILE H 364 -21.89 -58.12 12.26
N ARG H 365 -21.45 -59.27 12.65
CA ARG H 365 -20.04 -59.58 12.86
C ARG H 365 -19.53 -60.45 11.70
N PRO H 366 -18.24 -60.43 11.40
CA PRO H 366 -17.73 -61.26 10.31
C PRO H 366 -17.99 -62.73 10.57
N GLY H 367 -18.36 -63.44 9.51
CA GLY H 367 -18.60 -64.87 9.59
C GLY H 367 -19.93 -65.25 10.18
N ALA H 368 -20.70 -64.31 10.71
CA ALA H 368 -22.01 -64.62 11.24
C ALA H 368 -22.96 -64.97 10.10
N LYS H 369 -23.92 -65.83 10.41
CA LYS H 369 -24.89 -66.28 9.42
C LYS H 369 -26.04 -65.30 9.33
N VAL H 370 -26.36 -64.87 8.11
CA VAL H 370 -27.39 -63.87 7.87
C VAL H 370 -28.32 -64.34 6.78
N ILE H 371 -29.49 -63.73 6.72
CA ILE H 371 -30.54 -64.09 5.78
C ILE H 371 -30.70 -62.96 4.77
N PRO H 372 -30.32 -63.17 3.52
CA PRO H 372 -30.52 -62.13 2.50
C PRO H 372 -31.99 -61.90 2.24
N ARG H 373 -32.30 -60.70 1.75
CA ARG H 373 -33.67 -60.39 1.39
C ARG H 373 -33.79 -60.12 -0.11
N ALA I 36 -69.71 -12.94 12.46
CA ALA I 36 -69.43 -12.36 11.15
C ALA I 36 -68.88 -10.95 11.29
N ARG I 37 -67.81 -10.66 10.57
CA ARG I 37 -67.16 -9.36 10.63
C ARG I 37 -67.09 -8.74 9.24
N GLU I 38 -67.53 -7.48 9.15
CA GLU I 38 -67.43 -6.73 7.91
C GLU I 38 -65.97 -6.57 7.49
N VAL I 39 -65.70 -6.83 6.21
CA VAL I 39 -64.35 -6.78 5.66
C VAL I 39 -64.42 -6.11 4.30
N ASP I 40 -63.26 -5.63 3.83
CA ASP I 40 -63.18 -5.02 2.52
C ASP I 40 -63.02 -6.07 1.44
N VAL I 41 -63.67 -5.86 0.30
CA VAL I 41 -63.57 -6.75 -0.86
C VAL I 41 -62.76 -6.03 -1.92
N LEU I 42 -61.57 -6.55 -2.20
CA LEU I 42 -60.74 -6.04 -3.27
C LEU I 42 -60.74 -7.05 -4.40
N SER I 43 -61.53 -6.78 -5.44
CA SER I 43 -61.66 -7.68 -6.57
C SER I 43 -60.36 -7.65 -7.37
N VAL I 44 -59.75 -8.83 -7.56
CA VAL I 44 -58.52 -8.93 -8.33
C VAL I 44 -58.79 -8.58 -9.79
N LYS I 45 -57.98 -7.68 -10.34
CA LYS I 45 -58.08 -7.30 -11.73
C LYS I 45 -56.73 -7.31 -12.40
N THR I 46 -56.73 -7.68 -13.68
CA THR I 46 -55.52 -7.70 -14.49
C THR I 46 -55.27 -6.32 -15.07
N GLU I 47 -54.05 -5.80 -14.87
CA GLU I 47 -53.71 -4.47 -15.35
C GLU I 47 -52.23 -4.43 -15.69
N PRO I 48 -51.83 -3.57 -16.64
CA PRO I 48 -50.40 -3.46 -16.96
C PRO I 48 -49.61 -2.87 -15.81
N PHE I 49 -48.33 -3.23 -15.74
CA PHE I 49 -47.48 -2.80 -14.65
C PHE I 49 -46.04 -2.86 -15.12
N THR I 50 -45.25 -1.86 -14.74
CA THR I 50 -43.84 -1.77 -15.12
C THR I 50 -42.98 -1.82 -13.87
N VAL I 51 -41.99 -2.69 -13.87
CA VAL I 51 -41.09 -2.82 -12.74
C VAL I 51 -39.94 -1.83 -12.92
N PHE I 52 -39.74 -0.98 -11.92
CA PHE I 52 -38.66 -0.01 -11.93
C PHE I 52 -37.60 -0.44 -10.92
N ALA I 53 -36.36 -0.47 -11.35
CA ALA I 53 -35.23 -0.75 -10.48
C ALA I 53 -34.42 0.53 -10.33
N GLU I 54 -34.24 0.98 -9.09
CA GLU I 54 -33.47 2.20 -8.83
C GLU I 54 -32.00 1.84 -8.79
N LEU I 55 -31.23 2.42 -9.71
CA LEU I 55 -29.85 2.03 -9.84
C LEU I 55 -28.93 3.19 -9.50
N PRO I 56 -27.92 2.94 -8.68
CA PRO I 56 -26.91 3.97 -8.43
C PRO I 56 -26.19 4.31 -9.72
N GLY I 57 -25.80 5.58 -9.82
CA GLY I 57 -25.07 6.02 -10.99
C GLY I 57 -24.54 7.40 -10.74
N ARG I 58 -23.73 7.88 -11.68
CA ARG I 58 -23.13 9.20 -11.57
C ARG I 58 -23.39 9.99 -12.84
N ILE I 59 -23.60 11.28 -12.68
CA ILE I 59 -23.76 12.19 -13.80
C ILE I 59 -22.38 12.48 -14.37
N GLU I 60 -22.24 12.27 -15.68
CA GLU I 60 -20.97 12.47 -16.34
C GLU I 60 -21.20 13.38 -17.52
N PRO I 61 -20.33 14.36 -17.76
CA PRO I 61 -20.60 15.36 -18.80
C PRO I 61 -20.43 14.80 -20.19
N VAL I 62 -21.17 15.38 -21.14
CA VAL I 62 -21.17 14.87 -22.51
C VAL I 62 -19.78 14.93 -23.10
N ARG I 63 -19.08 16.05 -22.92
CA ARG I 63 -17.75 16.23 -23.48
C ARG I 63 -16.85 16.85 -22.43
N VAL I 64 -15.70 16.23 -22.20
CA VAL I 64 -14.71 16.71 -21.25
C VAL I 64 -13.46 17.06 -22.04
N ALA I 65 -12.99 18.29 -21.89
CA ALA I 65 -11.78 18.74 -22.57
C ALA I 65 -10.73 19.04 -21.51
N GLU I 66 -9.87 18.06 -21.24
CA GLU I 66 -8.73 18.27 -20.36
C GLU I 66 -7.69 19.02 -21.19
N VAL I 67 -7.73 20.35 -21.11
CA VAL I 67 -6.83 21.19 -21.89
C VAL I 67 -5.42 20.96 -21.38
N ARG I 68 -4.54 20.47 -22.25
CA ARG I 68 -3.18 20.14 -21.86
C ARG I 68 -2.17 20.91 -22.67
N ALA I 69 -0.98 21.06 -22.11
CA ALA I 69 0.11 21.73 -22.81
C ALA I 69 0.76 20.77 -23.79
N ARG I 70 0.69 21.10 -25.07
CA ARG I 70 1.33 20.29 -26.09
C ARG I 70 2.81 20.61 -26.24
N VAL I 71 3.28 21.70 -25.65
CA VAL I 71 4.64 22.17 -25.82
C VAL I 71 5.20 22.56 -24.46
N ALA I 72 6.52 22.59 -24.38
CA ALA I 72 7.20 22.99 -23.16
C ALA I 72 7.39 24.51 -23.16
N GLY I 73 7.15 25.11 -22.01
CA GLY I 73 7.33 26.54 -21.88
C GLY I 73 6.70 27.06 -20.62
N ILE I 74 6.95 28.33 -20.36
CA ILE I 74 6.45 29.01 -19.16
C ILE I 74 5.14 29.71 -19.50
N VAL I 75 4.12 29.47 -18.69
CA VAL I 75 2.82 30.08 -18.92
C VAL I 75 2.95 31.58 -18.69
N LEU I 76 2.91 32.36 -19.77
CA LEU I 76 3.07 33.80 -19.61
C LEU I 76 1.83 34.44 -19.02
N LYS I 77 0.65 34.04 -19.47
CA LYS I 77 -0.58 34.70 -19.06
C LYS I 77 -1.71 33.69 -18.95
N ARG I 78 -2.74 34.08 -18.23
CA ARG I 78 -4.00 33.34 -18.18
C ARG I 78 -5.09 34.30 -18.65
N THR I 79 -5.68 34.02 -19.80
CA THR I 79 -6.54 34.98 -20.48
C THR I 79 -8.02 34.79 -20.17
N PHE I 80 -8.37 33.87 -19.28
CA PHE I 80 -9.76 33.58 -18.98
C PHE I 80 -10.00 33.69 -17.49
N GLU I 81 -11.27 33.84 -17.13
CA GLU I 81 -11.69 33.84 -15.74
C GLU I 81 -12.27 32.47 -15.41
N GLU I 82 -11.84 31.90 -14.29
CA GLU I 82 -12.25 30.57 -13.93
C GLU I 82 -13.76 30.51 -13.71
N GLY I 83 -14.36 29.41 -14.13
CA GLY I 83 -15.79 29.22 -14.00
C GLY I 83 -16.61 29.82 -15.12
N ALA I 84 -15.99 30.50 -16.06
CA ALA I 84 -16.72 31.10 -17.16
C ALA I 84 -16.96 30.09 -18.27
N ASP I 85 -17.99 30.34 -19.06
CA ASP I 85 -18.28 29.53 -20.23
C ASP I 85 -17.50 30.06 -21.42
N VAL I 86 -16.62 29.23 -21.96
CA VAL I 86 -15.74 29.62 -23.05
C VAL I 86 -16.28 29.03 -24.34
N LYS I 87 -15.99 29.70 -25.45
CA LYS I 87 -16.32 29.19 -26.76
C LYS I 87 -15.12 28.44 -27.32
N ALA I 88 -15.39 27.54 -28.26
CA ALA I 88 -14.32 26.80 -28.90
C ALA I 88 -13.36 27.77 -29.58
N GLY I 89 -12.07 27.56 -29.37
CA GLY I 89 -11.06 28.39 -29.97
C GLY I 89 -10.65 29.61 -29.18
N ASP I 90 -11.30 29.87 -28.05
CA ASP I 90 -10.89 30.99 -27.21
C ASP I 90 -9.53 30.71 -26.59
N VAL I 91 -8.73 31.75 -26.43
CA VAL I 91 -7.41 31.63 -25.81
C VAL I 91 -7.58 31.48 -24.31
N LEU I 92 -6.92 30.48 -23.74
CA LEU I 92 -6.92 30.26 -22.30
C LEU I 92 -5.60 30.60 -21.65
N PHE I 93 -4.50 30.03 -22.15
CA PHE I 93 -3.18 30.24 -21.59
C PHE I 93 -2.27 30.71 -22.70
N GLN I 94 -1.25 31.48 -22.37
CA GLN I 94 -0.24 31.89 -23.32
C GLN I 94 1.12 31.38 -22.86
N ILE I 95 1.61 30.36 -23.51
CA ILE I 95 2.92 29.78 -23.24
C ILE I 95 3.97 30.60 -23.98
N ASP I 96 5.11 30.81 -23.33
CA ASP I 96 6.16 31.66 -23.88
C ASP I 96 6.57 31.19 -25.27
N PRO I 97 6.29 31.96 -26.32
CA PRO I 97 6.60 31.50 -27.69
C PRO I 97 8.01 31.89 -28.13
N ALA I 98 8.98 31.60 -27.30
CA ALA I 98 10.34 31.96 -27.66
C ALA I 98 10.91 30.97 -28.68
N PRO I 99 10.93 29.66 -28.39
CA PRO I 99 11.61 28.75 -29.32
C PRO I 99 10.79 28.52 -30.58
N PHE I 100 9.48 28.47 -30.43
CA PHE I 100 8.63 28.14 -31.56
C PHE I 100 8.61 29.28 -32.57
N LYS I 101 8.68 30.51 -32.11
CA LYS I 101 8.81 31.63 -33.03
C LYS I 101 10.11 31.53 -33.82
N ALA I 102 11.19 31.12 -33.16
CA ALA I 102 12.46 30.95 -33.87
C ALA I 102 12.38 29.83 -34.89
N ALA I 103 11.74 28.72 -34.54
CA ALA I 103 11.57 27.63 -35.51
C ALA I 103 10.73 28.08 -36.69
N LEU I 104 9.68 28.87 -36.41
CA LEU I 104 8.88 29.41 -37.50
C LEU I 104 9.71 30.33 -38.38
N SER I 105 10.57 31.13 -37.77
CA SER I 105 11.43 32.01 -38.55
C SER I 105 12.36 31.21 -39.45
N ARG I 106 12.92 30.13 -38.92
CA ARG I 106 13.76 29.25 -39.73
C ARG I 106 12.98 28.65 -40.89
N ALA I 107 11.77 28.18 -40.62
CA ALA I 107 10.97 27.60 -41.69
C ALA I 107 10.63 28.64 -42.75
N GLN I 108 10.32 29.86 -42.34
CA GLN I 108 10.04 30.92 -43.28
C GLN I 108 11.28 31.28 -44.08
N GLY I 109 12.46 31.23 -43.46
CA GLY I 109 13.68 31.47 -44.21
C GLY I 109 13.91 30.42 -45.28
N GLU I 110 13.70 29.15 -44.92
CA GLU I 110 13.80 28.09 -45.92
C GLU I 110 12.78 28.30 -47.03
N LEU I 111 11.57 28.73 -46.66
CA LEU I 111 10.55 29.00 -47.65
C LEU I 111 10.97 30.12 -48.59
N ALA I 112 11.58 31.17 -48.04
CA ALA I 112 12.03 32.27 -48.87
C ALA I 112 13.13 31.82 -49.83
N ARG I 113 14.04 30.98 -49.35
CA ARG I 113 15.08 30.46 -50.24
C ARG I 113 14.48 29.64 -51.37
N ALA I 114 13.54 28.75 -51.03
CA ALA I 114 12.90 27.94 -52.06
C ALA I 114 12.13 28.80 -53.04
N GLU I 115 11.47 29.85 -52.55
CA GLU I 115 10.71 30.72 -53.43
C GLU I 115 11.64 31.51 -54.34
N ALA I 116 12.80 31.94 -53.84
CA ALA I 116 13.76 32.61 -54.70
C ALA I 116 14.24 31.69 -55.80
N GLN I 117 14.55 30.45 -55.45
CA GLN I 117 14.97 29.50 -56.48
C GLN I 117 13.84 29.28 -57.49
N LEU I 118 12.60 29.22 -57.00
CA LEU I 118 11.46 29.03 -57.90
C LEU I 118 11.32 30.21 -58.85
N PHE I 119 11.48 31.42 -58.36
CA PHE I 119 11.39 32.58 -59.22
C PHE I 119 12.48 32.55 -60.28
N GLN I 120 13.69 32.17 -59.91
CA GLN I 120 14.76 32.04 -60.89
C GLN I 120 14.40 31.02 -61.96
N ALA I 121 13.89 29.86 -61.55
CA ALA I 121 13.55 28.82 -62.51
C ALA I 121 12.42 29.27 -63.43
N GLN I 122 11.42 29.95 -62.88
CA GLN I 122 10.33 30.46 -63.70
C GLN I 122 10.85 31.44 -64.74
N ALA I 123 11.73 32.34 -64.33
CA ALA I 123 12.29 33.30 -65.28
C ALA I 123 13.08 32.57 -66.36
N MET I 124 13.85 31.57 -65.97
CA MET I 124 14.65 30.83 -66.95
C MET I 124 13.75 30.15 -67.97
N VAL I 125 12.66 29.53 -67.51
CA VAL I 125 11.78 28.84 -68.44
C VAL I 125 11.04 29.85 -69.32
N ARG I 126 10.65 31.00 -68.77
CA ARG I 126 10.01 32.01 -69.59
C ARG I 126 10.93 32.52 -70.68
N ARG I 127 12.21 32.69 -70.37
CA ARG I 127 13.15 33.11 -71.40
C ARG I 127 13.38 32.01 -72.42
N TYR I 128 13.50 30.77 -71.97
CA TYR I 128 13.80 29.68 -72.88
C TYR I 128 12.62 29.27 -73.72
N GLU I 129 11.41 29.68 -73.32
CA GLU I 129 10.20 29.22 -74.02
C GLU I 129 10.16 29.64 -75.47
N PRO I 130 10.34 30.93 -75.83
CA PRO I 130 10.36 31.27 -77.26
C PRO I 130 11.61 30.84 -77.97
N LEU I 131 12.75 30.76 -77.28
CA LEU I 131 14.00 30.42 -77.96
C LEU I 131 13.98 29.01 -78.49
N VAL I 132 13.48 28.05 -77.71
CA VAL I 132 13.44 26.67 -78.17
C VAL I 132 12.52 26.52 -79.36
N LYS I 133 11.53 27.39 -79.51
CA LYS I 133 10.62 27.30 -80.65
C LYS I 133 11.35 27.56 -81.97
N ILE I 134 12.39 28.37 -81.96
CA ILE I 134 13.20 28.63 -83.14
C ILE I 134 14.55 27.93 -83.04
N ASP I 135 14.67 26.96 -82.13
CA ASP I 135 15.85 26.13 -81.93
C ASP I 135 17.06 26.94 -81.46
N ALA I 136 16.86 28.14 -80.94
CA ALA I 136 17.98 28.91 -80.42
C ALA I 136 18.64 28.22 -79.23
N VAL I 137 17.86 27.44 -78.48
CA VAL I 137 18.40 26.62 -77.41
C VAL I 137 18.02 25.18 -77.70
N SER I 138 18.89 24.27 -77.27
CA SER I 138 18.64 22.86 -77.50
C SER I 138 17.37 22.43 -76.78
N GLN I 139 16.65 21.49 -77.40
CA GLN I 139 15.52 20.90 -76.70
C GLN I 139 15.96 20.28 -75.40
N GLN I 140 17.18 19.74 -75.35
CA GLN I 140 17.70 19.17 -74.12
C GLN I 140 17.85 20.24 -73.05
N ASP I 141 18.37 21.41 -73.43
CA ASP I 141 18.53 22.48 -72.45
C ASP I 141 17.19 22.95 -71.92
N PHE I 142 16.19 23.07 -72.80
CA PHE I 142 14.87 23.49 -72.35
C PHE I 142 14.24 22.44 -71.46
N ASP I 143 14.45 21.15 -71.76
CA ASP I 143 13.94 20.11 -70.89
C ASP I 143 14.60 20.16 -69.53
N ASN I 144 15.90 20.42 -69.49
CA ASN I 144 16.58 20.59 -68.21
C ASN I 144 16.01 21.78 -67.46
N ALA I 145 15.74 22.87 -68.16
CA ALA I 145 15.17 24.04 -67.52
C ALA I 145 13.78 23.75 -66.96
N MET I 146 12.96 23.02 -67.71
CA MET I 146 11.63 22.69 -67.22
C MET I 146 11.70 21.74 -66.03
N ALA I 147 12.64 20.80 -66.06
CA ALA I 147 12.84 19.93 -64.90
C ALA I 147 13.28 20.73 -63.69
N ALA I 148 14.14 21.73 -63.90
CA ALA I 148 14.53 22.60 -62.81
C ALA I 148 13.34 23.38 -62.27
N LEU I 149 12.47 23.84 -63.16
CA LEU I 149 11.28 24.55 -62.72
C LEU I 149 10.35 23.64 -61.90
N GLN I 150 10.14 22.42 -62.37
CA GLN I 150 9.29 21.49 -61.64
C GLN I 150 9.90 21.16 -60.29
N SER I 151 11.21 20.96 -60.26
CA SER I 151 11.90 20.73 -59.00
C SER I 151 11.76 21.91 -58.06
N ALA I 152 11.84 23.12 -58.60
CA ALA I 152 11.70 24.31 -57.77
C ALA I 152 10.29 24.41 -57.21
N GLN I 153 9.28 24.10 -58.03
CA GLN I 153 7.91 24.09 -57.53
C GLN I 153 7.73 23.06 -56.42
N ALA I 154 8.31 21.87 -56.61
CA ALA I 154 8.21 20.84 -55.59
C ALA I 154 8.91 21.27 -54.30
N ASP I 155 10.07 21.90 -54.42
CA ASP I 155 10.75 22.40 -53.24
C ASP I 155 9.94 23.50 -52.56
N LYS I 156 9.25 24.32 -53.34
CA LYS I 156 8.39 25.34 -52.76
C LYS I 156 7.26 24.70 -51.99
N ARG I 157 6.66 23.64 -52.53
CA ARG I 157 5.64 22.91 -51.80
C ARG I 157 6.18 22.34 -50.50
N SER I 158 7.37 21.74 -50.56
CA SER I 158 7.96 21.17 -49.36
C SER I 158 8.24 22.23 -48.31
N ALA I 159 8.77 23.38 -48.73
CA ALA I 159 9.05 24.45 -47.79
C ALA I 159 7.77 25.02 -47.20
N GLN I 160 6.71 25.11 -48.01
CA GLN I 160 5.42 25.53 -47.47
C GLN I 160 4.91 24.54 -46.44
N ALA I 161 5.08 23.24 -46.69
CA ALA I 161 4.65 22.24 -45.71
C ALA I 161 5.44 22.39 -44.41
N ASN I 162 6.75 22.62 -44.51
CA ASN I 162 7.55 22.84 -43.32
C ASN I 162 7.11 24.08 -42.58
N VAL I 163 6.80 25.14 -43.32
CA VAL I 163 6.33 26.39 -42.71
C VAL I 163 5.03 26.15 -41.98
N GLU I 164 4.13 25.37 -42.57
CA GLU I 164 2.85 25.10 -41.92
C GLU I 164 3.04 24.27 -40.67
N THR I 165 3.95 23.29 -40.71
CA THR I 165 4.24 22.51 -39.52
C THR I 165 4.75 23.40 -38.41
N ALA I 166 5.69 24.30 -38.74
CA ALA I 166 6.21 25.21 -37.73
C ALA I 166 5.12 26.14 -37.20
N ARG I 167 4.24 26.62 -38.09
CA ARG I 167 3.18 27.52 -37.65
C ARG I 167 2.20 26.84 -36.72
N LEU I 168 1.82 25.60 -37.02
CA LEU I 168 0.90 24.90 -36.12
C LEU I 168 1.59 24.56 -34.81
N ASP I 169 2.88 24.23 -34.85
CA ASP I 169 3.63 24.05 -33.62
C ASP I 169 3.59 25.30 -32.78
N LEU I 170 3.79 26.46 -33.42
CA LEU I 170 3.72 27.73 -32.69
C LEU I 170 2.33 27.95 -32.11
N GLY I 171 1.29 27.65 -32.90
CA GLY I 171 -0.07 27.79 -32.40
C GLY I 171 -0.38 26.91 -31.23
N TYR I 172 0.33 25.79 -31.09
CA TYR I 172 0.18 24.97 -29.90
C TYR I 172 0.56 25.70 -28.63
N ALA I 173 1.36 26.77 -28.73
CA ALA I 173 1.69 27.61 -27.60
C ALA I 173 0.60 28.60 -27.24
N GLU I 174 -0.33 28.87 -28.15
CA GLU I 174 -1.54 29.62 -27.85
C GLU I 174 -2.59 28.62 -27.41
N VAL I 175 -2.71 28.42 -26.10
CA VAL I 175 -3.59 27.40 -25.58
C VAL I 175 -5.04 27.81 -25.75
N ARG I 176 -5.70 27.22 -26.73
CA ARG I 176 -7.09 27.54 -27.06
C ARG I 176 -8.03 26.44 -26.60
N ALA I 177 -9.24 26.85 -26.28
CA ALA I 177 -10.26 25.90 -25.84
C ALA I 177 -10.68 25.03 -27.00
N PRO I 178 -10.54 23.70 -26.91
CA PRO I 178 -10.94 22.86 -28.05
C PRO I 178 -12.43 22.79 -28.26
N ILE I 179 -13.23 22.84 -27.20
CA ILE I 179 -14.68 22.76 -27.30
C ILE I 179 -15.30 23.87 -26.46
N ALA I 180 -16.53 24.22 -26.79
CA ALA I 180 -17.27 25.16 -25.98
C ALA I 180 -17.83 24.45 -24.75
N GLY I 181 -17.81 25.14 -23.62
CA GLY I 181 -18.27 24.55 -22.38
C GLY I 181 -17.83 25.40 -21.21
N ARG I 182 -18.00 24.85 -20.02
CA ARG I 182 -17.61 25.53 -18.79
C ARG I 182 -16.20 25.12 -18.41
N ILE I 183 -15.33 26.09 -18.28
CA ILE I 183 -13.95 25.85 -17.86
C ILE I 183 -13.87 25.99 -16.36
N GLY I 184 -13.10 25.12 -15.73
CA GLY I 184 -12.95 25.12 -14.29
C GLY I 184 -11.75 25.93 -13.85
N ARG I 185 -11.26 25.60 -12.67
CA ARG I 185 -10.09 26.26 -12.12
C ARG I 185 -8.86 25.96 -12.96
N ALA I 186 -8.00 26.96 -13.11
CA ALA I 186 -6.75 26.77 -13.83
C ALA I 186 -5.79 25.93 -13.00
N GLN I 187 -5.39 24.78 -13.53
CA GLN I 187 -4.50 23.90 -12.79
C GLN I 187 -3.10 24.48 -12.61
N VAL I 188 -2.69 25.39 -13.48
CA VAL I 188 -1.39 26.04 -13.38
C VAL I 188 -1.60 27.53 -13.37
N THR I 189 -0.64 28.24 -12.77
CA THR I 189 -0.67 29.68 -12.68
C THR I 189 0.34 30.29 -13.63
N GLU I 190 0.26 31.61 -13.79
CA GLU I 190 1.21 32.30 -14.64
C GLU I 190 2.62 32.13 -14.08
N GLY I 191 3.57 31.89 -14.97
CA GLY I 191 4.93 31.63 -14.57
C GLY I 191 5.24 30.17 -14.30
N ALA I 192 4.24 29.30 -14.34
CA ALA I 192 4.49 27.88 -14.15
C ALA I 192 5.00 27.26 -15.44
N LEU I 193 5.92 26.33 -15.30
CA LEU I 193 6.53 25.65 -16.43
C LEU I 193 5.68 24.44 -16.79
N VAL I 194 5.09 24.46 -17.98
CA VAL I 194 4.18 23.42 -18.43
C VAL I 194 4.74 22.78 -19.69
N GLY I 195 4.35 21.53 -19.90
CA GLY I 195 4.74 20.82 -21.09
C GLY I 195 6.15 20.26 -21.09
N GLN I 196 6.89 20.41 -20.01
CA GLN I 196 8.23 19.85 -19.91
C GLN I 196 8.11 18.38 -19.51
N GLY I 197 8.48 17.50 -20.43
CA GLY I 197 8.37 16.08 -20.16
C GLY I 197 7.00 15.53 -20.49
N GLU I 198 5.98 16.03 -19.82
CA GLU I 198 4.61 15.54 -19.99
C GLU I 198 3.66 16.67 -20.34
N ALA I 199 2.53 16.30 -20.92
CA ALA I 199 1.49 17.27 -21.28
C ALA I 199 0.81 17.71 -20.00
N THR I 200 1.29 18.80 -19.42
CA THR I 200 0.76 19.27 -18.14
C THR I 200 -0.71 19.67 -18.29
N LEU I 201 -1.54 19.17 -17.38
CA LEU I 201 -2.94 19.53 -17.39
C LEU I 201 -3.08 21.00 -17.03
N LEU I 202 -3.82 21.74 -17.86
CA LEU I 202 -3.98 23.17 -17.60
C LEU I 202 -5.36 23.50 -17.05
N ALA I 203 -6.40 22.96 -17.65
CA ALA I 203 -7.76 23.28 -17.24
C ALA I 203 -8.66 22.14 -17.65
N ARG I 204 -9.94 22.27 -17.33
CA ARG I 204 -10.94 21.27 -17.70
C ARG I 204 -12.19 21.97 -18.17
N ILE I 205 -12.65 21.63 -19.36
CA ILE I 205 -13.82 22.24 -19.97
C ILE I 205 -14.89 21.17 -20.11
N GLN I 206 -16.06 21.44 -19.55
CA GLN I 206 -17.13 20.47 -19.49
C GLN I 206 -18.38 21.03 -20.15
N GLN I 207 -19.04 20.20 -20.94
CA GLN I 207 -20.29 20.56 -21.58
C GLN I 207 -21.44 20.20 -20.64
N LEU I 208 -22.18 21.21 -20.20
CA LEU I 208 -23.16 21.04 -19.13
C LEU I 208 -24.54 20.64 -19.65
N ASP I 209 -24.74 20.56 -20.95
CA ASP I 209 -26.06 20.22 -21.45
C ASP I 209 -25.94 19.51 -22.79
N PRO I 210 -26.44 18.28 -22.90
CA PRO I 210 -27.10 17.48 -21.88
C PRO I 210 -26.09 16.78 -20.99
N VAL I 211 -26.49 15.72 -20.29
CA VAL I 211 -25.56 14.91 -19.51
C VAL I 211 -25.91 13.44 -19.70
N TYR I 212 -24.91 12.60 -19.47
CA TYR I 212 -25.09 11.16 -19.41
C TYR I 212 -25.03 10.70 -17.97
N ALA I 213 -25.99 9.88 -17.57
CA ALA I 213 -25.99 9.28 -16.25
C ALA I 213 -25.58 7.83 -16.40
N ASP I 214 -24.39 7.49 -15.93
CA ASP I 214 -23.85 6.14 -16.05
C ASP I 214 -24.24 5.35 -14.80
N PHE I 215 -25.35 4.63 -14.88
CA PHE I 215 -25.85 3.81 -13.81
C PHE I 215 -25.51 2.35 -14.07
N THR I 216 -25.79 1.51 -13.09
CA THR I 216 -25.32 0.14 -13.10
C THR I 216 -26.45 -0.83 -12.76
N GLN I 217 -26.56 -1.90 -13.54
CA GLN I 217 -27.54 -2.95 -13.31
C GLN I 217 -26.82 -4.22 -12.92
N PRO I 218 -27.34 -4.97 -11.95
CA PRO I 218 -26.80 -6.30 -11.70
C PRO I 218 -26.95 -7.17 -12.94
N ALA I 219 -25.88 -7.87 -13.29
CA ALA I 219 -25.90 -8.62 -14.53
C ALA I 219 -26.98 -9.68 -14.51
N ALA I 220 -26.98 -10.52 -13.47
CA ALA I 220 -27.94 -11.62 -13.40
C ALA I 220 -29.37 -11.11 -13.55
N ASP I 221 -29.66 -9.91 -13.03
CA ASP I 221 -30.97 -9.32 -13.25
C ASP I 221 -31.19 -9.05 -14.73
N ALA I 222 -30.18 -8.55 -15.42
CA ALA I 222 -30.32 -8.30 -16.86
C ALA I 222 -30.58 -9.60 -17.62
N LEU I 223 -29.85 -10.66 -17.29
CA LEU I 223 -30.11 -11.93 -17.96
C LEU I 223 -31.49 -12.47 -17.63
N ARG I 224 -31.94 -12.29 -16.39
CA ARG I 224 -33.27 -12.80 -16.04
C ARG I 224 -34.36 -12.04 -16.77
N LEU I 225 -34.22 -10.72 -16.87
CA LEU I 225 -35.19 -9.95 -17.64
C LEU I 225 -35.13 -10.32 -19.11
N ARG I 226 -33.93 -10.50 -19.65
CA ARG I 226 -33.80 -10.87 -21.06
C ARG I 226 -34.43 -12.22 -21.31
N ALA I 227 -34.27 -13.15 -20.37
CA ALA I 227 -34.95 -14.44 -20.47
C ALA I 227 -36.46 -14.26 -20.46
N ALA I 228 -36.98 -13.54 -19.45
CA ALA I 228 -38.42 -13.35 -19.36
C ALA I 228 -38.98 -12.74 -20.64
N ILE I 229 -38.21 -11.84 -21.26
CA ILE I 229 -38.59 -11.33 -22.57
C ILE I 229 -38.56 -12.45 -23.61
N ALA I 230 -37.57 -13.33 -23.52
CA ALA I 230 -37.37 -14.34 -24.55
C ALA I 230 -38.53 -15.32 -24.61
N GLU I 231 -38.92 -15.90 -23.48
CA GLU I 231 -40.07 -16.79 -23.51
C GLU I 231 -41.39 -16.05 -23.54
N GLY I 232 -41.41 -14.76 -23.21
CA GLY I 232 -42.57 -13.95 -23.42
C GLY I 232 -43.48 -13.70 -22.24
N LYS I 233 -43.03 -14.02 -21.02
CA LYS I 233 -43.79 -13.60 -19.84
C LYS I 233 -43.92 -12.08 -19.77
N VAL I 234 -42.87 -11.34 -20.10
CA VAL I 234 -42.90 -9.89 -20.01
C VAL I 234 -42.55 -9.28 -21.36
N ALA I 235 -42.93 -8.02 -21.54
CA ALA I 235 -42.60 -7.27 -22.73
C ALA I 235 -41.45 -6.32 -22.45
N GLY I 236 -40.55 -6.20 -23.41
CA GLY I 236 -39.45 -5.28 -23.28
C GLY I 236 -39.92 -3.86 -23.07
N ALA I 237 -39.34 -3.17 -22.10
CA ALA I 237 -39.69 -1.78 -21.80
C ALA I 237 -38.58 -0.82 -22.23
N SER I 238 -37.91 -1.12 -23.33
CA SER I 238 -36.81 -0.28 -23.79
C SER I 238 -37.29 1.13 -24.13
N ASP I 239 -38.52 1.26 -24.61
CA ASP I 239 -39.06 2.54 -25.03
C ASP I 239 -39.52 3.40 -23.86
N GLN I 240 -39.51 2.87 -22.65
CA GLN I 240 -39.99 3.75 -21.61
C GLN I 240 -38.86 4.65 -21.12
N PRO I 241 -39.13 5.94 -20.90
CA PRO I 241 -38.07 6.86 -20.51
C PRO I 241 -37.54 6.56 -19.12
N LEU I 242 -36.27 6.89 -18.89
CA LEU I 242 -35.71 6.78 -17.56
C LEU I 242 -36.15 7.96 -16.72
N SER I 243 -36.21 7.75 -15.42
CA SER I 243 -36.50 8.80 -14.45
C SER I 243 -35.34 8.86 -13.47
N LEU I 244 -34.78 10.04 -13.30
CA LEU I 244 -33.65 10.23 -12.41
C LEU I 244 -34.06 11.16 -11.26
N ARG I 245 -33.80 10.73 -10.04
CA ARG I 245 -34.10 11.54 -8.87
C ARG I 245 -32.82 11.72 -8.06
N VAL I 246 -32.44 12.98 -7.84
CA VAL I 246 -31.26 13.31 -7.04
C VAL I 246 -31.65 13.24 -5.57
N ASP I 247 -30.86 12.53 -4.77
CA ASP I 247 -31.22 12.33 -3.38
C ASP I 247 -31.38 13.66 -2.65
N GLY I 248 -32.46 13.77 -1.88
CA GLY I 248 -32.69 14.89 -1.01
C GLY I 248 -33.40 16.08 -1.63
N THR I 249 -33.66 16.07 -2.94
CA THR I 249 -34.36 17.17 -3.60
C THR I 249 -35.58 16.62 -4.31
N ASP I 250 -36.45 17.53 -4.77
CA ASP I 250 -37.75 17.14 -5.29
C ASP I 250 -37.84 17.14 -6.81
N ILE I 251 -36.79 17.58 -7.50
CA ILE I 251 -36.79 17.66 -8.96
C ILE I 251 -36.64 16.28 -9.60
N GLU I 252 -37.41 16.04 -10.67
CA GLU I 252 -37.39 14.78 -11.39
C GLU I 252 -37.10 15.04 -12.86
N ARG I 253 -36.14 14.30 -13.40
CA ARG I 253 -35.72 14.48 -14.78
C ARG I 253 -35.96 13.20 -15.56
N LYS I 254 -36.48 13.34 -16.77
CA LYS I 254 -36.70 12.20 -17.64
C LYS I 254 -35.58 12.10 -18.66
N GLY I 255 -35.22 10.86 -18.99
CA GLY I 255 -34.15 10.65 -19.95
C GLY I 255 -34.35 9.34 -20.68
N THR I 256 -33.59 9.17 -21.75
CA THR I 256 -33.73 8.05 -22.65
C THR I 256 -32.54 7.13 -22.51
N LEU I 257 -32.79 5.82 -22.40
CA LEU I 257 -31.71 4.86 -22.34
C LEU I 257 -30.93 4.89 -23.65
N LEU I 258 -29.60 4.95 -23.56
CA LEU I 258 -28.80 5.01 -24.77
C LEU I 258 -28.11 3.68 -25.08
N PHE I 259 -27.39 3.13 -24.10
CA PHE I 259 -26.50 2.03 -24.37
C PHE I 259 -26.45 1.14 -23.14
N THR I 260 -26.61 -0.17 -23.36
CA THR I 260 -26.47 -1.18 -22.32
C THR I 260 -25.23 -2.02 -22.59
N ASP I 261 -24.33 -2.09 -21.61
CA ASP I 261 -23.03 -2.70 -21.81
C ASP I 261 -23.12 -4.20 -22.08
N ILE I 262 -22.07 -4.72 -22.70
CA ILE I 262 -21.93 -6.15 -22.92
C ILE I 262 -20.96 -6.80 -21.94
N SER I 263 -20.00 -6.05 -21.42
CA SER I 263 -18.99 -6.57 -20.51
C SER I 263 -19.48 -6.47 -19.07
N VAL I 264 -18.88 -7.29 -18.20
CA VAL I 264 -19.29 -7.41 -16.81
C VAL I 264 -18.17 -6.90 -15.93
N ASP I 265 -18.53 -6.06 -14.95
CA ASP I 265 -17.55 -5.61 -13.98
C ASP I 265 -17.02 -6.82 -13.22
N ARG I 266 -15.70 -7.01 -13.25
CA ARG I 266 -15.12 -8.18 -12.62
C ARG I 266 -15.32 -8.16 -11.11
N SER I 267 -15.17 -7.01 -10.49
CA SER I 267 -15.18 -6.93 -9.03
C SER I 267 -16.58 -7.05 -8.45
N THR I 268 -17.61 -6.76 -9.22
CA THR I 268 -18.97 -6.76 -8.69
C THR I 268 -19.98 -7.52 -9.53
N GLY I 269 -19.67 -7.90 -10.76
CA GLY I 269 -20.60 -8.66 -11.56
C GLY I 269 -21.78 -7.86 -12.08
N GLN I 270 -21.60 -6.57 -12.32
CA GLN I 270 -22.69 -5.72 -12.79
C GLN I 270 -22.27 -4.97 -14.04
N ILE I 271 -23.16 -4.95 -15.01
CA ILE I 271 -22.93 -4.25 -16.27
C ILE I 271 -23.36 -2.80 -16.10
N ALA I 272 -22.66 -1.92 -16.80
CA ALA I 272 -22.92 -0.49 -16.73
C ALA I 272 -23.90 -0.10 -17.83
N LEU I 273 -24.64 0.97 -17.60
CA LEU I 273 -25.57 1.48 -18.57
C LEU I 273 -25.39 2.98 -18.70
N ARG I 274 -25.94 3.55 -19.76
CA ARG I 274 -25.84 4.98 -20.01
C ARG I 274 -27.16 5.50 -20.55
N GLY I 275 -27.70 6.52 -19.89
CA GLY I 275 -28.85 7.22 -20.41
C GLY I 275 -28.49 8.67 -20.60
N GLN I 276 -29.26 9.40 -21.38
CA GLN I 276 -29.02 10.82 -21.57
C GLN I 276 -30.19 11.61 -21.01
N PHE I 277 -29.88 12.62 -20.21
CA PHE I 277 -30.90 13.45 -19.57
C PHE I 277 -30.63 14.90 -19.95
N ASP I 278 -31.67 15.58 -20.41
CA ASP I 278 -31.55 17.01 -20.66
C ASP I 278 -31.29 17.73 -19.35
N ASN I 279 -30.37 18.68 -19.37
CA ASN I 279 -30.00 19.46 -18.21
C ASN I 279 -30.09 20.94 -18.55
N PRO I 280 -31.31 21.48 -18.69
CA PRO I 280 -31.43 22.86 -19.15
C PRO I 280 -31.06 23.88 -18.10
N GLU I 281 -31.44 23.66 -16.85
CA GLU I 281 -31.25 24.66 -15.80
C GLU I 281 -29.90 24.55 -15.11
N GLY I 282 -29.05 23.61 -15.51
CA GLY I 282 -27.81 23.41 -14.80
C GLY I 282 -27.98 22.74 -13.46
N VAL I 283 -29.13 22.11 -13.23
CA VAL I 283 -29.38 21.47 -11.94
C VAL I 283 -28.45 20.29 -11.73
N LEU I 284 -28.28 19.45 -12.75
CA LEU I 284 -27.44 18.27 -12.64
C LEU I 284 -25.98 18.68 -12.76
N LEU I 285 -25.16 18.22 -11.85
CA LEU I 285 -23.73 18.53 -11.90
C LEU I 285 -22.94 17.28 -12.26
N PRO I 286 -21.76 17.42 -12.83
CA PRO I 286 -20.95 16.21 -13.12
C PRO I 286 -20.41 15.60 -11.83
N GLY I 287 -20.58 14.28 -11.71
CA GLY I 287 -20.08 13.55 -10.57
C GLY I 287 -21.08 13.31 -9.45
N MET I 288 -22.31 13.82 -9.56
CA MET I 288 -23.32 13.55 -8.55
C MET I 288 -23.73 12.09 -8.54
N TYR I 289 -23.95 11.55 -7.34
CA TYR I 289 -24.54 10.23 -7.20
C TYR I 289 -26.03 10.30 -7.46
N VAL I 290 -26.50 9.58 -8.49
CA VAL I 290 -27.91 9.59 -8.86
C VAL I 290 -28.43 8.17 -8.93
N ARG I 291 -29.65 7.98 -8.45
CA ARG I 291 -30.35 6.71 -8.51
C ARG I 291 -31.31 6.75 -9.67
N VAL I 292 -31.08 5.92 -10.67
CA VAL I 292 -31.83 5.97 -11.91
C VAL I 292 -32.87 4.86 -11.87
N ARG I 293 -34.13 5.23 -12.06
CA ARG I 293 -35.20 4.23 -12.14
C ARG I 293 -35.34 3.74 -13.57
N THR I 294 -35.00 2.48 -13.78
CA THR I 294 -34.98 1.89 -15.10
C THR I 294 -36.10 0.88 -15.26
N PRO I 295 -36.95 1.03 -16.28
CA PRO I 295 -38.04 0.06 -16.48
C PRO I 295 -37.50 -1.33 -16.82
N GLN I 296 -37.96 -2.33 -16.07
CA GLN I 296 -37.51 -3.71 -16.22
C GLN I 296 -38.54 -4.58 -16.90
N GLY I 297 -39.26 -4.05 -17.89
CA GLY I 297 -40.23 -4.84 -18.59
C GLY I 297 -41.65 -4.60 -18.10
N LEU I 298 -42.60 -4.71 -19.03
CA LEU I 298 -44.00 -4.43 -18.79
C LEU I 298 -44.81 -5.71 -19.01
N ASN I 299 -45.55 -6.11 -17.99
CA ASN I 299 -46.46 -7.25 -18.09
C ASN I 299 -47.89 -6.73 -18.04
N GLN I 300 -48.70 -7.17 -19.00
CA GLN I 300 -50.08 -6.70 -19.10
C GLN I 300 -51.00 -7.39 -18.10
N ASN I 301 -50.57 -8.51 -17.52
CA ASN I 301 -51.40 -9.36 -16.68
C ASN I 301 -50.86 -9.40 -15.26
N ALA I 302 -50.51 -8.23 -14.73
CA ALA I 302 -49.95 -8.14 -13.39
C ALA I 302 -51.05 -7.81 -12.39
N ILE I 303 -50.88 -8.34 -11.18
CA ILE I 303 -51.81 -8.12 -10.07
C ILE I 303 -51.10 -7.32 -9.01
N LEU I 304 -51.73 -6.23 -8.57
CA LEU I 304 -51.18 -5.38 -7.53
C LEU I 304 -52.11 -5.41 -6.32
N VAL I 305 -51.58 -5.87 -5.19
CA VAL I 305 -52.33 -5.93 -3.95
C VAL I 305 -51.62 -5.01 -2.96
N PRO I 306 -52.35 -4.17 -2.22
CA PRO I 306 -51.69 -3.27 -1.28
C PRO I 306 -50.90 -4.05 -0.23
N GLN I 307 -49.82 -3.42 0.25
CA GLN I 307 -48.95 -4.07 1.22
C GLN I 307 -49.73 -4.55 2.44
N ARG I 308 -50.70 -3.76 2.90
CA ARG I 308 -51.45 -4.12 4.09
C ARG I 308 -52.18 -5.44 3.95
N ALA I 309 -52.72 -5.73 2.77
CA ALA I 309 -53.57 -6.89 2.56
C ALA I 309 -52.78 -8.17 2.34
N VAL I 310 -51.47 -8.08 2.18
CA VAL I 310 -50.62 -9.25 1.97
C VAL I 310 -49.88 -9.51 3.27
N GLN I 311 -50.01 -10.73 3.77
CA GLN I 311 -49.26 -11.14 4.96
C GLN I 311 -48.16 -12.12 4.58
N ARG I 312 -47.07 -12.06 5.34
CA ARG I 312 -45.95 -12.98 5.18
C ARG I 312 -45.85 -13.83 6.45
N SER I 313 -45.83 -15.14 6.27
CA SER I 313 -45.64 -16.05 7.39
C SER I 313 -44.20 -15.92 7.90
N ALA I 314 -43.95 -16.49 9.09
CA ALA I 314 -42.62 -16.43 9.66
C ALA I 314 -41.59 -17.18 8.84
N ASP I 315 -42.02 -18.13 8.00
CA ASP I 315 -41.11 -18.83 7.10
C ASP I 315 -40.87 -18.04 5.82
N GLY I 316 -41.52 -16.89 5.66
CA GLY I 316 -41.38 -16.07 4.48
C GLY I 316 -42.35 -16.40 3.36
N GLN I 317 -43.09 -17.50 3.46
CA GLN I 317 -44.04 -17.88 2.42
C GLN I 317 -45.21 -16.90 2.46
N ALA I 318 -45.57 -16.36 1.30
CA ALA I 318 -46.65 -15.41 1.20
C ALA I 318 -47.96 -16.10 0.87
N SER I 319 -49.04 -15.60 1.47
CA SER I 319 -50.37 -16.13 1.25
C SER I 319 -51.39 -15.04 1.55
N VAL I 320 -52.61 -15.24 1.06
CA VAL I 320 -53.70 -14.31 1.32
C VAL I 320 -54.97 -15.09 1.64
N MET I 321 -55.88 -14.41 2.32
CA MET I 321 -57.21 -14.91 2.61
C MET I 321 -58.04 -14.82 1.35
N LEU I 322 -59.03 -15.71 1.22
CA LEU I 322 -59.90 -15.75 0.06
C LEU I 322 -61.31 -16.12 0.49
N LEU I 323 -62.28 -15.69 -0.32
CA LEU I 323 -63.69 -15.94 -0.04
C LEU I 323 -64.09 -17.23 -0.73
N GLY I 324 -64.09 -18.33 0.01
CA GLY I 324 -64.46 -19.61 -0.55
C GLY I 324 -65.95 -19.73 -0.73
N GLU I 325 -66.35 -20.88 -1.28
CA GLU I 325 -67.77 -21.17 -1.45
C GLU I 325 -68.47 -21.14 -0.10
N GLY I 326 -69.62 -20.47 -0.05
CA GLY I 326 -70.29 -20.26 1.22
C GLY I 326 -69.69 -19.16 2.05
N ASP I 327 -68.94 -18.25 1.43
CA ASP I 327 -68.34 -17.11 2.12
C ASP I 327 -67.46 -17.58 3.28
N THR I 328 -66.44 -18.36 2.91
CA THR I 328 -65.52 -18.96 3.87
C THR I 328 -64.12 -18.40 3.62
N VAL I 329 -63.40 -18.12 4.71
CA VAL I 329 -62.06 -17.59 4.63
C VAL I 329 -61.11 -18.75 4.32
N GLU I 330 -60.47 -18.69 3.16
CA GLU I 330 -59.50 -19.69 2.75
C GLU I 330 -58.19 -18.99 2.47
N VAL I 331 -57.09 -19.60 2.93
CA VAL I 331 -55.76 -19.03 2.79
C VAL I 331 -55.03 -19.85 1.73
N ARG I 332 -54.64 -19.21 0.63
CA ARG I 332 -53.87 -19.84 -0.43
C ARG I 332 -52.49 -19.19 -0.50
N GLN I 333 -51.45 -20.02 -0.54
CA GLN I 333 -50.10 -19.51 -0.66
C GLN I 333 -49.90 -18.83 -2.01
N VAL I 334 -49.17 -17.72 -2.00
CA VAL I 334 -48.91 -16.94 -3.20
C VAL I 334 -47.42 -16.69 -3.33
N THR I 335 -47.00 -16.40 -4.55
CA THR I 335 -45.60 -16.08 -4.85
C THR I 335 -45.53 -14.59 -5.17
N THR I 336 -45.16 -13.80 -4.18
CA THR I 336 -45.15 -12.35 -4.33
C THR I 336 -44.00 -11.93 -5.24
N GLY I 337 -44.21 -10.85 -5.99
CA GLY I 337 -43.20 -10.35 -6.89
C GLY I 337 -42.69 -8.96 -6.54
N ALA I 338 -42.80 -8.04 -7.48
CA ALA I 338 -42.18 -6.74 -7.35
C ALA I 338 -43.01 -5.82 -6.46
N MET I 339 -42.43 -4.67 -6.15
CA MET I 339 -43.01 -3.71 -5.21
C MET I 339 -43.26 -2.40 -5.95
N GLN I 340 -44.46 -1.84 -5.80
CA GLN I 340 -44.77 -0.54 -6.40
C GLN I 340 -45.57 0.30 -5.41
N GLY I 341 -45.01 1.43 -5.00
CA GLY I 341 -45.67 2.28 -4.03
C GLY I 341 -46.07 1.54 -2.78
N SER I 342 -47.37 1.44 -2.54
CA SER I 342 -47.90 0.73 -1.38
C SER I 342 -48.57 -0.58 -1.79
N ARG I 343 -48.33 -1.04 -3.02
CA ARG I 343 -48.95 -2.25 -3.54
C ARG I 343 -47.88 -3.22 -4.03
N TRP I 344 -48.03 -4.48 -3.63
CA TRP I 344 -47.06 -5.51 -3.96
C TRP I 344 -47.58 -6.41 -5.07
N GLN I 345 -46.77 -6.60 -6.10
CA GLN I 345 -47.16 -7.42 -7.24
C GLN I 345 -47.20 -8.89 -6.83
N ILE I 346 -48.24 -9.60 -7.27
CA ILE I 346 -48.38 -11.02 -7.01
C ILE I 346 -48.08 -11.76 -8.31
N SER I 347 -46.92 -12.38 -8.38
CA SER I 347 -46.57 -13.17 -9.55
C SER I 347 -47.48 -14.39 -9.71
N GLU I 348 -47.80 -15.06 -8.61
CA GLU I 348 -48.62 -16.26 -8.63
C GLU I 348 -49.39 -16.38 -7.32
N GLY I 349 -50.59 -16.96 -7.43
CA GLY I 349 -51.43 -17.23 -6.29
C GLY I 349 -52.83 -16.66 -6.40
N LEU I 350 -52.98 -15.46 -6.93
CA LEU I 350 -54.29 -14.84 -7.08
C LEU I 350 -54.69 -14.82 -8.54
N GLN I 351 -55.99 -14.94 -8.76
CA GLN I 351 -56.58 -14.87 -10.09
C GLN I 351 -57.62 -13.75 -10.09
N ALA I 352 -57.88 -13.22 -11.27
CA ALA I 352 -58.71 -12.03 -11.40
C ALA I 352 -60.10 -12.26 -10.82
N GLY I 353 -60.55 -11.33 -9.97
CA GLY I 353 -61.87 -11.40 -9.39
C GLY I 353 -61.92 -11.86 -7.95
N ASP I 354 -60.84 -12.40 -7.40
CA ASP I 354 -60.86 -12.84 -6.02
C ASP I 354 -60.98 -11.65 -5.08
N LYS I 355 -61.32 -11.93 -3.83
CA LYS I 355 -61.55 -10.90 -2.83
C LYS I 355 -60.45 -10.96 -1.78
N VAL I 356 -59.91 -9.80 -1.41
CA VAL I 356 -58.85 -9.70 -0.42
C VAL I 356 -59.28 -8.73 0.67
N ILE I 357 -59.13 -9.14 1.92
CA ILE I 357 -59.42 -8.30 3.07
C ILE I 357 -58.24 -7.39 3.33
N THR I 358 -58.51 -6.13 3.64
CA THR I 358 -57.47 -5.15 3.89
C THR I 358 -57.55 -4.51 5.26
N SER I 359 -58.45 -4.97 6.14
CA SER I 359 -58.65 -4.33 7.44
C SER I 359 -58.82 -5.38 8.53
N SER I 360 -58.49 -4.96 9.76
CA SER I 360 -58.68 -5.78 10.97
C SER I 360 -58.02 -7.15 10.84
N LEU I 361 -56.81 -7.18 10.28
CA LEU I 361 -56.16 -8.47 10.04
C LEU I 361 -55.67 -9.10 11.33
N ALA I 362 -55.29 -8.28 12.32
CA ALA I 362 -54.85 -8.83 13.59
C ALA I 362 -55.99 -9.48 14.35
N ALA I 363 -57.22 -9.00 14.17
CA ALA I 363 -58.37 -9.46 14.93
C ALA I 363 -59.18 -10.53 14.23
N ILE I 364 -58.74 -11.00 13.05
CA ILE I 364 -59.45 -12.02 12.30
C ILE I 364 -58.62 -13.30 12.34
N ARG I 365 -59.27 -14.39 12.58
CA ARG I 365 -58.72 -15.73 12.46
C ARG I 365 -59.28 -16.41 11.21
N PRO I 366 -58.48 -17.21 10.51
CA PRO I 366 -59.01 -17.90 9.33
C PRO I 366 -60.09 -18.91 9.72
N GLY I 367 -61.08 -19.05 8.83
CA GLY I 367 -62.23 -19.86 9.10
C GLY I 367 -63.38 -19.12 9.75
N ALA I 368 -63.13 -17.94 10.31
CA ALA I 368 -64.18 -17.17 10.96
C ALA I 368 -65.11 -16.56 9.91
N LYS I 369 -66.38 -16.40 10.29
CA LYS I 369 -67.33 -15.87 9.34
C LYS I 369 -66.99 -14.41 9.07
N VAL I 370 -67.27 -13.95 7.86
CA VAL I 370 -67.06 -12.54 7.50
C VAL I 370 -68.15 -12.12 6.53
N ILE I 371 -68.49 -10.84 6.58
CA ILE I 371 -69.45 -10.29 5.62
C ILE I 371 -68.78 -9.24 4.75
N PRO I 372 -69.03 -9.26 3.45
CA PRO I 372 -68.39 -8.29 2.54
C PRO I 372 -68.95 -6.89 2.70
N ARG I 373 -68.07 -5.91 2.84
CA ARG I 373 -68.50 -4.51 2.89
C ARG I 373 -68.25 -3.81 1.56
N MET J 1 -36.41 -35.61 93.98
CA MET J 1 -36.05 -36.11 92.66
C MET J 1 -35.01 -37.24 92.70
N PRO J 2 -33.97 -37.13 93.55
CA PRO J 2 -33.10 -38.30 93.75
C PRO J 2 -33.79 -39.50 94.38
N LEU J 3 -34.74 -39.27 95.29
CA LEU J 3 -35.41 -40.41 95.93
C LEU J 3 -36.17 -41.22 94.88
N PHE J 4 -36.74 -40.54 93.89
CA PHE J 4 -37.37 -41.21 92.76
C PHE J 4 -36.44 -42.25 92.16
N PHE J 5 -35.15 -41.93 92.11
CA PHE J 5 -34.19 -42.86 91.55
C PHE J 5 -33.65 -43.84 92.59
N ILE J 6 -33.66 -43.48 93.87
CA ILE J 6 -33.26 -44.42 94.89
C ILE J 6 -34.23 -45.59 94.93
N ARG J 7 -35.53 -45.30 94.83
CA ARG J 7 -36.52 -46.38 94.80
C ARG J 7 -36.47 -47.15 93.50
N ARG J 8 -36.06 -46.50 92.40
CA ARG J 8 -36.01 -47.16 91.07
C ARG J 8 -34.59 -47.04 90.51
N PRO J 9 -33.61 -47.86 90.95
CA PRO J 9 -32.23 -47.74 90.49
C PRO J 9 -32.08 -47.98 88.98
N ASN J 10 -32.80 -48.96 88.43
CA ASN J 10 -32.66 -49.29 86.99
C ASN J 10 -32.94 -48.04 86.14
N PHE J 11 -33.91 -47.21 86.55
CA PHE J 11 -34.16 -45.98 85.82
C PHE J 11 -32.87 -45.15 85.71
N ALA J 12 -32.21 -44.91 86.84
CA ALA J 12 -30.98 -44.13 86.82
C ALA J 12 -29.89 -44.83 86.05
N TRP J 13 -29.74 -46.14 86.27
CA TRP J 13 -28.77 -46.92 85.51
C TRP J 13 -29.01 -46.76 84.01
N VAL J 14 -30.26 -46.82 83.58
CA VAL J 14 -30.57 -46.75 82.16
C VAL J 14 -30.31 -45.37 81.62
N VAL J 15 -30.65 -44.32 82.38
CA VAL J 15 -30.40 -42.95 81.91
C VAL J 15 -28.91 -42.73 81.71
N ALA J 16 -28.11 -43.15 82.69
CA ALA J 16 -26.66 -43.00 82.56
C ALA J 16 -26.13 -43.82 81.39
N LEU J 17 -26.59 -45.05 81.24
CA LEU J 17 -26.11 -45.87 80.14
C LEU J 17 -26.57 -45.30 78.81
N PHE J 18 -27.72 -44.62 78.82
CA PHE J 18 -28.21 -43.95 77.63
C PHE J 18 -27.26 -42.85 77.21
N ILE J 19 -26.90 -41.97 78.14
CA ILE J 19 -26.00 -40.87 77.78
C ILE J 19 -24.64 -41.42 77.39
N SER J 20 -24.21 -42.51 78.04
CA SER J 20 -22.95 -43.13 77.67
C SER J 20 -22.99 -43.68 76.25
N LEU J 21 -24.07 -44.38 75.90
CA LEU J 21 -24.21 -44.94 74.57
C LEU J 21 -24.23 -43.84 73.52
N GLY J 22 -24.91 -42.73 73.81
CA GLY J 22 -24.85 -41.59 72.92
C GLY J 22 -23.42 -41.09 72.73
N GLY J 23 -22.70 -40.95 73.84
CA GLY J 23 -21.30 -40.56 73.75
C GLY J 23 -20.53 -41.48 72.84
N LEU J 24 -20.62 -42.79 73.08
CA LEU J 24 -19.89 -43.75 72.23
C LEU J 24 -20.28 -43.62 70.77
N LEU J 25 -21.56 -43.41 70.49
CA LEU J 25 -21.97 -43.36 69.09
C LEU J 25 -21.64 -42.03 68.44
N VAL J 26 -21.15 -41.05 69.22
CA VAL J 26 -20.79 -39.78 68.59
C VAL J 26 -19.31 -39.62 68.29
N ILE J 27 -18.40 -40.36 68.94
CA ILE J 27 -16.97 -40.19 68.63
C ILE J 27 -16.65 -40.41 67.16
N PRO J 28 -17.10 -41.47 66.48
CA PRO J 28 -16.65 -41.70 65.10
C PRO J 28 -16.83 -40.52 64.17
N PHE J 29 -17.56 -39.50 64.57
CA PHE J 29 -17.64 -38.27 63.79
C PHE J 29 -16.90 -37.10 64.43
N LEU J 30 -16.00 -37.37 65.37
CA LEU J 30 -15.33 -36.29 66.07
C LEU J 30 -14.44 -35.51 65.12
N PRO J 31 -14.56 -34.18 65.06
CA PRO J 31 -13.55 -33.38 64.36
C PRO J 31 -12.36 -33.14 65.27
N VAL J 32 -11.17 -33.29 64.68
CA VAL J 32 -9.94 -33.07 65.42
C VAL J 32 -9.08 -32.10 64.61
N ALA J 33 -8.23 -31.35 65.31
CA ALA J 33 -7.35 -30.37 64.69
C ALA J 33 -6.43 -29.85 65.78
N GLN J 34 -5.35 -29.18 65.36
CA GLN J 34 -4.40 -28.60 66.30
C GLN J 34 -5.14 -27.69 67.26
N TYR J 35 -5.64 -26.60 66.73
CA TYR J 35 -6.49 -25.63 67.40
C TYR J 35 -7.73 -25.42 66.57
N PRO J 36 -8.77 -24.84 67.15
CA PRO J 36 -9.92 -24.46 66.35
C PRO J 36 -9.57 -23.29 65.47
N ASN J 37 -10.55 -22.80 64.73
CA ASN J 37 -10.30 -21.65 63.88
C ASN J 37 -10.24 -20.41 64.76
N VAL J 38 -9.23 -20.37 65.62
CA VAL J 38 -9.02 -19.22 66.49
C VAL J 38 -8.63 -18.00 65.69
N ALA J 39 -7.82 -18.18 64.66
CA ALA J 39 -7.47 -17.06 63.79
C ALA J 39 -8.71 -16.57 63.05
N PRO J 40 -8.76 -15.28 62.71
CA PRO J 40 -9.94 -14.76 62.02
C PRO J 40 -10.02 -15.34 60.61
N PRO J 41 -11.21 -15.36 60.03
CA PRO J 41 -11.33 -15.85 58.65
C PRO J 41 -10.69 -14.86 57.68
N GLN J 42 -9.59 -15.28 57.08
CA GLN J 42 -8.87 -14.44 56.12
C GLN J 42 -9.09 -14.96 54.72
N ILE J 43 -9.45 -14.04 53.83
CA ILE J 43 -9.49 -14.28 52.40
C ILE J 43 -8.36 -13.49 51.77
N THR J 44 -7.74 -14.05 50.74
CA THR J 44 -6.55 -13.44 50.15
C THR J 44 -6.69 -13.43 48.64
N VAL J 45 -6.48 -12.27 48.04
CA VAL J 45 -6.60 -12.08 46.60
C VAL J 45 -5.22 -12.10 45.97
N THR J 46 -5.04 -12.92 44.94
CA THR J 46 -3.78 -13.05 44.23
C THR J 46 -3.97 -12.63 42.78
N ALA J 47 -3.43 -11.46 42.42
CA ALA J 47 -3.52 -10.97 41.07
C ALA J 47 -2.11 -10.85 40.50
N THR J 48 -1.93 -11.40 39.29
CA THR J 48 -0.62 -11.47 38.65
C THR J 48 -0.59 -10.54 37.45
N TYR J 49 0.38 -9.63 37.45
CA TYR J 49 0.60 -8.69 36.35
C TYR J 49 2.06 -8.82 35.95
N PRO J 50 2.37 -9.73 35.04
CA PRO J 50 3.77 -10.05 34.75
C PRO J 50 4.53 -8.82 34.29
N GLY J 51 5.67 -8.57 34.91
CA GLY J 51 6.53 -7.49 34.50
C GLY J 51 6.03 -6.10 34.86
N ALA J 52 5.02 -5.98 35.71
CA ALA J 52 4.55 -4.68 36.16
C ALA J 52 5.22 -4.33 37.48
N SER J 53 5.68 -3.08 37.58
CA SER J 53 6.38 -2.63 38.76
C SER J 53 5.46 -2.62 39.98
N ALA J 54 6.05 -2.36 41.14
CA ALA J 54 5.27 -2.32 42.37
C ALA J 54 4.26 -1.18 42.34
N GLN J 55 4.68 0.01 41.91
CA GLN J 55 3.77 1.14 41.89
C GLN J 55 2.73 0.98 40.79
N VAL J 56 3.12 0.44 39.65
CA VAL J 56 2.17 0.23 38.56
C VAL J 56 1.07 -0.72 39.00
N LEU J 57 1.46 -1.85 39.58
CA LEU J 57 0.48 -2.80 40.08
C LEU J 57 -0.34 -2.18 41.21
N THR J 58 0.29 -1.30 41.99
CA THR J 58 -0.40 -0.69 43.12
C THR J 58 -1.54 0.20 42.64
N ASP J 59 -1.26 1.07 41.68
CA ASP J 59 -2.28 2.01 41.24
C ASP J 59 -3.12 1.48 40.09
N SER J 60 -2.82 0.28 39.59
CA SER J 60 -3.55 -0.23 38.44
C SER J 60 -4.51 -1.35 38.79
N VAL J 61 -4.14 -2.26 39.69
CA VAL J 61 -4.97 -3.41 40.03
C VAL J 61 -5.38 -3.40 41.49
N THR J 62 -4.42 -3.49 42.41
CA THR J 62 -4.77 -3.70 43.81
C THR J 62 -5.55 -2.53 44.37
N SER J 63 -5.30 -1.32 43.86
CA SER J 63 -6.06 -0.18 44.33
C SER J 63 -7.54 -0.33 43.96
N VAL J 64 -7.82 -0.81 42.76
CA VAL J 64 -9.21 -0.89 42.31
C VAL J 64 -9.98 -1.95 43.09
N ILE J 65 -9.37 -3.13 43.28
CA ILE J 65 -10.00 -4.16 44.10
C ILE J 65 -10.18 -3.68 45.52
N GLU J 66 -9.16 -3.01 46.08
CA GLU J 66 -9.31 -2.45 47.42
C GLU J 66 -10.50 -1.51 47.49
N GLU J 67 -10.67 -0.66 46.48
CA GLU J 67 -11.83 0.20 46.44
C GLU J 67 -13.11 -0.60 46.44
N GLU J 68 -13.14 -1.70 45.70
CA GLU J 68 -14.40 -2.44 45.59
C GLU J 68 -14.72 -3.24 46.85
N LEU J 69 -13.72 -3.69 47.60
CA LEU J 69 -14.02 -4.57 48.72
C LEU J 69 -14.40 -3.81 49.98
N ASN J 70 -14.46 -2.48 49.93
CA ASN J 70 -14.86 -1.71 51.09
C ASN J 70 -16.32 -2.00 51.45
N GLY J 71 -16.65 -1.78 52.71
CA GLY J 71 -18.03 -1.89 53.15
C GLY J 71 -18.60 -3.29 53.14
N ALA J 72 -17.79 -4.30 52.87
CA ALA J 72 -18.27 -5.67 52.90
C ALA J 72 -18.70 -6.03 54.32
N LYS J 73 -19.75 -6.83 54.41
CA LYS J 73 -20.27 -7.22 55.70
C LYS J 73 -19.17 -8.00 56.45
N ASN J 74 -18.99 -7.68 57.73
CA ASN J 74 -18.10 -8.43 58.62
C ASN J 74 -16.61 -8.16 58.36
N LEU J 75 -16.26 -7.05 57.72
CA LEU J 75 -14.85 -6.72 57.57
C LEU J 75 -14.21 -6.47 58.93
N LEU J 76 -12.95 -6.83 59.06
CA LEU J 76 -12.18 -6.47 60.24
C LEU J 76 -11.09 -5.47 59.87
N TYR J 77 -10.46 -5.66 58.73
CA TYR J 77 -9.51 -4.76 58.09
C TYR J 77 -9.06 -5.44 56.81
N PHE J 78 -8.20 -4.76 56.04
CA PHE J 78 -7.60 -5.43 54.89
C PHE J 78 -6.25 -4.83 54.55
N GLU J 79 -5.29 -5.72 54.32
CA GLU J 79 -3.91 -5.39 53.99
C GLU J 79 -3.68 -5.70 52.52
N SER J 80 -2.93 -4.85 51.85
CA SER J 80 -2.49 -5.13 50.49
C SER J 80 -0.99 -4.92 50.40
N THR J 81 -0.35 -5.66 49.51
CA THR J 81 1.07 -5.50 49.24
C THR J 81 1.32 -5.80 47.78
N SER J 82 2.01 -4.88 47.10
CA SER J 82 2.30 -5.01 45.68
C SER J 82 3.80 -5.13 45.51
N ASN J 83 4.26 -6.27 45.04
CA ASN J 83 5.69 -6.55 44.92
C ASN J 83 6.15 -6.32 43.50
N ALA J 84 7.46 -6.11 43.34
CA ALA J 84 8.02 -5.87 42.02
C ALA J 84 7.93 -7.10 41.13
N ASN J 85 7.71 -8.27 41.70
CA ASN J 85 7.60 -9.47 40.90
C ASN J 85 6.36 -9.49 40.03
N GLY J 86 5.41 -8.60 40.28
CA GLY J 86 4.17 -8.59 39.54
C GLY J 86 3.04 -9.36 40.17
N ILE J 87 3.18 -9.79 41.41
CA ILE J 87 2.12 -10.44 42.16
C ILE J 87 1.57 -9.45 43.16
N ALA J 88 0.26 -9.26 43.14
CA ALA J 88 -0.41 -8.42 44.12
C ALA J 88 -1.03 -9.32 45.16
N GLU J 89 -0.87 -8.97 46.43
CA GLU J 89 -1.46 -9.70 47.52
C GLU J 89 -2.38 -8.78 48.32
N ILE J 90 -3.64 -9.17 48.44
CA ILE J 90 -4.62 -8.42 49.22
C ILE J 90 -5.26 -9.40 50.19
N THR J 91 -5.13 -9.15 51.48
CA THR J 91 -5.67 -10.03 52.51
C THR J 91 -6.80 -9.31 53.23
N VAL J 92 -8.03 -9.77 53.04
CA VAL J 92 -9.19 -9.23 53.70
C VAL J 92 -9.51 -10.11 54.90
N THR J 93 -9.47 -9.52 56.08
CA THR J 93 -9.67 -10.25 57.33
C THR J 93 -11.05 -9.91 57.89
N PHE J 94 -11.75 -10.92 58.39
CA PHE J 94 -13.07 -10.77 58.98
C PHE J 94 -13.05 -11.14 60.46
N GLN J 95 -14.13 -10.79 61.15
CA GLN J 95 -14.25 -11.17 62.56
C GLN J 95 -14.30 -12.69 62.70
N PRO J 96 -13.64 -13.24 63.72
CA PRO J 96 -13.65 -14.68 63.92
C PRO J 96 -15.06 -15.18 64.20
N GLY J 97 -15.31 -16.43 63.83
CA GLY J 97 -16.62 -17.01 63.96
C GLY J 97 -17.55 -16.76 62.80
N THR J 98 -17.11 -16.00 61.80
CA THR J 98 -17.90 -15.82 60.59
C THR J 98 -17.56 -16.92 59.60
N ASP J 99 -18.59 -17.47 58.98
CA ASP J 99 -18.40 -18.58 58.05
C ASP J 99 -17.52 -18.13 56.89
N PRO J 100 -16.40 -18.81 56.67
CA PRO J 100 -15.50 -18.42 55.58
C PRO J 100 -16.11 -18.59 54.20
N GLU J 101 -17.09 -19.46 54.01
CA GLU J 101 -17.72 -19.57 52.70
C GLU J 101 -18.44 -18.28 52.32
N LEU J 102 -19.20 -17.70 53.24
CA LEU J 102 -19.88 -16.45 52.94
C LEU J 102 -18.89 -15.33 52.69
N ALA J 103 -17.81 -15.28 53.47
CA ALA J 103 -16.77 -14.30 53.23
C ALA J 103 -16.17 -14.48 51.84
N GLN J 104 -15.86 -15.71 51.48
CA GLN J 104 -15.29 -15.98 50.16
C GLN J 104 -16.21 -15.53 49.05
N VAL J 105 -17.50 -15.87 49.14
CA VAL J 105 -18.38 -15.55 48.02
C VAL J 105 -18.60 -14.05 47.95
N ASP J 106 -18.69 -13.37 49.09
CA ASP J 106 -18.85 -11.92 49.04
C ASP J 106 -17.61 -11.25 48.45
N VAL J 107 -16.42 -11.75 48.80
CA VAL J 107 -15.20 -11.19 48.24
C VAL J 107 -15.12 -11.45 46.74
N GLN J 108 -15.57 -12.64 46.30
CA GLN J 108 -15.64 -12.90 44.87
C GLN J 108 -16.62 -11.97 44.18
N ASN J 109 -17.75 -11.69 44.83
CA ASN J 109 -18.73 -10.79 44.25
C ASN J 109 -18.14 -9.40 44.06
N ARG J 110 -17.40 -8.91 45.04
CA ARG J 110 -16.79 -7.59 44.88
C ARG J 110 -15.62 -7.60 43.92
N LEU J 111 -14.86 -8.69 43.86
CA LEU J 111 -13.83 -8.84 42.85
C LEU J 111 -14.42 -8.75 41.46
N LYS J 112 -15.59 -9.37 41.26
CA LYS J 112 -16.24 -9.25 39.95
C LYS J 112 -16.60 -7.80 39.65
N LYS J 113 -17.14 -7.07 40.61
CA LYS J 113 -17.44 -5.66 40.39
C LYS J 113 -16.18 -4.91 39.98
N ALA J 114 -15.03 -5.31 40.53
CA ALA J 114 -13.79 -4.65 40.17
C ALA J 114 -13.25 -5.12 38.83
N GLU J 115 -13.65 -6.32 38.38
CA GLU J 115 -12.97 -7.00 37.28
C GLU J 115 -12.93 -6.19 35.99
N ALA J 116 -13.86 -5.26 35.80
CA ALA J 116 -13.93 -4.55 34.54
C ALA J 116 -12.75 -3.61 34.32
N ARG J 117 -11.89 -3.41 35.32
CA ARG J 117 -10.88 -2.37 35.27
C ARG J 117 -9.46 -2.88 35.16
N MET J 118 -9.17 -4.10 35.60
CA MET J 118 -7.82 -4.63 35.50
C MET J 118 -7.40 -4.77 34.05
N PRO J 119 -6.10 -4.70 33.79
CA PRO J 119 -5.61 -4.83 32.42
C PRO J 119 -5.89 -6.20 31.86
N GLN J 120 -5.76 -6.31 30.54
CA GLN J 120 -6.04 -7.57 29.87
C GLN J 120 -5.08 -8.66 30.36
N ALA J 121 -3.86 -8.27 30.73
CA ALA J 121 -2.88 -9.26 31.17
C ALA J 121 -3.34 -10.00 32.42
N VAL J 122 -3.77 -9.25 33.45
CA VAL J 122 -4.22 -9.88 34.68
C VAL J 122 -5.44 -10.75 34.40
N LEU J 123 -6.39 -10.22 33.64
CA LEU J 123 -7.63 -10.94 33.39
C LEU J 123 -7.36 -12.26 32.67
N THR J 124 -6.57 -12.23 31.61
CA THR J 124 -6.26 -13.47 30.91
C THR J 124 -5.49 -14.40 31.82
N LEU J 125 -4.68 -13.85 32.73
CA LEU J 125 -3.98 -14.70 33.68
C LEU J 125 -4.91 -15.14 34.80
N GLY J 126 -5.87 -14.31 35.18
CA GLY J 126 -6.89 -14.73 36.14
C GLY J 126 -6.60 -14.25 37.55
N ILE J 127 -7.66 -13.85 38.24
CA ILE J 127 -7.59 -13.39 39.62
C ILE J 127 -8.09 -14.51 40.52
N GLN J 128 -7.33 -14.80 41.56
CA GLN J 128 -7.61 -15.95 42.41
C GLN J 128 -7.86 -15.51 43.84
N THR J 129 -8.98 -15.99 44.38
CA THR J 129 -9.36 -15.78 45.78
C THR J 129 -9.42 -17.13 46.47
N GLU J 130 -8.78 -17.22 47.62
CA GLU J 130 -8.74 -18.46 48.39
C GLU J 130 -8.66 -18.09 49.86
N GLN J 131 -8.25 -19.07 50.68
CA GLN J 131 -8.25 -18.96 52.14
C GLN J 131 -6.82 -19.22 52.63
N ALA J 132 -6.07 -18.15 52.83
CA ALA J 132 -4.66 -18.30 53.19
C ALA J 132 -4.48 -19.02 54.51
N THR J 133 -5.31 -18.71 55.50
CA THR J 133 -5.25 -19.39 56.79
C THR J 133 -6.43 -20.35 56.88
N ALA J 134 -6.14 -21.59 57.23
CA ALA J 134 -7.15 -22.59 57.52
C ALA J 134 -6.44 -23.73 58.22
N GLY J 135 -7.18 -24.80 58.49
CA GLY J 135 -6.55 -25.94 59.10
C GLY J 135 -5.64 -26.65 58.11
N PHE J 136 -4.56 -25.99 57.69
CA PHE J 136 -3.68 -26.63 56.74
C PHE J 136 -3.15 -27.91 57.36
N LEU J 137 -3.63 -29.03 56.85
CA LEU J 137 -3.35 -30.28 57.54
C LEU J 137 -1.86 -30.57 57.54
N LEU J 138 -1.23 -30.45 56.38
CA LEU J 138 0.16 -30.83 56.24
C LEU J 138 0.73 -30.16 55.01
N ILE J 139 2.01 -30.39 54.79
CA ILE J 139 2.64 -30.10 53.52
C ILE J 139 3.45 -31.33 53.11
N TYR J 140 3.19 -31.84 51.91
CA TYR J 140 3.93 -32.96 51.37
C TYR J 140 4.87 -32.45 50.28
N SER J 141 6.06 -33.02 50.20
CA SER J 141 7.08 -32.53 49.31
C SER J 141 7.62 -33.65 48.43
N LEU J 142 8.06 -33.29 47.23
CA LEU J 142 8.84 -34.17 46.37
C LEU J 142 10.19 -33.53 46.11
N ARG J 143 11.23 -34.35 46.03
CA ARG J 143 12.58 -33.85 45.83
C ARG J 143 13.39 -34.92 45.14
N TYR J 144 14.54 -34.51 44.59
CA TYR J 144 15.41 -35.44 43.89
C TYR J 144 16.38 -36.08 44.87
N LYS J 145 16.46 -37.42 44.79
CA LYS J 145 17.34 -38.17 45.69
C LYS J 145 18.79 -37.73 45.54
N ASP J 146 19.26 -37.63 44.30
CA ASP J 146 20.67 -37.39 44.02
C ASP J 146 21.12 -36.01 44.42
N GLY J 147 20.19 -35.10 44.72
CA GLY J 147 20.58 -33.75 45.09
C GLY J 147 21.29 -33.03 43.98
N ASP J 148 20.94 -33.32 42.73
CA ASP J 148 21.54 -32.62 41.60
C ASP J 148 21.06 -31.18 41.57
N LYS J 149 22.01 -30.24 41.47
CA LYS J 149 21.63 -28.84 41.37
C LYS J 149 20.96 -28.54 40.03
N ASN J 150 21.46 -29.16 38.95
CA ASN J 150 20.92 -28.95 37.62
C ASN J 150 19.56 -29.60 37.43
N ALA J 151 18.95 -30.11 38.49
CA ALA J 151 17.65 -30.73 38.40
C ALA J 151 16.62 -29.72 37.90
N ASN J 152 15.84 -30.11 36.91
CA ASN J 152 14.79 -29.25 36.37
C ASN J 152 13.58 -29.37 37.28
N THR J 153 13.37 -28.35 38.11
CA THR J 153 12.24 -28.38 39.03
C THR J 153 10.92 -28.38 38.27
N THR J 154 10.92 -27.96 37.00
CA THR J 154 9.68 -27.89 36.24
C THR J 154 9.16 -29.28 35.89
N ALA J 155 10.05 -30.22 35.56
CA ALA J 155 9.61 -31.58 35.30
C ALA J 155 9.04 -32.20 36.55
N LEU J 156 9.68 -31.97 37.69
CA LEU J 156 9.17 -32.47 38.95
C LEU J 156 7.80 -31.87 39.27
N ALA J 157 7.64 -30.57 39.05
CA ALA J 157 6.36 -29.94 39.31
C ALA J 157 5.28 -30.45 38.38
N ASP J 158 5.62 -30.69 37.11
CA ASP J 158 4.64 -31.23 36.19
C ASP J 158 4.21 -32.63 36.61
N TYR J 159 5.16 -33.46 37.04
CA TYR J 159 4.78 -34.78 37.53
C TYR J 159 3.87 -34.66 38.73
N ALA J 160 4.18 -33.74 39.64
CA ALA J 160 3.36 -33.59 40.83
C ALA J 160 1.95 -33.14 40.48
N VAL J 161 1.82 -32.23 39.52
CA VAL J 161 0.51 -31.72 39.15
C VAL J 161 -0.29 -32.78 38.41
N ARG J 162 0.36 -33.52 37.51
CA ARG J 162 -0.38 -34.49 36.70
C ARG J 162 -0.75 -35.74 37.50
N ASN J 163 0.12 -36.16 38.42
CA ASN J 163 -0.06 -37.45 39.06
C ASN J 163 -0.43 -37.38 40.53
N VAL J 164 0.05 -36.39 41.27
CA VAL J 164 -0.01 -36.40 42.73
C VAL J 164 -1.09 -35.46 43.25
N ASN J 165 -1.08 -34.21 42.80
CA ASN J 165 -1.97 -33.22 43.38
C ASN J 165 -3.43 -33.60 43.18
N ASN J 166 -3.78 -34.09 41.99
CA ASN J 166 -5.17 -34.46 41.72
C ASN J 166 -5.63 -35.58 42.64
N GLU J 167 -4.78 -36.58 42.86
CA GLU J 167 -5.15 -37.68 43.75
C GLU J 167 -5.42 -37.19 45.16
N ILE J 168 -4.53 -36.33 45.68
CA ILE J 168 -4.68 -35.86 47.05
C ILE J 168 -5.90 -34.98 47.19
N ARG J 169 -6.09 -34.04 46.25
CA ARG J 169 -7.28 -33.20 46.29
C ARG J 169 -8.54 -34.03 46.13
N ARG J 170 -8.43 -35.22 45.55
CA ARG J 170 -9.57 -36.12 45.45
C ARG J 170 -9.92 -36.75 46.79
N LEU J 171 -8.96 -36.79 47.72
CA LEU J 171 -9.14 -37.55 48.95
C LEU J 171 -10.29 -36.99 49.78
N PRO J 172 -10.95 -37.84 50.57
CA PRO J 172 -11.96 -37.32 51.50
C PRO J 172 -11.31 -36.46 52.58
N GLY J 173 -12.02 -35.41 52.97
CA GLY J 173 -11.61 -34.57 54.07
C GLY J 173 -10.81 -33.35 53.68
N VAL J 174 -10.08 -33.40 52.58
CA VAL J 174 -9.24 -32.28 52.18
C VAL J 174 -10.07 -31.28 51.39
N GLY J 175 -10.11 -30.05 51.87
CA GLY J 175 -10.96 -29.04 51.27
C GLY J 175 -10.25 -28.16 50.27
N LYS J 176 -8.92 -28.17 50.29
CA LYS J 176 -8.15 -27.41 49.31
C LYS J 176 -6.69 -27.83 49.29
N LEU J 177 -6.18 -28.06 48.09
CA LEU J 177 -4.78 -28.37 47.86
C LEU J 177 -4.10 -27.13 47.30
N GLN J 178 -3.11 -26.62 48.00
CA GLN J 178 -2.37 -25.44 47.56
C GLN J 178 -1.01 -25.89 47.03
N PHE J 179 -0.93 -26.10 45.73
CA PHE J 179 0.37 -26.36 45.11
C PHE J 179 1.19 -25.09 45.12
N PHE J 180 2.31 -25.12 45.84
CA PHE J 180 3.11 -23.92 46.04
C PHE J 180 4.29 -23.89 45.08
N ASP J 181 3.97 -23.86 43.80
CA ASP J 181 4.97 -23.68 42.74
C ASP J 181 4.26 -23.37 41.44
N SER J 182 5.03 -23.40 40.35
CA SER J 182 4.57 -22.96 39.04
C SER J 182 4.01 -24.16 38.26
N GLU J 183 3.71 -23.92 36.99
CA GLU J 183 3.18 -24.94 36.10
C GLU J 183 3.95 -24.90 34.80
N ALA J 184 4.05 -26.06 34.14
CA ALA J 184 4.76 -26.14 32.87
C ALA J 184 4.18 -25.15 31.87
N ALA J 185 5.02 -24.73 30.94
CA ALA J 185 4.63 -23.81 29.89
C ALA J 185 5.73 -23.77 28.84
N MET J 186 5.34 -23.97 27.58
CA MET J 186 6.24 -23.72 26.47
C MET J 186 6.80 -22.32 26.59
N ARG J 187 8.10 -22.23 26.82
CA ARG J 187 8.78 -20.95 26.88
C ARG J 187 9.34 -20.62 25.51
N VAL J 188 9.13 -19.39 25.08
CA VAL J 188 9.66 -18.88 23.82
C VAL J 188 10.69 -17.82 24.18
N TRP J 189 11.94 -18.23 24.28
CA TRP J 189 13.03 -17.31 24.61
C TRP J 189 13.49 -16.68 23.31
N ILE J 190 13.03 -15.46 23.03
CA ILE J 190 13.40 -14.81 21.79
C ILE J 190 14.73 -14.09 21.96
N ASP J 191 15.47 -14.01 20.85
CA ASP J 191 16.72 -13.27 20.80
C ASP J 191 16.49 -12.02 19.98
N PRO J 192 16.39 -10.85 20.60
CA PRO J 192 16.10 -9.64 19.83
C PRO J 192 17.15 -9.33 18.79
N GLN J 193 18.37 -9.81 18.96
CA GLN J 193 19.39 -9.59 17.94
C GLN J 193 19.07 -10.35 16.66
N LYS J 194 18.55 -11.58 16.79
CA LYS J 194 18.11 -12.30 15.61
C LYS J 194 16.93 -11.61 14.95
N LEU J 195 15.99 -11.10 15.75
CA LEU J 195 14.88 -10.34 15.20
C LEU J 195 15.39 -9.12 14.46
N VAL J 196 16.46 -8.51 14.97
CA VAL J 196 17.06 -7.39 14.27
C VAL J 196 17.63 -7.83 12.94
N GLY J 197 18.33 -8.97 12.95
CA GLY J 197 18.95 -9.44 11.72
C GLY J 197 17.94 -9.76 10.65
N TYR J 198 16.77 -10.25 11.03
CA TYR J 198 15.77 -10.67 10.06
C TYR J 198 14.74 -9.60 9.78
N GLY J 199 14.94 -8.38 10.28
CA GLY J 199 13.98 -7.32 10.07
C GLY J 199 12.64 -7.58 10.72
N LEU J 200 12.64 -8.29 11.83
CA LEU J 200 11.42 -8.68 12.52
C LEU J 200 11.31 -7.98 13.86
N SER J 201 10.09 -7.64 14.23
CA SER J 201 9.79 -7.07 15.52
C SER J 201 9.14 -8.10 16.42
N ILE J 202 9.12 -7.79 17.71
CA ILE J 202 8.58 -8.73 18.68
C ILE J 202 7.08 -8.92 18.50
N ASP J 203 6.36 -7.88 18.09
CA ASP J 203 4.94 -8.05 17.81
C ASP J 203 4.71 -9.03 16.68
N ASP J 204 5.63 -9.07 15.71
CA ASP J 204 5.51 -10.04 14.62
C ASP J 204 5.59 -11.47 15.15
N VAL J 205 6.54 -11.73 16.05
CA VAL J 205 6.66 -13.08 16.57
C VAL J 205 5.46 -13.42 17.44
N ASN J 206 4.96 -12.43 18.19
CA ASN J 206 3.80 -12.69 19.02
C ASN J 206 2.59 -13.03 18.17
N ASN J 207 2.37 -12.28 17.09
CA ASN J 207 1.19 -12.52 16.26
C ASN J 207 1.32 -13.83 15.49
N ALA J 208 2.54 -14.18 15.06
CA ALA J 208 2.73 -15.48 14.44
C ALA J 208 2.38 -16.59 15.42
N ILE J 209 2.84 -16.47 16.66
CA ILE J 209 2.47 -17.46 17.67
C ILE J 209 0.96 -17.48 17.87
N ARG J 210 0.35 -16.30 17.91
CA ARG J 210 -1.06 -16.21 18.26
C ARG J 210 -1.94 -16.85 17.19
N THR J 211 -1.65 -16.60 15.91
CA THR J 211 -2.52 -17.13 14.87
C THR J 211 -2.15 -18.54 14.46
N GLN J 212 -0.90 -18.93 14.63
CA GLN J 212 -0.50 -20.26 14.18
C GLN J 212 -0.67 -21.32 15.25
N ASN J 213 -0.61 -20.94 16.51
CA ASN J 213 -0.89 -21.86 17.62
C ASN J 213 -2.28 -21.58 18.16
N VAL J 214 -3.28 -22.03 17.41
CA VAL J 214 -4.68 -21.87 17.80
C VAL J 214 -5.42 -23.15 17.44
N GLN J 215 -6.29 -23.61 18.35
CA GLN J 215 -7.12 -24.75 18.03
C GLN J 215 -8.10 -24.38 16.94
N VAL J 216 -8.51 -25.37 16.16
CA VAL J 216 -9.32 -25.10 14.98
C VAL J 216 -10.66 -25.82 15.09
N PRO J 217 -11.74 -25.12 15.38
CA PRO J 217 -13.05 -25.78 15.47
C PRO J 217 -13.63 -25.98 14.07
N ALA J 218 -13.03 -26.92 13.34
CA ALA J 218 -13.34 -27.06 11.92
C ALA J 218 -14.80 -27.44 11.70
N GLY J 219 -15.27 -28.48 12.39
CA GLY J 219 -16.64 -28.94 12.25
C GLY J 219 -16.70 -30.30 11.60
N ALA J 220 -17.83 -30.58 10.96
CA ALA J 220 -18.07 -31.88 10.37
C ALA J 220 -18.92 -31.73 9.13
N PHE J 221 -18.51 -32.35 8.04
CA PHE J 221 -19.30 -32.30 6.82
C PHE J 221 -20.54 -33.18 6.97
N GLY J 222 -21.53 -32.89 6.15
CA GLY J 222 -22.79 -33.59 6.28
C GLY J 222 -23.59 -33.21 7.50
N SER J 223 -23.32 -32.03 8.06
CA SER J 223 -23.95 -31.62 9.30
C SER J 223 -25.36 -31.12 9.07
N THR J 224 -26.12 -31.06 10.15
CA THR J 224 -27.48 -30.54 10.10
C THR J 224 -27.46 -29.05 9.79
N PRO J 225 -28.36 -28.55 8.95
CA PRO J 225 -29.35 -29.27 8.16
C PRO J 225 -28.71 -29.98 6.97
N GLY J 226 -28.95 -31.28 6.84
CA GLY J 226 -28.29 -32.09 5.84
C GLY J 226 -29.23 -32.42 4.69
N SER J 227 -28.65 -32.68 3.53
CA SER J 227 -29.45 -33.05 2.37
C SER J 227 -30.13 -34.38 2.60
N SER J 228 -31.30 -34.53 1.95
CA SER J 228 -32.03 -35.78 2.06
C SER J 228 -31.27 -36.93 1.42
N GLU J 229 -30.22 -36.63 0.66
CA GLU J 229 -29.46 -37.65 -0.04
C GLU J 229 -28.25 -38.13 0.76
N GLN J 230 -27.42 -37.19 1.23
CA GLN J 230 -26.18 -37.56 1.90
C GLN J 230 -26.46 -38.24 3.23
N GLU J 231 -25.60 -39.18 3.60
CA GLU J 231 -25.83 -39.99 4.79
C GLU J 231 -24.55 -40.34 5.56
N LEU J 232 -23.50 -39.54 5.45
CA LEU J 232 -22.22 -39.99 6.02
C LEU J 232 -21.50 -38.83 6.71
N THR J 233 -22.16 -38.19 7.68
CA THR J 233 -21.49 -37.15 8.44
C THR J 233 -20.24 -37.68 9.14
N ALA J 234 -19.21 -36.83 9.24
CA ALA J 234 -17.98 -37.20 9.91
C ALA J 234 -17.21 -35.94 10.28
N THR J 235 -16.39 -36.04 11.31
CA THR J 235 -15.66 -34.92 11.88
C THR J 235 -14.47 -34.54 11.00
N LEU J 236 -14.03 -33.28 11.11
CA LEU J 236 -12.93 -32.75 10.31
C LEU J 236 -11.61 -32.61 11.06
N THR J 237 -11.63 -32.51 12.38
CA THR J 237 -10.46 -32.69 13.25
C THR J 237 -9.14 -32.16 12.66
N VAL J 238 -9.13 -30.86 12.37
CA VAL J 238 -7.89 -30.19 11.99
C VAL J 238 -6.98 -30.07 13.20
N LYS J 239 -5.67 -30.25 12.98
CA LYS J 239 -4.69 -30.03 14.03
C LYS J 239 -4.24 -28.57 14.00
N GLY J 240 -4.45 -27.85 15.09
CA GLY J 240 -4.11 -26.44 15.12
C GLY J 240 -3.09 -26.01 16.14
N THR J 241 -3.07 -26.66 17.30
CA THR J 241 -2.16 -26.31 18.38
C THR J 241 -0.92 -27.18 18.30
N LEU J 242 0.17 -26.70 18.89
CA LEU J 242 1.44 -27.38 18.80
C LEU J 242 1.85 -27.96 20.15
N ASP J 243 2.42 -29.17 20.10
CA ASP J 243 2.56 -30.03 21.27
C ASP J 243 3.94 -29.99 21.91
N ASN J 244 4.99 -29.93 21.10
CA ASN J 244 6.36 -30.08 21.58
C ASN J 244 7.19 -28.94 21.04
N PRO J 245 8.37 -28.68 21.64
CA PRO J 245 9.19 -27.56 21.14
C PRO J 245 9.53 -27.66 19.67
N GLU J 246 9.67 -28.86 19.13
CA GLU J 246 9.98 -29.00 17.71
C GLU J 246 8.88 -28.39 16.85
N GLU J 247 7.62 -28.67 17.17
CA GLU J 247 6.52 -28.11 16.40
C GLU J 247 6.49 -26.60 16.50
N PHE J 248 6.75 -26.05 17.69
CA PHE J 248 6.72 -24.60 17.86
C PHE J 248 7.84 -23.93 17.07
N ALA J 249 9.00 -24.59 17.00
CA ALA J 249 10.09 -24.00 16.23
C ALA J 249 9.79 -24.00 14.73
N ALA J 250 8.72 -24.67 14.30
CA ALA J 250 8.31 -24.68 12.90
C ALA J 250 7.26 -23.63 12.59
N ILE J 251 6.94 -22.74 13.53
CA ILE J 251 6.02 -21.64 13.23
C ILE J 251 6.68 -20.71 12.23
N VAL J 252 6.02 -20.49 11.10
CA VAL J 252 6.60 -19.72 10.01
C VAL J 252 6.46 -18.24 10.33
N LEU J 253 7.58 -17.54 10.39
CA LEU J 253 7.55 -16.10 10.64
C LEU J 253 7.43 -15.32 9.34
N ARG J 254 8.16 -15.72 8.31
CA ARG J 254 8.06 -15.05 7.02
C ARG J 254 8.50 -16.03 5.94
N ALA J 255 7.61 -16.31 5.00
CA ALA J 255 7.88 -17.26 3.94
C ALA J 255 7.72 -16.56 2.61
N ASN J 256 8.66 -16.82 1.71
CA ASN J 256 8.66 -16.22 0.39
C ASN J 256 7.98 -17.14 -0.61
N GLN J 257 7.66 -16.57 -1.78
CA GLN J 257 7.06 -17.37 -2.83
C GLN J 257 8.02 -18.43 -3.34
N ASP J 258 9.32 -18.14 -3.35
CA ASP J 258 10.28 -19.10 -3.87
C ASP J 258 10.27 -20.38 -3.06
N GLY J 259 10.15 -20.26 -1.74
CA GLY J 259 10.15 -21.42 -0.88
C GLY J 259 10.89 -21.18 0.41
N SER J 260 11.76 -20.17 0.43
CA SER J 260 12.50 -19.85 1.64
C SER J 260 11.55 -19.42 2.74
N ARG J 261 11.80 -19.89 3.95
CA ARG J 261 10.94 -19.58 5.08
C ARG J 261 11.77 -19.21 6.30
N LEU J 262 11.18 -18.41 7.16
CA LEU J 262 11.77 -18.11 8.46
C LEU J 262 10.90 -18.72 9.56
N THR J 263 11.43 -19.72 10.23
CA THR J 263 10.71 -20.39 11.28
C THR J 263 11.11 -19.80 12.63
N LEU J 264 10.23 -19.98 13.62
CA LEU J 264 10.45 -19.36 14.93
C LEU J 264 11.77 -19.81 15.55
N GLY J 265 12.08 -21.10 15.43
CA GLY J 265 13.30 -21.61 16.03
C GLY J 265 14.54 -20.91 15.52
N ASP J 266 14.45 -20.29 14.35
CA ASP J 266 15.60 -19.57 13.81
C ASP J 266 15.89 -18.30 14.59
N VAL J 267 14.88 -17.76 15.27
CA VAL J 267 15.07 -16.54 16.04
C VAL J 267 14.94 -16.76 17.54
N ALA J 268 14.30 -17.83 17.99
CA ALA J 268 14.05 -18.02 19.40
C ALA J 268 14.37 -19.45 19.80
N ARG J 269 14.82 -19.61 21.03
CA ARG J 269 15.03 -20.93 21.61
C ARG J 269 13.73 -21.37 22.27
N ILE J 270 13.22 -22.52 21.88
CA ILE J 270 11.91 -23.00 22.28
C ILE J 270 12.10 -24.16 23.25
N GLU J 271 11.47 -24.08 24.42
CA GLU J 271 11.54 -25.16 25.37
C GLU J 271 10.32 -25.11 26.28
N VAL J 272 10.09 -26.20 27.00
CA VAL J 272 9.01 -26.31 27.96
C VAL J 272 9.59 -26.01 29.34
N GLY J 273 9.06 -24.98 29.99
CA GLY J 273 9.57 -24.58 31.28
C GLY J 273 8.48 -24.04 32.19
N SER J 274 8.89 -23.40 33.28
CA SER J 274 7.94 -22.85 34.24
C SER J 274 7.17 -21.71 33.60
N GLN J 275 5.86 -21.65 33.86
CA GLN J 275 5.10 -20.48 33.47
C GLN J 275 5.63 -19.26 34.20
N ASP J 276 6.10 -19.45 35.42
CA ASP J 276 6.51 -18.36 36.29
C ASP J 276 7.76 -18.76 37.04
N TYR J 277 8.72 -17.85 37.11
CA TYR J 277 9.97 -18.11 37.82
C TYR J 277 10.13 -17.22 39.04
N ASN J 278 9.04 -16.66 39.56
CA ASN J 278 9.13 -15.81 40.75
C ASN J 278 9.62 -16.59 41.95
N PHE J 279 9.07 -17.77 42.19
CA PHE J 279 9.34 -18.50 43.41
C PHE J 279 10.11 -19.78 43.12
N GLY J 280 11.03 -20.09 44.02
CA GLY J 280 11.75 -21.34 43.98
C GLY J 280 11.75 -21.95 45.36
N SER J 281 11.67 -23.27 45.39
CA SER J 281 11.62 -24.00 46.64
C SER J 281 12.77 -24.98 46.68
N ARG J 282 13.38 -25.12 47.85
CA ARG J 282 14.46 -26.08 48.06
C ARG J 282 14.20 -26.84 49.35
N GLN J 283 14.50 -28.12 49.35
CA GLN J 283 14.39 -28.94 50.55
C GLN J 283 15.72 -29.62 50.81
N ASP J 284 16.40 -29.23 51.88
CA ASP J 284 17.69 -29.78 52.26
C ASP J 284 18.70 -29.69 51.13
N GLY J 285 18.89 -28.49 50.58
CA GLY J 285 19.95 -28.30 49.61
C GLY J 285 19.70 -28.95 48.26
N LYS J 286 18.56 -29.60 48.08
CA LYS J 286 18.22 -30.20 46.80
C LYS J 286 16.99 -29.51 46.25
N PRO J 287 16.92 -29.24 44.95
CA PRO J 287 15.75 -28.54 44.41
C PRO J 287 14.51 -29.39 44.55
N ALA J 288 13.52 -28.86 45.26
CA ALA J 288 12.33 -29.61 45.61
C ALA J 288 11.07 -28.79 45.33
N VAL J 289 9.94 -29.45 45.49
CA VAL J 289 8.63 -28.86 45.33
C VAL J 289 7.77 -29.27 46.51
N ALA J 290 6.71 -28.51 46.77
CA ALA J 290 5.87 -28.84 47.91
C ALA J 290 4.50 -28.23 47.72
N ALA J 291 3.54 -28.76 48.47
CA ALA J 291 2.16 -28.32 48.37
C ALA J 291 1.57 -28.25 49.77
N ALA J 292 0.65 -27.33 49.96
CA ALA J 292 -0.02 -27.16 51.24
C ALA J 292 -1.41 -27.79 51.18
N VAL J 293 -1.62 -28.80 51.99
CA VAL J 293 -2.90 -29.48 52.09
C VAL J 293 -3.66 -28.90 53.27
N GLN J 294 -4.88 -28.45 53.04
CA GLN J 294 -5.67 -27.83 54.10
C GLN J 294 -6.92 -28.66 54.36
N LEU J 295 -7.32 -28.72 55.62
CA LEU J 295 -8.43 -29.56 56.03
C LEU J 295 -9.76 -28.89 55.75
N SER J 296 -10.71 -29.68 55.25
CA SER J 296 -12.05 -29.14 55.06
C SER J 296 -12.73 -28.90 56.40
N PRO J 297 -13.71 -28.01 56.45
CA PRO J 297 -14.39 -27.76 57.72
C PRO J 297 -15.08 -29.01 58.23
N GLY J 298 -15.12 -29.13 59.55
CA GLY J 298 -15.86 -30.19 60.20
C GLY J 298 -15.42 -31.57 59.80
N ALA J 299 -14.12 -31.83 59.79
CA ALA J 299 -13.61 -33.13 59.42
C ALA J 299 -12.49 -33.55 60.37
N ASN J 300 -12.40 -34.86 60.56
CA ASN J 300 -11.29 -35.42 61.34
C ASN J 300 -9.97 -35.11 60.67
N ALA J 301 -8.95 -34.88 61.50
CA ALA J 301 -7.61 -34.62 61.02
C ALA J 301 -6.78 -35.90 60.92
N ILE J 302 -6.77 -36.70 62.00
CA ILE J 302 -5.91 -37.88 62.03
C ILE J 302 -6.27 -38.82 60.90
N GLN J 303 -7.56 -39.06 60.69
CA GLN J 303 -7.98 -39.90 59.58
C GLN J 303 -7.57 -39.28 58.25
N THR J 304 -7.73 -37.96 58.11
CA THR J 304 -7.38 -37.31 56.86
C THR J 304 -5.88 -37.36 56.61
N ALA J 305 -5.08 -37.15 57.66
CA ALA J 305 -3.63 -37.25 57.51
C ALA J 305 -3.20 -38.66 57.14
N GLU J 306 -3.78 -39.67 57.79
CA GLU J 306 -3.43 -41.04 57.45
C GLU J 306 -3.83 -41.35 56.03
N ALA J 307 -5.00 -40.89 55.59
CA ALA J 307 -5.41 -41.12 54.22
C ALA J 307 -4.42 -40.49 53.25
N VAL J 308 -3.99 -39.26 53.53
CA VAL J 308 -3.04 -38.59 52.66
C VAL J 308 -1.71 -39.33 52.63
N LYS J 309 -1.20 -39.73 53.78
CA LYS J 309 0.09 -40.42 53.81
C LYS J 309 0.02 -41.76 53.09
N GLN J 310 -1.04 -42.53 53.33
CA GLN J 310 -1.19 -43.81 52.66
C GLN J 310 -1.31 -43.62 51.15
N ARG J 311 -2.10 -42.64 50.71
CA ARG J 311 -2.21 -42.36 49.29
C ARG J 311 -0.87 -41.96 48.70
N LEU J 312 -0.13 -41.11 49.40
CA LEU J 312 1.11 -40.62 48.86
C LEU J 312 2.14 -41.72 48.77
N THR J 313 2.20 -42.59 49.78
CA THR J 313 3.11 -43.73 49.73
C THR J 313 2.72 -44.70 48.62
N GLU J 314 1.42 -44.92 48.43
CA GLU J 314 0.97 -45.74 47.31
C GLU J 314 1.40 -45.16 45.98
N LEU J 315 1.32 -43.84 45.85
CA LEU J 315 1.77 -43.19 44.62
C LEU J 315 3.28 -43.29 44.48
N SER J 316 4.01 -43.31 45.60
CA SER J 316 5.46 -43.40 45.55
C SER J 316 5.94 -44.67 44.88
N ALA J 317 5.09 -45.69 44.78
CA ALA J 317 5.43 -46.86 44.00
C ALA J 317 5.60 -46.56 42.52
N ASN J 318 4.77 -45.68 41.96
CA ASN J 318 4.86 -45.29 40.56
C ASN J 318 5.82 -44.13 40.35
N PHE J 319 6.45 -43.65 41.40
CA PHE J 319 7.32 -42.49 41.30
C PHE J 319 8.54 -42.81 40.44
N PRO J 320 9.10 -41.81 39.76
CA PRO J 320 10.42 -41.97 39.18
C PRO J 320 11.44 -42.27 40.28
N ASP J 321 12.41 -43.13 39.94
CA ASP J 321 13.33 -43.64 40.93
C ASP J 321 14.24 -42.53 41.46
N ASN J 322 14.50 -41.52 40.65
CA ASN J 322 15.35 -40.42 41.08
C ASN J 322 14.65 -39.50 42.06
N VAL J 323 13.32 -39.47 42.06
CA VAL J 323 12.56 -38.58 42.94
C VAL J 323 12.05 -39.36 44.14
N GLU J 324 11.92 -38.67 45.27
CA GLU J 324 11.45 -39.26 46.50
C GLU J 324 10.53 -38.27 47.20
N PHE J 325 9.55 -38.80 47.92
CA PHE J 325 8.60 -37.97 48.65
C PHE J 325 8.85 -38.04 50.14
N SER J 326 8.45 -36.99 50.84
CA SER J 326 8.51 -36.94 52.28
C SER J 326 7.54 -35.89 52.78
N VAL J 327 6.97 -36.11 53.95
CA VAL J 327 6.06 -35.14 54.53
C VAL J 327 6.78 -34.46 55.68
N PRO J 328 7.33 -33.28 55.46
CA PRO J 328 8.06 -32.60 56.54
C PRO J 328 7.15 -32.12 57.67
N TYR J 329 6.07 -31.42 57.36
CA TYR J 329 5.20 -30.85 58.39
C TYR J 329 3.87 -31.56 58.36
N ASP J 330 3.35 -31.85 59.55
CA ASP J 330 2.05 -32.51 59.70
C ASP J 330 1.39 -31.96 60.96
N THR J 331 0.25 -31.31 60.80
CA THR J 331 -0.45 -30.78 61.96
C THR J 331 -1.27 -31.83 62.69
N SER J 332 -1.31 -33.07 62.19
CA SER J 332 -2.08 -34.10 62.88
C SER J 332 -1.22 -34.87 63.86
N ARG J 333 0.10 -34.85 63.69
CA ARG J 333 0.96 -35.55 64.63
C ARG J 333 0.87 -34.90 66.00
N PHE J 334 0.76 -33.57 66.03
CA PHE J 334 0.62 -32.87 67.30
C PHE J 334 -0.66 -33.29 68.01
N VAL J 335 -1.75 -33.43 67.26
CA VAL J 335 -3.00 -33.85 67.89
C VAL J 335 -2.95 -35.29 68.33
N ASP J 336 -2.33 -36.17 67.53
CA ASP J 336 -2.21 -37.56 67.95
C ASP J 336 -1.43 -37.65 69.26
N VAL J 337 -0.31 -36.94 69.35
CA VAL J 337 0.45 -36.91 70.60
C VAL J 337 -0.40 -36.33 71.72
N ALA J 338 -1.14 -35.26 71.42
CA ALA J 338 -1.91 -34.58 72.46
C ALA J 338 -3.00 -35.49 73.03
N ILE J 339 -3.78 -36.13 72.16
CA ILE J 339 -4.85 -36.98 72.68
C ILE J 339 -4.26 -38.21 73.34
N ASP J 340 -3.17 -38.76 72.80
CA ASP J 340 -2.61 -39.93 73.46
C ASP J 340 -2.04 -39.60 74.83
N LYS J 341 -1.53 -38.40 75.04
CA LYS J 341 -1.11 -38.02 76.38
C LYS J 341 -2.29 -37.69 77.28
N VAL J 342 -3.30 -37.00 76.76
CA VAL J 342 -4.44 -36.61 77.60
C VAL J 342 -5.23 -37.83 78.04
N ILE J 343 -5.37 -38.82 77.16
CA ILE J 343 -5.99 -40.08 77.57
C ILE J 343 -5.20 -40.72 78.69
N MET J 344 -3.87 -40.67 78.58
CA MET J 344 -3.04 -41.24 79.64
C MET J 344 -3.23 -40.50 80.95
N THR J 345 -3.27 -39.17 80.90
CA THR J 345 -3.50 -38.42 82.13
C THR J 345 -4.88 -38.71 82.70
N LEU J 346 -5.87 -38.90 81.83
CA LEU J 346 -7.22 -39.21 82.29
C LEU J 346 -7.26 -40.55 83.01
N ILE J 347 -6.64 -41.58 82.43
CA ILE J 347 -6.61 -42.89 83.09
C ILE J 347 -5.81 -42.82 84.38
N GLU J 348 -4.67 -42.13 84.36
CA GLU J 348 -3.82 -42.09 85.54
C GLU J 348 -4.42 -41.22 86.63
N ALA J 349 -5.30 -40.28 86.26
CA ALA J 349 -6.03 -39.52 87.26
C ALA J 349 -7.19 -40.33 87.82
N MET J 350 -7.83 -41.13 86.98
CA MET J 350 -8.82 -42.07 87.48
C MET J 350 -8.19 -43.02 88.49
N VAL J 351 -6.97 -43.47 88.21
CA VAL J 351 -6.30 -44.38 89.14
C VAL J 351 -5.95 -43.66 90.43
N LEU J 352 -5.57 -42.40 90.36
CA LEU J 352 -5.26 -41.66 91.59
C LEU J 352 -6.50 -41.45 92.44
N VAL J 353 -7.62 -41.07 91.82
CA VAL J 353 -8.84 -40.90 92.60
C VAL J 353 -9.32 -42.23 93.14
N PHE J 354 -9.11 -43.32 92.39
CA PHE J 354 -9.42 -44.65 92.92
C PHE J 354 -8.55 -44.95 94.14
N LEU J 355 -7.26 -44.64 94.04
CA LEU J 355 -6.34 -44.95 95.12
C LEU J 355 -6.71 -44.19 96.39
N VAL J 356 -6.98 -42.89 96.29
CA VAL J 356 -7.31 -42.13 97.51
C VAL J 356 -8.74 -42.42 97.94
N MET J 357 -9.60 -42.77 97.01
CA MET J 357 -10.94 -43.21 97.35
C MET J 357 -10.86 -44.39 98.29
N PHE J 358 -10.04 -45.38 97.90
CA PHE J 358 -9.89 -46.59 98.68
C PHE J 358 -9.03 -46.36 99.91
N LEU J 359 -8.13 -45.37 99.85
CA LEU J 359 -7.35 -45.05 101.04
C LEU J 359 -8.22 -44.46 102.13
N PHE J 360 -9.21 -43.64 101.75
CA PHE J 360 -10.11 -43.09 102.76
C PHE J 360 -11.12 -44.13 103.24
N LEU J 361 -11.72 -44.89 102.31
CA LEU J 361 -12.85 -45.74 102.68
C LEU J 361 -12.43 -47.19 102.94
N GLN J 362 -11.24 -47.57 102.49
CA GLN J 362 -10.60 -48.85 102.81
C GLN J 362 -11.47 -50.03 102.41
N ASN J 363 -12.31 -49.81 101.40
CA ASN J 363 -13.18 -50.83 100.84
C ASN J 363 -13.41 -50.49 99.38
N VAL J 364 -13.28 -51.50 98.51
CA VAL J 364 -13.26 -51.25 97.08
C VAL J 364 -14.63 -50.84 96.56
N ARG J 365 -15.70 -51.45 97.09
CA ARG J 365 -17.03 -51.22 96.54
C ARG J 365 -17.45 -49.76 96.70
N TYR J 366 -17.08 -49.14 97.82
CA TYR J 366 -17.34 -47.71 97.99
C TYR J 366 -16.61 -46.89 96.95
N THR J 367 -15.37 -47.26 96.66
CA THR J 367 -14.51 -46.54 95.73
C THR J 367 -14.96 -46.69 94.28
N LEU J 368 -15.64 -47.79 93.95
CA LEU J 368 -15.96 -48.06 92.56
C LEU J 368 -16.84 -46.98 91.93
N ILE J 369 -17.85 -46.50 92.66
CA ILE J 369 -18.92 -45.66 92.14
C ILE J 369 -18.42 -44.46 91.32
N PRO J 370 -17.52 -43.62 91.83
CA PRO J 370 -17.06 -42.50 91.00
C PRO J 370 -16.38 -42.96 89.73
N SER J 371 -15.64 -44.08 89.80
CA SER J 371 -14.95 -44.55 88.61
C SER J 371 -15.90 -44.98 87.51
N ILE J 372 -17.17 -45.26 87.84
CA ILE J 372 -18.13 -45.54 86.78
C ILE J 372 -18.88 -44.27 86.38
N VAL J 373 -19.18 -43.39 87.35
CA VAL J 373 -19.99 -42.23 87.00
C VAL J 373 -19.20 -41.21 86.19
N VAL J 374 -17.87 -41.12 86.40
CA VAL J 374 -17.09 -40.10 85.71
C VAL J 374 -17.07 -40.28 84.20
N PRO J 375 -16.65 -41.42 83.65
CA PRO J 375 -16.59 -41.51 82.18
C PRO J 375 -17.94 -41.38 81.54
N VAL J 376 -19.02 -41.66 82.26
CA VAL J 376 -20.36 -41.41 81.75
C VAL J 376 -20.51 -39.93 81.46
N CYS J 377 -20.10 -39.10 82.41
CA CYS J 377 -20.09 -37.67 82.20
C CYS J 377 -19.22 -37.28 81.03
N LEU J 378 -18.06 -37.92 80.88
CA LEU J 378 -17.17 -37.55 79.80
C LEU J 378 -17.78 -37.87 78.44
N LEU J 379 -18.45 -39.02 78.34
CA LEU J 379 -19.13 -39.38 77.09
C LEU J 379 -20.25 -38.40 76.77
N GLY J 380 -21.04 -38.02 77.78
CA GLY J 380 -22.04 -36.99 77.54
C GLY J 380 -21.41 -35.68 77.11
N THR J 381 -20.25 -35.36 77.67
CA THR J 381 -19.52 -34.16 77.27
C THR J 381 -19.17 -34.21 75.79
N LEU J 382 -18.68 -35.35 75.33
CA LEU J 382 -18.37 -35.49 73.91
C LEU J 382 -19.61 -35.32 73.06
N THR J 383 -20.72 -35.96 73.45
CA THR J 383 -21.92 -35.87 72.63
C THR J 383 -22.37 -34.43 72.49
N PHE J 384 -22.43 -33.70 73.59
CA PHE J 384 -22.89 -32.32 73.50
C PHE J 384 -21.88 -31.45 72.79
N MET J 385 -20.58 -31.71 72.98
CA MET J 385 -19.55 -30.94 72.28
C MET J 385 -19.69 -31.09 70.78
N TYR J 386 -19.94 -32.31 70.31
CA TYR J 386 -20.17 -32.54 68.90
C TYR J 386 -21.44 -31.85 68.41
N LEU J 387 -22.50 -31.86 69.24
CA LEU J 387 -23.76 -31.31 68.78
C LEU J 387 -23.66 -29.82 68.44
N LEU J 388 -22.90 -29.05 69.19
CA LEU J 388 -22.73 -27.64 68.86
C LEU J 388 -21.66 -27.40 67.80
N GLY J 389 -21.01 -28.45 67.31
CA GLY J 389 -20.01 -28.27 66.28
C GLY J 389 -18.65 -27.85 66.78
N PHE J 390 -18.31 -28.19 68.01
CA PHE J 390 -16.97 -27.95 68.51
C PHE J 390 -16.05 -29.07 68.04
N SER J 391 -14.76 -28.88 68.22
CA SER J 391 -13.75 -29.78 67.67
C SER J 391 -12.90 -30.36 68.80
N VAL J 392 -12.43 -31.58 68.58
CA VAL J 392 -11.55 -32.26 69.52
C VAL J 392 -10.14 -31.78 69.23
N ASN J 393 -9.74 -30.69 69.87
CA ASN J 393 -8.42 -30.10 69.70
C ASN J 393 -7.78 -30.07 71.07
N MET J 394 -6.55 -29.55 71.16
CA MET J 394 -5.89 -29.60 72.47
C MET J 394 -6.75 -28.91 73.52
N MET J 395 -7.40 -27.82 73.16
CA MET J 395 -8.06 -27.02 74.19
C MET J 395 -9.25 -27.77 74.77
N THR J 396 -9.93 -28.60 73.98
CA THR J 396 -10.97 -29.44 74.55
C THR J 396 -10.39 -30.57 75.38
N MET J 397 -9.18 -31.02 75.05
CA MET J 397 -8.55 -32.05 75.88
C MET J 397 -8.14 -31.49 77.24
N PHE J 398 -7.74 -30.22 77.29
CA PHE J 398 -7.62 -29.60 78.60
C PHE J 398 -8.97 -29.39 79.25
N GLY J 399 -10.01 -29.10 78.47
CA GLY J 399 -11.35 -29.13 79.02
C GLY J 399 -11.59 -30.44 79.75
N MET J 400 -11.22 -31.55 79.12
CA MET J 400 -11.25 -32.86 79.76
C MET J 400 -10.45 -32.89 81.06
N VAL J 401 -9.16 -32.57 80.99
CA VAL J 401 -8.27 -32.91 82.08
C VAL J 401 -8.56 -32.06 83.30
N LEU J 402 -8.90 -30.79 83.11
CA LEU J 402 -9.26 -30.02 84.29
C LEU J 402 -10.76 -29.99 84.53
N ALA J 403 -11.57 -30.64 83.69
CA ALA J 403 -12.93 -30.93 84.10
C ALA J 403 -12.94 -32.07 85.10
N ILE J 404 -12.13 -33.11 84.84
CA ILE J 404 -12.16 -34.33 85.64
C ILE J 404 -12.15 -34.00 87.12
N GLY J 405 -11.40 -32.97 87.52
CA GLY J 405 -11.36 -32.60 88.93
C GLY J 405 -12.67 -32.04 89.43
N ILE J 406 -13.20 -31.02 88.75
CA ILE J 406 -14.43 -30.40 89.25
C ILE J 406 -15.61 -31.36 89.12
N LEU J 407 -15.54 -32.25 88.13
CA LEU J 407 -16.56 -33.26 87.96
C LEU J 407 -16.50 -34.30 89.07
N VAL J 408 -15.29 -34.72 89.44
CA VAL J 408 -15.13 -35.81 90.38
C VAL J 408 -15.69 -35.44 91.74
N ASP J 409 -15.76 -34.14 92.05
CA ASP J 409 -16.19 -33.75 93.41
C ASP J 409 -17.65 -34.22 93.62
N ASP J 410 -18.52 -34.08 92.62
CA ASP J 410 -19.90 -34.46 92.87
C ASP J 410 -19.97 -35.87 93.43
N ALA J 411 -19.35 -36.83 92.75
CA ALA J 411 -19.31 -38.20 93.26
C ALA J 411 -18.55 -38.29 94.58
N ILE J 412 -17.45 -37.55 94.71
CA ILE J 412 -16.65 -37.61 95.93
C ILE J 412 -17.50 -37.21 97.13
N VAL J 413 -18.14 -36.05 97.05
CA VAL J 413 -18.91 -35.57 98.18
C VAL J 413 -20.13 -36.45 98.42
N VAL J 414 -20.77 -36.95 97.35
CA VAL J 414 -21.98 -37.73 97.57
C VAL J 414 -21.65 -39.03 98.27
N VAL J 415 -20.66 -39.78 97.74
CA VAL J 415 -20.33 -41.07 98.36
C VAL J 415 -19.71 -40.86 99.72
N GLU J 416 -18.93 -39.80 99.91
CA GLU J 416 -18.31 -39.57 101.20
C GLU J 416 -19.33 -39.18 102.26
N ASN J 417 -20.34 -38.39 101.87
CA ASN J 417 -21.44 -38.07 102.77
C ASN J 417 -22.26 -39.31 103.11
N VAL J 418 -22.51 -40.16 102.12
CA VAL J 418 -23.27 -41.37 102.39
C VAL J 418 -22.48 -42.27 103.32
N GLU J 419 -21.15 -42.31 103.18
CA GLU J 419 -20.35 -43.05 104.15
C GLU J 419 -20.46 -42.43 105.54
N ARG J 420 -20.37 -41.10 105.62
CA ARG J 420 -20.36 -40.48 106.93
C ARG J 420 -21.64 -40.82 107.68
N ILE J 421 -22.77 -40.75 106.98
CA ILE J 421 -24.03 -41.16 107.59
C ILE J 421 -24.03 -42.66 107.91
N MET J 422 -23.53 -43.48 106.97
CA MET J 422 -23.47 -44.92 107.19
C MET J 422 -22.66 -45.27 108.44
N ALA J 423 -21.65 -44.47 108.74
CA ALA J 423 -20.81 -44.76 109.89
C ALA J 423 -21.44 -44.23 111.17
N GLU J 424 -21.96 -43.01 111.15
CA GLU J 424 -22.36 -42.39 112.40
C GLU J 424 -23.76 -42.79 112.83
N GLU J 425 -24.62 -43.23 111.90
CA GLU J 425 -25.89 -43.81 112.29
C GLU J 425 -26.01 -45.29 111.97
N GLY J 426 -25.29 -45.77 110.96
CA GLY J 426 -25.33 -47.19 110.65
C GLY J 426 -26.60 -47.68 109.98
N LEU J 427 -27.27 -46.84 109.21
CA LEU J 427 -28.48 -47.29 108.56
C LEU J 427 -28.16 -48.26 107.43
N ALA J 428 -29.21 -48.84 106.87
CA ALA J 428 -29.09 -49.58 105.64
C ALA J 428 -28.71 -48.61 104.53
N PRO J 429 -28.11 -49.10 103.44
CA PRO J 429 -27.67 -48.19 102.37
C PRO J 429 -28.78 -47.29 101.85
N VAL J 430 -30.00 -47.81 101.71
CA VAL J 430 -31.08 -47.04 101.09
C VAL J 430 -31.49 -45.88 101.99
N PRO J 431 -31.92 -46.10 103.24
CA PRO J 431 -32.32 -44.94 104.06
C PRO J 431 -31.20 -43.96 104.30
N ALA J 432 -29.96 -44.45 104.41
CA ALA J 432 -28.82 -43.55 104.52
C ALA J 432 -28.70 -42.68 103.27
N THR J 433 -28.92 -43.27 102.10
CA THR J 433 -28.91 -42.48 100.87
C THR J 433 -30.03 -41.44 100.91
N ILE J 434 -31.22 -41.82 101.37
CA ILE J 434 -32.30 -40.85 101.47
C ILE J 434 -31.87 -39.68 102.32
N LYS J 435 -31.28 -39.96 103.49
CA LYS J 435 -30.94 -38.88 104.42
C LYS J 435 -29.84 -37.99 103.85
N ALA J 436 -28.75 -38.59 103.38
CA ALA J 436 -27.64 -37.80 102.86
C ALA J 436 -28.06 -36.97 101.65
N MET J 437 -28.81 -37.58 100.74
CA MET J 437 -29.23 -36.85 99.56
C MET J 437 -30.23 -35.77 99.91
N GLY J 438 -31.10 -36.00 100.90
CA GLY J 438 -31.96 -34.94 101.37
C GLY J 438 -31.18 -33.77 101.93
N GLN J 439 -30.05 -34.06 102.58
CA GLN J 439 -29.21 -32.96 103.06
C GLN J 439 -28.55 -32.21 101.92
N VAL J 440 -28.14 -32.92 100.87
CA VAL J 440 -27.16 -32.38 99.93
C VAL J 440 -27.75 -31.92 98.60
N SER J 441 -28.95 -32.39 98.24
CA SER J 441 -29.44 -32.20 96.86
C SER J 441 -29.67 -30.74 96.51
N GLY J 442 -30.27 -29.96 97.42
CA GLY J 442 -30.44 -28.55 97.14
C GLY J 442 -29.11 -27.86 96.92
N ALA J 443 -28.11 -28.21 97.74
CA ALA J 443 -26.78 -27.69 97.54
C ALA J 443 -26.23 -28.10 96.18
N ILE J 444 -26.47 -29.34 95.77
CA ILE J 444 -25.93 -29.83 94.50
C ILE J 444 -26.54 -29.04 93.34
N ILE J 445 -27.84 -28.76 93.42
CA ILE J 445 -28.45 -27.93 92.41
C ILE J 445 -27.82 -26.54 92.40
N GLY J 446 -27.58 -25.98 93.59
CA GLY J 446 -26.89 -24.70 93.66
C GLY J 446 -25.52 -24.73 93.00
N ILE J 447 -24.74 -25.77 93.28
CA ILE J 447 -23.46 -25.98 92.59
C ILE J 447 -23.66 -25.96 91.09
N THR J 448 -24.44 -26.93 90.58
CA THR J 448 -24.60 -27.09 89.14
C THR J 448 -24.93 -25.77 88.48
N LEU J 449 -25.90 -25.04 89.04
CA LEU J 449 -26.29 -23.76 88.47
C LEU J 449 -25.16 -22.73 88.56
N VAL J 450 -24.46 -22.68 89.69
CA VAL J 450 -23.53 -21.58 89.90
C VAL J 450 -22.27 -21.75 89.06
N LEU J 451 -21.76 -22.98 88.93
CA LEU J 451 -20.65 -23.17 88.01
C LEU J 451 -21.10 -23.12 86.56
N SER J 452 -22.33 -23.55 86.25
CA SER J 452 -22.84 -23.31 84.91
C SER J 452 -22.72 -21.82 84.57
N ALA J 453 -23.14 -20.96 85.48
CA ALA J 453 -23.11 -19.53 85.26
C ALA J 453 -21.77 -18.87 85.59
N VAL J 454 -20.78 -19.64 86.04
CA VAL J 454 -19.47 -19.03 86.22
C VAL J 454 -18.62 -19.22 84.96
N PHE J 455 -18.83 -20.28 84.19
CA PHE J 455 -18.19 -20.36 82.88
C PHE J 455 -19.13 -20.04 81.73
N LEU J 456 -20.41 -19.77 81.98
CA LEU J 456 -21.23 -19.18 80.94
C LEU J 456 -20.70 -17.83 80.45
N PRO J 457 -20.34 -16.89 81.31
CA PRO J 457 -19.85 -15.59 80.80
C PRO J 457 -18.61 -15.72 79.94
N LEU J 458 -17.72 -16.66 80.26
CA LEU J 458 -16.48 -16.78 79.51
C LEU J 458 -16.76 -17.12 78.05
N ALA J 459 -17.96 -17.61 77.78
CA ALA J 459 -18.40 -17.93 76.43
C ALA J 459 -18.99 -16.74 75.68
N PHE J 460 -19.15 -15.60 76.34
CA PHE J 460 -19.72 -14.42 75.71
C PHE J 460 -18.68 -13.60 74.95
N MET J 461 -17.42 -13.66 75.36
CA MET J 461 -16.40 -12.76 74.84
C MET J 461 -16.09 -13.08 73.38
N ALA J 462 -15.68 -12.06 72.63
CA ALA J 462 -15.38 -12.18 71.21
C ALA J 462 -13.89 -12.00 70.96
N GLY J 463 -13.49 -12.25 69.72
CA GLY J 463 -12.09 -12.27 69.35
C GLY J 463 -11.53 -13.68 69.42
N SER J 464 -10.23 -13.76 69.16
CA SER J 464 -9.56 -15.05 69.22
C SER J 464 -9.60 -15.62 70.64
N VAL J 465 -9.38 -14.76 71.65
CA VAL J 465 -9.74 -15.11 73.00
C VAL J 465 -11.16 -15.62 73.04
N GLY J 466 -12.04 -15.00 72.26
CA GLY J 466 -13.41 -15.46 72.22
C GLY J 466 -13.50 -16.93 71.84
N VAL J 467 -12.78 -17.33 70.80
CA VAL J 467 -12.85 -18.73 70.37
C VAL J 467 -12.24 -19.65 71.40
N ILE J 468 -11.06 -19.29 71.93
CA ILE J 468 -10.41 -20.16 72.91
C ILE J 468 -11.32 -20.39 74.10
N TYR J 469 -11.84 -19.30 74.67
CA TYR J 469 -12.70 -19.42 75.82
C TYR J 469 -14.00 -20.13 75.47
N GLN J 470 -14.57 -19.84 74.29
CA GLN J 470 -15.73 -20.58 73.82
C GLN J 470 -15.53 -22.07 74.04
N GLN J 471 -14.53 -22.64 73.36
CA GLN J 471 -14.41 -24.08 73.40
C GLN J 471 -14.05 -24.58 74.78
N PHE J 472 -13.08 -23.94 75.42
CA PHE J 472 -12.56 -24.52 76.64
C PHE J 472 -13.57 -24.39 77.77
N SER J 473 -14.15 -23.19 77.92
CA SER J 473 -15.17 -22.95 78.93
C SER J 473 -16.41 -23.78 78.70
N LEU J 474 -16.85 -23.93 77.45
CA LEU J 474 -18.09 -24.67 77.23
C LEU J 474 -17.90 -26.17 77.42
N SER J 475 -16.71 -26.69 77.09
CA SER J 475 -16.41 -28.07 77.47
C SER J 475 -16.51 -28.23 78.99
N LEU J 476 -15.89 -27.31 79.73
CA LEU J 476 -16.01 -27.33 81.19
C LEU J 476 -17.46 -27.30 81.65
N ALA J 477 -18.26 -26.41 81.07
CA ALA J 477 -19.62 -26.19 81.54
C ALA J 477 -20.52 -27.38 81.26
N VAL J 478 -20.41 -27.97 80.06
CA VAL J 478 -21.17 -29.17 79.78
C VAL J 478 -20.76 -30.29 80.71
N SER J 479 -19.45 -30.38 81.01
CA SER J 479 -18.99 -31.39 81.95
C SER J 479 -19.67 -31.23 83.29
N ILE J 480 -19.72 -30.00 83.81
CA ILE J 480 -20.29 -29.83 85.14
C ILE J 480 -21.81 -30.00 85.11
N LEU J 481 -22.46 -29.62 84.02
CA LEU J 481 -23.91 -29.84 83.92
C LEU J 481 -24.24 -31.31 84.03
N PHE J 482 -23.57 -32.14 83.24
CA PHE J 482 -23.83 -33.57 83.33
C PHE J 482 -23.39 -34.15 84.66
N SER J 483 -22.30 -33.61 85.24
CA SER J 483 -21.87 -34.10 86.55
C SER J 483 -22.92 -33.82 87.61
N GLY J 484 -23.49 -32.63 87.59
CA GLY J 484 -24.56 -32.32 88.54
C GLY J 484 -25.79 -33.17 88.31
N PHE J 485 -26.15 -33.40 87.04
CA PHE J 485 -27.30 -34.25 86.76
C PHE J 485 -27.08 -35.65 87.29
N LEU J 486 -25.87 -36.18 87.09
CA LEU J 486 -25.58 -37.51 87.63
C LEU J 486 -25.60 -37.53 89.14
N ALA J 487 -25.02 -36.51 89.78
CA ALA J 487 -25.06 -36.47 91.24
C ALA J 487 -26.49 -36.38 91.77
N LEU J 488 -27.38 -35.71 91.03
CA LEU J 488 -28.78 -35.68 91.45
C LEU J 488 -29.47 -37.01 91.27
N THR J 489 -29.26 -37.69 90.13
CA THR J 489 -30.09 -38.83 89.78
C THR J 489 -29.35 -40.15 89.86
N PHE J 490 -28.23 -40.28 89.17
CA PHE J 490 -27.62 -41.57 88.93
C PHE J 490 -26.72 -42.01 90.08
N THR J 491 -25.79 -41.16 90.49
CA THR J 491 -24.87 -41.54 91.57
C THR J 491 -25.61 -41.92 92.85
N PRO J 492 -26.64 -41.22 93.31
CA PRO J 492 -27.35 -41.70 94.50
C PRO J 492 -27.90 -43.10 94.32
N ALA J 493 -28.40 -43.42 93.12
CA ALA J 493 -28.80 -44.79 92.84
C ALA J 493 -27.62 -45.73 92.92
N LEU J 494 -26.44 -45.26 92.48
CA LEU J 494 -25.25 -46.08 92.59
C LEU J 494 -24.92 -46.40 94.04
N CYS J 495 -25.04 -45.40 94.92
CA CYS J 495 -24.82 -45.66 96.34
C CYS J 495 -25.85 -46.63 96.88
N ALA J 496 -27.13 -46.42 96.54
CA ALA J 496 -28.17 -47.32 97.04
C ALA J 496 -27.99 -48.73 96.52
N THR J 497 -27.30 -48.90 95.40
CA THR J 497 -27.12 -50.23 94.81
C THR J 497 -25.83 -50.91 95.22
N LEU J 498 -24.68 -50.32 94.89
CA LEU J 498 -23.40 -51.02 95.03
C LEU J 498 -22.88 -51.09 96.45
N LEU J 499 -23.33 -50.20 97.33
CA LEU J 499 -22.74 -50.15 98.66
C LEU J 499 -23.12 -51.38 99.47
N LYS J 500 -22.18 -51.83 100.28
CA LYS J 500 -22.37 -52.98 101.14
C LYS J 500 -22.43 -52.53 102.60
N PRO J 501 -23.30 -53.13 103.41
CA PRO J 501 -23.39 -52.72 104.82
C PRO J 501 -22.10 -53.00 105.55
N ILE J 502 -21.81 -52.16 106.53
CA ILE J 502 -20.65 -52.31 107.40
C ILE J 502 -21.12 -52.74 108.78
N PRO J 503 -20.33 -53.50 109.53
CA PRO J 503 -20.73 -53.85 110.90
C PRO J 503 -20.70 -52.62 111.80
N VAL J 504 -21.53 -52.66 112.84
CA VAL J 504 -21.60 -51.55 113.78
C VAL J 504 -20.37 -51.56 114.67
N GLY J 505 -19.74 -50.39 114.83
CA GLY J 505 -18.60 -50.25 115.72
C GLY J 505 -17.29 -50.76 115.17
N HIS J 506 -17.21 -51.05 113.87
CA HIS J 506 -15.97 -51.57 113.28
C HIS J 506 -15.08 -50.40 112.82
N HIS J 507 -14.59 -49.66 113.83
CA HIS J 507 -13.57 -48.66 113.61
C HIS J 507 -12.17 -49.14 113.96
N GLU J 508 -12.04 -50.11 114.86
CA GLU J 508 -10.77 -50.79 115.04
C GLU J 508 -10.39 -51.51 113.76
N LYS J 509 -9.11 -51.43 113.39
CA LYS J 509 -8.70 -51.92 112.09
C LYS J 509 -7.30 -52.51 112.18
N THR J 510 -7.03 -53.49 111.32
CA THR J 510 -5.74 -54.16 111.28
C THR J 510 -4.87 -53.57 110.19
N GLY J 511 -3.63 -53.27 110.53
CA GLY J 511 -2.68 -52.76 109.55
C GLY J 511 -2.69 -51.25 109.47
N PHE J 512 -1.90 -50.76 108.51
CA PHE J 512 -1.70 -49.32 108.33
C PHE J 512 -3.00 -48.58 108.06
N PHE J 513 -4.03 -49.28 107.58
CA PHE J 513 -5.33 -48.65 107.41
C PHE J 513 -5.88 -48.16 108.74
N GLY J 514 -5.76 -48.96 109.79
CA GLY J 514 -6.19 -48.51 111.11
C GLY J 514 -5.39 -47.31 111.59
N TRP J 515 -4.09 -47.32 111.35
CA TRP J 515 -3.28 -46.13 111.58
C TRP J 515 -3.87 -44.93 110.86
N PHE J 516 -4.30 -45.10 109.61
CA PHE J 516 -4.88 -43.98 108.89
C PHE J 516 -6.17 -43.51 109.52
N ASN J 517 -7.05 -44.44 109.91
CA ASN J 517 -8.31 -44.02 110.53
C ASN J 517 -8.04 -43.24 111.80
N ARG J 518 -7.12 -43.73 112.63
CA ARG J 518 -6.80 -43.04 113.87
C ARG J 518 -6.20 -41.67 113.60
N LYS J 519 -5.29 -41.57 112.63
CA LYS J 519 -4.60 -40.29 112.41
C LYS J 519 -5.52 -39.27 111.77
N PHE J 520 -6.42 -39.71 110.89
CA PHE J 520 -7.39 -38.77 110.34
C PHE J 520 -8.44 -38.39 111.38
N THR J 521 -8.80 -39.30 112.28
CA THR J 521 -9.66 -38.91 113.38
C THR J 521 -8.99 -37.85 114.24
N SER J 522 -7.69 -38.02 114.50
CA SER J 522 -6.93 -37.02 115.25
C SER J 522 -6.88 -35.69 114.50
N LEU J 523 -6.65 -35.74 113.19
CA LEU J 523 -6.58 -34.50 112.41
C LEU J 523 -7.93 -33.79 112.42
N THR J 524 -9.02 -34.54 112.24
CA THR J 524 -10.33 -33.94 112.24
C THR J 524 -10.65 -33.31 113.59
N SER J 525 -10.30 -34.01 114.68
CA SER J 525 -10.53 -33.45 116.01
C SER J 525 -9.68 -32.21 116.25
N ARG J 526 -8.42 -32.26 115.80
CA ARG J 526 -7.53 -31.10 115.95
C ARG J 526 -8.06 -29.91 115.19
N TYR J 527 -8.53 -30.13 113.96
CA TYR J 527 -9.12 -29.05 113.18
C TYR J 527 -10.40 -28.54 113.82
N THR J 528 -11.18 -29.45 114.41
CA THR J 528 -12.38 -29.04 115.13
C THR J 528 -12.03 -28.10 116.27
N LYS J 529 -11.03 -28.48 117.07
CA LYS J 529 -10.57 -27.62 118.14
C LYS J 529 -10.03 -26.31 117.60
N LEU J 530 -9.34 -26.37 116.46
CA LEU J 530 -8.80 -25.16 115.85
C LEU J 530 -9.91 -24.19 115.50
N ASN J 531 -10.94 -24.67 114.82
CA ASN J 531 -12.10 -23.83 114.56
C ASN J 531 -12.65 -23.27 115.85
N ASP J 532 -12.81 -24.13 116.86
CA ASP J 532 -13.34 -23.68 118.14
C ASP J 532 -12.46 -22.57 118.73
N LYS J 533 -11.19 -22.54 118.35
CA LYS J 533 -10.27 -21.54 118.87
C LYS J 533 -10.28 -20.25 118.07
N LEU J 534 -10.50 -20.29 116.76
CA LEU J 534 -10.53 -19.04 115.99
C LEU J 534 -11.90 -18.39 115.92
N VAL J 535 -12.99 -19.16 116.02
CA VAL J 535 -14.32 -18.57 115.88
C VAL J 535 -14.61 -17.50 116.92
N PRO J 536 -14.08 -17.54 118.15
CA PRO J 536 -14.23 -16.36 119.01
C PRO J 536 -13.53 -15.12 118.47
N ARG J 537 -12.36 -15.30 117.86
CA ARG J 537 -11.60 -14.18 117.29
C ARG J 537 -11.88 -14.12 115.79
N ALA J 538 -12.92 -13.39 115.41
CA ALA J 538 -13.22 -13.21 113.99
C ALA J 538 -12.74 -11.87 113.48
N GLY J 539 -12.89 -10.81 114.28
CA GLY J 539 -12.41 -9.51 113.85
C GLY J 539 -10.92 -9.49 113.62
N ARG J 540 -10.17 -10.29 114.36
CA ARG J 540 -8.72 -10.29 114.22
C ARG J 540 -8.30 -11.03 112.95
N VAL J 541 -9.01 -12.10 112.60
CA VAL J 541 -8.71 -12.83 111.37
C VAL J 541 -8.98 -11.94 110.17
N MET J 542 -9.86 -10.95 110.31
CA MET J 542 -10.04 -9.96 109.25
C MET J 542 -8.73 -9.38 108.76
N PHE J 543 -7.81 -9.09 109.67
CA PHE J 543 -6.58 -8.43 109.25
C PHE J 543 -5.69 -9.37 108.43
N ILE J 544 -5.61 -10.64 108.82
CA ILE J 544 -4.88 -11.61 108.01
C ILE J 544 -5.54 -11.77 106.65
N TYR J 545 -6.87 -11.92 106.65
CA TYR J 545 -7.62 -12.16 105.37
C TYR J 545 -7.44 -10.95 104.44
N LEU J 546 -7.49 -9.74 104.99
CA LEU J 546 -7.29 -8.55 104.18
C LEU J 546 -5.86 -8.45 103.68
N GLY J 547 -4.89 -8.85 104.49
CA GLY J 547 -3.54 -8.99 103.97
C GLY J 547 -3.50 -9.95 102.78
N VAL J 548 -4.27 -11.03 102.87
CA VAL J 548 -4.28 -12.01 101.79
C VAL J 548 -4.87 -11.41 100.52
N VAL J 549 -6.02 -10.73 100.63
CA VAL J 549 -6.64 -10.19 99.43
C VAL J 549 -5.77 -9.06 98.85
N VAL J 550 -5.15 -8.26 99.71
CA VAL J 550 -4.29 -7.20 99.23
C VAL J 550 -3.06 -7.78 98.53
N LEU J 551 -2.48 -8.85 99.07
CA LEU J 551 -1.37 -9.51 98.37
C LEU J 551 -1.82 -10.07 97.03
N MET J 552 -3.01 -10.68 97.00
CA MET J 552 -3.57 -11.14 95.74
C MET J 552 -3.60 -10.03 94.72
N GLY J 553 -4.16 -8.88 95.08
CA GLY J 553 -4.20 -7.75 94.18
C GLY J 553 -2.82 -7.27 93.79
N PHE J 554 -1.90 -7.26 94.75
CA PHE J 554 -0.58 -6.70 94.52
C PHE J 554 0.21 -7.51 93.50
N LEU J 555 0.27 -8.83 93.69
CA LEU J 555 0.96 -9.61 92.66
C LEU J 555 0.10 -9.89 91.44
N TYR J 556 -1.21 -9.63 91.50
CA TYR J 556 -2.02 -9.78 90.29
C TYR J 556 -1.79 -8.62 89.34
N MET J 557 -1.72 -7.39 89.87
CA MET J 557 -1.39 -6.25 89.02
C MET J 557 0.09 -6.21 88.66
N ARG J 558 0.96 -6.88 89.41
CA ARG J 558 2.35 -7.03 89.03
C ARG J 558 2.58 -8.20 88.09
N LEU J 559 1.54 -8.73 87.49
CA LEU J 559 1.71 -9.93 86.69
C LEU J 559 1.61 -9.57 85.22
N PRO J 560 2.70 -9.70 84.46
CA PRO J 560 2.65 -9.34 83.04
C PRO J 560 1.58 -10.13 82.29
N GLU J 561 0.86 -9.43 81.43
CA GLU J 561 -0.20 -10.04 80.64
C GLU J 561 0.38 -10.71 79.41
N SER J 562 -0.40 -11.60 78.83
CA SER J 562 -0.04 -12.23 77.56
C SER J 562 -1.28 -12.82 76.92
N PHE J 563 -1.20 -13.01 75.61
CA PHE J 563 -2.30 -13.62 74.86
C PHE J 563 -2.29 -15.13 74.99
N VAL J 564 -1.28 -15.76 74.42
CA VAL J 564 -1.12 -17.21 74.42
C VAL J 564 0.38 -17.48 74.51
N PRO J 565 0.82 -18.41 75.35
CA PRO J 565 2.25 -18.74 75.38
C PRO J 565 2.69 -19.32 74.04
N VAL J 566 3.94 -19.04 73.67
CA VAL J 566 4.47 -19.59 72.42
C VAL J 566 4.79 -21.06 72.62
N GLU J 567 4.21 -21.90 71.77
CA GLU J 567 4.40 -23.34 71.87
C GLU J 567 5.50 -23.78 70.91
N ASP J 568 6.25 -24.80 71.33
CA ASP J 568 7.26 -25.40 70.47
C ASP J 568 6.57 -26.18 69.37
N GLN J 569 6.41 -25.56 68.21
CA GLN J 569 5.73 -26.19 67.10
C GLN J 569 6.67 -27.03 66.24
N GLY J 570 7.93 -27.12 66.61
CA GLY J 570 8.87 -27.96 65.88
C GLY J 570 9.45 -27.34 64.62
N TYR J 571 9.13 -26.08 64.34
CA TYR J 571 9.65 -25.43 63.15
C TYR J 571 10.01 -24.00 63.52
N MET J 572 10.84 -23.39 62.69
CA MET J 572 11.27 -22.03 62.90
C MET J 572 11.11 -21.22 61.62
N ILE J 573 11.22 -19.91 61.77
CA ILE J 573 11.21 -18.97 60.65
C ILE J 573 12.59 -18.38 60.55
N VAL J 574 13.18 -18.45 59.36
CA VAL J 574 14.43 -17.76 59.06
C VAL J 574 14.22 -16.96 57.78
N ASP J 575 14.49 -15.67 57.86
CA ASP J 575 14.22 -14.76 56.75
C ASP J 575 15.53 -14.45 56.02
N ILE J 576 15.49 -14.56 54.69
CA ILE J 576 16.64 -14.30 53.85
C ILE J 576 16.34 -13.08 53.00
N GLN J 577 16.89 -11.94 53.39
CA GLN J 577 16.68 -10.67 52.69
C GLN J 577 18.04 -10.11 52.30
N LEU J 578 18.25 -9.91 51.02
CA LEU J 578 19.51 -9.34 50.58
C LEU J 578 19.36 -7.85 50.31
N PRO J 579 20.47 -7.13 50.09
CA PRO J 579 20.37 -5.71 49.78
C PRO J 579 19.45 -5.47 48.60
N PRO J 580 18.91 -4.25 48.45
CA PRO J 580 17.98 -4.00 47.37
C PRO J 580 18.60 -4.29 46.02
N GLY J 581 17.78 -4.85 45.12
CA GLY J 581 18.25 -5.16 43.79
C GLY J 581 19.03 -6.44 43.66
N ALA J 582 18.83 -7.41 44.54
CA ALA J 582 19.62 -8.63 44.51
C ALA J 582 19.00 -9.66 43.57
N THR J 583 19.82 -10.20 42.69
CA THR J 583 19.39 -11.25 41.78
C THR J 583 19.08 -12.53 42.56
N ARG J 584 18.30 -13.40 41.95
CA ARG J 584 17.96 -14.66 42.58
C ARG J 584 19.20 -15.49 42.90
N GLU J 585 20.26 -15.37 42.11
CA GLU J 585 21.42 -16.23 42.31
C GLU J 585 22.13 -15.90 43.62
N ARG J 586 22.23 -14.62 43.97
CA ARG J 586 22.80 -14.24 45.25
C ARG J 586 21.97 -14.83 46.39
N THR J 587 20.65 -14.76 46.27
CA THR J 587 19.78 -15.33 47.29
C THR J 587 19.95 -16.83 47.37
N SER J 588 20.16 -17.49 46.23
CA SER J 588 20.37 -18.92 46.23
C SER J 588 21.68 -19.29 46.92
N ALA J 589 22.72 -18.48 46.71
CA ALA J 589 23.98 -18.72 47.42
C ALA J 589 23.82 -18.54 48.91
N ALA J 590 23.12 -17.48 49.32
CA ALA J 590 22.87 -17.27 50.74
C ALA J 590 22.07 -18.42 51.34
N GLY J 591 21.04 -18.86 50.64
CA GLY J 591 20.27 -19.99 51.09
C GLY J 591 21.10 -21.26 51.14
N GLY J 592 22.05 -21.41 50.22
CA GLY J 592 22.93 -22.56 50.26
C GLY J 592 23.78 -22.59 51.51
N GLU J 593 24.37 -21.45 51.86
CA GLU J 593 25.16 -21.42 53.09
C GLU J 593 24.28 -21.65 54.31
N LEU J 594 23.09 -21.04 54.33
CA LEU J 594 22.17 -21.25 55.45
C LEU J 594 21.79 -22.72 55.60
N GLU J 595 21.43 -23.36 54.49
CA GLU J 595 21.01 -24.74 54.55
C GLU J 595 22.16 -25.66 54.92
N SER J 596 23.38 -25.32 54.50
CA SER J 596 24.54 -26.10 54.95
C SER J 596 24.68 -26.01 56.46
N PHE J 597 24.59 -24.80 57.01
CA PHE J 597 24.75 -24.66 58.45
C PHE J 597 23.64 -25.39 59.19
N LEU J 598 22.44 -25.43 58.61
CA LEU J 598 21.35 -26.18 59.23
C LEU J 598 21.60 -27.67 59.16
N MET J 599 22.26 -28.15 58.09
CA MET J 599 22.73 -29.53 58.11
C MET J 599 23.67 -29.77 59.28
N ALA J 600 24.59 -28.84 59.52
CA ALA J 600 25.51 -29.00 60.65
C ALA J 600 24.79 -29.04 61.99
N ARG J 601 23.57 -28.53 62.08
CA ARG J 601 22.81 -28.56 63.31
C ARG J 601 22.08 -29.89 63.45
N GLU J 602 22.34 -30.58 64.56
CA GLU J 602 21.71 -31.86 64.81
C GLU J 602 20.27 -31.70 65.26
N ALA J 603 19.88 -30.52 65.72
CA ALA J 603 18.50 -30.33 66.17
C ALA J 603 17.53 -30.31 65.00
N VAL J 604 18.01 -30.23 63.77
CA VAL J 604 17.16 -30.12 62.60
C VAL J 604 17.19 -31.43 61.82
N GLN J 605 16.01 -31.98 61.56
CA GLN J 605 15.85 -33.19 60.77
C GLN J 605 15.82 -32.90 59.27
N THR J 606 15.06 -31.89 58.85
CA THR J 606 15.03 -31.49 57.45
C THR J 606 14.80 -29.99 57.37
N THR J 607 15.43 -29.37 56.37
CA THR J 607 15.34 -27.93 56.15
C THR J 607 14.59 -27.67 54.87
N PHE J 608 13.50 -26.93 54.95
CA PHE J 608 12.77 -26.53 53.76
C PHE J 608 12.97 -25.05 53.53
N LEU J 609 13.45 -24.69 52.35
CA LEU J 609 13.83 -23.33 52.04
C LEU J 609 13.03 -22.85 50.84
N VAL J 610 12.54 -21.62 50.92
CA VAL J 610 11.81 -20.99 49.84
C VAL J 610 12.62 -19.81 49.35
N LEU J 611 12.76 -19.70 48.03
CA LEU J 611 13.43 -18.57 47.40
C LEU J 611 12.40 -17.72 46.69
N GLY J 612 12.48 -16.41 46.86
CA GLY J 612 11.53 -15.51 46.26
C GLY J 612 10.32 -15.21 47.11
N PHE J 613 10.15 -15.90 48.23
CA PHE J 613 9.07 -15.63 49.16
C PHE J 613 9.64 -15.39 50.54
N SER J 614 9.12 -14.40 51.23
CA SER J 614 9.41 -14.21 52.64
C SER J 614 8.33 -13.33 53.23
N PHE J 615 8.03 -13.58 54.50
CA PHE J 615 6.93 -12.86 55.14
C PHE J 615 7.13 -11.36 55.09
N SER J 616 8.37 -10.89 54.98
CA SER J 616 8.61 -9.49 54.72
C SER J 616 8.04 -9.07 53.37
N GLY J 617 8.22 -9.89 52.35
CA GLY J 617 7.70 -9.61 51.04
C GLY J 617 8.35 -10.47 49.98
N MET J 618 7.63 -10.67 48.89
CA MET J 618 8.09 -11.50 47.80
C MET J 618 8.91 -10.69 46.81
N GLY J 619 10.06 -11.23 46.42
CA GLY J 619 10.94 -10.56 45.50
C GLY J 619 12.17 -11.40 45.29
N GLU J 620 13.01 -10.96 44.34
CA GLU J 620 14.20 -11.75 44.02
C GLU J 620 15.18 -11.79 45.18
N ASN J 621 15.33 -10.69 45.90
CA ASN J 621 16.24 -10.61 47.02
C ASN J 621 15.75 -11.33 48.25
N ALA J 622 14.50 -11.78 48.25
CA ALA J 622 13.85 -12.26 49.46
C ALA J 622 13.68 -13.77 49.41
N ALA J 623 13.85 -14.41 50.57
CA ALA J 623 13.69 -15.84 50.69
C ALA J 623 13.40 -16.17 52.14
N ILE J 624 12.84 -17.35 52.37
CA ILE J 624 12.46 -17.78 53.72
C ILE J 624 12.85 -19.24 53.90
N ALA J 625 13.15 -19.61 55.14
CA ALA J 625 13.54 -20.96 55.49
C ALA J 625 12.69 -21.46 56.63
N PHE J 626 12.26 -22.72 56.55
CA PHE J 626 11.43 -23.34 57.58
C PHE J 626 12.13 -24.61 58.03
N PRO J 627 13.17 -24.50 58.84
CA PRO J 627 13.82 -25.70 59.37
C PRO J 627 12.83 -26.53 60.17
N LEU J 628 12.90 -27.84 60.01
CA LEU J 628 12.08 -28.75 60.79
C LEU J 628 12.93 -29.38 61.88
N LEU J 629 12.48 -29.29 63.11
CA LEU J 629 13.20 -29.83 64.25
C LEU J 629 12.86 -31.31 64.43
N LYS J 630 13.72 -31.98 65.20
CA LYS J 630 13.48 -33.38 65.52
C LYS J 630 12.34 -33.47 66.54
N ASP J 631 11.84 -34.69 66.71
CA ASP J 631 10.76 -34.90 67.65
C ASP J 631 11.23 -34.56 69.06
N TRP J 632 10.28 -34.13 69.90
CA TRP J 632 10.62 -33.73 71.26
C TRP J 632 11.29 -34.86 72.04
N SER J 633 10.82 -36.10 71.85
CA SER J 633 11.42 -37.24 72.52
C SER J 633 12.90 -37.37 72.20
N GLU J 634 13.31 -36.96 71.00
CA GLU J 634 14.70 -37.06 70.59
C GLU J 634 15.48 -35.77 70.81
N ARG J 635 14.89 -34.80 71.50
CA ARG J 635 15.56 -33.54 71.77
C ARG J 635 15.49 -33.21 73.26
N ASP J 636 16.44 -32.38 73.69
CA ASP J 636 16.46 -31.89 75.06
C ASP J 636 16.12 -30.40 75.09
N SER J 637 16.18 -29.81 76.28
CA SER J 637 15.90 -28.39 76.41
C SER J 637 16.97 -27.53 75.75
N SER J 638 18.23 -27.99 75.78
CA SER J 638 19.32 -27.22 75.20
C SER J 638 19.15 -27.02 73.69
N GLN J 639 18.43 -27.91 73.02
CA GLN J 639 18.13 -27.77 71.61
C GLN J 639 16.69 -27.33 71.36
N SER J 640 16.16 -26.45 72.22
CA SER J 640 14.85 -25.88 72.01
C SER J 640 14.90 -24.91 70.83
N PRO J 641 13.74 -24.61 70.23
CA PRO J 641 13.74 -23.71 69.08
C PRO J 641 14.34 -22.35 69.37
N GLU J 642 14.12 -21.82 70.56
CA GLU J 642 14.67 -20.50 70.88
C GLU J 642 16.18 -20.54 70.93
N ALA J 643 16.74 -21.58 71.57
CA ALA J 643 18.19 -21.71 71.62
C ALA J 643 18.76 -21.92 70.23
N GLU J 644 18.06 -22.67 69.38
CA GLU J 644 18.58 -22.91 68.04
C GLU J 644 18.51 -21.62 67.22
N SER J 645 17.45 -20.83 67.40
CA SER J 645 17.35 -19.54 66.74
C SER J 645 18.49 -18.63 67.16
N ALA J 646 18.78 -18.59 68.45
CA ALA J 646 19.91 -17.80 68.92
C ALA J 646 21.20 -18.31 68.31
N ALA J 647 21.35 -19.62 68.19
CA ALA J 647 22.54 -20.19 67.58
C ALA J 647 22.70 -19.73 66.15
N VAL J 648 21.60 -19.74 65.39
CA VAL J 648 21.67 -19.31 63.99
C VAL J 648 21.96 -17.82 63.89
N ASN J 649 21.25 -17.00 64.67
CA ASN J 649 21.47 -15.56 64.61
C ASN J 649 22.89 -15.19 64.98
N GLN J 650 23.45 -15.84 66.00
CA GLN J 650 24.86 -15.63 66.32
C GLN J 650 25.75 -16.12 65.18
N HIS J 651 25.39 -17.24 64.57
CA HIS J 651 26.23 -17.79 63.50
C HIS J 651 26.25 -16.86 62.30
N PHE J 652 25.08 -16.47 61.81
CA PHE J 652 24.99 -15.64 60.63
C PHE J 652 24.95 -14.17 60.96
N ALA J 653 25.49 -13.77 62.12
CA ALA J 653 25.54 -12.36 62.47
C ALA J 653 26.57 -11.60 61.63
N ASN J 654 27.56 -12.29 61.08
CA ASN J 654 28.59 -11.67 60.27
C ASN J 654 28.49 -12.14 58.83
N LEU J 655 27.28 -12.45 58.39
CA LEU J 655 27.07 -12.83 56.99
C LEU J 655 27.28 -11.61 56.10
N ASP J 656 28.01 -11.82 55.01
CA ASP J 656 28.50 -10.72 54.20
C ASP J 656 27.56 -10.32 53.07
N ASP J 657 26.50 -11.08 52.82
CA ASP J 657 25.62 -10.86 51.68
C ASP J 657 24.17 -10.88 52.15
N GLY J 658 23.68 -9.74 52.64
CA GLY J 658 22.31 -9.64 53.07
C GLY J 658 22.14 -9.82 54.57
N ALA J 659 20.95 -10.27 54.94
CA ALA J 659 20.59 -10.43 56.35
C ALA J 659 19.84 -11.73 56.55
N ILE J 660 20.19 -12.44 57.63
CA ILE J 660 19.51 -13.65 58.04
C ILE J 660 18.98 -13.42 59.45
N MET J 661 17.67 -13.62 59.63
CA MET J 661 17.04 -13.39 60.92
C MET J 661 16.21 -14.62 61.27
N ALA J 662 16.35 -15.12 62.49
CA ALA J 662 15.57 -16.25 62.95
C ALA J 662 14.53 -15.77 63.96
N VAL J 663 13.26 -15.97 63.63
CA VAL J 663 12.16 -15.54 64.49
C VAL J 663 11.35 -16.76 64.87
N PRO J 664 11.09 -17.00 66.15
CA PRO J 664 10.19 -18.08 66.53
C PRO J 664 8.79 -17.81 66.00
N PRO J 665 8.05 -18.84 65.62
CA PRO J 665 6.77 -18.61 64.97
C PRO J 665 5.77 -17.99 65.92
N PRO J 666 4.77 -17.29 65.40
CA PRO J 666 3.73 -16.73 66.25
C PRO J 666 2.95 -17.83 66.93
N PRO J 667 2.51 -17.61 68.17
CA PRO J 667 1.84 -18.67 68.92
C PRO J 667 0.60 -19.21 68.24
N VAL J 668 -0.17 -18.31 67.62
CA VAL J 668 -1.43 -18.67 67.00
C VAL J 668 -1.26 -18.57 65.49
N GLU J 669 -1.50 -19.66 64.80
CA GLU J 669 -1.39 -19.66 63.35
C GLU J 669 -2.45 -18.71 62.78
N GLY J 670 -2.09 -18.01 61.72
CA GLY J 670 -3.04 -17.17 61.03
C GLY J 670 -3.26 -15.80 61.63
N LEU J 671 -2.68 -15.52 62.79
CA LEU J 671 -2.79 -14.20 63.39
C LEU J 671 -1.58 -13.31 63.08
N GLY J 672 -0.66 -13.77 62.26
CA GLY J 672 0.50 -12.98 61.92
C GLY J 672 1.64 -13.87 61.49
N ASN J 673 2.68 -13.22 60.97
CA ASN J 673 3.84 -13.98 60.50
C ASN J 673 4.87 -14.19 61.61
N SER J 674 4.77 -13.44 62.70
CA SER J 674 5.64 -13.62 63.84
C SER J 674 4.93 -13.12 65.09
N GLY J 675 5.43 -13.54 66.24
CA GLY J 675 4.86 -13.10 67.50
C GLY J 675 5.22 -11.66 67.79
N GLY J 676 4.53 -11.12 68.79
CA GLY J 676 4.77 -9.74 69.18
C GLY J 676 3.67 -8.79 68.74
N PHE J 677 4.06 -7.61 68.25
CA PHE J 677 3.11 -6.58 67.89
C PHE J 677 3.16 -6.30 66.40
N ALA J 678 2.00 -5.98 65.83
CA ALA J 678 1.88 -5.64 64.42
C ALA J 678 1.26 -4.26 64.31
N LEU J 679 1.97 -3.35 63.68
CA LEU J 679 1.54 -1.97 63.56
C LEU J 679 1.68 -1.50 62.12
N ARG J 680 0.61 -0.91 61.60
CA ARG J 680 0.60 -0.34 60.26
C ARG J 680 0.68 1.17 60.41
N LEU J 681 1.71 1.77 59.84
CA LEU J 681 1.89 3.21 59.90
C LEU J 681 1.21 3.83 58.69
N GLN J 682 -0.02 4.31 58.86
CA GLN J 682 -0.83 4.86 57.74
C GLN J 682 -0.44 6.30 57.41
N ASP J 683 -0.96 6.84 56.30
CA ASP J 683 -0.77 8.29 55.99
C ASP J 683 -2.19 8.79 55.68
N ARG J 684 -3.02 8.92 56.71
CA ARG J 684 -4.46 9.28 56.51
C ARG J 684 -4.62 10.57 55.69
N ALA J 685 -3.53 11.29 55.37
CA ALA J 685 -3.73 12.54 54.67
C ALA J 685 -3.13 12.57 53.27
N GLY J 686 -2.28 11.63 52.91
CA GLY J 686 -1.65 11.67 51.60
C GLY J 686 -0.41 12.53 51.58
N LEU J 687 0.47 12.34 52.58
CA LEU J 687 1.70 13.10 52.64
C LEU J 687 2.68 12.70 51.56
N GLY J 688 2.53 11.53 50.98
CA GLY J 688 3.42 11.06 49.94
C GLY J 688 4.32 9.94 50.43
N ARG J 689 4.85 9.17 49.47
CA ARG J 689 5.67 8.02 49.80
C ARG J 689 6.92 8.42 50.57
N ASP J 690 7.60 9.47 50.12
CA ASP J 690 8.81 9.92 50.81
C ASP J 690 8.51 10.36 52.23
N ALA J 691 7.41 11.07 52.42
CA ALA J 691 7.02 11.48 53.77
C ALA J 691 6.70 10.27 54.65
N LEU J 692 6.05 9.26 54.07
CA LEU J 692 5.76 8.06 54.85
C LEU J 692 7.03 7.34 55.25
N LEU J 693 7.99 7.21 54.34
CA LEU J 693 9.26 6.60 54.72
C LEU J 693 9.98 7.44 55.77
N ALA J 694 9.84 8.77 55.68
CA ALA J 694 10.42 9.64 56.70
C ALA J 694 9.83 9.33 58.07
N ALA J 695 8.51 9.22 58.13
CA ALA J 695 7.86 8.83 59.38
C ALA J 695 8.31 7.45 59.82
N ARG J 696 8.58 6.57 58.86
CA ARG J 696 9.07 5.23 59.19
C ARG J 696 10.41 5.28 59.90
N ASP J 697 11.37 6.03 59.36
CA ASP J 697 12.66 6.11 60.03
C ASP J 697 12.52 6.85 61.35
N GLU J 698 11.62 7.83 61.41
CA GLU J 698 11.36 8.51 62.68
C GLU J 698 10.94 7.52 63.76
N VAL J 699 9.92 6.71 63.46
CA VAL J 699 9.39 5.81 64.47
C VAL J 699 10.40 4.72 64.79
N LEU J 700 11.16 4.26 63.80
CA LEU J 700 12.14 3.22 64.09
C LEU J 700 13.31 3.75 64.91
N GLY J 701 13.72 4.99 64.71
CA GLY J 701 14.72 5.58 65.56
C GLY J 701 14.20 5.75 66.98
N LYS J 702 12.95 6.20 67.10
CA LYS J 702 12.39 6.41 68.43
C LYS J 702 12.11 5.09 69.15
N VAL J 703 11.99 3.99 68.42
CA VAL J 703 11.63 2.71 69.02
C VAL J 703 12.85 1.85 69.29
N ASN J 704 13.71 1.66 68.29
CA ASN J 704 14.84 0.75 68.46
C ASN J 704 15.81 1.26 69.53
N GLY J 705 15.83 2.57 69.75
CA GLY J 705 16.61 3.13 70.84
C GLY J 705 15.96 3.01 72.20
N ASN J 706 14.69 2.63 72.26
CA ASN J 706 13.98 2.47 73.52
C ASN J 706 14.12 1.03 74.00
N PRO J 707 14.68 0.79 75.18
CA PRO J 707 14.92 -0.58 75.63
C PRO J 707 13.67 -1.38 75.94
N LYS J 708 12.48 -0.80 75.79
CA LYS J 708 11.24 -1.53 76.07
C LYS J 708 10.96 -2.64 75.07
N PHE J 709 11.55 -2.60 73.88
CA PHE J 709 11.27 -3.56 72.83
C PHE J 709 12.53 -4.32 72.47
N LEU J 710 12.38 -5.62 72.19
CA LEU J 710 13.51 -6.41 71.74
C LEU J 710 14.03 -5.91 70.39
N TYR J 711 13.14 -5.77 69.41
CA TYR J 711 13.52 -5.23 68.12
C TYR J 711 12.29 -4.70 67.43
N ALA J 712 12.51 -3.93 66.37
CA ALA J 712 11.42 -3.49 65.49
C ALA J 712 12.02 -3.23 64.12
N MET J 713 11.55 -3.98 63.12
CA MET J 713 12.09 -3.87 61.77
C MET J 713 10.94 -3.81 60.79
N MET J 714 11.17 -3.08 59.69
CA MET J 714 10.16 -3.00 58.63
C MET J 714 9.95 -4.40 58.08
N GLU J 715 8.79 -4.99 58.37
CA GLU J 715 8.45 -6.25 57.76
C GLU J 715 8.07 -6.01 56.32
N GLY J 716 9.03 -5.61 55.51
CA GLY J 716 8.76 -5.21 54.15
C GLY J 716 10.04 -4.90 53.42
N LEU J 717 9.92 -4.81 52.10
CA LEU J 717 11.07 -4.74 51.23
C LEU J 717 11.57 -3.30 51.14
N ALA J 718 12.88 -3.13 51.28
CA ALA J 718 13.47 -1.81 51.24
C ALA J 718 13.43 -1.23 49.83
N GLU J 719 13.44 0.09 49.76
CA GLU J 719 13.45 0.76 48.46
C GLU J 719 14.69 0.35 47.67
N ALA J 720 14.51 0.20 46.37
CA ALA J 720 15.57 -0.28 45.51
C ALA J 720 15.84 0.74 44.41
N PRO J 721 17.07 0.78 43.90
CA PRO J 721 17.34 1.61 42.72
C PRO J 721 16.50 1.16 41.54
N GLN J 722 16.05 2.13 40.75
CA GLN J 722 15.23 1.85 39.58
C GLN J 722 15.86 2.49 38.35
N LEU J 723 15.51 1.96 37.19
CA LEU J 723 16.02 2.45 35.92
C LEU J 723 14.86 3.05 35.13
N ARG J 724 14.57 4.32 35.40
CA ARG J 724 13.56 5.01 34.61
C ARG J 724 14.03 5.14 33.18
N LEU J 725 13.15 4.87 32.23
CA LEU J 725 13.44 5.01 30.80
C LEU J 725 12.84 6.32 30.31
N VAL J 726 13.71 7.27 29.99
CA VAL J 726 13.25 8.55 29.46
C VAL J 726 13.04 8.40 27.97
N ILE J 727 11.81 8.11 27.56
CA ILE J 727 11.45 7.97 26.15
C ILE J 727 11.01 9.33 25.64
N ASP J 728 11.78 9.89 24.72
CA ASP J 728 11.34 11.06 23.98
C ASP J 728 10.23 10.62 23.06
N ARG J 729 8.98 10.81 23.49
CA ARG J 729 7.85 10.41 22.66
C ARG J 729 7.87 11.10 21.31
N GLU J 730 8.19 12.40 21.31
CA GLU J 730 8.26 13.14 20.06
C GLU J 730 9.34 12.59 19.14
N GLN J 731 10.55 12.37 19.67
CA GLN J 731 11.63 11.84 18.85
C GLN J 731 11.28 10.48 18.29
N ALA J 732 10.79 9.58 19.15
CA ALA J 732 10.43 8.25 18.68
C ALA J 732 9.36 8.33 17.61
N ARG J 733 8.38 9.20 17.80
CA ARG J 733 7.31 9.34 16.83
C ARG J 733 7.82 9.84 15.49
N THR J 734 8.73 10.81 15.51
CA THR J 734 9.25 11.36 14.26
C THR J 734 9.98 10.31 13.46
N LEU J 735 10.75 9.48 14.12
CA LEU J 735 11.34 8.35 13.41
C LEU J 735 10.30 7.35 12.92
N GLY J 736 9.02 7.60 13.18
CA GLY J 736 7.98 6.67 12.78
C GLY J 736 7.70 5.57 13.76
N VAL J 737 8.06 5.74 15.02
CA VAL J 737 7.91 4.70 16.03
C VAL J 737 6.70 5.02 16.89
N SER J 738 5.71 4.13 16.86
CA SER J 738 4.55 4.28 17.72
C SER J 738 4.92 3.96 19.15
N PHE J 739 4.24 4.59 20.10
CA PHE J 739 4.41 4.19 21.49
C PHE J 739 3.92 2.78 21.72
N GLU J 740 2.97 2.32 20.89
CA GLU J 740 2.48 0.96 21.06
C GLU J 740 3.59 -0.04 20.79
N ALA J 741 4.41 0.23 19.78
CA ALA J 741 5.53 -0.67 19.48
C ALA J 741 6.53 -0.73 20.63
N ILE J 742 6.90 0.43 21.17
CA ILE J 742 7.86 0.45 22.27
C ILE J 742 7.29 -0.28 23.48
N SER J 743 6.04 0.02 23.83
CA SER J 743 5.43 -0.60 24.99
C SER J 743 5.33 -2.11 24.83
N SER J 744 4.89 -2.56 23.66
CA SER J 744 4.79 -4.00 23.42
C SER J 744 6.15 -4.65 23.46
N ALA J 745 7.16 -4.03 22.85
CA ALA J 745 8.47 -4.63 22.80
C ALA J 745 9.07 -4.74 24.20
N LEU J 746 8.97 -3.68 24.99
CA LEU J 746 9.50 -3.74 26.35
C LEU J 746 8.77 -4.79 27.17
N SER J 747 7.44 -4.78 27.11
CA SER J 747 6.66 -5.73 27.91
C SER J 747 7.03 -7.15 27.55
N THR J 748 7.09 -7.47 26.26
CA THR J 748 7.36 -8.84 25.86
C THR J 748 8.81 -9.22 26.09
N ALA J 749 9.77 -8.32 25.87
CA ALA J 749 11.17 -8.71 25.99
C ALA J 749 11.60 -8.84 27.43
N PHE J 750 11.21 -7.92 28.29
CA PHE J 750 11.68 -7.96 29.67
C PHE J 750 10.64 -8.46 30.66
N GLY J 751 9.37 -8.14 30.47
CA GLY J 751 8.40 -8.66 31.41
C GLY J 751 7.84 -10.02 31.07
N SER J 752 8.18 -10.57 29.91
CA SER J 752 7.59 -11.81 29.41
C SER J 752 6.12 -11.63 29.10
N SER J 753 5.67 -12.12 27.95
CA SER J 753 4.27 -12.02 27.57
C SER J 753 3.69 -13.40 27.36
N VAL J 754 2.54 -13.64 27.96
CA VAL J 754 1.76 -14.85 27.74
C VAL J 754 0.93 -14.66 26.49
N ILE J 755 1.17 -15.48 25.48
CA ILE J 755 0.56 -15.25 24.18
C ILE J 755 -0.76 -15.99 24.06
N ASN J 756 -0.71 -17.31 24.13
CA ASN J 756 -1.92 -18.11 24.00
C ASN J 756 -1.76 -19.43 24.73
N ASP J 757 -2.68 -20.35 24.54
CA ASP J 757 -2.78 -21.56 25.36
C ASP J 757 -2.02 -22.70 24.69
N PHE J 758 -1.10 -23.29 25.44
CA PHE J 758 -0.37 -24.48 25.04
C PHE J 758 -1.16 -25.71 25.50
N ALA J 759 -1.66 -26.50 24.54
CA ALA J 759 -2.45 -27.68 24.85
C ALA J 759 -1.50 -28.85 25.10
N ASN J 760 -0.98 -28.91 26.33
CA ASN J 760 0.08 -29.85 26.68
C ASN J 760 -0.52 -31.18 27.13
N ALA J 761 -0.86 -32.02 26.15
CA ALA J 761 -1.35 -33.37 26.42
C ALA J 761 -2.54 -33.37 27.35
N GLY J 762 -3.48 -32.46 27.11
CA GLY J 762 -4.70 -32.39 27.88
C GLY J 762 -4.77 -31.27 28.89
N ARG J 763 -3.63 -30.65 29.20
CA ARG J 763 -3.61 -29.51 30.12
C ARG J 763 -3.44 -28.24 29.31
N GLN J 764 -4.25 -27.24 29.61
CA GLN J 764 -4.16 -25.97 28.91
C GLN J 764 -3.20 -25.03 29.64
N GLN J 765 -1.94 -25.05 29.25
CA GLN J 765 -0.93 -24.18 29.81
C GLN J 765 -0.63 -23.08 28.80
N ARG J 766 0.16 -22.10 29.22
CA ARG J 766 0.31 -20.87 28.47
C ARG J 766 1.71 -20.74 27.89
N VAL J 767 1.79 -20.56 26.57
CA VAL J 767 3.06 -20.26 25.94
C VAL J 767 3.52 -18.88 26.34
N VAL J 768 4.77 -18.77 26.77
CA VAL J 768 5.30 -17.49 27.24
C VAL J 768 6.45 -17.09 26.33
N VAL J 769 6.50 -15.80 26.00
CA VAL J 769 7.57 -15.23 25.19
C VAL J 769 8.35 -14.24 26.03
N GLN J 770 9.66 -14.39 26.04
CA GLN J 770 10.53 -13.50 26.79
C GLN J 770 11.87 -13.43 26.08
N ALA J 771 12.61 -12.36 26.35
CA ALA J 771 13.90 -12.19 25.70
C ALA J 771 14.96 -13.06 26.35
N GLU J 772 16.03 -13.31 25.60
CA GLU J 772 17.03 -14.28 25.99
C GLU J 772 17.75 -13.84 27.26
N GLN J 773 18.24 -14.82 28.02
CA GLN J 773 18.91 -14.53 29.29
C GLN J 773 20.11 -13.61 29.07
N ALA J 774 20.88 -13.85 28.01
CA ALA J 774 22.04 -13.01 27.75
C ALA J 774 21.64 -11.64 27.23
N GLU J 775 20.44 -11.49 26.68
CA GLU J 775 20.02 -10.24 26.05
C GLU J 775 19.15 -9.39 26.97
N ARG J 776 19.06 -9.74 28.25
CA ARG J 776 18.33 -8.89 29.18
C ARG J 776 19.02 -8.81 30.54
N MET J 777 20.33 -9.00 30.60
CA MET J 777 21.02 -8.99 31.88
C MET J 777 21.55 -7.63 32.28
N THR J 778 21.60 -6.68 31.35
CA THR J 778 22.21 -5.38 31.64
C THR J 778 21.31 -4.26 31.17
N PRO J 779 21.48 -3.05 31.73
CA PRO J 779 20.74 -1.90 31.20
C PRO J 779 21.01 -1.64 29.73
N GLU J 780 22.25 -1.87 29.27
CA GLU J 780 22.55 -1.66 27.87
C GLU J 780 21.72 -2.57 26.99
N SER J 781 21.32 -3.73 27.52
CA SER J 781 20.46 -4.63 26.76
C SER J 781 19.10 -4.00 26.49
N VAL J 782 18.62 -3.15 27.40
CA VAL J 782 17.39 -2.42 27.13
C VAL J 782 17.55 -1.55 25.90
N LEU J 783 18.68 -0.85 25.82
CA LEU J 783 18.93 0.00 24.68
C LEU J 783 19.14 -0.79 23.40
N ARG J 784 19.73 -1.98 23.49
CA ARG J 784 20.01 -2.73 22.28
C ARG J 784 18.76 -3.29 21.62
N LEU J 785 17.61 -3.23 22.28
CA LEU J 785 16.37 -3.67 21.67
C LEU J 785 15.99 -2.74 20.52
N HIS J 786 15.31 -3.30 19.53
CA HIS J 786 14.87 -2.55 18.36
C HIS J 786 13.37 -2.64 18.22
N VAL J 787 12.78 -1.58 17.66
CA VAL J 787 11.34 -1.54 17.41
C VAL J 787 11.13 -1.11 15.96
N PRO J 788 10.05 -1.51 15.31
CA PRO J 788 9.84 -1.12 13.92
C PRO J 788 9.19 0.24 13.79
N ASN J 789 9.59 0.96 12.76
CA ASN J 789 9.00 2.23 12.41
C ASN J 789 7.90 2.00 11.38
N ASP J 790 7.32 3.09 10.88
CA ASP J 790 6.25 2.94 9.90
C ASP J 790 6.78 2.51 8.54
N SER J 791 8.05 2.81 8.26
CA SER J 791 8.64 2.52 6.96
C SER J 791 9.20 1.11 6.85
N GLY J 792 9.14 0.32 7.92
CA GLY J 792 9.57 -1.05 7.88
C GLY J 792 10.96 -1.34 8.41
N SER J 793 11.77 -0.32 8.64
CA SER J 793 13.07 -0.53 9.24
C SER J 793 12.93 -0.73 10.74
N LEU J 794 13.98 -1.23 11.37
CA LEU J 794 14.00 -1.45 12.81
C LEU J 794 14.82 -0.35 13.46
N VAL J 795 14.22 0.33 14.44
CA VAL J 795 14.84 1.43 15.16
C VAL J 795 15.37 0.90 16.48
N PRO J 796 16.66 1.04 16.76
CA PRO J 796 17.17 0.65 18.07
C PRO J 796 16.54 1.51 19.15
N LEU J 797 16.37 0.92 20.34
CA LEU J 797 15.83 1.70 21.44
C LEU J 797 16.74 2.87 21.77
N SER J 798 18.04 2.64 21.83
CA SER J 798 18.98 3.68 22.23
C SER J 798 18.89 4.93 21.39
N ALA J 799 18.17 4.89 20.27
CA ALA J 799 18.02 6.08 19.43
C ALA J 799 17.09 7.11 20.07
N PHE J 800 16.21 6.69 20.97
CA PHE J 800 15.26 7.65 21.52
C PHE J 800 14.97 7.46 23.01
N VAL J 801 15.65 6.55 23.70
CA VAL J 801 15.46 6.38 25.13
C VAL J 801 16.81 6.53 25.82
N THR J 802 16.84 7.36 26.86
CA THR J 802 18.00 7.50 27.72
C THR J 802 17.63 7.01 29.11
N THR J 803 18.46 6.13 29.65
CA THR J 803 18.20 5.49 30.93
C THR J 803 18.78 6.37 32.04
N SER J 804 17.92 6.79 32.95
CA SER J 804 18.35 7.53 34.11
C SER J 804 17.97 6.75 35.35
N TRP J 805 18.89 6.62 36.29
CA TRP J 805 18.66 5.87 37.50
C TRP J 805 17.88 6.70 38.50
N GLU J 806 17.03 6.04 39.27
CA GLU J 806 16.37 6.65 40.41
C GLU J 806 15.98 5.55 41.38
N GLU J 807 15.35 5.93 42.48
CA GLU J 807 15.01 5.00 43.55
C GLU J 807 13.50 4.92 43.70
N GLY J 808 12.99 3.72 43.91
CA GLY J 808 11.57 3.51 43.98
C GLY J 808 11.18 2.36 44.88
N PRO J 809 9.87 2.18 45.08
CA PRO J 809 9.38 1.09 45.93
C PRO J 809 9.36 -0.23 45.18
N VAL J 810 10.06 -1.22 45.73
CA VAL J 810 9.92 -2.59 45.26
C VAL J 810 8.69 -3.26 45.86
N GLN J 811 8.18 -2.75 46.98
CA GLN J 811 6.94 -3.22 47.55
C GLN J 811 6.17 -2.05 48.15
N VAL J 812 4.90 -1.94 47.78
CA VAL J 812 4.02 -0.90 48.28
C VAL J 812 2.98 -1.57 49.16
N ALA J 813 2.84 -1.06 50.38
CA ALA J 813 1.91 -1.61 51.36
C ALA J 813 0.81 -0.61 51.62
N ARG J 814 -0.44 -1.06 51.52
CA ARG J 814 -1.60 -0.21 51.79
C ARG J 814 -2.48 -0.91 52.81
N TYR J 815 -3.06 -0.12 53.71
CA TYR J 815 -3.89 -0.63 54.79
C TYR J 815 -5.17 0.18 54.85
N ASN J 816 -6.30 -0.51 54.74
CA ASN J 816 -7.61 0.13 54.70
C ASN J 816 -7.65 1.26 53.67
N GLY J 817 -6.95 1.05 52.56
CA GLY J 817 -6.93 2.02 51.50
C GLY J 817 -5.88 3.10 51.62
N TYR J 818 -5.18 3.18 52.71
CA TYR J 818 -4.16 4.21 52.61
C TYR J 818 -2.78 3.58 52.57
N PRO J 819 -1.82 4.27 51.94
CA PRO J 819 -0.44 3.79 51.98
C PRO J 819 0.03 3.68 53.40
N SER J 820 0.77 2.60 53.67
CA SER J 820 1.19 2.30 55.03
C SER J 820 2.56 1.65 55.01
N ILE J 821 3.18 1.62 56.19
CA ILE J 821 4.38 0.84 56.45
C ILE J 821 4.03 -0.21 57.48
N ARG J 822 4.47 -1.44 57.27
CA ARG J 822 4.23 -2.53 58.21
C ARG J 822 5.45 -2.69 59.11
N ILE J 823 5.35 -2.18 60.32
CA ILE J 823 6.41 -2.25 61.32
C ILE J 823 6.02 -3.30 62.34
N ALA J 824 6.94 -4.21 62.62
CA ALA J 824 6.68 -5.32 63.53
C ALA J 824 7.91 -5.56 64.40
N GLY J 825 7.66 -6.15 65.57
CA GLY J 825 8.75 -6.46 66.47
C GLY J 825 8.21 -7.13 67.71
N ASP J 826 9.11 -7.40 68.65
CA ASP J 826 8.77 -8.03 69.91
C ASP J 826 9.35 -7.22 71.05
N ALA J 827 8.67 -7.27 72.19
CA ALA J 827 9.12 -6.50 73.34
C ALA J 827 10.35 -7.12 73.98
N ALA J 828 11.02 -6.34 74.83
CA ALA J 828 12.16 -6.86 75.56
C ALA J 828 11.71 -7.98 76.48
N PRO J 829 12.59 -8.96 76.74
CA PRO J 829 12.21 -10.07 77.61
C PRO J 829 11.84 -9.59 79.01
N GLY J 830 10.83 -10.21 79.59
CA GLY J 830 10.35 -9.81 80.90
C GLY J 830 9.51 -8.55 80.89
N VAL J 831 9.07 -8.09 79.72
CA VAL J 831 8.31 -6.86 79.59
C VAL J 831 6.97 -7.17 78.95
N SER J 832 5.90 -6.60 79.51
CA SER J 832 4.55 -6.89 79.05
C SER J 832 4.33 -6.32 77.65
N THR J 833 3.44 -6.99 76.90
CA THR J 833 3.10 -6.49 75.57
C THR J 833 2.23 -5.25 75.65
N GLY J 834 1.33 -5.16 76.62
CA GLY J 834 0.50 -3.98 76.74
C GLY J 834 1.31 -2.71 76.97
N GLU J 835 2.35 -2.80 77.80
CA GLU J 835 3.19 -1.64 78.02
C GLU J 835 3.91 -1.24 76.72
N ALA J 836 4.32 -2.23 75.92
CA ALA J 836 4.94 -1.93 74.65
C ALA J 836 3.97 -1.27 73.69
N MET J 837 2.71 -1.73 73.68
CA MET J 837 1.69 -1.09 72.86
C MET J 837 1.50 0.35 73.28
N LEU J 838 1.46 0.60 74.59
CA LEU J 838 1.31 1.98 75.07
C LEU J 838 2.49 2.84 74.66
N GLU J 839 3.71 2.29 74.76
CA GLU J 839 4.90 3.03 74.35
C GLU J 839 4.85 3.34 72.87
N LEU J 840 4.41 2.38 72.05
CA LEU J 840 4.28 2.59 70.62
C LEU J 840 3.26 3.67 70.31
N GLU J 841 2.13 3.66 71.02
CA GLU J 841 1.13 4.71 70.85
C GLU J 841 1.72 6.06 71.18
N ARG J 842 2.47 6.13 72.28
CA ARG J 842 3.09 7.39 72.69
C ARG J 842 4.05 7.90 71.63
N ILE J 843 4.89 7.03 71.10
CA ILE J 843 5.86 7.45 70.09
C ILE J 843 5.15 7.88 68.82
N ALA J 844 4.17 7.11 68.37
CA ALA J 844 3.42 7.46 67.17
C ALA J 844 2.66 8.76 67.32
N ALA J 845 2.31 9.14 68.55
CA ALA J 845 1.71 10.45 68.76
C ALA J 845 2.65 11.57 68.37
N GLU J 846 3.96 11.34 68.43
CA GLU J 846 4.95 12.35 68.07
C GLU J 846 5.19 12.44 66.57
N LEU J 847 4.51 11.62 65.78
CA LEU J 847 4.65 11.67 64.34
C LEU J 847 4.06 12.98 63.79
N PRO J 848 4.53 13.42 62.64
CA PRO J 848 3.92 14.58 62.01
C PRO J 848 2.46 14.32 61.72
N GLU J 849 1.66 15.38 61.83
CA GLU J 849 0.22 15.27 61.61
C GLU J 849 -0.05 14.73 60.20
N GLY J 850 -1.05 13.85 60.10
CA GLY J 850 -1.39 13.20 58.85
C GLY J 850 -0.92 11.76 58.76
N ILE J 851 0.00 11.34 59.61
CA ILE J 851 0.48 9.96 59.61
C ILE J 851 -0.32 9.20 60.67
N GLY J 852 -1.20 8.30 60.21
CA GLY J 852 -2.00 7.49 61.10
C GLY J 852 -1.28 6.20 61.46
N TYR J 853 -1.74 5.59 62.55
CA TYR J 853 -1.24 4.30 62.96
C TYR J 853 -2.42 3.40 63.28
N GLU J 854 -2.28 2.11 62.93
CA GLU J 854 -3.39 1.15 63.12
C GLU J 854 -2.85 -0.24 63.46
N TRP J 855 -3.36 -0.86 64.52
CA TRP J 855 -2.98 -2.21 64.92
C TRP J 855 -3.66 -3.22 64.01
N THR J 856 -3.07 -4.40 63.91
CA THR J 856 -3.55 -5.41 62.97
C THR J 856 -3.34 -6.79 63.56
N GLY J 857 -4.35 -7.63 63.40
CA GLY J 857 -4.27 -9.01 63.82
C GLY J 857 -4.04 -9.19 65.32
N LEU J 858 -2.84 -9.65 65.67
CA LEU J 858 -2.57 -10.04 67.05
C LEU J 858 -2.76 -8.85 67.99
N SER J 859 -2.24 -7.69 67.61
CA SER J 859 -2.37 -6.52 68.47
C SER J 859 -3.82 -6.11 68.66
N TYR J 860 -4.59 -6.10 67.58
CA TYR J 860 -5.99 -5.71 67.68
C TYR J 860 -6.75 -6.66 68.60
N GLN J 861 -6.47 -7.96 68.49
CA GLN J 861 -7.23 -8.90 69.29
C GLN J 861 -6.78 -8.91 70.74
N GLU J 862 -5.48 -8.67 70.98
CA GLU J 862 -5.04 -8.43 72.34
C GLU J 862 -5.76 -7.22 72.94
N ARG J 863 -5.95 -6.19 72.12
CA ARG J 863 -6.68 -5.00 72.58
C ARG J 863 -8.09 -5.37 73.01
N VAL J 864 -8.85 -6.06 72.16
CA VAL J 864 -10.24 -6.33 72.51
C VAL J 864 -10.32 -7.26 73.71
N ALA J 865 -9.38 -8.22 73.82
CA ALA J 865 -9.38 -9.11 74.97
C ALA J 865 -9.18 -8.34 76.27
N SER J 866 -8.14 -7.49 76.31
CA SER J 866 -7.90 -6.69 77.50
C SER J 866 -9.08 -5.80 77.81
N GLY J 867 -9.79 -5.35 76.77
CA GLY J 867 -11.00 -4.57 77.01
C GLY J 867 -12.10 -5.37 77.67
N GLN J 868 -12.30 -6.62 77.24
CA GLN J 868 -13.48 -7.38 77.66
C GLN J 868 -13.32 -8.07 79.01
N ALA J 869 -12.08 -8.37 79.41
CA ALA J 869 -11.88 -9.21 80.60
C ALA J 869 -12.56 -8.62 81.84
N THR J 870 -12.55 -7.30 81.98
CA THR J 870 -12.99 -6.68 83.24
C THR J 870 -14.49 -6.88 83.46
N MET J 871 -15.32 -6.39 82.54
CA MET J 871 -16.75 -6.58 82.73
C MET J 871 -17.14 -8.04 82.60
N LEU J 872 -16.29 -8.86 81.98
CA LEU J 872 -16.49 -10.30 82.10
C LEU J 872 -16.45 -10.75 83.55
N PHE J 873 -15.38 -10.40 84.27
CA PHE J 873 -15.28 -10.75 85.68
C PHE J 873 -16.46 -10.20 86.46
N ALA J 874 -16.84 -8.95 86.16
CA ALA J 874 -17.93 -8.32 86.90
C ALA J 874 -19.25 -9.06 86.71
N LEU J 875 -19.58 -9.41 85.47
CA LEU J 875 -20.83 -10.12 85.21
C LEU J 875 -20.81 -11.48 85.90
N ALA J 876 -19.67 -12.16 85.85
CA ALA J 876 -19.56 -13.45 86.54
C ALA J 876 -19.86 -13.30 88.03
N ILE J 877 -19.24 -12.31 88.67
CA ILE J 877 -19.41 -12.15 90.11
C ILE J 877 -20.85 -11.78 90.46
N THR J 878 -21.45 -10.86 89.71
CA THR J 878 -22.82 -10.48 90.04
C THR J 878 -23.78 -11.66 89.84
N VAL J 879 -23.55 -12.49 88.83
CA VAL J 879 -24.46 -13.60 88.62
C VAL J 879 -24.30 -14.65 89.72
N VAL J 880 -23.05 -14.93 90.14
CA VAL J 880 -22.90 -15.91 91.21
C VAL J 880 -23.54 -15.38 92.49
N PHE J 881 -23.42 -14.07 92.74
CA PHE J 881 -24.13 -13.48 93.88
C PHE J 881 -25.62 -13.75 93.79
N LEU J 882 -26.20 -13.49 92.62
CA LEU J 882 -27.65 -13.62 92.48
C LEU J 882 -28.10 -15.07 92.68
N LEU J 883 -27.36 -16.02 92.11
CA LEU J 883 -27.73 -17.42 92.31
C LEU J 883 -27.56 -17.83 93.77
N LEU J 884 -26.56 -17.27 94.45
CA LEU J 884 -26.33 -17.61 95.84
C LEU J 884 -27.43 -17.08 96.74
N VAL J 885 -27.88 -15.85 96.50
CA VAL J 885 -29.02 -15.34 97.28
C VAL J 885 -30.28 -16.12 96.93
N ALA J 886 -30.41 -16.60 95.70
CA ALA J 886 -31.54 -17.46 95.37
C ALA J 886 -31.51 -18.72 96.21
N LEU J 887 -30.37 -19.40 96.25
CA LEU J 887 -30.32 -20.71 96.89
C LEU J 887 -30.40 -20.59 98.41
N TYR J 888 -29.72 -19.60 98.98
CA TYR J 888 -29.57 -19.50 100.42
C TYR J 888 -30.70 -18.74 101.10
N GLU J 889 -31.65 -18.18 100.36
CA GLU J 889 -32.79 -17.49 100.96
C GLU J 889 -32.30 -16.43 101.93
N SER J 890 -31.24 -15.73 101.53
CA SER J 890 -30.57 -14.77 102.39
C SER J 890 -29.67 -13.88 101.54
N TRP J 891 -29.16 -12.83 102.16
CA TRP J 891 -28.10 -12.04 101.56
C TRP J 891 -26.79 -12.23 102.29
N ALA J 892 -26.86 -12.31 103.62
CA ALA J 892 -25.65 -12.48 104.42
C ALA J 892 -24.90 -13.73 104.01
N ILE J 893 -25.62 -14.86 103.86
CA ILE J 893 -24.95 -16.11 103.45
C ILE J 893 -24.29 -15.95 102.09
N PRO J 894 -24.93 -15.35 101.07
CA PRO J 894 -24.20 -15.09 99.83
C PRO J 894 -22.92 -14.29 100.00
N LEU J 895 -22.93 -13.16 100.71
CA LEU J 895 -21.64 -12.48 100.84
C LEU J 895 -20.65 -13.34 101.60
N THR J 896 -21.17 -14.08 102.60
CA THR J 896 -20.30 -15.01 103.39
C THR J 896 -19.53 -15.90 102.43
N VAL J 897 -20.24 -16.60 101.55
CA VAL J 897 -19.55 -17.54 100.68
C VAL J 897 -18.68 -16.80 99.67
N MET J 898 -19.19 -15.70 99.09
CA MET J 898 -18.39 -14.99 98.08
C MET J 898 -17.08 -14.47 98.64
N LEU J 899 -16.95 -14.37 99.95
CA LEU J 899 -15.65 -14.00 100.50
C LEU J 899 -14.55 -15.01 100.18
N ILE J 900 -14.87 -16.14 99.55
CA ILE J 900 -13.89 -17.22 99.43
C ILE J 900 -12.93 -16.96 98.26
N VAL J 901 -13.40 -16.37 97.17
CA VAL J 901 -12.64 -16.41 95.91
C VAL J 901 -11.31 -15.67 95.96
N PRO J 902 -11.12 -14.62 96.77
CA PRO J 902 -9.79 -14.01 96.79
C PRO J 902 -8.71 -14.97 97.24
N VAL J 903 -9.03 -15.98 98.03
CA VAL J 903 -7.98 -16.91 98.46
C VAL J 903 -7.53 -17.79 97.29
N GLY J 904 -8.48 -18.26 96.46
CA GLY J 904 -8.09 -19.02 95.29
C GLY J 904 -7.33 -18.18 94.28
N ALA J 905 -7.78 -16.94 94.09
CA ALA J 905 -7.04 -16.03 93.22
C ALA J 905 -5.63 -15.79 93.75
N LEU J 906 -5.50 -15.62 95.06
CA LEU J 906 -4.19 -15.42 95.67
C LEU J 906 -3.29 -16.62 95.42
N GLY J 907 -3.82 -17.82 95.59
CA GLY J 907 -3.01 -19.00 95.33
C GLY J 907 -2.54 -19.07 93.90
N ALA J 908 -3.45 -18.85 92.95
CA ALA J 908 -3.05 -18.90 91.54
C ALA J 908 -2.02 -17.85 91.23
N VAL J 909 -2.22 -16.63 91.73
CA VAL J 909 -1.30 -15.54 91.43
C VAL J 909 0.08 -15.81 92.02
N LEU J 910 0.14 -16.26 93.26
CA LEU J 910 1.45 -16.52 93.85
C LEU J 910 2.16 -17.65 93.11
N ALA J 911 1.43 -18.71 92.75
CA ALA J 911 2.07 -19.81 92.04
C ALA J 911 2.63 -19.35 90.69
N VAL J 912 1.80 -18.65 89.92
CA VAL J 912 2.24 -18.23 88.60
C VAL J 912 3.39 -17.24 88.69
N THR J 913 3.36 -16.35 89.70
CA THR J 913 4.46 -15.41 89.86
C THR J 913 5.74 -16.11 90.28
N ALA J 914 5.63 -17.13 91.14
CA ALA J 914 6.81 -17.89 91.53
C ALA J 914 7.44 -18.57 90.34
N ILE J 915 6.62 -19.17 89.46
CA ILE J 915 7.18 -19.74 88.25
C ILE J 915 7.35 -18.71 87.15
N GLY J 916 6.71 -17.55 87.26
CA GLY J 916 6.98 -16.45 86.37
C GLY J 916 6.20 -16.45 85.07
N LEU J 917 5.18 -17.29 84.95
CA LEU J 917 4.39 -17.30 83.73
C LEU J 917 3.54 -16.03 83.64
N PRO J 918 3.19 -15.61 82.44
CA PRO J 918 2.41 -14.39 82.27
C PRO J 918 0.93 -14.65 82.50
N ASN J 919 0.13 -13.60 82.37
CA ASN J 919 -1.31 -13.69 82.56
C ASN J 919 -1.95 -14.06 81.22
N ASP J 920 -1.69 -15.29 80.78
CA ASP J 920 -2.19 -15.77 79.51
C ASP J 920 -3.63 -16.24 79.65
N VAL J 921 -4.20 -16.74 78.56
CA VAL J 921 -5.57 -17.24 78.62
C VAL J 921 -5.63 -18.51 79.44
N TYR J 922 -4.61 -19.37 79.30
CA TYR J 922 -4.61 -20.65 79.99
C TYR J 922 -4.58 -20.46 81.50
N PHE J 923 -3.76 -19.52 81.98
CA PHE J 923 -3.79 -19.22 83.40
C PHE J 923 -5.13 -18.66 83.82
N LYS J 924 -5.75 -17.85 82.95
CA LYS J 924 -7.03 -17.23 83.29
C LYS J 924 -8.11 -18.29 83.50
N VAL J 925 -8.16 -19.28 82.61
CA VAL J 925 -9.16 -20.33 82.77
C VAL J 925 -8.81 -21.24 83.95
N GLY J 926 -7.52 -21.49 84.16
CA GLY J 926 -7.15 -22.21 85.38
C GLY J 926 -7.62 -21.48 86.61
N LEU J 927 -7.49 -20.16 86.62
CA LEU J 927 -7.97 -19.36 87.73
C LEU J 927 -9.47 -19.48 87.90
N ILE J 928 -10.22 -19.43 86.80
CA ILE J 928 -11.67 -19.45 86.93
C ILE J 928 -12.15 -20.82 87.40
N THR J 929 -11.49 -21.90 86.97
CA THR J 929 -11.90 -23.21 87.47
C THR J 929 -11.46 -23.42 88.92
N VAL J 930 -10.34 -22.82 89.32
CA VAL J 930 -9.97 -22.82 90.73
C VAL J 930 -11.02 -22.08 91.56
N ILE J 931 -11.49 -20.94 91.04
CA ILE J 931 -12.56 -20.20 91.71
C ILE J 931 -13.80 -21.08 91.82
N GLY J 932 -14.09 -21.83 90.77
CA GLY J 932 -15.22 -22.73 90.82
C GLY J 932 -15.08 -23.78 91.89
N LEU J 933 -13.88 -24.37 92.00
CA LEU J 933 -13.66 -25.37 93.04
C LEU J 933 -13.78 -24.75 94.43
N ALA J 934 -13.23 -23.55 94.61
CA ALA J 934 -13.31 -22.89 95.90
C ALA J 934 -14.76 -22.59 96.26
N ALA J 935 -15.55 -22.16 95.28
CA ALA J 935 -16.96 -21.94 95.53
C ALA J 935 -17.67 -23.23 95.90
N LYS J 936 -17.37 -24.32 95.19
CA LYS J 936 -17.95 -25.62 95.55
C LYS J 936 -17.59 -25.97 96.99
N ASN J 937 -16.35 -25.72 97.36
CA ASN J 937 -15.87 -26.00 98.71
C ASN J 937 -16.65 -25.17 99.72
N ALA J 938 -16.80 -23.89 99.42
CA ALA J 938 -17.48 -22.97 100.34
C ALA J 938 -18.92 -23.35 100.53
N ILE J 939 -19.62 -23.70 99.45
CA ILE J 939 -20.97 -24.21 99.63
C ILE J 939 -20.96 -25.48 100.45
N LEU J 940 -20.05 -26.42 100.14
CA LEU J 940 -20.04 -27.71 100.81
C LEU J 940 -19.84 -27.56 102.32
N ILE J 941 -19.22 -26.47 102.74
CA ILE J 941 -19.19 -26.14 104.17
C ILE J 941 -20.48 -25.47 104.62
N VAL J 942 -20.90 -24.45 103.88
CA VAL J 942 -21.84 -23.50 104.44
C VAL J 942 -23.28 -23.98 104.34
N GLU J 943 -23.60 -24.89 103.42
CA GLU J 943 -25.00 -25.33 103.37
C GLU J 943 -25.30 -26.16 104.59
N PHE J 944 -24.34 -26.99 105.00
CA PHE J 944 -24.50 -27.76 106.23
C PHE J 944 -24.42 -26.85 107.44
N ALA J 945 -23.57 -25.81 107.39
CA ALA J 945 -23.55 -24.84 108.48
C ALA J 945 -24.92 -24.19 108.66
N LYS J 946 -25.53 -23.75 107.56
CA LYS J 946 -26.87 -23.17 107.61
C LYS J 946 -27.89 -24.19 108.09
N ASP J 947 -27.78 -25.43 107.63
CA ASP J 947 -28.71 -26.48 108.04
C ASP J 947 -28.65 -26.68 109.55
N LEU J 948 -27.45 -26.72 110.12
CA LEU J 948 -27.31 -26.88 111.55
C LEU J 948 -27.83 -25.65 112.30
N TRP J 949 -27.48 -24.46 111.82
CA TRP J 949 -27.89 -23.24 112.52
C TRP J 949 -29.37 -22.96 112.39
N GLU J 950 -30.04 -23.62 111.46
CA GLU J 950 -31.50 -23.59 111.48
C GLU J 950 -32.09 -24.71 112.34
N ASP J 951 -31.29 -25.68 112.74
CA ASP J 951 -31.73 -26.78 113.58
C ASP J 951 -31.56 -26.51 115.07
N GLY J 952 -31.17 -25.29 115.44
CA GLY J 952 -31.00 -24.93 116.83
C GLY J 952 -29.57 -24.88 117.31
N TYR J 953 -28.62 -25.32 116.49
CA TYR J 953 -27.22 -25.24 116.88
C TYR J 953 -26.77 -23.79 117.02
N SER J 954 -25.89 -23.56 117.99
CA SER J 954 -25.33 -22.23 118.16
C SER J 954 -24.45 -21.89 116.96
N LEU J 955 -24.36 -20.60 116.66
CA LEU J 955 -23.64 -20.16 115.46
C LEU J 955 -22.22 -20.70 115.44
N ARG J 956 -21.48 -20.47 116.53
CA ARG J 956 -20.13 -21.00 116.61
C ARG J 956 -20.11 -22.53 116.60
N ASP J 957 -20.99 -23.17 117.37
CA ASP J 957 -21.01 -24.63 117.37
C ASP J 957 -21.45 -25.18 116.02
N ALA J 958 -22.46 -24.55 115.41
CA ALA J 958 -22.92 -25.01 114.11
C ALA J 958 -21.80 -24.92 113.08
N ALA J 959 -21.10 -23.80 113.04
CA ALA J 959 -20.01 -23.64 112.08
C ALA J 959 -18.91 -24.65 112.32
N VAL J 960 -18.50 -24.83 113.57
CA VAL J 960 -17.37 -25.72 113.86
C VAL J 960 -17.73 -27.15 113.52
N GLU J 961 -18.94 -27.59 113.88
CA GLU J 961 -19.36 -28.94 113.54
C GLU J 961 -19.48 -29.11 112.03
N ALA J 962 -20.00 -28.11 111.34
CA ALA J 962 -20.11 -28.20 109.89
C ALA J 962 -18.74 -28.37 109.26
N ALA J 963 -17.77 -27.59 109.69
CA ALA J 963 -16.42 -27.75 109.18
C ALA J 963 -15.86 -29.13 109.54
N ARG J 964 -16.17 -29.62 110.75
CA ARG J 964 -15.65 -30.92 111.15
C ARG J 964 -16.14 -32.02 110.22
N LEU J 965 -17.44 -32.02 109.90
CA LEU J 965 -17.97 -33.15 109.14
C LEU J 965 -17.86 -32.91 107.64
N ARG J 966 -17.45 -31.71 107.23
CA ARG J 966 -17.12 -31.46 105.83
C ARG J 966 -15.61 -31.40 105.58
N PHE J 967 -14.80 -31.58 106.60
CA PHE J 967 -13.35 -31.54 106.42
C PHE J 967 -12.87 -32.69 105.54
N ARG J 968 -13.34 -33.91 105.81
CA ARG J 968 -12.83 -35.08 105.11
C ARG J 968 -12.99 -34.98 103.59
N PRO J 969 -14.19 -34.75 103.04
CA PRO J 969 -14.28 -34.69 101.58
C PRO J 969 -13.58 -33.49 101.00
N ILE J 970 -13.39 -32.45 101.80
CA ILE J 970 -12.73 -31.24 101.33
C ILE J 970 -11.29 -31.56 100.92
N ILE J 971 -10.50 -32.06 101.88
CA ILE J 971 -9.12 -32.45 101.60
C ILE J 971 -9.10 -33.63 100.64
N MET J 972 -10.13 -34.47 100.68
CA MET J 972 -10.25 -35.60 99.77
C MET J 972 -10.21 -35.14 98.31
N THR J 973 -11.19 -34.34 97.91
CA THR J 973 -11.24 -33.84 96.54
C THR J 973 -10.04 -32.95 96.25
N SER J 974 -9.55 -32.22 97.26
CA SER J 974 -8.37 -31.40 97.05
C SER J 974 -7.20 -32.24 96.59
N MET J 975 -6.93 -33.34 97.28
CA MET J 975 -5.78 -34.17 96.93
C MET J 975 -6.00 -34.87 95.61
N ALA J 976 -7.24 -35.29 95.33
CA ALA J 976 -7.53 -35.89 94.04
C ALA J 976 -7.20 -34.93 92.90
N PHE J 977 -7.66 -33.69 93.02
CA PHE J 977 -7.40 -32.68 91.99
C PHE J 977 -5.90 -32.37 91.90
N MET J 978 -5.24 -32.28 93.06
CA MET J 978 -3.79 -32.15 93.10
C MET J 978 -3.12 -33.15 92.17
N LEU J 979 -3.28 -34.42 92.47
CA LEU J 979 -2.54 -35.43 91.74
C LEU J 979 -3.07 -35.64 90.34
N GLY J 980 -4.29 -35.19 90.05
CA GLY J 980 -4.79 -35.25 88.69
C GLY J 980 -4.19 -34.20 87.78
N VAL J 981 -3.88 -33.03 88.30
CA VAL J 981 -3.34 -31.96 87.46
C VAL J 981 -1.83 -31.79 87.61
N VAL J 982 -1.18 -32.50 88.53
CA VAL J 982 0.28 -32.41 88.59
C VAL J 982 0.95 -32.80 87.28
N PRO J 983 0.48 -33.79 86.50
CA PRO J 983 1.11 -34.01 85.19
C PRO J 983 0.99 -32.83 84.25
N LEU J 984 -0.05 -32.01 84.38
CA LEU J 984 -0.21 -30.87 83.50
C LEU J 984 0.92 -29.87 83.67
N ALA J 985 1.25 -29.54 84.91
CA ALA J 985 2.24 -28.49 85.15
C ALA J 985 3.65 -28.97 84.82
N ILE J 986 3.90 -30.27 84.91
CA ILE J 986 5.22 -30.81 84.64
C ILE J 986 5.31 -31.32 83.20
N ALA J 987 4.32 -30.95 82.37
CA ALA J 987 4.26 -31.44 81.01
C ALA J 987 5.42 -30.88 80.17
N THR J 988 5.95 -31.75 79.31
CA THR J 988 6.99 -31.38 78.37
C THR J 988 6.66 -31.95 77.00
N GLY J 989 7.14 -31.29 75.96
CA GLY J 989 6.89 -31.74 74.60
C GLY J 989 5.92 -30.88 73.84
N ALA J 990 5.10 -31.52 72.98
CA ALA J 990 4.19 -30.79 72.12
C ALA J 990 3.06 -30.17 72.92
N GLY J 991 2.77 -28.90 72.64
CA GLY J 991 1.74 -28.19 73.37
C GLY J 991 2.03 -28.03 74.84
N ALA J 992 3.27 -28.22 75.26
CA ALA J 992 3.57 -28.27 76.68
C ALA J 992 3.38 -26.92 77.36
N ALA J 993 3.56 -25.83 76.63
CA ALA J 993 3.45 -24.51 77.25
C ALA J 993 2.05 -24.26 77.77
N SER J 994 1.03 -24.60 76.97
CA SER J 994 -0.34 -24.44 77.41
C SER J 994 -0.64 -25.32 78.61
N GLN J 995 -0.20 -26.58 78.56
CA GLN J 995 -0.49 -27.50 79.65
C GLN J 995 0.18 -27.05 80.94
N ARG J 996 1.39 -26.52 80.85
CA ARG J 996 2.08 -26.02 82.03
C ARG J 996 1.42 -24.76 82.58
N ALA J 997 1.03 -23.84 81.69
CA ALA J 997 0.34 -22.64 82.14
C ALA J 997 -0.95 -22.98 82.84
N LEU J 998 -1.66 -24.00 82.36
CA LEU J 998 -2.75 -24.56 83.14
C LEU J 998 -2.25 -25.07 84.49
N GLY J 999 -1.40 -26.09 84.46
CA GLY J 999 -1.13 -26.87 85.65
C GLY J 999 -0.64 -26.03 86.82
N THR J 1000 0.32 -25.15 86.56
CA THR J 1000 0.84 -24.36 87.68
C THR J 1000 -0.24 -23.46 88.28
N GLY J 1001 -1.03 -22.79 87.43
CA GLY J 1001 -2.05 -21.89 87.94
C GLY J 1001 -3.13 -22.62 88.71
N VAL J 1002 -3.63 -23.73 88.15
CA VAL J 1002 -4.69 -24.46 88.83
C VAL J 1002 -4.15 -25.05 90.13
N LEU J 1003 -2.95 -25.65 90.09
CA LEU J 1003 -2.41 -26.27 91.29
C LEU J 1003 -2.26 -25.24 92.39
N GLY J 1004 -1.68 -24.07 92.09
CA GLY J 1004 -1.51 -23.06 93.12
C GLY J 1004 -2.83 -22.52 93.65
N GLY J 1005 -3.74 -22.17 92.73
CA GLY J 1005 -5.00 -21.59 93.16
C GLY J 1005 -5.80 -22.54 94.02
N MET J 1006 -5.91 -23.80 93.59
CA MET J 1006 -6.66 -24.77 94.37
C MET J 1006 -5.93 -25.14 95.66
N LEU J 1007 -4.60 -25.13 95.65
CA LEU J 1007 -3.84 -25.34 96.87
C LEU J 1007 -4.21 -24.31 97.92
N SER J 1008 -4.26 -23.03 97.52
CA SER J 1008 -4.67 -21.98 98.49
C SER J 1008 -6.14 -22.15 98.85
N ALA J 1009 -7.00 -22.43 97.88
CA ALA J 1009 -8.43 -22.52 98.15
C ALA J 1009 -8.74 -23.64 99.13
N THR J 1010 -7.89 -24.66 99.18
CA THR J 1010 -8.05 -25.72 100.17
C THR J 1010 -7.36 -25.39 101.48
N MET J 1011 -6.05 -25.13 101.44
CA MET J 1011 -5.30 -24.95 102.68
C MET J 1011 -5.80 -23.74 103.45
N LEU J 1012 -6.11 -22.66 102.76
CA LEU J 1012 -6.59 -21.45 103.42
C LEU J 1012 -8.10 -21.40 103.50
N GLY J 1013 -8.81 -22.00 102.54
CA GLY J 1013 -10.25 -21.91 102.54
C GLY J 1013 -10.89 -22.68 103.67
N VAL J 1014 -10.39 -23.88 103.96
CA VAL J 1014 -11.03 -24.73 104.96
C VAL J 1014 -10.96 -24.08 106.34
N ILE J 1015 -9.93 -23.26 106.58
CA ILE J 1015 -9.81 -22.55 107.85
C ILE J 1015 -10.66 -21.30 107.86
N PHE J 1016 -10.67 -20.56 106.75
CA PHE J 1016 -11.26 -19.25 106.73
C PHE J 1016 -12.78 -19.27 106.55
N VAL J 1017 -13.31 -20.28 105.86
CA VAL J 1017 -14.74 -20.28 105.54
C VAL J 1017 -15.62 -20.28 106.78
N PRO J 1018 -15.42 -21.16 107.77
CA PRO J 1018 -16.25 -21.06 108.98
C PRO J 1018 -16.10 -19.73 109.70
N ILE J 1019 -14.89 -19.15 109.67
CA ILE J 1019 -14.68 -17.84 110.27
C ILE J 1019 -15.54 -16.80 109.55
N PHE J 1020 -15.52 -16.84 108.22
CA PHE J 1020 -16.38 -15.95 107.45
C PHE J 1020 -17.83 -16.17 107.82
N PHE J 1021 -18.22 -17.43 108.00
CA PHE J 1021 -19.62 -17.74 108.31
C PHE J 1021 -20.03 -17.06 109.61
N VAL J 1022 -19.23 -17.25 110.66
CA VAL J 1022 -19.63 -16.73 111.96
C VAL J 1022 -19.59 -15.21 111.97
N TRP J 1023 -18.53 -14.62 111.38
CA TRP J 1023 -18.51 -13.16 111.24
C TRP J 1023 -19.75 -12.65 110.52
N VAL J 1024 -19.98 -13.07 109.28
CA VAL J 1024 -21.08 -12.48 108.53
C VAL J 1024 -22.40 -12.68 109.26
N LEU J 1025 -22.63 -13.86 109.84
CA LEU J 1025 -23.91 -14.03 110.52
C LEU J 1025 -23.95 -13.27 111.84
N SER J 1026 -22.80 -12.85 112.37
CA SER J 1026 -22.80 -12.06 113.60
C SER J 1026 -22.98 -10.57 113.31
N LEU J 1027 -22.12 -10.02 112.46
CA LEU J 1027 -22.10 -8.60 112.18
C LEU J 1027 -23.41 -8.13 111.59
N LEU J 1028 -23.97 -8.89 110.66
CA LEU J 1028 -25.28 -8.56 110.13
C LEU J 1028 -26.40 -8.99 111.06
N ARG J 1029 -26.09 -9.74 112.11
CA ARG J 1029 -27.06 -10.19 113.11
C ARG J 1029 -28.17 -11.00 112.46
N THR J 1030 -27.78 -11.96 111.63
CA THR J 1030 -28.75 -12.81 110.94
C THR J 1030 -29.46 -13.73 111.92
N LYS J 1031 -30.71 -14.02 111.64
CA LYS J 1031 -31.55 -14.87 112.47
C LYS J 1031 -32.00 -16.10 111.69
N PRO J 1032 -32.13 -17.26 112.35
CA PRO J 1032 -32.56 -18.47 111.66
C PRO J 1032 -34.07 -18.47 111.43
N MET K 1 -51.47 -36.67 86.02
CA MET K 1 -51.71 -36.31 84.63
C MET K 1 -52.93 -37.01 83.98
N PRO K 2 -53.07 -38.33 84.14
CA PRO K 2 -54.30 -38.99 83.65
C PRO K 2 -55.56 -38.61 84.41
N LEU K 3 -55.54 -38.68 85.74
CA LEU K 3 -56.72 -38.26 86.51
C LEU K 3 -57.00 -36.78 86.27
N PHE K 4 -55.96 -35.99 86.03
CA PHE K 4 -56.14 -34.57 85.74
C PHE K 4 -57.12 -34.36 84.60
N PHE K 5 -56.91 -35.04 83.48
CA PHE K 5 -57.86 -34.92 82.39
C PHE K 5 -59.12 -35.75 82.59
N ILE K 6 -59.08 -36.75 83.46
CA ILE K 6 -60.34 -37.46 83.73
C ILE K 6 -61.32 -36.54 84.44
N ARG K 7 -60.85 -35.75 85.41
CA ARG K 7 -61.75 -34.87 86.15
C ARG K 7 -62.13 -33.62 85.37
N ARG K 8 -61.29 -33.25 84.40
CA ARG K 8 -61.56 -32.04 83.55
C ARG K 8 -61.65 -32.47 82.09
N PRO K 9 -62.83 -32.94 81.62
CA PRO K 9 -62.97 -33.40 80.23
C PRO K 9 -62.76 -32.28 79.21
N ASN K 10 -63.27 -31.08 79.51
CA ASN K 10 -63.17 -29.95 78.54
C ASN K 10 -61.70 -29.61 78.27
N PHE K 11 -60.83 -29.73 79.28
CA PHE K 11 -59.41 -29.50 79.03
C PHE K 11 -58.89 -30.41 77.93
N ALA K 12 -59.14 -31.71 78.04
CA ALA K 12 -58.69 -32.63 77.02
C ALA K 12 -59.37 -32.36 75.69
N TRP K 13 -60.68 -32.10 75.73
CA TRP K 13 -61.40 -31.76 74.51
C TRP K 13 -60.77 -30.56 73.82
N VAL K 14 -60.40 -29.55 74.59
CA VAL K 14 -59.85 -28.34 74.02
C VAL K 14 -58.45 -28.59 73.46
N VAL K 15 -57.64 -29.39 74.15
CA VAL K 15 -56.30 -29.68 73.64
C VAL K 15 -56.40 -30.41 72.30
N ALA K 16 -57.28 -31.41 72.23
CA ALA K 16 -57.46 -32.12 70.97
C ALA K 16 -57.99 -31.19 69.89
N LEU K 17 -58.94 -30.31 70.23
CA LEU K 17 -59.44 -29.37 69.24
C LEU K 17 -58.37 -28.38 68.82
N PHE K 18 -57.48 -28.02 69.73
CA PHE K 18 -56.32 -27.20 69.38
C PHE K 18 -55.51 -27.87 68.29
N ILE K 19 -55.13 -29.13 68.52
CA ILE K 19 -54.26 -29.78 67.56
C ILE K 19 -54.99 -29.99 66.25
N SER K 20 -56.29 -30.25 66.30
CA SER K 20 -57.06 -30.41 65.07
C SER K 20 -57.13 -29.10 64.30
N LEU K 21 -57.38 -27.99 64.99
CA LEU K 21 -57.47 -26.70 64.34
C LEU K 21 -56.14 -26.33 63.72
N GLY K 22 -55.04 -26.60 64.42
CA GLY K 22 -53.73 -26.42 63.81
C GLY K 22 -53.57 -27.24 62.56
N GLY K 23 -53.98 -28.50 62.61
CA GLY K 23 -53.98 -29.32 61.41
C GLY K 23 -54.69 -28.64 60.26
N LEU K 24 -55.99 -28.37 60.41
CA LEU K 24 -56.75 -27.77 59.33
C LEU K 24 -56.12 -26.47 58.84
N LEU K 25 -55.58 -25.66 59.74
CA LEU K 25 -55.04 -24.38 59.30
C LEU K 25 -53.68 -24.53 58.64
N VAL K 26 -53.06 -25.70 58.72
CA VAL K 26 -51.79 -25.88 58.04
C VAL K 26 -51.90 -26.59 56.69
N ILE K 27 -53.00 -27.30 56.42
CA ILE K 27 -53.16 -27.96 55.12
C ILE K 27 -53.01 -27.00 53.94
N PRO K 28 -53.67 -25.83 53.90
CA PRO K 28 -53.61 -25.02 52.67
C PRO K 28 -52.20 -24.69 52.20
N PHE K 29 -51.18 -24.91 53.01
CA PHE K 29 -49.81 -24.71 52.56
C PHE K 29 -49.04 -26.01 52.33
N LEU K 30 -49.72 -27.13 52.16
CA LEU K 30 -49.02 -28.40 52.04
C LEU K 30 -48.23 -28.44 50.74
N PRO K 31 -46.93 -28.75 50.78
CA PRO K 31 -46.23 -29.08 49.53
C PRO K 31 -46.53 -30.50 49.11
N VAL K 32 -46.95 -30.64 47.86
CA VAL K 32 -47.20 -31.96 47.29
C VAL K 32 -46.23 -32.16 46.15
N ALA K 33 -45.89 -33.42 45.89
CA ALA K 33 -44.89 -33.75 44.88
C ALA K 33 -44.92 -35.26 44.65
N GLN K 34 -44.42 -35.67 43.48
CA GLN K 34 -44.36 -37.08 43.12
C GLN K 34 -43.64 -37.90 44.18
N TYR K 35 -42.36 -37.61 44.37
CA TYR K 35 -41.58 -38.04 45.51
C TYR K 35 -40.80 -36.84 46.01
N PRO K 36 -40.24 -36.93 47.21
CA PRO K 36 -39.35 -35.85 47.65
C PRO K 36 -38.09 -35.81 46.82
N ASN K 37 -37.21 -34.87 47.14
CA ASN K 37 -35.96 -34.79 46.42
C ASN K 37 -35.07 -35.93 46.88
N VAL K 38 -35.49 -37.16 46.56
CA VAL K 38 -34.72 -38.34 46.95
C VAL K 38 -33.41 -38.40 46.19
N ALA K 39 -33.43 -38.10 44.90
CA ALA K 39 -32.19 -38.10 44.12
C ALA K 39 -31.28 -36.99 44.61
N PRO K 40 -29.97 -37.18 44.54
CA PRO K 40 -29.06 -36.15 45.03
C PRO K 40 -29.17 -34.90 44.19
N PRO K 41 -28.94 -33.72 44.79
CA PRO K 41 -29.04 -32.48 44.02
C PRO K 41 -27.96 -32.42 42.95
N GLN K 42 -28.39 -32.21 41.71
CA GLN K 42 -27.47 -32.11 40.58
C GLN K 42 -27.56 -30.75 39.94
N ILE K 43 -26.40 -30.15 39.74
CA ILE K 43 -26.24 -29.00 38.85
C ILE K 43 -25.58 -29.51 37.59
N THR K 44 -25.85 -28.86 36.47
CA THR K 44 -25.31 -29.29 35.19
C THR K 44 -24.79 -28.09 34.42
N VAL K 45 -23.59 -28.21 33.88
CA VAL K 45 -22.95 -27.17 33.08
C VAL K 45 -23.19 -27.46 31.61
N THR K 46 -23.61 -26.45 30.87
CA THR K 46 -23.90 -26.57 29.45
C THR K 46 -23.08 -25.54 28.68
N ALA K 47 -22.00 -26.00 28.04
CA ALA K 47 -21.12 -25.12 27.29
C ALA K 47 -21.17 -25.50 25.82
N THR K 48 -21.39 -24.50 24.97
CA THR K 48 -21.57 -24.71 23.54
C THR K 48 -20.37 -24.16 22.79
N TYR K 49 -19.72 -24.99 22.01
CA TYR K 49 -18.58 -24.61 21.18
C TYR K 49 -18.90 -25.03 19.76
N PRO K 50 -19.58 -24.17 18.99
CA PRO K 50 -20.11 -24.61 17.70
C PRO K 50 -19.01 -25.12 16.78
N GLY K 51 -19.23 -26.28 16.21
CA GLY K 51 -18.30 -26.84 15.26
C GLY K 51 -17.01 -27.35 15.85
N ALA K 52 -16.91 -27.48 17.16
CA ALA K 52 -15.71 -28.04 17.78
C ALA K 52 -15.90 -29.53 18.00
N SER K 53 -14.87 -30.30 17.66
CA SER K 53 -14.95 -31.75 17.76
C SER K 53 -15.08 -32.18 19.21
N ALA K 54 -15.27 -33.49 19.40
CA ALA K 54 -15.40 -34.03 20.74
C ALA K 54 -14.11 -33.86 21.53
N GLN K 55 -12.98 -34.17 20.92
CA GLN K 55 -11.72 -34.08 21.64
C GLN K 55 -11.30 -32.64 21.84
N VAL K 56 -11.56 -31.78 20.84
CA VAL K 56 -11.22 -30.37 20.98
C VAL K 56 -12.00 -29.74 22.12
N LEU K 57 -13.30 -29.97 22.15
CA LEU K 57 -14.11 -29.48 23.26
C LEU K 57 -13.70 -30.13 24.57
N THR K 58 -13.24 -31.38 24.52
CA THR K 58 -12.83 -32.08 25.72
C THR K 58 -11.63 -31.40 26.36
N ASP K 59 -10.59 -31.16 25.58
CA ASP K 59 -9.37 -30.63 26.15
C ASP K 59 -9.33 -29.11 26.15
N SER K 60 -10.34 -28.44 25.59
CA SER K 60 -10.31 -26.99 25.54
C SER K 60 -11.23 -26.33 26.54
N VAL K 61 -12.43 -26.86 26.76
CA VAL K 61 -13.42 -26.26 27.64
C VAL K 61 -13.72 -27.15 28.84
N THR K 62 -14.29 -28.33 28.59
CA THR K 62 -14.80 -29.12 29.70
C THR K 62 -13.67 -29.61 30.61
N SER K 63 -12.47 -29.76 30.06
CA SER K 63 -11.35 -30.16 30.90
C SER K 63 -11.04 -29.08 31.93
N VAL K 64 -11.04 -27.82 31.52
CA VAL K 64 -10.63 -26.75 32.42
C VAL K 64 -11.65 -26.56 33.55
N ILE K 65 -12.93 -26.47 33.19
CA ILE K 65 -13.97 -26.35 34.20
C ILE K 65 -13.98 -27.58 35.10
N GLU K 66 -13.90 -28.76 34.50
CA GLU K 66 -13.85 -30.00 35.26
C GLU K 66 -12.73 -29.96 36.29
N GLU K 67 -11.51 -29.66 35.86
CA GLU K 67 -10.38 -29.70 36.76
C GLU K 67 -10.51 -28.63 37.82
N GLU K 68 -11.20 -27.53 37.51
CA GLU K 68 -11.20 -26.46 38.50
C GLU K 68 -12.30 -26.66 39.54
N LEU K 69 -13.40 -27.34 39.19
CA LEU K 69 -14.48 -27.52 40.15
C LEU K 69 -14.17 -28.56 41.23
N ASN K 70 -13.08 -29.31 41.09
CA ASN K 70 -12.69 -30.23 42.16
C ASN K 70 -12.39 -29.48 43.45
N GLY K 71 -12.70 -30.14 44.56
CA GLY K 71 -12.57 -29.53 45.86
C GLY K 71 -13.76 -28.72 46.31
N ALA K 72 -14.80 -28.61 45.48
CA ALA K 72 -15.99 -27.89 45.87
C ALA K 72 -16.66 -28.60 47.05
N LYS K 73 -17.34 -27.82 47.87
CA LYS K 73 -17.96 -28.37 49.07
C LYS K 73 -19.08 -29.32 48.64
N ASN K 74 -19.15 -30.49 49.28
CA ASN K 74 -20.28 -31.41 49.17
C ASN K 74 -20.31 -32.17 47.84
N LEU K 75 -19.19 -32.24 47.13
CA LEU K 75 -19.16 -33.03 45.91
C LEU K 75 -19.39 -34.50 46.23
N LEU K 76 -20.18 -35.18 45.41
CA LEU K 76 -20.28 -36.63 45.54
C LEU K 76 -19.56 -37.30 44.38
N TYR K 77 -19.56 -36.65 43.22
CA TYR K 77 -18.78 -36.98 42.04
C TYR K 77 -19.12 -35.94 40.98
N PHE K 78 -18.49 -36.07 39.81
CA PHE K 78 -18.94 -35.29 38.66
C PHE K 78 -18.65 -36.00 37.35
N GLU K 79 -19.65 -36.02 36.48
CA GLU K 79 -19.63 -36.65 35.18
C GLU K 79 -19.47 -35.57 34.12
N SER K 80 -18.67 -35.85 33.10
CA SER K 80 -18.54 -34.95 31.97
C SER K 80 -18.61 -35.76 30.69
N THR K 81 -19.25 -35.19 29.68
CA THR K 81 -19.31 -35.83 28.37
C THR K 81 -19.23 -34.74 27.32
N SER K 82 -18.41 -34.97 26.29
CA SER K 82 -18.19 -34.01 25.23
C SER K 82 -18.57 -34.66 23.91
N ASN K 83 -19.55 -34.09 23.22
CA ASN K 83 -20.07 -34.67 22.00
C ASN K 83 -19.61 -33.87 20.78
N ALA K 84 -19.62 -34.55 19.63
CA ALA K 84 -19.18 -33.90 18.40
C ALA K 84 -20.07 -32.76 17.99
N ASN K 85 -21.28 -32.68 18.54
CA ASN K 85 -22.18 -31.59 18.20
C ASN K 85 -21.67 -30.24 18.67
N GLY K 86 -20.68 -30.21 19.55
CA GLY K 86 -20.19 -28.98 20.12
C GLY K 86 -20.83 -28.58 21.42
N ILE K 87 -21.62 -29.45 22.04
CA ILE K 87 -22.20 -29.21 23.35
C ILE K 87 -21.41 -30.01 24.37
N ALA K 88 -20.84 -29.32 25.35
CA ALA K 88 -20.15 -29.97 26.46
C ALA K 88 -21.15 -30.12 27.58
N GLU K 89 -21.16 -31.29 28.22
CA GLU K 89 -22.13 -31.61 29.24
C GLU K 89 -21.42 -32.08 30.50
N ILE K 90 -21.52 -31.29 31.57
CA ILE K 90 -20.86 -31.59 32.83
C ILE K 90 -21.92 -31.60 33.92
N THR K 91 -22.04 -32.72 34.63
CA THR K 91 -23.00 -32.86 35.71
C THR K 91 -22.26 -33.08 37.01
N VAL K 92 -22.43 -32.19 37.97
CA VAL K 92 -21.81 -32.29 39.28
C VAL K 92 -22.89 -32.66 40.28
N THR K 93 -22.69 -33.79 40.95
CA THR K 93 -23.67 -34.35 41.89
C THR K 93 -23.20 -34.10 43.31
N PHE K 94 -24.10 -33.62 44.16
CA PHE K 94 -23.83 -33.39 45.57
C PHE K 94 -24.60 -34.38 46.43
N GLN K 95 -24.20 -34.46 47.70
CA GLN K 95 -24.90 -35.35 48.62
C GLN K 95 -26.34 -34.89 48.83
N PRO K 96 -27.29 -35.83 48.90
CA PRO K 96 -28.67 -35.46 49.11
C PRO K 96 -28.85 -34.74 50.44
N GLY K 97 -29.81 -33.82 50.46
CA GLY K 97 -30.03 -33.01 51.64
C GLY K 97 -29.29 -31.69 51.64
N THR K 98 -28.43 -31.45 50.67
CA THR K 98 -27.80 -30.14 50.53
C THR K 98 -28.66 -29.23 49.67
N ASP K 99 -28.87 -28.01 50.14
CA ASP K 99 -29.67 -27.05 49.40
C ASP K 99 -29.00 -26.78 48.06
N PRO K 100 -29.73 -27.00 46.95
CA PRO K 100 -29.14 -26.75 45.63
C PRO K 100 -28.89 -25.28 45.34
N GLU K 101 -29.44 -24.35 46.13
CA GLU K 101 -29.05 -22.96 45.96
C GLU K 101 -27.58 -22.75 46.27
N LEU K 102 -27.09 -23.28 47.39
CA LEU K 102 -25.69 -23.14 47.72
C LEU K 102 -24.81 -23.88 46.72
N ALA K 103 -25.25 -25.06 46.28
CA ALA K 103 -24.52 -25.78 45.25
C ALA K 103 -24.44 -24.96 43.97
N GLN K 104 -25.56 -24.39 43.54
CA GLN K 104 -25.58 -23.59 42.33
C GLN K 104 -24.65 -22.40 42.44
N VAL K 105 -24.70 -21.68 43.57
CA VAL K 105 -23.90 -20.47 43.65
C VAL K 105 -22.42 -20.83 43.68
N ASP K 106 -22.05 -21.89 44.41
CA ASP K 106 -20.65 -22.27 44.45
C ASP K 106 -20.16 -22.69 43.06
N VAL K 107 -21.00 -23.40 42.31
CA VAL K 107 -20.61 -23.83 40.97
C VAL K 107 -20.50 -22.63 40.03
N GLN K 108 -21.39 -21.65 40.18
CA GLN K 108 -21.24 -20.43 39.40
C GLN K 108 -19.95 -19.70 39.75
N ASN K 109 -19.61 -19.63 41.03
CA ASN K 109 -18.38 -18.97 41.43
C ASN K 109 -17.18 -19.69 40.84
N ARG K 110 -17.26 -21.01 40.72
CA ARG K 110 -16.14 -21.74 40.13
C ARG K 110 -16.10 -21.59 38.61
N LEU K 111 -17.26 -21.58 37.97
CA LEU K 111 -17.28 -21.27 36.54
C LEU K 111 -16.66 -19.91 36.29
N LYS K 112 -16.84 -18.96 37.22
CA LYS K 112 -16.21 -17.67 37.07
C LYS K 112 -14.70 -17.78 36.98
N LYS K 113 -14.09 -18.55 37.89
CA LYS K 113 -12.64 -18.75 37.82
C LYS K 113 -12.25 -19.45 36.54
N ALA K 114 -13.14 -20.29 36.00
CA ALA K 114 -12.82 -20.98 34.77
C ALA K 114 -12.93 -20.07 33.54
N GLU K 115 -13.79 -19.04 33.60
CA GLU K 115 -14.13 -18.27 32.40
C GLU K 115 -12.92 -17.71 31.67
N ALA K 116 -11.85 -17.43 32.39
CA ALA K 116 -10.71 -16.74 31.77
C ALA K 116 -10.03 -17.59 30.71
N ARG K 117 -10.34 -18.88 30.63
CA ARG K 117 -9.64 -19.78 29.73
C ARG K 117 -10.47 -20.26 28.55
N MET K 118 -11.79 -20.16 28.62
CA MET K 118 -12.62 -20.66 27.55
C MET K 118 -12.36 -19.88 26.26
N PRO K 119 -12.61 -20.49 25.11
CA PRO K 119 -12.47 -19.77 23.86
C PRO K 119 -13.51 -18.66 23.74
N GLN K 120 -13.20 -17.71 22.87
CA GLN K 120 -14.10 -16.58 22.69
C GLN K 120 -15.46 -17.05 22.21
N ALA K 121 -15.51 -18.11 21.41
CA ALA K 121 -16.78 -18.59 20.88
C ALA K 121 -17.73 -19.03 21.99
N VAL K 122 -17.23 -19.83 22.94
CA VAL K 122 -18.07 -20.27 24.04
C VAL K 122 -18.53 -19.08 24.85
N LEU K 123 -17.61 -18.16 25.16
CA LEU K 123 -17.95 -17.04 26.01
C LEU K 123 -19.01 -16.16 25.38
N THR K 124 -18.86 -15.83 24.10
CA THR K 124 -19.90 -15.02 23.47
C THR K 124 -21.21 -15.79 23.40
N LEU K 125 -21.13 -17.11 23.23
CA LEU K 125 -22.36 -17.90 23.27
C LEU K 125 -22.86 -18.07 24.70
N GLY K 126 -21.95 -18.14 25.66
CA GLY K 126 -22.35 -18.14 27.07
C GLY K 126 -22.43 -19.52 27.67
N ILE K 127 -22.03 -19.60 28.94
CA ILE K 127 -22.09 -20.84 29.70
C ILE K 127 -23.32 -20.80 30.58
N GLN K 128 -24.01 -21.93 30.70
CA GLN K 128 -25.25 -21.99 31.45
C GLN K 128 -25.20 -23.12 32.47
N THR K 129 -25.53 -22.77 33.70
CA THR K 129 -25.64 -23.71 34.81
C THR K 129 -27.08 -23.71 35.28
N GLU K 130 -27.63 -24.91 35.46
CA GLU K 130 -29.00 -25.03 35.95
C GLU K 130 -29.09 -26.29 36.80
N GLN K 131 -30.32 -26.78 36.99
CA GLN K 131 -30.62 -27.91 37.85
C GLN K 131 -31.30 -28.97 36.97
N ALA K 132 -30.51 -29.92 36.48
CA ALA K 132 -31.03 -30.89 35.53
C ALA K 132 -32.14 -31.73 36.14
N THR K 133 -31.99 -32.14 37.39
CA THR K 133 -33.01 -32.90 38.10
C THR K 133 -33.63 -32.02 39.17
N ALA K 134 -34.94 -31.94 39.16
CA ALA K 134 -35.70 -31.24 40.19
C ALA K 134 -37.14 -31.73 40.05
N GLY K 135 -38.03 -31.10 40.82
CA GLY K 135 -39.41 -31.50 40.71
C GLY K 135 -40.02 -31.02 39.41
N PHE K 136 -39.55 -31.55 38.28
CA PHE K 136 -40.08 -31.09 37.01
C PHE K 136 -41.58 -31.41 36.98
N LEU K 137 -42.38 -30.37 37.12
CA LEU K 137 -43.80 -30.60 37.33
C LEU K 137 -44.41 -31.29 36.12
N LEU K 138 -44.11 -30.79 34.93
CA LEU K 138 -44.73 -31.33 33.73
C LEU K 138 -43.87 -30.96 32.53
N ILE K 139 -44.29 -31.44 31.38
CA ILE K 139 -43.83 -30.92 30.10
C ILE K 139 -45.05 -30.60 29.27
N TYR K 140 -45.05 -29.42 28.65
CA TYR K 140 -46.11 -28.99 27.76
C TYR K 140 -45.56 -28.84 26.35
N SER K 141 -46.38 -29.13 25.36
CA SER K 141 -45.91 -29.19 23.99
C SER K 141 -46.83 -28.43 23.05
N LEU K 142 -46.25 -27.90 21.98
CA LEU K 142 -46.98 -27.34 20.85
C LEU K 142 -46.63 -28.11 19.59
N ARG K 143 -47.64 -28.45 18.80
CA ARG K 143 -47.43 -29.20 17.57
C ARG K 143 -48.44 -28.74 16.53
N TYR K 144 -48.15 -29.05 15.27
CA TYR K 144 -49.02 -28.66 14.17
C TYR K 144 -50.13 -29.68 13.98
N LYS K 145 -51.37 -29.17 13.91
CA LYS K 145 -52.53 -30.04 13.75
C LYS K 145 -52.43 -30.85 12.46
N ASP K 146 -52.14 -30.18 11.35
CA ASP K 146 -52.17 -30.81 10.03
C ASP K 146 -51.10 -31.86 9.85
N GLY K 147 -50.12 -31.92 10.74
CA GLY K 147 -49.07 -32.91 10.60
C GLY K 147 -48.25 -32.74 9.35
N ASP K 148 -48.05 -31.49 8.93
CA ASP K 148 -47.20 -31.24 7.77
C ASP K 148 -45.74 -31.46 8.13
N LYS K 149 -45.04 -32.23 7.32
CA LYS K 149 -43.61 -32.41 7.53
C LYS K 149 -42.84 -31.13 7.22
N ASN K 150 -43.24 -30.41 6.18
CA ASN K 150 -42.60 -29.17 5.79
C ASN K 150 -42.85 -28.04 6.78
N ALA K 151 -43.52 -28.33 7.89
CA ALA K 151 -43.74 -27.31 8.91
C ALA K 151 -42.41 -26.83 9.45
N ASN K 152 -42.26 -25.52 9.57
CA ASN K 152 -41.03 -24.92 10.08
C ASN K 152 -41.11 -24.93 11.60
N THR K 153 -40.31 -25.79 12.23
CA THR K 153 -40.31 -25.86 13.68
C THR K 153 -39.85 -24.55 14.29
N THR K 154 -39.05 -23.78 13.56
CA THR K 154 -38.49 -22.55 14.12
C THR K 154 -39.57 -21.49 14.35
N ALA K 155 -40.54 -21.38 13.45
CA ALA K 155 -41.63 -20.44 13.68
C ALA K 155 -42.45 -20.84 14.89
N LEU K 156 -42.70 -22.14 15.04
CA LEU K 156 -43.42 -22.63 16.20
C LEU K 156 -42.64 -22.33 17.49
N ALA K 157 -41.33 -22.56 17.47
CA ALA K 157 -40.52 -22.29 18.65
C ALA K 157 -40.49 -20.81 18.97
N ASP K 158 -40.42 -19.95 17.94
CA ASP K 158 -40.44 -18.52 18.20
C ASP K 158 -41.77 -18.09 18.81
N TYR K 159 -42.88 -18.64 18.32
CA TYR K 159 -44.15 -18.32 18.93
C TYR K 159 -44.18 -18.76 20.38
N ALA K 160 -43.66 -19.96 20.66
CA ALA K 160 -43.66 -20.45 22.03
C ALA K 160 -42.81 -19.58 22.94
N VAL K 161 -41.67 -19.12 22.46
CA VAL K 161 -40.78 -18.31 23.28
C VAL K 161 -41.38 -16.93 23.52
N ARG K 162 -41.97 -16.34 22.48
CA ARG K 162 -42.48 -14.97 22.62
C ARG K 162 -43.78 -14.93 23.40
N ASN K 163 -44.63 -15.94 23.25
CA ASN K 163 -45.98 -15.87 23.81
C ASN K 163 -46.22 -16.79 24.99
N VAL K 164 -45.63 -17.99 25.01
CA VAL K 164 -46.03 -19.04 25.93
C VAL K 164 -45.05 -19.17 27.10
N ASN K 165 -43.76 -19.27 26.80
CA ASN K 165 -42.79 -19.57 27.85
C ASN K 165 -42.78 -18.48 28.91
N ASN K 166 -42.82 -17.22 28.49
CA ASN K 166 -42.77 -16.12 29.45
C ASN K 166 -43.99 -16.16 30.38
N GLU K 167 -45.16 -16.42 29.83
CA GLU K 167 -46.37 -16.49 30.65
C GLU K 167 -46.25 -17.57 31.71
N ILE K 168 -45.78 -18.76 31.31
CA ILE K 168 -45.71 -19.89 32.24
C ILE K 168 -44.64 -19.65 33.30
N ARG K 169 -43.47 -19.17 32.88
CA ARG K 169 -42.42 -18.86 33.85
C ARG K 169 -42.88 -17.76 34.78
N ARG K 170 -43.87 -16.97 34.37
CA ARG K 170 -44.44 -15.95 35.24
C ARG K 170 -45.33 -16.55 36.31
N LEU K 171 -45.83 -17.76 36.09
CA LEU K 171 -46.83 -18.34 36.97
C LEU K 171 -46.28 -18.55 38.38
N PRO K 172 -47.13 -18.48 39.40
CA PRO K 172 -46.68 -18.80 40.76
C PRO K 172 -46.32 -20.27 40.86
N GLY K 173 -45.29 -20.56 41.64
CA GLY K 173 -44.92 -21.91 41.97
C GLY K 173 -43.86 -22.52 41.07
N VAL K 174 -43.75 -22.05 39.82
CA VAL K 174 -42.81 -22.65 38.89
C VAL K 174 -41.46 -21.95 39.03
N GLY K 175 -40.43 -22.72 39.32
CA GLY K 175 -39.12 -22.17 39.60
C GLY K 175 -38.21 -22.09 38.40
N LYS K 176 -38.53 -22.82 37.34
CA LYS K 176 -37.70 -22.80 36.14
C LYS K 176 -38.40 -23.44 34.96
N LEU K 177 -38.33 -22.78 33.80
CA LEU K 177 -38.76 -23.36 32.53
C LEU K 177 -37.55 -23.75 31.72
N GLN K 178 -37.52 -24.99 31.26
CA GLN K 178 -36.46 -25.47 30.39
C GLN K 178 -37.05 -25.65 29.00
N PHE K 179 -36.98 -24.61 28.18
CA PHE K 179 -37.38 -24.72 26.78
C PHE K 179 -36.41 -25.63 26.06
N PHE K 180 -36.90 -26.78 25.61
CA PHE K 180 -36.03 -27.81 25.06
C PHE K 180 -36.01 -27.73 23.53
N ASP K 181 -35.56 -26.57 23.05
CA ASP K 181 -35.34 -26.36 21.62
C ASP K 181 -34.53 -25.09 21.43
N SER K 182 -34.44 -24.66 20.17
CA SER K 182 -33.56 -23.57 19.76
C SER K 182 -34.32 -22.25 19.75
N GLU K 183 -33.68 -21.22 19.21
CA GLU K 183 -34.28 -19.90 19.11
C GLU K 183 -34.00 -19.34 17.72
N ALA K 184 -34.87 -18.44 17.27
CA ALA K 184 -34.74 -17.87 15.94
C ALA K 184 -33.41 -17.15 15.79
N ALA K 185 -32.97 -17.03 14.54
CA ALA K 185 -31.74 -16.33 14.21
C ALA K 185 -31.66 -16.18 12.69
N MET K 186 -31.29 -14.98 12.24
CA MET K 186 -30.85 -14.83 10.86
C MET K 186 -29.74 -15.82 10.59
N ARG K 187 -30.03 -16.76 9.70
CA ARG K 187 -29.02 -17.63 9.16
C ARG K 187 -28.46 -17.00 7.89
N VAL K 188 -27.14 -16.99 7.77
CA VAL K 188 -26.47 -16.49 6.58
C VAL K 188 -25.83 -17.68 5.90
N TRP K 189 -26.56 -18.31 4.98
CA TRP K 189 -26.05 -19.46 4.27
C TRP K 189 -25.20 -18.97 3.12
N ILE K 190 -23.91 -18.83 3.35
CA ILE K 190 -23.01 -18.34 2.31
C ILE K 190 -22.68 -19.46 1.34
N ASP K 191 -22.50 -19.09 0.08
CA ASP K 191 -22.09 -20.01 -0.97
C ASP K 191 -20.64 -19.73 -1.30
N PRO K 192 -19.70 -20.55 -0.85
CA PRO K 192 -18.29 -20.23 -1.09
C PRO K 192 -17.92 -20.15 -2.56
N GLN K 193 -18.67 -20.81 -3.44
CA GLN K 193 -18.39 -20.69 -4.87
C GLN K 193 -18.72 -19.29 -5.37
N LYS K 194 -19.79 -18.68 -4.88
CA LYS K 194 -20.05 -17.29 -5.21
C LYS K 194 -18.95 -16.37 -4.67
N LEU K 195 -18.52 -16.62 -3.43
CA LEU K 195 -17.42 -15.85 -2.87
C LEU K 195 -16.17 -15.99 -3.73
N VAL K 196 -15.97 -17.17 -4.28
CA VAL K 196 -14.84 -17.38 -5.19
C VAL K 196 -15.01 -16.53 -6.42
N GLY K 197 -16.22 -16.52 -6.98
CA GLY K 197 -16.46 -15.77 -8.20
C GLY K 197 -16.22 -14.29 -8.00
N TYR K 198 -16.56 -13.76 -6.84
CA TYR K 198 -16.46 -12.33 -6.59
C TYR K 198 -15.15 -11.94 -5.94
N GLY K 199 -14.20 -12.85 -5.84
CA GLY K 199 -12.92 -12.55 -5.24
C GLY K 199 -13.01 -12.25 -3.77
N LEU K 200 -13.99 -12.82 -3.08
CA LEU K 200 -14.24 -12.55 -1.68
C LEU K 200 -13.98 -13.78 -0.84
N SER K 201 -13.49 -13.55 0.37
CA SER K 201 -13.29 -14.60 1.35
C SER K 201 -14.30 -14.49 2.47
N ILE K 202 -14.38 -15.56 3.28
CA ILE K 202 -15.36 -15.60 4.34
C ILE K 202 -15.04 -14.59 5.43
N ASP K 203 -13.78 -14.20 5.58
CA ASP K 203 -13.47 -13.13 6.52
C ASP K 203 -14.12 -11.82 6.10
N ASP K 204 -14.11 -11.54 4.80
CA ASP K 204 -14.72 -10.29 4.31
C ASP K 204 -16.21 -10.27 4.60
N VAL K 205 -16.91 -11.38 4.34
CA VAL K 205 -18.35 -11.39 4.57
C VAL K 205 -18.64 -11.29 6.07
N ASN K 206 -17.84 -11.99 6.89
CA ASN K 206 -18.06 -11.88 8.33
C ASN K 206 -17.86 -10.46 8.81
N ASN K 207 -16.81 -9.78 8.34
CA ASN K 207 -16.52 -8.44 8.82
C ASN K 207 -17.55 -7.43 8.31
N ALA K 208 -18.03 -7.61 7.08
CA ALA K 208 -19.10 -6.76 6.59
C ALA K 208 -20.34 -6.91 7.45
N ILE K 209 -20.68 -8.15 7.80
CA ILE K 209 -21.81 -8.38 8.69
C ILE K 209 -21.56 -7.71 10.03
N ARG K 210 -20.34 -7.84 10.55
CA ARG K 210 -20.06 -7.36 11.90
C ARG K 210 -20.15 -5.84 11.98
N THR K 211 -19.56 -5.13 11.01
CA THR K 211 -19.55 -3.68 11.11
C THR K 211 -20.83 -3.05 10.59
N GLN K 212 -21.54 -3.70 9.68
CA GLN K 212 -22.73 -3.07 9.12
C GLN K 212 -23.99 -3.38 9.90
N ASN K 213 -24.05 -4.53 10.56
CA ASN K 213 -25.16 -4.88 11.44
C ASN K 213 -24.74 -4.61 12.88
N VAL K 214 -24.73 -3.34 13.24
CA VAL K 214 -24.38 -2.93 14.60
C VAL K 214 -25.28 -1.78 14.99
N GLN K 215 -25.76 -1.82 16.23
CA GLN K 215 -26.51 -0.70 16.78
C GLN K 215 -25.61 0.50 17.00
N VAL K 216 -26.18 1.69 16.79
CA VAL K 216 -25.43 2.93 16.75
C VAL K 216 -25.83 3.82 17.92
N PRO K 217 -25.00 3.97 18.95
CA PRO K 217 -25.36 4.84 20.08
C PRO K 217 -25.05 6.30 19.75
N ALA K 218 -25.90 6.89 18.91
CA ALA K 218 -25.60 8.19 18.35
C ALA K 218 -25.56 9.27 19.43
N GLY K 219 -26.66 9.45 20.16
CA GLY K 219 -26.74 10.45 21.19
C GLY K 219 -27.79 11.49 20.86
N ALA K 220 -27.59 12.69 21.40
CA ALA K 220 -28.56 13.76 21.23
C ALA K 220 -27.84 15.10 21.20
N PHE K 221 -28.16 15.91 20.20
CA PHE K 221 -27.57 17.23 20.13
C PHE K 221 -28.12 18.11 21.25
N GLY K 222 -27.36 19.14 21.59
CA GLY K 222 -27.75 19.98 22.70
C GLY K 222 -27.60 19.33 24.06
N SER K 223 -26.75 18.31 24.16
CA SER K 223 -26.61 17.57 25.40
C SER K 223 -25.73 18.33 26.39
N THR K 224 -25.77 17.88 27.64
CA THR K 224 -24.95 18.48 28.67
C THR K 224 -23.47 18.17 28.42
N PRO K 225 -22.57 19.12 28.66
CA PRO K 225 -22.82 20.51 29.05
C PRO K 225 -23.30 21.34 27.87
N GLY K 226 -24.47 21.95 27.99
CA GLY K 226 -25.12 22.63 26.89
C GLY K 226 -24.87 24.13 26.94
N SER K 227 -24.93 24.76 25.78
CA SER K 227 -24.77 26.20 25.71
C SER K 227 -25.91 26.90 26.43
N SER K 228 -25.61 28.08 26.97
CA SER K 228 -26.63 28.86 27.66
C SER K 228 -27.70 29.35 26.70
N GLU K 229 -27.48 29.20 25.40
CA GLU K 229 -28.38 29.71 24.39
C GLU K 229 -29.34 28.64 23.87
N GLN K 230 -28.81 27.51 23.42
CA GLN K 230 -29.64 26.48 22.82
C GLN K 230 -30.54 25.82 23.86
N GLU K 231 -31.73 25.41 23.41
CA GLU K 231 -32.73 24.92 24.35
C GLU K 231 -33.57 23.75 23.82
N LEU K 232 -33.09 22.99 22.84
CA LEU K 232 -33.90 21.88 22.31
C LEU K 232 -33.09 20.62 22.06
N THR K 233 -32.43 20.10 23.09
CA THR K 233 -31.89 18.74 23.00
C THR K 233 -32.92 17.78 22.42
N ALA K 234 -32.46 16.84 21.60
CA ALA K 234 -33.33 15.83 21.03
C ALA K 234 -32.48 14.67 20.53
N THR K 235 -33.05 13.47 20.57
CA THR K 235 -32.34 12.24 20.27
C THR K 235 -32.02 12.13 18.78
N LEU K 236 -30.95 11.39 18.46
CA LEU K 236 -30.50 11.20 17.09
C LEU K 236 -30.88 9.86 16.46
N THR K 237 -31.15 8.83 17.26
CA THR K 237 -31.82 7.60 16.84
C THR K 237 -31.46 7.14 15.42
N VAL K 238 -30.17 6.90 15.21
CA VAL K 238 -29.72 6.27 13.99
C VAL K 238 -30.16 4.81 13.94
N LYS K 239 -30.57 4.35 12.77
CA LYS K 239 -30.90 2.94 12.58
C LYS K 239 -29.64 2.18 12.17
N GLY K 240 -29.23 1.23 13.00
CA GLY K 240 -28.01 0.50 12.71
C GLY K 240 -28.17 -0.98 12.46
N THR K 241 -29.08 -1.62 13.19
CA THR K 241 -29.27 -3.06 13.09
C THR K 241 -30.32 -3.39 12.05
N LEU K 242 -30.25 -4.59 11.50
CA LEU K 242 -31.14 -4.98 10.42
C LEU K 242 -32.16 -5.99 10.90
N ASP K 243 -33.40 -5.81 10.45
CA ASP K 243 -34.57 -6.47 11.03
C ASP K 243 -35.02 -7.70 10.29
N ASN K 244 -35.06 -7.66 8.97
CA ASN K 244 -35.64 -8.71 8.16
C ASN K 244 -34.62 -9.18 7.14
N PRO K 245 -34.82 -10.35 6.55
CA PRO K 245 -33.82 -10.85 5.58
C PRO K 245 -33.55 -9.91 4.43
N GLU K 246 -34.54 -9.11 4.01
CA GLU K 246 -34.30 -8.16 2.93
C GLU K 246 -33.23 -7.17 3.31
N GLU K 247 -33.28 -6.63 4.52
CA GLU K 247 -32.27 -5.66 4.95
C GLU K 247 -30.89 -6.31 5.02
N PHE K 248 -30.81 -7.53 5.52
CA PHE K 248 -29.51 -8.20 5.62
C PHE K 248 -28.93 -8.47 4.24
N ALA K 249 -29.77 -8.83 3.27
CA ALA K 249 -29.25 -9.05 1.93
C ALA K 249 -28.75 -7.78 1.28
N ALA K 250 -29.02 -6.62 1.86
CA ALA K 250 -28.55 -5.34 1.35
C ALA K 250 -27.24 -4.90 1.99
N ILE K 251 -26.60 -5.76 2.79
CA ILE K 251 -25.29 -5.43 3.32
C ILE K 251 -24.29 -5.37 2.18
N VAL K 252 -23.60 -4.25 2.07
CA VAL K 252 -22.71 -4.01 0.93
C VAL K 252 -21.38 -4.69 1.21
N LEU K 253 -21.02 -5.65 0.36
CA LEU K 253 -19.74 -6.32 0.50
C LEU K 253 -18.60 -5.56 -0.17
N ARG K 254 -18.87 -5.00 -1.35
CA ARG K 254 -17.86 -4.23 -2.05
C ARG K 254 -18.56 -3.31 -3.04
N ALA K 255 -18.35 -2.02 -2.88
CA ALA K 255 -18.99 -1.02 -3.73
C ALA K 255 -17.93 -0.19 -4.41
N ASN K 256 -18.12 0.07 -5.69
CA ASN K 256 -17.18 0.85 -6.48
C ASN K 256 -17.61 2.31 -6.52
N GLN K 257 -16.68 3.16 -6.96
CA GLN K 257 -16.99 4.57 -7.09
C GLN K 257 -18.06 4.83 -8.14
N ASP K 258 -18.09 4.01 -9.19
CA ASP K 258 -19.07 4.21 -10.25
C ASP K 258 -20.49 4.07 -9.72
N GLY K 259 -20.71 3.11 -8.84
CA GLY K 259 -22.03 2.87 -8.30
C GLY K 259 -22.33 1.40 -8.13
N SER K 260 -21.64 0.55 -8.89
CA SER K 260 -21.85 -0.88 -8.78
C SER K 260 -21.51 -1.36 -7.38
N ARG K 261 -22.34 -2.24 -6.84
CA ARG K 261 -22.18 -2.74 -5.49
C ARG K 261 -22.36 -4.24 -5.45
N LEU K 262 -21.76 -4.86 -4.44
CA LEU K 262 -21.97 -6.26 -4.16
C LEU K 262 -22.69 -6.40 -2.83
N THR K 263 -23.97 -6.75 -2.88
CA THR K 263 -24.76 -6.88 -1.68
C THR K 263 -24.60 -8.28 -1.12
N LEU K 264 -24.93 -8.42 0.16
CA LEU K 264 -24.75 -9.71 0.82
C LEU K 264 -25.56 -10.80 0.15
N GLY K 265 -26.81 -10.50 -0.20
CA GLY K 265 -27.66 -11.51 -0.80
C GLY K 265 -27.12 -12.06 -2.10
N ASP K 266 -26.21 -11.35 -2.75
CA ASP K 266 -25.68 -11.82 -4.01
C ASP K 266 -24.77 -13.03 -3.82
N VAL K 267 -24.26 -13.23 -2.61
CA VAL K 267 -23.41 -14.38 -2.34
C VAL K 267 -24.03 -15.36 -1.35
N ALA K 268 -25.00 -14.94 -0.54
CA ALA K 268 -25.53 -15.80 0.50
C ALA K 268 -27.04 -15.78 0.46
N ARG K 269 -27.64 -16.89 0.89
CA ARG K 269 -29.07 -16.97 1.09
C ARG K 269 -29.38 -16.61 2.54
N ILE K 270 -30.24 -15.63 2.73
CA ILE K 270 -30.51 -15.06 4.04
C ILE K 270 -31.92 -15.44 4.44
N GLU K 271 -32.07 -16.00 5.64
CA GLU K 271 -33.40 -16.33 6.13
C GLU K 271 -33.40 -16.38 7.65
N VAL K 272 -34.60 -16.46 8.22
CA VAL K 272 -34.82 -16.56 9.66
C VAL K 272 -34.87 -18.02 10.01
N GLY K 273 -33.88 -18.50 10.74
CA GLY K 273 -33.82 -19.91 11.10
C GLY K 273 -33.41 -20.16 12.53
N SER K 274 -33.23 -21.43 12.87
CA SER K 274 -32.80 -21.81 14.20
C SER K 274 -31.37 -21.34 14.45
N GLN K 275 -31.11 -20.84 15.65
CA GLN K 275 -29.72 -20.58 16.03
C GLN K 275 -28.93 -21.88 16.02
N ASP K 276 -29.60 -22.99 16.32
CA ASP K 276 -28.93 -24.26 16.52
C ASP K 276 -29.80 -25.38 15.95
N TYR K 277 -29.16 -26.30 15.24
CA TYR K 277 -29.88 -27.41 14.64
C TYR K 277 -29.43 -28.76 15.20
N ASN K 278 -28.80 -28.77 16.37
CA ASN K 278 -28.38 -30.03 16.97
C ASN K 278 -29.59 -30.91 17.30
N PHE K 279 -30.60 -30.34 17.93
CA PHE K 279 -31.70 -31.12 18.48
C PHE K 279 -33.00 -30.84 17.73
N GLY K 280 -33.78 -31.89 17.54
CA GLY K 280 -35.10 -31.76 16.99
C GLY K 280 -36.03 -32.67 17.75
N SER K 281 -37.30 -32.30 17.75
CA SER K 281 -38.31 -33.01 18.52
C SER K 281 -39.51 -33.27 17.64
N ARG K 282 -40.16 -34.40 17.84
CA ARG K 282 -41.42 -34.73 17.17
C ARG K 282 -42.40 -35.25 18.21
N GLN K 283 -43.69 -35.06 17.94
CA GLN K 283 -44.72 -35.62 18.80
C GLN K 283 -45.71 -36.35 17.91
N ASP K 284 -45.66 -37.68 17.95
CA ASP K 284 -46.48 -38.51 17.08
C ASP K 284 -46.27 -38.17 15.60
N GLY K 285 -45.03 -38.21 15.15
CA GLY K 285 -44.76 -38.10 13.73
C GLY K 285 -44.96 -36.73 13.15
N LYS K 286 -45.22 -35.73 13.98
CA LYS K 286 -45.40 -34.39 13.47
C LYS K 286 -44.46 -33.44 14.20
N PRO K 287 -43.85 -32.50 13.51
CA PRO K 287 -42.79 -31.68 14.12
C PRO K 287 -43.35 -30.82 15.24
N ALA K 288 -42.84 -31.04 16.44
CA ALA K 288 -43.36 -30.41 17.63
C ALA K 288 -42.24 -29.78 18.44
N VAL K 289 -42.64 -29.00 19.44
CA VAL K 289 -41.73 -28.36 20.38
C VAL K 289 -42.24 -28.67 21.78
N ALA K 290 -41.35 -28.57 22.77
CA ALA K 290 -41.78 -28.89 24.12
C ALA K 290 -40.86 -28.24 25.11
N ALA K 291 -41.37 -28.08 26.33
CA ALA K 291 -40.62 -27.45 27.40
C ALA K 291 -40.87 -28.22 28.68
N ALA K 292 -39.86 -28.28 29.53
CA ALA K 292 -39.96 -28.95 30.81
C ALA K 292 -40.11 -27.90 31.90
N VAL K 293 -41.28 -27.87 32.52
CA VAL K 293 -41.57 -26.95 33.61
C VAL K 293 -41.23 -27.65 34.91
N GLN K 294 -40.47 -26.98 35.77
CA GLN K 294 -40.01 -27.57 37.02
C GLN K 294 -40.59 -26.81 38.19
N LEU K 295 -40.90 -27.53 39.26
CA LEU K 295 -41.55 -26.93 40.43
C LEU K 295 -40.53 -26.24 41.31
N SER K 296 -40.90 -25.07 41.81
CA SER K 296 -40.04 -24.38 42.75
C SER K 296 -40.04 -25.11 44.09
N PRO K 297 -38.99 -24.93 44.90
CA PRO K 297 -38.96 -25.60 46.20
C PRO K 297 -40.12 -25.16 47.08
N GLY K 298 -40.58 -26.09 47.90
CA GLY K 298 -41.58 -25.77 48.91
C GLY K 298 -42.86 -25.21 48.34
N ALA K 299 -43.38 -25.82 47.29
CA ALA K 299 -44.60 -25.35 46.67
C ALA K 299 -45.52 -26.51 46.34
N ASN K 300 -46.81 -26.24 46.37
CA ASN K 300 -47.81 -27.21 45.96
C ASN K 300 -47.63 -27.57 44.49
N ALA K 301 -47.91 -28.82 44.17
CA ALA K 301 -47.85 -29.30 42.80
C ALA K 301 -49.20 -29.23 42.11
N ILE K 302 -50.24 -29.73 42.78
CA ILE K 302 -51.57 -29.78 42.17
C ILE K 302 -52.02 -28.39 41.76
N GLN K 303 -51.88 -27.42 42.66
CA GLN K 303 -52.26 -26.05 42.34
C GLN K 303 -51.40 -25.52 41.20
N THR K 304 -50.10 -25.81 41.23
CA THR K 304 -49.22 -25.31 40.18
C THR K 304 -49.54 -25.94 38.84
N ALA K 305 -49.83 -27.24 38.83
CA ALA K 305 -50.23 -27.90 37.58
C ALA K 305 -51.52 -27.33 37.04
N GLU K 306 -52.51 -27.12 37.91
CA GLU K 306 -53.77 -26.55 37.44
C GLU K 306 -53.56 -25.15 36.90
N ALA K 307 -52.72 -24.35 37.56
CA ALA K 307 -52.44 -23.01 37.08
C ALA K 307 -51.81 -23.07 35.70
N VAL K 308 -50.85 -23.97 35.50
CA VAL K 308 -50.19 -24.08 34.21
C VAL K 308 -51.17 -24.52 33.13
N LYS K 309 -52.00 -25.53 33.42
CA LYS K 309 -52.94 -26.01 32.41
C LYS K 309 -53.96 -24.94 32.06
N GLN K 310 -54.49 -24.24 33.06
CA GLN K 310 -55.45 -23.17 32.78
C GLN K 310 -54.81 -22.06 31.97
N ARG K 311 -53.57 -21.69 32.31
CA ARG K 311 -52.88 -20.66 31.55
C ARG K 311 -52.67 -21.10 30.11
N LEU K 312 -52.25 -22.34 29.90
CA LEU K 312 -52.03 -22.83 28.55
C LEU K 312 -53.32 -22.85 27.75
N THR K 313 -54.41 -23.30 28.37
CA THR K 313 -55.68 -23.33 27.64
C THR K 313 -56.17 -21.92 27.31
N GLU K 314 -55.96 -20.98 28.24
CA GLU K 314 -56.30 -19.59 27.95
C GLU K 314 -55.48 -19.05 26.79
N LEU K 315 -54.19 -19.40 26.75
CA LEU K 315 -53.35 -18.94 25.66
C LEU K 315 -53.72 -19.62 24.34
N SER K 316 -54.22 -20.86 24.42
CA SER K 316 -54.58 -21.59 23.21
C SER K 316 -55.68 -20.90 22.42
N ALA K 317 -56.44 -20.01 23.05
CA ALA K 317 -57.40 -19.20 22.31
C ALA K 317 -56.72 -18.29 21.30
N ASN K 318 -55.51 -17.83 21.59
CA ASN K 318 -54.77 -16.95 20.69
C ASN K 318 -53.84 -17.72 19.77
N PHE K 319 -53.82 -19.04 19.86
CA PHE K 319 -52.88 -19.82 19.06
C PHE K 319 -53.24 -19.72 17.58
N PRO K 320 -52.25 -19.87 16.70
CA PRO K 320 -52.56 -20.10 15.30
C PRO K 320 -53.37 -21.38 15.15
N ASP K 321 -54.28 -21.37 14.17
CA ASP K 321 -55.23 -22.46 14.03
C ASP K 321 -54.54 -23.76 13.69
N ASN K 322 -53.48 -23.69 12.89
CA ASN K 322 -52.75 -24.89 12.49
C ASN K 322 -52.03 -25.56 13.67
N VAL K 323 -51.70 -24.81 14.71
CA VAL K 323 -50.94 -25.35 15.84
C VAL K 323 -51.88 -25.57 17.01
N GLU K 324 -51.62 -26.64 17.77
CA GLU K 324 -52.40 -27.01 18.94
C GLU K 324 -51.45 -27.38 20.06
N PHE K 325 -51.89 -27.19 21.30
CA PHE K 325 -51.10 -27.54 22.46
C PHE K 325 -51.64 -28.79 23.12
N SER K 326 -50.74 -29.51 23.77
CA SER K 326 -51.11 -30.71 24.52
C SER K 326 -50.06 -30.93 25.60
N VAL K 327 -50.50 -31.39 26.77
CA VAL K 327 -49.58 -31.65 27.86
C VAL K 327 -49.42 -33.16 27.99
N PRO K 328 -48.36 -33.73 27.42
CA PRO K 328 -48.21 -35.19 27.49
C PRO K 328 -47.90 -35.69 28.89
N TYR K 329 -46.91 -35.12 29.56
CA TYR K 329 -46.46 -35.64 30.85
C TYR K 329 -46.81 -34.66 31.95
N ASP K 330 -47.33 -35.18 33.05
CA ASP K 330 -47.67 -34.38 34.22
C ASP K 330 -47.38 -35.19 35.46
N THR K 331 -46.42 -34.73 36.26
CA THR K 331 -46.14 -35.40 37.52
C THR K 331 -47.17 -35.14 38.58
N SER K 332 -48.13 -34.23 38.32
CA SER K 332 -49.15 -33.94 39.32
C SER K 332 -50.32 -34.91 39.22
N ARG K 333 -50.52 -35.52 38.05
CA ARG K 333 -51.62 -36.48 37.92
C ARG K 333 -51.40 -37.65 38.84
N PHE K 334 -50.15 -38.14 38.93
CA PHE K 334 -49.86 -39.27 39.79
C PHE K 334 -50.12 -38.93 41.25
N VAL K 335 -49.74 -37.73 41.67
CA VAL K 335 -49.99 -37.34 43.05
C VAL K 335 -51.49 -37.20 43.31
N ASP K 336 -52.23 -36.63 42.36
CA ASP K 336 -53.67 -36.48 42.56
C ASP K 336 -54.34 -37.83 42.71
N VAL K 337 -54.01 -38.79 41.85
CA VAL K 337 -54.63 -40.11 41.97
C VAL K 337 -54.16 -40.79 43.25
N ALA K 338 -52.89 -40.60 43.63
CA ALA K 338 -52.38 -41.21 44.85
C ALA K 338 -53.09 -40.67 46.08
N ILE K 339 -53.26 -39.35 46.18
CA ILE K 339 -53.90 -38.79 47.37
C ILE K 339 -55.37 -39.15 47.38
N ASP K 340 -56.02 -39.13 46.22
CA ASP K 340 -57.43 -39.50 46.22
C ASP K 340 -57.65 -40.96 46.56
N LYS K 341 -56.71 -41.84 46.23
CA LYS K 341 -56.82 -43.22 46.70
C LYS K 341 -56.51 -43.37 48.17
N VAL K 342 -55.48 -42.68 48.67
CA VAL K 342 -55.09 -42.83 50.07
C VAL K 342 -56.17 -42.28 50.99
N ILE K 343 -56.82 -41.19 50.58
CA ILE K 343 -57.96 -40.69 51.35
C ILE K 343 -59.04 -41.76 51.40
N MET K 344 -59.30 -42.42 50.28
CA MET K 344 -60.29 -43.48 50.25
C MET K 344 -59.89 -44.62 51.17
N THR K 345 -58.61 -44.99 51.19
CA THR K 345 -58.17 -46.06 52.06
C THR K 345 -58.32 -45.68 53.53
N LEU K 346 -58.02 -44.43 53.86
CA LEU K 346 -58.21 -44.00 55.25
C LEU K 346 -59.67 -44.06 55.66
N ILE K 347 -60.58 -43.59 54.79
CA ILE K 347 -62.00 -43.63 55.11
C ILE K 347 -62.50 -45.07 55.21
N GLU K 348 -62.08 -45.92 54.26
CA GLU K 348 -62.55 -47.30 54.24
C GLU K 348 -61.91 -48.11 55.35
N ALA K 349 -60.80 -47.63 55.92
CA ALA K 349 -60.23 -48.27 57.09
C ALA K 349 -60.90 -47.77 58.36
N MET K 350 -61.29 -46.50 58.38
CA MET K 350 -62.08 -45.99 59.49
C MET K 350 -63.38 -46.78 59.59
N VAL K 351 -64.02 -47.04 58.46
CA VAL K 351 -65.28 -47.78 58.50
C VAL K 351 -65.04 -49.21 58.99
N LEU K 352 -63.90 -49.80 58.62
CA LEU K 352 -63.62 -51.16 59.09
C LEU K 352 -63.37 -51.20 60.59
N VAL K 353 -62.59 -50.25 61.12
CA VAL K 353 -62.33 -50.27 62.56
C VAL K 353 -63.62 -49.99 63.31
N PHE K 354 -64.47 -49.10 62.78
CA PHE K 354 -65.78 -48.90 63.37
C PHE K 354 -66.58 -50.20 63.36
N LEU K 355 -66.54 -50.92 62.23
CA LEU K 355 -67.32 -52.14 62.11
C LEU K 355 -66.88 -53.17 63.14
N VAL K 356 -65.58 -53.44 63.23
CA VAL K 356 -65.14 -54.50 64.15
C VAL K 356 -65.33 -54.06 65.59
N MET K 357 -65.13 -52.77 65.85
CA MET K 357 -65.26 -52.30 67.23
C MET K 357 -66.71 -52.36 67.68
N PHE K 358 -67.65 -52.12 66.77
CA PHE K 358 -69.07 -52.30 67.08
C PHE K 358 -69.44 -53.77 67.14
N LEU K 359 -68.76 -54.61 66.35
CA LEU K 359 -69.05 -56.03 66.40
C LEU K 359 -68.62 -56.64 67.73
N PHE K 360 -67.50 -56.18 68.27
CA PHE K 360 -67.00 -56.74 69.53
C PHE K 360 -67.66 -56.07 70.73
N LEU K 361 -67.57 -54.73 70.82
CA LEU K 361 -68.09 -54.06 72.01
C LEU K 361 -69.60 -53.91 71.96
N GLN K 362 -70.20 -54.13 70.79
CA GLN K 362 -71.65 -54.28 70.65
C GLN K 362 -72.42 -53.03 71.07
N ASN K 363 -71.85 -51.85 70.84
CA ASN K 363 -72.57 -50.60 71.06
C ASN K 363 -71.93 -49.49 70.27
N VAL K 364 -72.74 -48.58 69.74
CA VAL K 364 -72.22 -47.53 68.87
C VAL K 364 -71.42 -46.50 69.67
N ARG K 365 -71.88 -46.17 70.88
CA ARG K 365 -71.20 -45.14 71.66
C ARG K 365 -69.78 -45.57 72.01
N TYR K 366 -69.59 -46.86 72.29
CA TYR K 366 -68.25 -47.36 72.53
C TYR K 366 -67.40 -47.25 71.28
N THR K 367 -68.01 -47.52 70.12
CA THR K 367 -67.29 -47.50 68.85
C THR K 367 -66.95 -46.09 68.40
N LEU K 368 -67.64 -45.08 68.91
CA LEU K 368 -67.45 -43.73 68.39
C LEU K 368 -66.05 -43.20 68.69
N ILE K 369 -65.61 -43.27 69.95
CA ILE K 369 -64.40 -42.62 70.47
C ILE K 369 -63.18 -42.71 69.54
N PRO K 370 -62.72 -43.90 69.14
CA PRO K 370 -61.52 -43.92 68.30
C PRO K 370 -61.72 -43.19 67.00
N SER K 371 -62.93 -43.21 66.45
CA SER K 371 -63.18 -42.55 65.19
C SER K 371 -63.06 -41.04 65.29
N ILE K 372 -63.13 -40.47 66.50
CA ILE K 372 -62.87 -39.03 66.63
C ILE K 372 -61.42 -38.77 67.00
N VAL K 373 -60.80 -39.62 67.82
CA VAL K 373 -59.42 -39.32 68.21
C VAL K 373 -58.45 -39.54 67.06
N VAL K 374 -58.71 -40.52 66.19
CA VAL K 374 -57.75 -40.85 65.13
C VAL K 374 -57.52 -39.68 64.17
N PRO K 375 -58.54 -39.06 63.57
CA PRO K 375 -58.26 -37.95 62.66
C PRO K 375 -57.62 -36.77 63.35
N VAL K 376 -57.84 -36.62 64.66
CA VAL K 376 -57.15 -35.57 65.42
C VAL K 376 -55.65 -35.80 65.35
N CYS K 377 -55.25 -37.05 65.56
CA CYS K 377 -53.84 -37.42 65.42
C CYS K 377 -53.35 -37.18 64.00
N LEU K 378 -54.18 -37.47 63.00
CA LEU K 378 -53.74 -37.25 61.63
C LEU K 378 -53.50 -35.77 61.36
N LEU K 379 -54.38 -34.90 61.87
CA LEU K 379 -54.20 -33.47 61.68
C LEU K 379 -52.94 -32.97 62.38
N GLY K 380 -52.71 -33.42 63.61
CA GLY K 380 -51.46 -33.08 64.26
C GLY K 380 -50.25 -33.55 63.49
N THR K 381 -50.36 -34.75 62.91
CA THR K 381 -49.30 -35.28 62.07
C THR K 381 -49.02 -34.34 60.91
N LEU K 382 -50.07 -33.85 60.26
CA LEU K 382 -49.88 -32.93 59.15
C LEU K 382 -49.19 -31.65 59.60
N THR K 383 -49.64 -31.09 60.73
CA THR K 383 -49.04 -29.84 61.20
C THR K 383 -47.55 -30.01 61.47
N PHE K 384 -47.18 -31.09 62.15
CA PHE K 384 -45.78 -31.27 62.48
C PHE K 384 -44.97 -31.63 61.24
N MET K 385 -45.58 -32.35 60.29
CA MET K 385 -44.87 -32.66 59.04
C MET K 385 -44.58 -31.39 58.26
N TYR K 386 -45.53 -30.46 58.22
CA TYR K 386 -45.29 -29.18 57.56
C TYR K 386 -44.22 -28.37 58.28
N LEU K 387 -44.25 -28.36 59.61
CA LEU K 387 -43.30 -27.54 60.36
C LEU K 387 -41.85 -27.94 60.08
N LEU K 388 -41.61 -29.19 59.75
CA LEU K 388 -40.26 -29.63 59.42
C LEU K 388 -39.94 -29.49 57.95
N GLY K 389 -40.86 -28.95 57.15
CA GLY K 389 -40.60 -28.81 55.73
C GLY K 389 -40.66 -30.10 54.95
N PHE K 390 -41.49 -31.04 55.39
CA PHE K 390 -41.68 -32.26 54.63
C PHE K 390 -42.77 -32.03 53.59
N SER K 391 -42.99 -33.02 52.73
CA SER K 391 -43.89 -32.86 51.60
C SER K 391 -44.98 -33.92 51.63
N VAL K 392 -46.14 -33.54 51.10
CA VAL K 392 -47.27 -34.44 50.96
C VAL K 392 -47.06 -35.17 49.64
N ASN K 393 -46.25 -36.22 49.67
CA ASN K 393 -45.95 -37.03 48.50
C ASN K 393 -46.47 -38.43 48.75
N MET K 394 -46.31 -39.34 47.77
CA MET K 394 -46.87 -40.67 47.99
C MET K 394 -46.32 -41.31 49.25
N MET K 395 -45.05 -41.08 49.55
CA MET K 395 -44.43 -41.82 50.63
C MET K 395 -44.98 -41.40 51.98
N THR K 396 -45.32 -40.12 52.13
CA THR K 396 -45.94 -39.70 53.39
C THR K 396 -47.39 -40.18 53.47
N MET K 397 -48.06 -40.32 52.33
CA MET K 397 -49.39 -40.92 52.34
C MET K 397 -49.33 -42.38 52.78
N PHE K 398 -48.26 -43.08 52.40
CA PHE K 398 -48.03 -44.41 52.93
C PHE K 398 -47.76 -44.37 54.43
N GLY K 399 -46.99 -43.37 54.87
CA GLY K 399 -46.86 -43.14 56.31
C GLY K 399 -48.21 -43.02 56.96
N MET K 400 -49.13 -42.26 56.34
CA MET K 400 -50.50 -42.15 56.81
C MET K 400 -51.18 -43.51 56.91
N VAL K 401 -51.15 -44.28 55.83
CA VAL K 401 -52.03 -45.44 55.72
C VAL K 401 -51.55 -46.55 56.63
N LEU K 402 -50.24 -46.69 56.80
CA LEU K 402 -49.79 -47.67 57.77
C LEU K 402 -49.50 -47.05 59.12
N ALA K 403 -49.80 -45.76 59.29
CA ALA K 403 -49.82 -45.18 60.63
C ALA K 403 -51.16 -45.41 61.28
N ILE K 404 -52.24 -45.08 60.58
CA ILE K 404 -53.59 -45.11 61.15
C ILE K 404 -53.80 -46.37 61.98
N GLY K 405 -53.19 -47.48 61.57
CA GLY K 405 -53.33 -48.70 62.35
C GLY K 405 -52.54 -48.70 63.65
N ILE K 406 -51.24 -48.41 63.57
CA ILE K 406 -50.44 -48.37 64.80
C ILE K 406 -50.98 -47.30 65.73
N LEU K 407 -51.65 -46.30 65.16
CA LEU K 407 -52.29 -45.25 65.93
C LEU K 407 -53.58 -45.76 66.58
N VAL K 408 -54.37 -46.54 65.83
CA VAL K 408 -55.68 -46.93 66.31
C VAL K 408 -55.57 -47.86 67.50
N ASP K 409 -54.42 -48.50 67.69
CA ASP K 409 -54.34 -49.46 68.81
C ASP K 409 -54.46 -48.67 70.12
N ASP K 410 -53.78 -47.53 70.24
CA ASP K 410 -53.87 -46.81 71.52
C ASP K 410 -55.31 -46.61 71.93
N ALA K 411 -56.13 -46.06 71.01
CA ALA K 411 -57.53 -45.86 71.31
C ALA K 411 -58.25 -47.18 71.56
N ILE K 412 -57.94 -48.20 70.78
CA ILE K 412 -58.63 -49.49 70.94
C ILE K 412 -58.35 -50.06 72.32
N VAL K 413 -57.07 -50.13 72.71
CA VAL K 413 -56.74 -50.72 74.00
C VAL K 413 -57.30 -49.88 75.13
N VAL K 414 -57.34 -48.55 74.99
CA VAL K 414 -57.86 -47.73 76.08
C VAL K 414 -59.35 -47.95 76.25
N VAL K 415 -60.12 -47.78 75.17
CA VAL K 415 -61.57 -47.91 75.28
C VAL K 415 -61.94 -49.33 75.65
N GLU K 416 -61.17 -50.30 75.20
CA GLU K 416 -61.46 -51.70 75.49
C GLU K 416 -61.14 -52.08 76.92
N ASN K 417 -60.03 -51.58 77.46
CA ASN K 417 -59.73 -51.82 78.87
C ASN K 417 -60.79 -51.17 79.73
N VAL K 418 -61.27 -50.00 79.33
CA VAL K 418 -62.40 -49.38 80.01
C VAL K 418 -63.62 -50.29 79.93
N GLU K 419 -63.90 -50.86 78.76
CA GLU K 419 -65.05 -51.77 78.66
C GLU K 419 -64.87 -52.98 79.57
N ARG K 420 -63.68 -53.54 79.59
CA ARG K 420 -63.46 -54.78 80.33
C ARG K 420 -63.66 -54.54 81.81
N ILE K 421 -63.16 -53.41 82.31
CA ILE K 421 -63.43 -53.06 83.70
C ILE K 421 -64.90 -52.74 83.92
N MET K 422 -65.54 -52.12 82.92
CA MET K 422 -66.97 -51.83 83.01
C MET K 422 -67.80 -53.11 83.17
N ALA K 423 -67.44 -54.14 82.40
CA ALA K 423 -68.20 -55.38 82.45
C ALA K 423 -67.85 -56.20 83.68
N GLU K 424 -66.58 -56.20 84.08
CA GLU K 424 -66.14 -57.01 85.20
C GLU K 424 -66.56 -56.43 86.54
N GLU K 425 -66.31 -55.15 86.76
CA GLU K 425 -66.61 -54.52 88.04
C GLU K 425 -67.90 -53.74 88.03
N GLY K 426 -68.49 -53.48 86.87
CA GLY K 426 -69.71 -52.70 86.82
C GLY K 426 -69.54 -51.27 87.26
N LEU K 427 -68.31 -50.76 87.25
CA LEU K 427 -68.04 -49.43 87.77
C LEU K 427 -68.66 -48.36 86.88
N ALA K 428 -68.86 -47.18 87.46
CA ALA K 428 -69.28 -46.04 86.69
C ALA K 428 -68.17 -45.64 85.72
N PRO K 429 -68.51 -44.96 84.63
CA PRO K 429 -67.50 -44.66 83.60
C PRO K 429 -66.26 -43.96 84.15
N VAL K 430 -66.43 -43.00 85.05
CA VAL K 430 -65.30 -42.21 85.52
C VAL K 430 -64.36 -43.08 86.36
N PRO K 431 -64.82 -43.72 87.45
CA PRO K 431 -63.88 -44.56 88.21
C PRO K 431 -63.34 -45.72 87.42
N ALA K 432 -64.14 -46.30 86.53
CA ALA K 432 -63.64 -47.36 85.68
C ALA K 432 -62.50 -46.88 84.80
N THR K 433 -62.64 -45.70 84.19
CA THR K 433 -61.56 -45.14 83.39
C THR K 433 -60.35 -44.88 84.27
N ILE K 434 -60.57 -44.34 85.46
CA ILE K 434 -59.44 -44.07 86.36
C ILE K 434 -58.68 -45.36 86.62
N LYS K 435 -59.39 -46.43 86.98
CA LYS K 435 -58.72 -47.68 87.30
C LYS K 435 -58.00 -48.27 86.10
N ALA K 436 -58.70 -48.39 84.96
CA ALA K 436 -58.12 -49.07 83.80
C ALA K 436 -56.92 -48.31 83.27
N MET K 437 -57.04 -47.00 83.10
CA MET K 437 -55.92 -46.30 82.49
C MET K 437 -54.86 -46.01 83.53
N GLY K 438 -55.19 -46.08 84.82
CA GLY K 438 -54.14 -46.14 85.82
C GLY K 438 -53.36 -47.43 85.72
N GLN K 439 -54.01 -48.51 85.29
CA GLN K 439 -53.28 -49.74 84.99
C GLN K 439 -52.32 -49.54 83.81
N VAL K 440 -52.80 -48.92 82.74
CA VAL K 440 -52.05 -48.94 81.49
C VAL K 440 -51.30 -47.65 81.21
N SER K 441 -51.21 -46.72 82.16
CA SER K 441 -50.58 -45.43 81.85
C SER K 441 -49.07 -45.56 81.67
N GLY K 442 -48.39 -46.21 82.61
CA GLY K 442 -46.96 -46.44 82.43
C GLY K 442 -46.67 -47.25 81.20
N ALA K 443 -47.54 -48.23 80.91
CA ALA K 443 -47.39 -49.01 79.69
C ALA K 443 -47.51 -48.12 78.46
N ILE K 444 -48.49 -47.21 78.44
CA ILE K 444 -48.70 -46.36 77.28
C ILE K 444 -47.51 -45.43 77.08
N ILE K 445 -46.94 -44.94 78.18
CA ILE K 445 -45.73 -44.13 78.05
C ILE K 445 -44.59 -44.97 77.48
N GLY K 446 -44.46 -46.21 77.92
CA GLY K 446 -43.45 -47.08 77.36
C GLY K 446 -43.64 -47.30 75.86
N ILE K 447 -44.88 -47.53 75.44
CA ILE K 447 -45.20 -47.58 74.02
C ILE K 447 -44.70 -46.33 73.32
N THR K 448 -45.24 -45.18 73.71
CA THR K 448 -44.94 -43.93 73.00
C THR K 448 -43.44 -43.75 72.84
N LEU K 449 -42.68 -43.93 73.93
CA LEU K 449 -41.24 -43.73 73.88
C LEU K 449 -40.57 -44.79 73.00
N VAL K 450 -41.01 -46.05 73.09
CA VAL K 450 -40.26 -47.12 72.44
C VAL K 450 -40.50 -47.14 70.94
N LEU K 451 -41.73 -46.90 70.49
CA LEU K 451 -41.90 -46.74 69.05
C LEU K 451 -41.37 -45.41 68.55
N SER K 452 -41.36 -44.37 69.38
CA SER K 452 -40.62 -43.17 68.99
C SER K 452 -39.19 -43.52 68.65
N ALA K 453 -38.52 -44.28 69.52
CA ALA K 453 -37.13 -44.64 69.31
C ALA K 453 -36.94 -45.89 68.45
N VAL K 454 -38.01 -46.47 67.91
CA VAL K 454 -37.81 -47.55 66.95
C VAL K 454 -37.83 -47.01 65.52
N PHE K 455 -38.56 -45.92 65.25
CA PHE K 455 -38.41 -45.27 63.96
C PHE K 455 -37.57 -44.00 64.02
N LEU K 456 -37.08 -43.60 65.19
CA LEU K 456 -36.03 -42.59 65.21
C LEU K 456 -34.75 -43.06 64.52
N PRO K 457 -34.23 -44.26 64.76
CA PRO K 457 -32.99 -44.65 64.08
C PRO K 457 -33.11 -44.67 62.57
N LEU K 458 -34.28 -44.99 62.04
CA LEU K 458 -34.48 -44.96 60.59
C LEU K 458 -34.28 -43.57 60.03
N ALA K 459 -34.41 -42.54 60.87
CA ALA K 459 -34.23 -41.16 60.43
C ALA K 459 -32.77 -40.70 60.49
N PHE K 460 -31.85 -41.54 60.98
CA PHE K 460 -30.44 -41.22 61.00
C PHE K 460 -29.72 -41.61 59.72
N MET K 461 -30.33 -42.47 58.89
CA MET K 461 -29.63 -43.00 57.73
C MET K 461 -29.37 -41.91 56.69
N ALA K 462 -28.33 -42.08 55.91
CA ALA K 462 -27.93 -41.13 54.89
C ALA K 462 -28.10 -41.74 53.50
N GLY K 463 -28.09 -40.86 52.50
CA GLY K 463 -28.29 -41.28 51.13
C GLY K 463 -29.71 -41.10 50.67
N SER K 464 -29.97 -41.58 49.45
CA SER K 464 -31.31 -41.52 48.90
C SER K 464 -32.28 -42.33 49.76
N VAL K 465 -31.85 -43.50 50.22
CA VAL K 465 -32.58 -44.20 51.27
C VAL K 465 -32.74 -43.30 52.47
N GLY K 466 -31.72 -42.50 52.77
CA GLY K 466 -31.83 -41.58 53.88
C GLY K 466 -33.04 -40.68 53.74
N VAL K 467 -33.24 -40.10 52.55
CA VAL K 467 -34.38 -39.22 52.36
C VAL K 467 -35.69 -40.00 52.37
N ILE K 468 -35.70 -41.19 51.75
CA ILE K 468 -36.92 -42.00 51.69
C ILE K 468 -37.38 -42.34 53.11
N TYR K 469 -36.53 -43.05 53.84
CA TYR K 469 -36.86 -43.41 55.21
C TYR K 469 -37.04 -42.17 56.05
N GLN K 470 -36.30 -41.10 55.76
CA GLN K 470 -36.45 -39.83 56.45
C GLN K 470 -37.92 -39.46 56.55
N GLN K 471 -38.53 -39.21 55.40
CA GLN K 471 -39.92 -38.76 55.41
C GLN K 471 -40.83 -39.83 55.97
N PHE K 472 -40.64 -41.08 55.56
CA PHE K 472 -41.62 -42.11 55.89
C PHE K 472 -41.60 -42.40 57.39
N SER K 473 -40.40 -42.61 57.94
CA SER K 473 -40.21 -42.86 59.35
C SER K 473 -40.63 -41.68 60.21
N LEU K 474 -40.33 -40.45 59.79
CA LEU K 474 -40.69 -39.34 60.66
C LEU K 474 -42.19 -39.11 60.66
N SER K 475 -42.86 -39.34 59.53
CA SER K 475 -44.32 -39.33 59.55
C SER K 475 -44.85 -40.35 60.55
N LEU K 476 -44.33 -41.58 60.48
CA LEU K 476 -44.76 -42.61 61.42
C LEU K 476 -44.52 -42.21 62.87
N ALA K 477 -43.34 -41.67 63.16
CA ALA K 477 -42.98 -41.36 64.54
C ALA K 477 -43.82 -40.22 65.10
N VAL K 478 -44.05 -39.17 64.29
CA VAL K 478 -44.90 -38.08 64.76
C VAL K 478 -46.31 -38.58 65.02
N SER K 479 -46.80 -39.45 64.13
CA SER K 479 -48.14 -39.98 64.31
C SER K 479 -48.25 -40.73 65.63
N ILE K 480 -47.27 -41.57 65.95
CA ILE K 480 -47.42 -42.33 67.18
C ILE K 480 -47.13 -41.47 68.40
N LEU K 481 -46.33 -40.42 68.27
CA LEU K 481 -46.17 -39.48 69.38
C LEU K 481 -47.50 -38.85 69.76
N PHE K 482 -48.19 -38.29 68.77
CA PHE K 482 -49.49 -37.70 69.07
C PHE K 482 -50.50 -38.74 69.48
N SER K 483 -50.41 -39.97 68.95
CA SER K 483 -51.34 -41.02 69.36
C SER K 483 -51.18 -41.34 70.84
N GLY K 484 -49.93 -41.47 71.30
CA GLY K 484 -49.71 -41.68 72.70
C GLY K 484 -50.19 -40.50 73.54
N PHE K 485 -49.96 -39.28 73.04
CA PHE K 485 -50.36 -38.11 73.82
C PHE K 485 -51.87 -38.08 74.00
N LEU K 486 -52.61 -38.41 72.94
CA LEU K 486 -54.06 -38.48 73.08
C LEU K 486 -54.49 -39.62 73.99
N ALA K 487 -53.81 -40.76 73.94
CA ALA K 487 -54.15 -41.82 74.88
C ALA K 487 -53.93 -41.37 76.32
N LEU K 488 -52.90 -40.57 76.57
CA LEU K 488 -52.61 -40.11 77.92
C LEU K 488 -53.54 -39.00 78.39
N THR K 489 -54.02 -38.14 77.49
CA THR K 489 -54.83 -37.00 77.90
C THR K 489 -56.25 -37.03 77.36
N PHE K 490 -56.42 -37.14 76.05
CA PHE K 490 -57.69 -36.82 75.42
C PHE K 490 -58.69 -37.97 75.53
N THR K 491 -58.30 -39.16 75.09
CA THR K 491 -59.27 -40.25 75.04
C THR K 491 -59.77 -40.71 76.41
N PRO K 492 -59.03 -40.60 77.53
CA PRO K 492 -59.68 -40.88 78.82
C PRO K 492 -60.87 -39.99 79.07
N ALA K 493 -60.76 -38.71 78.70
CA ALA K 493 -61.91 -37.83 78.78
C ALA K 493 -63.04 -38.31 77.89
N LEU K 494 -62.69 -38.86 76.73
CA LEU K 494 -63.72 -39.38 75.83
C LEU K 494 -64.45 -40.55 76.47
N CYS K 495 -63.73 -41.47 77.10
CA CYS K 495 -64.41 -42.56 77.80
C CYS K 495 -65.23 -42.05 78.96
N ALA K 496 -64.70 -41.10 79.73
CA ALA K 496 -65.44 -40.57 80.87
C ALA K 496 -66.67 -39.80 80.43
N THR K 497 -66.71 -39.32 79.20
CA THR K 497 -67.82 -38.51 78.72
C THR K 497 -68.83 -39.30 77.90
N LEU K 498 -68.41 -39.87 76.78
CA LEU K 498 -69.35 -40.43 75.81
C LEU K 498 -69.96 -41.76 76.25
N LEU K 499 -69.34 -42.46 77.18
CA LEU K 499 -69.79 -43.80 77.49
C LEU K 499 -71.04 -43.77 78.36
N LYS K 500 -71.88 -44.79 78.19
CA LYS K 500 -73.11 -44.97 78.93
C LYS K 500 -73.02 -46.22 79.80
N PRO K 501 -73.58 -46.18 81.00
CA PRO K 501 -73.53 -47.37 81.86
C PRO K 501 -74.30 -48.52 81.25
N ILE K 502 -73.87 -49.73 81.60
CA ILE K 502 -74.51 -50.96 81.15
C ILE K 502 -75.19 -51.63 82.34
N PRO K 503 -76.25 -52.40 82.12
CA PRO K 503 -76.87 -53.13 83.24
C PRO K 503 -75.92 -54.19 83.79
N VAL K 504 -76.05 -54.45 85.09
CA VAL K 504 -75.24 -55.47 85.75
C VAL K 504 -75.74 -56.85 85.33
N GLY K 505 -74.82 -57.70 84.89
CA GLY K 505 -75.17 -59.03 84.45
C GLY K 505 -75.84 -59.10 83.10
N HIS K 506 -75.75 -58.05 82.29
CA HIS K 506 -76.42 -58.00 80.99
C HIS K 506 -75.51 -58.59 79.91
N HIS K 507 -75.22 -59.89 80.08
CA HIS K 507 -74.46 -60.63 79.08
C HIS K 507 -75.34 -61.45 78.15
N GLU K 508 -76.54 -61.84 78.58
CA GLU K 508 -77.49 -62.43 77.66
C GLU K 508 -77.87 -61.39 76.61
N LYS K 509 -77.91 -61.83 75.35
CA LYS K 509 -78.09 -60.89 74.25
C LYS K 509 -79.01 -61.48 73.19
N THR K 510 -79.84 -60.63 72.61
CA THR K 510 -80.75 -61.03 71.55
C THR K 510 -80.09 -60.86 70.20
N GLY K 511 -80.20 -61.88 69.36
CA GLY K 511 -79.64 -61.82 68.03
C GLY K 511 -78.23 -62.35 67.96
N PHE K 512 -77.65 -62.19 66.77
CA PHE K 512 -76.32 -62.74 66.49
C PHE K 512 -75.25 -62.19 67.40
N PHE K 513 -75.48 -61.04 68.03
CA PHE K 513 -74.52 -60.53 68.99
C PHE K 513 -74.40 -61.44 70.20
N GLY K 514 -75.51 -62.06 70.62
CA GLY K 514 -75.43 -63.04 71.69
C GLY K 514 -74.57 -64.24 71.30
N TRP K 515 -74.83 -64.79 70.11
CA TRP K 515 -73.97 -65.83 69.57
C TRP K 515 -72.52 -65.40 69.58
N PHE K 516 -72.25 -64.17 69.17
CA PHE K 516 -70.86 -63.75 69.02
C PHE K 516 -70.17 -63.61 70.37
N ASN K 517 -70.82 -62.99 71.34
CA ASN K 517 -70.16 -62.82 72.62
C ASN K 517 -69.99 -64.16 73.31
N ARG K 518 -70.95 -65.07 73.13
CA ARG K 518 -70.78 -66.42 73.68
C ARG K 518 -69.61 -67.13 73.03
N LYS K 519 -69.48 -67.02 71.70
CA LYS K 519 -68.43 -67.74 71.01
C LYS K 519 -67.06 -67.15 71.32
N PHE K 520 -66.98 -65.83 71.50
CA PHE K 520 -65.72 -65.24 71.91
C PHE K 520 -65.38 -65.58 73.35
N THR K 521 -66.39 -65.70 74.23
CA THR K 521 -66.12 -66.19 75.57
C THR K 521 -65.56 -67.60 75.50
N SER K 522 -66.12 -68.43 74.62
CA SER K 522 -65.60 -69.78 74.44
C SER K 522 -64.16 -69.76 73.92
N LEU K 523 -63.88 -68.88 72.96
CA LEU K 523 -62.53 -68.79 72.41
C LEU K 523 -61.54 -68.34 73.47
N THR K 524 -61.92 -67.36 74.29
CA THR K 524 -61.05 -66.89 75.35
C THR K 524 -60.81 -68.00 76.37
N SER K 525 -61.84 -68.75 76.72
CA SER K 525 -61.67 -69.86 77.65
C SER K 525 -60.77 -70.95 77.06
N ARG K 526 -60.96 -71.27 75.79
CA ARG K 526 -60.13 -72.26 75.12
C ARG K 526 -58.67 -71.82 75.09
N TYR K 527 -58.44 -70.55 74.78
CA TYR K 527 -57.08 -70.02 74.79
C TYR K 527 -56.50 -70.03 76.20
N THR K 528 -57.33 -69.74 77.20
CA THR K 528 -56.87 -69.78 78.58
C THR K 528 -56.42 -71.19 78.95
N LYS K 529 -57.24 -72.19 78.63
CA LYS K 529 -56.85 -73.57 78.84
C LYS K 529 -55.62 -73.93 78.03
N LEU K 530 -55.50 -73.35 76.84
CA LEU K 530 -54.36 -73.63 75.98
C LEU K 530 -53.07 -73.15 76.62
N ASN K 531 -53.09 -71.93 77.20
CA ASN K 531 -51.94 -71.45 77.94
C ASN K 531 -51.66 -72.35 79.12
N ASP K 532 -52.71 -72.71 79.87
CA ASP K 532 -52.53 -73.55 81.04
C ASP K 532 -51.88 -74.87 80.68
N LYS K 533 -52.19 -75.39 79.49
CA LYS K 533 -51.59 -76.63 79.00
C LYS K 533 -50.20 -76.41 78.41
N LEU K 534 -49.87 -75.18 78.03
CA LEU K 534 -48.57 -74.93 77.41
C LEU K 534 -47.52 -74.44 78.40
N VAL K 535 -47.94 -73.81 79.49
CA VAL K 535 -46.97 -73.29 80.46
C VAL K 535 -46.16 -74.39 81.13
N PRO K 536 -46.66 -75.62 81.35
CA PRO K 536 -45.76 -76.65 81.91
C PRO K 536 -44.57 -76.94 81.02
N ARG K 537 -44.80 -77.01 79.70
CA ARG K 537 -43.74 -77.29 78.74
C ARG K 537 -43.29 -75.95 78.15
N ALA K 538 -42.25 -75.37 78.73
CA ALA K 538 -41.70 -74.13 78.21
C ALA K 538 -40.40 -74.35 77.44
N GLY K 539 -39.48 -75.13 77.99
CA GLY K 539 -38.25 -75.41 77.27
C GLY K 539 -38.48 -76.14 75.97
N ARG K 540 -39.49 -77.02 75.94
CA ARG K 540 -39.84 -77.69 74.70
C ARG K 540 -40.32 -76.70 73.66
N VAL K 541 -41.18 -75.75 74.06
CA VAL K 541 -41.66 -74.73 73.12
C VAL K 541 -40.54 -73.77 72.74
N MET K 542 -39.59 -73.55 73.65
CA MET K 542 -38.41 -72.77 73.29
C MET K 542 -37.72 -73.35 72.07
N PHE K 543 -37.75 -74.67 71.91
CA PHE K 543 -37.17 -75.27 70.72
C PHE K 543 -37.96 -74.90 69.47
N ILE K 544 -39.29 -74.88 69.55
CA ILE K 544 -40.08 -74.49 68.40
C ILE K 544 -39.81 -73.03 68.04
N TYR K 545 -39.72 -72.16 69.04
CA TYR K 545 -39.45 -70.76 68.76
C TYR K 545 -38.05 -70.57 68.20
N LEU K 546 -37.09 -71.38 68.65
CA LEU K 546 -35.75 -71.33 68.07
C LEU K 546 -35.78 -71.77 66.61
N GLY K 547 -36.54 -72.81 66.31
CA GLY K 547 -36.72 -73.18 64.92
C GLY K 547 -37.33 -72.06 64.11
N VAL K 548 -38.27 -71.32 64.71
CA VAL K 548 -38.91 -70.22 63.99
C VAL K 548 -37.90 -69.12 63.70
N VAL K 549 -37.08 -68.76 64.69
CA VAL K 549 -36.13 -67.68 64.44
C VAL K 549 -35.08 -68.12 63.41
N VAL K 550 -34.65 -69.38 63.46
CA VAL K 550 -33.69 -69.84 62.46
C VAL K 550 -34.32 -69.83 61.07
N LEU K 551 -35.58 -70.24 60.97
CA LEU K 551 -36.29 -70.20 59.65
C LEU K 551 -36.35 -68.75 59.18
N MET K 552 -36.73 -67.83 60.05
CA MET K 552 -36.78 -66.41 59.72
C MET K 552 -35.45 -65.94 59.14
N GLY K 553 -34.36 -66.25 59.84
CA GLY K 553 -33.05 -65.87 59.32
C GLY K 553 -32.74 -66.52 57.99
N PHE K 554 -33.16 -67.77 57.82
CA PHE K 554 -32.79 -68.51 56.62
C PHE K 554 -33.43 -67.91 55.37
N LEU K 555 -34.71 -67.56 55.45
CA LEU K 555 -35.27 -66.86 54.28
C LEU K 555 -35.10 -65.35 54.31
N TYR K 556 -34.60 -64.77 55.40
CA TYR K 556 -34.24 -63.37 55.34
C TYR K 556 -32.95 -63.17 54.57
N MET K 557 -31.96 -64.04 54.80
CA MET K 557 -30.73 -64.00 54.03
C MET K 557 -30.91 -64.58 52.63
N ARG K 558 -31.99 -65.29 52.36
CA ARG K 558 -32.32 -65.74 51.02
C ARG K 558 -33.19 -64.75 50.26
N LEU K 559 -33.37 -63.56 50.79
CA LEU K 559 -34.28 -62.62 50.15
C LEU K 559 -33.47 -61.64 49.31
N PRO K 560 -33.65 -61.63 47.99
CA PRO K 560 -32.91 -60.67 47.17
C PRO K 560 -33.17 -59.24 47.60
N GLU K 561 -32.11 -58.45 47.62
CA GLU K 561 -32.20 -57.05 48.01
C GLU K 561 -32.62 -56.20 46.82
N SER K 562 -33.10 -55.00 47.13
CA SER K 562 -33.41 -54.04 46.08
C SER K 562 -33.48 -52.65 46.71
N PHE K 563 -33.29 -51.64 45.88
CA PHE K 563 -33.38 -50.26 46.34
C PHE K 563 -34.83 -49.81 46.41
N VAL K 564 -35.48 -49.71 45.27
CA VAL K 564 -36.87 -49.30 45.15
C VAL K 564 -37.48 -50.10 44.01
N PRO K 565 -38.65 -50.69 44.18
CA PRO K 565 -39.30 -51.37 43.05
C PRO K 565 -39.61 -50.38 41.95
N VAL K 566 -39.56 -50.85 40.71
CA VAL K 566 -39.85 -49.99 39.57
C VAL K 566 -41.36 -49.78 39.47
N GLU K 567 -41.77 -48.52 39.42
CA GLU K 567 -43.19 -48.20 39.32
C GLU K 567 -43.57 -47.92 37.86
N ASP K 568 -44.80 -48.27 37.52
CA ASP K 568 -45.35 -47.95 36.22
C ASP K 568 -45.59 -46.45 36.13
N GLN K 569 -44.63 -45.72 35.59
CA GLN K 569 -44.74 -44.27 35.51
C GLN K 569 -45.50 -43.82 34.27
N GLY K 570 -45.97 -44.74 33.44
CA GLY K 570 -46.77 -44.39 32.29
C GLY K 570 -45.98 -43.96 31.07
N TYR K 571 -44.65 -43.95 31.16
CA TYR K 571 -43.83 -43.55 30.02
C TYR K 571 -42.70 -44.55 29.89
N MET K 572 -42.03 -44.52 28.75
CA MET K 572 -40.93 -45.43 28.51
C MET K 572 -39.76 -44.70 27.87
N ILE K 573 -38.63 -45.41 27.82
CA ILE K 573 -37.43 -44.94 27.16
C ILE K 573 -37.18 -45.86 25.98
N VAL K 574 -37.04 -45.27 24.79
CA VAL K 574 -36.62 -45.99 23.60
C VAL K 574 -35.46 -45.22 22.98
N ASP K 575 -34.34 -45.89 22.79
CA ASP K 575 -33.12 -45.26 22.33
C ASP K 575 -32.92 -45.51 20.84
N ILE K 576 -32.61 -44.46 20.10
CA ILE K 576 -32.40 -44.54 18.66
C ILE K 576 -30.95 -44.18 18.38
N GLN K 577 -30.12 -45.19 18.18
CA GLN K 577 -28.69 -45.00 17.92
C GLN K 577 -28.37 -45.65 16.58
N LEU K 578 -27.86 -44.87 15.66
CA LEU K 578 -27.49 -45.41 14.37
C LEU K 578 -26.00 -45.69 14.30
N PRO K 579 -25.54 -46.40 13.27
CA PRO K 579 -24.10 -46.64 13.11
C PRO K 579 -23.33 -45.33 13.13
N PRO K 580 -22.04 -45.38 13.46
CA PRO K 580 -21.28 -44.14 13.58
C PRO K 580 -21.30 -43.35 12.27
N GLY K 581 -21.39 -42.03 12.42
CA GLY K 581 -21.41 -41.16 11.26
C GLY K 581 -22.74 -41.02 10.58
N ALA K 582 -23.84 -41.21 11.28
CA ALA K 582 -25.15 -41.16 10.66
C ALA K 582 -25.69 -39.74 10.61
N THR K 583 -26.16 -39.32 9.44
CA THR K 583 -26.77 -38.01 9.28
C THR K 583 -28.09 -37.97 10.01
N ARG K 584 -28.57 -36.75 10.26
CA ARG K 584 -29.85 -36.59 10.93
C ARG K 584 -30.98 -37.23 10.15
N GLU K 585 -30.88 -37.28 8.82
CA GLU K 585 -32.01 -37.76 8.03
C GLU K 585 -32.23 -39.26 8.22
N ARG K 586 -31.14 -40.03 8.31
CA ARG K 586 -31.29 -41.45 8.60
C ARG K 586 -31.97 -41.66 9.95
N THR K 587 -31.56 -40.88 10.94
CA THR K 587 -32.19 -40.97 12.26
C THR K 587 -33.64 -40.58 12.20
N SER K 588 -33.98 -39.58 11.38
CA SER K 588 -35.36 -39.18 11.23
C SER K 588 -36.19 -40.27 10.59
N ALA K 589 -35.63 -40.98 9.60
CA ALA K 589 -36.34 -42.10 9.02
C ALA K 589 -36.57 -43.22 10.03
N ALA K 590 -35.54 -43.52 10.82
CA ALA K 590 -35.70 -44.53 11.87
C ALA K 590 -36.76 -44.12 12.88
N GLY K 591 -36.73 -42.86 13.29
CA GLY K 591 -37.76 -42.37 14.19
C GLY K 591 -39.13 -42.38 13.57
N GLY K 592 -39.21 -42.16 12.26
CA GLY K 592 -40.50 -42.25 11.60
C GLY K 592 -41.09 -43.65 11.67
N GLU K 593 -40.26 -44.65 11.37
CA GLU K 593 -40.75 -46.03 11.47
C GLU K 593 -41.11 -46.38 12.91
N LEU K 594 -40.28 -45.97 13.88
CA LEU K 594 -40.57 -46.24 15.27
C LEU K 594 -41.89 -45.60 15.70
N GLU K 595 -42.09 -44.34 15.35
CA GLU K 595 -43.30 -43.65 15.75
C GLU K 595 -44.52 -44.24 15.07
N SER K 596 -44.38 -44.70 13.82
CA SER K 596 -45.50 -45.38 13.18
C SER K 596 -45.88 -46.64 13.95
N PHE K 597 -44.88 -47.45 14.31
CA PHE K 597 -45.20 -48.67 15.05
C PHE K 597 -45.83 -48.34 16.39
N LEU K 598 -45.41 -47.24 17.01
CA LEU K 598 -46.03 -46.83 18.26
C LEU K 598 -47.48 -46.43 18.05
N MET K 599 -47.79 -45.75 16.94
CA MET K 599 -49.20 -45.51 16.63
C MET K 599 -49.96 -46.82 16.51
N ALA K 600 -49.37 -47.83 15.87
CA ALA K 600 -50.05 -49.11 15.76
C ALA K 600 -50.29 -49.75 17.13
N ARG K 601 -49.56 -49.34 18.16
CA ARG K 601 -49.79 -49.88 19.51
C ARG K 601 -50.88 -49.10 20.21
N GLU K 602 -51.92 -49.81 20.63
CA GLU K 602 -53.03 -49.19 21.32
C GLU K 602 -52.68 -48.83 22.75
N ALA K 603 -51.63 -49.41 23.31
CA ALA K 603 -51.26 -49.10 24.68
C ALA K 603 -50.69 -47.69 24.82
N VAL K 604 -50.40 -47.03 23.71
CA VAL K 604 -49.77 -45.72 23.74
C VAL K 604 -50.77 -44.68 23.26
N GLN K 605 -50.97 -43.65 24.07
CA GLN K 605 -51.82 -42.52 23.73
C GLN K 605 -51.10 -41.49 22.87
N THR K 606 -49.88 -41.12 23.24
CA THR K 606 -49.07 -40.22 22.42
C THR K 606 -47.61 -40.53 22.63
N THR K 607 -46.84 -40.43 21.55
CA THR K 607 -45.41 -40.71 21.57
C THR K 607 -44.65 -39.43 21.28
N PHE K 608 -43.71 -39.10 22.15
CA PHE K 608 -42.88 -37.93 21.97
C PHE K 608 -41.47 -38.39 21.62
N LEU K 609 -40.96 -37.93 20.49
CA LEU K 609 -39.69 -38.38 19.96
C LEU K 609 -38.73 -37.20 19.90
N VAL K 610 -37.50 -37.44 20.35
CA VAL K 610 -36.44 -36.44 20.30
C VAL K 610 -35.36 -36.93 19.35
N LEU K 611 -34.92 -36.07 18.46
CA LEU K 611 -33.83 -36.36 17.54
C LEU K 611 -32.61 -35.56 17.95
N GLY K 612 -31.45 -36.20 17.95
CA GLY K 612 -30.24 -35.55 18.38
C GLY K 612 -29.96 -35.65 19.86
N PHE K 613 -30.86 -36.24 20.63
CA PHE K 613 -30.65 -36.44 22.06
C PHE K 613 -30.92 -37.89 22.41
N SER K 614 -30.02 -38.49 23.16
CA SER K 614 -30.27 -39.79 23.77
C SER K 614 -29.42 -39.89 25.02
N PHE K 615 -29.92 -40.66 25.98
CA PHE K 615 -29.21 -40.78 27.24
C PHE K 615 -27.81 -41.35 27.05
N SER K 616 -27.58 -42.04 25.92
CA SER K 616 -26.22 -42.40 25.55
C SER K 616 -25.38 -41.17 25.28
N GLY K 617 -25.94 -40.19 24.58
CA GLY K 617 -25.25 -38.96 24.27
C GLY K 617 -25.83 -38.29 23.05
N MET K 618 -25.70 -36.97 23.01
CA MET K 618 -26.27 -36.20 21.91
C MET K 618 -25.37 -36.24 20.70
N GLY K 619 -25.98 -36.40 19.53
CA GLY K 619 -25.24 -36.49 18.28
C GLY K 619 -26.25 -36.68 17.17
N GLU K 620 -25.75 -36.57 15.93
CA GLU K 620 -26.66 -36.67 14.80
C GLU K 620 -27.26 -38.07 14.67
N ASN K 621 -26.51 -39.10 15.03
CA ASN K 621 -26.98 -40.46 14.95
C ASN K 621 -27.92 -40.84 16.08
N ALA K 622 -28.04 -40.01 17.10
CA ALA K 622 -28.71 -40.40 18.34
C ALA K 622 -30.07 -39.73 18.44
N ALA K 623 -31.03 -40.47 18.97
CA ALA K 623 -32.38 -39.96 19.17
C ALA K 623 -33.03 -40.79 20.27
N ILE K 624 -34.05 -40.22 20.91
CA ILE K 624 -34.72 -40.88 22.02
C ILE K 624 -36.22 -40.74 21.85
N ALA K 625 -36.96 -41.72 22.32
CA ALA K 625 -38.41 -41.75 22.21
C ALA K 625 -39.02 -41.93 23.59
N PHE K 626 -40.08 -41.18 23.87
CA PHE K 626 -40.74 -41.20 25.17
C PHE K 626 -42.23 -41.45 24.94
N PRO K 627 -42.60 -42.67 24.59
CA PRO K 627 -44.02 -42.99 24.42
C PRO K 627 -44.77 -42.76 25.71
N LEU K 628 -45.95 -42.17 25.61
CA LEU K 628 -46.83 -42.00 26.76
C LEU K 628 -47.91 -43.06 26.71
N LEU K 629 -48.03 -43.83 27.79
CA LEU K 629 -49.01 -44.89 27.88
C LEU K 629 -50.36 -44.32 28.27
N LYS K 630 -51.41 -45.10 28.02
CA LYS K 630 -52.74 -44.71 28.42
C LYS K 630 -52.87 -44.82 29.93
N ASP K 631 -53.94 -44.23 30.46
CA ASP K 631 -54.16 -44.28 31.89
C ASP K 631 -54.33 -45.73 32.35
N TRP K 632 -53.94 -45.99 33.60
CA TRP K 632 -53.98 -47.35 34.12
C TRP K 632 -55.38 -47.93 34.06
N SER K 633 -56.40 -47.12 34.35
CA SER K 633 -57.78 -47.59 34.29
C SER K 633 -58.15 -48.11 32.92
N GLU K 634 -57.52 -47.58 31.87
CA GLU K 634 -57.81 -47.99 30.50
C GLU K 634 -56.84 -49.04 29.98
N ARG K 635 -56.01 -49.60 30.85
CA ARG K 635 -55.08 -50.65 30.44
C ARG K 635 -55.18 -51.83 31.37
N ASP K 636 -54.74 -52.99 30.88
CA ASP K 636 -54.67 -54.20 31.67
C ASP K 636 -53.22 -54.54 31.98
N SER K 637 -53.01 -55.70 32.60
CA SER K 637 -51.65 -56.14 32.89
C SER K 637 -50.90 -56.47 31.61
N SER K 638 -51.59 -56.95 30.58
CA SER K 638 -50.94 -57.28 29.33
C SER K 638 -50.42 -56.05 28.60
N GLN K 639 -50.92 -54.86 28.96
CA GLN K 639 -50.41 -53.60 28.43
C GLN K 639 -49.48 -52.90 29.41
N SER K 640 -48.80 -53.65 30.27
CA SER K 640 -47.82 -53.07 31.15
C SER K 640 -46.63 -52.57 30.35
N PRO K 641 -45.88 -51.60 30.88
CA PRO K 641 -44.73 -51.09 30.14
C PRO K 641 -43.73 -52.16 29.79
N GLU K 642 -43.50 -53.12 30.68
CA GLU K 642 -42.50 -54.14 30.42
C GLU K 642 -42.88 -55.01 29.24
N ALA K 643 -44.13 -55.50 29.23
CA ALA K 643 -44.57 -56.36 28.13
C ALA K 643 -44.60 -55.59 26.83
N GLU K 644 -45.05 -54.34 26.86
CA GLU K 644 -45.12 -53.57 25.63
C GLU K 644 -43.72 -53.28 25.10
N SER K 645 -42.79 -52.97 26.00
CA SER K 645 -41.40 -52.72 25.59
C SER K 645 -40.77 -53.98 25.03
N ALA K 646 -41.07 -55.13 25.62
CA ALA K 646 -40.61 -56.39 25.04
C ALA K 646 -41.20 -56.56 23.65
N ALA K 647 -42.45 -56.17 23.46
CA ALA K 647 -43.05 -56.24 22.14
C ALA K 647 -42.32 -55.35 21.15
N VAL K 648 -41.93 -54.15 21.59
CA VAL K 648 -41.19 -53.24 20.71
C VAL K 648 -39.82 -53.82 20.36
N ASN K 649 -39.09 -54.29 21.37
CA ASN K 649 -37.76 -54.85 21.13
C ASN K 649 -37.83 -56.06 20.20
N GLN K 650 -38.84 -56.91 20.38
CA GLN K 650 -39.04 -58.01 19.45
C GLN K 650 -39.37 -57.49 18.06
N HIS K 651 -40.16 -56.43 17.97
CA HIS K 651 -40.56 -55.93 16.66
C HIS K 651 -39.39 -55.30 15.93
N PHE K 652 -38.65 -54.43 16.61
CA PHE K 652 -37.53 -53.75 15.99
C PHE K 652 -36.21 -54.50 16.18
N ALA K 653 -36.29 -55.80 16.45
CA ALA K 653 -35.07 -56.60 16.57
C ALA K 653 -34.35 -56.77 15.24
N ASN K 654 -35.08 -56.69 14.14
CA ASN K 654 -34.51 -56.87 12.81
C ASN K 654 -34.51 -55.55 12.04
N LEU K 655 -34.37 -54.45 12.76
CA LEU K 655 -34.25 -53.15 12.12
C LEU K 655 -32.92 -53.06 11.38
N ASP K 656 -32.96 -52.52 10.17
CA ASP K 656 -31.82 -52.55 9.28
C ASP K 656 -30.90 -51.36 9.40
N ASP K 657 -31.37 -50.24 9.93
CA ASP K 657 -30.61 -48.99 9.98
C ASP K 657 -30.48 -48.54 11.44
N GLY K 658 -29.48 -49.06 12.14
CA GLY K 658 -29.23 -48.66 13.50
C GLY K 658 -29.72 -49.66 14.51
N ALA K 659 -29.98 -49.15 15.71
CA ALA K 659 -30.43 -49.98 16.83
C ALA K 659 -31.51 -49.26 17.61
N ILE K 660 -32.55 -50.00 17.97
CA ILE K 660 -33.63 -49.51 18.82
C ILE K 660 -33.69 -50.37 20.07
N MET K 661 -33.64 -49.72 21.22
CA MET K 661 -33.66 -50.42 22.50
C MET K 661 -34.69 -49.78 23.40
N ALA K 662 -35.51 -50.58 24.06
CA ALA K 662 -36.51 -50.08 24.98
C ALA K 662 -36.12 -50.45 26.41
N VAL K 663 -35.92 -49.44 27.24
CA VAL K 663 -35.54 -49.65 28.63
C VAL K 663 -36.63 -49.05 29.51
N PRO K 664 -37.17 -49.79 30.47
CA PRO K 664 -38.09 -49.19 31.43
C PRO K 664 -37.36 -48.15 32.26
N PRO K 665 -38.03 -47.07 32.65
CA PRO K 665 -37.33 -45.97 33.30
C PRO K 665 -36.79 -46.37 34.65
N PRO K 666 -35.73 -45.71 35.13
CA PRO K 666 -35.23 -45.99 36.46
C PRO K 666 -36.27 -45.66 37.51
N PRO K 667 -36.32 -46.42 38.60
CA PRO K 667 -37.37 -46.22 39.60
C PRO K 667 -37.37 -44.82 40.19
N VAL K 668 -36.19 -44.28 40.44
CA VAL K 668 -36.03 -42.99 41.10
C VAL K 668 -35.55 -41.99 40.07
N GLU K 669 -36.34 -40.93 39.86
CA GLU K 669 -35.95 -39.93 38.89
C GLU K 669 -34.71 -39.20 39.37
N GLY K 670 -33.77 -38.98 38.46
CA GLY K 670 -32.57 -38.23 38.76
C GLY K 670 -31.44 -39.03 39.36
N LEU K 671 -31.66 -40.29 39.70
CA LEU K 671 -30.59 -41.17 40.15
C LEU K 671 -29.93 -41.93 39.01
N GLY K 672 -30.36 -41.70 37.77
CA GLY K 672 -29.79 -42.39 36.64
C GLY K 672 -30.67 -42.24 35.43
N ASN K 673 -30.17 -42.71 34.30
CA ASN K 673 -30.91 -42.61 33.06
C ASN K 673 -31.65 -43.90 32.75
N SER K 674 -31.31 -44.99 33.44
CA SER K 674 -32.01 -46.25 33.31
C SER K 674 -31.79 -47.05 34.59
N GLY K 675 -32.62 -48.06 34.79
CA GLY K 675 -32.49 -48.90 35.97
C GLY K 675 -31.27 -49.78 35.90
N GLY K 676 -30.89 -50.29 37.07
CA GLY K 676 -29.75 -51.18 37.16
C GLY K 676 -28.51 -50.55 37.74
N PHE K 677 -27.35 -50.91 37.20
CA PHE K 677 -26.07 -50.50 37.75
C PHE K 677 -25.37 -49.53 36.81
N ALA K 678 -24.66 -48.58 37.40
CA ALA K 678 -23.91 -47.57 36.65
C ALA K 678 -22.45 -47.69 37.04
N LEU K 679 -21.59 -47.92 36.05
CA LEU K 679 -20.17 -48.14 36.28
C LEU K 679 -19.34 -47.25 35.37
N ARG K 680 -18.37 -46.57 35.96
CA ARG K 680 -17.46 -45.70 35.22
C ARG K 680 -16.08 -46.35 35.23
N LEU K 681 -15.52 -46.56 34.04
CA LEU K 681 -14.22 -47.22 33.90
C LEU K 681 -13.15 -46.16 33.71
N GLN K 682 -12.68 -45.58 34.81
CA GLN K 682 -11.68 -44.53 34.75
C GLN K 682 -10.32 -45.13 34.39
N ASP K 683 -9.48 -44.34 33.74
CA ASP K 683 -8.08 -44.72 33.55
C ASP K 683 -7.19 -43.87 34.46
N ARG K 684 -7.03 -44.34 35.69
CA ARG K 684 -6.35 -43.57 36.72
C ARG K 684 -4.90 -43.27 36.40
N ALA K 685 -4.31 -43.97 35.43
CA ALA K 685 -2.89 -43.84 35.13
C ALA K 685 -2.59 -43.12 33.82
N GLY K 686 -3.59 -42.89 32.97
CA GLY K 686 -3.34 -42.25 31.70
C GLY K 686 -2.82 -43.22 30.65
N LEU K 687 -3.44 -44.40 30.57
CA LEU K 687 -3.04 -45.37 29.58
C LEU K 687 -3.35 -44.93 28.16
N GLY K 688 -4.26 -43.98 27.99
CA GLY K 688 -4.61 -43.49 26.67
C GLY K 688 -5.99 -43.96 26.25
N ARG K 689 -6.56 -43.24 25.28
CA ARG K 689 -7.93 -43.51 24.84
C ARG K 689 -8.06 -44.91 24.26
N ASP K 690 -7.11 -45.31 23.41
CA ASP K 690 -7.18 -46.64 22.80
C ASP K 690 -7.09 -47.74 23.87
N ALA K 691 -6.23 -47.56 24.87
CA ALA K 691 -6.14 -48.53 25.94
C ALA K 691 -7.43 -48.58 26.74
N LEU K 692 -8.06 -47.43 26.97
CA LEU K 692 -9.33 -47.42 27.68
C LEU K 692 -10.41 -48.15 26.91
N LEU K 693 -10.49 -47.94 25.59
CA LEU K 693 -11.46 -48.68 24.80
C LEU K 693 -11.13 -50.17 24.80
N ALA K 694 -9.84 -50.51 24.83
CA ALA K 694 -9.46 -51.92 24.92
C ALA K 694 -9.99 -52.54 26.21
N ALA K 695 -9.81 -51.84 27.32
CA ALA K 695 -10.37 -52.31 28.58
C ALA K 695 -11.89 -52.37 28.51
N ARG K 696 -12.50 -51.45 27.77
CA ARG K 696 -13.95 -51.49 27.58
C ARG K 696 -14.39 -52.79 26.93
N ASP K 697 -13.78 -53.15 25.80
CA ASP K 697 -14.19 -54.39 25.14
C ASP K 697 -13.85 -55.59 26.01
N GLU K 698 -12.74 -55.53 26.74
CA GLU K 698 -12.41 -56.61 27.67
C GLU K 698 -13.52 -56.84 28.68
N VAL K 699 -13.92 -55.79 29.38
CA VAL K 699 -14.93 -55.94 30.42
C VAL K 699 -16.28 -56.30 29.80
N LEU K 700 -16.60 -55.74 28.63
CA LEU K 700 -17.88 -56.04 28.01
C LEU K 700 -17.97 -57.48 27.54
N GLY K 701 -16.87 -58.05 27.05
CA GLY K 701 -16.84 -59.46 26.72
C GLY K 701 -16.95 -60.32 27.97
N LYS K 702 -16.24 -59.92 29.02
CA LYS K 702 -16.31 -60.70 30.26
C LYS K 702 -17.67 -60.62 30.92
N VAL K 703 -18.46 -59.61 30.60
CA VAL K 703 -19.75 -59.41 31.25
C VAL K 703 -20.90 -59.98 30.42
N ASN K 704 -21.00 -59.59 29.14
CA ASN K 704 -22.10 -60.08 28.32
C ASN K 704 -22.08 -61.59 28.18
N GLY K 705 -20.89 -62.19 28.20
CA GLY K 705 -20.82 -63.64 28.23
C GLY K 705 -21.15 -64.26 29.55
N ASN K 706 -21.23 -63.46 30.61
CA ASN K 706 -21.60 -63.95 31.93
C ASN K 706 -23.10 -63.86 32.08
N PRO K 707 -23.80 -64.98 32.36
CA PRO K 707 -25.27 -64.95 32.40
C PRO K 707 -25.85 -64.25 33.62
N LYS K 708 -25.05 -63.52 34.40
CA LYS K 708 -25.56 -62.86 35.58
C LYS K 708 -26.28 -61.55 35.28
N PHE K 709 -26.27 -61.07 34.04
CA PHE K 709 -26.84 -59.79 33.69
C PHE K 709 -27.67 -59.91 32.43
N LEU K 710 -28.72 -59.11 32.32
CA LEU K 710 -29.43 -59.02 31.04
C LEU K 710 -28.52 -58.51 29.94
N TYR K 711 -27.89 -57.37 30.17
CA TYR K 711 -27.04 -56.77 29.15
C TYR K 711 -26.07 -55.82 29.82
N ALA K 712 -25.02 -55.47 29.08
CA ALA K 712 -24.16 -54.35 29.43
C ALA K 712 -23.78 -53.68 28.12
N MET K 713 -23.98 -52.38 28.04
CA MET K 713 -23.72 -51.65 26.81
C MET K 713 -23.31 -50.23 27.16
N MET K 714 -22.41 -49.68 26.35
CA MET K 714 -21.88 -48.34 26.60
C MET K 714 -23.02 -47.36 26.47
N GLU K 715 -23.45 -46.76 27.58
CA GLU K 715 -24.40 -45.67 27.40
C GLU K 715 -23.56 -44.47 26.95
N GLY K 716 -23.17 -44.52 25.69
CA GLY K 716 -22.24 -43.56 25.12
C GLY K 716 -22.01 -43.87 23.66
N LEU K 717 -21.54 -42.86 22.95
CA LEU K 717 -21.47 -42.90 21.51
C LEU K 717 -20.23 -43.65 21.04
N ALA K 718 -20.41 -44.53 20.05
CA ALA K 718 -19.33 -45.34 19.53
C ALA K 718 -18.37 -44.48 18.71
N GLU K 719 -17.12 -44.93 18.63
CA GLU K 719 -16.12 -44.24 17.83
C GLU K 719 -16.57 -44.16 16.38
N ALA K 720 -16.29 -43.02 15.75
CA ALA K 720 -16.74 -42.77 14.39
C ALA K 720 -15.56 -42.45 13.50
N PRO K 721 -15.66 -42.75 12.21
CA PRO K 721 -14.61 -42.32 11.28
C PRO K 721 -14.50 -40.81 11.26
N GLN K 722 -13.26 -40.33 11.14
CA GLN K 722 -12.99 -38.90 11.12
C GLN K 722 -12.20 -38.57 9.86
N LEU K 723 -12.24 -37.30 9.48
CA LEU K 723 -11.56 -36.83 8.28
C LEU K 723 -10.52 -35.81 8.72
N ARG K 724 -9.32 -36.28 9.01
CA ARG K 724 -8.23 -35.36 9.32
C ARG K 724 -7.89 -34.53 8.09
N LEU K 725 -7.63 -33.24 8.31
CA LEU K 725 -7.18 -32.34 7.26
C LEU K 725 -5.69 -32.12 7.42
N VAL K 726 -4.90 -32.72 6.54
CA VAL K 726 -3.44 -32.56 6.58
C VAL K 726 -3.09 -31.28 5.86
N ILE K 727 -2.93 -30.20 6.62
CA ILE K 727 -2.58 -28.89 6.07
C ILE K 727 -1.06 -28.77 6.10
N ASP K 728 -0.46 -28.69 4.91
CA ASP K 728 0.93 -28.32 4.80
C ASP K 728 1.04 -26.85 5.15
N ARG K 729 1.39 -26.56 6.42
CA ARG K 729 1.50 -25.17 6.84
C ARG K 729 2.52 -24.42 6.00
N GLU K 730 3.65 -25.06 5.70
CA GLU K 730 4.68 -24.43 4.89
C GLU K 730 4.16 -24.13 3.49
N GLN K 731 3.53 -25.11 2.85
CA GLN K 731 3.00 -24.89 1.51
C GLN K 731 1.97 -23.77 1.50
N ALA K 732 1.01 -23.82 2.43
CA ALA K 732 -0.01 -22.78 2.46
C ALA K 732 0.62 -21.42 2.69
N ARG K 733 1.61 -21.35 3.58
CA ARG K 733 2.24 -20.08 3.87
C ARG K 733 2.98 -19.53 2.66
N THR K 734 3.69 -20.38 1.93
CA THR K 734 4.44 -19.93 0.76
C THR K 734 3.52 -19.36 -0.29
N LEU K 735 2.38 -19.97 -0.50
CA LEU K 735 1.40 -19.37 -1.38
C LEU K 735 0.84 -18.08 -0.82
N GLY K 736 1.26 -17.67 0.37
CA GLY K 736 0.76 -16.45 0.98
C GLY K 736 -0.48 -16.62 1.81
N VAL K 737 -0.79 -17.83 2.24
CA VAL K 737 -2.01 -18.13 2.97
C VAL K 737 -1.68 -18.21 4.45
N SER K 738 -2.28 -17.34 5.25
CA SER K 738 -2.11 -17.41 6.69
C SER K 738 -2.89 -18.59 7.25
N PHE K 739 -2.40 -19.15 8.35
CA PHE K 739 -3.19 -20.15 9.06
C PHE K 739 -4.47 -19.53 9.62
N GLU K 740 -4.43 -18.24 9.91
CA GLU K 740 -5.64 -17.58 10.42
C GLU K 740 -6.74 -17.65 9.39
N ALA K 741 -6.41 -17.41 8.12
CA ALA K 741 -7.43 -17.45 7.08
C ALA K 741 -8.03 -18.84 6.94
N ILE K 742 -7.19 -19.88 6.93
CA ILE K 742 -7.70 -21.24 6.82
C ILE K 742 -8.58 -21.58 8.00
N SER K 743 -8.12 -21.26 9.22
CA SER K 743 -8.87 -21.61 10.41
C SER K 743 -10.22 -20.89 10.43
N SER K 744 -10.21 -19.60 10.12
CA SER K 744 -11.45 -18.84 10.09
C SER K 744 -12.39 -19.37 9.02
N ALA K 745 -11.86 -19.68 7.84
CA ALA K 745 -12.71 -20.14 6.74
C ALA K 745 -13.35 -21.47 7.08
N LEU K 746 -12.56 -22.42 7.60
CA LEU K 746 -13.13 -23.71 7.96
C LEU K 746 -14.16 -23.54 9.06
N SER K 747 -13.83 -22.79 10.10
CA SER K 747 -14.76 -22.63 11.22
C SER K 747 -16.07 -22.04 10.75
N THR K 748 -16.01 -20.97 9.95
CA THR K 748 -17.23 -20.32 9.52
C THR K 748 -18.01 -21.14 8.51
N ALA K 749 -17.34 -21.80 7.56
CA ALA K 749 -18.06 -22.50 6.52
C ALA K 749 -18.69 -23.78 7.04
N PHE K 750 -17.96 -24.59 7.80
CA PHE K 750 -18.50 -25.87 8.23
C PHE K 750 -18.99 -25.87 9.67
N GLY K 751 -18.35 -25.15 10.57
CA GLY K 751 -18.87 -25.14 11.93
C GLY K 751 -19.93 -24.09 12.21
N SER K 752 -20.19 -23.19 11.27
CA SER K 752 -21.08 -22.05 11.48
C SER K 752 -20.49 -21.07 12.47
N SER K 753 -20.55 -19.78 12.17
CA SER K 753 -20.02 -18.77 13.08
C SER K 753 -21.11 -17.78 13.44
N VAL K 754 -21.22 -17.49 14.73
CA VAL K 754 -22.10 -16.45 15.24
C VAL K 754 -21.37 -15.13 15.16
N ILE K 755 -21.92 -14.19 14.38
CA ILE K 755 -21.21 -12.95 14.11
C ILE K 755 -21.57 -11.88 15.13
N ASN K 756 -22.83 -11.46 15.12
CA ASN K 756 -23.26 -10.44 16.06
C ASN K 756 -24.73 -10.64 16.39
N ASP K 757 -25.36 -9.64 17.01
CA ASP K 757 -26.69 -9.80 17.58
C ASP K 757 -27.74 -9.29 16.61
N PHE K 758 -28.67 -10.16 16.27
CA PHE K 758 -29.87 -9.81 15.50
C PHE K 758 -30.92 -9.27 16.46
N ALA K 759 -31.31 -8.01 16.28
CA ALA K 759 -32.32 -7.39 17.13
C ALA K 759 -33.70 -7.68 16.53
N ASN K 760 -34.25 -8.83 16.91
CA ASN K 760 -35.47 -9.35 16.30
C ASN K 760 -36.69 -8.83 17.06
N ALA K 761 -37.07 -7.59 16.76
CA ALA K 761 -38.29 -6.99 17.31
C ALA K 761 -38.29 -7.05 18.84
N GLY K 762 -37.16 -6.73 19.45
CA GLY K 762 -37.04 -6.68 20.88
C GLY K 762 -36.27 -7.83 21.51
N ARG K 763 -36.03 -8.90 20.76
CA ARG K 763 -35.23 -10.02 21.24
C ARG K 763 -33.86 -9.96 20.61
N GLN K 764 -32.82 -10.18 21.41
CA GLN K 764 -31.46 -10.17 20.89
C GLN K 764 -31.03 -11.58 20.54
N GLN K 765 -31.22 -11.97 19.29
CA GLN K 765 -30.78 -13.25 18.79
C GLN K 765 -29.55 -13.04 17.93
N ARG K 766 -28.93 -14.13 17.52
CA ARG K 766 -27.59 -14.07 16.92
C ARG K 766 -27.62 -14.45 15.46
N VAL K 767 -27.13 -13.56 14.61
CA VAL K 767 -26.96 -13.89 13.20
C VAL K 767 -25.88 -14.93 13.05
N VAL K 768 -26.17 -15.98 12.29
CA VAL K 768 -25.22 -17.07 12.13
C VAL K 768 -24.85 -17.18 10.66
N VAL K 769 -23.58 -17.42 10.40
CA VAL K 769 -23.05 -17.60 9.06
C VAL K 769 -22.55 -19.02 8.91
N GLN K 770 -22.99 -19.70 7.85
CA GLN K 770 -22.55 -21.06 7.59
C GLN K 770 -22.59 -21.29 6.09
N ALA K 771 -21.82 -22.28 5.64
CA ALA K 771 -21.76 -22.57 4.22
C ALA K 771 -23.01 -23.31 3.77
N GLU K 772 -23.29 -23.20 2.49
CA GLU K 772 -24.56 -23.68 1.94
C GLU K 772 -24.66 -25.19 2.06
N GLN K 773 -25.91 -25.68 2.15
CA GLN K 773 -26.15 -27.11 2.33
C GLN K 773 -25.52 -27.91 1.21
N ALA K 774 -25.64 -27.44 -0.03
CA ALA K 774 -25.07 -28.16 -1.15
C ALA K 774 -23.55 -28.10 -1.16
N GLU K 775 -22.95 -27.11 -0.50
CA GLU K 775 -21.52 -26.89 -0.56
C GLU K 775 -20.80 -27.40 0.67
N ARG K 776 -21.46 -28.18 1.51
CA ARG K 776 -20.78 -28.80 2.64
C ARG K 776 -21.23 -30.23 2.89
N MET K 777 -21.81 -30.89 1.90
CA MET K 777 -22.29 -32.24 2.11
C MET K 777 -21.24 -33.30 1.82
N THR K 778 -20.05 -32.92 1.38
CA THR K 778 -19.11 -33.88 0.83
C THR K 778 -17.69 -33.49 1.19
N PRO K 779 -16.81 -34.49 1.40
CA PRO K 779 -15.41 -34.17 1.70
C PRO K 779 -14.76 -33.32 0.62
N GLU K 780 -15.10 -33.55 -0.64
CA GLU K 780 -14.57 -32.73 -1.72
C GLU K 780 -14.98 -31.28 -1.55
N SER K 781 -16.11 -31.02 -0.90
CA SER K 781 -16.53 -29.65 -0.66
C SER K 781 -15.58 -28.94 0.29
N VAL K 782 -14.95 -29.68 1.21
CA VAL K 782 -13.93 -29.08 2.05
C VAL K 782 -12.80 -28.55 1.17
N LEU K 783 -12.38 -29.34 0.20
CA LEU K 783 -11.31 -28.92 -0.69
C LEU K 783 -11.74 -27.78 -1.60
N ARG K 784 -13.01 -27.74 -1.99
CA ARG K 784 -13.45 -26.70 -2.91
C ARG K 784 -13.49 -25.32 -2.28
N LEU K 785 -13.36 -25.23 -0.96
CA LEU K 785 -13.31 -23.93 -0.31
C LEU K 785 -12.03 -23.20 -0.69
N HIS K 786 -12.12 -21.88 -0.77
CA HIS K 786 -10.98 -21.05 -1.11
C HIS K 786 -10.68 -20.09 0.03
N VAL K 787 -9.41 -19.74 0.15
CA VAL K 787 -8.96 -18.78 1.16
C VAL K 787 -8.11 -17.73 0.47
N PRO K 788 -8.01 -16.51 0.98
CA PRO K 788 -7.22 -15.48 0.31
C PRO K 788 -5.77 -15.50 0.76
N ASN K 789 -4.90 -15.21 -0.19
CA ASN K 789 -3.48 -15.07 0.09
C ASN K 789 -3.16 -13.60 0.32
N ASP K 790 -1.88 -13.29 0.46
CA ASP K 790 -1.50 -11.90 0.73
C ASP K 790 -1.66 -11.02 -0.50
N SER K 791 -1.59 -11.61 -1.69
CA SER K 791 -1.63 -10.84 -2.93
C SER K 791 -3.04 -10.59 -3.43
N GLY K 792 -4.06 -11.05 -2.71
CA GLY K 792 -5.44 -10.77 -3.06
C GLY K 792 -6.15 -11.83 -3.86
N SER K 793 -5.44 -12.81 -4.40
CA SER K 793 -6.11 -13.90 -5.08
C SER K 793 -6.69 -14.88 -4.07
N LEU K 794 -7.54 -15.77 -4.55
CA LEU K 794 -8.14 -16.80 -3.70
C LEU K 794 -7.49 -18.13 -3.98
N VAL K 795 -7.03 -18.79 -2.93
CA VAL K 795 -6.35 -20.07 -3.01
C VAL K 795 -7.33 -21.17 -2.63
N PRO K 796 -7.59 -22.14 -3.50
CA PRO K 796 -8.45 -23.26 -3.11
C PRO K 796 -7.80 -24.05 -2.01
N LEU K 797 -8.64 -24.63 -1.15
CA LEU K 797 -8.08 -25.46 -0.08
C LEU K 797 -7.30 -26.63 -0.66
N SER K 798 -7.84 -27.30 -1.68
CA SER K 798 -7.21 -28.49 -2.23
C SER K 798 -5.77 -28.25 -2.67
N ALA K 799 -5.35 -26.99 -2.76
CA ALA K 799 -3.97 -26.71 -3.15
C ALA K 799 -2.98 -27.05 -2.04
N PHE K 800 -3.43 -27.09 -0.78
CA PHE K 800 -2.48 -27.35 0.29
C PHE K 800 -3.01 -28.24 1.40
N VAL K 801 -4.20 -28.81 1.28
CA VAL K 801 -4.72 -29.73 2.29
C VAL K 801 -5.07 -31.04 1.62
N THR K 802 -4.61 -32.14 2.20
CA THR K 802 -4.97 -33.46 1.76
C THR K 802 -5.77 -34.14 2.85
N THR K 803 -6.87 -34.77 2.46
CA THR K 803 -7.78 -35.40 3.40
C THR K 803 -7.36 -36.83 3.65
N SER K 804 -7.08 -37.14 4.91
CA SER K 804 -6.79 -38.51 5.30
C SER K 804 -7.83 -38.93 6.32
N TRP K 805 -8.39 -40.12 6.14
CA TRP K 805 -9.40 -40.64 7.04
C TRP K 805 -8.74 -41.28 8.25
N GLU K 806 -9.41 -41.16 9.40
CA GLU K 806 -9.02 -41.89 10.59
C GLU K 806 -10.26 -42.01 11.47
N GLU K 807 -10.12 -42.70 12.60
CA GLU K 807 -11.24 -42.95 13.49
C GLU K 807 -11.00 -42.27 14.82
N GLY K 808 -12.02 -41.59 15.33
CA GLY K 808 -11.88 -40.83 16.55
C GLY K 808 -13.11 -40.87 17.42
N PRO K 809 -13.04 -40.23 18.57
CA PRO K 809 -14.19 -40.20 19.48
C PRO K 809 -15.20 -39.14 19.07
N VAL K 810 -16.45 -39.56 18.89
CA VAL K 810 -17.55 -38.62 18.75
C VAL K 810 -18.06 -38.17 20.11
N GLN K 811 -17.81 -38.96 21.17
CA GLN K 811 -18.11 -38.54 22.52
C GLN K 811 -17.00 -39.00 23.45
N VAL K 812 -16.49 -38.06 24.24
CA VAL K 812 -15.46 -38.33 25.23
C VAL K 812 -16.09 -38.20 26.60
N ALA K 813 -15.96 -39.26 27.41
CA ALA K 813 -16.55 -39.30 28.74
C ALA K 813 -15.45 -39.27 29.78
N ARG K 814 -15.58 -38.38 30.75
CA ARG K 814 -14.62 -38.27 31.84
C ARG K 814 -15.37 -38.25 33.17
N TYR K 815 -14.85 -39.00 34.14
CA TYR K 815 -15.46 -39.13 35.45
C TYR K 815 -14.43 -38.78 36.52
N ASN K 816 -14.82 -37.88 37.42
CA ASN K 816 -13.87 -37.44 38.49
C ASN K 816 -12.61 -36.89 37.82
N GLY K 817 -12.75 -36.22 36.68
CA GLY K 817 -11.59 -35.56 36.05
C GLY K 817 -10.66 -36.53 35.34
N TYR K 818 -11.06 -37.80 35.21
CA TYR K 818 -10.18 -38.82 34.58
C TYR K 818 -10.91 -39.42 33.37
N PRO K 819 -10.29 -39.67 32.17
CA PRO K 819 -11.02 -40.32 31.09
C PRO K 819 -11.67 -41.59 31.59
N SER K 820 -12.85 -41.87 31.06
CA SER K 820 -13.65 -42.99 31.51
C SER K 820 -14.48 -43.53 30.37
N ILE K 821 -14.95 -44.75 30.55
CA ILE K 821 -16.05 -45.31 29.78
C ILE K 821 -17.19 -45.57 30.75
N ARG K 822 -18.39 -45.16 30.37
CA ARG K 822 -19.58 -45.37 31.18
C ARG K 822 -20.33 -46.58 30.66
N ILE K 823 -20.31 -47.66 31.44
CA ILE K 823 -20.91 -48.94 31.08
C ILE K 823 -22.06 -49.22 32.03
N ALA K 824 -23.22 -49.52 31.48
CA ALA K 824 -24.43 -49.70 32.25
C ALA K 824 -25.19 -50.94 31.79
N GLY K 825 -25.96 -51.51 32.70
CA GLY K 825 -26.76 -52.68 32.37
C GLY K 825 -27.63 -53.06 33.55
N ASP K 826 -28.33 -54.18 33.39
CA ASP K 826 -29.21 -54.69 34.43
C ASP K 826 -28.92 -56.17 34.64
N ALA K 827 -28.92 -56.57 35.91
CA ALA K 827 -28.55 -57.94 36.27
C ALA K 827 -29.62 -58.92 35.81
N ALA K 828 -29.24 -60.20 35.80
CA ALA K 828 -30.18 -61.24 35.41
C ALA K 828 -31.35 -61.27 36.38
N PRO K 829 -32.55 -61.62 35.91
CA PRO K 829 -33.71 -61.57 36.79
C PRO K 829 -33.62 -62.63 37.88
N GLY K 830 -34.18 -62.32 39.04
CA GLY K 830 -34.05 -63.18 40.20
C GLY K 830 -32.69 -63.14 40.86
N VAL K 831 -31.83 -62.22 40.47
CA VAL K 831 -30.46 -62.15 40.97
C VAL K 831 -30.26 -60.78 41.62
N SER K 832 -29.67 -60.79 42.81
CA SER K 832 -29.53 -59.57 43.59
C SER K 832 -28.55 -58.60 42.92
N THR K 833 -28.83 -57.31 43.09
CA THR K 833 -27.96 -56.30 42.51
C THR K 833 -26.58 -56.28 43.17
N GLY K 834 -26.54 -56.37 44.50
CA GLY K 834 -25.25 -56.40 45.17
C GLY K 834 -24.37 -57.54 44.71
N GLU K 835 -24.97 -58.69 44.43
CA GLU K 835 -24.23 -59.80 43.85
C GLU K 835 -23.64 -59.40 42.50
N ALA K 836 -24.43 -58.68 41.69
CA ALA K 836 -23.94 -58.22 40.40
C ALA K 836 -22.78 -57.25 40.54
N MET K 837 -22.85 -56.32 41.51
CA MET K 837 -21.71 -55.46 41.77
C MET K 837 -20.49 -56.27 42.18
N LEU K 838 -20.69 -57.30 43.02
CA LEU K 838 -19.56 -58.15 43.38
C LEU K 838 -18.94 -58.79 42.16
N GLU K 839 -19.78 -59.32 41.27
CA GLU K 839 -19.28 -59.88 40.01
C GLU K 839 -18.53 -58.83 39.21
N LEU K 840 -19.03 -57.58 39.22
CA LEU K 840 -18.43 -56.53 38.43
C LEU K 840 -17.05 -56.14 38.94
N GLU K 841 -16.87 -56.00 40.25
CA GLU K 841 -15.51 -55.71 40.73
C GLU K 841 -14.62 -56.91 40.53
N ARG K 842 -15.19 -58.11 40.61
CA ARG K 842 -14.40 -59.31 40.34
C ARG K 842 -13.83 -59.26 38.93
N ILE K 843 -14.66 -58.92 37.94
CA ILE K 843 -14.19 -58.83 36.56
C ILE K 843 -13.22 -57.67 36.40
N ALA K 844 -13.54 -56.52 37.00
CA ALA K 844 -12.69 -55.35 36.87
C ALA K 844 -11.32 -55.54 37.47
N ALA K 845 -11.18 -56.43 38.46
CA ALA K 845 -9.86 -56.77 38.96
C ALA K 845 -9.01 -57.43 37.89
N GLU K 846 -9.64 -58.15 36.96
CA GLU K 846 -8.92 -58.78 35.86
C GLU K 846 -8.49 -57.80 34.78
N LEU K 847 -8.90 -56.54 34.89
CA LEU K 847 -8.49 -55.53 33.93
C LEU K 847 -7.00 -55.25 34.07
N PRO K 848 -6.37 -54.79 33.00
CA PRO K 848 -4.97 -54.37 33.11
C PRO K 848 -4.81 -53.27 34.14
N GLU K 849 -3.70 -53.32 34.85
CA GLU K 849 -3.42 -52.34 35.89
C GLU K 849 -3.43 -50.94 35.30
N GLY K 850 -4.01 -49.99 36.03
CA GLY K 850 -4.15 -48.62 35.58
C GLY K 850 -5.56 -48.23 35.21
N ILE K 851 -6.43 -49.19 34.92
CA ILE K 851 -7.81 -48.92 34.57
C ILE K 851 -8.63 -49.02 35.85
N GLY K 852 -9.12 -47.88 36.35
CA GLY K 852 -9.92 -47.84 37.54
C GLY K 852 -11.40 -47.93 37.23
N TYR K 853 -12.14 -48.37 38.24
CA TYR K 853 -13.59 -48.51 38.11
C TYR K 853 -14.23 -47.70 39.22
N GLU K 854 -15.40 -47.15 38.93
CA GLU K 854 -16.14 -46.39 39.92
C GLU K 854 -17.62 -46.59 39.71
N TRP K 855 -18.37 -46.47 40.81
CA TRP K 855 -19.82 -46.52 40.79
C TRP K 855 -20.38 -45.09 40.80
N THR K 856 -21.61 -44.97 40.35
CA THR K 856 -22.21 -43.65 40.16
C THR K 856 -23.71 -43.72 40.36
N GLY K 857 -24.23 -42.71 41.04
CA GLY K 857 -25.67 -42.60 41.22
C GLY K 857 -26.26 -43.79 41.94
N LEU K 858 -27.09 -44.56 41.22
CA LEU K 858 -27.89 -45.59 41.86
C LEU K 858 -27.03 -46.61 42.58
N SER K 859 -25.94 -47.05 41.93
CA SER K 859 -25.07 -48.03 42.56
C SER K 859 -24.41 -47.47 43.81
N TYR K 860 -23.98 -46.21 43.78
CA TYR K 860 -23.37 -45.60 44.94
C TYR K 860 -24.35 -45.55 46.11
N GLN K 861 -25.59 -45.15 45.83
CA GLN K 861 -26.59 -45.07 46.89
C GLN K 861 -26.93 -46.45 47.42
N GLU K 862 -27.01 -47.45 46.54
CA GLU K 862 -27.27 -48.82 46.99
C GLU K 862 -26.14 -49.29 47.89
N ARG K 863 -24.91 -48.92 47.54
CA ARG K 863 -23.76 -49.28 48.37
C ARG K 863 -23.89 -48.70 49.77
N VAL K 864 -24.14 -47.40 49.88
CA VAL K 864 -24.19 -46.80 51.21
C VAL K 864 -25.38 -47.33 52.01
N ALA K 865 -26.50 -47.60 51.34
CA ALA K 865 -27.65 -48.17 52.03
C ALA K 865 -27.33 -49.54 52.63
N SER K 866 -26.77 -50.42 51.80
CA SER K 866 -26.40 -51.75 52.28
C SER K 866 -25.40 -51.65 53.41
N GLY K 867 -24.53 -50.64 53.38
CA GLY K 867 -23.61 -50.44 54.48
C GLY K 867 -24.30 -50.07 55.78
N GLN K 868 -25.26 -49.14 55.72
CA GLN K 868 -25.84 -48.57 56.94
C GLN K 868 -26.90 -49.46 57.59
N ALA K 869 -27.53 -50.34 56.82
CA ALA K 869 -28.67 -51.10 57.33
C ALA K 869 -28.34 -51.83 58.64
N THR K 870 -27.16 -52.44 58.71
CA THR K 870 -26.85 -53.35 59.80
C THR K 870 -26.78 -52.63 61.14
N MET K 871 -25.86 -51.66 61.26
CA MET K 871 -25.75 -51.01 62.55
C MET K 871 -26.97 -50.13 62.83
N LEU K 872 -27.74 -49.79 61.80
CA LEU K 872 -29.03 -49.17 62.08
C LEU K 872 -29.95 -50.12 62.86
N PHE K 873 -30.11 -51.36 62.34
CA PHE K 873 -30.87 -52.36 63.08
C PHE K 873 -30.34 -52.53 64.49
N ALA K 874 -29.00 -52.60 64.62
CA ALA K 874 -28.41 -52.83 65.94
C ALA K 874 -28.73 -51.72 66.91
N LEU K 875 -28.61 -50.47 66.47
CA LEU K 875 -28.89 -49.35 67.36
C LEU K 875 -30.35 -49.33 67.75
N ALA K 876 -31.24 -49.65 66.80
CA ALA K 876 -32.65 -49.74 67.13
C ALA K 876 -32.90 -50.76 68.23
N ILE K 877 -32.30 -51.95 68.09
CA ILE K 877 -32.54 -53.02 69.07
C ILE K 877 -31.99 -52.63 70.44
N THR K 878 -30.79 -52.07 70.48
CA THR K 878 -30.22 -51.73 71.79
C THR K 878 -31.03 -50.62 72.46
N VAL K 879 -31.54 -49.65 71.69
CA VAL K 879 -32.30 -48.58 72.31
C VAL K 879 -33.64 -49.10 72.82
N VAL K 880 -34.31 -49.96 72.06
CA VAL K 880 -35.58 -50.50 72.57
C VAL K 880 -35.33 -51.31 73.83
N PHE K 881 -34.25 -52.09 73.86
CA PHE K 881 -33.89 -52.80 75.09
C PHE K 881 -33.74 -51.85 76.25
N LEU K 882 -33.05 -50.74 76.03
CA LEU K 882 -32.77 -49.81 77.13
C LEU K 882 -34.05 -49.15 77.64
N LEU K 883 -34.91 -48.72 76.73
CA LEU K 883 -36.18 -48.14 77.15
C LEU K 883 -37.01 -49.17 77.91
N LEU K 884 -36.90 -50.44 77.52
CA LEU K 884 -37.72 -51.47 78.13
C LEU K 884 -37.23 -51.80 79.53
N VAL K 885 -35.92 -51.87 79.73
CA VAL K 885 -35.41 -52.03 81.09
C VAL K 885 -35.73 -50.82 81.94
N ALA K 886 -35.74 -49.63 81.35
CA ALA K 886 -36.16 -48.45 82.11
C ALA K 886 -37.59 -48.62 82.60
N LEU K 887 -38.50 -48.97 81.69
CA LEU K 887 -39.91 -48.99 82.05
C LEU K 887 -40.22 -50.13 83.02
N TYR K 888 -39.59 -51.28 82.83
CA TYR K 888 -39.96 -52.47 83.59
C TYR K 888 -39.18 -52.64 84.88
N GLU K 889 -38.20 -51.78 85.16
CA GLU K 889 -37.44 -51.86 86.42
C GLU K 889 -36.87 -53.27 86.57
N SER K 890 -36.39 -53.82 85.46
CA SER K 890 -35.88 -55.18 85.42
C SER K 890 -35.11 -55.38 84.13
N TRP K 891 -34.36 -56.47 84.06
CA TRP K 891 -33.78 -56.90 82.80
C TRP K 891 -34.51 -58.12 82.24
N ALA K 892 -34.93 -59.02 83.12
CA ALA K 892 -35.59 -60.23 82.68
C ALA K 892 -36.83 -59.91 81.88
N ILE K 893 -37.65 -58.97 82.34
CA ILE K 893 -38.85 -58.58 81.60
C ILE K 893 -38.47 -58.05 80.22
N PRO K 894 -37.49 -57.15 80.08
CA PRO K 894 -37.07 -56.77 78.72
C PRO K 894 -36.66 -57.94 77.85
N LEU K 895 -35.93 -58.94 78.36
CA LEU K 895 -35.65 -60.06 77.45
C LEU K 895 -36.93 -60.80 77.09
N THR K 896 -37.81 -61.03 78.08
CA THR K 896 -39.05 -61.73 77.81
C THR K 896 -39.79 -61.08 76.66
N VAL K 897 -39.79 -59.75 76.65
CA VAL K 897 -40.61 -59.06 75.67
C VAL K 897 -39.84 -58.83 74.37
N MET K 898 -38.52 -58.74 74.43
CA MET K 898 -37.73 -58.63 73.21
C MET K 898 -37.70 -59.92 72.41
N LEU K 899 -38.06 -61.04 73.04
CA LEU K 899 -38.15 -62.28 72.28
C LEU K 899 -39.23 -62.22 71.20
N ILE K 900 -39.99 -61.12 71.11
CA ILE K 900 -41.16 -61.10 70.24
C ILE K 900 -40.78 -60.77 68.81
N VAL K 901 -39.65 -60.09 68.59
CA VAL K 901 -39.35 -59.54 67.25
C VAL K 901 -39.20 -60.63 66.20
N PRO K 902 -38.55 -61.78 66.44
CA PRO K 902 -38.31 -62.71 65.34
C PRO K 902 -39.58 -63.29 64.74
N VAL K 903 -40.67 -63.44 65.49
CA VAL K 903 -41.87 -64.00 64.84
C VAL K 903 -42.48 -62.99 63.89
N GLY K 904 -42.52 -61.70 64.26
CA GLY K 904 -42.98 -60.70 63.32
C GLY K 904 -42.10 -60.63 62.08
N ALA K 905 -40.79 -60.67 62.28
CA ALA K 905 -39.88 -60.69 61.15
C ALA K 905 -40.11 -61.93 60.29
N LEU K 906 -40.38 -63.07 60.92
CA LEU K 906 -40.64 -64.31 60.20
C LEU K 906 -41.89 -64.18 59.35
N GLY K 907 -42.93 -63.58 59.89
CA GLY K 907 -44.13 -63.36 59.09
C GLY K 907 -43.85 -62.50 57.88
N ALA K 908 -43.13 -61.39 58.08
CA ALA K 908 -42.83 -60.52 56.95
C ALA K 908 -42.01 -61.25 55.90
N VAL K 909 -40.97 -61.98 56.34
CA VAL K 909 -40.08 -62.65 55.39
C VAL K 909 -40.82 -63.75 54.64
N LEU K 910 -41.62 -64.54 55.33
CA LEU K 910 -42.35 -65.60 54.65
C LEU K 910 -43.34 -65.02 53.65
N ALA K 911 -44.04 -63.95 54.01
CA ALA K 911 -45.00 -63.36 53.07
C ALA K 911 -44.29 -62.82 51.84
N VAL K 912 -43.22 -62.06 52.04
CA VAL K 912 -42.54 -61.46 50.90
C VAL K 912 -41.92 -62.54 50.02
N THR K 913 -41.41 -63.62 50.62
CA THR K 913 -40.84 -64.69 49.81
C THR K 913 -41.92 -65.44 49.06
N ALA K 914 -43.07 -65.65 49.68
CA ALA K 914 -44.16 -66.34 49.00
C ALA K 914 -44.62 -65.54 47.79
N ILE K 915 -44.75 -64.23 47.93
CA ILE K 915 -45.09 -63.42 46.75
C ILE K 915 -43.87 -63.12 45.90
N GLY K 916 -42.67 -63.21 46.47
CA GLY K 916 -41.46 -63.07 45.68
C GLY K 916 -40.93 -61.67 45.54
N LEU K 917 -41.41 -60.73 46.33
CA LEU K 917 -40.94 -59.36 46.26
C LEU K 917 -39.52 -59.27 46.81
N PRO K 918 -38.74 -58.29 46.36
CA PRO K 918 -37.36 -58.14 46.84
C PRO K 918 -37.35 -57.46 48.21
N ASN K 919 -36.14 -57.36 48.76
CA ASN K 919 -35.96 -56.70 50.06
C ASN K 919 -35.74 -55.21 49.80
N ASP K 920 -36.81 -54.56 49.36
CA ASP K 920 -36.75 -53.14 49.02
C ASP K 920 -36.92 -52.31 50.29
N VAL K 921 -36.93 -50.98 50.13
CA VAL K 921 -37.12 -50.11 51.28
C VAL K 921 -38.56 -50.19 51.77
N TYR K 922 -39.51 -50.33 50.85
CA TYR K 922 -40.91 -50.36 51.24
C TYR K 922 -41.23 -51.58 52.09
N PHE K 923 -40.70 -52.74 51.69
CA PHE K 923 -40.84 -53.90 52.54
C PHE K 923 -40.18 -53.67 53.89
N LYS K 924 -39.04 -52.98 53.89
CA LYS K 924 -38.29 -52.80 55.12
C LYS K 924 -39.06 -51.93 56.11
N VAL K 925 -39.73 -50.89 55.61
CA VAL K 925 -40.53 -50.07 56.50
C VAL K 925 -41.79 -50.81 56.93
N GLY K 926 -42.36 -51.64 56.04
CA GLY K 926 -43.42 -52.52 56.49
C GLY K 926 -42.95 -53.41 57.63
N LEU K 927 -41.73 -53.92 57.52
CA LEU K 927 -41.17 -54.75 58.57
C LEU K 927 -41.01 -53.97 59.85
N ILE K 928 -40.52 -52.72 59.77
CA ILE K 928 -40.24 -51.98 61.00
C ILE K 928 -41.54 -51.62 61.71
N THR K 929 -42.59 -51.30 60.95
CA THR K 929 -43.87 -51.05 61.60
C THR K 929 -44.49 -52.34 62.13
N VAL K 930 -44.22 -53.48 61.47
CA VAL K 930 -44.71 -54.75 61.98
C VAL K 930 -44.05 -55.10 63.31
N ILE K 931 -42.73 -54.94 63.40
CA ILE K 931 -42.04 -55.20 64.67
C ILE K 931 -42.48 -54.19 65.71
N GLY K 932 -42.80 -52.96 65.28
CA GLY K 932 -43.36 -52.01 66.23
C GLY K 932 -44.68 -52.49 66.81
N LEU K 933 -45.57 -52.99 65.95
CA LEU K 933 -46.83 -53.52 66.45
C LEU K 933 -46.62 -54.73 67.33
N ALA K 934 -45.69 -55.60 66.96
CA ALA K 934 -45.40 -56.78 67.78
C ALA K 934 -44.84 -56.40 69.13
N ALA K 935 -43.98 -55.39 69.17
CA ALA K 935 -43.46 -54.90 70.45
C ALA K 935 -44.58 -54.32 71.29
N LYS K 936 -45.48 -53.56 70.68
CA LYS K 936 -46.66 -53.09 71.40
C LYS K 936 -47.49 -54.26 71.90
N ASN K 937 -47.62 -55.29 71.07
CA ASN K 937 -48.36 -56.49 71.42
C ASN K 937 -47.78 -57.15 72.66
N ALA K 938 -46.49 -57.41 72.63
CA ALA K 938 -45.87 -58.15 73.71
C ALA K 938 -45.83 -57.30 74.97
N ILE K 939 -45.63 -55.98 74.84
CA ILE K 939 -45.75 -55.13 76.01
C ILE K 939 -47.15 -55.24 76.58
N LEU K 940 -48.16 -55.17 75.70
CA LEU K 940 -49.56 -55.16 76.12
C LEU K 940 -49.96 -56.46 76.79
N ILE K 941 -49.21 -57.54 76.58
CA ILE K 941 -49.39 -58.71 77.44
C ILE K 941 -48.60 -58.58 78.74
N VAL K 942 -47.33 -58.22 78.61
CA VAL K 942 -46.41 -58.45 79.71
C VAL K 942 -46.57 -57.43 80.81
N GLU K 943 -47.11 -56.23 80.53
CA GLU K 943 -47.20 -55.27 81.62
C GLU K 943 -48.24 -55.72 82.61
N PHE K 944 -49.37 -56.24 82.11
CA PHE K 944 -50.37 -56.82 83.00
C PHE K 944 -49.86 -58.10 83.64
N ALA K 945 -49.06 -58.89 82.91
CA ALA K 945 -48.46 -60.07 83.54
C ALA K 945 -47.64 -59.67 84.75
N LYS K 946 -46.77 -58.67 84.60
CA LYS K 946 -45.96 -58.17 85.71
C LYS K 946 -46.84 -57.59 86.81
N ASP K 947 -47.89 -56.86 86.44
CA ASP K 947 -48.77 -56.26 87.44
C ASP K 947 -49.41 -57.33 88.32
N LEU K 948 -49.89 -58.40 87.70
CA LEU K 948 -50.52 -59.47 88.46
C LEU K 948 -49.50 -60.24 89.28
N TRP K 949 -48.34 -60.52 88.71
CA TRP K 949 -47.34 -61.31 89.42
C TRP K 949 -46.65 -60.51 90.52
N GLU K 950 -46.79 -59.19 90.51
CA GLU K 950 -46.41 -58.43 91.69
C GLU K 950 -47.53 -58.35 92.72
N ASP K 951 -48.74 -58.78 92.35
CA ASP K 951 -49.89 -58.79 93.25
C ASP K 951 -50.05 -60.13 93.95
N GLY K 952 -49.10 -61.05 93.82
CA GLY K 952 -49.17 -62.33 94.46
C GLY K 952 -49.54 -63.49 93.56
N TYR K 953 -49.92 -63.23 92.32
CA TYR K 953 -50.25 -64.31 91.41
C TYR K 953 -49.01 -65.13 91.07
N SER K 954 -49.22 -66.43 90.88
CA SER K 954 -48.13 -67.31 90.48
C SER K 954 -47.74 -67.03 89.03
N LEU K 955 -46.48 -67.34 88.71
CA LEU K 955 -45.96 -67.09 87.37
C LEU K 955 -46.87 -67.71 86.31
N ARG K 956 -47.16 -69.00 86.46
CA ARG K 956 -48.11 -69.64 85.55
C ARG K 956 -49.46 -68.97 85.59
N ASP K 957 -50.03 -68.82 86.78
CA ASP K 957 -51.36 -68.23 86.89
C ASP K 957 -51.37 -66.79 86.39
N ALA K 958 -50.37 -66.01 86.79
CA ALA K 958 -50.32 -64.60 86.38
C ALA K 958 -50.24 -64.49 84.86
N ALA K 959 -49.34 -65.24 84.24
CA ALA K 959 -49.18 -65.12 82.80
C ALA K 959 -50.44 -65.57 82.06
N VAL K 960 -51.02 -66.71 82.47
CA VAL K 960 -52.18 -67.22 81.76
C VAL K 960 -53.35 -66.25 81.90
N GLU K 961 -53.57 -65.74 83.11
CA GLU K 961 -54.64 -64.77 83.31
C GLU K 961 -54.40 -63.49 82.52
N ALA K 962 -53.15 -63.02 82.48
CA ALA K 962 -52.86 -61.79 81.74
C ALA K 962 -53.17 -61.97 80.26
N ALA K 963 -52.72 -63.08 79.69
CA ALA K 963 -53.07 -63.35 78.30
C ALA K 963 -54.57 -63.46 78.12
N ARG K 964 -55.26 -64.10 79.07
CA ARG K 964 -56.71 -64.25 78.95
C ARG K 964 -57.39 -62.88 78.89
N LEU K 965 -57.01 -61.97 79.77
CA LEU K 965 -57.72 -60.71 79.80
C LEU K 965 -57.29 -59.81 78.65
N ARG K 966 -56.09 -60.02 78.11
CA ARG K 966 -55.62 -59.10 77.09
C ARG K 966 -55.77 -59.68 75.69
N PHE K 967 -56.38 -60.86 75.57
CA PHE K 967 -56.57 -61.50 74.27
C PHE K 967 -57.49 -60.69 73.36
N ARG K 968 -58.60 -60.18 73.91
CA ARG K 968 -59.58 -59.47 73.09
C ARG K 968 -58.98 -58.29 72.34
N PRO K 969 -58.24 -57.38 72.98
CA PRO K 969 -57.68 -56.25 72.21
C PRO K 969 -56.63 -56.69 71.22
N ILE K 970 -55.92 -57.78 71.49
CA ILE K 970 -54.91 -58.26 70.55
C ILE K 970 -55.57 -58.54 69.21
N ILE K 971 -56.66 -59.31 69.22
CA ILE K 971 -57.29 -59.71 67.99
C ILE K 971 -58.08 -58.56 67.38
N MET K 972 -58.66 -57.68 68.22
CA MET K 972 -59.27 -56.47 67.65
C MET K 972 -58.26 -55.64 66.86
N THR K 973 -57.15 -55.28 67.49
CA THR K 973 -56.21 -54.41 66.80
C THR K 973 -55.61 -55.13 65.60
N SER K 974 -55.33 -56.43 65.72
CA SER K 974 -54.80 -57.17 64.61
C SER K 974 -55.77 -57.18 63.45
N MET K 975 -57.04 -57.46 63.70
CA MET K 975 -58.01 -57.58 62.61
C MET K 975 -58.25 -56.23 61.94
N ALA K 976 -58.43 -55.18 62.74
CA ALA K 976 -58.68 -53.86 62.16
C ALA K 976 -57.50 -53.41 61.31
N PHE K 977 -56.28 -53.57 61.83
CA PHE K 977 -55.12 -53.16 61.07
C PHE K 977 -54.91 -54.05 59.84
N MET K 978 -55.15 -55.36 59.98
CA MET K 978 -55.09 -56.26 58.83
C MET K 978 -55.95 -55.74 57.70
N LEU K 979 -57.24 -55.52 57.99
CA LEU K 979 -58.18 -55.12 56.97
C LEU K 979 -57.98 -53.68 56.53
N GLY K 980 -57.24 -52.88 57.31
CA GLY K 980 -56.88 -51.56 56.85
C GLY K 980 -55.76 -51.56 55.82
N VAL K 981 -54.83 -52.50 55.94
CA VAL K 981 -53.70 -52.54 55.00
C VAL K 981 -53.90 -53.55 53.88
N VAL K 982 -54.97 -54.33 53.89
CA VAL K 982 -55.22 -55.22 52.76
C VAL K 982 -55.37 -54.45 51.44
N PRO K 983 -56.03 -53.28 51.36
CA PRO K 983 -56.05 -52.58 50.07
C PRO K 983 -54.67 -52.20 49.58
N LEU K 984 -53.71 -52.05 50.49
CA LEU K 984 -52.34 -51.71 50.09
C LEU K 984 -51.71 -52.81 49.27
N ALA K 985 -51.83 -54.06 49.70
CA ALA K 985 -51.16 -55.15 49.01
C ALA K 985 -51.81 -55.43 47.66
N ILE K 986 -53.11 -55.24 47.56
CA ILE K 986 -53.84 -55.53 46.34
C ILE K 986 -53.91 -54.30 45.42
N ALA K 987 -53.14 -53.27 45.75
CA ALA K 987 -53.19 -52.02 44.99
C ALA K 987 -52.71 -52.22 43.56
N THR K 988 -53.38 -51.54 42.64
CA THR K 988 -53.00 -51.53 41.23
C THR K 988 -53.07 -50.10 40.72
N GLY K 989 -52.26 -49.81 39.70
CA GLY K 989 -52.23 -48.48 39.12
C GLY K 989 -50.98 -47.68 39.44
N ALA K 990 -51.15 -46.38 39.62
CA ALA K 990 -50.02 -45.49 39.85
C ALA K 990 -49.42 -45.71 41.23
N GLY K 991 -48.10 -45.81 41.30
CA GLY K 991 -47.44 -46.09 42.56
C GLY K 991 -47.78 -47.43 43.14
N ALA K 992 -48.33 -48.35 42.36
CA ALA K 992 -48.86 -49.60 42.91
C ALA K 992 -47.76 -50.48 43.47
N ALA K 993 -46.57 -50.44 42.90
CA ALA K 993 -45.51 -51.32 43.35
C ALA K 993 -45.14 -51.03 44.80
N SER K 994 -45.01 -49.76 45.15
CA SER K 994 -44.69 -49.38 46.52
C SER K 994 -45.78 -49.79 47.48
N GLN K 995 -47.04 -49.53 47.11
CA GLN K 995 -48.15 -49.86 47.99
C GLN K 995 -48.25 -51.36 48.21
N ARG K 996 -48.04 -52.15 47.15
CA ARG K 996 -48.03 -53.60 47.29
C ARG K 996 -46.86 -54.07 48.14
N ALA K 997 -45.69 -53.44 47.97
CA ALA K 997 -44.54 -53.79 48.79
C ALA K 997 -44.82 -53.53 50.26
N LEU K 998 -45.49 -52.42 50.59
CA LEU K 998 -46.02 -52.30 51.94
C LEU K 998 -46.91 -53.47 52.26
N GLY K 999 -48.03 -53.57 51.54
CA GLY K 999 -49.14 -54.40 51.99
C GLY K 999 -48.75 -55.82 52.27
N THR K 1000 -48.01 -56.45 51.35
CA THR K 1000 -47.69 -57.86 51.56
C THR K 1000 -46.81 -58.07 52.80
N GLY K 1001 -45.75 -57.26 52.93
CA GLY K 1001 -44.85 -57.44 54.06
C GLY K 1001 -45.51 -57.13 55.39
N VAL K 1002 -46.25 -56.01 55.43
CA VAL K 1002 -46.90 -55.66 56.69
C VAL K 1002 -47.93 -56.72 57.04
N LEU K 1003 -48.70 -57.19 56.06
CA LEU K 1003 -49.72 -58.19 56.33
C LEU K 1003 -49.11 -59.48 56.86
N GLY K 1004 -48.00 -59.93 56.26
CA GLY K 1004 -47.39 -61.18 56.69
C GLY K 1004 -46.79 -61.09 58.07
N GLY K 1005 -45.97 -60.06 58.31
CA GLY K 1005 -45.45 -59.86 59.65
C GLY K 1005 -46.56 -59.66 60.68
N MET K 1006 -47.64 -59.01 60.27
CA MET K 1006 -48.80 -58.80 61.12
C MET K 1006 -49.48 -60.11 61.48
N LEU K 1007 -49.66 -60.98 60.50
CA LEU K 1007 -50.30 -62.26 60.76
C LEU K 1007 -49.45 -63.13 61.67
N SER K 1008 -48.13 -63.14 61.46
CA SER K 1008 -47.26 -63.94 62.37
C SER K 1008 -47.27 -63.35 63.77
N ALA K 1009 -47.02 -62.04 63.90
CA ALA K 1009 -46.91 -61.43 65.22
C ALA K 1009 -48.22 -61.52 66.00
N THR K 1010 -49.34 -61.68 65.31
CA THR K 1010 -50.57 -61.92 66.05
C THR K 1010 -50.83 -63.40 66.30
N MET K 1011 -50.90 -64.20 65.23
CA MET K 1011 -51.26 -65.61 65.38
C MET K 1011 -50.25 -66.35 66.24
N LEU K 1012 -48.96 -66.05 66.09
CA LEU K 1012 -47.93 -66.68 66.89
C LEU K 1012 -47.60 -65.88 68.14
N GLY K 1013 -47.95 -64.59 68.16
CA GLY K 1013 -47.61 -63.77 69.32
C GLY K 1013 -48.36 -64.18 70.58
N VAL K 1014 -49.67 -64.38 70.46
CA VAL K 1014 -50.47 -64.70 71.64
C VAL K 1014 -50.03 -66.01 72.26
N ILE K 1015 -49.72 -67.01 71.45
CA ILE K 1015 -49.28 -68.30 71.99
C ILE K 1015 -47.92 -68.17 72.67
N PHE K 1016 -47.03 -67.36 72.11
CA PHE K 1016 -45.64 -67.42 72.48
C PHE K 1016 -45.24 -66.44 73.57
N VAL K 1017 -45.82 -65.24 73.59
CA VAL K 1017 -45.36 -64.23 74.55
C VAL K 1017 -45.50 -64.67 76.00
N PRO K 1018 -46.64 -65.21 76.46
CA PRO K 1018 -46.67 -65.73 77.83
C PRO K 1018 -45.66 -66.84 78.07
N ILE K 1019 -45.44 -67.71 77.07
CA ILE K 1019 -44.45 -68.76 77.22
C ILE K 1019 -43.06 -68.17 77.40
N PHE K 1020 -42.72 -67.16 76.59
CA PHE K 1020 -41.45 -66.48 76.78
C PHE K 1020 -41.35 -65.90 78.18
N PHE K 1021 -42.42 -65.26 78.64
CA PHE K 1021 -42.38 -64.60 79.93
C PHE K 1021 -42.08 -65.60 81.04
N VAL K 1022 -42.84 -66.71 81.07
CA VAL K 1022 -42.63 -67.70 82.12
C VAL K 1022 -41.26 -68.36 81.98
N TRP K 1023 -40.83 -68.64 80.74
CA TRP K 1023 -39.60 -69.36 80.53
C TRP K 1023 -38.41 -68.55 81.01
N VAL K 1024 -38.35 -67.29 80.59
CA VAL K 1024 -37.23 -66.43 80.95
C VAL K 1024 -37.26 -66.13 82.45
N LEU K 1025 -38.45 -65.90 83.02
CA LEU K 1025 -38.50 -65.62 84.44
C LEU K 1025 -38.12 -66.85 85.26
N SER K 1026 -38.40 -68.06 84.76
CA SER K 1026 -37.97 -69.26 85.46
C SER K 1026 -36.46 -69.43 85.39
N LEU K 1027 -35.88 -69.28 84.20
CA LEU K 1027 -34.44 -69.45 84.07
C LEU K 1027 -33.71 -68.44 84.94
N LEU K 1028 -34.05 -67.16 84.83
CA LEU K 1028 -33.38 -66.14 85.60
C LEU K 1028 -33.84 -66.11 87.05
N ARG K 1029 -34.92 -66.82 87.38
CA ARG K 1029 -35.41 -66.92 88.76
C ARG K 1029 -35.76 -65.54 89.32
N THR K 1030 -36.48 -64.75 88.52
CA THR K 1030 -36.78 -63.38 88.89
C THR K 1030 -37.84 -63.33 89.99
N LYS K 1031 -37.66 -62.40 90.93
CA LYS K 1031 -38.48 -62.22 92.11
C LYS K 1031 -39.29 -60.94 92.01
N PRO K 1032 -40.51 -60.91 92.57
CA PRO K 1032 -41.35 -59.72 92.50
C PRO K 1032 -40.99 -58.67 93.55
N MET L 1 -47.99 -22.71 92.65
CA MET L 1 -46.75 -22.11 92.19
C MET L 1 -46.44 -20.74 92.79
N PRO L 2 -47.43 -19.86 92.96
CA PRO L 2 -47.14 -18.59 93.65
C PRO L 2 -46.92 -18.73 95.14
N LEU L 3 -47.50 -19.73 95.79
CA LEU L 3 -47.21 -19.96 97.21
C LEU L 3 -45.75 -20.31 97.41
N PHE L 4 -45.17 -21.05 96.46
CA PHE L 4 -43.73 -21.34 96.49
C PHE L 4 -42.94 -20.07 96.66
N PHE L 5 -43.24 -19.05 95.86
CA PHE L 5 -42.51 -17.80 95.97
C PHE L 5 -42.99 -16.96 97.14
N ILE L 6 -44.19 -17.23 97.67
CA ILE L 6 -44.63 -16.52 98.86
C ILE L 6 -43.78 -16.91 100.06
N ARG L 7 -43.61 -18.23 100.28
CA ARG L 7 -42.80 -18.67 101.40
C ARG L 7 -41.33 -18.38 101.18
N ARG L 8 -40.91 -18.17 99.95
CA ARG L 8 -39.54 -17.81 99.61
C ARG L 8 -39.53 -16.55 98.76
N PRO L 9 -39.61 -15.38 99.40
CA PRO L 9 -39.61 -14.14 98.64
C PRO L 9 -38.26 -13.76 98.03
N ASN L 10 -37.13 -14.15 98.66
CA ASN L 10 -35.85 -13.86 98.01
C ASN L 10 -35.71 -14.60 96.69
N PHE L 11 -36.37 -15.75 96.54
CA PHE L 11 -36.38 -16.42 95.24
C PHE L 11 -37.00 -15.56 94.17
N ALA L 12 -38.21 -15.04 94.42
CA ALA L 12 -38.87 -14.19 93.43
C ALA L 12 -38.09 -12.91 93.21
N TRP L 13 -37.60 -12.31 94.30
CA TRP L 13 -36.75 -11.13 94.19
C TRP L 13 -35.57 -11.39 93.27
N VAL L 14 -34.94 -12.55 93.40
CA VAL L 14 -33.76 -12.86 92.60
C VAL L 14 -34.15 -13.09 91.15
N VAL L 15 -35.28 -13.75 90.92
CA VAL L 15 -35.70 -13.99 89.53
C VAL L 15 -35.96 -12.67 88.83
N ALA L 16 -36.65 -11.75 89.50
CA ALA L 16 -36.88 -10.44 88.92
C ALA L 16 -35.57 -9.67 88.73
N LEU L 17 -34.67 -9.75 89.72
CA LEU L 17 -33.38 -9.10 89.59
C LEU L 17 -32.61 -9.67 88.41
N PHE L 18 -32.72 -10.98 88.20
CA PHE L 18 -32.04 -11.64 87.09
C PHE L 18 -32.55 -11.13 85.77
N ILE L 19 -33.87 -11.10 85.59
CA ILE L 19 -34.41 -10.67 84.31
C ILE L 19 -34.13 -9.19 84.08
N SER L 20 -34.13 -8.40 85.16
CA SER L 20 -33.80 -6.98 85.01
C SER L 20 -32.36 -6.80 84.59
N LEU L 21 -31.43 -7.51 85.24
CA LEU L 21 -30.02 -7.40 84.89
C LEU L 21 -29.79 -7.84 83.45
N GLY L 22 -30.49 -8.89 83.01
CA GLY L 22 -30.42 -9.27 81.61
C GLY L 22 -30.88 -8.14 80.71
N GLY L 23 -32.01 -7.52 81.05
CA GLY L 23 -32.46 -6.38 80.28
C GLY L 23 -31.42 -5.30 80.16
N LEU L 24 -30.86 -4.88 81.31
CA LEU L 24 -29.83 -3.84 81.27
C LEU L 24 -28.63 -4.26 80.43
N LEU L 25 -28.21 -5.52 80.56
CA LEU L 25 -27.01 -5.94 79.85
C LEU L 25 -27.26 -6.09 78.36
N VAL L 26 -28.53 -6.08 77.94
CA VAL L 26 -28.81 -6.21 76.50
C VAL L 26 -29.07 -4.88 75.81
N ILE L 27 -29.38 -3.80 76.54
CA ILE L 27 -29.57 -2.50 75.89
C ILE L 27 -28.39 -2.06 75.04
N PRO L 28 -27.14 -2.09 75.51
CA PRO L 28 -26.06 -1.49 74.70
C PRO L 28 -25.94 -2.02 73.28
N PHE L 29 -26.53 -3.16 72.98
CA PHE L 29 -26.54 -3.64 71.61
C PHE L 29 -27.86 -3.39 70.90
N LEU L 30 -28.64 -2.44 71.36
CA LEU L 30 -29.96 -2.21 70.79
C LEU L 30 -29.84 -1.65 69.37
N PRO L 31 -30.46 -2.27 68.38
CA PRO L 31 -30.60 -1.62 67.07
C PRO L 31 -31.77 -0.65 67.07
N VAL L 32 -31.50 0.56 66.57
CA VAL L 32 -32.51 1.60 66.50
C VAL L 32 -32.58 2.13 65.07
N ALA L 33 -33.75 2.64 64.70
CA ALA L 33 -34.00 3.15 63.36
C ALA L 33 -35.40 3.79 63.37
N GLN L 34 -35.65 4.60 62.36
CA GLN L 34 -36.97 5.20 62.18
C GLN L 34 -38.06 4.14 62.13
N TYR L 35 -38.01 3.31 61.10
CA TYR L 35 -38.88 2.16 60.93
C TYR L 35 -38.04 0.96 60.54
N PRO L 36 -38.53 -0.23 60.76
CA PRO L 36 -37.80 -1.40 60.31
C PRO L 36 -37.83 -1.54 58.79
N ASN L 37 -37.29 -2.63 58.28
CA ASN L 37 -37.33 -2.82 56.83
C ASN L 37 -38.74 -3.24 56.45
N VAL L 38 -39.70 -2.35 56.73
CA VAL L 38 -41.09 -2.63 56.38
C VAL L 38 -41.27 -2.71 54.88
N ALA L 39 -40.64 -1.82 54.13
CA ALA L 39 -40.71 -1.89 52.68
C ALA L 39 -40.02 -3.17 52.20
N PRO L 40 -40.47 -3.75 51.10
CA PRO L 40 -39.87 -4.99 50.64
C PRO L 40 -38.44 -4.76 50.21
N PRO L 41 -37.58 -5.78 50.29
CA PRO L 41 -36.19 -5.60 49.89
C PRO L 41 -36.08 -5.40 48.40
N GLN L 42 -35.53 -4.25 47.99
CA GLN L 42 -35.37 -3.93 46.59
C GLN L 42 -33.89 -3.97 46.24
N ILE L 43 -33.59 -4.69 45.17
CA ILE L 43 -32.28 -4.65 44.53
C ILE L 43 -32.43 -3.86 43.25
N THR L 44 -31.40 -3.12 42.86
CA THR L 44 -31.53 -2.21 41.74
C THR L 44 -30.30 -2.34 40.84
N VAL L 45 -30.54 -2.45 39.53
CA VAL L 45 -29.48 -2.59 38.54
C VAL L 45 -29.26 -1.25 37.87
N THR L 46 -28.00 -0.83 37.79
CA THR L 46 -27.61 0.45 37.21
C THR L 46 -26.63 0.22 36.06
N ALA L 47 -27.11 0.34 34.83
CA ALA L 47 -26.29 0.08 33.66
C ALA L 47 -26.16 1.35 32.84
N THR L 48 -24.93 1.67 32.44
CA THR L 48 -24.63 2.90 31.74
C THR L 48 -24.29 2.60 30.29
N TYR L 49 -25.00 3.21 29.36
CA TYR L 49 -24.72 3.09 27.93
C TYR L 49 -24.65 4.51 27.37
N PRO L 50 -23.48 5.12 27.41
CA PRO L 50 -23.38 6.54 27.06
C PRO L 50 -23.85 6.81 25.65
N GLY L 51 -24.77 7.76 25.53
CA GLY L 51 -25.23 8.18 24.23
C GLY L 51 -26.16 7.23 23.52
N ALA L 52 -26.66 6.21 24.20
CA ALA L 52 -27.64 5.31 23.60
C ALA L 52 -29.04 5.78 23.94
N SER L 53 -29.92 5.73 22.94
CA SER L 53 -31.28 6.23 23.11
C SER L 53 -32.04 5.34 24.09
N ALA L 54 -33.27 5.77 24.41
CA ALA L 54 -34.10 5.00 25.32
C ALA L 54 -34.45 3.65 24.74
N GLN L 55 -34.89 3.61 23.48
CA GLN L 55 -35.27 2.35 22.88
C GLN L 55 -34.06 1.45 22.68
N VAL L 56 -32.93 2.03 22.29
CA VAL L 56 -31.73 1.23 22.07
C VAL L 56 -31.30 0.57 23.37
N LEU L 57 -31.26 1.33 24.45
CA LEU L 57 -30.89 0.77 25.74
C LEU L 57 -31.92 -0.25 26.21
N THR L 58 -33.19 -0.02 25.89
CA THR L 58 -34.23 -0.96 26.27
C THR L 58 -34.02 -2.30 25.62
N ASP L 59 -33.84 -2.32 24.30
CA ASP L 59 -33.78 -3.59 23.60
C ASP L 59 -32.38 -4.17 23.52
N SER L 60 -31.37 -3.44 24.01
CA SER L 60 -30.01 -3.95 23.94
C SER L 60 -29.48 -4.40 25.29
N VAL L 61 -29.78 -3.69 26.37
CA VAL L 61 -29.27 -4.01 27.70
C VAL L 61 -30.40 -4.32 28.67
N THR L 62 -31.41 -3.46 28.71
CA THR L 62 -32.50 -3.64 29.68
C THR L 62 -33.22 -4.95 29.45
N SER L 63 -33.58 -5.23 28.20
CA SER L 63 -34.39 -6.40 27.92
C SER L 63 -33.66 -7.68 28.26
N VAL L 64 -32.35 -7.74 28.01
CA VAL L 64 -31.61 -8.98 28.20
C VAL L 64 -31.51 -9.34 29.68
N ILE L 65 -31.13 -8.37 30.52
CA ILE L 65 -31.09 -8.62 31.95
C ILE L 65 -32.48 -8.90 32.49
N GLU L 66 -33.49 -8.15 32.02
CA GLU L 66 -34.87 -8.43 32.38
C GLU L 66 -35.21 -9.88 32.14
N GLU L 67 -34.88 -10.39 30.94
CA GLU L 67 -35.10 -11.79 30.64
C GLU L 67 -34.37 -12.68 31.62
N GLU L 68 -33.13 -12.34 31.93
CA GLU L 68 -32.32 -13.23 32.76
C GLU L 68 -32.87 -13.35 34.17
N LEU L 69 -33.38 -12.25 34.75
CA LEU L 69 -33.73 -12.28 36.16
C LEU L 69 -35.10 -12.90 36.44
N ASN L 70 -35.89 -13.20 35.41
CA ASN L 70 -37.15 -13.92 35.65
C ASN L 70 -36.87 -15.31 36.20
N GLY L 71 -37.76 -15.75 37.08
CA GLY L 71 -37.62 -17.03 37.73
C GLY L 71 -36.75 -17.04 38.96
N ALA L 72 -36.16 -15.89 39.31
CA ALA L 72 -35.35 -15.81 40.50
C ALA L 72 -36.19 -16.07 41.75
N LYS L 73 -35.53 -16.54 42.79
CA LYS L 73 -36.25 -16.89 44.01
C LYS L 73 -36.77 -15.60 44.63
N ASN L 74 -38.04 -15.62 45.06
CA ASN L 74 -38.61 -14.59 45.92
C ASN L 74 -38.93 -13.30 45.16
N LEU L 75 -39.03 -13.35 43.84
CA LEU L 75 -39.42 -12.17 43.09
C LEU L 75 -40.82 -11.75 43.49
N LEU L 76 -41.03 -10.46 43.70
CA LEU L 76 -42.40 -10.01 43.88
C LEU L 76 -42.88 -9.29 42.62
N TYR L 77 -41.95 -8.62 41.93
CA TYR L 77 -42.11 -8.05 40.60
C TYR L 77 -40.78 -7.45 40.21
N PHE L 78 -40.71 -6.84 39.03
CA PHE L 78 -39.54 -6.03 38.71
C PHE L 78 -39.88 -4.94 37.70
N GLU L 79 -39.49 -3.73 38.06
CA GLU L 79 -39.69 -2.52 37.27
C GLU L 79 -38.40 -2.20 36.53
N SER L 80 -38.53 -1.81 35.27
CA SER L 80 -37.39 -1.34 34.50
C SER L 80 -37.77 -0.06 33.78
N THR L 81 -36.83 0.88 33.72
CA THR L 81 -37.03 2.11 32.99
C THR L 81 -35.73 2.47 32.28
N SER L 82 -35.84 2.92 31.03
CA SER L 82 -34.69 3.24 30.21
C SER L 82 -34.83 4.67 29.71
N ASN L 83 -33.96 5.56 30.18
CA ASN L 83 -34.06 6.97 29.85
C ASN L 83 -33.04 7.33 28.78
N ALA L 84 -33.32 8.45 28.11
CA ALA L 84 -32.48 8.89 27.01
C ALA L 84 -31.08 9.29 27.46
N ASN L 85 -30.88 9.47 28.76
CA ASN L 85 -29.55 9.82 29.24
C ASN L 85 -28.55 8.71 29.03
N GLY L 86 -29.02 7.50 28.75
CA GLY L 86 -28.14 6.38 28.60
C GLY L 86 -27.94 5.55 29.85
N ILE L 87 -28.70 5.82 30.91
CA ILE L 87 -28.63 5.04 32.14
C ILE L 87 -29.87 4.17 32.19
N ALA L 88 -29.67 2.86 32.32
CA ALA L 88 -30.74 1.90 32.42
C ALA L 88 -31.01 1.65 33.89
N GLU L 89 -32.28 1.59 34.27
CA GLU L 89 -32.67 1.44 35.67
C GLU L 89 -33.64 0.27 35.82
N ILE L 90 -33.21 -0.75 36.56
CA ILE L 90 -33.99 -1.97 36.75
C ILE L 90 -34.08 -2.23 38.24
N THR L 91 -35.29 -2.28 38.78
CA THR L 91 -35.51 -2.52 40.20
C THR L 91 -36.24 -3.84 40.39
N VAL L 92 -35.59 -4.79 41.05
CA VAL L 92 -36.17 -6.08 41.35
C VAL L 92 -36.60 -6.08 42.81
N THR L 93 -37.88 -6.27 43.05
CA THR L 93 -38.46 -6.24 44.39
C THR L 93 -38.75 -7.65 44.86
N PHE L 94 -38.38 -7.94 46.10
CA PHE L 94 -38.59 -9.24 46.70
C PHE L 94 -39.62 -9.13 47.84
N GLN L 95 -40.12 -10.28 48.29
CA GLN L 95 -41.06 -10.28 49.39
C GLN L 95 -40.37 -9.80 50.66
N PRO L 96 -41.05 -9.00 51.48
CA PRO L 96 -40.44 -8.53 52.73
C PRO L 96 -40.13 -9.69 53.65
N GLY L 97 -39.08 -9.52 54.45
CA GLY L 97 -38.61 -10.57 55.31
C GLY L 97 -37.61 -11.51 54.67
N THR L 98 -37.32 -11.33 53.39
CA THR L 98 -36.25 -12.08 52.76
C THR L 98 -34.92 -11.37 52.96
N ASP L 99 -33.89 -12.15 53.26
CA ASP L 99 -32.59 -11.57 53.48
C ASP L 99 -32.07 -10.93 52.19
N PRO L 100 -31.74 -9.64 52.24
CA PRO L 100 -31.27 -8.96 51.02
C PRO L 100 -29.93 -9.46 50.51
N GLU L 101 -29.11 -10.12 51.32
CA GLU L 101 -27.85 -10.65 50.80
C GLU L 101 -28.09 -11.77 49.79
N LEU L 102 -28.98 -12.71 50.12
CA LEU L 102 -29.29 -13.77 49.15
C LEU L 102 -29.91 -13.19 47.90
N ALA L 103 -30.79 -12.19 48.06
CA ALA L 103 -31.37 -11.51 46.91
C ALA L 103 -30.28 -10.90 46.04
N GLN L 104 -29.36 -10.15 46.67
CA GLN L 104 -28.30 -9.49 45.92
C GLN L 104 -27.43 -10.49 45.19
N VAL L 105 -27.05 -11.59 45.85
CA VAL L 105 -26.13 -12.51 45.19
C VAL L 105 -26.83 -13.23 44.05
N ASP L 106 -28.11 -13.57 44.22
CA ASP L 106 -28.82 -14.21 43.11
C ASP L 106 -28.97 -13.25 41.94
N VAL L 107 -29.21 -11.97 42.23
CA VAL L 107 -29.33 -10.99 41.16
C VAL L 107 -27.99 -10.81 40.45
N GLN L 108 -26.89 -10.80 41.20
CA GLN L 108 -25.57 -10.77 40.57
C GLN L 108 -25.33 -12.02 39.73
N ASN L 109 -25.79 -13.17 40.21
CA ASN L 109 -25.64 -14.39 39.45
C ASN L 109 -26.33 -14.29 38.10
N ARG L 110 -27.55 -13.75 38.09
CA ARG L 110 -28.26 -13.63 36.83
C ARG L 110 -27.70 -12.52 35.95
N LEU L 111 -27.19 -11.45 36.57
CA LEU L 111 -26.48 -10.44 35.80
C LEU L 111 -25.27 -11.04 35.10
N LYS L 112 -24.59 -11.98 35.77
CA LYS L 112 -23.48 -12.67 35.10
C LYS L 112 -23.95 -13.40 33.86
N LYS L 113 -25.06 -14.14 33.95
CA LYS L 113 -25.56 -14.85 32.78
C LYS L 113 -25.93 -13.88 31.67
N ALA L 114 -26.41 -12.68 32.04
CA ALA L 114 -26.75 -11.69 31.02
C ALA L 114 -25.51 -11.02 30.44
N GLU L 115 -24.42 -10.94 31.21
CA GLU L 115 -23.29 -10.08 30.86
C GLU L 115 -22.69 -10.42 29.51
N ALA L 116 -22.85 -11.66 29.05
CA ALA L 116 -22.23 -12.05 27.78
C ALA L 116 -22.83 -11.32 26.58
N ARG L 117 -23.95 -10.62 26.76
CA ARG L 117 -24.67 -9.99 25.67
C ARG L 117 -24.55 -8.48 25.64
N MET L 118 -24.19 -7.85 26.75
CA MET L 118 -24.16 -6.40 26.80
C MET L 118 -23.12 -5.84 25.83
N PRO L 119 -23.31 -4.62 25.37
CA PRO L 119 -22.32 -3.99 24.51
C PRO L 119 -21.02 -3.75 25.26
N GLN L 120 -19.95 -3.58 24.50
CA GLN L 120 -18.65 -3.37 25.10
C GLN L 120 -18.64 -2.08 25.92
N ALA L 121 -19.42 -1.08 25.51
CA ALA L 121 -19.46 0.18 26.23
C ALA L 121 -19.96 -0.01 27.66
N VAL L 122 -21.09 -0.71 27.82
CA VAL L 122 -21.63 -0.93 29.15
C VAL L 122 -20.65 -1.71 29.99
N LEU L 123 -20.09 -2.78 29.44
CA LEU L 123 -19.21 -3.66 30.20
C LEU L 123 -17.97 -2.92 30.66
N THR L 124 -17.32 -2.18 29.76
CA THR L 124 -16.15 -1.42 30.17
C THR L 124 -16.55 -0.37 31.19
N LEU L 125 -17.78 0.15 31.11
CA LEU L 125 -18.21 1.09 32.13
C LEU L 125 -18.70 0.36 33.39
N GLY L 126 -19.26 -0.82 33.24
CA GLY L 126 -19.57 -1.66 34.39
C GLY L 126 -21.02 -1.58 34.82
N ILE L 127 -21.56 -2.73 35.21
CA ILE L 127 -22.92 -2.83 35.71
C ILE L 127 -22.86 -2.89 37.23
N GLN L 128 -23.75 -2.14 37.87
CA GLN L 128 -23.71 -2.01 39.32
C GLN L 128 -25.06 -2.39 39.91
N THR L 129 -25.01 -3.28 40.90
CA THR L 129 -26.18 -3.70 41.65
C THR L 129 -26.00 -3.23 43.09
N GLU L 130 -27.05 -2.66 43.65
CA GLU L 130 -26.98 -2.09 44.99
C GLU L 130 -28.33 -2.33 45.67
N GLN L 131 -28.57 -1.56 46.74
CA GLN L 131 -29.78 -1.67 47.55
C GLN L 131 -30.37 -0.26 47.61
N ALA L 132 -31.30 0.04 46.70
CA ALA L 132 -31.84 1.38 46.61
C ALA L 132 -32.56 1.79 47.89
N THR L 133 -33.34 0.88 48.47
CA THR L 133 -34.03 1.16 49.72
C THR L 133 -33.33 0.40 50.84
N ALA L 134 -33.00 1.11 51.91
CA ALA L 134 -32.47 0.53 53.12
C ALA L 134 -32.56 1.58 54.20
N GLY L 135 -32.03 1.27 55.37
CA GLY L 135 -32.04 2.26 56.42
C GLY L 135 -31.06 3.37 56.12
N PHE L 136 -31.33 4.16 55.07
CA PHE L 136 -30.40 5.21 54.73
C PHE L 136 -30.31 6.17 55.91
N LEU L 137 -29.17 6.13 56.59
CA LEU L 137 -29.06 6.86 57.84
C LEU L 137 -29.27 8.34 57.63
N LEU L 138 -28.54 8.92 56.69
CA LEU L 138 -28.51 10.36 56.52
C LEU L 138 -27.99 10.67 55.13
N ILE L 139 -28.07 11.94 54.78
CA ILE L 139 -27.36 12.47 53.62
C ILE L 139 -26.56 13.67 54.09
N TYR L 140 -25.27 13.68 53.78
CA TYR L 140 -24.39 14.78 54.12
C TYR L 140 -23.98 15.48 52.83
N SER L 141 -23.85 16.80 52.90
CA SER L 141 -23.63 17.60 51.71
C SER L 141 -22.42 18.49 51.88
N LEU L 142 -21.75 18.77 50.76
CA LEU L 142 -20.74 19.82 50.67
C LEU L 142 -21.21 20.86 49.66
N ARG L 143 -21.05 22.13 50.02
CA ARG L 143 -21.49 23.23 49.18
C ARG L 143 -20.52 24.40 49.33
N TYR L 144 -20.46 25.23 48.31
CA TYR L 144 -19.61 26.41 48.31
C TYR L 144 -20.27 27.53 49.09
N LYS L 145 -19.49 28.14 49.99
CA LYS L 145 -20.00 29.24 50.79
C LYS L 145 -20.44 30.40 49.90
N ASP L 146 -19.57 30.82 48.99
CA ASP L 146 -19.79 32.03 48.20
C ASP L 146 -20.95 31.90 47.22
N GLY L 147 -21.43 30.68 46.96
CA GLY L 147 -22.52 30.50 46.04
C GLY L 147 -22.19 30.96 44.63
N ASP L 148 -20.96 30.77 44.20
CA ASP L 148 -20.59 31.11 42.83
C ASP L 148 -21.26 30.17 41.86
N LYS L 149 -21.85 30.73 40.81
CA LYS L 149 -22.48 29.89 39.79
C LYS L 149 -21.44 29.09 39.01
N ASN L 150 -20.30 29.70 38.71
CA ASN L 150 -19.23 29.07 37.96
C ASN L 150 -18.46 28.06 38.77
N ALA L 151 -19.00 27.65 39.92
CA ALA L 151 -18.30 26.69 40.77
C ALA L 151 -18.13 25.37 40.04
N ASN L 152 -16.88 24.94 39.91
CA ASN L 152 -16.58 23.65 39.30
C ASN L 152 -16.98 22.57 40.29
N THR L 153 -18.18 22.03 40.11
CA THR L 153 -18.66 21.00 41.01
C THR L 153 -17.77 19.76 40.97
N THR L 154 -17.00 19.60 39.89
CA THR L 154 -16.14 18.43 39.77
C THR L 154 -14.97 18.48 40.75
N ALA L 155 -14.43 19.68 41.00
CA ALA L 155 -13.38 19.78 42.01
C ALA L 155 -13.92 19.46 43.40
N LEU L 156 -15.12 19.94 43.69
CA LEU L 156 -15.77 19.63 44.95
C LEU L 156 -16.01 18.13 45.09
N ALA L 157 -16.49 17.50 44.03
CA ALA L 157 -16.75 16.07 44.08
C ALA L 157 -15.46 15.28 44.22
N ASP L 158 -14.40 15.71 43.55
CA ASP L 158 -13.12 15.03 43.70
C ASP L 158 -12.61 15.14 45.13
N TYR L 159 -12.75 16.31 45.73
CA TYR L 159 -12.34 16.44 47.13
C TYR L 159 -13.17 15.51 48.01
N ALA L 160 -14.47 15.44 47.76
CA ALA L 160 -15.33 14.60 48.57
C ALA L 160 -14.96 13.13 48.43
N VAL L 161 -14.64 12.69 47.23
CA VAL L 161 -14.31 11.29 47.01
C VAL L 161 -12.95 10.96 47.61
N ARG L 162 -11.97 11.84 47.45
CA ARG L 162 -10.62 11.54 47.92
C ARG L 162 -10.51 11.65 49.43
N ASN L 163 -11.27 12.58 50.04
CA ASN L 163 -11.07 12.88 51.45
C ASN L 163 -12.21 12.45 52.36
N VAL L 164 -13.46 12.57 51.91
CA VAL L 164 -14.62 12.47 52.79
C VAL L 164 -15.27 11.09 52.70
N ASN L 165 -15.58 10.63 51.49
CA ASN L 165 -16.35 9.41 51.35
C ASN L 165 -15.63 8.21 51.95
N ASN L 166 -14.32 8.12 51.73
CA ASN L 166 -13.57 6.99 52.25
C ASN L 166 -13.60 6.96 53.78
N GLU L 167 -13.44 8.12 54.40
CA GLU L 167 -13.46 8.18 55.86
C GLU L 167 -14.80 7.72 56.41
N ILE L 168 -15.89 8.15 55.79
CA ILE L 168 -17.22 7.82 56.30
C ILE L 168 -17.52 6.35 56.06
N ARG L 169 -17.20 5.83 54.88
CA ARG L 169 -17.42 4.42 54.62
C ARG L 169 -16.54 3.56 55.53
N ARG L 170 -15.47 4.14 56.07
CA ARG L 170 -14.66 3.41 57.05
C ARG L 170 -15.30 3.38 58.43
N LEU L 171 -16.34 4.19 58.66
CA LEU L 171 -16.90 4.29 59.99
C LEU L 171 -17.62 3.00 60.36
N PRO L 172 -17.67 2.66 61.65
CA PRO L 172 -18.47 1.51 62.07
C PRO L 172 -19.96 1.78 61.86
N GLY L 173 -20.71 0.74 61.53
CA GLY L 173 -22.13 0.82 61.41
C GLY L 173 -22.64 1.12 60.02
N VAL L 174 -21.89 1.88 59.23
CA VAL L 174 -22.37 2.28 57.90
C VAL L 174 -22.08 1.16 56.92
N GLY L 175 -23.13 0.72 56.22
CA GLY L 175 -23.00 -0.43 55.34
C GLY L 175 -22.77 -0.06 53.89
N LYS L 176 -23.09 1.18 53.52
CA LYS L 176 -22.91 1.63 52.15
C LYS L 176 -23.01 3.13 52.01
N LEU L 177 -22.07 3.73 51.29
CA LEU L 177 -22.14 5.13 50.88
C LEU L 177 -22.59 5.20 49.43
N GLN L 178 -23.61 6.01 49.19
CA GLN L 178 -24.08 6.26 47.83
C GLN L 178 -23.72 7.69 47.47
N PHE L 179 -22.52 7.87 46.92
CA PHE L 179 -22.12 9.17 46.42
C PHE L 179 -22.97 9.51 45.21
N PHE L 180 -23.79 10.55 45.35
CA PHE L 180 -24.80 10.85 44.34
C PHE L 180 -24.31 11.95 43.41
N ASP L 181 -23.19 11.66 42.74
CA ASP L 181 -22.66 12.54 41.70
C ASP L 181 -21.61 11.78 40.91
N SER L 182 -20.88 12.51 40.07
CA SER L 182 -19.94 11.95 39.12
C SER L 182 -18.54 11.88 39.71
N GLU L 183 -17.57 11.56 38.87
CA GLU L 183 -16.17 11.48 39.28
C GLU L 183 -15.31 12.18 38.25
N ALA L 184 -14.14 12.65 38.68
CA ALA L 184 -13.24 13.37 37.79
C ALA L 184 -12.87 12.50 36.59
N ALA L 185 -12.55 13.15 35.49
CA ALA L 185 -12.13 12.48 34.29
C ALA L 185 -11.55 13.51 33.34
N MET L 186 -10.38 13.20 32.79
CA MET L 186 -9.83 13.97 31.69
C MET L 186 -10.83 13.97 30.55
N ARG L 187 -11.43 15.12 30.30
CA ARG L 187 -12.31 15.29 29.16
C ARG L 187 -11.48 15.69 27.95
N VAL L 188 -11.81 15.12 26.80
CA VAL L 188 -11.16 15.47 25.53
C VAL L 188 -12.24 16.06 24.64
N TRP L 189 -12.41 17.36 24.68
CA TRP L 189 -13.42 18.03 23.87
C TRP L 189 -12.83 18.26 22.49
N ILE L 190 -13.08 17.34 21.57
CA ILE L 190 -12.53 17.46 20.23
C ILE L 190 -13.38 18.43 19.42
N ASP L 191 -12.71 19.15 18.52
CA ASP L 191 -13.37 20.06 17.59
C ASP L 191 -13.34 19.40 16.21
N PRO L 192 -14.46 18.85 15.74
CA PRO L 192 -14.41 18.13 14.46
C PRO L 192 -14.00 19.00 13.30
N GLN L 193 -14.19 20.31 13.38
CA GLN L 193 -13.73 21.17 12.30
C GLN L 193 -12.21 21.23 12.23
N LYS L 194 -11.54 21.25 13.38
CA LYS L 194 -10.09 21.15 13.38
C LYS L 194 -9.64 19.81 12.80
N LEU L 195 -10.31 18.73 13.20
CA LEU L 195 -10.00 17.42 12.64
C LEU L 195 -10.18 17.42 11.14
N VAL L 196 -11.17 18.15 10.65
CA VAL L 196 -11.37 18.29 9.22
C VAL L 196 -10.19 19.00 8.59
N GLY L 197 -9.75 20.08 9.22
CA GLY L 197 -8.66 20.85 8.65
C GLY L 197 -7.38 20.06 8.56
N TYR L 198 -7.14 19.19 9.53
CA TYR L 198 -5.90 18.44 9.56
C TYR L 198 -6.00 17.07 8.89
N GLY L 199 -7.11 16.81 8.21
CA GLY L 199 -7.29 15.53 7.53
C GLY L 199 -7.37 14.37 8.50
N LEU L 200 -7.86 14.61 9.70
CA LEU L 200 -7.94 13.59 10.74
C LEU L 200 -9.38 13.25 11.05
N SER L 201 -9.61 11.98 11.36
CA SER L 201 -10.91 11.49 11.76
C SER L 201 -10.92 11.16 13.24
N ILE L 202 -12.13 11.02 13.78
CA ILE L 202 -12.27 10.79 15.21
C ILE L 202 -11.71 9.43 15.62
N ASP L 203 -11.71 8.46 14.71
CA ASP L 203 -11.05 7.20 15.02
C ASP L 203 -9.56 7.39 15.22
N ASP L 204 -8.94 8.27 14.44
CA ASP L 204 -7.51 8.54 14.59
C ASP L 204 -7.20 9.12 15.95
N VAL L 205 -8.00 10.10 16.39
CA VAL L 205 -7.72 10.70 17.69
C VAL L 205 -7.99 9.71 18.81
N ASN L 206 -9.05 8.91 18.68
CA ASN L 206 -9.32 7.91 19.70
C ASN L 206 -8.17 6.91 19.80
N ASN L 207 -7.67 6.43 18.67
CA ASN L 207 -6.61 5.43 18.70
C ASN L 207 -5.29 6.02 19.20
N ALA L 208 -5.01 7.26 18.86
CA ALA L 208 -3.83 7.92 19.41
C ALA L 208 -3.93 8.00 20.92
N ILE L 209 -5.12 8.38 21.43
CA ILE L 209 -5.31 8.39 22.87
C ILE L 209 -5.12 7.01 23.45
N ARG L 210 -5.66 6.00 22.78
CA ARG L 210 -5.66 4.65 23.33
C ARG L 210 -4.25 4.08 23.43
N THR L 211 -3.43 4.27 22.40
CA THR L 211 -2.11 3.65 22.42
C THR L 211 -1.07 4.51 23.12
N GLN L 212 -1.24 5.84 23.11
CA GLN L 212 -0.21 6.69 23.70
C GLN L 212 -0.42 6.90 25.19
N ASN L 213 -1.66 6.81 25.66
CA ASN L 213 -1.97 6.87 27.08
C ASN L 213 -2.24 5.46 27.59
N VAL L 214 -1.16 4.70 27.77
CA VAL L 214 -1.26 3.35 28.30
C VAL L 214 -0.13 3.13 29.29
N GLN L 215 -0.45 2.53 30.42
CA GLN L 215 0.59 2.13 31.36
C GLN L 215 1.45 1.04 30.74
N VAL L 216 2.72 1.05 31.10
CA VAL L 216 3.70 0.20 30.41
C VAL L 216 4.29 -0.79 31.40
N PRO L 217 3.93 -2.06 31.35
CA PRO L 217 4.52 -3.04 32.27
C PRO L 217 5.90 -3.47 31.79
N ALA L 218 6.86 -2.57 31.96
CA ALA L 218 8.18 -2.74 31.35
C ALA L 218 8.88 -3.97 31.90
N GLY L 219 9.09 -4.02 33.21
CA GLY L 219 9.76 -5.13 33.84
C GLY L 219 11.05 -4.71 34.52
N ALA L 220 11.97 -5.66 34.65
CA ALA L 220 13.20 -5.40 35.36
C ALA L 220 14.31 -6.24 34.75
N PHE L 221 15.44 -5.61 34.43
CA PHE L 221 16.56 -6.35 33.89
C PHE L 221 17.20 -7.20 34.96
N GLY L 222 17.89 -8.25 34.53
CA GLY L 222 18.45 -9.18 35.50
C GLY L 222 17.44 -10.05 36.18
N SER L 223 16.26 -10.21 35.58
CA SER L 223 15.19 -10.97 36.20
C SER L 223 15.43 -12.47 36.06
N THR L 224 14.68 -13.24 36.83
CA THR L 224 14.76 -14.68 36.76
C THR L 224 14.22 -15.19 35.42
N PRO L 225 14.84 -16.20 34.83
CA PRO L 225 16.08 -16.87 35.25
C PRO L 225 17.28 -16.01 34.93
N GLY L 226 18.11 -15.72 35.93
CA GLY L 226 19.21 -14.79 35.79
C GLY L 226 20.53 -15.51 35.58
N SER L 227 21.46 -14.83 34.94
CA SER L 227 22.78 -15.41 34.72
C SER L 227 23.49 -15.60 36.05
N SER L 228 24.35 -16.61 36.09
CA SER L 228 25.13 -16.87 37.29
C SER L 228 26.12 -15.75 37.57
N GLU L 229 26.31 -14.85 36.62
CA GLU L 229 27.27 -13.77 36.75
C GLU L 229 26.62 -12.47 37.23
N GLN L 230 25.56 -12.03 36.56
CA GLN L 230 24.94 -10.75 36.89
C GLN L 230 24.31 -10.80 38.28
N GLU L 231 24.34 -9.66 38.97
CA GLU L 231 23.85 -9.63 40.34
C GLU L 231 23.12 -8.33 40.70
N LEU L 232 22.53 -7.62 39.74
CA LEU L 232 22.03 -6.29 40.04
C LEU L 232 20.67 -6.05 39.39
N THR L 233 19.69 -6.90 39.66
CA THR L 233 18.35 -6.68 39.14
C THR L 233 17.81 -5.33 39.59
N ALA L 234 17.02 -4.68 38.73
CA ALA L 234 16.42 -3.40 39.04
C ALA L 234 15.25 -3.13 38.09
N THR L 235 14.28 -2.38 38.56
CA THR L 235 13.05 -2.11 37.83
C THR L 235 13.30 -1.14 36.67
N LEU L 236 12.42 -1.18 35.67
CA LEU L 236 12.52 -0.33 34.48
C LEU L 236 11.54 0.84 34.45
N THR L 237 10.43 0.77 35.17
CA THR L 237 9.56 1.91 35.49
C THR L 237 9.44 2.95 34.37
N VAL L 238 8.98 2.49 33.22
CA VAL L 238 8.64 3.40 32.13
C VAL L 238 7.39 4.20 32.49
N LYS L 239 7.39 5.49 32.16
CA LYS L 239 6.20 6.31 32.33
C LYS L 239 5.34 6.22 31.09
N GLY L 240 4.13 5.69 31.25
CA GLY L 240 3.26 5.50 30.10
C GLY L 240 1.96 6.30 30.11
N THR L 241 1.38 6.48 31.29
CA THR L 241 0.10 7.18 31.42
C THR L 241 0.36 8.66 31.65
N LEU L 242 -0.62 9.47 31.27
CA LEU L 242 -0.47 10.91 31.35
C LEU L 242 -1.32 11.48 32.49
N ASP L 243 -0.73 12.42 33.22
CA ASP L 243 -1.23 12.86 34.52
C ASP L 243 -2.08 14.11 34.47
N ASN L 244 -1.72 15.09 33.68
CA ASN L 244 -2.35 16.40 33.70
C ASN L 244 -2.73 16.79 32.29
N PRO L 245 -3.60 17.78 32.13
CA PRO L 245 -4.02 18.17 30.77
C PRO L 245 -2.86 18.54 29.86
N GLU L 246 -1.79 19.11 30.40
CA GLU L 246 -0.66 19.45 29.55
C GLU L 246 -0.06 18.23 28.88
N GLU L 247 0.11 17.15 29.64
CA GLU L 247 0.67 15.93 29.05
C GLU L 247 -0.25 15.36 27.99
N PHE L 248 -1.56 15.37 28.24
CA PHE L 248 -2.49 14.82 27.27
C PHE L 248 -2.50 15.64 25.98
N ALA L 249 -2.38 16.96 26.10
CA ALA L 249 -2.34 17.79 24.89
C ALA L 249 -1.07 17.56 24.08
N ALA L 250 -0.09 16.85 24.63
CA ALA L 250 1.14 16.52 23.91
C ALA L 250 1.08 15.15 23.23
N ILE L 251 -0.09 14.51 23.21
CA ILE L 251 -0.24 13.27 22.46
C ILE L 251 -0.08 13.57 20.98
N VAL L 252 0.85 12.87 20.33
CA VAL L 252 1.18 13.16 18.94
C VAL L 252 0.16 12.48 18.05
N LEU L 253 -0.56 13.27 17.26
CA LEU L 253 -1.51 12.70 16.32
C LEU L 253 -0.86 12.30 15.01
N ARG L 254 0.02 13.15 14.49
CA ARG L 254 0.72 12.83 13.25
C ARG L 254 2.02 13.61 13.23
N ALA L 255 3.13 12.90 13.11
CA ALA L 255 4.44 13.53 13.12
C ALA L 255 5.17 13.16 11.84
N ASN L 256 5.81 14.15 11.23
CA ASN L 256 6.55 13.95 10.00
C ASN L 256 8.01 13.67 10.31
N GLN L 257 8.72 13.19 9.29
CA GLN L 257 10.14 12.94 9.46
C GLN L 257 10.92 14.21 9.68
N ASP L 258 10.47 15.33 9.09
CA ASP L 258 11.19 16.58 9.25
C ASP L 258 11.24 17.01 10.70
N GLY L 259 10.14 16.83 11.42
CA GLY L 259 10.07 17.24 12.81
C GLY L 259 8.73 17.82 13.18
N SER L 260 7.98 18.29 12.18
CA SER L 260 6.67 18.85 12.44
C SER L 260 5.75 17.78 13.02
N ARG L 261 4.96 18.16 14.02
CA ARG L 261 4.08 17.24 14.71
C ARG L 261 2.71 17.86 14.90
N LEU L 262 1.70 17.01 15.02
CA LEU L 262 0.37 17.43 15.38
C LEU L 262 0.02 16.85 16.74
N THR L 263 -0.04 17.71 17.75
CA THR L 263 -0.33 17.26 19.10
C THR L 263 -1.83 17.29 19.33
N LEU L 264 -2.27 16.57 20.36
CA LEU L 264 -3.69 16.45 20.64
C LEU L 264 -4.33 17.81 20.88
N GLY L 265 -3.67 18.66 21.67
CA GLY L 265 -4.23 19.95 22.01
C GLY L 265 -4.48 20.83 20.81
N ASP L 266 -3.83 20.54 19.69
CA ASP L 266 -4.03 21.36 18.50
C ASP L 266 -5.43 21.16 17.93
N VAL L 267 -6.07 20.03 18.22
CA VAL L 267 -7.42 19.78 17.72
C VAL L 267 -8.47 19.74 18.81
N ALA L 268 -8.09 19.51 20.07
CA ALA L 268 -9.07 19.33 21.12
C ALA L 268 -8.69 20.16 22.33
N ARG L 269 -9.70 20.55 23.09
CA ARG L 269 -9.49 21.21 24.37
C ARG L 269 -9.49 20.16 25.46
N ILE L 270 -8.43 20.13 26.26
CA ILE L 270 -8.20 19.07 27.24
C ILE L 270 -8.37 19.67 28.62
N GLU L 271 -9.19 19.04 29.46
CA GLU L 271 -9.38 19.52 30.81
C GLU L 271 -9.86 18.39 31.71
N VAL L 272 -9.84 18.64 33.00
CA VAL L 272 -10.29 17.70 34.03
C VAL L 272 -11.76 17.99 34.30
N GLY L 273 -12.63 17.04 33.99
CA GLY L 273 -14.04 17.26 34.17
C GLY L 273 -14.79 16.04 34.68
N SER L 274 -16.12 16.17 34.76
CA SER L 274 -16.96 15.08 35.21
C SER L 274 -16.94 13.94 34.20
N GLN L 275 -16.97 12.71 34.69
CA GLN L 275 -17.15 11.58 33.80
C GLN L 275 -18.52 11.62 33.14
N ASP L 276 -19.52 12.03 33.88
CA ASP L 276 -20.89 12.13 33.39
C ASP L 276 -21.49 13.46 33.80
N TYR L 277 -22.21 14.09 32.88
CA TYR L 277 -22.89 15.34 33.19
C TYR L 277 -24.41 15.15 33.20
N ASN L 278 -24.87 13.92 33.41
CA ASN L 278 -26.31 13.66 33.46
C ASN L 278 -26.96 14.37 34.63
N PHE L 279 -26.39 14.25 35.82
CA PHE L 279 -27.03 14.72 37.04
C PHE L 279 -26.27 15.88 37.65
N GLY L 280 -27.03 16.85 38.15
CA GLY L 280 -26.46 17.96 38.88
C GLY L 280 -27.28 18.19 40.13
N SER L 281 -26.59 18.64 41.17
CA SER L 281 -27.21 18.84 42.46
C SER L 281 -26.97 20.27 42.91
N ARG L 282 -27.97 20.86 43.57
CA ARG L 282 -27.87 22.18 44.13
C ARG L 282 -28.38 22.16 45.56
N GLN L 283 -27.78 22.97 46.43
CA GLN L 283 -28.25 23.12 47.80
C GLN L 283 -28.45 24.59 48.08
N ASP L 284 -29.71 25.03 48.10
CA ASP L 284 -30.05 26.44 48.28
C ASP L 284 -29.36 27.34 47.26
N GLY L 285 -29.67 27.16 45.98
CA GLY L 285 -29.29 28.13 44.98
C GLY L 285 -27.83 28.13 44.60
N LYS L 286 -27.05 27.18 45.08
CA LYS L 286 -25.61 27.16 44.87
C LYS L 286 -25.16 25.74 44.57
N PRO L 287 -24.14 25.55 43.74
CA PRO L 287 -23.78 24.19 43.34
C PRO L 287 -23.21 23.39 44.51
N ALA L 288 -23.80 22.24 44.76
CA ALA L 288 -23.42 21.40 45.89
C ALA L 288 -23.34 19.95 45.45
N VAL L 289 -22.86 19.12 46.37
CA VAL L 289 -22.75 17.70 46.19
C VAL L 289 -23.34 17.02 47.42
N ALA L 290 -23.70 15.75 47.30
CA ALA L 290 -24.27 15.08 48.45
C ALA L 290 -24.11 13.58 48.29
N ALA L 291 -24.17 12.88 49.41
CA ALA L 291 -24.06 11.43 49.42
C ALA L 291 -25.07 10.90 50.42
N ALA L 292 -25.61 9.73 50.11
CA ALA L 292 -26.56 9.06 50.99
C ALA L 292 -25.86 7.94 51.73
N VAL L 293 -25.79 8.08 53.05
CA VAL L 293 -25.19 7.07 53.92
C VAL L 293 -26.30 6.14 54.39
N GLN L 294 -26.09 4.84 54.21
CA GLN L 294 -27.09 3.85 54.57
C GLN L 294 -26.57 3.01 55.72
N LEU L 295 -27.47 2.62 56.63
CA LEU L 295 -27.08 1.90 57.83
C LEU L 295 -26.95 0.41 57.54
N SER L 296 -25.91 -0.20 58.09
CA SER L 296 -25.73 -1.64 57.95
C SER L 296 -26.80 -2.36 58.77
N PRO L 297 -27.11 -3.61 58.42
CA PRO L 297 -28.11 -4.35 59.19
C PRO L 297 -27.67 -4.54 60.62
N GLY L 298 -28.66 -4.54 61.52
CA GLY L 298 -28.42 -4.85 62.91
C GLY L 298 -27.43 -3.93 63.59
N ALA L 299 -27.60 -2.62 63.40
CA ALA L 299 -26.70 -1.66 64.01
C ALA L 299 -27.47 -0.49 64.56
N ASN L 300 -26.95 0.09 65.64
CA ASN L 300 -27.51 1.30 66.20
C ASN L 300 -27.47 2.44 65.20
N ALA L 301 -28.49 3.28 65.22
CA ALA L 301 -28.54 4.45 64.35
C ALA L 301 -27.96 5.68 65.03
N ILE L 302 -28.36 5.93 66.29
CA ILE L 302 -27.94 7.16 66.95
C ILE L 302 -26.43 7.22 67.10
N GLN L 303 -25.82 6.11 67.53
CA GLN L 303 -24.38 6.07 67.63
C GLN L 303 -23.74 6.24 66.26
N THR L 304 -24.30 5.60 65.24
CA THR L 304 -23.72 5.70 63.90
C THR L 304 -23.85 7.12 63.36
N ALA L 305 -25.00 7.76 63.59
CA ALA L 305 -25.18 9.14 63.16
C ALA L 305 -24.21 10.07 63.88
N GLU L 306 -24.06 9.90 65.18
CA GLU L 306 -23.11 10.75 65.91
C GLU L 306 -21.70 10.55 65.40
N ALA L 307 -21.32 9.30 65.13
CA ALA L 307 -20.00 9.04 64.60
C ALA L 307 -19.80 9.75 63.27
N VAL L 308 -20.80 9.69 62.39
CA VAL L 308 -20.68 10.34 61.10
C VAL L 308 -20.58 11.85 61.26
N LYS L 309 -21.41 12.44 62.10
CA LYS L 309 -21.37 13.89 62.27
C LYS L 309 -20.05 14.34 62.87
N GLN L 310 -19.56 13.63 63.88
CA GLN L 310 -18.28 13.98 64.47
C GLN L 310 -17.16 13.84 63.44
N ARG L 311 -17.19 12.78 62.63
CA ARG L 311 -16.18 12.61 61.60
C ARG L 311 -16.22 13.74 60.59
N LEU L 312 -17.41 14.13 60.16
CA LEU L 312 -17.52 15.21 59.20
C LEU L 312 -17.03 16.52 59.79
N THR L 313 -17.37 16.80 61.04
CA THR L 313 -16.90 18.04 61.66
C THR L 313 -15.38 18.02 61.82
N GLU L 314 -14.82 16.88 62.16
CA GLU L 314 -13.36 16.76 62.23
C GLU L 314 -12.72 17.01 60.87
N LEU L 315 -13.33 16.48 59.82
CA LEU L 315 -12.80 16.71 58.48
C LEU L 315 -13.00 18.15 58.03
N SER L 316 -14.00 18.82 58.58
CA SER L 316 -14.27 20.21 58.20
C SER L 316 -13.12 21.13 58.57
N ALA L 317 -12.26 20.72 59.51
CA ALA L 317 -11.07 21.49 59.79
C ALA L 317 -10.11 21.54 58.61
N ASN L 318 -10.17 20.55 57.72
CA ASN L 318 -9.28 20.48 56.57
C ASN L 318 -9.95 20.92 55.28
N PHE L 319 -11.20 21.34 55.33
CA PHE L 319 -11.91 21.67 54.11
C PHE L 319 -11.31 22.92 53.48
N PRO L 320 -11.41 23.06 52.17
CA PRO L 320 -11.14 24.36 51.55
C PRO L 320 -12.10 25.41 52.10
N ASP L 321 -11.59 26.64 52.22
CA ASP L 321 -12.31 27.67 52.94
C ASP L 321 -13.62 28.02 52.26
N ASN L 322 -13.67 27.92 50.94
CA ASN L 322 -14.89 28.30 50.24
C ASN L 322 -16.00 27.27 50.39
N VAL L 323 -15.68 26.04 50.78
CA VAL L 323 -16.68 24.98 50.89
C VAL L 323 -16.87 24.60 52.35
N GLU L 324 -18.14 24.52 52.76
CA GLU L 324 -18.52 24.07 54.08
C GLU L 324 -19.50 22.91 53.96
N PHE L 325 -19.50 22.05 54.97
CA PHE L 325 -20.38 20.90 54.99
C PHE L 325 -21.63 21.18 55.81
N SER L 326 -22.69 20.46 55.49
CA SER L 326 -23.94 20.56 56.22
C SER L 326 -24.71 19.26 56.01
N VAL L 327 -25.38 18.80 57.06
CA VAL L 327 -26.14 17.56 56.98
C VAL L 327 -27.61 17.92 56.94
N PRO L 328 -28.22 17.98 55.76
CA PRO L 328 -29.63 18.37 55.70
C PRO L 328 -30.58 17.33 56.29
N TYR L 329 -30.44 16.06 55.91
CA TYR L 329 -31.38 15.03 56.32
C TYR L 329 -30.69 14.04 57.24
N ASP L 330 -31.36 13.69 58.33
CA ASP L 330 -30.86 12.70 59.27
C ASP L 330 -32.05 11.89 59.77
N THR L 331 -32.01 10.58 59.53
CA THR L 331 -33.07 9.71 60.03
C THR L 331 -32.88 9.34 61.49
N SER L 332 -31.80 9.78 62.12
CA SER L 332 -31.57 9.43 63.51
C SER L 332 -32.16 10.48 64.46
N ARG L 333 -32.32 11.71 63.98
CA ARG L 333 -32.90 12.73 64.85
C ARG L 333 -34.35 12.39 65.16
N PHE L 334 -35.05 11.81 64.20
CA PHE L 334 -36.43 11.41 64.44
C PHE L 334 -36.50 10.37 65.53
N VAL L 335 -35.58 9.39 65.52
CA VAL L 335 -35.59 8.36 66.55
C VAL L 335 -35.17 8.94 67.88
N ASP L 336 -34.21 9.85 67.90
CA ASP L 336 -33.81 10.44 69.17
C ASP L 336 -35.00 11.18 69.80
N VAL L 337 -35.72 11.95 68.99
CA VAL L 337 -36.93 12.61 69.49
C VAL L 337 -37.96 11.58 69.92
N ALA L 338 -38.11 10.51 69.15
CA ALA L 338 -39.12 9.50 69.48
C ALA L 338 -38.84 8.83 70.81
N ILE L 339 -37.62 8.34 71.02
CA ILE L 339 -37.32 7.66 72.27
C ILE L 339 -37.33 8.66 73.42
N ASP L 340 -36.88 9.89 73.18
CA ASP L 340 -36.91 10.82 74.30
C ASP L 340 -38.31 11.21 74.71
N LYS L 341 -39.27 11.26 73.77
CA LYS L 341 -40.65 11.48 74.16
C LYS L 341 -41.28 10.24 74.77
N VAL L 342 -40.96 9.05 74.26
CA VAL L 342 -41.56 7.83 74.78
C VAL L 342 -41.07 7.57 76.20
N ILE L 343 -39.80 7.87 76.49
CA ILE L 343 -39.30 7.74 77.85
C ILE L 343 -40.05 8.70 78.77
N MET L 344 -40.30 9.92 78.28
CA MET L 344 -41.07 10.86 79.07
C MET L 344 -42.47 10.35 79.34
N THR L 345 -43.12 9.77 78.33
CA THR L 345 -44.45 9.21 78.53
C THR L 345 -44.41 8.06 79.51
N LEU L 346 -43.38 7.23 79.44
CA LEU L 346 -43.23 6.14 80.39
C LEU L 346 -43.13 6.64 81.82
N ILE L 347 -42.26 7.63 82.06
CA ILE L 347 -42.10 8.16 83.41
C ILE L 347 -43.38 8.85 83.87
N GLU L 348 -44.00 9.63 83.00
CA GLU L 348 -45.18 10.38 83.39
C GLU L 348 -46.39 9.47 83.56
N ALA L 349 -46.38 8.29 82.92
CA ALA L 349 -47.43 7.32 83.16
C ALA L 349 -47.16 6.54 84.45
N MET L 350 -45.90 6.27 84.74
CA MET L 350 -45.56 5.67 86.02
C MET L 350 -46.02 6.57 87.16
N VAL L 351 -45.78 7.88 87.03
CA VAL L 351 -46.18 8.78 88.10
C VAL L 351 -47.69 8.84 88.20
N LEU L 352 -48.39 8.76 87.07
CA LEU L 352 -49.86 8.75 87.13
C LEU L 352 -50.39 7.51 87.84
N VAL L 353 -49.85 6.34 87.50
CA VAL L 353 -50.35 5.13 88.15
C VAL L 353 -49.99 5.13 89.63
N PHE L 354 -48.81 5.64 89.98
CA PHE L 354 -48.47 5.83 91.38
C PHE L 354 -49.50 6.73 92.06
N LEU L 355 -49.85 7.83 91.40
CA LEU L 355 -50.78 8.78 91.98
C LEU L 355 -52.14 8.15 92.22
N VAL L 356 -52.67 7.42 91.24
CA VAL L 356 -54.03 6.89 91.38
C VAL L 356 -54.04 5.74 92.37
N MET L 357 -52.99 4.92 92.40
CA MET L 357 -52.92 3.88 93.41
C MET L 357 -52.85 4.49 94.81
N PHE L 358 -52.06 5.55 95.00
CA PHE L 358 -51.98 6.17 96.31
C PHE L 358 -53.25 6.94 96.64
N LEU L 359 -54.02 7.32 95.63
CA LEU L 359 -55.31 7.95 95.88
C LEU L 359 -56.34 6.92 96.32
N PHE L 360 -56.30 5.73 95.73
CA PHE L 360 -57.24 4.68 96.12
C PHE L 360 -56.88 4.08 97.47
N LEU L 361 -55.70 3.46 97.56
CA LEU L 361 -55.36 2.75 98.79
C LEU L 361 -54.97 3.72 99.91
N GLN L 362 -54.38 4.85 99.56
CA GLN L 362 -54.05 5.92 100.51
C GLN L 362 -52.93 5.53 101.47
N ASN L 363 -51.94 4.79 100.98
CA ASN L 363 -50.68 4.60 101.69
C ASN L 363 -49.62 4.21 100.67
N VAL L 364 -48.40 4.71 100.88
CA VAL L 364 -47.39 4.64 99.85
C VAL L 364 -46.88 3.21 99.66
N ARG L 365 -46.80 2.45 100.75
CA ARG L 365 -46.14 1.14 100.68
C ARG L 365 -46.86 0.22 99.71
N TYR L 366 -48.19 0.25 99.71
CA TYR L 366 -48.94 -0.54 98.75
C TYR L 366 -48.68 -0.06 97.33
N THR L 367 -48.67 1.26 97.13
CA THR L 367 -48.53 1.86 95.82
C THR L 367 -47.15 1.59 95.21
N LEU L 368 -46.15 1.32 96.06
CA LEU L 368 -44.79 1.13 95.56
C LEU L 368 -44.69 -0.09 94.63
N ILE L 369 -45.27 -1.22 95.02
CA ILE L 369 -45.09 -2.52 94.36
C ILE L 369 -45.15 -2.45 92.84
N PRO L 370 -46.25 -2.02 92.23
CA PRO L 370 -46.30 -2.04 90.76
C PRO L 370 -45.24 -1.17 90.13
N SER L 371 -44.88 -0.06 90.77
CA SER L 371 -43.84 0.79 90.23
C SER L 371 -42.50 0.10 90.16
N ILE L 372 -42.29 -0.95 90.96
CA ILE L 372 -41.06 -1.73 90.83
C ILE L 372 -41.26 -2.89 89.87
N VAL L 373 -42.43 -3.51 89.87
CA VAL L 373 -42.61 -4.70 89.03
C VAL L 373 -42.66 -4.34 87.55
N VAL L 374 -43.16 -3.15 87.21
CA VAL L 374 -43.36 -2.81 85.80
C VAL L 374 -42.04 -2.70 85.03
N PRO L 375 -41.06 -1.88 85.44
CA PRO L 375 -39.85 -1.76 84.63
C PRO L 375 -39.09 -3.06 84.53
N VAL L 376 -39.28 -3.97 85.49
CA VAL L 376 -38.70 -5.31 85.36
C VAL L 376 -39.25 -5.98 84.11
N CYS L 377 -40.57 -5.91 83.94
CA CYS L 377 -41.19 -6.42 82.74
C CYS L 377 -40.66 -5.73 81.49
N LEU L 378 -40.43 -4.41 81.58
CA LEU L 378 -39.96 -3.70 80.39
C LEU L 378 -38.55 -4.13 80.02
N LEU L 379 -37.68 -4.32 81.02
CA LEU L 379 -36.33 -4.79 80.74
C LEU L 379 -36.34 -6.19 80.13
N GLY L 380 -37.18 -7.08 80.67
CA GLY L 380 -37.32 -8.39 80.04
C GLY L 380 -37.82 -8.27 78.61
N THR L 381 -38.73 -7.32 78.37
CA THR L 381 -39.21 -7.07 77.03
C THR L 381 -38.07 -6.70 76.10
N LEU L 382 -37.18 -5.82 76.56
CA LEU L 382 -36.03 -5.46 75.73
C LEU L 382 -35.15 -6.67 75.44
N THR L 383 -34.86 -7.47 76.47
CA THR L 383 -33.98 -8.62 76.26
C THR L 383 -34.55 -9.56 75.22
N PHE L 384 -35.83 -9.87 75.33
CA PHE L 384 -36.41 -10.81 74.39
C PHE L 384 -36.59 -10.18 73.02
N MET L 385 -36.85 -8.87 72.95
CA MET L 385 -36.93 -8.19 71.67
C MET L 385 -35.60 -8.25 70.93
N TYR L 386 -34.50 -8.06 71.65
CA TYR L 386 -33.18 -8.16 71.03
C TYR L 386 -32.88 -9.59 70.61
N LEU L 387 -33.25 -10.57 71.44
CA LEU L 387 -32.92 -11.96 71.11
C LEU L 387 -33.53 -12.42 69.80
N LEU L 388 -34.67 -11.85 69.41
CA LEU L 388 -35.25 -12.17 68.11
C LEU L 388 -34.74 -11.27 67.00
N GLY L 389 -33.76 -10.41 67.29
CA GLY L 389 -33.26 -9.50 66.28
C GLY L 389 -34.26 -8.46 65.83
N PHE L 390 -35.05 -7.94 66.76
CA PHE L 390 -35.95 -6.84 66.44
C PHE L 390 -35.22 -5.52 66.67
N SER L 391 -35.88 -4.42 66.32
CA SER L 391 -35.25 -3.12 66.36
C SER L 391 -35.96 -2.20 67.35
N VAL L 392 -35.17 -1.38 68.03
CA VAL L 392 -35.71 -0.35 68.91
C VAL L 392 -36.05 0.83 68.01
N ASN L 393 -37.24 0.79 67.42
CA ASN L 393 -37.63 1.82 66.47
C ASN L 393 -38.86 2.52 67.03
N MET L 394 -39.42 3.43 66.23
CA MET L 394 -40.62 4.13 66.65
C MET L 394 -41.73 3.15 67.01
N MET L 395 -41.95 2.15 66.16
CA MET L 395 -43.12 1.33 66.34
C MET L 395 -43.01 0.47 67.60
N THR L 396 -41.81 0.01 67.93
CA THR L 396 -41.69 -0.71 69.17
C THR L 396 -41.80 0.20 70.38
N MET L 397 -41.45 1.48 70.24
CA MET L 397 -41.68 2.41 71.34
C MET L 397 -43.16 2.61 71.61
N PHE L 398 -43.97 2.67 70.56
CA PHE L 398 -45.40 2.59 70.83
C PHE L 398 -45.78 1.24 71.41
N GLY L 399 -45.07 0.18 71.03
CA GLY L 399 -45.24 -1.08 71.73
C GLY L 399 -45.10 -0.90 73.22
N MET L 400 -44.06 -0.19 73.64
CA MET L 400 -43.85 0.11 75.05
C MET L 400 -45.02 0.87 75.66
N VAL L 401 -45.42 1.96 75.01
CA VAL L 401 -46.31 2.90 75.67
C VAL L 401 -47.70 2.30 75.82
N LEU L 402 -48.15 1.53 74.83
CA LEU L 402 -49.45 0.91 75.05
C LEU L 402 -49.36 -0.48 75.64
N ALA L 403 -48.14 -1.01 75.85
CA ALA L 403 -48.01 -2.17 76.70
C ALA L 403 -48.18 -1.79 78.15
N ILE L 404 -47.55 -0.70 78.58
CA ILE L 404 -47.50 -0.33 79.99
C ILE L 404 -48.86 -0.48 80.65
N GLY L 405 -49.93 -0.13 79.92
CA GLY L 405 -51.25 -0.28 80.50
C GLY L 405 -51.66 -1.74 80.68
N ILE L 406 -51.60 -2.53 79.62
CA ILE L 406 -52.09 -3.90 79.73
C ILE L 406 -51.19 -4.68 80.68
N LEU L 407 -49.93 -4.28 80.80
CA LEU L 407 -49.02 -4.85 81.77
C LEU L 407 -49.42 -4.45 83.19
N VAL L 408 -49.72 -3.16 83.41
CA VAL L 408 -49.91 -2.67 84.76
C VAL L 408 -51.12 -3.29 85.42
N ASP L 409 -52.04 -3.85 84.63
CA ASP L 409 -53.25 -4.38 85.33
C ASP L 409 -52.85 -5.62 86.13
N ASP L 410 -51.90 -6.44 85.66
CA ASP L 410 -51.56 -7.60 86.47
C ASP L 410 -51.22 -7.18 87.89
N ALA L 411 -50.28 -6.25 88.03
CA ALA L 411 -49.92 -5.76 89.35
C ALA L 411 -51.08 -5.05 90.04
N ILE L 412 -51.86 -4.28 89.27
CA ILE L 412 -52.96 -3.53 89.85
C ILE L 412 -53.97 -4.49 90.49
N VAL L 413 -54.40 -5.50 89.74
CA VAL L 413 -55.38 -6.43 90.29
C VAL L 413 -54.78 -7.25 91.42
N VAL L 414 -53.51 -7.63 91.33
CA VAL L 414 -52.94 -8.45 92.39
C VAL L 414 -52.89 -7.67 93.70
N VAL L 415 -52.29 -6.47 93.66
CA VAL L 415 -52.15 -5.70 94.89
C VAL L 415 -53.52 -5.22 95.38
N GLU L 416 -54.43 -4.93 94.48
CA GLU L 416 -55.74 -4.44 94.89
C GLU L 416 -56.57 -5.55 95.51
N ASN L 417 -56.46 -6.77 94.98
CA ASN L 417 -57.12 -7.92 95.59
C ASN L 417 -56.53 -8.24 96.96
N VAL L 418 -55.21 -8.15 97.09
CA VAL L 418 -54.62 -8.38 98.40
C VAL L 418 -55.05 -7.31 99.38
N GLU L 419 -55.22 -6.07 98.90
CA GLU L 419 -55.75 -5.03 99.76
C GLU L 419 -57.18 -5.32 100.17
N ARG L 420 -58.01 -5.79 99.23
CA ARG L 420 -59.41 -6.03 99.55
C ARG L 420 -59.52 -7.12 100.61
N ILE L 421 -58.70 -8.16 100.50
CA ILE L 421 -58.71 -9.21 101.52
C ILE L 421 -58.13 -8.70 102.83
N MET L 422 -57.10 -7.85 102.77
CA MET L 422 -56.58 -7.21 103.98
C MET L 422 -57.68 -6.45 104.71
N ALA L 423 -58.48 -5.69 103.97
CA ALA L 423 -59.50 -4.87 104.60
C ALA L 423 -60.65 -5.72 105.12
N GLU L 424 -61.13 -6.68 104.32
CA GLU L 424 -62.33 -7.41 104.71
C GLU L 424 -62.04 -8.43 105.79
N GLU L 425 -60.84 -9.02 105.81
CA GLU L 425 -60.54 -10.04 106.79
C GLU L 425 -59.47 -9.62 107.79
N GLY L 426 -58.74 -8.54 107.53
CA GLY L 426 -57.74 -8.10 108.48
C GLY L 426 -56.58 -9.06 108.66
N LEU L 427 -56.36 -9.96 107.71
CA LEU L 427 -55.33 -10.96 107.87
C LEU L 427 -53.94 -10.32 107.81
N ALA L 428 -52.96 -11.06 108.32
CA ALA L 428 -51.58 -10.65 108.18
C ALA L 428 -51.20 -10.68 106.71
N PRO L 429 -50.18 -9.91 106.32
CA PRO L 429 -49.84 -9.81 104.89
C PRO L 429 -49.64 -11.15 104.20
N VAL L 430 -48.96 -12.08 104.84
CA VAL L 430 -48.66 -13.37 104.20
C VAL L 430 -49.96 -14.13 103.96
N PRO L 431 -50.70 -14.57 104.99
CA PRO L 431 -51.85 -15.43 104.71
C PRO L 431 -52.87 -14.77 103.81
N ALA L 432 -53.03 -13.46 103.92
CA ALA L 432 -53.87 -12.73 102.98
C ALA L 432 -53.35 -12.86 101.56
N THR L 433 -52.03 -12.74 101.39
CA THR L 433 -51.46 -12.90 100.02
C THR L 433 -51.73 -14.31 99.49
N ILE L 434 -51.53 -15.35 100.32
CA ILE L 434 -51.85 -16.70 99.83
C ILE L 434 -53.31 -16.79 99.44
N LYS L 435 -54.20 -16.23 100.27
CA LYS L 435 -55.63 -16.34 99.97
C LYS L 435 -55.98 -15.66 98.65
N ALA L 436 -55.60 -14.39 98.52
CA ALA L 436 -55.95 -13.64 97.32
C ALA L 436 -55.31 -14.25 96.08
N MET L 437 -54.04 -14.63 96.18
CA MET L 437 -53.35 -15.20 95.04
C MET L 437 -53.93 -16.55 94.66
N GLY L 438 -54.36 -17.34 95.64
CA GLY L 438 -55.07 -18.56 95.32
C GLY L 438 -56.39 -18.31 94.63
N GLN L 439 -57.04 -17.19 94.97
CA GLN L 439 -58.26 -16.84 94.24
C GLN L 439 -57.95 -16.49 92.78
N VAL L 440 -56.86 -15.77 92.53
CA VAL L 440 -56.66 -15.12 91.23
C VAL L 440 -55.80 -15.93 90.28
N SER L 441 -54.90 -16.81 90.76
CA SER L 441 -53.81 -17.30 89.94
C SER L 441 -54.28 -18.05 88.70
N GLY L 442 -55.30 -18.90 88.84
CA GLY L 442 -55.81 -19.60 87.66
C GLY L 442 -56.34 -18.64 86.61
N ALA L 443 -57.09 -17.63 87.06
CA ALA L 443 -57.57 -16.61 86.14
C ALA L 443 -56.42 -15.86 85.50
N ILE L 444 -55.37 -15.58 86.28
CA ILE L 444 -54.27 -14.77 85.75
C ILE L 444 -53.48 -15.57 84.72
N ILE L 445 -53.39 -16.89 84.91
CA ILE L 445 -52.80 -17.74 83.89
C ILE L 445 -53.65 -17.71 82.63
N GLY L 446 -54.97 -17.81 82.79
CA GLY L 446 -55.85 -17.68 81.65
C GLY L 446 -55.64 -16.36 80.92
N ILE L 447 -55.50 -15.27 81.68
CA ILE L 447 -55.19 -13.97 81.10
C ILE L 447 -53.92 -14.04 80.26
N THR L 448 -52.77 -14.27 80.92
CA THR L 448 -51.50 -14.17 80.21
C THR L 448 -51.51 -15.05 78.97
N LEU L 449 -52.11 -16.23 79.04
CA LEU L 449 -52.13 -17.10 77.88
C LEU L 449 -53.05 -16.54 76.80
N VAL L 450 -54.22 -16.01 77.18
CA VAL L 450 -55.20 -15.60 76.18
C VAL L 450 -54.76 -14.32 75.48
N LEU L 451 -54.13 -13.40 76.21
CA LEU L 451 -53.55 -12.25 75.53
C LEU L 451 -52.31 -12.64 74.73
N SER L 452 -51.55 -13.64 75.17
CA SER L 452 -50.52 -14.17 74.28
C SER L 452 -51.12 -14.59 72.95
N ALA L 453 -52.23 -15.31 72.99
CA ALA L 453 -52.86 -15.82 71.77
C ALA L 453 -53.75 -14.79 71.06
N VAL L 454 -53.96 -13.62 71.64
CA VAL L 454 -54.71 -12.61 70.90
C VAL L 454 -53.80 -11.74 70.05
N PHE L 455 -52.55 -11.54 70.46
CA PHE L 455 -51.60 -10.88 69.56
C PHE L 455 -50.61 -11.84 68.92
N LEU L 456 -50.68 -13.14 69.20
CA LEU L 456 -49.93 -14.09 68.39
C LEU L 456 -50.31 -14.06 66.93
N PRO L 457 -51.59 -14.09 66.54
CA PRO L 457 -51.91 -14.13 65.11
C PRO L 457 -51.42 -12.92 64.34
N LEU L 458 -51.40 -11.73 64.95
CA LEU L 458 -51.01 -10.55 64.22
C LEU L 458 -49.56 -10.65 63.75
N ALA L 459 -48.76 -11.51 64.38
CA ALA L 459 -47.42 -11.80 63.91
C ALA L 459 -47.41 -12.70 62.68
N PHE L 460 -48.48 -13.44 62.42
CA PHE L 460 -48.56 -14.33 61.27
C PHE L 460 -48.68 -13.57 59.95
N MET L 461 -49.13 -12.31 59.98
CA MET L 461 -49.49 -11.61 58.76
C MET L 461 -48.28 -11.41 57.84
N ALA L 462 -48.56 -11.35 56.54
CA ALA L 462 -47.54 -11.18 55.52
C ALA L 462 -47.64 -9.79 54.89
N GLY L 463 -46.58 -9.41 54.19
CA GLY L 463 -46.51 -8.10 53.60
C GLY L 463 -45.92 -7.07 54.53
N SER L 464 -46.02 -5.82 54.11
CA SER L 464 -45.49 -4.71 54.90
C SER L 464 -46.26 -4.57 56.22
N VAL L 465 -47.58 -4.68 56.16
CA VAL L 465 -48.35 -4.85 57.40
C VAL L 465 -47.83 -6.05 58.15
N GLY L 466 -47.41 -7.08 57.43
CA GLY L 466 -46.82 -8.23 58.09
C GLY L 466 -45.68 -7.81 58.99
N VAL L 467 -44.73 -7.05 58.45
CA VAL L 467 -43.59 -6.62 59.26
C VAL L 467 -44.05 -5.75 60.41
N ILE L 468 -44.95 -4.80 60.14
CA ILE L 468 -45.36 -3.83 61.15
C ILE L 468 -46.02 -4.55 62.32
N TYR L 469 -47.15 -5.20 62.04
CA TYR L 469 -47.85 -5.94 63.07
C TYR L 469 -46.92 -6.95 63.72
N GLN L 470 -46.07 -7.61 62.94
CA GLN L 470 -45.11 -8.57 63.49
C GLN L 470 -44.39 -7.99 64.68
N GLN L 471 -43.56 -6.98 64.44
CA GLN L 471 -42.69 -6.51 65.52
C GLN L 471 -43.51 -5.85 66.62
N PHE L 472 -44.53 -5.08 66.25
CA PHE L 472 -45.24 -4.33 67.27
C PHE L 472 -46.07 -5.26 68.17
N SER L 473 -46.81 -6.16 67.55
CA SER L 473 -47.57 -7.18 68.28
C SER L 473 -46.66 -8.06 69.11
N LEU L 474 -45.49 -8.43 68.59
CA LEU L 474 -44.64 -9.32 69.38
C LEU L 474 -44.05 -8.61 70.58
N SER L 475 -43.77 -7.31 70.46
CA SER L 475 -43.40 -6.55 71.65
C SER L 475 -44.52 -6.60 72.68
N LEU L 476 -45.75 -6.36 72.22
CA LEU L 476 -46.90 -6.45 73.12
C LEU L 476 -46.99 -7.83 73.79
N ALA L 477 -46.83 -8.90 73.00
CA ALA L 477 -47.01 -10.24 73.51
C ALA L 477 -45.91 -10.61 74.52
N VAL L 478 -44.66 -10.24 74.24
CA VAL L 478 -43.60 -10.50 75.20
C VAL L 478 -43.85 -9.75 76.48
N SER L 479 -44.29 -8.50 76.38
CA SER L 479 -44.58 -7.73 77.57
C SER L 479 -45.63 -8.41 78.43
N ILE L 480 -46.70 -8.90 77.80
CA ILE L 480 -47.76 -9.50 78.60
C ILE L 480 -47.35 -10.88 79.10
N LEU L 481 -46.50 -11.60 78.36
CA LEU L 481 -45.95 -12.85 78.86
C LEU L 481 -45.19 -12.63 80.17
N PHE L 482 -44.27 -11.68 80.17
CA PHE L 482 -43.52 -11.41 81.39
C PHE L 482 -44.41 -10.80 82.47
N SER L 483 -45.43 -10.04 82.09
CA SER L 483 -46.36 -9.51 83.09
C SER L 483 -47.10 -10.63 83.80
N GLY L 484 -47.57 -11.62 83.04
CA GLY L 484 -48.21 -12.76 83.66
C GLY L 484 -47.26 -13.54 84.54
N PHE L 485 -46.02 -13.71 84.08
CA PHE L 485 -45.04 -14.45 84.88
C PHE L 485 -44.76 -13.73 86.20
N LEU L 486 -44.58 -12.41 86.15
CA LEU L 486 -44.34 -11.69 87.39
C LEU L 486 -45.58 -11.70 88.29
N ALA L 487 -46.78 -11.53 87.72
CA ALA L 487 -47.97 -11.61 88.55
C ALA L 487 -48.10 -12.96 89.23
N LEU L 488 -47.72 -14.03 88.53
CA LEU L 488 -47.72 -15.35 89.17
C LEU L 488 -46.70 -15.45 90.29
N THR L 489 -45.45 -15.07 90.04
CA THR L 489 -44.36 -15.39 90.97
C THR L 489 -43.90 -14.19 91.79
N PHE L 490 -43.52 -13.10 91.14
CA PHE L 490 -42.78 -12.04 91.79
C PHE L 490 -43.68 -11.12 92.59
N THR L 491 -44.77 -10.64 91.99
CA THR L 491 -45.64 -9.71 92.71
C THR L 491 -46.20 -10.27 94.00
N PRO L 492 -46.69 -11.52 94.08
CA PRO L 492 -47.14 -12.02 95.39
C PRO L 492 -46.05 -11.96 96.44
N ALA L 493 -44.81 -12.25 96.07
CA ALA L 493 -43.71 -12.08 97.02
C ALA L 493 -43.59 -10.62 97.43
N LEU L 494 -43.81 -9.71 96.50
CA LEU L 494 -43.75 -8.29 96.82
C LEU L 494 -44.82 -7.90 97.82
N CYS L 495 -46.03 -8.43 97.65
CA CYS L 495 -47.08 -8.16 98.64
C CYS L 495 -46.74 -8.77 99.98
N ALA L 496 -46.22 -10.00 100.00
CA ALA L 496 -45.86 -10.62 101.26
C ALA L 496 -44.73 -9.85 101.95
N THR L 497 -43.90 -9.15 101.19
CA THR L 497 -42.76 -8.45 101.77
C THR L 497 -43.05 -7.01 102.14
N LEU L 498 -43.38 -6.16 101.17
CA LEU L 498 -43.43 -4.73 101.38
C LEU L 498 -44.66 -4.27 102.15
N LEU L 499 -45.73 -5.04 102.16
CA LEU L 499 -46.96 -4.57 102.75
C LEU L 499 -46.86 -4.52 104.28
N LYS L 500 -47.39 -3.45 104.84
CA LYS L 500 -47.47 -3.24 106.28
C LYS L 500 -48.89 -3.48 106.75
N PRO L 501 -49.09 -4.21 107.85
CA PRO L 501 -50.45 -4.56 108.26
C PRO L 501 -51.30 -3.34 108.55
N ILE L 502 -52.57 -3.44 108.18
CA ILE L 502 -53.57 -2.43 108.46
C ILE L 502 -54.39 -2.92 109.65
N PRO L 503 -54.44 -2.19 110.76
CA PRO L 503 -55.26 -2.64 111.90
C PRO L 503 -56.73 -2.76 111.52
N VAL L 504 -57.40 -3.73 112.14
CA VAL L 504 -58.77 -4.07 111.77
C VAL L 504 -59.70 -2.90 112.08
N GLY L 505 -60.66 -2.67 111.19
CA GLY L 505 -61.68 -1.66 111.42
C GLY L 505 -61.27 -0.24 111.11
N HIS L 506 -60.12 -0.03 110.47
CA HIS L 506 -59.62 1.31 110.20
C HIS L 506 -60.00 1.75 108.79
N HIS L 507 -61.31 2.02 108.63
CA HIS L 507 -61.82 2.60 107.40
C HIS L 507 -62.17 4.08 107.54
N GLU L 508 -62.41 4.56 108.75
CA GLU L 508 -62.51 5.99 108.97
C GLU L 508 -61.16 6.64 108.71
N LYS L 509 -61.18 7.80 108.05
CA LYS L 509 -59.95 8.44 107.62
C LYS L 509 -60.07 9.95 107.75
N THR L 510 -58.94 10.61 107.99
CA THR L 510 -58.90 12.05 108.16
C THR L 510 -58.58 12.72 106.83
N GLY L 511 -59.30 13.79 106.54
CA GLY L 511 -59.03 14.56 105.34
C GLY L 511 -59.73 14.00 104.11
N PHE L 512 -59.32 14.55 102.96
CA PHE L 512 -59.94 14.20 101.68
C PHE L 512 -59.88 12.71 101.39
N PHE L 513 -58.91 12.00 101.95
CA PHE L 513 -58.86 10.55 101.74
C PHE L 513 -60.12 9.88 102.29
N GLY L 514 -60.55 10.26 103.49
CA GLY L 514 -61.76 9.68 104.04
C GLY L 514 -62.98 9.99 103.21
N TRP L 515 -63.06 11.22 102.70
CA TRP L 515 -64.10 11.55 101.74
C TRP L 515 -64.06 10.61 100.55
N PHE L 516 -62.86 10.31 100.06
CA PHE L 516 -62.75 9.40 98.92
C PHE L 516 -63.24 8.00 99.29
N ASN L 517 -62.85 7.50 100.45
CA ASN L 517 -63.30 6.16 100.83
C ASN L 517 -64.81 6.11 100.93
N ARG L 518 -65.40 7.15 101.54
CA ARG L 518 -66.86 7.19 101.68
C ARG L 518 -67.54 7.25 100.32
N LYS L 519 -67.04 8.11 99.42
CA LYS L 519 -67.71 8.26 98.13
C LYS L 519 -67.53 7.03 97.25
N PHE L 520 -66.38 6.38 97.32
CA PHE L 520 -66.21 5.15 96.57
C PHE L 520 -67.06 4.02 97.15
N THR L 521 -67.19 3.96 98.47
CA THR L 521 -68.10 2.98 99.07
C THR L 521 -69.52 3.24 98.59
N SER L 522 -69.92 4.52 98.55
CA SER L 522 -71.24 4.87 98.06
C SER L 522 -71.43 4.47 96.61
N LEU L 523 -70.42 4.72 95.77
CA LEU L 523 -70.54 4.40 94.35
C LEU L 523 -70.59 2.89 94.14
N THR L 524 -69.79 2.13 94.89
CA THR L 524 -69.86 0.68 94.81
C THR L 524 -71.22 0.17 95.24
N SER L 525 -71.79 0.75 96.30
CA SER L 525 -73.12 0.33 96.74
C SER L 525 -74.17 0.67 95.69
N ARG L 526 -74.07 1.87 95.10
CA ARG L 526 -75.01 2.27 94.06
C ARG L 526 -74.93 1.34 92.87
N TYR L 527 -73.72 1.00 92.44
CA TYR L 527 -73.52 0.04 91.38
C TYR L 527 -74.08 -1.32 91.76
N THR L 528 -73.89 -1.72 93.02
CA THR L 528 -74.43 -3.00 93.49
C THR L 528 -75.94 -3.03 93.31
N LYS L 529 -76.62 -2.02 93.82
CA LYS L 529 -78.07 -1.91 93.63
C LYS L 529 -78.40 -1.80 92.14
N LEU L 530 -77.49 -1.22 91.36
CA LEU L 530 -77.74 -1.05 89.90
C LEU L 530 -77.81 -2.42 89.23
N ASN L 531 -76.83 -3.30 89.45
CA ASN L 531 -76.94 -4.64 88.88
C ASN L 531 -78.15 -5.34 89.47
N ASP L 532 -78.37 -5.19 90.78
CA ASP L 532 -79.53 -5.82 91.40
C ASP L 532 -80.82 -5.39 90.72
N LYS L 533 -80.82 -4.21 90.11
CA LYS L 533 -81.99 -3.73 89.38
C LYS L 533 -82.03 -4.21 87.93
N LEU L 534 -80.88 -4.45 87.29
CA LEU L 534 -80.94 -5.00 85.93
C LEU L 534 -80.81 -6.51 85.85
N VAL L 535 -80.34 -7.19 86.90
CA VAL L 535 -80.30 -8.65 86.87
C VAL L 535 -81.67 -9.27 86.64
N PRO L 536 -82.79 -8.73 87.16
CA PRO L 536 -84.08 -9.31 86.76
C PRO L 536 -84.36 -9.13 85.28
N ARG L 537 -84.02 -7.99 84.70
CA ARG L 537 -84.28 -7.70 83.29
C ARG L 537 -83.00 -7.95 82.50
N ALA L 538 -82.81 -9.17 82.04
CA ALA L 538 -81.64 -9.49 81.23
C ALA L 538 -81.96 -9.54 79.75
N GLY L 539 -83.09 -10.15 79.37
CA GLY L 539 -83.45 -10.21 77.98
C GLY L 539 -83.70 -8.83 77.39
N ARG L 540 -84.14 -7.89 78.21
CA ARG L 540 -84.38 -6.55 77.71
C ARG L 540 -83.08 -5.80 77.46
N VAL L 541 -82.11 -5.94 78.37
CA VAL L 541 -80.80 -5.34 78.15
C VAL L 541 -80.09 -6.01 76.98
N MET L 542 -80.40 -7.28 76.73
CA MET L 542 -79.89 -7.95 75.55
C MET L 542 -80.22 -7.17 74.28
N PHE L 543 -81.40 -6.56 74.22
CA PHE L 543 -81.73 -5.75 73.06
C PHE L 543 -80.83 -4.52 72.96
N ILE L 544 -80.52 -3.89 74.10
CA ILE L 544 -79.63 -2.73 74.07
C ILE L 544 -78.25 -3.15 73.60
N TYR L 545 -77.77 -4.29 74.10
CA TYR L 545 -76.44 -4.81 73.69
C TYR L 545 -76.45 -5.06 72.18
N LEU L 546 -77.52 -5.68 71.67
CA LEU L 546 -77.64 -5.90 70.23
C LEU L 546 -77.60 -4.58 69.46
N GLY L 547 -78.28 -3.56 69.98
CA GLY L 547 -78.17 -2.25 69.37
C GLY L 547 -76.74 -1.76 69.33
N VAL L 548 -76.00 -1.99 70.42
CA VAL L 548 -74.62 -1.54 70.48
C VAL L 548 -73.76 -2.26 69.45
N VAL L 549 -73.91 -3.59 69.34
CA VAL L 549 -73.09 -4.31 68.38
C VAL L 549 -73.44 -3.93 66.95
N VAL L 550 -74.73 -3.72 66.68
CA VAL L 550 -75.11 -3.30 65.33
C VAL L 550 -74.56 -1.92 65.02
N LEU L 551 -74.59 -0.99 65.99
CA LEU L 551 -74.05 0.33 65.75
C LEU L 551 -72.55 0.26 65.51
N MET L 552 -71.85 -0.58 66.27
CA MET L 552 -70.44 -0.84 66.04
C MET L 552 -70.20 -1.28 64.61
N GLY L 553 -70.93 -2.28 64.16
CA GLY L 553 -70.77 -2.74 62.78
C GLY L 553 -71.07 -1.64 61.78
N PHE L 554 -72.05 -0.80 62.08
CA PHE L 554 -72.47 0.24 61.15
C PHE L 554 -71.35 1.25 60.93
N LEU L 555 -70.78 1.79 62.00
CA LEU L 555 -69.68 2.72 61.76
C LEU L 555 -68.37 2.04 61.42
N TYR L 556 -68.24 0.74 61.70
CA TYR L 556 -67.01 0.06 61.31
C TYR L 556 -66.96 -0.16 59.80
N MET L 557 -68.11 -0.51 59.19
CA MET L 557 -68.19 -0.58 57.75
C MET L 557 -68.17 0.78 57.08
N ARG L 558 -68.50 1.85 57.81
CA ARG L 558 -68.40 3.21 57.29
C ARG L 558 -67.05 3.84 57.56
N LEU L 559 -66.04 3.05 57.89
CA LEU L 559 -64.75 3.62 58.23
C LEU L 559 -63.81 3.49 57.05
N PRO L 560 -63.39 4.60 56.43
CA PRO L 560 -62.41 4.50 55.35
C PRO L 560 -61.15 3.78 55.80
N GLU L 561 -60.67 2.89 54.96
CA GLU L 561 -59.46 2.13 55.23
C GLU L 561 -58.23 2.94 54.83
N SER L 562 -57.10 2.56 55.41
CA SER L 562 -55.83 3.15 55.00
C SER L 562 -54.71 2.21 55.42
N PHE L 563 -53.57 2.36 54.75
CA PHE L 563 -52.40 1.55 55.07
C PHE L 563 -51.68 2.10 56.29
N VAL L 564 -51.08 3.28 56.15
CA VAL L 564 -50.36 3.96 57.22
C VAL L 564 -50.63 5.44 57.05
N PRO L 565 -50.94 6.17 58.11
CA PRO L 565 -51.10 7.62 57.99
C PRO L 565 -49.81 8.27 57.52
N VAL L 566 -49.94 9.34 56.75
CA VAL L 566 -48.76 10.05 56.28
C VAL L 566 -48.14 10.84 57.42
N GLU L 567 -46.87 10.60 57.69
CA GLU L 567 -46.17 11.27 58.77
C GLU L 567 -45.48 12.52 58.25
N ASP L 568 -45.43 13.55 59.09
CA ASP L 568 -44.67 14.75 58.77
C ASP L 568 -43.19 14.44 58.91
N GLN L 569 -42.55 14.10 57.80
CA GLN L 569 -41.14 13.71 57.80
C GLN L 569 -40.21 14.90 57.66
N GLY L 570 -40.73 16.11 57.60
CA GLY L 570 -39.88 17.29 57.55
C GLY L 570 -39.33 17.62 56.18
N TYR L 571 -39.74 16.92 55.14
CA TYR L 571 -39.24 17.19 53.80
C TYR L 571 -40.39 17.01 52.84
N MET L 572 -40.25 17.57 51.65
CA MET L 572 -41.26 17.45 50.62
C MET L 572 -40.63 17.05 49.30
N ILE L 573 -41.49 16.66 48.37
CA ILE L 573 -41.10 16.33 47.01
C ILE L 573 -41.67 17.41 46.10
N VAL L 574 -40.81 18.01 45.28
CA VAL L 574 -41.24 18.93 44.24
C VAL L 574 -40.60 18.47 42.94
N ASP L 575 -41.42 18.23 41.93
CA ASP L 575 -40.97 17.67 40.67
C ASP L 575 -40.82 18.78 39.63
N ILE L 576 -39.69 18.79 38.94
CA ILE L 576 -39.40 19.78 37.91
C ILE L 576 -39.32 19.06 36.57
N GLN L 577 -40.38 19.18 35.78
CA GLN L 577 -40.46 18.53 34.47
C GLN L 577 -40.78 19.60 33.43
N LEU L 578 -39.91 19.74 32.44
CA LEU L 578 -40.17 20.72 31.41
C LEU L 578 -40.72 20.04 30.15
N PRO L 579 -41.19 20.81 29.18
CA PRO L 579 -41.67 20.22 27.94
C PRO L 579 -40.64 19.30 27.32
N PRO L 580 -41.06 18.36 26.48
CA PRO L 580 -40.11 17.40 25.94
C PRO L 580 -38.98 18.08 25.18
N GLY L 581 -37.79 17.53 25.31
CA GLY L 581 -36.62 18.06 24.63
C GLY L 581 -35.99 19.27 25.29
N ALA L 582 -36.19 19.47 26.58
CA ALA L 582 -35.67 20.66 27.24
C ALA L 582 -34.21 20.46 27.64
N THR L 583 -33.38 21.45 27.33
CA THR L 583 -31.99 21.42 27.71
C THR L 583 -31.85 21.60 29.21
N ARG L 584 -30.70 21.21 29.74
CA ARG L 584 -30.45 21.35 31.17
C ARG L 584 -30.55 22.79 31.63
N GLU L 585 -30.23 23.75 30.77
CA GLU L 585 -30.19 25.14 31.21
C GLU L 585 -31.59 25.67 31.52
N ARG L 586 -32.58 25.28 30.73
CA ARG L 586 -33.96 25.64 31.06
C ARG L 586 -34.36 25.06 32.40
N THR L 587 -33.99 23.81 32.65
CA THR L 587 -34.28 23.19 33.93
C THR L 587 -33.58 23.92 35.06
N SER L 588 -32.36 24.38 34.82
CA SER L 588 -31.63 25.12 35.84
C SER L 588 -32.30 26.45 36.13
N ALA L 589 -32.83 27.12 35.11
CA ALA L 589 -33.57 28.35 35.34
C ALA L 589 -34.83 28.09 36.15
N ALA L 590 -35.56 27.03 35.80
CA ALA L 590 -36.75 26.68 36.56
C ALA L 590 -36.41 26.37 38.01
N GLY L 591 -35.35 25.60 38.22
CA GLY L 591 -34.91 25.31 39.56
C GLY L 591 -34.45 26.55 40.30
N GLY L 592 -33.87 27.51 39.58
CA GLY L 592 -33.48 28.75 40.22
C GLY L 592 -34.67 29.51 40.76
N GLU L 593 -35.72 29.65 39.94
CA GLU L 593 -36.91 30.33 40.41
C GLU L 593 -37.56 29.57 41.56
N LEU L 594 -37.63 28.24 41.46
CA LEU L 594 -38.20 27.44 42.53
C LEU L 594 -37.43 27.60 43.83
N GLU L 595 -36.10 27.54 43.76
CA GLU L 595 -35.29 27.65 44.96
C GLU L 595 -35.36 29.04 45.55
N SER L 596 -35.49 30.08 44.70
CA SER L 596 -35.69 31.41 45.23
C SER L 596 -36.98 31.49 46.02
N PHE L 597 -38.07 30.95 45.45
CA PHE L 597 -39.34 31.00 46.16
C PHE L 597 -39.27 30.22 47.47
N LEU L 598 -38.50 29.14 47.47
CA LEU L 598 -38.32 28.38 48.71
C LEU L 598 -37.55 29.18 49.74
N MET L 599 -36.54 29.94 49.31
CA MET L 599 -35.90 30.87 50.25
C MET L 599 -36.91 31.84 50.83
N ALA L 600 -37.81 32.37 50.00
CA ALA L 600 -38.83 33.27 50.50
C ALA L 600 -39.75 32.62 51.52
N ARG L 601 -39.83 31.29 51.55
CA ARG L 601 -40.66 30.60 52.54
C ARG L 601 -39.88 30.39 53.81
N GLU L 602 -40.44 30.89 54.92
CA GLU L 602 -39.80 30.75 56.21
C GLU L 602 -39.95 29.35 56.78
N ALA L 603 -40.89 28.56 56.26
CA ALA L 603 -41.05 27.20 56.77
C ALA L 603 -39.91 26.29 56.37
N VAL L 604 -39.06 26.71 55.44
CA VAL L 604 -37.99 25.88 54.92
C VAL L 604 -36.65 26.39 55.44
N GLN L 605 -35.90 25.51 56.08
CA GLN L 605 -34.56 25.81 56.56
C GLN L 605 -33.52 25.69 55.46
N THR L 606 -33.54 24.61 54.69
CA THR L 606 -32.65 24.47 53.55
C THR L 606 -33.33 23.63 52.48
N THR L 607 -33.10 24.00 51.22
CA THR L 607 -33.68 23.31 50.08
C THR L 607 -32.58 22.65 49.28
N PHE L 608 -32.70 21.35 49.07
CA PHE L 608 -31.76 20.61 48.24
C PHE L 608 -32.42 20.30 46.92
N LEU L 609 -31.77 20.68 45.83
CA LEU L 609 -32.33 20.55 44.50
C LEU L 609 -31.46 19.64 43.66
N VAL L 610 -32.09 18.73 42.94
CA VAL L 610 -31.42 17.82 42.03
C VAL L 610 -31.87 18.15 40.62
N LEU L 611 -30.91 18.31 39.71
CA LEU L 611 -31.18 18.53 38.30
C LEU L 611 -30.83 17.27 37.52
N GLY L 612 -31.69 16.90 36.59
CA GLY L 612 -31.46 15.70 35.82
C GLY L 612 -32.02 14.44 36.43
N PHE L 613 -32.61 14.52 37.62
CA PHE L 613 -33.24 13.37 38.26
C PHE L 613 -34.59 13.77 38.83
N SER L 614 -35.58 12.92 38.63
CA SER L 614 -36.81 13.02 39.39
C SER L 614 -37.57 11.71 39.28
N PHE L 615 -38.42 11.45 40.27
CA PHE L 615 -39.05 10.15 40.39
C PHE L 615 -39.88 9.80 39.18
N SER L 616 -40.33 10.80 38.42
CA SER L 616 -40.97 10.51 37.14
C SER L 616 -39.98 9.81 36.20
N GLY L 617 -38.76 10.30 36.14
CA GLY L 617 -37.72 9.74 35.31
C GLY L 617 -36.63 10.76 35.09
N MET L 618 -35.41 10.28 34.97
CA MET L 618 -34.26 11.17 34.94
C MET L 618 -33.80 11.48 33.52
N GLY L 619 -33.66 12.76 33.24
CA GLY L 619 -33.34 13.25 31.91
C GLY L 619 -33.07 14.73 31.99
N GLU L 620 -32.70 15.32 30.84
CA GLU L 620 -32.30 16.72 30.86
C GLU L 620 -33.45 17.63 31.27
N ASN L 621 -34.68 17.33 30.85
CA ASN L 621 -35.80 18.17 31.20
C ASN L 621 -36.31 17.93 32.60
N ALA L 622 -35.77 16.95 33.31
CA ALA L 622 -36.33 16.49 34.57
C ALA L 622 -35.43 16.92 35.73
N ALA L 623 -36.07 17.21 36.86
CA ALA L 623 -35.34 17.59 38.07
C ALA L 623 -36.29 17.42 39.25
N ILE L 624 -35.70 17.31 40.44
CA ILE L 624 -36.47 17.13 41.67
C ILE L 624 -35.91 18.04 42.74
N ALA L 625 -36.78 18.44 43.67
CA ALA L 625 -36.40 19.31 44.77
C ALA L 625 -36.82 18.67 46.08
N PHE L 626 -35.96 18.77 47.09
CA PHE L 626 -36.19 18.16 48.40
C PHE L 626 -36.03 19.23 49.45
N PRO L 627 -37.00 20.14 49.57
CA PRO L 627 -36.93 21.16 50.62
C PRO L 627 -36.92 20.52 51.99
N LEU L 628 -36.10 21.07 52.88
CA LEU L 628 -36.09 20.62 54.27
C LEU L 628 -36.82 21.65 55.12
N LEU L 629 -37.77 21.17 55.91
CA LEU L 629 -38.56 22.03 56.78
C LEU L 629 -37.83 22.27 58.09
N LYS L 630 -38.28 23.29 58.81
CA LYS L 630 -37.73 23.56 60.12
C LYS L 630 -38.24 22.53 61.12
N ASP L 631 -37.61 22.48 62.28
CA ASP L 631 -38.03 21.53 63.30
C ASP L 631 -39.46 21.83 63.74
N TRP L 632 -40.16 20.78 64.17
CA TRP L 632 -41.56 20.94 64.55
C TRP L 632 -41.73 21.97 65.66
N SER L 633 -40.79 22.01 66.61
CA SER L 633 -40.87 22.97 67.69
C SER L 633 -40.89 24.40 67.18
N GLU L 634 -40.28 24.66 66.03
CA GLU L 634 -40.22 25.99 65.47
C GLU L 634 -41.27 26.22 64.39
N ARG L 635 -42.24 25.33 64.25
CA ARG L 635 -43.30 25.51 63.27
C ARG L 635 -44.65 25.27 63.92
N ASP L 636 -45.68 25.84 63.30
CA ASP L 636 -47.05 25.65 63.72
C ASP L 636 -47.78 24.73 62.75
N SER L 637 -49.08 24.56 62.96
CA SER L 637 -49.87 23.76 62.03
C SER L 637 -49.98 24.43 60.67
N SER L 638 -49.98 25.76 60.63
CA SER L 638 -50.08 26.47 59.36
C SER L 638 -48.84 26.29 58.51
N GLN L 639 -47.73 25.84 59.09
CA GLN L 639 -46.52 25.52 58.35
C GLN L 639 -46.36 24.02 58.15
N SER L 640 -47.46 23.27 58.12
CA SER L 640 -47.39 21.85 57.87
C SER L 640 -46.95 21.60 56.44
N PRO L 641 -46.37 20.43 56.17
CA PRO L 641 -45.92 20.14 54.79
C PRO L 641 -47.03 20.21 53.78
N GLU L 642 -48.25 19.79 54.14
CA GLU L 642 -49.34 19.86 53.19
C GLU L 642 -49.66 21.30 52.84
N ALA L 643 -49.69 22.18 53.84
CA ALA L 643 -49.95 23.59 53.57
C ALA L 643 -48.82 24.19 52.73
N GLU L 644 -47.58 23.77 53.00
CA GLU L 644 -46.47 24.31 52.23
C GLU L 644 -46.54 23.84 50.78
N SER L 645 -46.92 22.57 50.57
CA SER L 645 -47.09 22.05 49.22
C SER L 645 -48.19 22.81 48.49
N ALA L 646 -49.29 23.07 49.18
CA ALA L 646 -50.36 23.85 48.58
C ALA L 646 -49.86 25.24 48.21
N ALA L 647 -49.05 25.84 49.09
CA ALA L 647 -48.51 27.17 48.82
C ALA L 647 -47.66 27.15 47.56
N VAL L 648 -46.81 26.14 47.42
CA VAL L 648 -45.95 26.07 46.24
C VAL L 648 -46.76 25.81 44.98
N ASN L 649 -47.68 24.84 45.03
CA ASN L 649 -48.48 24.52 43.86
C ASN L 649 -49.32 25.71 43.41
N GLN L 650 -49.90 26.45 44.34
CA GLN L 650 -50.60 27.67 43.98
C GLN L 650 -49.63 28.71 43.43
N HIS L 651 -48.43 28.81 44.00
CA HIS L 651 -47.48 29.81 43.54
C HIS L 651 -47.01 29.51 42.12
N PHE L 652 -46.55 28.28 41.89
CA PHE L 652 -46.04 27.90 40.58
C PHE L 652 -47.10 27.29 39.70
N ALA L 653 -48.37 27.61 39.94
CA ALA L 653 -49.43 27.13 39.07
C ALA L 653 -49.38 27.80 37.70
N ASN L 654 -48.83 29.00 37.61
CA ASN L 654 -48.78 29.78 36.39
C ASN L 654 -47.34 29.92 35.90
N LEU L 655 -46.51 28.92 36.21
CA LEU L 655 -45.13 28.93 35.73
C LEU L 655 -45.12 28.67 34.23
N ASP L 656 -44.32 29.47 33.52
CA ASP L 656 -44.37 29.53 32.07
C ASP L 656 -43.49 28.50 31.38
N ASP L 657 -42.56 27.87 32.09
CA ASP L 657 -41.57 26.98 31.48
C ASP L 657 -41.59 25.63 32.20
N GLY L 658 -42.48 24.75 31.76
CA GLY L 658 -42.56 23.42 32.33
C GLY L 658 -43.64 23.29 33.38
N ALA L 659 -43.45 22.31 34.26
CA ALA L 659 -44.41 22.02 35.31
C ALA L 659 -43.70 21.81 36.63
N ILE L 660 -44.24 22.40 37.68
CA ILE L 660 -43.78 22.22 39.05
C ILE L 660 -44.92 21.65 39.86
N MET L 661 -44.69 20.51 40.49
CA MET L 661 -45.73 19.86 41.29
C MET L 661 -45.11 19.39 42.60
N ALA L 662 -45.76 19.73 43.71
CA ALA L 662 -45.28 19.34 45.02
C ALA L 662 -46.24 18.30 45.61
N VAL L 663 -45.71 17.15 45.98
CA VAL L 663 -46.53 16.09 46.56
C VAL L 663 -45.91 15.68 47.88
N PRO L 664 -46.71 15.36 48.89
CA PRO L 664 -46.14 14.90 50.16
C PRO L 664 -45.50 13.54 49.98
N PRO L 665 -44.46 13.23 50.75
CA PRO L 665 -43.75 11.97 50.57
C PRO L 665 -44.63 10.79 50.92
N PRO L 666 -44.38 9.62 50.35
CA PRO L 666 -45.14 8.43 50.71
C PRO L 666 -44.91 8.09 52.17
N PRO L 667 -45.92 7.59 52.87
CA PRO L 667 -45.80 7.35 54.31
C PRO L 667 -44.68 6.40 54.66
N VAL L 668 -44.51 5.36 53.85
CA VAL L 668 -43.52 4.32 54.11
C VAL L 668 -42.39 4.47 53.11
N GLU L 669 -41.18 4.65 53.61
CA GLU L 669 -40.03 4.78 52.73
C GLU L 669 -39.82 3.47 51.98
N GLY L 670 -39.49 3.59 50.69
CA GLY L 670 -39.17 2.42 49.90
C GLY L 670 -40.35 1.69 49.30
N LEU L 671 -41.57 2.10 49.63
CA LEU L 671 -42.76 1.52 49.01
C LEU L 671 -43.28 2.34 47.84
N GLY L 672 -42.57 3.37 47.43
CA GLY L 672 -43.01 4.19 46.32
C GLY L 672 -42.36 5.56 46.38
N ASN L 673 -42.64 6.34 45.35
CA ASN L 673 -42.07 7.69 45.28
C ASN L 673 -43.04 8.74 45.80
N SER L 674 -44.33 8.41 45.85
CA SER L 674 -45.33 9.32 46.42
C SER L 674 -46.46 8.49 46.97
N GLY L 675 -47.26 9.10 47.85
CA GLY L 675 -48.39 8.41 48.42
C GLY L 675 -49.48 8.16 47.41
N GLY L 676 -50.37 7.22 47.77
CA GLY L 676 -51.47 6.89 46.90
C GLY L 676 -51.33 5.54 46.22
N PHE L 677 -51.78 5.44 44.99
CA PHE L 677 -51.85 4.17 44.27
C PHE L 677 -50.82 4.15 43.15
N ALA L 678 -50.28 2.95 42.90
CA ALA L 678 -49.31 2.74 41.84
C ALA L 678 -49.84 1.67 40.91
N LEU L 679 -50.04 2.03 39.64
CA LEU L 679 -50.62 1.14 38.65
C LEU L 679 -49.74 1.08 37.42
N ARG L 680 -49.42 -0.14 37.00
CA ARG L 680 -48.61 -0.38 35.81
C ARG L 680 -49.55 -0.87 34.71
N LEU L 681 -49.51 -0.19 33.57
CA LEU L 681 -50.36 -0.53 32.44
C LEU L 681 -49.53 -1.36 31.47
N GLN L 682 -49.87 -2.64 31.34
CA GLN L 682 -49.02 -3.59 30.66
C GLN L 682 -49.62 -3.99 29.31
N ASP L 683 -48.85 -3.86 28.23
CA ASP L 683 -49.32 -4.33 26.88
C ASP L 683 -49.01 -5.82 26.79
N ARG L 684 -49.69 -6.63 27.59
CA ARG L 684 -49.47 -8.06 27.72
C ARG L 684 -49.53 -8.83 26.39
N ALA L 685 -49.96 -8.20 25.30
CA ALA L 685 -50.09 -8.89 24.03
C ALA L 685 -49.15 -8.38 22.94
N GLY L 686 -48.48 -7.25 23.15
CA GLY L 686 -47.60 -6.69 22.15
C GLY L 686 -48.33 -5.81 21.16
N LEU L 687 -49.18 -4.93 21.66
CA LEU L 687 -49.93 -4.02 20.79
C LEU L 687 -49.04 -2.94 20.19
N GLY L 688 -47.92 -2.63 20.82
CA GLY L 688 -47.01 -1.62 20.32
C GLY L 688 -47.03 -0.37 21.16
N ARG L 689 -45.97 0.44 21.02
CA ARG L 689 -45.80 1.63 21.83
C ARG L 689 -46.94 2.62 21.61
N ASP L 690 -47.32 2.85 20.35
CA ASP L 690 -48.39 3.79 20.07
C ASP L 690 -49.71 3.32 20.66
N ALA L 691 -50.00 2.02 20.56
CA ALA L 691 -51.23 1.49 21.15
C ALA L 691 -51.20 1.62 22.67
N LEU L 692 -50.05 1.37 23.28
CA LEU L 692 -49.94 1.51 24.74
C LEU L 692 -50.17 2.95 25.16
N LEU L 693 -49.59 3.91 24.45
CA LEU L 693 -49.84 5.30 24.78
C LEU L 693 -51.30 5.66 24.55
N ALA L 694 -51.93 5.07 23.54
CA ALA L 694 -53.35 5.28 23.31
C ALA L 694 -54.16 4.83 24.52
N ALA L 695 -53.84 3.64 25.03
CA ALA L 695 -54.48 3.18 26.26
C ALA L 695 -54.18 4.11 27.42
N ARG L 696 -52.99 4.70 27.43
CA ARG L 696 -52.64 5.66 28.48
C ARG L 696 -53.56 6.88 28.46
N ASP L 697 -53.74 7.49 27.30
CA ASP L 697 -54.64 8.65 27.26
C ASP L 697 -56.07 8.23 27.55
N GLU L 698 -56.45 7.02 27.12
CA GLU L 698 -57.77 6.50 27.44
C GLU L 698 -58.00 6.48 28.94
N VAL L 699 -57.08 5.83 29.67
CA VAL L 699 -57.28 5.65 31.10
C VAL L 699 -57.19 6.98 31.82
N LEU L 700 -56.27 7.86 31.39
CA LEU L 700 -56.16 9.15 32.06
C LEU L 700 -57.37 10.04 31.81
N GLY L 701 -57.97 9.97 30.62
CA GLY L 701 -59.20 10.69 30.39
C GLY L 701 -60.32 10.14 31.25
N LYS L 702 -60.39 8.81 31.36
CA LYS L 702 -61.45 8.22 32.17
C LYS L 702 -61.25 8.45 33.65
N VAL L 703 -60.03 8.71 34.10
CA VAL L 703 -59.72 8.83 35.51
C VAL L 703 -59.73 10.28 35.98
N ASN L 704 -58.98 11.15 35.29
CA ASN L 704 -58.85 12.52 35.76
C ASN L 704 -60.18 13.25 35.76
N GLY L 705 -61.12 12.84 34.91
CA GLY L 705 -62.45 13.39 34.97
C GLY L 705 -63.34 12.82 36.03
N ASN L 706 -62.91 11.74 36.70
CA ASN L 706 -63.68 11.10 37.74
C ASN L 706 -63.32 11.72 39.09
N PRO L 707 -64.28 12.28 39.83
CA PRO L 707 -63.95 12.99 41.07
C PRO L 707 -63.47 12.09 42.20
N LYS L 708 -63.41 10.77 42.00
CA LYS L 708 -62.94 9.88 43.06
C LYS L 708 -61.47 10.05 43.39
N PHE L 709 -60.67 10.60 42.48
CA PHE L 709 -59.24 10.71 42.66
C PHE L 709 -58.82 12.16 42.68
N LEU L 710 -57.90 12.50 43.59
CA LEU L 710 -57.38 13.86 43.63
C LEU L 710 -56.69 14.22 42.34
N TYR L 711 -55.76 13.38 41.89
CA TYR L 711 -55.06 13.60 40.63
C TYR L 711 -54.46 12.28 40.19
N ALA L 712 -54.17 12.18 38.90
CA ALA L 712 -53.48 11.03 38.33
C ALA L 712 -52.62 11.53 37.19
N MET L 713 -51.37 11.10 37.15
CA MET L 713 -50.41 11.60 36.18
C MET L 713 -49.44 10.50 35.83
N MET L 714 -49.03 10.46 34.56
CA MET L 714 -47.97 9.55 34.16
C MET L 714 -46.72 9.93 34.91
N GLU L 715 -46.38 9.21 35.97
CA GLU L 715 -45.09 9.46 36.58
C GLU L 715 -44.08 8.90 35.60
N GLY L 716 -43.76 9.70 34.59
CA GLY L 716 -42.90 9.24 33.52
C GLY L 716 -42.68 10.36 32.52
N LEU L 717 -41.64 10.18 31.72
CA LEU L 717 -41.21 11.21 30.79
C LEU L 717 -42.03 11.15 29.52
N ALA L 718 -42.52 12.31 29.10
CA ALA L 718 -43.35 12.37 27.91
C ALA L 718 -42.51 12.20 26.65
N GLU L 719 -43.17 11.75 25.58
CA GLU L 719 -42.48 11.55 24.31
C GLU L 719 -41.86 12.85 23.81
N ALA L 720 -40.67 12.75 23.25
CA ALA L 720 -39.95 13.90 22.76
C ALA L 720 -39.74 13.77 21.26
N PRO L 721 -39.67 14.88 20.54
CA PRO L 721 -39.28 14.82 19.13
C PRO L 721 -37.87 14.26 18.99
N GLN L 722 -37.68 13.47 17.94
CA GLN L 722 -36.39 12.83 17.69
C GLN L 722 -35.88 13.23 16.31
N LEU L 723 -34.58 13.13 16.13
CA LEU L 723 -33.94 13.46 14.87
C LEU L 723 -33.37 12.19 14.27
N ARG L 724 -34.19 11.44 13.55
CA ARG L 724 -33.70 10.26 12.86
C ARG L 724 -32.72 10.67 11.76
N LEU L 725 -31.63 9.94 11.65
CA LEU L 725 -30.63 10.19 10.60
C LEU L 725 -30.80 9.16 9.51
N VAL L 726 -31.26 9.61 8.34
CA VAL L 726 -31.42 8.73 7.19
C VAL L 726 -30.08 8.61 6.50
N ILE L 727 -29.35 7.53 6.79
CA ILE L 727 -28.06 7.27 6.16
C ILE L 727 -28.30 6.41 4.93
N ASP L 728 -28.04 6.98 3.76
CA ASP L 728 -27.99 6.18 2.54
C ASP L 728 -26.74 5.32 2.62
N ARG L 729 -26.91 4.09 3.09
CA ARG L 729 -25.75 3.20 3.25
C ARG L 729 -25.04 3.00 1.93
N GLU L 730 -25.80 2.83 0.84
CA GLU L 730 -25.21 2.64 -0.48
C GLU L 730 -24.44 3.88 -0.91
N GLN L 731 -25.03 5.06 -0.75
CA GLN L 731 -24.34 6.29 -1.12
C GLN L 731 -23.05 6.47 -0.32
N ALA L 732 -23.14 6.30 1.00
CA ALA L 732 -21.95 6.46 1.82
C ALA L 732 -20.89 5.45 1.43
N ARG L 733 -21.31 4.22 1.17
CA ARG L 733 -20.35 3.17 0.81
C ARG L 733 -19.65 3.48 -0.50
N THR L 734 -20.41 3.94 -1.50
CA THR L 734 -19.81 4.23 -2.80
C THR L 734 -18.77 5.33 -2.70
N LEU L 735 -19.04 6.35 -1.91
CA LEU L 735 -18.03 7.36 -1.65
C LEU L 735 -16.85 6.79 -0.87
N GLY L 736 -16.85 5.50 -0.54
CA GLY L 736 -15.76 4.90 0.19
C GLY L 736 -15.88 4.98 1.69
N VAL L 737 -17.08 5.25 2.21
CA VAL L 737 -17.29 5.45 3.63
C VAL L 737 -17.86 4.18 4.23
N SER L 738 -17.15 3.59 5.16
CA SER L 738 -17.66 2.44 5.89
C SER L 738 -18.72 2.87 6.88
N PHE L 739 -19.65 1.96 7.17
CA PHE L 739 -20.60 2.23 8.24
C PHE L 739 -19.90 2.29 9.59
N GLU L 740 -18.76 1.60 9.72
CA GLU L 740 -18.03 1.63 10.97
C GLU L 740 -17.55 3.04 11.25
N ALA L 741 -17.05 3.74 10.24
CA ALA L 741 -16.57 5.10 10.44
C ALA L 741 -17.69 6.03 10.88
N ILE L 742 -18.85 5.94 10.22
CA ILE L 742 -19.98 6.79 10.59
C ILE L 742 -20.42 6.49 12.01
N SER L 743 -20.56 5.21 12.35
CA SER L 743 -21.03 4.84 13.66
C SER L 743 -20.07 5.31 14.75
N SER L 744 -18.77 5.09 14.53
CA SER L 744 -17.78 5.52 15.50
C SER L 744 -17.77 7.03 15.64
N ALA L 745 -17.85 7.75 14.52
CA ALA L 745 -17.79 9.20 14.58
C ALA L 745 -18.99 9.76 15.31
N LEU L 746 -20.18 9.27 15.00
CA LEU L 746 -21.37 9.76 15.69
C LEU L 746 -21.29 9.44 17.18
N SER L 747 -20.96 8.19 17.52
CA SER L 747 -20.92 7.80 18.92
C SER L 747 -19.93 8.66 19.69
N THR L 748 -18.74 8.86 19.14
CA THR L 748 -17.73 9.62 19.87
C THR L 748 -18.04 11.11 19.90
N ALA L 749 -18.54 11.68 18.81
CA ALA L 749 -18.74 13.13 18.79
C ALA L 749 -19.93 13.54 19.63
N PHE L 750 -21.06 12.85 19.50
CA PHE L 750 -22.26 13.28 20.20
C PHE L 750 -22.55 12.48 21.46
N GLY L 751 -22.26 11.19 21.49
CA GLY L 751 -22.51 10.47 22.70
C GLY L 751 -21.39 10.47 23.72
N SER L 752 -20.21 11.00 23.36
CA SER L 752 -19.02 10.92 24.18
C SER L 752 -18.54 9.48 24.27
N SER L 753 -17.24 9.25 24.08
CA SER L 753 -16.70 7.91 24.18
C SER L 753 -15.61 7.85 25.23
N VAL L 754 -15.69 6.86 26.10
CA VAL L 754 -14.68 6.60 27.11
C VAL L 754 -13.58 5.76 26.47
N ILE L 755 -12.37 6.30 26.41
CA ILE L 755 -11.31 5.64 25.68
C ILE L 755 -10.56 4.67 26.56
N ASN L 756 -9.85 5.19 27.55
CA ASN L 756 -9.08 4.34 28.44
C ASN L 756 -9.02 4.96 29.83
N ASP L 757 -8.08 4.52 30.65
CA ASP L 757 -8.06 4.84 32.06
C ASP L 757 -7.06 5.96 32.32
N PHE L 758 -7.54 7.03 32.95
CA PHE L 758 -6.73 8.15 33.41
C PHE L 758 -6.27 7.84 34.83
N ALA L 759 -4.95 7.70 35.02
CA ALA L 759 -4.39 7.40 36.33
C ALA L 759 -4.18 8.71 37.09
N ASN L 760 -5.24 9.18 37.72
CA ASN L 760 -5.27 10.51 38.34
C ASN L 760 -4.75 10.42 39.77
N ALA L 761 -3.43 10.42 39.90
CA ALA L 761 -2.77 10.45 41.20
C ALA L 761 -3.25 9.32 42.09
N GLY L 762 -3.33 8.11 41.53
CA GLY L 762 -3.70 6.94 42.28
C GLY L 762 -5.11 6.46 42.06
N ARG L 763 -5.97 7.27 41.46
CA ARG L 763 -7.33 6.88 41.15
C ARG L 763 -7.43 6.60 39.66
N GLN L 764 -8.05 5.48 39.31
CA GLN L 764 -8.21 5.11 37.91
C GLN L 764 -9.53 5.66 37.39
N GLN L 765 -9.50 6.84 36.80
CA GLN L 765 -10.66 7.43 36.17
C GLN L 765 -10.49 7.34 34.67
N ARG L 766 -11.53 7.70 33.93
CA ARG L 766 -11.61 7.40 32.51
C ARG L 766 -11.54 8.67 31.67
N VAL L 767 -10.61 8.71 30.73
CA VAL L 767 -10.55 9.82 29.80
C VAL L 767 -11.75 9.74 28.85
N VAL L 768 -12.44 10.86 28.68
CA VAL L 768 -13.63 10.89 27.85
C VAL L 768 -13.37 11.80 26.66
N VAL L 769 -13.82 11.39 25.49
CA VAL L 769 -13.72 12.17 24.28
C VAL L 769 -15.12 12.52 23.79
N GLN L 770 -15.35 13.80 23.54
CA GLN L 770 -16.64 14.24 23.04
C GLN L 770 -16.43 15.46 22.17
N ALA L 771 -17.39 15.73 21.30
CA ALA L 771 -17.27 16.88 20.40
C ALA L 771 -17.56 18.17 21.16
N GLU L 772 -17.03 19.27 20.63
CA GLU L 772 -17.03 20.53 21.33
C GLU L 772 -18.45 21.06 21.52
N GLN L 773 -18.63 21.86 22.56
CA GLN L 773 -19.97 22.36 22.91
C GLN L 773 -20.57 23.15 21.76
N ALA L 774 -19.75 23.96 21.08
CA ALA L 774 -20.26 24.75 19.97
C ALA L 774 -20.51 23.90 18.74
N GLU L 775 -19.89 22.73 18.64
CA GLU L 775 -19.98 21.90 17.45
C GLU L 775 -20.98 20.76 17.60
N ARG L 776 -21.78 20.77 18.66
CA ARG L 776 -22.85 19.78 18.80
C ARG L 776 -24.13 20.40 19.34
N MET L 777 -24.40 21.66 19.05
CA MET L 777 -25.57 22.31 19.62
C MET L 777 -26.77 22.32 18.70
N THR L 778 -26.57 22.06 17.41
CA THR L 778 -27.64 22.14 16.42
C THR L 778 -27.68 20.88 15.59
N PRO L 779 -28.83 20.57 14.98
CA PRO L 779 -28.85 19.46 14.01
C PRO L 779 -27.89 19.65 12.87
N GLU L 780 -27.69 20.91 12.43
CA GLU L 780 -26.73 21.17 11.36
C GLU L 780 -25.33 20.73 11.75
N SER L 781 -25.03 20.76 13.05
CA SER L 781 -23.72 20.30 13.50
C SER L 781 -23.54 18.81 13.23
N VAL L 782 -24.62 18.04 13.26
CA VAL L 782 -24.52 16.63 12.90
C VAL L 782 -24.07 16.51 11.45
N LEU L 783 -24.66 17.32 10.57
CA LEU L 783 -24.27 17.28 9.17
C LEU L 783 -22.84 17.76 8.98
N ARG L 784 -22.37 18.69 9.79
CA ARG L 784 -21.04 19.24 9.56
C ARG L 784 -19.92 18.28 9.94
N LEU L 785 -20.23 17.18 10.61
CA LEU L 785 -19.20 16.22 10.94
C LEU L 785 -18.71 15.51 9.68
N HIS L 786 -17.43 15.15 9.68
CA HIS L 786 -16.82 14.47 8.54
C HIS L 786 -16.31 13.11 8.96
N VAL L 787 -16.30 12.19 8.01
CA VAL L 787 -15.80 10.84 8.23
C VAL L 787 -14.83 10.51 7.11
N PRO L 788 -13.86 9.64 7.32
CA PRO L 788 -12.90 9.34 6.26
C PRO L 788 -13.37 8.22 5.35
N ASN L 789 -13.07 8.38 4.07
CA ASN L 789 -13.32 7.36 3.08
C ASN L 789 -12.10 6.46 2.96
N ASP L 790 -12.14 5.53 2.01
CA ASP L 790 -11.01 4.61 1.88
C ASP L 790 -9.81 5.29 1.25
N SER L 791 -10.00 6.36 0.50
CA SER L 791 -8.93 7.02 -0.22
C SER L 791 -8.24 8.11 0.59
N GLY L 792 -8.62 8.30 1.84
CA GLY L 792 -7.93 9.22 2.72
C GLY L 792 -8.54 10.61 2.85
N SER L 793 -9.49 10.97 2.01
CA SER L 793 -10.17 12.25 2.16
C SER L 793 -11.23 12.14 3.24
N LEU L 794 -11.74 13.29 3.67
CA LEU L 794 -12.79 13.35 4.67
C LEU L 794 -14.11 13.69 4.01
N VAL L 795 -15.13 12.90 4.30
CA VAL L 795 -16.46 13.05 3.70
C VAL L 795 -17.38 13.67 4.73
N PRO L 796 -18.01 14.80 4.45
CA PRO L 796 -18.96 15.37 5.40
C PRO L 796 -20.17 14.48 5.55
N LEU L 797 -20.78 14.52 6.74
CA LEU L 797 -21.97 13.72 6.97
C LEU L 797 -23.11 14.15 6.05
N SER L 798 -23.23 15.44 5.78
CA SER L 798 -24.32 15.93 4.94
C SER L 798 -24.25 15.39 3.53
N ALA L 799 -23.11 14.82 3.12
CA ALA L 799 -23.00 14.28 1.78
C ALA L 799 -23.84 13.02 1.61
N PHE L 800 -24.13 12.31 2.69
CA PHE L 800 -24.89 11.07 2.54
C PHE L 800 -25.93 10.85 3.61
N VAL L 801 -26.17 11.81 4.50
CA VAL L 801 -27.16 11.66 5.55
C VAL L 801 -28.14 12.82 5.47
N THR L 802 -29.41 12.53 5.72
CA THR L 802 -30.47 13.53 5.74
C THR L 802 -31.27 13.36 7.02
N THR L 803 -31.45 14.47 7.74
CA THR L 803 -32.11 14.45 9.04
C THR L 803 -33.61 14.62 8.84
N SER L 804 -34.38 13.65 9.31
CA SER L 804 -35.82 13.76 9.31
C SER L 804 -36.30 13.66 10.74
N TRP L 805 -37.24 14.52 11.11
CA TRP L 805 -37.74 14.57 12.47
C TRP L 805 -38.83 13.53 12.66
N GLU L 806 -38.90 12.97 13.86
CA GLU L 806 -40.01 12.12 14.26
C GLU L 806 -40.09 12.13 15.78
N GLU L 807 -41.08 11.45 16.32
CA GLU L 807 -41.33 11.44 17.75
C GLU L 807 -41.01 10.07 18.32
N GLY L 808 -40.42 10.05 19.51
CA GLY L 808 -40.00 8.81 20.10
C GLY L 808 -40.02 8.83 21.61
N PRO L 809 -39.76 7.69 22.23
CA PRO L 809 -39.74 7.61 23.69
C PRO L 809 -38.41 8.09 24.26
N VAL L 810 -38.47 9.09 25.13
CA VAL L 810 -37.31 9.45 25.94
C VAL L 810 -37.18 8.51 27.14
N GLN L 811 -38.27 7.85 27.53
CA GLN L 811 -38.21 6.84 28.56
C GLN L 811 -39.14 5.68 28.22
N VAL L 812 -38.60 4.48 28.20
CA VAL L 812 -39.36 3.26 28.00
C VAL L 812 -39.45 2.56 29.35
N ALA L 813 -40.67 2.26 29.77
CA ALA L 813 -40.92 1.60 31.04
C ALA L 813 -41.48 0.21 30.77
N ARG L 814 -40.88 -0.79 31.40
CA ARG L 814 -41.33 -2.17 31.26
C ARG L 814 -41.53 -2.79 32.65
N TYR L 815 -42.61 -3.55 32.79
CA TYR L 815 -42.98 -4.17 34.05
C TYR L 815 -43.18 -5.65 33.82
N ASN L 816 -42.45 -6.47 34.57
CA ASN L 816 -42.46 -7.92 34.39
C ASN L 816 -42.19 -8.31 32.95
N GLY L 817 -41.32 -7.55 32.29
CA GLY L 817 -40.92 -7.85 30.94
C GLY L 817 -41.84 -7.35 29.86
N TYR L 818 -42.98 -6.82 30.18
CA TYR L 818 -43.64 -6.27 29.02
C TYR L 818 -43.60 -4.74 29.04
N PRO L 819 -43.74 -4.13 27.87
CA PRO L 819 -43.85 -2.67 27.82
C PRO L 819 -44.99 -2.22 28.72
N SER L 820 -44.79 -1.07 29.34
CA SER L 820 -45.72 -0.59 30.34
C SER L 820 -45.76 0.92 30.37
N ILE L 821 -46.85 1.44 30.93
CA ILE L 821 -46.94 2.83 31.38
C ILE L 821 -47.20 2.80 32.87
N ARG L 822 -46.45 3.61 33.61
CA ARG L 822 -46.62 3.73 35.05
C ARG L 822 -47.50 4.94 35.36
N ILE L 823 -48.74 4.67 35.75
CA ILE L 823 -49.72 5.69 36.06
C ILE L 823 -49.93 5.72 37.57
N ALA L 824 -49.79 6.89 38.16
CA ALA L 824 -49.84 7.06 39.60
C ALA L 824 -50.66 8.28 39.95
N GLY L 825 -51.25 8.26 41.15
CA GLY L 825 -52.04 9.37 41.62
C GLY L 825 -52.52 9.11 43.02
N ASP L 826 -53.30 10.05 43.54
CA ASP L 826 -53.86 9.94 44.87
C ASP L 826 -55.37 10.17 44.81
N ALA L 827 -56.09 9.45 45.66
CA ALA L 827 -57.54 9.52 45.65
C ALA L 827 -58.03 10.86 46.16
N ALA L 828 -59.30 11.15 45.92
CA ALA L 828 -59.90 12.37 46.42
C ALA L 828 -59.90 12.35 47.95
N PRO L 829 -59.77 13.51 48.59
CA PRO L 829 -59.73 13.55 50.06
C PRO L 829 -61.01 12.99 50.66
N GLY L 830 -60.86 12.28 51.77
CA GLY L 830 -61.98 11.65 52.43
C GLY L 830 -62.51 10.41 51.74
N VAL L 831 -61.75 9.84 50.81
CA VAL L 831 -62.20 8.68 50.04
C VAL L 831 -61.19 7.56 50.22
N SER L 832 -61.68 6.35 50.39
CA SER L 832 -60.83 5.20 50.66
C SER L 832 -60.02 4.82 49.43
N THR L 833 -58.86 4.19 49.68
CA THR L 833 -58.02 3.73 48.58
C THR L 833 -58.59 2.47 47.94
N GLY L 834 -59.20 1.58 48.72
CA GLY L 834 -59.76 0.38 48.14
C GLY L 834 -60.80 0.66 47.08
N GLU L 835 -61.67 1.64 47.33
CA GLU L 835 -62.65 2.01 46.32
C GLU L 835 -61.95 2.59 45.09
N ALA L 836 -60.81 3.24 45.29
CA ALA L 836 -60.06 3.78 44.16
C ALA L 836 -59.47 2.66 43.30
N MET L 837 -58.93 1.61 43.93
CA MET L 837 -58.51 0.44 43.16
C MET L 837 -59.69 -0.20 42.45
N LEU L 838 -60.84 -0.24 43.11
CA LEU L 838 -62.04 -0.77 42.45
C LEU L 838 -62.37 0.03 41.20
N GLU L 839 -62.36 1.36 41.31
CA GLU L 839 -62.65 2.21 40.17
C GLU L 839 -61.62 2.04 39.07
N LEU L 840 -60.34 1.95 39.44
CA LEU L 840 -59.28 1.79 38.46
C LEU L 840 -59.38 0.48 37.71
N GLU L 841 -59.67 -0.62 38.41
CA GLU L 841 -59.82 -1.89 37.71
C GLU L 841 -61.06 -1.87 36.84
N ARG L 842 -62.12 -1.19 37.30
CA ARG L 842 -63.31 -1.04 36.48
C ARG L 842 -63.00 -0.34 35.17
N ILE L 843 -62.27 0.78 35.25
CA ILE L 843 -61.92 1.52 34.04
C ILE L 843 -60.99 0.70 33.16
N ALA L 844 -60.00 0.05 33.76
CA ALA L 844 -59.07 -0.76 32.99
C ALA L 844 -59.75 -1.92 32.29
N ALA L 845 -60.87 -2.41 32.83
CA ALA L 845 -61.65 -3.40 32.10
C ALA L 845 -62.16 -2.86 30.77
N GLU L 846 -62.40 -1.55 30.68
CA GLU L 846 -62.87 -0.93 29.44
C GLU L 846 -61.76 -0.73 28.43
N LEU L 847 -60.52 -1.04 28.77
CA LEU L 847 -59.42 -0.90 27.84
C LEU L 847 -59.55 -1.92 26.72
N PRO L 848 -58.95 -1.63 25.56
CA PRO L 848 -58.90 -2.64 24.50
C PRO L 848 -58.21 -3.90 24.98
N GLU L 849 -58.70 -5.04 24.52
CA GLU L 849 -58.13 -6.32 24.90
C GLU L 849 -56.65 -6.37 24.53
N GLY L 850 -55.84 -6.93 25.42
CA GLY L 850 -54.40 -6.99 25.24
C GLY L 850 -53.63 -6.08 26.18
N ILE L 851 -54.30 -5.15 26.83
CA ILE L 851 -53.65 -4.21 27.74
C ILE L 851 -53.91 -4.70 29.16
N GLY L 852 -52.85 -5.06 29.89
CA GLY L 852 -52.97 -5.52 31.25
C GLY L 852 -52.63 -4.41 32.25
N TYR L 853 -53.24 -4.52 33.41
CA TYR L 853 -53.03 -3.55 34.49
C TYR L 853 -52.51 -4.32 35.69
N GLU L 854 -51.45 -3.79 36.30
CA GLU L 854 -50.91 -4.45 37.48
C GLU L 854 -50.69 -3.42 38.56
N TRP L 855 -50.72 -3.88 39.80
CA TRP L 855 -50.43 -3.07 40.97
C TRP L 855 -49.00 -3.32 41.40
N THR L 856 -48.42 -2.34 42.09
CA THR L 856 -47.01 -2.38 42.42
C THR L 856 -46.76 -1.67 43.74
N GLY L 857 -45.91 -2.27 44.55
CA GLY L 857 -45.52 -1.66 45.80
C GLY L 857 -46.66 -1.43 46.76
N LEU L 858 -47.02 -0.16 46.94
CA LEU L 858 -47.97 0.20 47.99
C LEU L 858 -49.32 -0.45 47.74
N SER L 859 -49.78 -0.44 46.50
CA SER L 859 -51.07 -1.04 46.18
C SER L 859 -51.06 -2.54 46.39
N TYR L 860 -49.99 -3.21 46.00
CA TYR L 860 -49.88 -4.65 46.22
C TYR L 860 -49.93 -4.96 47.72
N GLN L 861 -49.21 -4.17 48.51
CA GLN L 861 -49.19 -4.39 49.96
C GLN L 861 -50.56 -4.16 50.57
N GLU L 862 -51.24 -3.11 50.12
CA GLU L 862 -52.62 -2.82 50.63
C GLU L 862 -53.54 -3.96 50.24
N ARG L 863 -53.37 -4.53 49.05
CA ARG L 863 -54.19 -5.65 48.61
C ARG L 863 -54.02 -6.84 49.54
N VAL L 864 -52.78 -7.25 49.80
CA VAL L 864 -52.58 -8.44 50.63
C VAL L 864 -53.04 -8.18 52.06
N ALA L 865 -52.85 -6.96 52.56
CA ALA L 865 -53.32 -6.64 53.91
C ALA L 865 -54.83 -6.78 54.03
N SER L 866 -55.56 -6.14 53.10
CA SER L 866 -57.01 -6.23 53.12
C SER L 866 -57.46 -7.67 52.96
N GLY L 867 -56.70 -8.48 52.23
CA GLY L 867 -57.01 -9.89 52.13
C GLY L 867 -56.88 -10.61 53.47
N GLN L 868 -55.82 -10.33 54.21
CA GLN L 868 -55.49 -11.16 55.37
C GLN L 868 -56.26 -10.77 56.64
N ALA L 869 -56.73 -9.53 56.72
CA ALA L 869 -57.30 -9.02 57.97
C ALA L 869 -58.45 -9.90 58.48
N THR L 870 -59.32 -10.35 57.58
CA THR L 870 -60.56 -10.99 58.00
C THR L 870 -60.29 -12.31 58.71
N MET L 871 -59.58 -13.24 58.05
CA MET L 871 -59.32 -14.50 58.72
C MET L 871 -58.32 -14.34 59.85
N LEU L 872 -57.55 -13.24 59.88
CA LEU L 872 -56.79 -12.97 61.10
C LEU L 872 -57.73 -12.75 62.29
N PHE L 873 -58.73 -11.88 62.12
CA PHE L 873 -59.74 -11.70 63.17
C PHE L 873 -60.40 -13.02 63.54
N ALA L 874 -60.75 -13.81 62.53
CA ALA L 874 -61.46 -15.05 62.78
C ALA L 874 -60.62 -16.02 63.61
N LEU L 875 -59.35 -16.18 63.26
CA LEU L 875 -58.47 -17.07 64.00
C LEU L 875 -58.30 -16.58 65.43
N ALA L 876 -58.18 -15.26 65.61
CA ALA L 876 -58.07 -14.72 66.95
C ALA L 876 -59.29 -15.10 67.79
N ILE L 877 -60.49 -14.90 67.23
CA ILE L 877 -61.71 -15.16 67.98
C ILE L 877 -61.85 -16.64 68.33
N THR L 878 -61.57 -17.52 67.37
CA THR L 878 -61.72 -18.94 67.67
C THR L 878 -60.70 -19.40 68.72
N VAL L 879 -59.48 -18.86 68.67
CA VAL L 879 -58.49 -19.27 69.66
C VAL L 879 -58.87 -18.76 71.05
N VAL L 880 -59.36 -17.53 71.15
CA VAL L 880 -59.74 -17.05 72.48
C VAL L 880 -60.91 -17.86 73.02
N PHE L 881 -61.86 -18.23 72.15
CA PHE L 881 -62.93 -19.12 72.58
C PHE L 881 -62.38 -20.41 73.15
N LEU L 882 -61.44 -21.03 72.43
CA LEU L 882 -60.94 -22.33 72.86
C LEU L 882 -60.18 -22.23 74.18
N LEU L 883 -59.39 -21.16 74.33
CA LEU L 883 -58.71 -20.94 75.61
C LEU L 883 -59.70 -20.75 76.74
N LEU L 884 -60.80 -20.06 76.45
CA LEU L 884 -61.77 -19.77 77.48
C LEU L 884 -62.52 -21.02 77.91
N VAL L 885 -62.86 -21.89 76.96
CA VAL L 885 -63.46 -23.16 77.35
C VAL L 885 -62.47 -24.02 78.10
N ALA L 886 -61.19 -23.96 77.74
CA ALA L 886 -60.20 -24.69 78.52
C ALA L 886 -60.18 -24.22 79.96
N LEU L 887 -60.14 -22.91 80.17
CA LEU L 887 -59.94 -22.39 81.52
C LEU L 887 -61.21 -22.56 82.36
N TYR L 888 -62.37 -22.33 81.77
CA TYR L 888 -63.62 -22.34 82.51
C TYR L 888 -64.27 -23.71 82.61
N GLU L 889 -63.68 -24.73 82.00
CA GLU L 889 -64.21 -26.09 82.09
C GLU L 889 -65.69 -26.09 81.71
N SER L 890 -66.02 -25.36 80.66
CA SER L 890 -67.40 -25.17 80.24
C SER L 890 -67.42 -24.49 78.89
N TRP L 891 -68.62 -24.38 78.33
CA TRP L 891 -68.83 -23.64 77.09
C TRP L 891 -69.63 -22.37 77.31
N ALA L 892 -70.67 -22.46 78.14
CA ALA L 892 -71.54 -21.30 78.36
C ALA L 892 -70.74 -20.12 78.88
N ILE L 893 -69.88 -20.35 79.88
CA ILE L 893 -69.06 -19.25 80.41
C ILE L 893 -68.15 -18.67 79.34
N PRO L 894 -67.49 -19.46 78.49
CA PRO L 894 -66.77 -18.85 77.36
C PRO L 894 -67.61 -17.95 76.48
N LEU L 895 -68.77 -18.43 75.99
CA LEU L 895 -69.66 -17.57 75.15
C LEU L 895 -70.04 -16.31 75.95
N THR L 896 -70.28 -16.48 77.26
CA THR L 896 -70.65 -15.33 78.15
C THR L 896 -69.56 -14.26 78.07
N VAL L 897 -68.32 -14.65 78.37
CA VAL L 897 -67.26 -13.65 78.39
C VAL L 897 -67.00 -13.10 77.00
N MET L 898 -67.02 -13.95 75.97
CA MET L 898 -66.74 -13.45 74.62
C MET L 898 -67.73 -12.41 74.14
N LEU L 899 -68.90 -12.33 74.76
CA LEU L 899 -69.80 -11.25 74.36
C LEU L 899 -69.24 -9.86 74.64
N ILE L 900 -68.05 -9.76 75.24
CA ILE L 900 -67.57 -8.46 75.70
C ILE L 900 -67.01 -7.61 74.56
N VAL L 901 -66.34 -8.25 73.59
CA VAL L 901 -65.48 -7.49 72.67
C VAL L 901 -66.23 -6.49 71.79
N PRO L 902 -67.49 -6.72 71.39
CA PRO L 902 -68.13 -5.69 70.56
C PRO L 902 -68.24 -4.35 71.26
N VAL L 903 -68.25 -4.31 72.60
CA VAL L 903 -68.33 -3.01 73.26
C VAL L 903 -67.02 -2.24 73.11
N GLY L 904 -65.88 -2.93 73.23
CA GLY L 904 -64.61 -2.25 73.00
C GLY L 904 -64.44 -1.84 71.55
N ALA L 905 -64.86 -2.70 70.63
CA ALA L 905 -64.84 -2.32 69.23
C ALA L 905 -65.72 -1.11 68.97
N LEU L 906 -66.90 -1.07 69.59
CA LEU L 906 -67.80 0.05 69.42
C LEU L 906 -67.15 1.34 69.93
N GLY L 907 -66.50 1.28 71.09
CA GLY L 907 -65.84 2.47 71.58
C GLY L 907 -64.75 2.97 70.65
N ALA L 908 -63.89 2.05 70.19
CA ALA L 908 -62.82 2.46 69.29
C ALA L 908 -63.37 3.05 68.00
N VAL L 909 -64.40 2.41 67.44
CA VAL L 909 -64.94 2.87 66.17
C VAL L 909 -65.60 4.23 66.32
N LEU L 910 -66.39 4.42 67.38
CA LEU L 910 -67.02 5.73 67.55
C LEU L 910 -65.99 6.81 67.77
N ALA L 911 -64.95 6.52 68.55
CA ALA L 911 -63.91 7.54 68.78
C ALA L 911 -63.22 7.92 67.48
N VAL L 912 -62.78 6.92 66.72
CA VAL L 912 -62.05 7.22 65.50
C VAL L 912 -62.94 7.92 64.49
N THR L 913 -64.22 7.55 64.42
CA THR L 913 -65.12 8.23 63.50
C THR L 913 -65.37 9.67 63.93
N ALA L 914 -65.47 9.89 65.24
CA ALA L 914 -65.67 11.25 65.73
C ALA L 914 -64.48 12.13 65.36
N ILE L 915 -63.27 11.62 65.52
CA ILE L 915 -62.10 12.39 65.08
C ILE L 915 -61.83 12.21 63.60
N GLY L 916 -62.37 11.17 62.97
CA GLY L 916 -62.31 11.05 61.54
C GLY L 916 -61.08 10.37 60.99
N LEU L 917 -60.29 9.72 61.82
CA LEU L 917 -59.11 9.02 61.34
C LEU L 917 -59.51 7.78 60.54
N PRO L 918 -58.66 7.34 59.62
CA PRO L 918 -58.98 6.17 58.80
C PRO L 918 -58.74 4.90 59.59
N ASN L 919 -59.06 3.77 58.95
CA ASN L 919 -58.84 2.45 59.54
C ASN L 919 -57.44 1.99 59.16
N ASP L 920 -56.44 2.62 59.76
CA ASP L 920 -55.05 2.30 59.50
C ASP L 920 -54.60 1.14 60.38
N VAL L 921 -53.34 0.72 60.24
CA VAL L 921 -52.85 -0.37 61.07
C VAL L 921 -52.74 0.07 62.52
N TYR L 922 -52.44 1.35 62.77
CA TYR L 922 -52.28 1.83 64.13
C TYR L 922 -53.60 1.77 64.88
N PHE L 923 -54.68 2.19 64.24
CA PHE L 923 -55.98 2.06 64.88
C PHE L 923 -56.32 0.60 65.09
N LYS L 924 -55.93 -0.27 64.14
CA LYS L 924 -56.28 -1.68 64.23
C LYS L 924 -55.60 -2.34 65.42
N VAL L 925 -54.32 -2.02 65.64
CA VAL L 925 -53.63 -2.58 66.78
C VAL L 925 -54.14 -1.97 68.08
N GLY L 926 -54.47 -0.68 68.06
CA GLY L 926 -55.13 -0.09 69.23
C GLY L 926 -56.42 -0.81 69.56
N LEU L 927 -57.20 -1.14 68.53
CA LEU L 927 -58.42 -1.90 68.74
C LEU L 927 -58.13 -3.26 69.33
N ILE L 928 -57.09 -3.95 68.83
CA ILE L 928 -56.85 -5.30 69.31
C ILE L 928 -56.39 -5.28 70.76
N THR L 929 -55.58 -4.28 71.15
CA THR L 929 -55.18 -4.22 72.55
C THR L 929 -56.32 -3.76 73.45
N VAL L 930 -57.21 -2.91 72.94
CA VAL L 930 -58.42 -2.58 73.70
C VAL L 930 -59.28 -3.82 73.90
N ILE L 931 -59.42 -4.64 72.86
CA ILE L 931 -60.13 -5.90 72.98
C ILE L 931 -59.48 -6.78 74.03
N GLY L 932 -58.15 -6.82 74.04
CA GLY L 932 -57.45 -7.62 75.02
C GLY L 932 -57.72 -7.17 76.44
N LEU L 933 -57.68 -5.86 76.67
CA LEU L 933 -57.92 -5.37 78.03
C LEU L 933 -59.39 -5.53 78.42
N ALA L 934 -60.30 -5.39 77.46
CA ALA L 934 -61.71 -5.64 77.76
C ALA L 934 -61.94 -7.09 78.14
N ALA L 935 -61.28 -8.01 77.43
CA ALA L 935 -61.34 -9.41 77.81
C ALA L 935 -60.75 -9.63 79.20
N LYS L 936 -59.63 -8.99 79.50
CA LYS L 936 -59.07 -9.09 80.84
C LYS L 936 -60.08 -8.64 81.88
N ASN L 937 -60.76 -7.53 81.60
CA ASN L 937 -61.80 -7.03 82.49
C ASN L 937 -62.89 -8.08 82.67
N ALA L 938 -63.32 -8.67 81.56
CA ALA L 938 -64.43 -9.60 81.59
C ALA L 938 -64.08 -10.84 82.41
N ILE L 939 -62.89 -11.40 82.21
CA ILE L 939 -62.47 -12.50 83.06
C ILE L 939 -62.38 -12.05 84.51
N LEU L 940 -61.80 -10.87 84.76
CA LEU L 940 -61.62 -10.44 86.15
C LEU L 940 -62.96 -10.28 86.87
N ILE L 941 -64.05 -10.09 86.14
CA ILE L 941 -65.37 -10.19 86.74
C ILE L 941 -65.84 -11.63 86.86
N VAL L 942 -65.72 -12.38 85.76
CA VAL L 942 -66.48 -13.61 85.63
C VAL L 942 -65.83 -14.77 86.38
N GLU L 943 -64.52 -14.73 86.63
CA GLU L 943 -63.92 -15.86 87.33
C GLU L 943 -64.38 -15.84 88.78
N PHE L 944 -64.45 -14.64 89.36
CA PHE L 944 -64.97 -14.52 90.72
C PHE L 944 -66.46 -14.80 90.75
N ALA L 945 -67.19 -14.40 89.69
CA ALA L 945 -68.60 -14.76 89.62
C ALA L 945 -68.79 -16.27 89.63
N LYS L 946 -68.00 -16.98 88.83
CA LYS L 946 -68.05 -18.44 88.80
C LYS L 946 -67.65 -19.03 90.15
N ASP L 947 -66.62 -18.46 90.78
CA ASP L 947 -66.17 -18.93 92.08
C ASP L 947 -67.28 -18.83 93.11
N LEU L 948 -67.97 -17.69 93.13
CA LEU L 948 -69.08 -17.51 94.06
C LEU L 948 -70.22 -18.47 93.75
N TRP L 949 -70.56 -18.62 92.47
CA TRP L 949 -71.68 -19.45 92.09
C TRP L 949 -71.37 -20.94 92.21
N GLU L 950 -70.10 -21.28 92.40
CA GLU L 950 -69.77 -22.64 92.82
C GLU L 950 -69.79 -22.79 94.34
N ASP L 951 -69.80 -21.70 95.09
CA ASP L 951 -69.84 -21.74 96.55
C ASP L 951 -71.24 -21.68 97.11
N GLY L 952 -72.27 -21.81 96.26
CA GLY L 952 -73.64 -21.80 96.70
C GLY L 952 -74.37 -20.49 96.48
N TYR L 953 -73.67 -19.45 96.04
CA TYR L 953 -74.34 -18.18 95.78
C TYR L 953 -75.29 -18.31 94.59
N SER L 954 -76.37 -17.55 94.66
CA SER L 954 -77.32 -17.54 93.56
C SER L 954 -76.73 -16.82 92.36
N LEU L 955 -77.31 -17.07 91.18
CA LEU L 955 -76.83 -16.44 89.95
C LEU L 955 -76.76 -14.93 90.11
N ARG L 956 -77.89 -14.28 90.39
CA ARG L 956 -77.89 -12.84 90.54
C ARG L 956 -77.01 -12.41 91.71
N ASP L 957 -77.10 -13.12 92.85
CA ASP L 957 -76.31 -12.73 94.01
C ASP L 957 -74.82 -12.91 93.73
N ALA L 958 -74.44 -14.04 93.16
CA ALA L 958 -73.02 -14.27 92.87
C ALA L 958 -72.48 -13.22 91.91
N ALA L 959 -73.23 -12.96 90.83
CA ALA L 959 -72.76 -12.00 89.84
C ALA L 959 -72.63 -10.60 90.44
N VAL L 960 -73.64 -10.15 91.17
CA VAL L 960 -73.62 -8.79 91.69
C VAL L 960 -72.53 -8.64 92.74
N GLU L 961 -72.38 -9.66 93.61
CA GLU L 961 -71.35 -9.60 94.62
C GLU L 961 -69.97 -9.57 93.99
N ALA L 962 -69.76 -10.42 92.96
CA ALA L 962 -68.48 -10.45 92.27
C ALA L 962 -68.17 -9.10 91.63
N ALA L 963 -69.16 -8.51 90.98
CA ALA L 963 -68.95 -7.19 90.39
C ALA L 963 -68.67 -6.15 91.46
N ARG L 964 -69.28 -6.30 92.64
CA ARG L 964 -68.96 -5.38 93.73
C ARG L 964 -67.50 -5.50 94.14
N LEU L 965 -66.99 -6.72 94.22
CA LEU L 965 -65.57 -6.90 94.51
C LEU L 965 -64.71 -6.28 93.43
N ARG L 966 -65.05 -6.52 92.16
CA ARG L 966 -64.18 -6.21 91.04
C ARG L 966 -64.41 -4.82 90.46
N PHE L 967 -65.33 -4.04 91.01
CA PHE L 967 -65.56 -2.70 90.48
C PHE L 967 -64.34 -1.81 90.69
N ARG L 968 -63.81 -1.78 91.91
CA ARG L 968 -62.71 -0.89 92.23
C ARG L 968 -61.47 -1.10 91.35
N PRO L 969 -60.94 -2.31 91.20
CA PRO L 969 -59.74 -2.44 90.35
C PRO L 969 -60.02 -2.16 88.89
N ILE L 970 -61.25 -2.39 88.43
CA ILE L 970 -61.55 -2.15 87.02
C ILE L 970 -61.41 -0.68 86.70
N ILE L 971 -62.07 0.18 87.47
CA ILE L 971 -61.99 1.62 87.26
C ILE L 971 -60.60 2.13 87.59
N MET L 972 -59.94 1.50 88.56
CA MET L 972 -58.55 1.80 88.89
C MET L 972 -57.65 1.69 87.66
N THR L 973 -57.52 0.48 87.13
CA THR L 973 -56.64 0.27 85.98
C THR L 973 -57.14 1.04 84.77
N SER L 974 -58.45 1.19 84.62
CA SER L 974 -58.98 1.93 83.48
C SER L 974 -58.49 3.37 83.51
N MET L 975 -58.58 4.02 84.67
CA MET L 975 -58.16 5.41 84.75
C MET L 975 -56.66 5.55 84.57
N ALA L 976 -55.89 4.59 85.12
CA ALA L 976 -54.45 4.61 84.94
C ALA L 976 -54.09 4.56 83.45
N PHE L 977 -54.74 3.64 82.72
CA PHE L 977 -54.50 3.53 81.29
C PHE L 977 -54.96 4.79 80.56
N MET L 978 -56.11 5.35 80.96
CA MET L 978 -56.59 6.60 80.40
C MET L 978 -55.49 7.65 80.41
N LEU L 979 -54.98 7.93 81.60
CA LEU L 979 -54.04 9.02 81.74
C LEU L 979 -52.66 8.67 81.20
N GLY L 980 -52.36 7.37 81.07
CA GLY L 980 -51.10 6.99 80.46
C GLY L 980 -51.09 7.13 78.96
N VAL L 981 -52.24 6.96 78.30
CA VAL L 981 -52.28 7.05 76.84
C VAL L 981 -52.83 8.37 76.34
N VAL L 982 -53.36 9.23 77.20
CA VAL L 982 -53.79 10.54 76.72
C VAL L 982 -52.66 11.33 76.04
N PRO L 983 -51.40 11.28 76.48
CA PRO L 983 -50.35 11.97 75.70
C PRO L 983 -50.21 11.42 74.29
N LEU L 984 -50.54 10.15 74.05
CA LEU L 984 -50.41 9.60 72.72
C LEU L 984 -51.35 10.29 71.74
N ALA L 985 -52.62 10.46 72.11
CA ALA L 985 -53.60 10.99 71.17
C ALA L 985 -53.39 12.48 70.92
N ILE L 986 -52.77 13.17 71.86
CA ILE L 986 -52.57 14.61 71.74
C ILE L 986 -51.17 14.92 71.20
N ALA L 987 -50.46 13.90 70.74
CA ALA L 987 -49.08 14.08 70.31
C ALA L 987 -48.99 14.96 69.07
N THR L 988 -47.99 15.83 69.06
CA THR L 988 -47.67 16.68 67.92
C THR L 988 -46.18 16.60 67.64
N GLY L 989 -45.83 16.67 66.37
CA GLY L 989 -44.43 16.62 65.98
C GLY L 989 -44.03 15.39 65.19
N ALA L 990 -42.81 14.90 65.42
CA ALA L 990 -42.29 13.78 64.65
C ALA L 990 -43.02 12.50 64.99
N GLY L 991 -43.45 11.77 63.96
CA GLY L 991 -44.20 10.55 64.16
C GLY L 991 -45.54 10.76 64.83
N ALA L 992 -46.03 11.99 64.88
CA ALA L 992 -47.22 12.29 65.67
C ALA L 992 -48.46 11.61 65.10
N ALA L 993 -48.51 11.39 63.79
CA ALA L 993 -49.71 10.80 63.20
C ALA L 993 -49.95 9.40 63.73
N SER L 994 -48.89 8.59 63.80
CA SER L 994 -49.02 7.24 64.33
C SER L 994 -49.44 7.27 65.80
N GLN L 995 -48.81 8.13 66.59
CA GLN L 995 -49.12 8.19 68.01
C GLN L 995 -50.55 8.63 68.24
N ARG L 996 -51.03 9.59 67.45
CA ARG L 996 -52.41 10.04 67.57
C ARG L 996 -53.39 8.95 67.13
N ALA L 997 -53.08 8.25 66.04
CA ALA L 997 -53.93 7.16 65.58
C ALA L 997 -54.02 6.08 66.64
N LEU L 998 -52.93 5.79 67.33
CA LEU L 998 -53.02 4.94 68.51
C LEU L 998 -53.95 5.57 69.54
N GLY L 999 -53.56 6.74 70.05
CA GLY L 999 -54.16 7.26 71.25
C GLY L 999 -55.67 7.38 71.16
N THR L 1000 -56.17 7.94 70.06
CA THR L 1000 -57.61 8.11 69.97
C THR L 1000 -58.34 6.77 69.96
N GLY L 1001 -57.84 5.79 69.19
CA GLY L 1001 -58.52 4.51 69.11
C GLY L 1001 -58.50 3.77 70.42
N VAL L 1002 -57.32 3.71 71.06
CA VAL L 1002 -57.22 3.02 72.33
C VAL L 1002 -58.07 3.71 73.38
N LEU L 1003 -58.02 5.04 73.42
CA LEU L 1003 -58.79 5.78 74.42
C LEU L 1003 -60.28 5.49 74.27
N GLY L 1004 -60.79 5.55 73.03
CA GLY L 1004 -62.22 5.32 72.83
C GLY L 1004 -62.63 3.89 73.15
N GLY L 1005 -61.91 2.92 72.61
CA GLY L 1005 -62.26 1.54 72.86
C GLY L 1005 -62.20 1.19 74.33
N MET L 1006 -61.16 1.67 75.01
CA MET L 1006 -61.00 1.45 76.44
C MET L 1006 -62.10 2.14 77.25
N LEU L 1007 -62.46 3.36 76.88
CA LEU L 1007 -63.52 4.07 77.59
C LEU L 1007 -64.83 3.31 77.48
N SER L 1008 -65.14 2.79 76.30
CA SER L 1008 -66.36 1.99 76.17
C SER L 1008 -66.26 0.71 76.96
N ALA L 1009 -65.14 -0.01 76.82
CA ALA L 1009 -64.99 -1.31 77.47
C ALA L 1009 -65.02 -1.19 78.98
N THR L 1010 -64.72 -0.02 79.52
CA THR L 1010 -64.84 0.20 80.95
C THR L 1010 -66.23 0.69 81.33
N MET L 1011 -66.64 1.84 80.79
CA MET L 1011 -67.86 2.48 81.27
C MET L 1011 -69.08 1.62 80.96
N LEU L 1012 -69.08 0.96 79.79
CA LEU L 1012 -70.15 0.03 79.46
C LEU L 1012 -69.83 -1.40 79.89
N GLY L 1013 -68.56 -1.73 80.08
CA GLY L 1013 -68.21 -3.10 80.42
C GLY L 1013 -68.76 -3.53 81.76
N VAL L 1014 -68.62 -2.68 82.78
CA VAL L 1014 -69.04 -3.06 84.13
C VAL L 1014 -70.54 -3.29 84.19
N ILE L 1015 -71.33 -2.46 83.52
CA ILE L 1015 -72.78 -2.64 83.57
C ILE L 1015 -73.19 -3.92 82.84
N PHE L 1016 -72.53 -4.21 81.72
CA PHE L 1016 -73.02 -5.24 80.82
C PHE L 1016 -72.50 -6.63 81.16
N VAL L 1017 -71.29 -6.73 81.70
CA VAL L 1017 -70.68 -8.06 81.89
C VAL L 1017 -71.49 -8.95 82.82
N PRO L 1018 -71.89 -8.52 84.03
CA PRO L 1018 -72.76 -9.39 84.84
C PRO L 1018 -74.08 -9.70 84.17
N ILE L 1019 -74.64 -8.75 83.42
CA ILE L 1019 -75.89 -9.01 82.72
C ILE L 1019 -75.70 -10.13 81.71
N PHE L 1020 -74.61 -10.08 80.95
CA PHE L 1020 -74.27 -11.19 80.07
C PHE L 1020 -74.15 -12.47 80.86
N PHE L 1021 -73.51 -12.40 82.02
CA PHE L 1021 -73.29 -13.60 82.83
C PHE L 1021 -74.61 -14.26 83.16
N VAL L 1022 -75.53 -13.51 83.76
CA VAL L 1022 -76.80 -14.09 84.19
C VAL L 1022 -77.62 -14.51 82.99
N TRP L 1023 -77.57 -13.73 81.91
CA TRP L 1023 -78.42 -13.99 80.75
C TRP L 1023 -78.01 -15.28 80.06
N VAL L 1024 -76.72 -15.43 79.80
CA VAL L 1024 -76.23 -16.65 79.17
C VAL L 1024 -76.45 -17.84 80.08
N LEU L 1025 -76.13 -17.70 81.37
CA LEU L 1025 -76.25 -18.86 82.25
C LEU L 1025 -77.71 -19.25 82.49
N SER L 1026 -78.63 -18.31 82.27
CA SER L 1026 -80.05 -18.65 82.38
C SER L 1026 -80.55 -19.33 81.11
N LEU L 1027 -80.27 -18.72 79.95
CA LEU L 1027 -80.79 -19.27 78.70
C LEU L 1027 -80.26 -20.69 78.46
N LEU L 1028 -78.98 -20.89 78.69
CA LEU L 1028 -78.40 -22.23 78.54
C LEU L 1028 -78.72 -23.13 79.73
N ARG L 1029 -79.28 -22.58 80.80
CA ARG L 1029 -79.65 -23.35 81.99
C ARG L 1029 -78.43 -24.06 82.58
N THR L 1030 -77.33 -23.32 82.71
CA THR L 1030 -76.09 -23.90 83.22
C THR L 1030 -76.22 -24.26 84.69
N LYS L 1031 -75.48 -25.30 85.11
CA LYS L 1031 -75.50 -25.82 86.45
C LYS L 1031 -74.10 -25.82 87.04
N PRO L 1032 -73.95 -25.65 88.36
CA PRO L 1032 -72.63 -25.65 88.99
C PRO L 1032 -72.10 -27.06 89.20
C10 A1EAN M . 3.38 -22.60 58.68
C13 A1EAN M . 6.15 -25.06 57.90
C15 A1EAN M . 6.54 -25.09 55.52
C17 A1EAN M . 4.80 -23.62 56.47
C01 A1EAN M . 1.77 -20.14 53.16
C02 A1EAN M . 2.15 -20.32 54.62
C04 A1EAN M . 4.44 -20.41 53.95
C05 A1EAN M . 3.98 -20.37 52.50
C07 A1EAN M . 3.39 -22.12 54.85
C08 A1EAN M . 3.76 -22.63 56.28
C09 A1EAN M . 3.06 -22.14 57.40
C11 A1EAN M . 4.38 -23.54 58.84
C12 A1EAN M . 5.10 -24.06 57.71
C14 A1EAN M . 6.85 -25.55 56.82
C16 A1EAN M . 5.51 -24.13 55.34
N03 A1EAN M . 3.43 -20.88 54.84
N06 A1EAN M . 2.82 -19.58 52.38
C10 A1EAN N . -38.56 -37.98 32.33
C13 A1EAN N . -41.26 -38.00 29.67
C15 A1EAN N . -40.70 -36.40 27.97
C17 A1EAN N . -39.20 -36.70 29.90
C01 A1EAN N . -34.35 -33.72 30.42
C02 A1EAN N . -35.06 -34.95 31.00
C04 A1EAN N . -35.33 -35.78 28.78
C05 A1EAN N . -34.81 -34.44 28.27
C07 A1EAN N . -37.02 -35.26 30.07
C08 A1EAN N . -37.99 -36.36 30.62
C09 A1EAN N . -37.70 -36.99 31.82
C11 A1EAN N . -39.71 -38.30 31.64
C12 A1EAN N . -40.03 -37.64 30.38
C14 A1EAN N . -41.57 -37.38 28.49
C16 A1EAN N . -39.52 -36.05 28.67
N03 A1EAN N . -35.87 -35.68 30.10
N06 A1EAN N . -33.80 -33.97 29.14
C10 A1EAN O . -35.75 10.36 50.83
C13 A1EAN O . -34.53 13.87 51.46
C15 A1EAN O . -32.68 14.35 50.01
C17 A1EAN O . -33.78 12.15 49.90
C01 A1EAN O . -32.19 8.03 46.26
C02 A1EAN O . -33.33 8.45 47.19
C04 A1EAN O . -33.39 10.56 46.08
C05 A1EAN O . -32.17 10.13 45.28
C07 A1EAN O . -32.91 10.36 48.21
C08 A1EAN O . -33.89 10.82 49.34
C09 A1EAN O . -34.88 9.95 49.82
C11 A1EAN O . -35.64 11.62 51.36
C12 A1EAN O . -34.63 12.53 50.88
C14 A1EAN O . -33.57 14.75 51.03
C16 A1EAN O . -32.78 13.05 49.44
N03 A1EAN O . -33.56 9.84 47.29
N06 A1EAN O . -32.22 8.75 45.03
#